data_8BA0
#
_entry.id   8BA0
#
_cell.length_a   1.00
_cell.length_b   1.00
_cell.length_c   1.00
_cell.angle_alpha   90.00
_cell.angle_beta   90.00
_cell.angle_gamma   90.00
#
_symmetry.space_group_name_H-M   'P 1'
#
loop_
_entity.id
_entity.type
_entity.pdbx_description
1 polymer 'NADH-ubiquinone oxidoreductase chain 3'
2 polymer LD31474p
3 polymer 'NADH dehydrogenase [ubiquinone] iron-sulfur protein 3, mitochondrial'
4 polymer 'Complex I-49kD'
5 polymer 'NADH dehydrogenase (Ubiquinone) 24 kDa subunit, isoform A'
6 polymer 'NADH dehydrogenase [ubiquinone] flavoprotein 1, mitochondrial'
7 polymer 'NADH-ubiquinone oxidoreductase 75 kDa subunit, mitochondrial'
8 polymer 'NADH-ubiquinone oxidoreductase chain 1'
9 polymer 'NADH dehydrogenase (ubiquinone) 23 kDa subunit'
10 polymer 'NADH-ubiquinone oxidoreductase chain 6'
11 polymer 'NADH-ubiquinone oxidoreductase chain 4L'
12 polymer 'NADH-ubiquinone oxidoreductase chain 5'
13 polymer 'NADH-ubiquinone oxidoreductase chain 4'
14 polymer 'NADH-ubiquinone oxidoreductase chain 2'
15 polymer 'NADH dehydrogenase [ubiquinone] 1 alpha subcomplex subunit 10, mitochondrial'
16 polymer 'NADH dehydrogenase (Ubiquinone) 39 kDa subunit, isoform A'
17 polymer 'NADH dehydrogenase [ubiquinone] iron-sulfur protein 4, mitochondrial'
18 polymer 'NADH dehydrogenase [ubiquinone] iron-sulfur protein 6, mitochondrial'
19 polymer 'Acyl carrier protein, mitochondrial'
20 polymer 'NADH dehydrogenase (Ubiquinone) 13 kDa B subunit'
21 polymer 'NADH dehydrogenase [ubiquinone] 1 alpha subcomplex subunit 6'
22 polymer 'NADH dehydrogenase [ubiquinone] 1 alpha subcomplex subunit 8'
23 polymer 'NADH dehydrogenase [ubiquinone] 1 alpha subcomplex subunit 11'
24 polymer 'NADH dehydrogenase [ubiquinone] 1 alpha subcomplex subunit 13'
25 polymer 'NADH dehydrogenase [ubiquinone] 1 alpha subcomplex subunit 1'
26 polymer RH45008p
27 polymer 'NADH dehydrogenase [ubiquinone] 1 subunit C2'
28 polymer 'NADH dehydrogenase [ubiquinone] iron-sulfur protein 5'
29 polymer 'NADH dehydrogenase [ubiquinone] 1 beta subcomplex subunit 1'
30 polymer 'NADH dehydrogenase [ubiquinone] 1 beta subcomplex subunit 11, mitochondrial'
31 polymer 'NADH dehydrogenase [ubiquinone] 1 beta subcomplex subunit 5, mitochondrial'
32 polymer 'NADH dehydrogenase [ubiquinone] 1 beta subcomplex subunit 6'
33 polymer GEO11417p1
34 polymer 'NADH dehydrogenase [ubiquinone] 1 beta subcomplex subunit 3'
35 polymer 'NADH dehydrogenase [ubiquinone] 1 beta subcomplex subunit 8, mitochondrial'
36 polymer 'NADH dehydrogenase [ubiquinone] 1 beta subcomplex subunit 4'
37 polymer 'NADH dehydrogenase [ubiquinone] 1 beta subcomplex subunit 9'
38 polymer 'NADH dehydrogenase [ubiquinone] 1 beta subcomplex subunit 7'
39 polymer 'NADH dehydrogenase [ubiquinone] 1 beta subcomplex subunit 10'
40 polymer 'NADH dehydrogenase [ubiquinone] 1 alpha subcomplex subunit 12'
41 polymer 'NADH dehydrogenase [ubiquinone] 1 alpha subcomplex subunit 7'
42 polymer 'NADH dehydrogenase [ubiquinone] flavoprotein 3, mitochondrial'
43 non-polymer 'IRON/SULFUR CLUSTER'
44 non-polymer 1,2-Distearoyl-sn-glycerophosphoethanolamine
45 non-polymer 'FE2/S2 (INORGANIC) CLUSTER'
46 non-polymer 'FLAVIN MONONUCLEOTIDE'
47 non-polymer CARDIOLIPIN
48 non-polymer "2'-DEOXYGUANOSINE-5'-TRIPHOSPHATE"
49 non-polymer 'NADPH DIHYDRO-NICOTINAMIDE-ADENINE-DINUCLEOTIDE PHOSPHATE'
50 non-polymer 'ZINC ION'
51 non-polymer '~{S}-[2-[3-[[(2~{R})-3,3-dimethyl-2-oxidanyl-4-phosphonooxy-butanoyl]amino]propanoylamino]ethyl] (3~{S})-3-oxidanyltetradecanethioate'
#
loop_
_entity_poly.entity_id
_entity_poly.type
_entity_poly.pdbx_seq_one_letter_code
_entity_poly.pdbx_strand_id
1 'polypeptide(L)'
;MFSIIFIALLILLITTIVMFLASILSKKALIDREKSSPFECGFDPKSSSRLPFSLRFFLITIIFLIFDVEIALILPMIII
MKYSNIMIWTITSIIFILILLIGLYHEWNQGMLNWSN
;
A
2 'polypeptide(L)'
;QQTLPVAEVAQNLPKKGYSPFGTKQSSVAEWSLARLDDLLNWGRKGSIWPLTFGLACCAVEMMHIAAPRYDMDRYGVVFR
ASPRQADVIIVAGTLTNKMAPALRKVYDQMPEPRWVISMGSCANGGGYYHYSYSVVRGCDRIIPVDIYVPGCPPTAEALM
YGVLQLQKKVKRMKTLQMWYRK
;
B
3 'polypeptide(L)'
;DKPTVRQPDAVARSHLSDFGRYVAECLPKYVQKVQLTAGDELEVLIAPEGVVPVLQFLKDHHQAQFTNLVDIAGVDVPCR
KNRFEVVYNLLSLRYNSRIRVKTYTDELTPLDSACEVHKAANWYEREIWDMYGVFFANHPDLRRILTDYGFEGHPQRRDF
PLSGYVELRYDDEKKRVVCEPLELAQEFRKFDLSAPWEQFPNFRNANPP
;
C
4 'polypeptide(L)'
;KWYPDPEFMKQFSGPVMYPDEVTSLWTVPPWNSKVTPVEKSVRNLTLNFGPQHPAAHGVLRLVLELDGETVMRADPHIGL
LH(2MR)GTEKLIEYKTYTQALPYFDRLDYVSMMCNEQCYSLAVEKLLNIDVPLRAKYIRTLFAEITRILNHIMAVGTHA
LDVGALTPFFWLFEEREKMMEFYERVSGARMHAAYIRPGGVSLDMPLGLMDDIYEFASKFAERLDEVEDVLTTNRIWVQR
TEDIGIVTAEEALNYGFSGVMLRGSGIKWDLRKQQPYDAYNLVNFDVPIGTKGDCYDRYLCRVEEMRQSLRIIDQCLNQM
PAGEIKTDDAKVAPPSRSEMKTSMEALIHHFKLFTQGYQVPPGATYTAIEAPKGEFGVYLISDGSSRPYRCKIKAPGFAH
LAALEKIGKQHMLADVVAIIGTLDVVFGEIDR
;
D
5 'polypeptide(L)'
;DNLFVHRDTPEDNPNIPFEFTAENKKRVEAILSIYPEGHKRGAMIPLLDLAQRQYGWLPISAMHKVAEILQLPNMRVYEV
ATFYTMFMRKPTGKYHIQVCTTTPCWLRGSDDILETCKKQLGIGVGDTTKDRKFTISEVECLGACVNAPMVAINDDYYED
LTSKDMQDILNDLKADKISPPGPRNGRFASEPKGEPTSLSEEPKGPGFGLQAGL
;
E
6 'polypeptide(L)'
;PPPGTPPPQTKTKFGPLADEDRIFTNLYGRHDWRLKGALKRGDWYKTKEIVLKGADWIVNEIKTSGLRGRGGAGFPSGMK
WSFMNKPGDGRPKYLVVNADEGEPGTCKDREIMRHDPHKLVEGCLIAGRAMGAQAAYIYIRGEFYNEASNMQLAIAEAYQ
AGLIGKNACGTGYDFDVFMHRGAGAYICGEETALIESLEGKQGKPRLKPPFPADVGVFGCPTTVTNVETVAVAPTICRRG
GVWFASFGRTRNSGTKLFNISGHVNRPCTVEEEMSIPLKELIERHCGGVTGGWDNLLGVIPGGSSTPIIPKNVCDDVIMD
FDGLIAAQTSLGTAAIIVMDKSTDVIKAIARLISFYKHESCGQCTPCREGIGWMNKIMTRFVKGDAQPAEIDMLWEISKQ
IEGHTICALGDGAAWPVQGLIRHFRPEIEKRMQLHAKRV
;
F
7 'polypeptide(L)'
;MIRAPLVKALGALGSPTHQMASRAVRTSAMVAQTPAKAPEKIEVFVDDIPVQVVPGTTVLQAAAQIGVEIPRFCYHERLA
VAGNCRMCLVEVEKSPKPVAACAMPVMKGWRIKTNSDLTRKAREGVMEFLLMNHPLDCPICDQGGECDLQDQAMAFGSDR
SRFTDINYTGKRAVEDKDIGPLVKTIMTRCIHCTRCVRFASEIAGVDDLGTTGRGNDMQIGTYVEKLFLTELSGNVIDLC
PVGALTNKPYSFVARPWEIRKVSSIDVLDAVGSNIVVSTRTNEVLRILPRENEDVNEEWLADKSRFACDGLKRQRLVAPM
VRMPNGELQAVEWEGALIAVAKAIKAAGGQIAGISGQLADLEAQVALKDLLNRLGSEVVATEQGFIAGGTDNRANYLLNS
TIAGLEEADAVLLVGTNPRYEAPLVNTRLRKAYVHNELQIASIGPKIDLSYDHENLGADAALVKDVCSGAHAFSKVLEGA
KKPAIIIGADLLERADGAAIHATVAEYCKKLKKPNWNPFNVLQTNAAQVGALDVGYKAGAQTAVKAQPKVLFLLNADAGK
VTREQLPKDCFVVYIGSHGDNGASIADAVLPGAAYTEKQGIYVNTEGRPQQTLPGVSPPGMAREDWKILRALSEVVGKPL
PYDNLDELRNRLEDVAPHLTRLGQLEPAGDAGAAGTISKSIGGGAIDIKLKELRDYFMTDAISRASPTMAKCISAVNKQQ
RENEAKQSVAI
;
G
8 'polypeptide(L)'
;MFYMEFILSLIGSLLLIICVLVSVAFLTLLERKVLGYIQIRKGPNKVGLMGIPQPFCDAIKLFTKEQTYPLLSNYLSYYI
SPIFSLFLSLFVWMCMPFFVKLYSFNLGGLFFLCCTSLGVYTVMVAGWSSNSNYALLGGLRAVAQTISYEVSLALILLSF
IFLIGSYNMIYFFFYQVYMWFLIILFPMALVWVSISLAETNRTPFDFAEGESELVSGFNVEYSSGGFALIFMAEYASILF
MSMLFCVIFLGCDVFNLLFYMKLTFISFVFIWVRGTLPRFRYDKLMYLAWKCFLSFSLNYLLFFIGFKILLFSLL
;
H
9 'polypeptide(L)'
;EPKDIVEVPKGYVYVNNKELSMEFADITDRAASTMFFGELLRGFAVTLAHIFKEPATINYPFEKGPLSPRFRGEHALRRY
PSGEERCIACKLCEAICPAQAITIEAEERADGSRRTTRYDIDMTKCIYCGFCQEACPVDAIVEGPNFEFSTETHEELLYN
KEKLLCNGDKWESEIASNLQADHLYR
;
I
10 'polypeptide(L)'
;MIQLMLYSLIITTSIIFLNMIHPLALGLTLLIQTIFVCLLTGLMTKSFWYSYILFLIFLGGMLVLFIYVTSLASNEMFNL
SMKLTLFSSLILIFMLILSFIMDKTSSSLFLMNNDMQSIINMNSYFMENSLSLNKLYNFPTNFITILLMNYLLITLIVIV
KITKLFK
;
J
11 'polypeptide(L)'
;MIMILYWSLPMILFILGLFCFVSNRKHLLSMLLSLEFIVLMLFFMLFIYLNMLNYESYFSMMFLTFSVCEGALGLSILVS
MIRTHGNDYFQSF
;
K
12 'polypeptide(L)'
;MKYLSICSISFVNLISMSLSCFLLSLYFLLNDMIYFIEWELVSLNSMSIVMTFLFDWMSLLFMSFVLMISSLVIFYSKEY
MMNDNHINRFIMLVLMFVLSMMLLIISPNLISILLGWDGLGLVSYCLVIYFQNIKSYNAGMLTALSNRIGDVALLLSIAW
MLNYGSWNYIFYLEIMQNEFEMLMIGSLVMLAAMTKSAQIPFSSWLPAAMAAPTPVSALVHSSTLVTAGVYLLIRFNIIL
STSWLGQLMLLLSGLTMFMAGLGANFEFDLKKIIALSTLSQLGLMMSILSMGFLKLAMFHLLTHALFKALLFMCAGAIIH
NMNNSQDIRLMGGLSIHMPLTSACFNVSNLALCGMPFLAGFYSKDMILEIVSISNVNMFSFFLYYFSTGLTVSYSFRLVY
YSMTGDLNCGSLNMLNDESWIMLRGMMGLLIMSIIGGSMLNWLIFPFPYMICLPIYMKLLTLFVCIVGGLFGYLISLSNL
FFLNKSLFMYNLSTFLGSMWFMPYISTYGMIFYPLNYGQLVVKSFDQGWSEYFGGQHLYQKLSMYSKTLFLMHNNSLKIY
LLLFVFWILILLILLFL
;
L
13 'polypeptide(L)'
;MLKIIFFLLFLIPFCFINNMYWMVQIMMFFISFIFLLMNNFMNYWSEISYFLGCDMLSYGLILLSLWICSLMLLASEMIN
KHNNYKNLFLLNIIILLLLLILTFSSMSLFMFYLFFESSLIPTLFLILGWGYQPERLQAGLYLLFYTLLVSLPMLIGIFY
LMNKIGSMNFYLMNNFMFNYDLLYFCLLCAFLVKMPMFLVHLWLPKAHVEAPVSGSMILAGIMLKLGGYGMLRVISFLQL
MNLKYSFVWISISLVGGVLVSLVCLRQTDLKALIAYSSVAHMGIVLSGLLTMTYWGLCGSYTLMIAHGLCSSGLFCLANV
SYERLGSRSMLINKGLLNFMPSMTLWWFLLSSANMAAPPTLNLLGEIYLLNSIVSWSWISMILLSFLSFFSAAYTLYLYS
FSQHGKLFSGVYSFSSGKIREYLLMLLHWLPLNLLILKSESFMLWL
;
M
14 'polypeptide(L)'
;MFNNSSKILFITIMIIGTLITVTSNSWLGAWMGLEINLLSFIPLLSDNNNLMSTEASLKYFLTQVLASTVLLFSSILLML
KNNMNNEINESFTSMIIMSALLLKSGAAPFHFWFPNMMEGLTWMNALMLMTWQKIAPLMLISYLNIKYLLLISVILSVII
GAIGGLNQTSLRKLMAFSSINHLGWMLSSLMISESIWLIYFFFYSFLSFVLTFMFNIFKLFHLNQLFSWFVNSKILKFTL
FMNFLSLGGLPPFLGFLPKWLVIQQLTLCNQYFMLTLMMMSTLITLFFYLRICYSAFMMNYFENNWIMKMNMNSINYNMY
MIMTFFSIFGLFLISLFYFMF
;
N
15 'polypeptide(L)'
;ISGKTMRGGPRVPKAAPYPYKTKKYSVFNAIFDKTSKRFDENSKVICVEGPIAAGKSKFAKELAEELDMEYYPAVDLDLI
YINSYGYDMRKLDPQLPPSCRSYDVRNFCLDPSHDLAAQFQIRMYMLRYSQYIDALQHVLSTGQGVVLERSPYSDFVFME
AMFRQGYLSRGARSVYNELRQNTIGELLKPHLVIYLDLPVDAVKKQIKARNVDYEVQSKVFSDAYLSDLEQLYKQQYLKD
ISTHAELLIYDWTAGGETEVVVEDIERIDFNQFEADIHNKKMLDWRFPLEAEWCEARIKYCHEKPDLMNYFNVPRFDVPE
LVRSADDGKVWRDVWFNAPGMKYRPGYNADMGDEGLLTKTKIGINQGI
;
O
16 'polypeptide(L)'
;PRPLKTTNPAAMKRGTGGRSSFNGIVATVFGATGFVGRYVCNKLGKSGTQMILPYRGDDSDVIRLKVTGDLGQVLFHFYN
LEDPASIRDAVKHSNVVINLVGRDFETKNFKFKDVHVNGAERIARIAREAGVERFIHLSSLNVEANPKDLYVKGGSEWLK
SKYEGELRVRDAFPNATIIRPADIYGSEDRFLRYYAHIWRRQFRSMPLWHKGEKTVKQPVYVSDVAQAIINAAKDPDSAG
RIYQAVGPKRYQLSELVDWFHRLMRKDQKRWGYMRYDMRWDPTFLLKAKLNSFICPGTPIGGLHPARIEREAVTDKVLTG
VPTLEDLGVTLTTMEQQVPWELRPYRAALYYDAELGEFETPSPPKCIEARDELRLFA
;
P
17 'polypeptide(L)'
;NKLSGKITVPTAVNLSPISGVPEEHIRERRVRIHIPPKNAMQSGTDNVNTWQIEFDNRERWENPLMGWASSGDPLSNMNV
QFGSPEEAITFCERNGWRWYVDGAAKPKKERVKNYGINFAWNKRTRVSTK
;
Q
18 'polypeptide(L)'
;RGDIEKVTHTGQVFDKEDYRNARFVNAKRYVNENWGIKLIEEVPPKECTERVVFCDGGDGPLGHPKVYINLDKPGNHICG
YCGLRFVKK
;
R
19 'polypeptide(L)'
;MSFTQIARSCSRLAATLAPRRVASGILIQSQASRMMHRIAVPSMTSQLSQECRGRWQTQLVRKYSAKPPLSLKLINERVL
LVLKLYDKIDPSKLNVESHFINDLGLDSLDHVEVIMAMEDEFGFEIPDSDAEKLLKPADIIKYVADKEDVYE
;
T,U
20 'polypeptide(L)'
;IKASTGLTGLAVSTNPHHTLSALYGKILRAVSKMPQDASYRKYTEQLVKQRADSVAQHKDITALEKAVGCGQVEELIVQA
ENELILARKMLGWKPWEKLVQAAPAKQWDWPPAQIMEP
;
V
21 'polypeptide(L)'
;AVQQVRPILSVDREEARKRALNLYKAWYRQIPYIVMDYDIPMTVEQCRDKLREEFVKHRNVTDIRVIDMLVIKGQMELKE
SVEIWKQKGHIMRYWKESQDPKPTDFLSKFIQGV
;
W
22 'polypeptide(L)'
;VITNNTTLPEESELNVQELNLSSAALRAGAFHLGKQCEQANNEFMLCRQELDDPRACLAEGKAVTSCALDFFRKVKKTCH
EEFTQYATCLDKSSGTMAFSHCRKTQGVFDKCIKDNFDWDRPSYGYFSRAKVIQSAREAPKKEEKVSYPDATPGLPEDYP
KPPAKYGSRFHWLE
;
X
23 'polypeptide(L)'
;LRSKYYDHPDGEDAFGKIVATNKYAVSAGVAWSMFDVLTLSKPQGYLPTLGRFAYNTGPLMGMATAFTLTTLVATNARGK
DDKINYLIGGFAAGGVFGAWKHNHVAGLCAGLFLGIAGVIKKMSIEQGWEFFPNTPIKQYGGLNIAGNDWTIMADPPKNW
TTEKPKE
;
Y
24 'polypeptide(L)'
;PPKQDLPPPGGYKKIPFARVPPKSYFTGFTTIGTYVVVTAVGLGIYYLTAKKVKRDEIEMRSAQNVIFPILVAERDREFL
RQLRRNRDEEAELMKNVPGWEVGTWYGEPVFKTLPEDTLVTPIFKEFYAHSDWKSYAKRAHLKLWS
;
Z
25 'polypeptide(L)' MWFEILPGAVIITTLLSVPIYAMYGLDKLMIGNAFRRNMDERFSRVMYQRDFRLTDNPYKMNGLDAIPDEKTN a
26 'polypeptide(L)' SLLKRAWNEIPDIVGGSALALAGIVMATIGVANYYAKDGDNRRYKLGYVVYRHDDPRALKVRNDED b
27 'polypeptide(L)'
;SAVNDPLELLTNKGTHEPSFLSPIWNPIACGVAGVGAAIFINWGFRKPVFSGIQKHIAFGAIGVGAGAYFDQKRNEYLAK
RDAVLRHYIELHPDDFPVKERKTYGQVLESWVPVR
;
d
28 'polypeptide(L)'
;SLTPFLRLPLTDLTGCLINHQTYDKCGKFEMKMMECFEAYGLERGKRECADLISDFQECVGMQKQLMRFHAMRNERYKQW
LKGERKGQEFFADPPRVDAY
;
e
29 'polypeptide(L)' MVLGLDKRALWGALPLLGFAIGHFLDKKETERMTMFRDKSALYGRPAGSEGKAPSW f
30 'polypeptide(L)'
;LTTEDFANPSPKNWQSYGFDYKDQVEDRKATKSTFFVTVTLCLVWGSFYWAYLPDTQFRNWAQREGFLELRRRELAGVDL
VSPNYVDPASITLPSDEDLGDTEIII
;
g
31 'polypeptide(L)'
;GHHQMIIKPSRFQWDKFKDLLHFYVMLGVIPVTALVLYANIFVGPAQLAEIPEGYEPKHWEYEKHPISRFISRYILNSDQ
QNYEKSLHYLYEENEKAQIRLLEDEVRRKMSERNDYQAYYYRPSVAKYHRISKEAADELEALRGD
;
h
32 'polypeptide(L)'
;GASETGGVKPMVIAGRMVRERERLIGMSPEERAWRKQWLKDQELHHGPRKVPALELELNNPIKRFYRAPLDKVCNVLEPV
LGFQRAYTVRFWTGKALLALTGIYAGAYYFKYNQNDWTRKGGWRVIHSRKQCVPGDEGYPKVSDRSAPSDYAARGFNESP
L
;
i
33 'polypeptide(L)' KSHVVSYRNGPPPHSKATKIGALTVGGAMWWWVIWHLWHEPDHITGEFDYPNSRKWSNT j
34 'polypeptide(L)'
;EPYTVPHASTYKVESVPQLVEVKEALGRQGLKDPWLRNEVWRYEPKAFGTHRSRLNTFLFRGLGVGFCAFLATVAVEYAL
GIGK
;
k
35 'polypeptide(L)'
;GWNKDYKPGPYPQTEKERLAAAKKYYLLPEEYKPYADDGLGYGDYPKLGYGLGVEAKDSYYPWDYPEHKRNQHEPISADH
DLYSEDRWSQAEPPRYSNAYYFACFLGVMSGCLALYYWLDDKKMYRPVAAKQYPSPGVKHYTFE
;
l
36 'polypeptide(L)'
;EEQEFIKRKHEATLKLRQEFLKQSSNPYRHATGEGGTVFDAGLARFQAMRVSNYEHFKPTGKSFRTGLFAVVLPIALYAW
ALKAERDGREEKYRTGQVAYKDRQFKFI
;
m
37 'polypeptide(L)'
;AQVPLAIVSHKRQVCSLYKRALRNLESWYDRRNVYRYRAVQLRARFDENRSKDLGEGIRLLACGQRELFETRHFQPRNFA
NSAGGCAFEREVIPPDWVLDYWHPLEKAQYPEYFAKREQRKKEFVTWWEKQYGK
;
n
38 'polypeptide(L)'
;GNALTHYMKPDVMPGPDVVPTFDPLLGFKSRKERVMIATQEEMESAKLPLEFRDYCAHLAIAYQACRSDTFPFVYKCAHQ
KHEYLTCEYEDYVLRMKEFERERRLLERQKRL
;
o
39 'polypeptide(L)'
;PRSPMASFAESVLNVIDGPITWFRESIVEPNQQKQNWYHQRFRRVPTIDQCYTDDAVCRFEADQQFRRDRMVDNEIVNIL
RQRFEDCTLYEAPDHMVKCRPLMDQYEKATENWFIKYGDLGGYANAKTAYMKQKHRLIWERRHGPVGSGMK
;
p
40 'polypeptide(L)'
;LGINRLTKLFQMVREAGGLKQAYLKLYRNDDLKIGTLVGIDKYGNKYFENPYYFYGRNRWIEFAPHVNMDYDGSMIPAEW
YGWMHYKTDLPPIRDGCRPKYKWIADHSENLSGTKEAYYPYSTTPNKVEAWEPKA
;
q
41 'polypeptide(L)'
;MSALRRDVSPLIQRIRAFLLGREHNLALRFEDGLADRTQPQPEIPDGPSHLLSANYYCQRDGRREVLPPIDLVEQQKQLA
AEGEAAKAPSSKLPTPGKVYAWD
;
r
42 'polypeptide(L)' SSPSVVGLTSNCVKPSSGPVGPGASATGGYKVPEYYSFNRFSYAEAEVEMAKYRCPQPSALK s
#
loop_
_chem_comp.id
_chem_comp.type
_chem_comp.name
_chem_comp.formula
3PE non-polymer 1,2-Distearoyl-sn-glycerophosphoethanolamine 'C41 H82 N O8 P'
CDL non-polymer CARDIOLIPIN 'C81 H156 O17 P2 -2'
DGT non-polymer 2'-DEOXYGUANOSINE-5'-TRIPHOSPHATE 'C10 H16 N5 O13 P3'
EHZ non-polymer '~{S}-[2-[3-[[(2~{R})-3,3-dimethyl-2-oxidanyl-4-phosphonooxy-butanoyl]amino]propanoylamino]ethyl] (3~{S})-3-oxidanyltetradecanethioate' 'C25 H49 N2 O9 P S'
FES non-polymer 'FE2/S2 (INORGANIC) CLUSTER' 'Fe2 S2'
FMN non-polymer 'FLAVIN MONONUCLEOTIDE' 'C17 H21 N4 O9 P'
NDP non-polymer 'NADPH DIHYDRO-NICOTINAMIDE-ADENINE-DINUCLEOTIDE PHOSPHATE' 'C21 H30 N7 O17 P3'
SF4 non-polymer 'IRON/SULFUR CLUSTER' 'Fe4 S4'
ZN non-polymer 'ZINC ION' 'Zn 2'
#
# COMPACT_ATOMS: atom_id res chain seq x y z
N MET A 1 31.33 20.20 -43.19
CA MET A 1 30.18 19.64 -42.52
C MET A 1 28.88 20.17 -43.09
N PHE A 2 28.74 21.49 -43.15
CA PHE A 2 27.45 22.06 -43.49
C PHE A 2 26.94 21.54 -44.83
N SER A 3 27.83 21.08 -45.70
CA SER A 3 27.41 20.29 -46.85
C SER A 3 26.60 19.09 -46.39
N ILE A 4 27.07 18.40 -45.35
CA ILE A 4 26.28 17.32 -44.77
C ILE A 4 24.99 17.87 -44.18
N ILE A 5 25.07 19.00 -43.47
CA ILE A 5 23.89 19.53 -42.82
C ILE A 5 22.80 19.83 -43.84
N PHE A 6 23.17 20.50 -44.92
CA PHE A 6 22.18 20.88 -45.92
C PHE A 6 21.56 19.65 -46.56
N ILE A 7 22.37 18.63 -46.84
CA ILE A 7 21.84 17.42 -47.46
C ILE A 7 20.83 16.75 -46.55
N ALA A 8 21.14 16.67 -45.26
CA ALA A 8 20.19 16.07 -44.32
C ALA A 8 18.89 16.88 -44.27
N LEU A 9 19.00 18.21 -44.23
CA LEU A 9 17.79 19.04 -44.26
C LEU A 9 17.00 18.78 -45.53
N LEU A 10 17.69 18.70 -46.66
CA LEU A 10 16.99 18.44 -47.91
C LEU A 10 16.28 17.09 -47.87
N ILE A 11 16.97 16.06 -47.39
CA ILE A 11 16.34 14.74 -47.34
C ILE A 11 15.14 14.76 -46.43
N LEU A 12 15.29 15.33 -45.24
CA LEU A 12 14.20 15.34 -44.28
C LEU A 12 13.01 16.07 -44.85
N LEU A 13 13.25 17.19 -45.53
CA LEU A 13 12.16 17.91 -46.18
C LEU A 13 11.51 17.05 -47.25
N ILE A 14 12.31 16.38 -48.08
CA ILE A 14 11.74 15.48 -49.08
C ILE A 14 11.02 14.33 -48.41
N THR A 15 11.54 13.85 -47.28
CA THR A 15 10.89 12.75 -46.58
C THR A 15 9.51 13.17 -46.09
N THR A 16 9.43 14.30 -45.39
CA THR A 16 8.16 14.75 -44.87
C THR A 16 7.19 15.10 -45.99
N ILE A 17 7.70 15.59 -47.11
CA ILE A 17 6.84 15.88 -48.25
C ILE A 17 6.20 14.60 -48.77
N VAL A 18 6.98 13.52 -48.85
CA VAL A 18 6.45 12.24 -49.32
C VAL A 18 5.34 11.76 -48.41
N MET A 19 5.62 11.73 -47.11
CA MET A 19 4.62 11.29 -46.15
C MET A 19 3.45 12.27 -46.09
N PHE A 20 3.74 13.56 -46.24
CA PHE A 20 2.66 14.52 -46.38
C PHE A 20 1.81 14.20 -47.61
N LEU A 21 2.47 13.85 -48.72
CA LEU A 21 1.74 13.53 -49.93
C LEU A 21 0.89 12.28 -49.74
N ALA A 22 1.45 11.23 -49.16
CA ALA A 22 0.68 10.02 -48.95
C ALA A 22 -0.52 10.29 -48.05
N SER A 23 -0.40 11.26 -47.15
CA SER A 23 -1.51 11.57 -46.26
C SER A 23 -2.71 12.12 -47.02
N ILE A 24 -2.47 12.75 -48.17
CA ILE A 24 -3.59 13.20 -49.00
C ILE A 24 -3.98 12.15 -50.03
N LEU A 25 -3.04 11.31 -50.47
CA LEU A 25 -3.37 10.31 -51.46
C LEU A 25 -4.28 9.23 -50.89
N SER A 26 -4.15 8.93 -49.61
CA SER A 26 -4.93 7.85 -49.02
C SER A 26 -6.34 8.34 -48.71
N LYS A 27 -7.33 7.57 -49.13
CA LYS A 27 -8.71 8.00 -48.94
C LYS A 27 -9.05 8.05 -47.45
N LYS A 28 -9.95 8.96 -47.12
CA LYS A 28 -10.38 9.13 -45.74
C LYS A 28 -11.61 8.28 -45.49
N ALA A 29 -11.89 8.04 -44.21
CA ALA A 29 -13.10 7.35 -43.80
C ALA A 29 -13.65 8.03 -42.56
N LEU A 30 -14.97 7.98 -42.42
CA LEU A 30 -15.59 8.56 -41.25
C LEU A 30 -15.10 7.82 -40.01
N ILE A 31 -14.68 8.60 -38.99
CA ILE A 31 -14.03 8.00 -37.83
C ILE A 31 -15.02 7.08 -37.11
N ASP A 32 -14.49 6.16 -36.32
CA ASP A 32 -15.27 5.18 -35.60
C ASP A 32 -14.78 5.09 -34.17
N ARG A 33 -15.71 4.95 -33.22
CA ARG A 33 -15.32 4.85 -31.82
C ARG A 33 -14.31 3.73 -31.62
N GLU A 34 -14.52 2.61 -32.30
CA GLU A 34 -13.73 1.40 -32.06
C GLU A 34 -12.53 1.29 -32.97
N LYS A 35 -12.55 1.92 -34.15
CA LYS A 35 -11.42 1.82 -35.05
C LYS A 35 -10.15 2.37 -34.44
N SER A 36 -10.26 3.21 -33.42
CA SER A 36 -9.11 3.88 -32.81
C SER A 36 -8.86 3.39 -31.40
N SER A 37 -9.00 2.08 -31.18
CA SER A 37 -8.67 1.48 -29.89
C SER A 37 -7.32 0.77 -29.97
N PRO A 38 -6.62 0.62 -28.86
CA PRO A 38 -5.40 -0.18 -28.87
C PRO A 38 -5.70 -1.63 -29.27
N PHE A 39 -4.76 -2.22 -29.99
CA PHE A 39 -4.94 -3.60 -30.45
C PHE A 39 -4.52 -4.57 -29.35
N GLU A 40 -5.47 -5.35 -28.86
CA GLU A 40 -5.23 -6.34 -27.82
C GLU A 40 -5.77 -7.70 -28.25
N CYS A 41 -5.48 -8.09 -29.49
CA CYS A 41 -5.92 -9.35 -30.07
C CYS A 41 -7.44 -9.45 -30.16
N GLY A 42 -8.13 -8.32 -30.21
CA GLY A 42 -9.56 -8.34 -30.38
C GLY A 42 -10.37 -8.51 -29.12
N PHE A 43 -9.76 -8.37 -27.96
CA PHE A 43 -10.50 -8.34 -26.70
C PHE A 43 -10.14 -7.08 -25.95
N ASP A 44 -11.16 -6.43 -25.38
CA ASP A 44 -11.09 -5.07 -24.86
C ASP A 44 -9.80 -4.82 -24.08
N PRO A 45 -9.09 -3.72 -24.34
CA PRO A 45 -7.92 -3.43 -23.52
C PRO A 45 -8.29 -3.20 -22.07
N LYS A 46 -7.36 -3.53 -21.19
CA LYS A 46 -7.57 -3.54 -19.76
C LYS A 46 -7.48 -2.09 -19.29
N SER A 47 -7.22 -1.88 -18.01
CA SER A 47 -6.93 -0.56 -17.49
C SER A 47 -5.66 -0.02 -18.14
N SER A 48 -5.19 1.15 -17.72
CA SER A 48 -4.38 2.06 -18.51
C SER A 48 -3.35 1.37 -19.41
N SER A 49 -2.83 0.23 -18.97
CA SER A 49 -1.87 -0.61 -19.69
C SER A 49 -0.46 -0.05 -19.61
N ARG A 50 -0.27 1.13 -19.01
CA ARG A 50 1.07 1.64 -18.74
C ARG A 50 1.87 0.60 -17.95
N LEU A 51 2.95 0.12 -18.54
CA LEU A 51 3.70 -0.99 -17.95
C LEU A 51 4.32 -0.59 -16.61
N PRO A 52 4.53 -1.55 -15.71
CA PRO A 52 5.31 -1.24 -14.51
C PRO A 52 6.74 -0.86 -14.88
N PHE A 53 7.30 0.08 -14.11
CA PHE A 53 8.70 0.45 -14.23
C PHE A 53 9.54 -0.14 -13.10
N SER A 54 9.04 -1.19 -12.46
CA SER A 54 9.86 -2.02 -11.57
C SER A 54 10.43 -3.15 -12.41
N LEU A 55 11.66 -2.96 -12.89
CA LEU A 55 12.27 -3.93 -13.78
C LEU A 55 13.76 -3.62 -13.86
N ARG A 56 14.46 -4.34 -14.73
CA ARG A 56 15.90 -4.30 -14.81
C ARG A 56 16.42 -3.53 -16.00
N PHE A 57 15.56 -3.19 -16.96
CA PHE A 57 16.04 -2.69 -18.24
C PHE A 57 16.89 -1.45 -18.06
N PHE A 58 16.56 -0.61 -17.08
CA PHE A 58 17.49 0.48 -16.77
C PHE A 58 18.82 -0.06 -16.29
N LEU A 59 18.80 -1.18 -15.55
CA LEU A 59 20.05 -1.73 -15.04
C LEU A 59 20.95 -2.17 -16.17
N ILE A 60 20.38 -2.83 -17.19
CA ILE A 60 21.17 -3.23 -18.34
C ILE A 60 21.69 -2.00 -19.07
N THR A 61 20.82 -1.02 -19.30
CA THR A 61 21.27 0.20 -19.95
C THR A 61 22.30 0.94 -19.12
N ILE A 62 22.29 0.76 -17.80
CA ILE A 62 23.36 1.36 -17.01
C ILE A 62 24.68 0.64 -17.27
N ILE A 63 24.63 -0.69 -17.40
CA ILE A 63 25.83 -1.41 -17.82
C ILE A 63 26.27 -0.89 -19.18
N PHE A 64 25.31 -0.60 -20.04
CA PHE A 64 25.64 0.01 -21.33
C PHE A 64 26.45 1.27 -21.15
N LEU A 65 25.99 2.17 -20.27
CA LEU A 65 26.65 3.46 -20.14
C LEU A 65 28.08 3.29 -19.65
N ILE A 66 28.28 2.43 -18.66
CA ILE A 66 29.62 2.20 -18.14
C ILE A 66 30.54 1.74 -19.26
N PHE A 67 30.11 0.72 -20.00
CA PHE A 67 30.91 0.23 -21.10
C PHE A 67 30.90 1.22 -22.26
N ASP A 68 29.81 1.95 -22.42
CA ASP A 68 29.76 2.95 -23.48
C ASP A 68 30.77 4.06 -23.23
N VAL A 69 30.90 4.51 -21.98
CA VAL A 69 31.92 5.50 -21.67
C VAL A 69 33.31 4.88 -21.83
N GLU A 70 33.50 3.68 -21.28
CA GLU A 70 34.80 3.02 -21.40
C GLU A 70 35.21 2.89 -22.84
N ILE A 71 34.26 2.60 -23.72
CA ILE A 71 34.55 2.58 -25.14
C ILE A 71 35.10 3.93 -25.58
N ALA A 72 34.52 5.02 -25.06
CA ALA A 72 35.01 6.35 -25.41
C ALA A 72 36.47 6.50 -25.03
N LEU A 73 36.85 6.01 -23.87
CA LEU A 73 38.23 6.16 -23.41
C LEU A 73 39.19 5.48 -24.37
N ILE A 74 38.82 4.32 -24.90
CA ILE A 74 39.73 3.54 -25.73
C ILE A 74 39.65 3.86 -27.20
N LEU A 75 38.69 4.68 -27.63
CA LEU A 75 38.61 5.02 -29.05
C LEU A 75 39.91 5.63 -29.56
N PRO A 76 40.51 6.63 -28.92
CA PRO A 76 41.64 7.33 -29.57
C PRO A 76 42.92 6.52 -29.67
N MET A 77 42.98 5.32 -29.12
CA MET A 77 44.20 4.52 -29.16
C MET A 77 44.71 4.32 -30.58
N ILE A 78 43.81 4.34 -31.55
CA ILE A 78 44.20 4.10 -32.94
C ILE A 78 45.23 5.13 -33.39
N ILE A 79 44.99 6.41 -33.12
CA ILE A 79 45.84 7.44 -33.70
C ILE A 79 47.06 7.67 -32.84
N ILE A 80 46.89 7.79 -31.53
CA ILE A 80 48.01 8.11 -30.65
C ILE A 80 49.08 7.05 -30.64
N MET A 81 48.77 5.84 -31.11
CA MET A 81 49.72 4.75 -31.02
C MET A 81 50.98 5.05 -31.82
N LYS A 82 50.86 5.87 -32.87
CA LYS A 82 52.01 6.22 -33.68
C LYS A 82 52.88 7.27 -33.02
N TYR A 83 52.33 8.02 -32.07
CA TYR A 83 52.98 9.17 -31.48
C TYR A 83 53.40 8.93 -30.03
N SER A 84 52.51 8.37 -29.23
CA SER A 84 52.76 8.24 -27.81
C SER A 84 53.99 7.37 -27.54
N ASN A 85 54.57 7.58 -26.37
CA ASN A 85 55.62 6.70 -25.88
C ASN A 85 55.07 5.28 -25.75
N ILE A 86 55.89 4.29 -26.11
CA ILE A 86 55.36 2.95 -26.33
C ILE A 86 55.13 2.23 -25.02
N MET A 87 56.02 2.37 -24.04
CA MET A 87 55.74 1.75 -22.74
C MET A 87 54.40 2.21 -22.23
N ILE A 88 54.22 3.52 -22.12
CA ILE A 88 53.04 4.05 -21.48
C ILE A 88 51.80 3.65 -22.28
N TRP A 89 51.86 3.80 -23.60
CA TRP A 89 50.73 3.41 -24.42
C TRP A 89 50.48 1.92 -24.31
N THR A 90 51.56 1.13 -24.28
CA THR A 90 51.40 -0.31 -24.16
C THR A 90 50.76 -0.69 -22.83
N ILE A 91 51.45 -0.42 -21.72
CA ILE A 91 50.92 -0.82 -20.43
C ILE A 91 49.58 -0.17 -20.16
N THR A 92 49.45 1.12 -20.45
CA THR A 92 48.23 1.82 -20.08
C THR A 92 47.03 1.17 -20.75
N SER A 93 47.12 0.93 -22.06
CA SER A 93 46.02 0.29 -22.76
C SER A 93 45.81 -1.13 -22.24
N ILE A 94 46.89 -1.88 -22.02
CA ILE A 94 46.73 -3.27 -21.65
C ILE A 94 45.94 -3.40 -20.35
N ILE A 95 46.23 -2.53 -19.38
CA ILE A 95 45.53 -2.66 -18.10
C ILE A 95 44.06 -2.27 -18.25
N PHE A 96 43.72 -1.33 -19.14
CA PHE A 96 42.31 -1.09 -19.45
C PHE A 96 41.61 -2.40 -19.73
N ILE A 97 42.03 -3.09 -20.79
CA ILE A 97 41.35 -4.31 -21.21
C ILE A 97 41.43 -5.36 -20.12
N LEU A 98 42.58 -5.48 -19.46
CA LEU A 98 42.71 -6.50 -18.42
C LEU A 98 41.70 -6.27 -17.31
N ILE A 99 41.56 -5.03 -16.87
CA ILE A 99 40.59 -4.74 -15.83
C ILE A 99 39.19 -5.05 -16.31
N LEU A 100 38.91 -4.81 -17.59
CA LEU A 100 37.60 -5.14 -18.12
C LEU A 100 37.33 -6.63 -18.03
N LEU A 101 38.28 -7.46 -18.46
CA LEU A 101 38.06 -8.90 -18.38
C LEU A 101 37.81 -9.32 -16.95
N ILE A 102 38.65 -8.86 -16.02
CA ILE A 102 38.53 -9.29 -14.65
C ILE A 102 37.21 -8.83 -14.06
N GLY A 103 36.80 -7.60 -14.39
CA GLY A 103 35.45 -7.18 -14.03
C GLY A 103 34.41 -8.13 -14.59
N LEU A 104 34.57 -8.53 -15.85
CA LEU A 104 33.60 -9.43 -16.47
C LEU A 104 33.60 -10.80 -15.80
N TYR A 105 34.77 -11.41 -15.64
CA TYR A 105 34.83 -12.76 -15.12
C TYR A 105 34.45 -12.80 -13.64
N HIS A 106 34.96 -11.85 -12.85
CA HIS A 106 34.46 -11.70 -11.49
C HIS A 106 32.95 -11.58 -11.48
N GLU A 107 32.38 -10.87 -12.46
CA GLU A 107 30.95 -10.63 -12.49
C GLU A 107 30.17 -11.86 -12.97
N TRP A 108 30.79 -12.75 -13.76
CA TRP A 108 30.12 -14.01 -14.07
C TRP A 108 29.96 -14.86 -12.82
N ASN A 109 31.02 -14.98 -12.04
CA ASN A 109 30.91 -15.69 -10.78
C ASN A 109 29.83 -15.06 -9.90
N GLN A 110 29.68 -13.73 -10.00
CA GLN A 110 28.51 -13.07 -9.43
C GLN A 110 27.25 -13.46 -10.18
N GLY A 111 27.34 -13.55 -11.51
CA GLY A 111 26.21 -14.01 -12.32
C GLY A 111 25.01 -13.09 -12.25
N MET A 112 25.22 -11.77 -12.30
CA MET A 112 24.15 -10.83 -11.99
C MET A 112 23.00 -10.87 -12.97
N LEU A 113 23.18 -11.44 -14.16
CA LEU A 113 22.06 -11.43 -15.08
C LEU A 113 21.07 -12.53 -14.71
N ASN A 114 21.53 -13.59 -14.06
CA ASN A 114 20.66 -14.68 -13.60
C ASN A 114 19.95 -14.28 -12.31
N TRP A 115 19.22 -13.17 -12.38
CA TRP A 115 18.47 -12.69 -11.24
C TRP A 115 17.39 -13.70 -10.86
N SER A 116 17.04 -13.70 -9.58
CA SER A 116 15.86 -14.44 -9.15
C SER A 116 14.60 -13.83 -9.72
N ASN A 117 14.61 -12.53 -9.96
CA ASN A 117 13.53 -11.84 -10.66
C ASN A 117 13.94 -10.39 -10.92
N GLN B 1 -29.55 -18.20 -67.12
CA GLN B 1 -28.25 -18.84 -67.28
C GLN B 1 -27.71 -18.56 -68.67
N GLN B 2 -26.42 -18.25 -68.75
CA GLN B 2 -25.74 -18.09 -70.03
C GLN B 2 -24.65 -19.15 -70.14
N THR B 3 -24.08 -19.24 -71.34
CA THR B 3 -23.08 -20.25 -71.65
C THR B 3 -21.99 -19.61 -72.50
N LEU B 4 -20.82 -20.23 -72.48
CA LEU B 4 -19.68 -19.70 -73.21
C LEU B 4 -20.01 -19.67 -74.71
N PRO B 5 -19.39 -18.77 -75.46
CA PRO B 5 -19.56 -18.78 -76.91
C PRO B 5 -18.84 -19.97 -77.53
N VAL B 6 -19.21 -20.24 -78.77
CA VAL B 6 -18.69 -21.39 -79.49
C VAL B 6 -17.52 -20.93 -80.34
N ALA B 7 -16.78 -21.89 -80.88
CA ALA B 7 -15.48 -21.60 -81.51
C ALA B 7 -15.58 -20.47 -82.52
N GLU B 8 -16.54 -20.55 -83.44
CA GLU B 8 -16.62 -19.53 -84.47
C GLU B 8 -17.02 -18.18 -83.90
N VAL B 9 -17.87 -18.16 -82.88
CA VAL B 9 -18.23 -16.88 -82.27
C VAL B 9 -16.98 -16.22 -81.68
N ALA B 10 -16.13 -17.01 -81.04
CA ALA B 10 -14.88 -16.46 -80.52
C ALA B 10 -14.05 -15.87 -81.65
N GLN B 11 -14.02 -16.54 -82.80
CA GLN B 11 -13.22 -16.05 -83.92
C GLN B 11 -13.66 -14.66 -84.35
N ASN B 12 -14.97 -14.43 -84.44
CA ASN B 12 -15.46 -13.10 -84.79
C ASN B 12 -15.08 -12.07 -83.73
N LEU B 13 -15.19 -12.44 -82.46
CA LEU B 13 -15.04 -11.46 -81.40
C LEU B 13 -13.60 -10.96 -81.32
N PRO B 14 -13.39 -9.74 -80.84
CA PRO B 14 -12.03 -9.22 -80.70
C PRO B 14 -11.45 -9.55 -79.34
N LYS B 15 -10.27 -9.02 -79.06
CA LYS B 15 -9.71 -9.09 -77.71
C LYS B 15 -10.69 -8.50 -76.72
N LYS B 16 -10.79 -9.13 -75.56
CA LYS B 16 -11.71 -8.70 -74.52
C LYS B 16 -11.21 -7.51 -73.73
N GLY B 17 -10.19 -6.80 -74.21
CA GLY B 17 -9.66 -5.67 -73.49
C GLY B 17 -9.02 -6.11 -72.19
N TYR B 18 -8.35 -5.20 -71.49
CA TYR B 18 -7.76 -5.52 -70.20
C TYR B 18 -8.49 -4.83 -69.06
N SER B 19 -8.58 -3.53 -69.08
CA SER B 19 -9.33 -2.84 -68.05
C SER B 19 -10.79 -3.26 -68.20
N PRO B 20 -11.43 -3.81 -67.17
CA PRO B 20 -12.81 -4.25 -67.35
C PRO B 20 -13.74 -3.12 -67.71
N PHE B 21 -13.36 -1.88 -67.43
CA PHE B 21 -14.18 -0.76 -67.85
C PHE B 21 -14.35 -0.71 -69.35
N GLY B 22 -13.32 -1.11 -70.09
CA GLY B 22 -13.29 -0.93 -71.53
C GLY B 22 -12.51 0.31 -71.91
N THR B 23 -12.51 0.59 -73.21
CA THR B 23 -11.82 1.74 -73.79
C THR B 23 -12.77 2.52 -74.68
N LYS B 24 -13.97 2.79 -74.18
CA LYS B 24 -14.97 3.58 -74.89
C LYS B 24 -15.12 4.98 -74.33
N GLN B 25 -14.20 5.40 -73.46
CA GLN B 25 -14.36 6.68 -72.77
C GLN B 25 -14.48 7.82 -73.77
N SER B 26 -15.32 8.80 -73.44
CA SER B 26 -15.62 9.88 -74.38
C SER B 26 -14.55 10.96 -74.36
N SER B 27 -14.41 11.64 -73.22
CA SER B 27 -13.59 12.85 -73.11
C SER B 27 -12.29 12.56 -72.37
N VAL B 28 -11.44 13.58 -72.31
CA VAL B 28 -10.12 13.43 -71.72
C VAL B 28 -10.26 13.05 -70.25
N ALA B 29 -11.14 13.74 -69.52
CA ALA B 29 -11.29 13.44 -68.10
C ALA B 29 -11.75 12.00 -67.90
N GLU B 30 -12.75 11.58 -68.68
CA GLU B 30 -13.21 10.19 -68.60
C GLU B 30 -12.06 9.23 -68.86
N TRP B 31 -11.35 9.42 -69.97
CA TRP B 31 -10.28 8.51 -70.33
C TRP B 31 -9.18 8.51 -69.27
N SER B 32 -8.83 9.69 -68.77
CA SER B 32 -7.80 9.76 -67.74
C SER B 32 -8.24 9.04 -66.46
N LEU B 33 -9.45 9.33 -65.98
CA LEU B 33 -9.91 8.69 -64.76
C LEU B 33 -10.04 7.19 -64.93
N ALA B 34 -10.30 6.72 -66.15
CA ALA B 34 -10.33 5.28 -66.38
C ALA B 34 -8.97 4.66 -66.09
N ARG B 35 -7.90 5.31 -66.55
CA ARG B 35 -6.58 4.76 -66.33
C ARG B 35 -6.19 4.78 -64.87
N LEU B 36 -6.49 5.86 -64.16
CA LEU B 36 -6.09 5.92 -62.76
C LEU B 36 -6.81 4.86 -61.94
N ASP B 37 -8.10 4.64 -62.20
CA ASP B 37 -8.77 3.52 -61.56
C ASP B 37 -8.07 2.22 -61.88
N ASP B 38 -7.66 2.05 -63.14
CA ASP B 38 -7.00 0.80 -63.52
C ASP B 38 -5.72 0.61 -62.73
N LEU B 39 -4.94 1.68 -62.56
CA LEU B 39 -3.71 1.58 -61.79
C LEU B 39 -4.02 1.25 -60.33
N LEU B 40 -4.98 1.97 -59.74
CA LEU B 40 -5.34 1.70 -58.35
C LEU B 40 -5.76 0.26 -58.16
N ASN B 41 -6.71 -0.19 -58.97
CA ASN B 41 -7.16 -1.57 -58.87
C ASN B 41 -6.00 -2.52 -59.09
N TRP B 42 -5.10 -2.19 -60.01
CA TRP B 42 -3.95 -3.06 -60.24
C TRP B 42 -3.12 -3.18 -58.97
N GLY B 43 -2.90 -2.07 -58.28
CA GLY B 43 -2.15 -2.14 -57.04
C GLY B 43 -2.86 -2.96 -55.98
N ARG B 44 -4.12 -2.60 -55.69
CA ARG B 44 -4.88 -3.33 -54.69
C ARG B 44 -5.13 -4.77 -55.10
N LYS B 45 -5.10 -5.06 -56.40
CA LYS B 45 -5.37 -6.43 -56.85
C LYS B 45 -4.13 -7.30 -56.71
N GLY B 46 -2.97 -6.78 -57.13
CA GLY B 46 -1.78 -7.59 -57.15
C GLY B 46 -1.27 -7.95 -55.77
N SER B 47 -1.34 -7.01 -54.84
CA SER B 47 -0.85 -7.20 -53.48
C SER B 47 -2.02 -7.15 -52.52
N ILE B 48 -2.34 -8.30 -51.92
CA ILE B 48 -3.45 -8.43 -51.00
C ILE B 48 -2.96 -9.22 -49.80
N TRP B 49 -3.30 -8.79 -48.60
CA TRP B 49 -2.67 -9.32 -47.39
C TRP B 49 -3.70 -9.86 -46.41
N PRO B 50 -3.94 -11.17 -46.41
CA PRO B 50 -4.89 -11.75 -45.45
C PRO B 50 -4.42 -11.58 -44.02
N LEU B 51 -5.37 -11.65 -43.11
CA LEU B 51 -5.10 -11.50 -41.69
C LEU B 51 -4.89 -12.82 -40.96
N THR B 52 -5.27 -13.95 -41.56
CA THR B 52 -5.08 -15.26 -40.95
C THR B 52 -5.83 -15.36 -39.62
N PHE B 53 -7.15 -15.23 -39.70
CA PHE B 53 -7.93 -15.42 -38.49
C PHE B 53 -8.02 -16.90 -38.15
N GLY B 54 -8.58 -17.71 -39.05
CA GLY B 54 -8.37 -19.15 -39.02
C GLY B 54 -8.67 -19.81 -37.69
N LEU B 55 -9.93 -19.84 -37.28
CA LEU B 55 -10.25 -20.36 -35.95
C LEU B 55 -10.03 -21.84 -35.83
N ALA B 56 -10.41 -22.61 -36.85
CA ALA B 56 -10.57 -24.04 -36.63
C ALA B 56 -10.13 -24.89 -37.80
N CYS B 57 -10.52 -26.14 -37.73
CA CYS B 57 -10.65 -27.02 -38.88
C CYS B 57 -10.48 -26.37 -40.25
N CYS B 58 -11.22 -25.30 -40.58
CA CYS B 58 -10.96 -24.69 -41.87
C CYS B 58 -9.53 -24.17 -41.96
N ALA B 59 -8.97 -23.72 -40.83
CA ALA B 59 -7.66 -23.08 -40.84
C ALA B 59 -6.60 -23.95 -41.50
N VAL B 60 -6.72 -25.27 -41.37
CA VAL B 60 -5.70 -26.15 -41.93
C VAL B 60 -5.60 -25.94 -43.43
N GLU B 61 -6.73 -25.82 -44.11
CA GLU B 61 -6.68 -25.46 -45.53
C GLU B 61 -6.12 -24.06 -45.68
N MET B 62 -6.46 -23.15 -44.76
CA MET B 62 -5.90 -21.81 -44.82
C MET B 62 -4.38 -21.84 -44.69
N MET B 63 -3.81 -22.92 -44.16
CA MET B 63 -2.37 -23.09 -44.13
C MET B 63 -1.85 -23.82 -45.35
N HIS B 64 -2.60 -24.80 -45.83
CA HIS B 64 -2.17 -25.53 -47.02
C HIS B 64 -2.05 -24.60 -48.21
N ILE B 65 -2.88 -23.57 -48.27
CA ILE B 65 -2.74 -22.58 -49.34
C ILE B 65 -1.40 -21.88 -49.24
N ALA B 66 -0.96 -21.55 -48.02
CA ALA B 66 0.39 -21.01 -47.85
C ALA B 66 1.45 -22.04 -48.18
N ALA B 67 1.13 -23.32 -48.08
CA ALA B 67 2.06 -24.39 -48.35
C ALA B 67 2.50 -24.34 -49.80
N PRO B 68 3.53 -25.08 -50.19
CA PRO B 68 4.15 -24.89 -51.51
C PRO B 68 3.48 -25.62 -52.65
N ARG B 69 2.30 -26.21 -52.48
CA ARG B 69 1.65 -26.90 -53.59
C ARG B 69 0.82 -25.95 -54.44
N TYR B 70 0.01 -25.10 -53.82
CA TYR B 70 -0.82 -24.14 -54.53
C TYR B 70 -0.40 -22.73 -54.16
N ASP B 71 0.91 -22.48 -54.19
CA ASP B 71 1.54 -21.29 -53.64
C ASP B 71 0.69 -20.04 -53.85
N MET B 72 0.47 -19.31 -52.76
CA MET B 72 -0.37 -18.11 -52.76
C MET B 72 0.42 -16.81 -52.81
N ASP B 73 1.58 -16.74 -52.17
CA ASP B 73 2.41 -15.56 -52.39
C ASP B 73 2.86 -15.46 -53.84
N ARG B 74 2.79 -16.57 -54.56
CA ARG B 74 2.96 -16.54 -56.01
C ARG B 74 2.06 -15.48 -56.62
N TYR B 75 0.83 -15.37 -56.11
CA TYR B 75 -0.13 -14.40 -56.60
C TYR B 75 0.03 -13.02 -55.97
N GLY B 76 0.86 -12.88 -54.97
CA GLY B 76 1.08 -11.59 -54.33
C GLY B 76 0.35 -11.49 -53.01
N VAL B 77 0.12 -12.64 -52.38
CA VAL B 77 -0.64 -12.71 -51.15
C VAL B 77 0.31 -13.07 -50.01
N VAL B 78 0.23 -12.33 -48.92
CA VAL B 78 1.11 -12.53 -47.78
C VAL B 78 0.30 -12.43 -46.50
N PHE B 79 0.69 -13.23 -45.51
CA PHE B 79 0.02 -13.26 -44.22
C PHE B 79 0.71 -12.29 -43.27
N ARG B 80 0.20 -11.06 -43.22
CA ARG B 80 0.61 -10.12 -42.19
C ARG B 80 -0.19 -10.39 -40.92
N ALA B 81 0.52 -10.51 -39.80
CA ALA B 81 -0.16 -10.86 -38.56
C ALA B 81 -0.99 -9.70 -38.03
N SER B 82 -0.48 -8.49 -38.14
CA SER B 82 -1.09 -7.34 -37.49
C SER B 82 -2.27 -6.83 -38.30
N PRO B 83 -3.46 -6.72 -37.72
CA PRO B 83 -4.62 -6.30 -38.54
C PRO B 83 -4.48 -4.92 -39.12
N ARG B 84 -3.68 -4.06 -38.50
CA ARG B 84 -3.49 -2.73 -39.08
C ARG B 84 -2.83 -2.81 -40.44
N GLN B 85 -2.01 -3.84 -40.67
CA GLN B 85 -1.33 -4.02 -41.93
C GLN B 85 -1.98 -5.07 -42.81
N ALA B 86 -3.05 -5.71 -42.36
CA ALA B 86 -3.74 -6.71 -43.17
C ALA B 86 -4.88 -6.07 -43.93
N ASP B 87 -5.00 -6.42 -45.20
CA ASP B 87 -5.98 -5.81 -46.08
C ASP B 87 -7.23 -6.66 -46.25
N VAL B 88 -7.15 -7.96 -46.00
CA VAL B 88 -8.24 -8.90 -46.21
C VAL B 88 -8.28 -9.84 -45.02
N ILE B 89 -9.47 -10.35 -44.72
CA ILE B 89 -9.66 -11.25 -43.58
C ILE B 89 -10.40 -12.48 -44.05
N ILE B 90 -9.77 -13.63 -43.93
CA ILE B 90 -10.36 -14.90 -44.35
C ILE B 90 -10.94 -15.52 -43.08
N VAL B 91 -12.19 -15.17 -42.77
CA VAL B 91 -12.83 -15.73 -41.60
C VAL B 91 -13.12 -17.20 -41.87
N ALA B 92 -12.57 -18.07 -41.03
CA ALA B 92 -12.62 -19.49 -41.29
C ALA B 92 -12.79 -20.24 -39.98
N GLY B 93 -13.77 -21.13 -39.95
CA GLY B 93 -14.17 -21.83 -38.76
C GLY B 93 -15.46 -21.28 -38.21
N THR B 94 -15.88 -21.83 -37.08
CA THR B 94 -17.13 -21.41 -36.47
C THR B 94 -16.95 -20.13 -35.68
N LEU B 95 -18.03 -19.36 -35.62
CA LEU B 95 -18.08 -18.12 -34.87
C LEU B 95 -18.99 -18.35 -33.66
N THR B 96 -18.37 -18.64 -32.52
CA THR B 96 -19.15 -18.79 -31.31
C THR B 96 -19.45 -17.44 -30.69
N ASN B 97 -20.39 -17.43 -29.76
CA ASN B 97 -20.80 -16.17 -29.14
C ASN B 97 -19.63 -15.48 -28.45
N LYS B 98 -18.76 -16.25 -27.79
CA LYS B 98 -17.59 -15.63 -27.20
C LYS B 98 -16.74 -14.92 -28.24
N MET B 99 -16.75 -15.42 -29.47
CA MET B 99 -15.89 -14.88 -30.52
C MET B 99 -16.54 -13.72 -31.26
N ALA B 100 -17.87 -13.67 -31.30
CA ALA B 100 -18.56 -12.69 -32.12
C ALA B 100 -18.06 -11.27 -31.86
N PRO B 101 -18.04 -10.78 -30.63
CA PRO B 101 -17.50 -9.43 -30.41
C PRO B 101 -16.04 -9.32 -30.80
N ALA B 102 -15.26 -10.39 -30.64
CA ALA B 102 -13.87 -10.34 -31.04
C ALA B 102 -13.73 -10.15 -32.54
N LEU B 103 -14.47 -10.93 -33.33
CA LEU B 103 -14.40 -10.79 -34.78
C LEU B 103 -14.80 -9.38 -35.20
N ARG B 104 -15.90 -8.88 -34.65
CA ARG B 104 -16.33 -7.52 -34.95
C ARG B 104 -15.21 -6.53 -34.67
N LYS B 105 -14.60 -6.65 -33.49
CA LYS B 105 -13.55 -5.70 -33.12
C LYS B 105 -12.37 -5.81 -34.06
N VAL B 106 -11.93 -7.02 -34.36
CA VAL B 106 -10.80 -7.18 -35.27
C VAL B 106 -11.13 -6.59 -36.62
N TYR B 107 -12.35 -6.82 -37.10
CA TYR B 107 -12.72 -6.36 -38.43
C TYR B 107 -12.57 -4.85 -38.56
N ASP B 108 -13.20 -4.11 -37.66
CA ASP B 108 -13.22 -2.67 -37.82
C ASP B 108 -11.94 -2.00 -37.33
N GLN B 109 -11.10 -2.70 -36.58
CA GLN B 109 -9.76 -2.18 -36.34
C GLN B 109 -8.93 -2.21 -37.61
N MET B 110 -9.21 -3.17 -38.49
CA MET B 110 -8.54 -3.19 -39.77
C MET B 110 -9.00 -1.96 -40.55
N PRO B 111 -8.10 -1.24 -41.21
CA PRO B 111 -8.54 -0.15 -42.09
C PRO B 111 -9.06 -0.69 -43.40
N GLU B 112 -9.90 0.10 -44.04
CA GLU B 112 -10.46 -0.26 -45.34
C GLU B 112 -9.52 0.24 -46.44
N PRO B 113 -9.77 -0.09 -47.71
CA PRO B 113 -10.77 -0.99 -48.30
C PRO B 113 -10.53 -2.42 -47.88
N ARG B 114 -11.46 -2.94 -47.10
CA ARG B 114 -11.32 -4.25 -46.48
C ARG B 114 -12.34 -5.19 -47.09
N TRP B 115 -11.88 -6.36 -47.49
CA TRP B 115 -12.74 -7.39 -48.06
C TRP B 115 -12.64 -8.63 -47.20
N VAL B 116 -13.77 -9.30 -47.01
CA VAL B 116 -13.85 -10.50 -46.19
C VAL B 116 -14.23 -11.66 -47.08
N ILE B 117 -13.51 -12.77 -46.93
CA ILE B 117 -13.87 -14.03 -47.55
C ILE B 117 -14.39 -14.93 -46.45
N SER B 118 -15.60 -15.45 -46.62
CA SER B 118 -16.15 -16.40 -45.66
C SER B 118 -15.84 -17.79 -46.18
N MET B 119 -14.79 -18.38 -45.65
CA MET B 119 -14.37 -19.71 -46.06
C MET B 119 -15.10 -20.75 -45.22
N GLY B 120 -15.46 -21.85 -45.86
CA GLY B 120 -16.04 -22.97 -45.16
C GLY B 120 -17.51 -22.78 -44.88
N SER B 121 -18.19 -23.89 -44.64
CA SER B 121 -19.59 -23.81 -44.29
C SER B 121 -19.81 -23.27 -42.89
N CYS B 122 -18.86 -23.49 -41.99
CA CYS B 122 -19.09 -23.06 -40.62
C CYS B 122 -19.22 -21.55 -40.56
N ALA B 123 -18.43 -20.83 -41.34
CA ALA B 123 -18.54 -19.38 -41.39
C ALA B 123 -19.67 -18.92 -42.30
N ASN B 124 -19.90 -19.62 -43.42
CA ASN B 124 -20.88 -19.16 -44.40
C ASN B 124 -22.26 -19.05 -43.80
N GLY B 125 -22.73 -20.13 -43.17
CA GLY B 125 -24.08 -20.16 -42.64
C GLY B 125 -24.14 -20.89 -41.31
N GLY B 126 -23.04 -20.89 -40.58
CA GLY B 126 -22.94 -21.69 -39.40
C GLY B 126 -22.62 -23.14 -39.68
N GLY B 127 -22.68 -23.55 -40.94
CA GLY B 127 -22.28 -24.89 -41.29
C GLY B 127 -23.03 -25.93 -40.51
N TYR B 128 -22.28 -26.92 -40.06
CA TYR B 128 -22.86 -28.13 -39.52
C TYR B 128 -23.37 -27.95 -38.11
N TYR B 129 -23.14 -26.80 -37.52
CA TYR B 129 -23.48 -26.51 -36.14
C TYR B 129 -24.56 -25.44 -36.10
N HIS B 130 -25.35 -25.39 -37.18
CA HIS B 130 -26.21 -24.24 -37.42
C HIS B 130 -27.26 -24.11 -36.34
N TYR B 131 -27.80 -25.22 -35.88
CA TYR B 131 -28.83 -25.22 -34.84
C TYR B 131 -28.20 -25.46 -33.48
N SER B 132 -27.28 -24.59 -33.11
CA SER B 132 -26.58 -24.72 -31.84
C SER B 132 -26.83 -23.46 -31.02
N TYR B 133 -26.89 -23.65 -29.70
CA TYR B 133 -27.19 -22.55 -28.80
C TYR B 133 -26.04 -21.56 -28.68
N SER B 134 -24.86 -21.87 -29.21
CA SER B 134 -23.67 -21.07 -28.95
C SER B 134 -23.02 -20.50 -30.19
N VAL B 135 -23.53 -20.79 -31.38
CA VAL B 135 -22.86 -20.43 -32.62
C VAL B 135 -23.62 -19.31 -33.30
N VAL B 136 -22.88 -18.38 -33.89
CA VAL B 136 -23.50 -17.37 -34.74
C VAL B 136 -23.90 -18.05 -36.05
N ARG B 137 -25.20 -18.07 -36.32
CA ARG B 137 -25.66 -18.70 -37.54
C ARG B 137 -25.14 -17.88 -38.70
N GLY B 138 -24.08 -18.37 -39.32
CA GLY B 138 -23.36 -17.62 -40.33
C GLY B 138 -22.47 -16.58 -39.67
N CYS B 139 -21.67 -15.94 -40.51
CA CYS B 139 -20.92 -14.75 -40.12
C CYS B 139 -21.44 -13.51 -40.80
N ASP B 140 -22.45 -13.63 -41.66
CA ASP B 140 -23.11 -12.46 -42.21
C ASP B 140 -23.76 -11.62 -41.13
N ARG B 141 -24.02 -12.19 -39.96
CA ARG B 141 -24.70 -11.47 -38.90
C ARG B 141 -23.75 -10.66 -38.03
N ILE B 142 -22.45 -10.71 -38.28
CA ILE B 142 -21.48 -9.90 -37.57
C ILE B 142 -20.79 -8.92 -38.48
N ILE B 143 -20.47 -9.33 -39.71
CA ILE B 143 -19.63 -8.53 -40.60
C ILE B 143 -20.16 -8.63 -42.03
N PRO B 144 -19.80 -7.67 -42.88
CA PRO B 144 -20.21 -7.73 -44.29
C PRO B 144 -19.30 -8.66 -45.08
N VAL B 145 -19.83 -9.81 -45.45
CA VAL B 145 -19.05 -10.78 -46.20
C VAL B 145 -19.02 -10.37 -47.66
N ASP B 146 -17.88 -10.64 -48.31
CA ASP B 146 -17.69 -10.29 -49.71
C ASP B 146 -17.67 -11.49 -50.63
N ILE B 147 -16.99 -12.56 -50.26
CA ILE B 147 -16.88 -13.75 -51.08
C ILE B 147 -17.13 -14.98 -50.22
N TYR B 148 -17.91 -15.92 -50.73
CA TYR B 148 -18.24 -17.15 -50.04
C TYR B 148 -17.54 -18.29 -50.75
N VAL B 149 -16.77 -19.06 -50.00
CA VAL B 149 -16.06 -20.21 -50.53
C VAL B 149 -16.72 -21.46 -49.95
N PRO B 150 -17.71 -22.05 -50.59
CA PRO B 150 -18.34 -23.24 -50.04
C PRO B 150 -17.36 -24.39 -49.97
N GLY B 151 -17.60 -25.27 -49.01
CA GLY B 151 -16.75 -26.41 -48.76
C GLY B 151 -16.75 -26.71 -47.28
N CYS B 152 -16.30 -27.90 -46.93
CA CYS B 152 -16.21 -28.30 -45.53
C CYS B 152 -15.02 -29.22 -45.32
N PRO B 153 -13.80 -28.69 -45.40
CA PRO B 153 -13.44 -27.35 -45.81
C PRO B 153 -13.43 -27.31 -47.30
N PRO B 154 -13.31 -26.13 -47.89
CA PRO B 154 -13.02 -26.07 -49.31
C PRO B 154 -11.65 -26.63 -49.60
N THR B 155 -11.55 -27.43 -50.65
CA THR B 155 -10.25 -27.85 -51.14
C THR B 155 -9.43 -26.61 -51.47
N ALA B 156 -8.12 -26.70 -51.22
CA ALA B 156 -7.26 -25.53 -51.34
C ALA B 156 -7.45 -24.84 -52.69
N GLU B 157 -7.60 -25.63 -53.75
CA GLU B 157 -7.88 -25.06 -55.06
C GLU B 157 -9.10 -24.16 -55.00
N ALA B 158 -10.17 -24.62 -54.35
CA ALA B 158 -11.37 -23.82 -54.26
C ALA B 158 -11.09 -22.50 -53.54
N LEU B 159 -10.32 -22.55 -52.45
CA LEU B 159 -10.07 -21.33 -51.71
C LEU B 159 -9.38 -20.29 -52.57
N MET B 160 -8.27 -20.67 -53.19
CA MET B 160 -7.53 -19.66 -53.93
C MET B 160 -8.18 -19.32 -55.24
N TYR B 161 -9.06 -20.19 -55.77
CA TYR B 161 -9.93 -19.73 -56.82
C TYR B 161 -10.77 -18.56 -56.34
N GLY B 162 -11.35 -18.68 -55.15
CA GLY B 162 -12.12 -17.58 -54.60
C GLY B 162 -11.27 -16.34 -54.43
N VAL B 163 -10.02 -16.51 -54.03
CA VAL B 163 -9.11 -15.38 -53.92
C VAL B 163 -9.02 -14.68 -55.27
N LEU B 164 -8.84 -15.44 -56.35
CA LEU B 164 -8.78 -14.83 -57.66
C LEU B 164 -10.10 -14.12 -57.96
N GLN B 165 -11.22 -14.71 -57.56
CA GLN B 165 -12.49 -14.03 -57.75
C GLN B 165 -12.52 -12.73 -56.99
N LEU B 166 -11.94 -12.69 -55.80
CA LEU B 166 -11.82 -11.42 -55.10
C LEU B 166 -10.94 -10.46 -55.88
N GLN B 167 -9.87 -10.97 -56.48
CA GLN B 167 -9.03 -10.12 -57.30
C GLN B 167 -9.83 -9.52 -58.45
N LYS B 168 -10.70 -10.32 -59.07
CA LYS B 168 -11.55 -9.78 -60.12
C LYS B 168 -12.46 -8.70 -59.59
N LYS B 169 -13.06 -8.92 -58.40
CA LYS B 169 -13.87 -7.88 -57.80
C LYS B 169 -13.03 -6.65 -57.50
N VAL B 170 -11.82 -6.85 -56.99
CA VAL B 170 -10.94 -5.72 -56.78
C VAL B 170 -10.57 -5.07 -58.09
N LYS B 171 -10.59 -5.83 -59.20
CA LYS B 171 -10.22 -5.25 -60.47
C LYS B 171 -11.29 -4.33 -61.02
N ARG B 172 -12.56 -4.71 -60.89
CA ARG B 172 -13.65 -3.97 -61.51
C ARG B 172 -14.22 -2.87 -60.64
N MET B 173 -13.69 -2.66 -59.44
CA MET B 173 -14.24 -1.63 -58.57
C MET B 173 -14.04 -0.25 -59.18
N LYS B 174 -15.08 0.57 -59.12
CA LYS B 174 -15.11 1.88 -59.78
C LYS B 174 -15.17 2.95 -58.71
N THR B 175 -14.04 3.61 -58.46
CA THR B 175 -13.98 4.65 -57.45
C THR B 175 -13.68 6.03 -58.03
N LEU B 176 -12.58 6.21 -58.76
CA LEU B 176 -12.33 7.51 -59.37
C LEU B 176 -13.27 7.74 -60.55
N GLN B 177 -13.38 6.75 -61.44
CA GLN B 177 -14.12 6.93 -62.68
C GLN B 177 -15.52 7.42 -62.42
N MET B 178 -16.10 6.99 -61.31
CA MET B 178 -17.48 7.24 -61.01
C MET B 178 -17.66 8.26 -59.90
N TRP B 179 -16.59 8.60 -59.16
CA TRP B 179 -16.58 9.86 -58.43
C TRP B 179 -16.83 11.03 -59.36
N TYR B 180 -16.26 10.97 -60.56
CA TYR B 180 -16.46 12.04 -61.53
C TYR B 180 -17.93 12.32 -61.76
N ARG B 181 -18.75 11.27 -61.74
CA ARG B 181 -20.19 11.49 -61.83
C ARG B 181 -20.76 11.99 -60.51
N LYS B 182 -20.19 11.56 -59.40
CA LYS B 182 -20.67 11.98 -58.10
C LYS B 182 -20.40 13.45 -57.88
N ASP C 1 -17.36 -69.82 -33.52
CA ASP C 1 -17.62 -69.98 -34.95
C ASP C 1 -18.55 -68.90 -35.45
N LYS C 2 -18.44 -67.70 -34.87
CA LYS C 2 -19.22 -66.53 -35.26
C LYS C 2 -18.25 -65.38 -35.41
N PRO C 3 -17.56 -65.28 -36.54
CA PRO C 3 -16.53 -64.24 -36.68
C PRO C 3 -17.06 -62.84 -36.48
N THR C 4 -18.33 -62.61 -36.81
CA THR C 4 -18.91 -61.28 -36.61
C THR C 4 -18.93 -60.91 -35.13
N VAL C 5 -19.31 -61.85 -34.28
CA VAL C 5 -19.48 -61.60 -32.85
C VAL C 5 -18.11 -61.69 -32.18
N ARG C 6 -17.72 -60.61 -31.52
CA ARG C 6 -16.46 -60.63 -30.79
C ARG C 6 -16.57 -61.49 -29.55
N GLN C 7 -15.41 -61.86 -29.01
CA GLN C 7 -15.32 -62.67 -27.79
C GLN C 7 -14.50 -61.87 -26.78
N PRO C 8 -15.10 -61.39 -25.68
CA PRO C 8 -14.33 -60.55 -24.76
C PRO C 8 -13.14 -61.28 -24.15
N ASP C 9 -12.32 -60.58 -23.37
CA ASP C 9 -11.24 -61.23 -22.63
C ASP C 9 -11.83 -61.85 -21.39
N ALA C 10 -11.98 -63.17 -21.40
CA ALA C 10 -12.60 -63.86 -20.28
C ALA C 10 -11.77 -63.73 -19.01
N VAL C 11 -10.46 -63.92 -19.11
CA VAL C 11 -9.61 -63.85 -17.93
C VAL C 11 -9.67 -62.45 -17.34
N ALA C 12 -9.77 -61.43 -18.19
CA ALA C 12 -9.99 -60.07 -17.70
C ALA C 12 -11.29 -59.97 -16.93
N ARG C 13 -12.34 -60.63 -17.43
CA ARG C 13 -13.60 -60.67 -16.69
C ARG C 13 -13.41 -61.35 -15.34
N SER C 14 -12.56 -62.39 -15.29
CA SER C 14 -12.31 -63.07 -14.03
C SER C 14 -11.71 -62.12 -13.01
N HIS C 15 -10.61 -61.46 -13.39
CA HIS C 15 -9.91 -60.60 -12.44
C HIS C 15 -10.78 -59.44 -11.99
N LEU C 16 -11.40 -58.75 -12.94
CA LEU C 16 -12.24 -57.63 -12.57
C LEU C 16 -13.38 -58.07 -11.67
N SER C 17 -13.92 -59.26 -11.94
CA SER C 17 -15.06 -59.73 -11.15
C SER C 17 -14.67 -59.95 -9.69
N ASP C 18 -13.60 -60.71 -9.43
CA ASP C 18 -13.19 -60.93 -8.06
C ASP C 18 -12.72 -59.64 -7.40
N PHE C 19 -12.00 -58.81 -8.15
CA PHE C 19 -11.57 -57.54 -7.59
C PHE C 19 -12.77 -56.68 -7.20
N GLY C 20 -13.82 -56.71 -8.02
CA GLY C 20 -14.98 -55.88 -7.71
C GLY C 20 -15.59 -56.24 -6.37
N ARG C 21 -15.67 -57.53 -6.07
CA ARG C 21 -16.15 -57.95 -4.77
C ARG C 21 -15.22 -57.47 -3.66
N TYR C 22 -13.91 -57.48 -3.92
CA TYR C 22 -12.95 -56.91 -2.99
C TYR C 22 -13.31 -55.48 -2.61
N VAL C 23 -13.60 -54.65 -3.61
CA VAL C 23 -13.94 -53.26 -3.32
C VAL C 23 -15.21 -53.17 -2.52
N ALA C 24 -16.21 -53.99 -2.86
CA ALA C 24 -17.50 -53.90 -2.19
C ALA C 24 -17.36 -54.23 -0.71
N GLU C 25 -16.58 -55.25 -0.38
CA GLU C 25 -16.43 -55.69 1.00
C GLU C 25 -15.35 -54.95 1.76
N CYS C 26 -14.63 -54.05 1.10
CA CYS C 26 -13.66 -53.20 1.76
C CYS C 26 -14.20 -51.82 2.08
N LEU C 27 -15.26 -51.37 1.41
CA LEU C 27 -15.85 -50.06 1.65
C LEU C 27 -17.35 -50.23 1.86
N PRO C 28 -17.75 -50.99 2.87
CA PRO C 28 -19.19 -51.30 3.00
C PRO C 28 -20.06 -50.05 3.13
N LYS C 29 -19.61 -49.03 3.85
CA LYS C 29 -20.53 -47.94 4.13
C LYS C 29 -20.85 -47.13 2.88
N TYR C 30 -19.95 -47.11 1.90
CA TYR C 30 -20.11 -46.26 0.73
C TYR C 30 -20.61 -47.01 -0.50
N VAL C 31 -19.91 -48.06 -0.90
CA VAL C 31 -20.26 -48.78 -2.11
C VAL C 31 -21.69 -49.27 -2.00
N GLN C 32 -22.57 -48.72 -2.84
CA GLN C 32 -23.96 -49.14 -2.83
C GLN C 32 -24.15 -50.40 -3.66
N LYS C 33 -23.46 -50.48 -4.79
CA LYS C 33 -23.53 -51.65 -5.66
C LYS C 33 -22.29 -51.67 -6.54
N VAL C 34 -21.88 -52.87 -6.91
CA VAL C 34 -20.79 -53.07 -7.86
C VAL C 34 -21.28 -54.05 -8.91
N GLN C 35 -21.24 -53.62 -10.16
CA GLN C 35 -21.72 -54.42 -11.27
C GLN C 35 -20.65 -54.47 -12.33
N LEU C 36 -20.72 -55.51 -13.16
CA LEU C 36 -19.78 -55.72 -14.25
C LEU C 36 -20.55 -55.59 -15.55
N THR C 37 -20.45 -54.44 -16.19
CA THR C 37 -21.10 -54.24 -17.47
C THR C 37 -20.53 -55.21 -18.50
N ALA C 38 -21.39 -55.68 -19.40
CA ALA C 38 -21.00 -56.72 -20.34
C ALA C 38 -19.85 -56.29 -21.24
N GLY C 39 -19.56 -54.99 -21.31
CA GLY C 39 -18.43 -54.52 -22.07
C GLY C 39 -17.11 -54.68 -21.34
N ASP C 40 -17.09 -55.49 -20.29
CA ASP C 40 -15.92 -55.88 -19.53
C ASP C 40 -15.45 -54.78 -18.59
N GLU C 41 -15.98 -53.57 -18.70
CA GLU C 41 -15.63 -52.55 -17.73
C GLU C 41 -16.34 -52.84 -16.42
N LEU C 42 -15.87 -52.19 -15.37
CA LEU C 42 -16.39 -52.40 -14.03
C LEU C 42 -16.93 -51.07 -13.52
N GLU C 43 -18.16 -51.10 -13.01
CA GLU C 43 -18.81 -49.93 -12.48
C GLU C 43 -18.93 -50.07 -10.97
N VAL C 44 -18.80 -48.95 -10.27
CA VAL C 44 -18.88 -48.92 -8.82
C VAL C 44 -19.87 -47.83 -8.45
N LEU C 45 -21.03 -48.23 -7.97
CA LEU C 45 -22.10 -47.29 -7.69
C LEU C 45 -22.06 -46.94 -6.22
N ILE C 46 -21.82 -45.67 -5.91
CA ILE C 46 -21.62 -45.21 -4.54
C ILE C 46 -22.68 -44.17 -4.20
N ALA C 47 -22.81 -43.89 -2.92
CA ALA C 47 -23.66 -42.81 -2.46
C ALA C 47 -22.90 -41.49 -2.50
N PRO C 48 -23.61 -40.37 -2.60
CA PRO C 48 -22.92 -39.09 -2.89
C PRO C 48 -21.86 -38.74 -1.88
N GLU C 49 -22.00 -39.20 -0.65
CA GLU C 49 -21.10 -38.76 0.40
C GLU C 49 -19.73 -39.41 0.29
N GLY C 50 -19.66 -40.62 -0.23
CA GLY C 50 -18.42 -41.36 -0.28
C GLY C 50 -17.55 -41.07 -1.48
N VAL C 51 -17.85 -40.02 -2.24
CA VAL C 51 -17.13 -39.75 -3.48
C VAL C 51 -15.63 -39.72 -3.23
N VAL C 52 -15.19 -38.79 -2.38
CA VAL C 52 -13.76 -38.68 -2.11
C VAL C 52 -13.22 -39.95 -1.49
N PRO C 53 -13.83 -40.53 -0.46
CA PRO C 53 -13.28 -41.77 0.12
C PRO C 53 -13.06 -42.86 -0.90
N VAL C 54 -13.96 -43.03 -1.85
CA VAL C 54 -13.76 -44.07 -2.86
C VAL C 54 -12.57 -43.71 -3.73
N LEU C 55 -12.53 -42.48 -4.21
CA LEU C 55 -11.43 -42.07 -5.06
C LEU C 55 -10.12 -42.14 -4.30
N GLN C 56 -10.09 -41.62 -3.09
CA GLN C 56 -8.88 -41.69 -2.28
C GLN C 56 -8.50 -43.13 -2.02
N PHE C 57 -9.47 -43.98 -1.71
CA PHE C 57 -9.20 -45.40 -1.54
C PHE C 57 -8.56 -45.96 -2.80
N LEU C 58 -9.14 -45.68 -3.96
CA LEU C 58 -8.65 -46.29 -5.19
C LEU C 58 -7.23 -45.84 -5.50
N LYS C 59 -7.00 -44.52 -5.52
CA LYS C 59 -5.70 -44.03 -5.97
C LYS C 59 -4.56 -44.52 -5.09
N ASP C 60 -4.86 -44.89 -3.86
CA ASP C 60 -3.84 -45.08 -2.84
C ASP C 60 -3.56 -46.55 -2.53
N HIS C 61 -4.59 -47.30 -2.15
CA HIS C 61 -4.43 -48.70 -1.78
C HIS C 61 -3.63 -49.47 -2.83
N HIS C 62 -2.81 -50.42 -2.38
CA HIS C 62 -1.97 -51.18 -3.30
C HIS C 62 -2.79 -51.81 -4.40
N GLN C 63 -3.83 -52.54 -4.03
CA GLN C 63 -4.54 -53.35 -5.01
C GLN C 63 -5.28 -52.49 -6.03
N ALA C 64 -5.68 -51.28 -5.65
CA ALA C 64 -6.30 -50.39 -6.63
C ALA C 64 -5.25 -49.62 -7.42
N GLN C 65 -4.53 -48.74 -6.74
CA GLN C 65 -3.53 -47.87 -7.37
C GLN C 65 -4.03 -47.30 -8.70
N PHE C 66 -5.25 -46.76 -8.65
CA PHE C 66 -5.85 -46.13 -9.83
C PHE C 66 -5.52 -44.65 -9.78
N THR C 67 -4.41 -44.28 -10.41
CA THR C 67 -3.87 -42.93 -10.22
C THR C 67 -4.55 -41.92 -11.15
N ASN C 68 -4.65 -42.23 -12.43
CA ASN C 68 -5.16 -41.25 -13.39
C ASN C 68 -6.68 -41.18 -13.34
N LEU C 69 -7.21 -39.96 -13.32
CA LEU C 69 -8.65 -39.71 -13.37
C LEU C 69 -8.95 -39.15 -14.75
N VAL C 70 -9.45 -40.02 -15.63
CA VAL C 70 -9.55 -39.67 -17.04
C VAL C 70 -10.48 -38.49 -17.24
N ASP C 71 -11.64 -38.49 -16.60
CA ASP C 71 -12.59 -37.41 -16.81
C ASP C 71 -13.69 -37.48 -15.77
N ILE C 72 -14.53 -36.46 -15.78
CA ILE C 72 -15.75 -36.44 -15.00
C ILE C 72 -16.87 -36.28 -16.01
N ALA C 73 -17.49 -37.39 -16.41
CA ALA C 73 -18.56 -37.34 -17.39
C ALA C 73 -19.88 -37.10 -16.67
N GLY C 74 -20.61 -36.09 -17.11
CA GLY C 74 -21.90 -35.76 -16.52
C GLY C 74 -23.03 -36.31 -17.37
N VAL C 75 -24.00 -36.92 -16.69
CA VAL C 75 -25.17 -37.48 -17.34
C VAL C 75 -26.40 -36.87 -16.69
N ASP C 76 -27.38 -36.51 -17.51
CA ASP C 76 -28.66 -35.99 -17.02
C ASP C 76 -29.75 -36.99 -17.37
N VAL C 77 -30.62 -37.25 -16.40
CA VAL C 77 -31.71 -38.21 -16.60
C VAL C 77 -32.92 -37.74 -15.81
N PRO C 78 -33.83 -36.95 -16.37
CA PRO C 78 -35.08 -36.66 -15.66
C PRO C 78 -35.82 -37.96 -15.41
N CYS C 79 -36.78 -37.89 -14.50
CA CYS C 79 -37.56 -39.01 -13.99
C CYS C 79 -36.78 -39.78 -12.93
N ARG C 80 -35.53 -39.41 -12.64
CA ARG C 80 -34.84 -39.87 -11.44
C ARG C 80 -34.85 -38.70 -10.48
N LYS C 81 -35.39 -38.92 -9.28
CA LYS C 81 -35.74 -37.82 -8.39
C LYS C 81 -34.57 -36.87 -8.20
N ASN C 82 -33.40 -37.40 -7.88
CA ASN C 82 -32.14 -36.68 -7.96
C ASN C 82 -31.46 -37.16 -9.23
N ARG C 83 -31.58 -36.39 -10.30
CA ARG C 83 -31.31 -36.91 -11.63
C ARG C 83 -29.83 -36.88 -11.98
N PHE C 84 -29.20 -35.71 -11.84
CA PHE C 84 -27.86 -35.51 -12.38
C PHE C 84 -26.90 -36.57 -11.88
N GLU C 85 -26.41 -37.39 -12.78
CA GLU C 85 -25.47 -38.47 -12.47
C GLU C 85 -24.08 -38.07 -12.91
N VAL C 86 -23.08 -38.58 -12.20
CA VAL C 86 -21.69 -38.26 -12.45
C VAL C 86 -20.90 -39.56 -12.57
N VAL C 87 -19.86 -39.54 -13.40
CA VAL C 87 -19.07 -40.72 -13.68
C VAL C 87 -17.59 -40.35 -13.60
N TYR C 88 -16.84 -41.08 -12.77
CA TYR C 88 -15.41 -40.88 -12.59
C TYR C 88 -14.71 -42.08 -13.17
N ASN C 89 -14.18 -41.95 -14.38
CA ASN C 89 -13.60 -43.07 -15.09
C ASN C 89 -12.09 -43.05 -14.90
N LEU C 90 -11.58 -44.03 -14.17
CA LEU C 90 -10.20 -44.05 -13.70
C LEU C 90 -9.39 -45.13 -14.42
N LEU C 91 -8.07 -44.98 -14.37
CA LEU C 91 -7.13 -45.92 -14.96
C LEU C 91 -6.13 -46.37 -13.90
N SER C 92 -5.56 -47.56 -14.08
CA SER C 92 -4.50 -48.06 -13.21
C SER C 92 -3.36 -48.60 -14.06
N LEU C 93 -2.26 -47.86 -14.08
CA LEU C 93 -1.10 -48.28 -14.85
C LEU C 93 -0.40 -49.46 -14.23
N ARG C 94 -0.40 -49.56 -12.90
CA ARG C 94 0.30 -50.65 -12.25
C ARG C 94 -0.24 -52.00 -12.68
N TYR C 95 -1.57 -52.12 -12.76
CA TYR C 95 -2.21 -53.37 -13.12
C TYR C 95 -2.82 -53.35 -14.51
N ASN C 96 -2.82 -52.20 -15.19
CA ASN C 96 -3.28 -52.12 -16.56
C ASN C 96 -4.77 -52.48 -16.66
N SER C 97 -5.58 -51.72 -15.92
CA SER C 97 -7.01 -51.96 -15.92
C SER C 97 -7.74 -50.66 -15.67
N ARG C 98 -9.00 -50.63 -16.09
CA ARG C 98 -9.84 -49.46 -16.02
C ARG C 98 -11.01 -49.73 -15.08
N ILE C 99 -11.48 -48.69 -14.42
CA ILE C 99 -12.57 -48.77 -13.47
C ILE C 99 -13.39 -47.49 -13.59
N ARG C 100 -14.69 -47.61 -13.32
CA ARG C 100 -15.60 -46.49 -13.38
C ARG C 100 -16.32 -46.35 -12.06
N VAL C 101 -16.34 -45.14 -11.52
CA VAL C 101 -17.08 -44.82 -10.31
C VAL C 101 -18.19 -43.86 -10.70
N LYS C 102 -19.35 -44.06 -10.09
CA LYS C 102 -20.55 -43.33 -10.48
C LYS C 102 -21.30 -42.90 -9.23
N THR C 103 -21.97 -41.77 -9.33
CA THR C 103 -22.74 -41.23 -8.23
C THR C 103 -23.85 -40.36 -8.78
N TYR C 104 -24.78 -39.99 -7.91
CA TYR C 104 -25.91 -39.18 -8.30
C TYR C 104 -25.98 -37.94 -7.44
N THR C 105 -26.84 -37.01 -7.86
CA THR C 105 -27.11 -35.77 -7.16
C THR C 105 -28.18 -35.03 -7.92
N ASP C 106 -28.89 -34.15 -7.21
CA ASP C 106 -29.94 -33.38 -7.83
C ASP C 106 -29.37 -32.04 -8.29
N GLU C 107 -30.26 -31.19 -8.82
CA GLU C 107 -29.85 -29.89 -9.29
C GLU C 107 -29.58 -28.91 -8.16
N LEU C 108 -29.84 -29.29 -6.92
CA LEU C 108 -29.78 -28.39 -5.78
C LEU C 108 -28.67 -28.76 -4.80
N THR C 109 -28.67 -29.98 -4.28
CA THR C 109 -27.66 -30.36 -3.30
C THR C 109 -26.28 -30.25 -3.94
N PRO C 110 -25.26 -29.85 -3.19
CA PRO C 110 -23.92 -29.78 -3.78
C PRO C 110 -23.31 -31.17 -3.90
N LEU C 111 -22.04 -31.25 -4.29
CA LEU C 111 -21.39 -32.53 -4.44
C LEU C 111 -19.92 -32.39 -4.07
N ASP C 112 -19.34 -33.49 -3.59
CA ASP C 112 -17.96 -33.48 -3.19
C ASP C 112 -17.07 -33.14 -4.38
N SER C 113 -15.88 -32.65 -4.08
CA SER C 113 -14.92 -32.22 -5.09
C SER C 113 -13.72 -33.14 -5.10
N ALA C 114 -13.25 -33.47 -6.30
CA ALA C 114 -12.06 -34.30 -6.47
C ALA C 114 -10.80 -33.47 -6.63
N CYS C 115 -10.89 -32.14 -6.50
CA CYS C 115 -9.71 -31.31 -6.64
C CYS C 115 -8.66 -31.68 -5.60
N GLU C 116 -9.09 -32.01 -4.39
CA GLU C 116 -8.17 -32.35 -3.32
C GLU C 116 -7.61 -33.75 -3.46
N VAL C 117 -8.16 -34.58 -4.37
CA VAL C 117 -7.72 -35.95 -4.53
C VAL C 117 -6.80 -36.03 -5.74
N HIS C 118 -7.33 -35.76 -6.92
CA HIS C 118 -6.55 -35.70 -8.15
C HIS C 118 -6.55 -34.26 -8.65
N LYS C 119 -5.36 -33.69 -8.81
CA LYS C 119 -5.28 -32.36 -9.38
C LYS C 119 -5.85 -32.33 -10.78
N ALA C 120 -5.94 -33.48 -11.46
CA ALA C 120 -6.44 -33.53 -12.82
C ALA C 120 -7.87 -33.06 -12.94
N ALA C 121 -8.67 -33.23 -11.91
CA ALA C 121 -10.09 -33.02 -12.04
C ALA C 121 -10.46 -31.55 -12.08
N ASN C 122 -9.61 -30.66 -11.57
CA ASN C 122 -9.95 -29.27 -11.33
C ASN C 122 -10.79 -28.68 -12.44
N TRP C 123 -10.31 -28.79 -13.68
CA TRP C 123 -11.05 -28.24 -14.81
C TRP C 123 -12.35 -28.97 -15.05
N TYR C 124 -12.40 -30.27 -14.80
CA TYR C 124 -13.62 -31.01 -15.09
C TYR C 124 -14.77 -30.51 -14.22
N GLU C 125 -14.54 -30.32 -12.92
CA GLU C 125 -15.63 -29.82 -12.08
C GLU C 125 -16.12 -28.49 -12.61
N ARG C 126 -15.21 -27.62 -13.03
CA ARG C 126 -15.62 -26.39 -13.67
C ARG C 126 -16.48 -26.68 -14.88
N GLU C 127 -16.15 -27.74 -15.62
CA GLU C 127 -16.89 -28.03 -16.83
C GLU C 127 -18.31 -28.49 -16.52
N ILE C 128 -18.47 -29.42 -15.58
CA ILE C 128 -19.81 -29.86 -15.23
C ILE C 128 -20.60 -28.73 -14.61
N TRP C 129 -19.97 -27.92 -13.76
CA TRP C 129 -20.69 -26.79 -13.19
C TRP C 129 -21.26 -25.91 -14.29
N ASP C 130 -20.46 -25.65 -15.32
CA ASP C 130 -20.94 -24.84 -16.42
C ASP C 130 -22.02 -25.57 -17.21
N MET C 131 -21.87 -26.87 -17.39
CA MET C 131 -22.70 -27.59 -18.34
C MET C 131 -23.97 -28.15 -17.74
N TYR C 132 -24.03 -28.32 -16.42
CA TYR C 132 -25.25 -28.83 -15.80
C TYR C 132 -25.69 -27.98 -14.63
N GLY C 133 -24.74 -27.33 -13.96
CA GLY C 133 -25.04 -26.63 -12.74
C GLY C 133 -24.85 -27.44 -11.49
N VAL C 134 -24.24 -28.61 -11.58
CA VAL C 134 -23.96 -29.41 -10.40
C VAL C 134 -22.87 -28.70 -9.61
N PHE C 135 -23.25 -28.06 -8.52
CA PHE C 135 -22.28 -27.42 -7.64
C PHE C 135 -21.25 -28.46 -7.17
N PHE C 136 -20.07 -27.97 -6.82
CA PHE C 136 -19.06 -28.80 -6.18
C PHE C 136 -18.57 -28.09 -4.93
N ALA C 137 -18.63 -28.79 -3.79
CA ALA C 137 -18.19 -28.22 -2.52
C ALA C 137 -16.69 -28.36 -2.38
N ASN C 138 -16.06 -27.36 -1.77
CA ASN C 138 -14.62 -27.25 -1.56
C ASN C 138 -13.83 -27.05 -2.85
N HIS C 139 -14.49 -26.93 -3.98
CA HIS C 139 -13.76 -26.66 -5.21
C HIS C 139 -13.09 -25.30 -5.10
N PRO C 140 -11.79 -25.18 -5.46
CA PRO C 140 -11.11 -23.89 -5.30
C PRO C 140 -11.79 -22.73 -6.02
N ASP C 141 -11.95 -22.84 -7.33
CA ASP C 141 -12.54 -21.76 -8.13
C ASP C 141 -13.51 -22.39 -9.12
N LEU C 142 -14.79 -22.07 -8.97
CA LEU C 142 -15.85 -22.70 -9.77
C LEU C 142 -16.26 -21.84 -10.95
N ARG C 143 -15.30 -21.15 -11.55
CA ARG C 143 -15.59 -20.31 -12.70
C ARG C 143 -16.09 -21.17 -13.87
N ARG C 144 -16.98 -20.59 -14.67
CA ARG C 144 -17.43 -21.26 -15.88
C ARG C 144 -16.27 -21.40 -16.86
N ILE C 145 -16.32 -22.45 -17.68
CA ILE C 145 -15.28 -22.71 -18.67
C ILE C 145 -15.76 -22.39 -20.07
N LEU C 146 -16.77 -23.11 -20.55
CA LEU C 146 -17.07 -23.17 -21.98
C LEU C 146 -18.01 -22.04 -22.41
N THR C 147 -19.20 -22.00 -21.82
CA THR C 147 -20.20 -21.03 -22.25
C THR C 147 -19.65 -19.62 -22.16
N ASP C 148 -20.26 -18.72 -22.93
CA ASP C 148 -19.78 -17.36 -22.95
C ASP C 148 -20.17 -16.64 -21.66
N TYR C 149 -19.62 -15.45 -21.48
CA TYR C 149 -19.87 -14.72 -20.26
C TYR C 149 -21.33 -14.32 -20.15
N GLY C 150 -21.83 -14.30 -18.92
CA GLY C 150 -23.21 -13.93 -18.70
C GLY C 150 -24.19 -14.85 -19.38
N PHE C 151 -23.85 -16.13 -19.46
CA PHE C 151 -24.76 -17.11 -20.04
C PHE C 151 -25.62 -17.69 -18.92
N GLU C 152 -26.92 -17.73 -19.16
CA GLU C 152 -27.90 -18.14 -18.17
C GLU C 152 -28.44 -19.50 -18.57
N GLY C 153 -28.46 -20.43 -17.61
CA GLY C 153 -28.83 -21.80 -17.89
C GLY C 153 -27.63 -22.65 -18.26
N HIS C 154 -27.80 -23.95 -18.11
CA HIS C 154 -26.73 -24.91 -18.36
C HIS C 154 -27.17 -25.87 -19.47
N PRO C 155 -26.61 -25.75 -20.67
CA PRO C 155 -27.30 -26.29 -21.83
C PRO C 155 -27.35 -27.80 -21.89
N GLN C 156 -26.39 -28.51 -21.32
CA GLN C 156 -26.37 -29.95 -21.51
C GLN C 156 -27.53 -30.66 -20.84
N ARG C 157 -28.29 -29.96 -19.99
CA ARG C 157 -29.50 -30.57 -19.47
C ARG C 157 -30.44 -30.89 -20.61
N ARG C 158 -31.30 -31.89 -20.40
CA ARG C 158 -32.22 -32.32 -21.42
C ARG C 158 -33.53 -31.55 -21.42
N ASP C 159 -33.73 -30.63 -20.49
CA ASP C 159 -34.88 -29.74 -20.51
C ASP C 159 -34.53 -28.36 -21.03
N PHE C 160 -33.54 -28.29 -21.92
CA PHE C 160 -33.03 -27.04 -22.46
C PHE C 160 -33.10 -27.10 -23.99
N PRO C 161 -33.73 -26.11 -24.65
CA PRO C 161 -33.88 -26.21 -26.09
C PRO C 161 -32.54 -26.27 -26.79
N LEU C 162 -32.49 -27.00 -27.90
CA LEU C 162 -31.24 -27.23 -28.58
C LEU C 162 -30.59 -25.92 -28.99
N SER C 163 -31.37 -25.02 -29.57
CA SER C 163 -30.84 -23.80 -30.14
C SER C 163 -30.71 -22.68 -29.12
N GLY C 164 -31.03 -22.92 -27.86
CA GLY C 164 -30.92 -21.89 -26.86
C GLY C 164 -32.04 -20.87 -27.02
N TYR C 165 -32.09 -19.94 -26.07
CA TYR C 165 -33.16 -18.97 -26.03
C TYR C 165 -32.83 -17.69 -26.77
N VAL C 166 -31.55 -17.34 -26.91
CA VAL C 166 -31.15 -16.07 -27.48
C VAL C 166 -30.02 -16.28 -28.46
N GLU C 167 -29.79 -15.26 -29.30
CA GLU C 167 -28.76 -15.31 -30.32
C GLU C 167 -28.32 -13.89 -30.61
N LEU C 168 -27.10 -13.77 -31.12
CA LEU C 168 -26.43 -12.48 -31.22
C LEU C 168 -26.48 -11.93 -32.64
N ARG C 169 -26.27 -10.62 -32.73
CA ARG C 169 -26.16 -9.90 -33.99
C ARG C 169 -25.33 -8.65 -33.72
N TYR C 170 -25.34 -7.72 -34.68
CA TYR C 170 -24.56 -6.49 -34.54
C TYR C 170 -25.43 -5.29 -34.84
N ASP C 171 -25.34 -4.28 -33.97
CA ASP C 171 -26.13 -3.06 -34.09
C ASP C 171 -25.25 -1.93 -34.63
N ASP C 172 -25.85 -1.11 -35.49
CA ASP C 172 -25.21 0.11 -35.96
C ASP C 172 -25.57 1.31 -35.10
N GLU C 173 -26.80 1.36 -34.58
CA GLU C 173 -27.15 2.40 -33.62
C GLU C 173 -26.20 2.41 -32.43
N LYS C 174 -25.67 1.24 -32.07
CA LYS C 174 -24.91 1.09 -30.85
C LYS C 174 -23.50 0.57 -31.08
N LYS C 175 -23.11 0.32 -32.33
CA LYS C 175 -21.75 -0.08 -32.64
C LYS C 175 -21.35 -1.28 -31.80
N ARG C 176 -22.26 -2.23 -31.64
CA ARG C 176 -22.06 -3.28 -30.66
C ARG C 176 -22.94 -4.47 -30.97
N VAL C 177 -22.55 -5.61 -30.42
CA VAL C 177 -23.26 -6.86 -30.63
C VAL C 177 -24.27 -7.06 -29.51
N VAL C 178 -25.51 -7.37 -29.87
CA VAL C 178 -26.62 -7.46 -28.94
C VAL C 178 -27.21 -8.85 -29.00
N CYS C 179 -27.61 -9.38 -27.86
CA CYS C 179 -28.33 -10.64 -27.81
C CYS C 179 -29.82 -10.36 -27.97
N GLU C 180 -30.47 -11.20 -28.74
CA GLU C 180 -31.86 -11.01 -29.12
C GLU C 180 -32.61 -12.31 -28.88
N PRO C 181 -33.93 -12.26 -28.71
CA PRO C 181 -34.71 -13.50 -28.71
C PRO C 181 -34.47 -14.32 -29.96
N LEU C 182 -34.67 -15.63 -29.85
CA LEU C 182 -34.35 -16.55 -30.93
C LEU C 182 -35.21 -16.27 -32.17
N GLU C 183 -34.62 -16.54 -33.34
CA GLU C 183 -35.35 -16.39 -34.60
C GLU C 183 -34.63 -17.22 -35.65
N LEU C 184 -35.25 -18.30 -36.11
CA LEU C 184 -34.60 -19.29 -36.96
C LEU C 184 -35.12 -19.22 -38.38
N ALA C 185 -34.20 -19.23 -39.35
CA ALA C 185 -34.59 -19.17 -40.74
C ALA C 185 -35.41 -20.39 -41.13
N GLN C 186 -35.00 -21.57 -40.69
CA GLN C 186 -35.73 -22.81 -40.93
C GLN C 186 -35.76 -23.57 -39.62
N GLU C 187 -36.94 -23.68 -39.02
CA GLU C 187 -37.06 -24.34 -37.73
C GLU C 187 -36.48 -25.74 -37.80
N PHE C 188 -35.70 -26.09 -36.79
CA PHE C 188 -35.03 -27.38 -36.81
C PHE C 188 -36.06 -28.49 -36.87
N ARG C 189 -36.04 -29.23 -37.97
CA ARG C 189 -37.02 -30.27 -38.21
C ARG C 189 -36.57 -31.54 -37.53
N LYS C 190 -37.13 -31.84 -36.35
CA LYS C 190 -36.93 -33.17 -35.81
C LYS C 190 -37.44 -34.24 -36.75
N PHE C 191 -37.04 -35.46 -36.44
CA PHE C 191 -37.60 -36.66 -37.03
C PHE C 191 -37.91 -37.61 -35.90
N ASP C 192 -39.10 -38.19 -35.91
CA ASP C 192 -39.54 -39.08 -34.84
C ASP C 192 -39.09 -40.49 -35.16
N LEU C 193 -37.88 -40.84 -34.69
CA LEU C 193 -37.30 -42.14 -35.00
C LEU C 193 -37.51 -43.05 -33.79
N SER C 194 -38.73 -43.53 -33.65
CA SER C 194 -39.12 -44.41 -32.56
C SER C 194 -39.40 -45.80 -33.10
N ALA C 195 -38.90 -46.79 -32.40
CA ALA C 195 -39.14 -48.17 -32.81
C ALA C 195 -40.53 -48.60 -32.36
N PRO C 196 -41.38 -49.09 -33.27
CA PRO C 196 -42.65 -49.68 -32.83
C PRO C 196 -42.46 -51.10 -32.31
N TRP C 197 -41.46 -51.81 -32.83
CA TRP C 197 -41.25 -53.22 -32.49
C TRP C 197 -40.03 -53.37 -31.61
N GLU C 198 -40.24 -53.91 -30.42
CA GLU C 198 -39.16 -54.12 -29.47
C GLU C 198 -38.09 -55.00 -30.10
N GLN C 199 -36.92 -54.45 -30.33
CA GLN C 199 -35.85 -55.18 -31.00
C GLN C 199 -34.93 -55.90 -30.03
N PHE C 200 -35.21 -55.84 -28.73
CA PHE C 200 -34.33 -56.40 -27.71
C PHE C 200 -35.15 -57.02 -26.59
N PRO C 201 -35.27 -58.34 -26.55
CA PRO C 201 -36.05 -58.95 -25.48
C PRO C 201 -35.28 -59.07 -24.19
N ASN C 202 -33.96 -59.22 -24.30
CA ASN C 202 -33.17 -59.59 -23.13
C ASN C 202 -33.24 -58.53 -22.05
N PHE C 203 -33.39 -57.27 -22.42
CA PHE C 203 -33.44 -56.19 -21.44
C PHE C 203 -34.86 -55.86 -21.01
N ARG C 204 -35.83 -56.68 -21.40
CA ARG C 204 -37.24 -56.33 -21.25
C ARG C 204 -37.65 -56.30 -19.78
N ASN C 205 -37.65 -57.47 -19.13
CA ASN C 205 -38.03 -57.57 -17.74
C ASN C 205 -36.82 -57.51 -16.82
N ALA C 206 -35.63 -57.76 -17.36
CA ALA C 206 -34.42 -57.69 -16.57
C ALA C 206 -34.20 -56.26 -16.07
N ASN C 207 -33.55 -56.16 -14.92
CA ASN C 207 -33.41 -54.92 -14.19
C ASN C 207 -34.80 -54.36 -13.88
N PRO C 208 -35.67 -55.12 -13.22
CA PRO C 208 -36.93 -54.55 -12.74
C PRO C 208 -36.79 -54.11 -11.30
N PRO C 209 -37.68 -53.23 -10.81
CA PRO C 209 -37.63 -52.90 -9.38
C PRO C 209 -37.80 -54.12 -8.48
N LYS D 1 12.50 16.83 48.96
CA LYS D 1 13.29 17.08 47.76
C LYS D 1 12.45 16.88 46.51
N TRP D 2 12.56 17.83 45.60
CA TRP D 2 11.97 17.69 44.28
C TRP D 2 12.96 16.95 43.40
N TYR D 3 12.50 15.90 42.73
CA TYR D 3 13.27 15.23 41.72
C TYR D 3 12.58 15.36 40.38
N PRO D 4 13.30 15.27 39.27
CA PRO D 4 12.64 15.32 37.96
C PRO D 4 11.50 14.34 37.82
N ASP D 5 10.31 14.88 37.74
CA ASP D 5 9.06 14.16 37.77
C ASP D 5 8.47 14.08 36.37
N PRO D 6 7.45 13.24 36.18
CA PRO D 6 6.88 13.10 34.82
C PRO D 6 6.40 14.41 34.23
N GLU D 7 5.97 15.36 35.07
CA GLU D 7 5.70 16.70 34.55
C GLU D 7 6.96 17.32 33.98
N PHE D 8 8.07 17.22 34.71
CA PHE D 8 9.32 17.77 34.19
C PHE D 8 9.76 17.03 32.95
N MET D 9 9.46 15.73 32.85
CA MET D 9 9.82 14.98 31.66
C MET D 9 8.83 15.20 30.53
N LYS D 10 7.65 15.75 30.82
CA LYS D 10 6.73 16.17 29.77
C LYS D 10 6.97 17.59 29.31
N GLN D 11 7.84 18.34 29.99
CA GLN D 11 8.28 19.62 29.47
C GLN D 11 8.78 19.44 28.04
N PHE D 12 9.64 18.45 27.85
CA PHE D 12 10.10 18.02 26.55
C PHE D 12 9.09 17.04 25.99
N SER D 13 9.52 16.24 25.02
CA SER D 13 8.86 15.05 24.49
C SER D 13 7.82 15.34 23.43
N GLY D 14 7.58 16.60 23.09
CA GLY D 14 6.86 16.92 21.88
C GLY D 14 7.85 16.99 20.73
N PRO D 15 7.34 17.07 19.49
CA PRO D 15 8.25 17.35 18.37
C PRO D 15 8.93 18.69 18.51
N VAL D 16 8.36 19.59 19.30
CA VAL D 16 9.00 20.83 19.71
C VAL D 16 8.72 21.03 21.20
N MET D 17 9.77 21.28 21.98
CA MET D 17 9.58 21.41 23.42
C MET D 17 8.69 22.60 23.78
N TYR D 18 8.53 23.56 22.87
CA TYR D 18 7.55 24.62 23.01
C TYR D 18 6.49 24.39 21.94
N PRO D 19 5.60 23.42 22.12
CA PRO D 19 4.74 23.01 20.99
C PRO D 19 3.90 24.17 20.49
N ASP D 20 3.69 24.18 19.18
CA ASP D 20 2.91 25.20 18.48
C ASP D 20 1.74 24.54 17.77
N GLU D 21 0.97 25.35 17.05
CA GLU D 21 -0.27 24.89 16.44
C GLU D 21 -0.06 23.74 15.46
N VAL D 22 1.13 23.56 14.92
CA VAL D 22 1.40 22.57 13.87
C VAL D 22 2.28 21.44 14.37
N THR D 23 3.38 21.76 15.04
CA THR D 23 4.21 20.71 15.61
C THR D 23 3.45 19.92 16.66
N SER D 24 2.73 20.63 17.53
CA SER D 24 1.87 19.94 18.50
C SER D 24 0.78 19.15 17.79
N LEU D 25 0.36 19.58 16.60
CA LEU D 25 -0.67 18.86 15.86
C LEU D 25 -0.20 17.45 15.51
N TRP D 26 0.81 17.35 14.67
CA TRP D 26 1.29 16.07 14.16
C TRP D 26 2.57 15.68 14.85
N THR D 27 2.66 14.41 15.26
CA THR D 27 3.81 13.88 15.96
C THR D 27 4.27 12.60 15.27
N VAL D 28 5.59 12.47 15.11
CA VAL D 28 6.20 11.30 14.49
C VAL D 28 7.40 10.85 15.31
N PRO D 29 7.22 10.36 16.53
CA PRO D 29 8.33 9.80 17.30
C PRO D 29 8.45 8.30 17.15
N PRO D 30 9.06 7.79 16.06
CA PRO D 30 9.45 6.38 16.07
C PRO D 30 10.70 6.20 16.90
N TRP D 31 10.53 5.64 18.11
CA TRP D 31 11.61 5.65 19.09
C TRP D 31 12.89 5.08 18.51
N ASN D 32 12.81 3.89 17.91
CA ASN D 32 14.00 3.29 17.33
C ASN D 32 14.62 4.17 16.26
N SER D 33 13.84 5.08 15.66
CA SER D 33 14.26 5.91 14.56
C SER D 33 14.58 5.09 13.31
N LYS D 34 14.19 3.82 13.30
CA LYS D 34 14.44 2.90 12.19
C LYS D 34 13.10 2.26 11.88
N VAL D 35 12.29 2.94 11.07
CA VAL D 35 10.94 2.50 10.80
C VAL D 35 10.97 1.53 9.64
N THR D 36 10.45 0.33 9.85
CA THR D 36 10.47 -0.68 8.81
C THR D 36 9.60 -0.23 7.65
N PRO D 37 9.99 -0.50 6.41
CA PRO D 37 9.06 -0.30 5.28
C PRO D 37 7.87 -1.23 5.40
N VAL D 38 6.73 -0.75 4.90
CA VAL D 38 5.48 -1.51 4.88
C VAL D 38 5.21 -1.90 3.43
N GLU D 39 5.07 -3.19 3.18
CA GLU D 39 5.02 -3.69 1.82
C GLU D 39 3.78 -3.18 1.10
N LYS D 40 3.94 -2.84 -0.17
CA LYS D 40 2.84 -2.38 -1.01
C LYS D 40 2.37 -3.49 -1.93
N SER D 41 1.28 -3.22 -2.67
CA SER D 41 0.72 -4.14 -3.65
C SER D 41 1.17 -3.68 -5.03
N VAL D 42 2.05 -4.44 -5.65
CA VAL D 42 2.65 -4.09 -6.95
C VAL D 42 1.81 -4.80 -8.00
N ARG D 43 0.76 -4.13 -8.45
CA ARG D 43 -0.12 -4.72 -9.44
C ARG D 43 0.61 -4.89 -10.77
N ASN D 44 0.42 -6.04 -11.39
CA ASN D 44 1.17 -6.43 -12.57
C ASN D 44 0.44 -5.98 -13.85
N LEU D 45 1.09 -6.23 -14.98
CA LEU D 45 0.56 -5.87 -16.29
C LEU D 45 -0.27 -7.01 -16.85
N THR D 46 -1.39 -6.66 -17.49
CA THR D 46 -2.34 -7.63 -17.99
C THR D 46 -2.29 -7.67 -19.51
N LEU D 47 -2.14 -8.86 -20.07
CA LEU D 47 -2.11 -9.08 -21.52
C LEU D 47 -3.20 -10.07 -21.91
N ASN D 48 -4.14 -9.62 -22.74
CA ASN D 48 -5.13 -10.52 -23.33
C ASN D 48 -4.52 -11.24 -24.53
N PHE D 49 -3.50 -12.03 -24.24
CA PHE D 49 -2.82 -12.77 -25.30
C PHE D 49 -3.82 -13.66 -26.01
N GLY D 50 -3.75 -13.68 -27.33
CA GLY D 50 -4.77 -14.32 -28.13
C GLY D 50 -6.10 -13.62 -27.96
N PRO D 51 -7.12 -14.04 -28.72
CA PRO D 51 -7.12 -15.10 -29.72
C PRO D 51 -6.40 -14.70 -30.98
N GLN D 52 -6.54 -13.44 -31.37
CA GLN D 52 -5.90 -12.96 -32.59
C GLN D 52 -4.41 -12.92 -32.31
N HIS D 53 -3.78 -14.08 -32.42
CA HIS D 53 -2.36 -14.18 -32.18
C HIS D 53 -1.83 -15.50 -32.75
N PRO D 54 -0.82 -15.49 -33.60
CA PRO D 54 -0.21 -16.75 -34.01
C PRO D 54 0.42 -17.44 -32.81
N ALA D 55 0.49 -18.76 -32.90
CA ALA D 55 0.92 -19.68 -31.85
C ALA D 55 -0.17 -19.87 -30.79
N ALA D 56 -1.31 -19.19 -30.92
CA ALA D 56 -2.45 -19.39 -30.04
C ALA D 56 -3.56 -20.18 -30.72
N HIS D 57 -3.26 -20.91 -31.79
CA HIS D 57 -4.21 -21.74 -32.51
C HIS D 57 -5.36 -20.96 -33.10
N GLY D 58 -5.31 -19.64 -33.05
CA GLY D 58 -6.44 -18.81 -33.41
C GLY D 58 -7.55 -18.77 -32.39
N VAL D 59 -7.61 -19.72 -31.46
CA VAL D 59 -8.71 -19.82 -30.51
C VAL D 59 -8.28 -19.32 -29.14
N LEU D 60 -7.29 -19.98 -28.55
CA LEU D 60 -6.91 -19.77 -27.16
C LEU D 60 -6.80 -18.29 -26.80
N ARG D 61 -7.24 -17.96 -25.58
CA ARG D 61 -7.13 -16.61 -25.02
C ARG D 61 -6.57 -16.71 -23.61
N LEU D 62 -5.26 -16.47 -23.48
CA LEU D 62 -4.62 -16.45 -22.17
C LEU D 62 -4.71 -15.05 -21.60
N VAL D 63 -5.31 -14.93 -20.42
CA VAL D 63 -5.25 -13.70 -19.64
C VAL D 63 -4.02 -13.83 -18.75
N LEU D 64 -2.97 -13.10 -19.10
CA LEU D 64 -1.69 -13.20 -18.42
C LEU D 64 -1.45 -11.95 -17.60
N GLU D 65 -0.85 -12.12 -16.42
CA GLU D 65 -0.43 -11.01 -15.58
C GLU D 65 1.09 -11.08 -15.44
N LEU D 66 1.78 -10.08 -15.98
CA LEU D 66 3.23 -10.11 -16.13
C LEU D 66 3.88 -9.04 -15.27
N ASP D 67 5.09 -9.35 -14.82
CA ASP D 67 5.94 -8.40 -14.09
C ASP D 67 7.30 -8.38 -14.77
N GLY D 68 7.63 -7.26 -15.40
CA GLY D 68 8.84 -7.18 -16.19
C GLY D 68 8.56 -7.70 -17.57
N GLU D 69 8.90 -8.97 -17.79
CA GLU D 69 8.46 -9.71 -18.95
C GLU D 69 7.98 -11.12 -18.62
N THR D 70 8.23 -11.61 -17.41
CA THR D 70 7.85 -12.97 -17.04
C THR D 70 6.35 -13.04 -16.77
N VAL D 71 5.79 -14.24 -16.97
CA VAL D 71 4.36 -14.48 -16.82
C VAL D 71 4.13 -15.11 -15.45
N MET D 72 3.41 -14.40 -14.59
CA MET D 72 3.14 -14.86 -13.24
C MET D 72 1.86 -15.67 -13.16
N ARG D 73 0.73 -15.04 -13.48
CA ARG D 73 -0.57 -15.69 -13.51
C ARG D 73 -0.97 -15.87 -14.97
N ALA D 74 -1.36 -17.09 -15.33
CA ALA D 74 -1.68 -17.43 -16.72
C ALA D 74 -3.02 -18.16 -16.70
N ASP D 75 -4.09 -17.41 -16.91
CA ASP D 75 -5.42 -18.00 -16.91
C ASP D 75 -5.83 -18.27 -18.34
N PRO D 76 -5.93 -19.53 -18.78
CA PRO D 76 -6.40 -19.78 -20.14
C PRO D 76 -7.92 -19.85 -20.18
N HIS D 77 -8.52 -19.17 -21.14
CA HIS D 77 -9.96 -19.23 -21.34
C HIS D 77 -10.29 -20.12 -22.54
N ILE D 78 -10.16 -21.41 -22.31
CA ILE D 78 -10.76 -22.39 -23.19
C ILE D 78 -12.24 -22.08 -23.26
N GLY D 79 -12.84 -22.36 -24.41
CA GLY D 79 -14.25 -22.12 -24.62
C GLY D 79 -14.55 -21.02 -25.59
N LEU D 80 -13.54 -20.49 -26.26
CA LEU D 80 -13.77 -19.57 -27.35
C LEU D 80 -14.18 -20.29 -28.62
N LEU D 81 -14.25 -21.62 -28.59
CA LEU D 81 -14.67 -22.36 -29.75
C LEU D 81 -15.89 -23.21 -29.47
N HIS D 82 -16.08 -23.72 -28.26
CA HIS D 82 -17.23 -24.56 -27.89
C HIS D 82 -18.49 -24.40 -28.74
N 2MR D 83 -18.89 -25.48 -29.39
CA 2MR D 83 -19.90 -25.46 -30.45
CB 2MR D 83 -19.28 -25.93 -31.78
CG 2MR D 83 -17.99 -25.17 -31.99
CD 2MR D 83 -17.16 -25.56 -33.20
NE 2MR D 83 -16.59 -26.83 -32.87
CZ 2MR D 83 -15.74 -27.61 -33.75
NH1 2MR D 83 -15.38 -27.35 -34.93
CQ1 2MR D 83 -15.67 -26.20 -35.76
NH2 2MR D 83 -15.32 -28.84 -33.12
CQ2 2MR D 83 -14.36 -29.76 -33.69
C 2MR D 83 -21.08 -26.34 -30.09
O 2MR D 83 -21.79 -26.73 -31.04
N GLY D 84 -21.38 -26.46 -28.80
CA GLY D 84 -22.44 -27.36 -28.35
C GLY D 84 -22.52 -28.60 -29.21
N THR D 85 -21.46 -29.39 -29.22
CA THR D 85 -21.46 -30.63 -29.98
C THR D 85 -21.92 -31.83 -29.18
N GLU D 86 -21.91 -31.77 -27.85
CA GLU D 86 -22.50 -32.86 -27.10
C GLU D 86 -24.01 -32.90 -27.27
N LYS D 87 -24.66 -31.73 -27.22
CA LYS D 87 -26.11 -31.72 -27.39
C LYS D 87 -26.50 -32.16 -28.79
N LEU D 88 -25.81 -31.64 -29.81
CA LEU D 88 -26.17 -31.99 -31.17
C LEU D 88 -25.98 -33.47 -31.41
N ILE D 89 -24.89 -34.04 -30.89
CA ILE D 89 -24.66 -35.46 -31.05
C ILE D 89 -25.83 -36.24 -30.48
N GLU D 90 -26.43 -35.74 -29.42
CA GLU D 90 -27.55 -36.42 -28.81
C GLU D 90 -28.76 -36.44 -29.75
N TYR D 91 -29.00 -35.35 -30.45
CA TYR D 91 -30.24 -35.22 -31.22
C TYR D 91 -30.21 -36.04 -32.49
N LYS D 92 -29.03 -36.35 -33.01
CA LYS D 92 -28.90 -37.04 -34.28
C LYS D 92 -28.65 -38.53 -34.04
N THR D 93 -28.50 -39.28 -35.13
CA THR D 93 -28.36 -40.73 -35.12
C THR D 93 -26.90 -41.12 -35.11
N TYR D 94 -26.61 -42.36 -34.70
CA TYR D 94 -25.23 -42.83 -34.64
C TYR D 94 -24.52 -42.62 -35.98
N THR D 95 -25.11 -43.09 -37.07
CA THR D 95 -24.49 -42.85 -38.37
C THR D 95 -24.36 -41.36 -38.64
N GLN D 96 -25.44 -40.60 -38.41
CA GLN D 96 -25.36 -39.17 -38.60
C GLN D 96 -24.35 -38.54 -37.67
N ALA D 97 -24.21 -39.07 -36.47
CA ALA D 97 -23.32 -38.46 -35.50
C ALA D 97 -21.86 -38.69 -35.83
N LEU D 98 -21.55 -39.52 -36.81
CA LEU D 98 -20.16 -39.91 -37.03
C LEU D 98 -19.26 -38.76 -37.41
N PRO D 99 -19.61 -37.88 -38.36
CA PRO D 99 -18.65 -36.85 -38.77
C PRO D 99 -18.25 -35.92 -37.64
N TYR D 100 -19.17 -35.64 -36.70
CA TYR D 100 -18.85 -34.83 -35.53
C TYR D 100 -17.48 -35.18 -34.96
N PHE D 101 -17.20 -36.47 -34.82
CA PHE D 101 -15.95 -36.89 -34.24
C PHE D 101 -14.78 -36.55 -35.13
N ASP D 102 -14.97 -36.64 -36.45
CA ASP D 102 -13.90 -36.24 -37.33
C ASP D 102 -13.64 -34.74 -37.25
N ARG D 103 -14.68 -33.94 -36.98
CA ARG D 103 -14.44 -32.52 -36.76
C ARG D 103 -13.59 -32.31 -35.52
N LEU D 104 -13.86 -33.05 -34.46
CA LEU D 104 -13.11 -32.92 -33.22
C LEU D 104 -11.67 -33.36 -33.42
N ASP D 105 -10.74 -32.58 -32.90
CA ASP D 105 -9.32 -32.82 -33.11
C ASP D 105 -9.05 -32.94 -34.60
N TYR D 106 -9.40 -31.87 -35.29
CA TYR D 106 -9.47 -31.90 -36.75
C TYR D 106 -8.13 -32.21 -37.39
N VAL D 107 -7.04 -32.05 -36.66
CA VAL D 107 -5.73 -32.44 -37.19
C VAL D 107 -5.63 -33.95 -37.30
N SER D 108 -6.24 -34.68 -36.36
CA SER D 108 -6.34 -36.13 -36.43
C SER D 108 -7.62 -36.50 -37.16
N MET D 109 -7.49 -36.91 -38.42
CA MET D 109 -8.70 -37.19 -39.20
C MET D 109 -9.29 -38.54 -38.80
N MET D 110 -8.56 -39.63 -39.09
CA MET D 110 -9.15 -40.95 -39.01
C MET D 110 -9.15 -41.50 -37.60
N CYS D 111 -8.17 -41.13 -36.78
CA CYS D 111 -8.09 -41.70 -35.45
C CYS D 111 -9.34 -41.36 -34.65
N ASN D 112 -9.87 -40.15 -34.82
CA ASN D 112 -11.08 -39.76 -34.12
C ASN D 112 -12.24 -40.68 -34.49
N GLU D 113 -12.40 -40.95 -35.78
CA GLU D 113 -13.49 -41.82 -36.22
C GLU D 113 -13.31 -43.22 -35.67
N GLN D 114 -12.08 -43.72 -35.69
CA GLN D 114 -11.84 -45.08 -35.21
C GLN D 114 -12.24 -45.22 -33.76
N CYS D 115 -12.00 -44.18 -32.96
CA CYS D 115 -12.46 -44.20 -31.57
C CYS D 115 -13.96 -44.42 -31.50
N TYR D 116 -14.71 -43.62 -32.24
CA TYR D 116 -16.17 -43.74 -32.21
C TYR D 116 -16.62 -45.09 -32.73
N SER D 117 -16.01 -45.55 -33.83
CA SER D 117 -16.45 -46.82 -34.41
C SER D 117 -16.18 -47.97 -33.45
N LEU D 118 -15.08 -47.91 -32.71
CA LEU D 118 -14.82 -48.94 -31.72
C LEU D 118 -15.84 -48.91 -30.60
N ALA D 119 -16.24 -47.70 -30.19
CA ALA D 119 -17.27 -47.59 -29.16
C ALA D 119 -18.54 -48.30 -29.59
N VAL D 120 -19.02 -48.00 -30.79
CA VAL D 120 -20.25 -48.62 -31.26
C VAL D 120 -20.08 -50.13 -31.39
N GLU D 121 -18.94 -50.57 -31.95
CA GLU D 121 -18.74 -52.01 -32.12
C GLU D 121 -18.74 -52.72 -30.77
N LYS D 122 -18.20 -52.07 -29.74
CA LYS D 122 -18.23 -52.67 -28.42
C LYS D 122 -19.65 -52.75 -27.88
N LEU D 123 -20.47 -51.73 -28.16
CA LEU D 123 -21.86 -51.81 -27.76
C LEU D 123 -22.61 -52.86 -28.57
N LEU D 124 -22.46 -52.83 -29.90
CA LEU D 124 -23.18 -53.76 -30.74
C LEU D 124 -22.65 -55.18 -30.64
N ASN D 125 -21.50 -55.39 -30.00
CA ASN D 125 -20.93 -56.72 -29.88
C ASN D 125 -20.65 -57.30 -31.27
N ILE D 126 -19.81 -56.59 -32.02
CA ILE D 126 -19.50 -56.96 -33.41
C ILE D 126 -17.99 -56.88 -33.61
N ASP D 127 -17.54 -57.55 -34.66
CA ASP D 127 -16.13 -57.58 -35.04
C ASP D 127 -16.00 -57.39 -36.54
N VAL D 128 -14.91 -56.77 -36.96
CA VAL D 128 -14.69 -56.44 -38.37
C VAL D 128 -13.72 -57.45 -38.96
N PRO D 129 -13.70 -57.65 -40.27
CA PRO D 129 -12.76 -58.60 -40.87
C PRO D 129 -11.34 -58.06 -40.91
N LEU D 130 -10.39 -58.98 -41.09
CA LEU D 130 -8.98 -58.63 -40.99
C LEU D 130 -8.62 -57.50 -41.97
N ARG D 131 -9.11 -57.58 -43.20
CA ARG D 131 -8.75 -56.55 -44.17
C ARG D 131 -9.19 -55.19 -43.69
N ALA D 132 -10.38 -55.10 -43.10
CA ALA D 132 -10.82 -53.84 -42.53
C ALA D 132 -9.92 -53.41 -41.39
N LYS D 133 -9.49 -54.36 -40.55
CA LYS D 133 -8.59 -54.01 -39.47
C LYS D 133 -7.29 -53.44 -40.01
N TYR D 134 -6.73 -54.08 -41.04
CA TYR D 134 -5.44 -53.63 -41.55
C TYR D 134 -5.56 -52.25 -42.18
N ILE D 135 -6.64 -52.00 -42.90
CA ILE D 135 -6.82 -50.67 -43.48
C ILE D 135 -6.92 -49.64 -42.36
N ARG D 136 -7.70 -49.94 -41.33
CA ARG D 136 -7.80 -49.03 -40.20
C ARG D 136 -6.43 -48.78 -39.60
N THR D 137 -5.67 -49.84 -39.37
CA THR D 137 -4.32 -49.68 -38.83
C THR D 137 -3.47 -48.82 -39.75
N LEU D 138 -3.52 -49.08 -41.05
CA LEU D 138 -2.72 -48.30 -41.99
C LEU D 138 -3.03 -46.82 -41.86
N PHE D 139 -4.31 -46.47 -41.94
CA PHE D 139 -4.67 -45.06 -41.91
C PHE D 139 -4.57 -44.47 -40.53
N ALA D 140 -4.62 -45.29 -39.48
CA ALA D 140 -4.35 -44.78 -38.16
C ALA D 140 -2.95 -44.21 -38.08
N GLU D 141 -1.99 -44.89 -38.68
CA GLU D 141 -0.61 -44.42 -38.64
C GLU D 141 -0.38 -43.29 -39.64
N ILE D 142 -1.01 -43.33 -40.82
CA ILE D 142 -0.90 -42.21 -41.74
C ILE D 142 -1.41 -40.94 -41.08
N THR D 143 -2.49 -41.04 -40.32
CA THR D 143 -2.92 -39.89 -39.55
C THR D 143 -1.90 -39.52 -38.50
N ARG D 144 -1.23 -40.51 -37.92
CA ARG D 144 -0.22 -40.21 -36.92
C ARG D 144 0.88 -39.36 -37.52
N ILE D 145 1.30 -39.69 -38.74
CA ILE D 145 2.33 -38.89 -39.40
C ILE D 145 1.77 -37.51 -39.72
N LEU D 146 0.51 -37.44 -40.17
CA LEU D 146 -0.10 -36.14 -40.42
C LEU D 146 -0.08 -35.28 -39.17
N ASN D 147 -0.57 -35.82 -38.06
CA ASN D 147 -0.68 -35.02 -36.85
C ASN D 147 0.68 -34.54 -36.39
N HIS D 148 1.67 -35.42 -36.41
CA HIS D 148 2.98 -35.03 -35.91
C HIS D 148 3.65 -34.00 -36.81
N ILE D 149 3.39 -34.04 -38.12
CA ILE D 149 3.86 -32.96 -38.97
C ILE D 149 3.19 -31.67 -38.56
N MET D 150 1.88 -31.70 -38.34
CA MET D 150 1.17 -30.50 -37.93
C MET D 150 1.75 -29.95 -36.64
N ALA D 151 1.99 -30.82 -35.67
CA ALA D 151 2.53 -30.37 -34.39
C ALA D 151 3.94 -29.80 -34.57
N VAL D 152 4.79 -30.51 -35.30
CA VAL D 152 6.16 -30.05 -35.51
C VAL D 152 6.16 -28.73 -36.27
N GLY D 153 5.36 -28.65 -37.33
CA GLY D 153 5.34 -27.44 -38.13
C GLY D 153 4.81 -26.25 -37.38
N THR D 154 3.69 -26.42 -36.67
CA THR D 154 3.20 -25.34 -35.83
C THR D 154 4.24 -24.97 -34.79
N HIS D 155 4.88 -25.98 -34.18
CA HIS D 155 5.91 -25.71 -33.19
C HIS D 155 7.07 -24.94 -33.79
N ALA D 156 7.48 -25.30 -35.00
CA ALA D 156 8.59 -24.60 -35.63
C ALA D 156 8.26 -23.13 -35.85
N LEU D 157 7.01 -22.83 -36.17
CA LEU D 157 6.60 -21.43 -36.30
C LEU D 157 6.51 -20.76 -34.95
N ASP D 158 6.07 -21.50 -33.93
CA ASP D 158 6.04 -20.93 -32.58
C ASP D 158 7.41 -20.40 -32.21
N VAL D 159 8.45 -21.18 -32.50
CA VAL D 159 9.81 -20.76 -32.24
C VAL D 159 10.29 -19.79 -33.31
N GLY D 160 9.78 -19.90 -34.52
CA GLY D 160 10.07 -18.97 -35.58
C GLY D 160 10.90 -19.49 -36.72
N ALA D 161 10.85 -20.79 -37.01
CA ALA D 161 11.54 -21.37 -38.15
C ALA D 161 10.50 -21.70 -39.20
N LEU D 162 10.62 -21.07 -40.37
CA LEU D 162 9.65 -21.26 -41.44
C LEU D 162 9.98 -22.48 -42.29
N THR D 163 11.23 -22.60 -42.69
CA THR D 163 11.65 -23.65 -43.60
C THR D 163 11.21 -25.05 -43.20
N PRO D 164 11.29 -25.47 -41.94
CA PRO D 164 10.79 -26.81 -41.62
C PRO D 164 9.32 -26.97 -41.95
N PHE D 165 8.50 -26.03 -41.49
CA PHE D 165 7.07 -26.11 -41.71
C PHE D 165 6.75 -26.28 -43.19
N PHE D 166 7.35 -25.48 -44.04
CA PHE D 166 7.06 -25.56 -45.46
C PHE D 166 7.51 -26.88 -46.07
N TRP D 167 8.72 -27.32 -45.73
CA TRP D 167 9.20 -28.57 -46.30
C TRP D 167 8.29 -29.73 -45.92
N LEU D 168 7.84 -29.78 -44.69
CA LEU D 168 6.95 -30.86 -44.30
C LEU D 168 5.57 -30.70 -44.90
N PHE D 169 5.06 -29.47 -44.97
CA PHE D 169 3.75 -29.30 -45.56
C PHE D 169 3.72 -29.60 -47.04
N GLU D 170 4.89 -29.69 -47.69
CA GLU D 170 4.92 -30.33 -48.99
C GLU D 170 4.44 -31.77 -48.88
N GLU D 171 5.05 -32.54 -47.96
CA GLU D 171 4.72 -33.96 -47.87
C GLU D 171 3.35 -34.18 -47.28
N ARG D 172 2.86 -33.28 -46.45
CA ARG D 172 1.49 -33.40 -46.00
C ARG D 172 0.52 -33.43 -47.17
N GLU D 173 0.84 -32.76 -48.26
CA GLU D 173 -0.05 -32.77 -49.41
C GLU D 173 -0.17 -34.16 -50.00
N LYS D 174 0.94 -34.90 -50.07
CA LYS D 174 0.87 -36.25 -50.62
C LYS D 174 -0.05 -37.13 -49.78
N MET D 175 0.08 -37.07 -48.46
CA MET D 175 -0.77 -37.90 -47.61
C MET D 175 -2.23 -37.53 -47.76
N MET D 176 -2.55 -36.24 -47.75
CA MET D 176 -3.95 -35.87 -47.92
C MET D 176 -4.49 -36.37 -49.24
N GLU D 177 -3.68 -36.34 -50.29
CA GLU D 177 -4.13 -36.88 -51.56
C GLU D 177 -4.53 -38.34 -51.41
N PHE D 178 -3.84 -39.08 -50.54
CA PHE D 178 -4.19 -40.47 -50.31
C PHE D 178 -5.54 -40.58 -49.63
N TYR D 179 -5.79 -39.76 -48.62
CA TYR D 179 -7.12 -39.68 -48.05
C TYR D 179 -8.14 -39.36 -49.13
N GLU D 180 -7.78 -38.46 -50.02
CA GLU D 180 -8.68 -38.09 -51.11
C GLU D 180 -8.91 -39.28 -52.03
N ARG D 181 -7.88 -40.09 -52.25
CA ARG D 181 -8.02 -41.25 -53.13
C ARG D 181 -9.01 -42.25 -52.56
N VAL D 182 -8.92 -42.55 -51.26
CA VAL D 182 -9.79 -43.54 -50.67
C VAL D 182 -11.19 -42.97 -50.45
N SER D 183 -11.27 -41.87 -49.70
CA SER D 183 -12.54 -41.42 -49.17
C SER D 183 -13.27 -40.44 -50.08
N GLY D 184 -12.54 -39.63 -50.83
CA GLY D 184 -13.14 -38.60 -51.64
C GLY D 184 -13.14 -37.23 -51.02
N ALA D 185 -12.51 -37.05 -49.86
CA ALA D 185 -12.39 -35.75 -49.21
C ALA D 185 -10.94 -35.54 -48.80
N ARG D 186 -10.46 -34.32 -48.92
CA ARG D 186 -9.09 -34.00 -48.54
C ARG D 186 -8.85 -34.39 -47.10
N MET D 187 -9.57 -33.72 -46.22
CA MET D 187 -9.65 -34.06 -44.82
C MET D 187 -11.08 -34.45 -44.57
N HIS D 188 -11.40 -34.75 -43.31
CA HIS D 188 -12.79 -34.99 -42.94
C HIS D 188 -13.43 -36.06 -43.81
N ALA D 189 -12.72 -37.17 -43.98
CA ALA D 189 -13.34 -38.32 -44.58
C ALA D 189 -14.45 -38.80 -43.66
N ALA D 190 -15.20 -39.80 -44.09
CA ALA D 190 -16.09 -40.55 -43.23
C ALA D 190 -15.74 -42.03 -43.36
N TYR D 191 -14.46 -42.30 -43.57
CA TYR D 191 -14.07 -43.58 -44.14
C TYR D 191 -14.17 -44.72 -43.14
N ILE D 192 -13.97 -44.44 -41.87
CA ILE D 192 -14.07 -45.47 -40.84
C ILE D 192 -15.48 -45.44 -40.30
N ARG D 193 -16.14 -46.59 -40.30
CA ARG D 193 -17.52 -46.69 -39.85
C ARG D 193 -17.67 -47.92 -38.98
N PRO D 194 -18.76 -48.03 -38.23
CA PRO D 194 -18.86 -49.10 -37.24
C PRO D 194 -18.63 -50.49 -37.79
N GLY D 195 -19.13 -50.81 -38.97
CA GLY D 195 -18.95 -52.16 -39.49
C GLY D 195 -17.62 -52.35 -40.20
N GLY D 196 -16.61 -51.58 -39.83
CA GLY D 196 -15.41 -51.48 -40.63
C GLY D 196 -15.45 -50.23 -41.50
N VAL D 197 -14.45 -50.14 -42.38
CA VAL D 197 -14.36 -48.95 -43.20
C VAL D 197 -15.56 -48.85 -44.12
N SER D 198 -15.90 -47.63 -44.50
CA SER D 198 -17.07 -47.40 -45.32
C SER D 198 -16.95 -48.11 -46.66
N LEU D 199 -15.76 -48.15 -47.22
CA LEU D 199 -15.60 -48.53 -48.61
C LEU D 199 -14.24 -49.17 -48.84
N ASP D 200 -14.15 -49.96 -49.92
CA ASP D 200 -12.90 -50.60 -50.27
C ASP D 200 -11.91 -49.56 -50.77
N MET D 201 -10.69 -50.00 -51.08
CA MET D 201 -9.63 -49.11 -51.54
C MET D 201 -9.42 -49.23 -53.05
N PRO D 202 -9.09 -48.14 -53.72
CA PRO D 202 -8.86 -48.22 -55.16
C PRO D 202 -7.55 -48.91 -55.45
N LEU D 203 -7.51 -49.66 -56.55
CA LEU D 203 -6.32 -50.41 -56.86
C LEU D 203 -5.14 -49.48 -57.07
N GLY D 204 -3.95 -49.97 -56.77
CA GLY D 204 -2.75 -49.20 -56.92
C GLY D 204 -2.45 -48.25 -55.79
N LEU D 205 -3.43 -47.94 -54.94
CA LEU D 205 -3.15 -47.08 -53.80
C LEU D 205 -2.11 -47.72 -52.90
N MET D 206 -2.03 -49.05 -52.85
CA MET D 206 -0.96 -49.68 -52.11
C MET D 206 0.40 -49.22 -52.61
N ASP D 207 0.63 -49.30 -53.92
CA ASP D 207 1.95 -48.94 -54.43
C ASP D 207 2.27 -47.49 -54.13
N ASP D 208 1.36 -46.58 -54.44
CA ASP D 208 1.64 -45.17 -54.21
C ASP D 208 2.02 -44.92 -52.77
N ILE D 209 1.37 -45.62 -51.85
CA ILE D 209 1.77 -45.53 -50.45
C ILE D 209 3.21 -45.98 -50.28
N TYR D 210 3.62 -47.01 -51.03
CA TYR D 210 4.97 -47.53 -50.87
C TYR D 210 6.02 -46.48 -51.24
N GLU D 211 5.89 -45.86 -52.44
CA GLU D 211 6.86 -44.83 -52.79
C GLU D 211 6.81 -43.67 -51.82
N PHE D 212 5.62 -43.27 -51.37
CA PHE D 212 5.56 -42.17 -50.43
C PHE D 212 6.32 -42.50 -49.16
N ALA D 213 6.08 -43.70 -48.61
CA ALA D 213 6.88 -44.14 -47.48
C ALA D 213 8.35 -44.24 -47.86
N SER D 214 8.64 -44.63 -49.09
CA SER D 214 10.03 -44.75 -49.51
C SER D 214 10.77 -43.43 -49.37
N LYS D 215 10.14 -42.34 -49.80
CA LYS D 215 10.80 -41.05 -49.79
C LYS D 215 10.72 -40.35 -48.45
N PHE D 216 9.77 -40.73 -47.60
CA PHE D 216 9.54 -39.95 -46.38
C PHE D 216 10.74 -39.98 -45.46
N ALA D 217 11.53 -41.05 -45.48
CA ALA D 217 12.73 -41.08 -44.67
C ALA D 217 13.67 -39.95 -45.06
N GLU D 218 13.85 -39.73 -46.36
CA GLU D 218 14.69 -38.63 -46.82
C GLU D 218 14.15 -37.29 -46.32
N ARG D 219 12.87 -37.04 -46.53
CA ARG D 219 12.29 -35.76 -46.16
C ARG D 219 12.42 -35.51 -44.67
N LEU D 220 12.04 -36.51 -43.87
CA LEU D 220 12.10 -36.33 -42.42
C LEU D 220 13.52 -36.12 -41.96
N ASP D 221 14.47 -36.83 -42.56
CA ASP D 221 15.85 -36.67 -42.13
C ASP D 221 16.38 -35.30 -42.49
N GLU D 222 15.99 -34.76 -43.64
CA GLU D 222 16.45 -33.44 -44.02
C GLU D 222 16.10 -32.41 -42.95
N VAL D 223 14.85 -32.37 -42.53
CA VAL D 223 14.47 -31.46 -41.46
C VAL D 223 15.10 -31.89 -40.14
N GLU D 224 15.18 -33.20 -39.91
CA GLU D 224 15.71 -33.68 -38.63
C GLU D 224 17.15 -33.24 -38.45
N ASP D 225 17.99 -33.46 -39.47
CA ASP D 225 19.37 -33.00 -39.38
C ASP D 225 19.46 -31.48 -39.29
N VAL D 226 18.56 -30.78 -39.96
CA VAL D 226 18.58 -29.32 -39.93
C VAL D 226 18.30 -28.79 -38.53
N LEU D 227 17.32 -29.37 -37.85
CA LEU D 227 16.68 -28.70 -36.72
C LEU D 227 16.92 -29.35 -35.36
N THR D 228 17.07 -30.68 -35.31
CA THR D 228 17.27 -31.34 -34.03
C THR D 228 18.51 -30.80 -33.31
N THR D 229 19.62 -30.74 -34.02
CA THR D 229 20.88 -30.37 -33.38
C THR D 229 21.02 -28.87 -33.17
N ASN D 230 20.31 -28.06 -33.96
CA ASN D 230 20.56 -26.63 -34.01
C ASN D 230 20.53 -26.01 -32.60
N ARG D 231 21.55 -25.20 -32.32
CA ARG D 231 21.72 -24.68 -30.97
C ARG D 231 20.54 -23.83 -30.55
N ILE D 232 20.09 -22.93 -31.44
CA ILE D 232 18.99 -22.04 -31.09
C ILE D 232 17.77 -22.86 -30.71
N TRP D 233 17.42 -23.83 -31.55
CA TRP D 233 16.29 -24.68 -31.24
C TRP D 233 16.52 -25.42 -29.94
N VAL D 234 17.72 -25.97 -29.76
CA VAL D 234 17.99 -26.77 -28.57
C VAL D 234 17.84 -25.92 -27.32
N GLN D 235 18.49 -24.77 -27.29
CA GLN D 235 18.35 -23.92 -26.13
C GLN D 235 16.97 -23.30 -26.05
N ARG D 236 16.30 -23.14 -27.19
CA ARG D 236 14.99 -22.52 -27.16
C ARG D 236 13.94 -23.42 -26.55
N THR D 237 14.10 -24.73 -26.66
CA THR D 237 13.14 -25.69 -26.13
C THR D 237 13.63 -26.44 -24.91
N GLU D 238 14.92 -26.73 -24.84
CA GLU D 238 15.40 -27.65 -23.81
C GLU D 238 15.21 -27.08 -22.42
N ASP D 239 14.90 -27.96 -21.48
CA ASP D 239 14.70 -27.58 -20.08
C ASP D 239 13.59 -26.56 -19.92
N ILE D 240 12.61 -26.60 -20.83
CA ILE D 240 11.40 -25.80 -20.73
C ILE D 240 10.32 -26.65 -20.09
N GLY D 241 9.66 -26.09 -19.07
CA GLY D 241 8.53 -26.75 -18.45
C GLY D 241 8.77 -28.20 -18.08
N ILE D 242 9.66 -28.43 -17.11
CA ILE D 242 9.93 -29.79 -16.69
C ILE D 242 8.66 -30.38 -16.11
N VAL D 243 8.33 -31.59 -16.52
CA VAL D 243 7.12 -32.29 -16.10
C VAL D 243 7.55 -33.55 -15.39
N THR D 244 7.56 -33.53 -14.05
CA THR D 244 7.98 -34.67 -13.28
C THR D 244 6.96 -35.80 -13.40
N ALA D 245 7.42 -37.02 -13.15
CA ALA D 245 6.58 -38.19 -13.39
C ALA D 245 5.33 -38.16 -12.52
N GLU D 246 5.50 -38.01 -11.20
CA GLU D 246 4.33 -38.05 -10.33
C GLU D 246 3.36 -36.93 -10.67
N GLU D 247 3.88 -35.72 -10.88
CA GLU D 247 3.02 -34.60 -11.23
C GLU D 247 2.28 -34.88 -12.53
N ALA D 248 2.91 -35.61 -13.45
CA ALA D 248 2.26 -35.94 -14.71
C ALA D 248 1.05 -36.83 -14.49
N LEU D 249 1.18 -37.87 -13.67
CA LEU D 249 0.07 -38.79 -13.48
C LEU D 249 -1.10 -38.11 -12.78
N ASN D 250 -0.83 -37.46 -11.66
CA ASN D 250 -1.91 -36.90 -10.86
C ASN D 250 -2.66 -35.81 -11.60
N TYR D 251 -2.08 -35.25 -12.65
CA TYR D 251 -2.76 -34.28 -13.49
C TYR D 251 -3.47 -34.92 -14.68
N GLY D 252 -3.41 -36.24 -14.82
CA GLY D 252 -4.15 -36.91 -15.87
C GLY D 252 -3.58 -36.67 -17.25
N PHE D 253 -2.29 -36.95 -17.42
CA PHE D 253 -1.65 -36.80 -18.71
C PHE D 253 -1.71 -38.11 -19.48
N SER D 254 -1.24 -38.07 -20.72
CA SER D 254 -1.13 -39.26 -21.55
C SER D 254 -0.36 -38.88 -22.81
N GLY D 255 -0.21 -39.84 -23.69
CA GLY D 255 0.44 -39.56 -24.94
C GLY D 255 1.92 -39.31 -24.77
N VAL D 256 2.52 -38.75 -25.83
CA VAL D 256 3.96 -38.57 -25.86
C VAL D 256 4.41 -37.66 -24.74
N MET D 257 3.55 -36.78 -24.24
CA MET D 257 3.84 -36.06 -23.02
C MET D 257 4.17 -37.03 -21.89
N LEU D 258 3.21 -37.88 -21.56
CA LEU D 258 3.47 -38.91 -20.56
C LEU D 258 4.65 -39.77 -20.96
N ARG D 259 4.63 -40.27 -22.20
CA ARG D 259 5.69 -41.14 -22.66
C ARG D 259 7.04 -40.46 -22.67
N GLY D 260 7.06 -39.13 -22.76
CA GLY D 260 8.31 -38.41 -22.73
C GLY D 260 8.82 -38.24 -21.32
N SER D 261 7.91 -38.03 -20.37
CA SER D 261 8.31 -37.81 -18.99
C SER D 261 9.01 -39.01 -18.39
N GLY D 262 8.84 -40.18 -18.98
CA GLY D 262 9.54 -41.37 -18.53
C GLY D 262 8.63 -42.57 -18.40
N ILE D 263 7.33 -42.33 -18.24
CA ILE D 263 6.40 -43.44 -18.04
C ILE D 263 6.42 -44.31 -19.28
N LYS D 264 6.49 -45.62 -19.08
CA LYS D 264 6.57 -46.57 -20.19
C LYS D 264 5.19 -47.00 -20.66
N TRP D 265 4.20 -46.15 -20.49
CA TRP D 265 2.83 -46.47 -20.82
C TRP D 265 2.54 -46.14 -22.29
N ASP D 266 1.58 -46.87 -22.86
CA ASP D 266 1.06 -46.58 -24.19
C ASP D 266 -0.14 -47.47 -24.42
N LEU D 267 -1.15 -46.93 -25.09
CA LEU D 267 -2.38 -47.69 -25.29
C LEU D 267 -2.20 -48.80 -26.32
N ARG D 268 -1.35 -48.58 -27.32
CA ARG D 268 -1.19 -49.58 -28.36
C ARG D 268 -0.61 -50.88 -27.79
N LYS D 269 0.40 -50.77 -26.94
CA LYS D 269 1.09 -51.96 -26.47
C LYS D 269 0.38 -52.63 -25.30
N GLN D 270 -0.41 -51.87 -24.53
CA GLN D 270 -1.01 -52.36 -23.30
C GLN D 270 -2.47 -52.75 -23.48
N GLN D 271 -3.28 -51.87 -24.00
CA GLN D 271 -4.68 -52.17 -24.29
C GLN D 271 -4.87 -52.16 -25.79
N PRO D 272 -4.26 -53.08 -26.53
CA PRO D 272 -4.39 -53.06 -27.98
C PRO D 272 -5.85 -53.18 -28.39
N TYR D 273 -6.21 -52.39 -29.40
CA TYR D 273 -7.59 -52.26 -29.85
C TYR D 273 -7.77 -52.63 -31.31
N ASP D 274 -6.72 -52.52 -32.12
CA ASP D 274 -6.80 -52.83 -33.54
C ASP D 274 -5.70 -53.81 -33.90
N ALA D 275 -5.41 -53.98 -35.19
CA ALA D 275 -4.50 -55.00 -35.67
C ALA D 275 -3.07 -54.87 -35.18
N TYR D 276 -2.80 -53.88 -34.31
CA TYR D 276 -1.49 -53.74 -33.69
C TYR D 276 -0.99 -55.03 -33.06
N ASN D 277 -1.87 -55.98 -32.78
CA ASN D 277 -1.40 -57.27 -32.30
C ASN D 277 -0.43 -57.91 -33.28
N LEU D 278 -0.56 -57.59 -34.56
CA LEU D 278 0.19 -58.24 -35.61
C LEU D 278 1.35 -57.41 -36.12
N VAL D 279 1.71 -56.34 -35.42
CA VAL D 279 2.83 -55.49 -35.81
C VAL D 279 3.78 -55.37 -34.63
N ASN D 280 5.07 -55.59 -34.89
CA ASN D 280 6.11 -55.40 -33.90
C ASN D 280 6.79 -54.07 -34.14
N PHE D 281 7.06 -53.35 -33.06
CA PHE D 281 7.68 -52.03 -33.13
C PHE D 281 7.91 -51.56 -31.70
N ASP D 282 8.74 -50.53 -31.56
CA ASP D 282 9.04 -49.94 -30.27
C ASP D 282 8.63 -48.48 -30.26
N VAL D 283 7.99 -48.06 -29.18
CA VAL D 283 7.66 -46.66 -28.97
C VAL D 283 8.93 -45.94 -28.55
N PRO D 284 9.02 -44.63 -28.71
CA PRO D 284 10.13 -43.87 -28.14
C PRO D 284 9.79 -43.36 -26.75
N ILE D 285 10.83 -43.18 -25.95
CA ILE D 285 10.68 -42.65 -24.59
C ILE D 285 11.83 -41.71 -24.29
N GLY D 286 11.52 -40.63 -23.57
CA GLY D 286 12.52 -39.72 -23.07
C GLY D 286 12.67 -39.88 -21.55
N THR D 287 13.69 -39.21 -21.02
CA THR D 287 13.96 -39.26 -19.59
C THR D 287 14.22 -37.88 -18.99
N LYS D 288 14.00 -36.81 -19.76
CA LYS D 288 14.25 -35.46 -19.28
C LYS D 288 12.99 -34.63 -19.11
N GLY D 289 11.86 -35.04 -19.70
CA GLY D 289 10.63 -34.29 -19.54
C GLY D 289 10.69 -32.87 -20.05
N ASP D 290 11.59 -32.59 -20.99
CA ASP D 290 11.68 -31.28 -21.59
C ASP D 290 10.80 -31.21 -22.82
N CYS D 291 10.56 -29.99 -23.29
CA CYS D 291 9.96 -29.84 -24.61
C CYS D 291 10.84 -30.43 -25.69
N TYR D 292 12.15 -30.38 -25.50
CA TYR D 292 13.09 -30.87 -26.51
C TYR D 292 13.00 -32.38 -26.65
N ASP D 293 13.27 -33.12 -25.57
CA ASP D 293 13.20 -34.57 -25.67
C ASP D 293 11.79 -35.05 -25.99
N ARG D 294 10.78 -34.29 -25.58
CA ARG D 294 9.43 -34.57 -26.07
C ARG D 294 9.37 -34.42 -27.59
N TYR D 295 9.95 -33.34 -28.11
CA TYR D 295 10.02 -33.18 -29.56
C TYR D 295 10.75 -34.35 -30.20
N LEU D 296 11.84 -34.80 -29.58
CA LEU D 296 12.53 -35.95 -30.13
C LEU D 296 11.64 -37.17 -30.14
N CYS D 297 10.85 -37.35 -29.08
CA CYS D 297 9.96 -38.51 -29.03
C CYS D 297 8.97 -38.49 -30.19
N ARG D 298 8.43 -37.32 -30.50
CA ARG D 298 7.54 -37.23 -31.66
C ARG D 298 8.28 -37.60 -32.93
N VAL D 299 9.50 -37.12 -33.08
CA VAL D 299 10.26 -37.41 -34.30
C VAL D 299 10.48 -38.90 -34.44
N GLU D 300 10.90 -39.56 -33.35
CA GLU D 300 11.10 -41.00 -33.45
C GLU D 300 9.79 -41.72 -33.65
N GLU D 301 8.69 -41.16 -33.16
CA GLU D 301 7.41 -41.81 -33.40
C GLU D 301 7.08 -41.82 -34.88
N MET D 302 7.35 -40.72 -35.58
CA MET D 302 7.21 -40.73 -37.03
C MET D 302 7.98 -41.89 -37.64
N ARG D 303 9.24 -42.04 -37.24
CA ARG D 303 10.05 -43.11 -37.79
C ARG D 303 9.45 -44.47 -37.47
N GLN D 304 9.03 -44.68 -36.23
CA GLN D 304 8.49 -45.97 -35.83
C GLN D 304 7.19 -46.27 -36.55
N SER D 305 6.31 -45.28 -36.66
CA SER D 305 5.08 -45.49 -37.42
C SER D 305 5.41 -45.98 -38.82
N LEU D 306 6.47 -45.46 -39.40
CA LEU D 306 6.79 -45.80 -40.78
C LEU D 306 6.98 -47.31 -40.92
N ARG D 307 7.73 -47.92 -40.01
CA ARG D 307 7.89 -49.37 -40.08
C ARG D 307 6.58 -50.09 -39.78
N ILE D 308 5.66 -49.45 -39.06
CA ILE D 308 4.35 -50.07 -38.85
C ILE D 308 3.59 -50.18 -40.17
N ILE D 309 3.65 -49.12 -40.97
CA ILE D 309 3.10 -49.20 -42.33
C ILE D 309 3.80 -50.29 -43.13
N ASP D 310 5.09 -50.48 -42.90
CA ASP D 310 5.78 -51.57 -43.61
C ASP D 310 5.12 -52.91 -43.29
N GLN D 311 5.00 -53.23 -42.01
CA GLN D 311 4.43 -54.52 -41.62
C GLN D 311 3.03 -54.69 -42.21
N CYS D 312 2.16 -53.71 -41.97
CA CYS D 312 0.76 -53.86 -42.35
C CYS D 312 0.60 -53.90 -43.86
N LEU D 313 1.19 -52.93 -44.56
CA LEU D 313 1.02 -52.87 -46.00
C LEU D 313 1.61 -54.08 -46.70
N ASN D 314 2.56 -54.77 -46.05
CA ASN D 314 3.16 -55.95 -46.66
C ASN D 314 2.25 -57.17 -46.52
N GLN D 315 1.56 -57.29 -45.38
CA GLN D 315 0.81 -58.48 -45.03
C GLN D 315 -0.67 -58.38 -45.33
N MET D 316 -1.10 -57.34 -46.04
CA MET D 316 -2.53 -57.08 -46.17
C MET D 316 -3.24 -58.28 -46.79
N PRO D 317 -4.23 -58.85 -46.14
CA PRO D 317 -4.93 -60.00 -46.72
C PRO D 317 -6.13 -59.55 -47.54
N ALA D 318 -6.61 -60.47 -48.38
CA ALA D 318 -7.80 -60.23 -49.18
C ALA D 318 -9.02 -60.42 -48.30
N GLY D 319 -10.21 -60.44 -48.90
CA GLY D 319 -11.44 -60.71 -48.20
C GLY D 319 -12.34 -59.50 -48.17
N GLU D 320 -13.41 -59.62 -47.38
CA GLU D 320 -14.40 -58.56 -47.32
C GLU D 320 -13.83 -57.34 -46.62
N ILE D 321 -14.59 -56.24 -46.69
CA ILE D 321 -14.16 -54.96 -46.17
C ILE D 321 -15.22 -54.39 -45.26
N LYS D 322 -15.99 -55.25 -44.61
CA LYS D 322 -17.10 -54.74 -43.83
C LYS D 322 -17.66 -55.88 -42.99
N THR D 323 -18.16 -55.55 -41.80
CA THR D 323 -18.77 -56.57 -40.96
C THR D 323 -19.92 -57.22 -41.71
N ASP D 324 -20.04 -58.53 -41.54
CA ASP D 324 -21.00 -59.31 -42.29
C ASP D 324 -22.46 -58.99 -41.93
N ASP D 325 -22.70 -58.29 -40.84
CA ASP D 325 -24.07 -58.10 -40.36
C ASP D 325 -24.70 -56.96 -41.16
N ALA D 326 -25.54 -57.31 -42.13
CA ALA D 326 -26.21 -56.28 -42.91
C ALA D 326 -27.21 -55.48 -42.08
N LYS D 327 -27.58 -55.96 -40.90
CA LYS D 327 -28.40 -55.15 -40.00
C LYS D 327 -27.60 -54.06 -39.30
N VAL D 328 -26.28 -54.07 -39.42
CA VAL D 328 -25.42 -53.11 -38.73
C VAL D 328 -24.77 -52.14 -39.71
N ALA D 329 -24.14 -52.66 -40.74
CA ALA D 329 -23.56 -51.84 -41.77
C ALA D 329 -24.41 -51.91 -43.02
N PRO D 330 -24.43 -50.85 -43.85
CA PRO D 330 -25.34 -50.85 -44.97
C PRO D 330 -24.95 -51.89 -45.99
N PRO D 331 -25.89 -52.39 -46.77
CA PRO D 331 -25.55 -53.33 -47.84
C PRO D 331 -24.97 -52.60 -49.04
N SER D 332 -24.37 -53.36 -49.94
CA SER D 332 -23.82 -52.79 -51.15
C SER D 332 -24.95 -52.43 -52.11
N ARG D 333 -24.67 -51.47 -52.99
CA ARG D 333 -25.69 -51.03 -53.94
C ARG D 333 -26.08 -52.16 -54.88
N SER D 334 -25.12 -52.95 -55.35
CA SER D 334 -25.42 -54.01 -56.29
C SER D 334 -26.45 -54.96 -55.72
N GLU D 335 -26.23 -55.45 -54.50
CA GLU D 335 -27.22 -56.30 -53.85
C GLU D 335 -28.49 -55.54 -53.55
N MET D 336 -28.37 -54.25 -53.23
CA MET D 336 -29.54 -53.46 -52.85
C MET D 336 -30.57 -53.44 -53.97
N LYS D 337 -30.13 -53.17 -55.19
CA LYS D 337 -31.06 -52.94 -56.28
C LYS D 337 -31.72 -54.21 -56.78
N THR D 338 -31.39 -55.36 -56.22
CA THR D 338 -31.97 -56.62 -56.67
C THR D 338 -32.75 -57.33 -55.58
N SER D 339 -32.12 -57.63 -54.45
CA SER D 339 -32.78 -58.39 -53.41
C SER D 339 -33.68 -57.50 -52.57
N MET D 340 -34.54 -58.12 -51.78
CA MET D 340 -35.58 -57.36 -51.10
C MET D 340 -35.11 -56.85 -49.74
N GLU D 341 -34.78 -57.74 -48.82
CA GLU D 341 -34.40 -57.27 -47.49
C GLU D 341 -33.11 -56.46 -47.52
N ALA D 342 -32.30 -56.60 -48.56
CA ALA D 342 -31.22 -55.65 -48.73
C ALA D 342 -31.78 -54.25 -48.88
N LEU D 343 -32.84 -54.09 -49.66
CA LEU D 343 -33.46 -52.79 -49.81
C LEU D 343 -34.09 -52.33 -48.50
N ILE D 344 -34.76 -53.23 -47.79
CA ILE D 344 -35.34 -52.84 -46.51
C ILE D 344 -34.24 -52.37 -45.58
N HIS D 345 -33.16 -53.14 -45.51
CA HIS D 345 -32.07 -52.79 -44.62
C HIS D 345 -31.41 -51.50 -45.06
N HIS D 346 -31.21 -51.34 -46.37
CA HIS D 346 -30.77 -50.06 -46.86
C HIS D 346 -31.74 -48.97 -46.45
N PHE D 347 -33.03 -49.23 -46.58
CA PHE D 347 -34.02 -48.22 -46.23
C PHE D 347 -33.96 -47.89 -44.74
N LYS D 348 -34.04 -48.92 -43.89
CA LYS D 348 -34.18 -48.66 -42.47
C LYS D 348 -32.90 -48.10 -41.85
N LEU D 349 -31.74 -48.58 -42.30
CA LEU D 349 -30.49 -48.10 -41.74
C LEU D 349 -30.31 -46.61 -42.03
N PHE D 350 -30.62 -46.20 -43.26
CA PHE D 350 -30.38 -44.81 -43.61
C PHE D 350 -31.42 -43.87 -43.04
N THR D 351 -32.64 -44.36 -42.78
CA THR D 351 -33.66 -43.49 -42.22
C THR D 351 -33.66 -43.55 -40.69
N GLN D 352 -33.66 -44.75 -40.11
CA GLN D 352 -33.79 -44.90 -38.68
C GLN D 352 -32.50 -45.27 -37.99
N GLY D 353 -31.52 -45.77 -38.70
CA GLY D 353 -30.36 -46.27 -38.04
C GLY D 353 -30.70 -47.58 -37.36
N TYR D 354 -29.78 -48.03 -36.52
CA TYR D 354 -29.85 -49.35 -35.91
C TYR D 354 -29.93 -49.18 -34.40
N GLN D 355 -30.90 -49.84 -33.80
CA GLN D 355 -30.99 -49.83 -32.34
C GLN D 355 -29.70 -50.40 -31.76
N VAL D 356 -29.14 -49.72 -30.79
CA VAL D 356 -27.93 -50.16 -30.10
C VAL D 356 -28.36 -50.65 -28.72
N PRO D 357 -27.96 -51.84 -28.29
CA PRO D 357 -28.46 -52.37 -27.02
C PRO D 357 -28.15 -51.42 -25.87
N PRO D 358 -29.06 -51.25 -24.91
CA PRO D 358 -28.82 -50.27 -23.85
C PRO D 358 -27.52 -50.54 -23.13
N GLY D 359 -26.85 -49.47 -22.73
CA GLY D 359 -25.64 -49.62 -21.95
C GLY D 359 -24.78 -48.39 -22.06
N ALA D 360 -23.82 -48.32 -21.15
CA ALA D 360 -22.76 -47.33 -21.17
C ALA D 360 -21.44 -48.04 -21.41
N THR D 361 -20.58 -47.43 -22.20
CA THR D 361 -19.28 -48.02 -22.49
C THR D 361 -18.27 -46.91 -22.71
N TYR D 362 -17.03 -47.19 -22.33
CA TYR D 362 -15.93 -46.27 -22.57
C TYR D 362 -14.92 -46.93 -23.49
N THR D 363 -14.24 -46.10 -24.27
CA THR D 363 -13.16 -46.59 -25.11
C THR D 363 -12.13 -45.48 -25.28
N ALA D 364 -10.91 -45.90 -25.61
CA ALA D 364 -9.80 -44.99 -25.78
C ALA D 364 -8.90 -45.53 -26.88
N ILE D 365 -8.14 -44.62 -27.49
CA ILE D 365 -7.26 -44.97 -28.59
C ILE D 365 -6.01 -44.12 -28.50
N GLU D 366 -4.90 -44.66 -28.97
CA GLU D 366 -3.64 -43.93 -28.93
C GLU D 366 -3.63 -42.92 -30.08
N ALA D 367 -4.47 -41.91 -29.93
CA ALA D 367 -4.47 -40.81 -30.86
C ALA D 367 -3.17 -40.02 -30.73
N PRO D 368 -2.75 -39.32 -31.78
CA PRO D 368 -1.44 -38.66 -31.73
C PRO D 368 -1.32 -37.66 -30.60
N LYS D 369 -2.38 -36.93 -30.30
CA LYS D 369 -2.33 -36.02 -29.16
C LYS D 369 -2.22 -36.77 -27.85
N GLY D 370 -2.74 -37.98 -27.80
CA GLY D 370 -2.72 -38.79 -26.61
C GLY D 370 -3.92 -39.73 -26.60
N GLU D 371 -4.33 -40.11 -25.39
CA GLU D 371 -5.45 -41.02 -25.21
C GLU D 371 -6.74 -40.26 -25.42
N PHE D 372 -7.20 -40.21 -26.66
CA PHE D 372 -8.49 -39.64 -26.99
C PHE D 372 -9.55 -40.68 -26.67
N GLY D 373 -10.61 -40.26 -25.98
CA GLY D 373 -11.61 -41.20 -25.51
C GLY D 373 -13.01 -40.65 -25.66
N VAL D 374 -13.95 -41.57 -25.84
CA VAL D 374 -15.37 -41.25 -25.95
C VAL D 374 -16.13 -42.12 -24.98
N TYR D 375 -16.89 -41.49 -24.09
CA TYR D 375 -17.76 -42.20 -23.16
C TYR D 375 -19.17 -42.10 -23.71
N LEU D 376 -19.70 -43.23 -24.16
CA LEU D 376 -20.94 -43.27 -24.92
C LEU D 376 -21.98 -44.05 -24.14
N ILE D 377 -23.17 -43.48 -24.00
CA ILE D 377 -24.27 -44.10 -23.27
C ILE D 377 -25.45 -44.22 -24.22
N SER D 378 -25.95 -45.43 -24.38
CA SER D 378 -27.05 -45.70 -25.29
C SER D 378 -28.26 -46.13 -24.49
N ASP D 379 -29.42 -45.57 -24.80
CA ASP D 379 -30.66 -45.87 -24.11
C ASP D 379 -31.44 -46.98 -24.76
N GLY D 380 -30.88 -47.64 -25.77
CA GLY D 380 -31.57 -48.70 -26.48
C GLY D 380 -32.20 -48.26 -27.78
N SER D 381 -32.42 -46.97 -27.96
CA SER D 381 -33.01 -46.46 -29.20
C SER D 381 -31.93 -46.41 -30.27
N SER D 382 -32.26 -45.79 -31.40
CA SER D 382 -31.31 -45.55 -32.47
C SER D 382 -30.55 -44.26 -32.30
N ARG D 383 -30.81 -43.52 -31.23
CA ARG D 383 -30.25 -42.19 -31.02
C ARG D 383 -29.37 -42.23 -29.78
N PRO D 384 -28.09 -41.86 -29.85
CA PRO D 384 -27.26 -41.90 -28.64
C PRO D 384 -27.83 -41.00 -27.56
N TYR D 385 -27.72 -41.45 -26.32
CA TYR D 385 -28.28 -40.72 -25.21
C TYR D 385 -27.32 -39.68 -24.66
N ARG D 386 -26.04 -39.97 -24.69
CA ARG D 386 -25.05 -39.05 -24.14
C ARG D 386 -23.70 -39.44 -24.69
N CYS D 387 -22.94 -38.47 -25.13
CA CYS D 387 -21.65 -38.73 -25.77
C CYS D 387 -20.65 -37.71 -25.24
N LYS D 388 -19.97 -38.07 -24.15
CA LYS D 388 -18.91 -37.24 -23.62
C LYS D 388 -17.59 -37.67 -24.23
N ILE D 389 -16.75 -36.69 -24.54
CA ILE D 389 -15.52 -36.89 -25.29
C ILE D 389 -14.38 -36.35 -24.46
N LYS D 390 -13.39 -37.20 -24.18
CA LYS D 390 -12.21 -36.79 -23.43
C LYS D 390 -11.06 -36.61 -24.41
N ALA D 391 -10.75 -35.37 -24.71
CA ALA D 391 -9.62 -35.07 -25.57
C ALA D 391 -8.38 -34.84 -24.73
N PRO D 392 -7.22 -35.40 -25.10
CA PRO D 392 -6.04 -35.23 -24.22
C PRO D 392 -5.68 -33.79 -24.00
N GLY D 393 -5.90 -32.93 -24.99
CA GLY D 393 -5.53 -31.54 -24.84
C GLY D 393 -6.17 -30.88 -23.64
N PHE D 394 -7.33 -31.39 -23.20
CA PHE D 394 -8.02 -30.81 -22.06
C PHE D 394 -7.12 -30.78 -20.84
N ALA D 395 -6.76 -31.95 -20.32
CA ALA D 395 -5.91 -31.99 -19.14
C ALA D 395 -4.55 -31.40 -19.44
N HIS D 396 -4.03 -31.67 -20.63
CA HIS D 396 -2.71 -31.15 -20.99
C HIS D 396 -2.65 -29.63 -20.85
N LEU D 397 -3.74 -28.94 -21.10
CA LEU D 397 -3.72 -27.48 -21.03
C LEU D 397 -4.00 -26.97 -19.63
N ALA D 398 -4.84 -27.65 -18.86
CA ALA D 398 -5.07 -27.23 -17.48
C ALA D 398 -3.76 -27.15 -16.72
N ALA D 399 -2.85 -28.10 -16.96
CA ALA D 399 -1.58 -28.09 -16.28
C ALA D 399 -0.72 -26.90 -16.65
N LEU D 400 -1.06 -26.18 -17.72
CA LEU D 400 -0.24 -25.06 -18.14
C LEU D 400 -0.15 -24.02 -17.04
N GLU D 401 -1.26 -23.77 -16.36
CA GLU D 401 -1.27 -22.75 -15.30
C GLU D 401 -0.18 -23.01 -14.29
N LYS D 402 0.18 -24.27 -14.07
CA LYS D 402 1.29 -24.63 -13.22
C LYS D 402 2.59 -24.78 -13.99
N ILE D 403 2.54 -25.30 -15.21
CA ILE D 403 3.77 -25.54 -15.97
C ILE D 403 4.43 -24.22 -16.32
N GLY D 404 3.64 -23.21 -16.66
CA GLY D 404 4.17 -21.95 -17.14
C GLY D 404 4.66 -21.02 -16.08
N LYS D 405 4.59 -21.41 -14.82
CA LYS D 405 4.95 -20.51 -13.73
C LYS D 405 6.42 -20.09 -13.86
N GLN D 406 6.64 -18.78 -13.94
CA GLN D 406 7.92 -18.09 -13.85
C GLN D 406 8.74 -18.18 -15.13
N HIS D 407 8.34 -18.94 -16.14
CA HIS D 407 9.13 -18.96 -17.35
C HIS D 407 8.92 -17.67 -18.13
N MET D 408 9.80 -17.43 -19.09
CA MET D 408 9.67 -16.22 -19.87
C MET D 408 8.48 -16.33 -20.81
N LEU D 409 8.07 -15.19 -21.39
CA LEU D 409 6.93 -15.20 -22.29
C LEU D 409 7.21 -16.09 -23.50
N ALA D 410 8.40 -15.98 -24.08
CA ALA D 410 8.74 -16.83 -25.22
C ALA D 410 8.63 -18.30 -24.85
N ASP D 411 8.99 -18.64 -23.62
CA ASP D 411 8.88 -20.01 -23.17
C ASP D 411 7.42 -20.46 -23.15
N VAL D 412 6.52 -19.58 -22.74
CA VAL D 412 5.11 -19.94 -22.65
C VAL D 412 4.58 -20.34 -24.02
N VAL D 413 4.88 -19.54 -25.03
CA VAL D 413 4.40 -19.85 -26.38
C VAL D 413 4.95 -21.20 -26.83
N ALA D 414 6.24 -21.42 -26.64
CA ALA D 414 6.81 -22.71 -27.02
C ALA D 414 6.18 -23.84 -26.23
N ILE D 415 5.76 -23.57 -24.99
CA ILE D 415 5.10 -24.60 -24.19
C ILE D 415 3.75 -24.96 -24.78
N ILE D 416 3.00 -23.95 -25.22
CA ILE D 416 1.72 -24.20 -25.87
C ILE D 416 1.93 -25.09 -27.10
N GLY D 417 2.99 -24.81 -27.86
CA GLY D 417 3.27 -25.64 -29.02
C GLY D 417 3.53 -27.09 -28.65
N THR D 418 4.40 -27.32 -27.66
CA THR D 418 4.77 -28.69 -27.32
C THR D 418 3.62 -29.43 -26.67
N LEU D 419 2.73 -28.70 -25.99
CA LEU D 419 1.46 -29.30 -25.60
C LEU D 419 0.74 -29.84 -26.83
N ASP D 420 0.88 -29.16 -27.96
CA ASP D 420 0.19 -29.54 -29.19
C ASP D 420 -1.31 -29.64 -28.94
N VAL D 421 -1.84 -28.68 -28.20
CA VAL D 421 -3.27 -28.68 -27.93
C VAL D 421 -3.96 -28.11 -29.17
N VAL D 422 -4.28 -28.99 -30.11
CA VAL D 422 -5.16 -28.62 -31.20
C VAL D 422 -6.53 -28.33 -30.63
N PHE D 423 -7.24 -27.43 -31.29
CA PHE D 423 -8.52 -26.96 -30.79
C PHE D 423 -9.68 -27.64 -31.50
N GLY D 424 -10.87 -27.41 -30.97
CA GLY D 424 -12.04 -28.20 -31.31
C GLY D 424 -12.19 -29.33 -30.33
N GLU D 425 -11.12 -30.07 -30.09
CA GLU D 425 -11.18 -31.18 -29.15
C GLU D 425 -11.26 -30.70 -27.72
N ILE D 426 -10.85 -29.47 -27.45
CA ILE D 426 -10.81 -28.96 -26.08
C ILE D 426 -12.16 -28.42 -25.66
N ASP D 427 -12.78 -27.64 -26.53
CA ASP D 427 -14.07 -27.03 -26.29
C ASP D 427 -14.98 -27.36 -27.46
N ARG D 428 -16.19 -27.80 -27.15
CA ARG D 428 -17.05 -28.38 -28.15
C ARG D 428 -18.46 -28.52 -27.59
N ASP E 1 -52.63 -68.09 -68.85
CA ASP E 1 -53.66 -67.28 -69.50
C ASP E 1 -54.87 -67.15 -68.60
N ASN E 2 -55.09 -68.13 -67.73
CA ASN E 2 -56.21 -68.06 -66.81
C ASN E 2 -56.14 -66.77 -66.01
N LEU E 3 -57.25 -66.05 -65.97
CA LEU E 3 -57.32 -64.74 -65.34
C LEU E 3 -58.35 -64.77 -64.23
N PHE E 4 -57.97 -64.27 -63.06
CA PHE E 4 -58.88 -64.11 -61.95
C PHE E 4 -59.45 -62.69 -61.89
N VAL E 5 -59.57 -62.05 -63.05
CA VAL E 5 -60.22 -60.76 -63.18
C VAL E 5 -61.06 -60.81 -64.46
N HIS E 6 -62.31 -60.40 -64.35
CA HIS E 6 -63.25 -60.50 -65.46
C HIS E 6 -63.54 -59.11 -66.00
N ARG E 7 -63.62 -59.03 -67.32
CA ARG E 7 -63.94 -57.80 -68.02
C ARG E 7 -65.18 -58.02 -68.86
N ASP E 8 -65.96 -56.98 -69.06
CA ASP E 8 -67.20 -57.15 -69.81
C ASP E 8 -66.90 -57.35 -71.29
N THR E 9 -66.73 -58.59 -71.69
CA THR E 9 -66.56 -58.91 -73.10
C THR E 9 -67.93 -59.07 -73.75
N PRO E 10 -68.01 -58.97 -75.08
CA PRO E 10 -69.30 -59.21 -75.73
C PRO E 10 -69.86 -60.59 -75.45
N GLU E 11 -69.00 -61.60 -75.40
CA GLU E 11 -69.45 -62.98 -75.23
C GLU E 11 -69.71 -63.31 -73.76
N ASP E 12 -69.02 -62.63 -72.85
CA ASP E 12 -69.17 -62.86 -71.42
C ASP E 12 -69.47 -61.53 -70.76
N ASN E 13 -70.68 -61.35 -70.26
CA ASN E 13 -71.06 -60.09 -69.66
C ASN E 13 -72.43 -60.22 -69.01
N PRO E 14 -72.73 -59.45 -67.96
CA PRO E 14 -74.01 -59.61 -67.28
C PRO E 14 -75.19 -59.29 -68.17
N ASN E 15 -75.01 -58.45 -69.19
CA ASN E 15 -76.11 -58.13 -70.09
C ASN E 15 -76.69 -59.39 -70.72
N ILE E 16 -75.88 -60.42 -70.92
CA ILE E 16 -76.38 -61.65 -71.53
C ILE E 16 -77.48 -62.23 -70.64
N PRO E 17 -78.61 -62.67 -71.19
CA PRO E 17 -79.64 -63.28 -70.34
C PRO E 17 -79.40 -64.76 -70.09
N PHE E 18 -79.31 -65.14 -68.82
CA PHE E 18 -79.26 -66.53 -68.41
C PHE E 18 -80.40 -66.80 -67.46
N GLU E 19 -80.99 -67.97 -67.57
CA GLU E 19 -82.04 -68.37 -66.65
C GLU E 19 -82.15 -69.88 -66.65
N PHE E 20 -82.57 -70.43 -65.52
CA PHE E 20 -82.72 -71.86 -65.39
C PHE E 20 -83.99 -72.32 -66.09
N THR E 21 -83.82 -73.20 -67.07
CA THR E 21 -84.97 -73.77 -67.77
C THR E 21 -85.80 -74.61 -66.82
N ALA E 22 -87.08 -74.76 -67.15
CA ALA E 22 -88.04 -75.35 -66.24
C ALA E 22 -87.56 -76.70 -65.71
N GLU E 23 -86.94 -77.51 -66.57
CA GLU E 23 -86.38 -78.77 -66.09
C GLU E 23 -85.39 -78.53 -64.97
N ASN E 24 -84.42 -77.64 -65.20
CA ASN E 24 -83.44 -77.36 -64.16
C ASN E 24 -84.08 -76.69 -62.96
N LYS E 25 -85.13 -75.90 -63.18
CA LYS E 25 -85.78 -75.22 -62.07
C LYS E 25 -86.28 -76.22 -61.04
N LYS E 26 -86.90 -77.31 -61.51
CA LYS E 26 -87.31 -78.36 -60.57
C LYS E 26 -86.12 -78.91 -59.82
N ARG E 27 -85.03 -79.19 -60.53
CA ARG E 27 -83.84 -79.75 -59.90
C ARG E 27 -83.30 -78.79 -58.84
N VAL E 28 -83.33 -77.50 -59.15
CA VAL E 28 -82.85 -76.49 -58.20
C VAL E 28 -83.68 -76.53 -56.93
N GLU E 29 -85.01 -76.60 -57.08
CA GLU E 29 -85.86 -76.70 -55.90
C GLU E 29 -85.55 -77.95 -55.11
N ALA E 30 -85.39 -79.08 -55.79
CA ALA E 30 -85.14 -80.34 -55.08
C ALA E 30 -83.78 -80.31 -54.40
N ILE E 31 -82.76 -79.77 -55.06
CA ILE E 31 -81.40 -79.87 -54.52
C ILE E 31 -81.21 -78.93 -53.34
N LEU E 32 -81.91 -77.80 -53.31
CA LEU E 32 -81.70 -76.86 -52.22
C LEU E 32 -82.00 -77.49 -50.87
N SER E 33 -82.92 -78.44 -50.83
CA SER E 33 -83.50 -78.89 -49.57
C SER E 33 -82.67 -79.95 -48.86
N ILE E 34 -81.49 -80.28 -49.36
CA ILE E 34 -80.63 -81.25 -48.69
C ILE E 34 -79.70 -80.53 -47.72
N TYR E 35 -79.95 -79.23 -47.50
CA TYR E 35 -79.15 -78.43 -46.59
C TYR E 35 -80.03 -77.85 -45.49
N PRO E 36 -79.56 -77.81 -44.25
CA PRO E 36 -80.42 -77.33 -43.17
C PRO E 36 -80.84 -75.89 -43.39
N GLU E 37 -82.02 -75.55 -42.87
CA GLU E 37 -82.66 -74.27 -43.18
C GLU E 37 -81.72 -73.10 -42.95
N GLY E 38 -80.94 -73.14 -41.88
CA GLY E 38 -80.07 -72.02 -41.58
C GLY E 38 -79.06 -71.77 -42.68
N HIS E 39 -78.41 -72.83 -43.14
CA HIS E 39 -77.24 -72.70 -44.02
C HIS E 39 -77.59 -73.22 -45.40
N LYS E 40 -78.21 -72.36 -46.20
CA LYS E 40 -78.47 -72.70 -47.59
C LYS E 40 -77.28 -72.40 -48.48
N ARG E 41 -76.25 -71.75 -47.95
CA ARG E 41 -75.10 -71.37 -48.77
C ARG E 41 -74.29 -72.57 -49.22
N GLY E 42 -74.49 -73.73 -48.61
CA GLY E 42 -73.73 -74.90 -48.98
C GLY E 42 -74.12 -75.48 -50.32
N ALA E 43 -75.33 -75.21 -50.78
CA ALA E 43 -75.79 -75.75 -52.06
C ALA E 43 -75.18 -75.01 -53.24
N MET E 44 -74.43 -73.94 -53.01
CA MET E 44 -73.99 -73.08 -54.10
C MET E 44 -73.19 -73.84 -55.14
N ILE E 45 -72.22 -74.64 -54.69
CA ILE E 45 -71.38 -75.37 -55.65
C ILE E 45 -72.21 -76.28 -56.52
N PRO E 46 -73.13 -77.09 -56.00
CA PRO E 46 -74.02 -77.84 -56.90
C PRO E 46 -74.78 -76.96 -57.86
N LEU E 47 -75.25 -75.80 -57.40
CA LEU E 47 -75.98 -74.91 -58.30
C LEU E 47 -75.09 -74.42 -59.43
N LEU E 48 -73.86 -74.01 -59.10
CA LEU E 48 -72.95 -73.57 -60.16
C LEU E 48 -72.67 -74.70 -61.12
N ASP E 49 -72.48 -75.91 -60.59
CA ASP E 49 -72.35 -77.08 -61.45
C ASP E 49 -73.50 -77.17 -62.44
N LEU E 50 -74.72 -77.08 -61.94
CA LEU E 50 -75.87 -77.23 -62.82
C LEU E 50 -75.88 -76.15 -63.88
N ALA E 51 -75.60 -74.91 -63.48
CA ALA E 51 -75.59 -73.81 -64.45
C ALA E 51 -74.56 -74.07 -65.53
N GLN E 52 -73.34 -74.46 -65.13
CA GLN E 52 -72.33 -74.78 -66.12
C GLN E 52 -72.78 -75.92 -67.02
N ARG E 53 -73.42 -76.91 -66.43
CA ARG E 53 -73.82 -78.08 -67.21
C ARG E 53 -74.87 -77.72 -68.24
N GLN E 54 -75.82 -76.87 -67.85
CA GLN E 54 -76.83 -76.42 -68.79
C GLN E 54 -76.21 -75.61 -69.93
N TYR E 55 -75.33 -74.68 -69.58
CA TYR E 55 -74.84 -73.69 -70.53
C TYR E 55 -73.66 -74.20 -71.33
N GLY E 56 -72.75 -74.94 -70.70
CA GLY E 56 -71.49 -75.35 -71.30
C GLY E 56 -70.30 -74.61 -70.77
N TRP E 57 -70.52 -73.48 -70.10
CA TRP E 57 -69.47 -72.75 -69.39
C TRP E 57 -70.19 -71.72 -68.54
N LEU E 58 -69.43 -71.05 -67.67
CA LEU E 58 -70.03 -70.13 -66.71
C LEU E 58 -69.98 -68.71 -67.24
N PRO E 59 -71.11 -68.07 -67.53
CA PRO E 59 -71.11 -66.63 -67.73
C PRO E 59 -71.33 -65.90 -66.43
N ILE E 60 -70.86 -64.65 -66.38
CA ILE E 60 -71.01 -63.88 -65.16
C ILE E 60 -72.47 -63.70 -64.78
N SER E 61 -73.35 -63.64 -65.77
CA SER E 61 -74.77 -63.56 -65.47
C SER E 61 -75.23 -64.79 -64.69
N ALA E 62 -74.66 -65.95 -65.01
CA ALA E 62 -75.01 -67.16 -64.29
C ALA E 62 -74.62 -67.05 -62.83
N MET E 63 -73.42 -66.53 -62.55
CA MET E 63 -73.02 -66.33 -61.17
C MET E 63 -73.97 -65.38 -60.46
N HIS E 64 -74.38 -64.31 -61.14
CA HIS E 64 -75.41 -63.44 -60.58
C HIS E 64 -76.67 -64.22 -60.29
N LYS E 65 -77.06 -65.11 -61.19
CA LYS E 65 -78.30 -65.85 -61.00
C LYS E 65 -78.25 -66.70 -59.75
N VAL E 66 -77.14 -67.39 -59.52
CA VAL E 66 -77.01 -68.19 -58.31
C VAL E 66 -77.03 -67.28 -57.08
N ALA E 67 -76.34 -66.15 -57.15
CA ALA E 67 -76.35 -65.22 -56.02
C ALA E 67 -77.76 -64.74 -55.73
N GLU E 68 -78.54 -64.48 -56.78
CA GLU E 68 -79.91 -64.02 -56.57
C GLU E 68 -80.74 -65.11 -55.90
N ILE E 69 -80.51 -66.37 -56.29
CA ILE E 69 -81.25 -67.46 -55.68
C ILE E 69 -81.03 -67.48 -54.17
N LEU E 70 -79.77 -67.42 -53.75
CA LEU E 70 -79.39 -67.63 -52.38
C LEU E 70 -79.39 -66.35 -51.55
N GLN E 71 -79.66 -65.20 -52.16
CA GLN E 71 -79.76 -63.93 -51.44
C GLN E 71 -78.48 -63.61 -50.66
N LEU E 72 -77.36 -63.59 -51.36
CA LEU E 72 -76.08 -63.24 -50.78
C LEU E 72 -75.33 -62.34 -51.76
N PRO E 73 -74.32 -61.62 -51.29
CA PRO E 73 -73.61 -60.69 -52.19
C PRO E 73 -72.98 -61.43 -53.35
N ASN E 74 -72.92 -60.73 -54.48
CA ASN E 74 -72.38 -61.36 -55.68
C ASN E 74 -70.92 -61.72 -55.54
N MET E 75 -70.19 -61.09 -54.60
CA MET E 75 -68.78 -61.38 -54.48
C MET E 75 -68.54 -62.78 -53.95
N ARG E 76 -69.36 -63.25 -53.01
CA ARG E 76 -69.13 -64.58 -52.46
C ARG E 76 -69.23 -65.65 -53.53
N VAL E 77 -70.20 -65.55 -54.43
CA VAL E 77 -70.28 -66.52 -55.51
C VAL E 77 -69.04 -66.43 -56.38
N TYR E 78 -68.58 -65.21 -56.65
CA TYR E 78 -67.35 -65.06 -57.44
C TYR E 78 -66.19 -65.75 -56.77
N GLU E 79 -66.07 -65.59 -55.45
CA GLU E 79 -64.98 -66.21 -54.72
C GLU E 79 -64.91 -67.70 -54.99
N VAL E 80 -66.03 -68.39 -54.82
CA VAL E 80 -66.05 -69.84 -55.01
C VAL E 80 -65.93 -70.18 -56.48
N ALA E 81 -66.69 -69.51 -57.33
CA ALA E 81 -66.69 -69.87 -58.74
C ALA E 81 -65.32 -69.68 -59.37
N THR E 82 -64.46 -68.89 -58.75
CA THR E 82 -63.09 -68.74 -59.20
C THR E 82 -62.15 -69.74 -58.56
N PHE E 83 -62.48 -70.21 -57.36
CA PHE E 83 -61.58 -71.12 -56.67
C PHE E 83 -61.49 -72.47 -57.37
N TYR E 84 -62.63 -73.08 -57.68
CA TYR E 84 -62.65 -74.47 -58.10
C TYR E 84 -62.32 -74.60 -59.57
N THR E 85 -61.47 -75.57 -59.89
CA THR E 85 -60.72 -75.51 -61.14
C THR E 85 -61.62 -75.64 -62.36
N MET E 86 -62.53 -76.61 -62.37
CA MET E 86 -63.28 -76.88 -63.59
C MET E 86 -64.43 -75.93 -63.84
N PHE E 87 -64.65 -74.95 -62.96
CA PHE E 87 -65.67 -73.96 -63.22
C PHE E 87 -65.19 -73.01 -64.31
N MET E 88 -65.18 -73.50 -65.54
CA MET E 88 -64.61 -72.75 -66.66
C MET E 88 -65.36 -71.44 -66.86
N ARG E 89 -64.69 -70.33 -66.58
CA ARG E 89 -65.27 -69.01 -66.67
C ARG E 89 -65.13 -68.40 -68.05
N LYS E 90 -64.60 -69.15 -69.01
CA LYS E 90 -64.45 -68.75 -70.38
C LYS E 90 -65.19 -69.73 -71.27
N PRO E 91 -65.60 -69.32 -72.48
CA PRO E 91 -66.29 -70.26 -73.37
C PRO E 91 -65.46 -71.52 -73.58
N THR E 92 -65.98 -72.65 -73.10
CA THR E 92 -65.22 -73.89 -73.14
C THR E 92 -65.24 -74.52 -74.52
N GLY E 93 -66.42 -74.89 -74.99
CA GLY E 93 -66.59 -75.65 -76.21
C GLY E 93 -67.35 -76.95 -75.96
N LYS E 94 -67.52 -77.70 -77.05
CA LYS E 94 -68.33 -78.91 -76.96
C LYS E 94 -67.64 -79.96 -76.11
N TYR E 95 -66.48 -80.43 -76.55
CA TYR E 95 -65.72 -81.44 -75.83
C TYR E 95 -64.49 -80.81 -75.20
N HIS E 96 -64.13 -81.29 -74.02
CA HIS E 96 -63.07 -80.72 -73.20
C HIS E 96 -62.07 -81.82 -72.86
N ILE E 97 -61.11 -82.03 -73.74
CA ILE E 97 -60.13 -83.08 -73.52
C ILE E 97 -59.26 -82.72 -72.33
N GLN E 98 -59.15 -83.64 -71.39
CA GLN E 98 -58.35 -83.45 -70.18
C GLN E 98 -57.36 -84.59 -70.08
N VAL E 99 -56.07 -84.25 -69.99
CA VAL E 99 -55.01 -85.24 -69.99
C VAL E 99 -54.25 -85.10 -68.67
N CYS E 100 -54.16 -86.19 -67.93
CA CYS E 100 -53.47 -86.16 -66.64
C CYS E 100 -51.99 -86.36 -66.92
N THR E 101 -51.24 -85.26 -66.83
CA THR E 101 -49.82 -85.28 -67.16
C THR E 101 -48.95 -85.30 -65.92
N THR E 102 -49.35 -86.05 -64.90
CA THR E 102 -48.55 -86.23 -63.70
C THR E 102 -48.16 -87.69 -63.56
N THR E 103 -47.19 -87.93 -62.70
CA THR E 103 -46.85 -89.30 -62.36
C THR E 103 -48.07 -89.99 -61.74
N PRO E 104 -48.32 -91.26 -62.05
CA PRO E 104 -47.56 -92.15 -62.92
C PRO E 104 -48.03 -92.11 -64.36
N CYS E 105 -49.03 -91.30 -64.67
CA CYS E 105 -49.43 -91.19 -66.07
C CYS E 105 -48.28 -90.66 -66.90
N TRP E 106 -47.56 -89.66 -66.39
CA TRP E 106 -46.37 -89.22 -67.10
C TRP E 106 -45.37 -90.37 -67.25
N LEU E 107 -45.24 -91.21 -66.22
CA LEU E 107 -44.28 -92.30 -66.29
C LEU E 107 -44.64 -93.27 -67.40
N ARG E 108 -45.91 -93.57 -67.55
CA ARG E 108 -46.36 -94.49 -68.58
C ARG E 108 -46.42 -93.85 -69.95
N GLY E 109 -45.94 -92.63 -70.10
CA GLY E 109 -45.77 -92.01 -71.37
C GLY E 109 -46.78 -90.94 -71.72
N SER E 110 -47.55 -90.46 -70.75
CA SER E 110 -48.68 -89.60 -71.08
C SER E 110 -48.27 -88.27 -71.70
N ASP E 111 -46.97 -87.99 -71.83
CA ASP E 111 -46.56 -86.89 -72.69
C ASP E 111 -46.86 -87.20 -74.15
N ASP E 112 -46.71 -88.47 -74.54
CA ASP E 112 -46.98 -88.88 -75.91
C ASP E 112 -48.38 -88.46 -76.34
N ILE E 113 -49.37 -88.84 -75.54
CA ILE E 113 -50.75 -88.64 -75.93
C ILE E 113 -51.05 -87.15 -76.06
N LEU E 114 -50.53 -86.34 -75.15
CA LEU E 114 -50.75 -84.90 -75.23
C LEU E 114 -50.14 -84.35 -76.50
N GLU E 115 -48.95 -84.81 -76.87
CA GLU E 115 -48.31 -84.34 -78.09
C GLU E 115 -49.19 -84.62 -79.30
N THR E 116 -49.77 -85.81 -79.38
CA THR E 116 -50.63 -86.14 -80.51
C THR E 116 -51.88 -85.29 -80.51
N CYS E 117 -52.47 -85.06 -79.34
CA CYS E 117 -53.72 -84.31 -79.26
C CYS E 117 -53.55 -82.94 -79.90
N LYS E 118 -52.48 -82.24 -79.54
CA LYS E 118 -52.20 -80.94 -80.15
C LYS E 118 -52.00 -81.08 -81.65
N LYS E 119 -51.33 -82.15 -82.08
CA LYS E 119 -51.07 -82.33 -83.50
C LYS E 119 -52.35 -82.38 -84.30
N GLN E 120 -53.32 -83.18 -83.85
CA GLN E 120 -54.47 -83.47 -84.69
C GLN E 120 -55.55 -82.41 -84.56
N LEU E 121 -55.73 -81.87 -83.36
CA LEU E 121 -56.69 -80.79 -83.19
C LEU E 121 -56.17 -79.47 -83.74
N GLY E 122 -54.86 -79.35 -83.92
CA GLY E 122 -54.25 -78.17 -84.50
C GLY E 122 -54.02 -77.02 -83.55
N ILE E 123 -54.34 -77.18 -82.26
CA ILE E 123 -54.17 -76.12 -81.28
C ILE E 123 -53.41 -76.66 -80.08
N GLY E 124 -52.83 -75.75 -79.30
CA GLY E 124 -52.00 -76.08 -78.17
C GLY E 124 -52.79 -76.22 -76.89
N VAL E 125 -52.05 -76.25 -75.78
CA VAL E 125 -52.66 -76.48 -74.48
C VAL E 125 -53.45 -75.24 -74.07
N GLY E 126 -54.47 -75.47 -73.25
CA GLY E 126 -55.27 -74.36 -72.74
C GLY E 126 -55.91 -73.56 -73.86
N ASP E 127 -56.32 -74.23 -74.92
CA ASP E 127 -56.81 -73.58 -76.12
C ASP E 127 -58.11 -74.23 -76.56
N THR E 128 -58.76 -73.58 -77.52
CA THR E 128 -59.99 -74.11 -78.11
C THR E 128 -60.04 -73.71 -79.58
N THR E 129 -60.57 -74.60 -80.40
CA THR E 129 -60.71 -74.30 -81.81
C THR E 129 -61.67 -73.13 -82.00
N LYS E 130 -61.56 -72.48 -83.16
CA LYS E 130 -62.59 -71.52 -83.55
C LYS E 130 -63.95 -72.19 -83.59
N ASP E 131 -63.99 -73.49 -83.88
CA ASP E 131 -65.22 -74.25 -83.85
C ASP E 131 -65.76 -74.36 -82.43
N ARG E 132 -64.89 -74.42 -81.44
CA ARG E 132 -65.22 -74.74 -80.06
C ARG E 132 -65.66 -76.19 -79.92
N LYS E 133 -65.48 -77.01 -80.94
CA LYS E 133 -65.76 -78.43 -80.78
C LYS E 133 -64.85 -79.06 -79.73
N PHE E 134 -63.61 -78.59 -79.64
CA PHE E 134 -62.60 -79.20 -78.80
C PHE E 134 -61.92 -78.15 -77.93
N THR E 135 -61.47 -78.59 -76.76
CA THR E 135 -60.70 -77.75 -75.85
C THR E 135 -59.66 -78.63 -75.18
N ILE E 136 -58.38 -78.41 -75.49
CA ILE E 136 -57.34 -79.16 -74.84
C ILE E 136 -57.18 -78.65 -73.41
N SER E 137 -56.75 -79.53 -72.52
CA SER E 137 -56.56 -79.15 -71.13
C SER E 137 -55.67 -80.17 -70.45
N GLU E 138 -54.95 -79.70 -69.45
CA GLU E 138 -54.17 -80.55 -68.57
C GLU E 138 -54.80 -80.56 -67.19
N VAL E 139 -54.72 -81.71 -66.54
CA VAL E 139 -55.16 -81.85 -65.15
C VAL E 139 -54.10 -82.66 -64.42
N GLU E 140 -54.07 -82.50 -63.10
CA GLU E 140 -53.09 -83.20 -62.31
C GLU E 140 -53.30 -84.71 -62.31
N CYS E 141 -54.37 -85.17 -61.66
CA CYS E 141 -54.68 -86.59 -61.55
C CYS E 141 -56.19 -86.76 -61.58
N LEU E 142 -56.67 -87.76 -62.30
CA LEU E 142 -58.09 -88.01 -62.45
C LEU E 142 -58.53 -89.27 -61.71
N GLY E 143 -57.77 -89.68 -60.71
CA GLY E 143 -58.15 -90.83 -59.91
C GLY E 143 -58.16 -92.14 -60.66
N ALA E 144 -57.57 -92.16 -61.85
CA ALA E 144 -57.40 -93.39 -62.62
C ALA E 144 -55.92 -93.70 -62.81
N CYS E 145 -55.08 -93.25 -61.88
CA CYS E 145 -53.64 -93.46 -62.02
C CYS E 145 -53.31 -94.90 -62.36
N VAL E 146 -54.13 -95.84 -61.90
CA VAL E 146 -53.81 -97.25 -62.07
C VAL E 146 -53.92 -97.64 -63.54
N ASN E 147 -54.93 -97.12 -64.24
CA ASN E 147 -55.13 -97.40 -65.65
C ASN E 147 -54.31 -96.47 -66.55
N ALA E 148 -53.22 -95.94 -66.04
CA ALA E 148 -52.40 -94.96 -66.74
C ALA E 148 -51.88 -95.53 -68.05
N PRO E 149 -51.69 -94.71 -69.09
CA PRO E 149 -52.09 -93.31 -69.23
C PRO E 149 -53.59 -93.21 -69.36
N MET E 150 -54.17 -92.01 -69.34
CA MET E 150 -55.60 -91.92 -69.49
C MET E 150 -56.03 -90.49 -69.78
N VAL E 151 -57.17 -90.37 -70.46
CA VAL E 151 -57.76 -89.10 -70.84
C VAL E 151 -59.23 -89.13 -70.46
N ALA E 152 -59.79 -87.95 -70.24
CA ALA E 152 -61.21 -87.78 -69.89
C ALA E 152 -61.82 -86.70 -70.77
N ILE E 153 -63.07 -86.90 -71.17
CA ILE E 153 -63.78 -85.96 -72.05
C ILE E 153 -65.14 -85.67 -71.43
N ASN E 154 -65.18 -84.68 -70.53
CA ASN E 154 -66.39 -84.04 -70.05
C ASN E 154 -67.31 -84.90 -69.20
N ASP E 155 -67.25 -86.22 -69.36
CA ASP E 155 -67.73 -87.17 -68.38
C ASP E 155 -66.86 -88.42 -68.37
N ASP E 156 -66.09 -88.59 -69.43
CA ASP E 156 -65.65 -89.89 -69.87
C ASP E 156 -64.32 -90.21 -69.26
N TYR E 157 -63.98 -91.49 -69.26
CA TYR E 157 -62.65 -91.93 -68.86
C TYR E 157 -62.16 -92.87 -69.95
N TYR E 158 -61.25 -92.38 -70.78
CA TYR E 158 -60.53 -93.21 -71.73
C TYR E 158 -59.14 -93.46 -71.15
N GLU E 159 -58.86 -94.71 -70.81
CA GLU E 159 -57.62 -95.10 -70.17
C GLU E 159 -56.91 -96.16 -71.00
N ASP E 160 -55.72 -96.54 -70.54
CA ASP E 160 -54.91 -97.54 -71.20
C ASP E 160 -54.64 -97.15 -72.64
N LEU E 161 -54.39 -95.86 -72.85
CA LEU E 161 -54.39 -95.28 -74.18
C LEU E 161 -53.00 -95.39 -74.81
N THR E 162 -52.85 -94.77 -75.98
CA THR E 162 -51.57 -94.60 -76.66
C THR E 162 -51.84 -93.66 -77.84
N SER E 163 -50.79 -93.37 -78.59
CA SER E 163 -50.93 -92.48 -79.74
C SER E 163 -51.90 -93.05 -80.75
N LYS E 164 -51.78 -94.34 -81.05
CA LYS E 164 -52.62 -94.98 -82.05
C LYS E 164 -54.09 -94.78 -81.75
N ASP E 165 -54.52 -95.15 -80.54
CA ASP E 165 -55.95 -95.09 -80.24
C ASP E 165 -56.44 -93.66 -80.14
N MET E 166 -55.58 -92.75 -79.66
CA MET E 166 -56.02 -91.36 -79.54
C MET E 166 -56.30 -90.79 -80.92
N GLN E 167 -55.46 -91.14 -81.90
CA GLN E 167 -55.75 -90.83 -83.29
C GLN E 167 -57.13 -91.32 -83.66
N ASP E 168 -57.41 -92.59 -83.38
CA ASP E 168 -58.72 -93.14 -83.68
C ASP E 168 -59.82 -92.39 -82.94
N ILE E 169 -59.61 -92.12 -81.65
CA ILE E 169 -60.63 -91.48 -80.85
C ILE E 169 -60.94 -90.09 -81.38
N LEU E 170 -59.90 -89.36 -81.78
CA LEU E 170 -60.12 -88.02 -82.29
C LEU E 170 -60.81 -88.05 -83.64
N ASN E 171 -60.44 -88.99 -84.49
CA ASN E 171 -61.14 -89.15 -85.75
C ASN E 171 -62.61 -89.46 -85.51
N ASP E 172 -62.89 -90.30 -84.50
CA ASP E 172 -64.27 -90.57 -84.14
C ASP E 172 -64.97 -89.30 -83.71
N LEU E 173 -64.38 -88.56 -82.77
CA LEU E 173 -65.02 -87.35 -82.29
C LEU E 173 -65.03 -86.27 -83.35
N LYS E 174 -64.05 -86.28 -84.25
CA LYS E 174 -64.13 -85.39 -85.41
C LYS E 174 -65.37 -85.69 -86.22
N ALA E 175 -65.67 -86.98 -86.42
CA ALA E 175 -66.91 -87.37 -87.09
C ALA E 175 -68.13 -87.14 -86.20
N ASP E 176 -67.93 -86.95 -84.90
CA ASP E 176 -69.01 -86.68 -83.95
C ASP E 176 -69.82 -87.93 -83.62
N LYS E 177 -69.20 -89.11 -83.73
CA LYS E 177 -69.86 -90.37 -83.43
C LYS E 177 -69.54 -90.79 -82.00
N ILE E 178 -70.51 -91.47 -81.37
CA ILE E 178 -70.32 -91.91 -80.00
C ILE E 178 -69.11 -92.82 -79.92
N SER E 179 -68.33 -92.67 -78.85
CA SER E 179 -67.17 -93.51 -78.58
C SER E 179 -67.38 -94.28 -77.28
N PRO E 180 -66.89 -95.52 -77.19
CA PRO E 180 -67.06 -96.27 -75.96
C PRO E 180 -65.98 -95.91 -74.95
N PRO E 181 -66.32 -95.25 -73.84
CA PRO E 181 -65.31 -94.94 -72.85
C PRO E 181 -64.83 -96.19 -72.12
N GLY E 182 -63.79 -95.99 -71.30
CA GLY E 182 -63.18 -97.07 -70.58
C GLY E 182 -61.95 -97.57 -71.28
N PRO E 183 -61.20 -98.45 -70.62
CA PRO E 183 -59.95 -98.93 -71.21
C PRO E 183 -60.21 -99.72 -72.48
N ARG E 184 -59.19 -99.73 -73.33
CA ARG E 184 -59.27 -100.35 -74.65
C ARG E 184 -58.01 -101.16 -74.92
N ASN E 185 -57.57 -101.91 -73.91
CA ASN E 185 -56.42 -102.80 -74.06
C ASN E 185 -56.71 -104.22 -73.61
N GLY E 186 -57.89 -104.51 -73.09
CA GLY E 186 -58.25 -105.86 -72.69
C GLY E 186 -58.82 -105.97 -71.30
N ARG E 187 -58.29 -105.19 -70.36
CA ARG E 187 -58.90 -105.15 -69.04
C ARG E 187 -60.10 -104.21 -69.06
N PHE E 188 -60.85 -104.22 -67.97
CA PHE E 188 -62.01 -103.37 -67.84
C PHE E 188 -61.91 -102.40 -66.68
N ALA E 189 -61.64 -102.89 -65.47
CA ALA E 189 -61.71 -102.07 -64.27
C ALA E 189 -60.59 -102.48 -63.31
N SER E 190 -59.49 -101.73 -63.33
CA SER E 190 -58.43 -101.81 -62.33
C SER E 190 -58.12 -103.25 -61.94
N GLU E 191 -58.08 -104.14 -62.91
CA GLU E 191 -57.91 -105.56 -62.70
C GLU E 191 -56.66 -106.03 -63.44
N PRO E 192 -55.80 -106.83 -62.84
CA PRO E 192 -54.52 -107.13 -63.47
C PRO E 192 -54.70 -107.85 -64.80
N LYS E 193 -53.86 -107.49 -65.76
CA LYS E 193 -54.05 -107.93 -67.14
C LYS E 193 -53.97 -109.45 -67.25
N GLY E 194 -54.81 -110.00 -68.11
CA GLY E 194 -54.73 -111.41 -68.44
C GLY E 194 -55.65 -112.23 -67.57
N GLU E 195 -55.12 -113.34 -67.05
CA GLU E 195 -55.89 -114.19 -66.15
C GLU E 195 -55.88 -113.61 -64.74
N PRO E 196 -56.90 -113.91 -63.94
CA PRO E 196 -56.99 -113.32 -62.58
C PRO E 196 -56.21 -114.10 -61.54
N THR E 197 -55.59 -113.36 -60.62
CA THR E 197 -54.77 -113.92 -59.56
C THR E 197 -55.44 -113.90 -58.19
N SER E 198 -56.56 -113.20 -58.03
CA SER E 198 -57.26 -113.12 -56.75
C SER E 198 -58.76 -113.06 -56.98
N LEU E 199 -59.51 -113.25 -55.91
CA LEU E 199 -60.97 -113.21 -55.94
C LEU E 199 -61.51 -114.12 -57.03
N SER E 200 -60.90 -115.29 -57.16
CA SER E 200 -61.31 -116.29 -58.12
C SER E 200 -62.39 -117.22 -57.58
N GLU E 201 -62.91 -116.94 -56.40
CA GLU E 201 -63.85 -117.82 -55.72
C GLU E 201 -65.20 -117.13 -55.57
N GLU E 202 -66.25 -117.92 -55.58
CA GLU E 202 -67.59 -117.37 -55.49
C GLU E 202 -67.77 -116.66 -54.15
N PRO E 203 -68.41 -115.49 -54.11
CA PRO E 203 -68.66 -114.85 -52.81
C PRO E 203 -69.43 -115.78 -51.90
N LYS E 204 -69.05 -115.79 -50.62
CA LYS E 204 -69.53 -116.81 -49.70
C LYS E 204 -71.04 -116.76 -49.54
N GLY E 205 -71.56 -115.58 -49.20
CA GLY E 205 -72.97 -115.40 -48.99
C GLY E 205 -73.27 -114.79 -47.64
N PRO E 206 -74.52 -114.40 -47.42
CA PRO E 206 -74.87 -113.73 -46.16
C PRO E 206 -74.60 -114.60 -44.95
N GLY E 207 -74.13 -113.96 -43.88
CA GLY E 207 -73.87 -114.61 -42.62
C GLY E 207 -72.52 -115.27 -42.49
N PHE E 208 -71.79 -115.43 -43.59
CA PHE E 208 -70.52 -116.11 -43.54
C PHE E 208 -69.58 -115.39 -42.58
N GLY E 209 -68.82 -116.17 -41.82
CA GLY E 209 -67.86 -115.60 -40.89
C GLY E 209 -68.50 -114.74 -39.82
N LEU E 210 -69.78 -114.96 -39.51
CA LEU E 210 -70.42 -114.21 -38.46
C LEU E 210 -69.68 -114.41 -37.14
N GLN E 211 -69.90 -113.48 -36.20
CA GLN E 211 -69.32 -113.67 -34.86
C GLN E 211 -69.73 -115.00 -34.27
N ALA E 212 -70.91 -115.51 -34.64
CA ALA E 212 -71.58 -116.67 -34.05
C ALA E 212 -72.16 -116.34 -32.69
N GLY E 213 -71.92 -115.15 -32.15
CA GLY E 213 -72.46 -114.74 -30.87
C GLY E 213 -72.38 -113.24 -30.74
N LEU E 214 -73.48 -112.62 -30.34
CA LEU E 214 -73.55 -111.17 -30.22
C LEU E 214 -73.19 -110.49 -31.54
N PRO F 1 -57.84 -108.34 -20.38
CA PRO F 1 -57.48 -107.04 -20.94
C PRO F 1 -58.67 -106.08 -21.04
N PRO F 2 -58.39 -104.77 -21.08
CA PRO F 2 -59.46 -103.79 -21.00
C PRO F 2 -60.31 -103.80 -22.25
N PRO F 3 -61.40 -103.02 -22.29
CA PRO F 3 -62.25 -103.03 -23.49
C PRO F 3 -61.52 -102.69 -24.78
N GLY F 4 -60.56 -101.77 -24.74
CA GLY F 4 -59.76 -101.49 -25.92
C GLY F 4 -58.65 -102.50 -26.05
N THR F 5 -57.42 -102.03 -26.30
CA THR F 5 -56.23 -102.87 -26.31
C THR F 5 -56.41 -104.08 -27.23
N PRO F 6 -56.33 -103.90 -28.54
CA PRO F 6 -56.54 -105.01 -29.46
C PRO F 6 -55.54 -106.13 -29.20
N PRO F 7 -55.94 -107.39 -29.34
CA PRO F 7 -55.03 -108.49 -29.00
C PRO F 7 -53.81 -108.48 -29.90
N PRO F 8 -52.60 -108.57 -29.35
CA PRO F 8 -51.42 -108.71 -30.21
C PRO F 8 -51.47 -109.99 -31.04
N GLN F 9 -50.91 -109.90 -32.24
CA GLN F 9 -50.84 -111.03 -33.15
C GLN F 9 -49.48 -111.70 -33.02
N THR F 10 -49.45 -113.00 -33.29
CA THR F 10 -48.25 -113.82 -33.16
C THR F 10 -47.99 -114.62 -34.43
N LYS F 11 -48.06 -113.96 -35.57
CA LYS F 11 -47.72 -114.54 -36.86
C LYS F 11 -46.51 -113.82 -37.46
N THR F 12 -45.64 -114.58 -38.11
CA THR F 12 -44.47 -114.04 -38.79
C THR F 12 -44.72 -113.82 -40.28
N LYS F 13 -45.26 -114.83 -40.96
CA LYS F 13 -45.46 -114.78 -42.40
C LYS F 13 -46.84 -114.18 -42.68
N PHE F 14 -46.85 -112.89 -42.98
CA PHE F 14 -48.08 -112.21 -43.41
C PHE F 14 -48.20 -112.25 -44.92
N GLY F 15 -48.34 -113.46 -45.43
CA GLY F 15 -48.31 -113.70 -46.85
C GLY F 15 -49.61 -113.29 -47.52
N PRO F 16 -50.09 -114.07 -48.48
CA PRO F 16 -51.27 -113.62 -49.23
C PRO F 16 -52.51 -113.59 -48.36
N LEU F 17 -53.64 -113.20 -48.96
CA LEU F 17 -54.94 -113.28 -48.33
C LEU F 17 -55.67 -114.56 -48.77
N ALA F 18 -56.74 -114.87 -48.05
CA ALA F 18 -57.70 -115.87 -48.48
C ALA F 18 -58.94 -115.13 -48.95
N ASP F 19 -59.41 -115.47 -50.15
CA ASP F 19 -60.48 -114.69 -50.77
C ASP F 19 -61.75 -114.71 -49.92
N GLU F 20 -61.88 -115.67 -49.01
CA GLU F 20 -62.93 -115.57 -48.00
C GLU F 20 -62.71 -114.36 -47.11
N ASP F 21 -61.46 -114.07 -46.77
CA ASP F 21 -61.14 -112.94 -45.91
C ASP F 21 -61.19 -111.61 -46.64
N ARG F 22 -61.11 -111.60 -47.96
CA ARG F 22 -61.23 -110.37 -48.72
C ARG F 22 -62.62 -109.77 -48.50
N ILE F 23 -62.69 -108.66 -47.77
CA ILE F 23 -64.01 -108.07 -47.47
C ILE F 23 -64.62 -107.51 -48.75
N PHE F 24 -63.82 -106.84 -49.57
CA PHE F 24 -64.31 -106.23 -50.81
C PHE F 24 -64.30 -107.27 -51.92
N THR F 25 -65.23 -108.21 -51.80
CA THR F 25 -65.26 -109.34 -52.73
C THR F 25 -65.52 -108.90 -54.16
N ASN F 26 -66.45 -107.96 -54.35
CA ASN F 26 -66.82 -107.57 -55.70
C ASN F 26 -65.78 -106.69 -56.38
N LEU F 27 -64.69 -106.36 -55.70
CA LEU F 27 -63.65 -105.57 -56.32
C LEU F 27 -63.20 -106.25 -57.60
N TYR F 28 -63.01 -105.45 -58.63
CA TYR F 28 -62.84 -105.86 -60.03
C TYR F 28 -64.19 -106.21 -60.65
N GLY F 29 -65.28 -106.16 -59.89
CA GLY F 29 -66.61 -106.25 -60.47
C GLY F 29 -66.90 -107.52 -61.24
N ARG F 30 -66.49 -108.67 -60.70
CA ARG F 30 -66.82 -109.94 -61.36
C ARG F 30 -68.26 -110.36 -61.11
N HIS F 31 -68.99 -109.65 -60.26
CA HIS F 31 -70.33 -110.06 -59.87
C HIS F 31 -71.22 -108.83 -59.78
N ASP F 32 -72.53 -109.08 -59.73
CA ASP F 32 -73.49 -107.99 -59.74
C ASP F 32 -73.27 -107.07 -58.56
N TRP F 33 -73.50 -105.78 -58.77
CA TRP F 33 -73.35 -104.78 -57.73
C TRP F 33 -74.66 -104.23 -57.21
N ARG F 34 -75.75 -104.33 -57.96
CA ARG F 34 -77.01 -103.83 -57.46
C ARG F 34 -77.49 -104.68 -56.29
N LEU F 35 -78.56 -104.22 -55.65
CA LEU F 35 -78.96 -104.78 -54.36
C LEU F 35 -79.33 -106.25 -54.47
N LYS F 36 -79.66 -106.73 -55.67
CA LYS F 36 -79.87 -108.16 -55.86
C LYS F 36 -78.63 -108.95 -55.48
N GLY F 37 -77.52 -108.70 -56.17
CA GLY F 37 -76.29 -109.39 -55.83
C GLY F 37 -75.78 -109.05 -54.44
N ALA F 38 -76.00 -107.81 -53.99
CA ALA F 38 -75.46 -107.38 -52.71
C ALA F 38 -76.01 -108.23 -51.58
N LEU F 39 -77.32 -108.37 -51.51
CA LEU F 39 -77.92 -109.27 -50.53
C LEU F 39 -77.67 -110.73 -50.88
N LYS F 40 -77.29 -111.02 -52.12
CA LYS F 40 -76.80 -112.36 -52.43
C LYS F 40 -75.39 -112.56 -51.91
N ARG F 41 -74.60 -111.49 -51.84
CA ARG F 41 -73.26 -111.55 -51.29
C ARG F 41 -73.21 -111.16 -49.82
N GLY F 42 -74.36 -110.89 -49.20
CA GLY F 42 -74.40 -110.60 -47.78
C GLY F 42 -73.96 -109.20 -47.43
N ASP F 43 -74.66 -108.20 -47.98
CA ASP F 43 -74.28 -106.81 -47.80
C ASP F 43 -75.06 -106.10 -46.71
N TRP F 44 -76.29 -106.54 -46.44
CA TRP F 44 -77.11 -106.00 -45.35
C TRP F 44 -77.62 -107.19 -44.55
N TYR F 45 -76.79 -107.66 -43.63
CA TYR F 45 -77.05 -108.89 -42.88
C TYR F 45 -77.09 -108.56 -41.40
N LYS F 46 -78.24 -108.78 -40.77
CA LYS F 46 -78.40 -108.54 -39.34
C LYS F 46 -78.02 -107.11 -38.96
N THR F 47 -78.20 -106.18 -39.89
CA THR F 47 -77.92 -104.79 -39.58
C THR F 47 -78.81 -104.30 -38.45
N LYS F 48 -80.06 -104.74 -38.42
CA LYS F 48 -80.95 -104.35 -37.35
C LYS F 48 -80.35 -104.65 -35.99
N GLU F 49 -79.86 -105.87 -35.82
CA GLU F 49 -79.29 -106.27 -34.54
C GLU F 49 -78.08 -105.41 -34.19
N ILE F 50 -77.12 -105.32 -35.11
CA ILE F 50 -75.87 -104.61 -34.84
C ILE F 50 -76.17 -103.16 -34.47
N VAL F 51 -77.03 -102.50 -35.24
CA VAL F 51 -77.39 -101.12 -34.95
C VAL F 51 -78.02 -101.02 -33.57
N LEU F 52 -78.88 -101.97 -33.22
CA LEU F 52 -79.52 -101.93 -31.90
C LEU F 52 -78.50 -102.05 -30.77
N LYS F 53 -77.35 -102.70 -31.03
CA LYS F 53 -76.39 -102.96 -29.96
C LYS F 53 -76.05 -101.68 -29.21
N GLY F 54 -75.92 -100.57 -29.92
CA GLY F 54 -75.63 -99.28 -29.36
C GLY F 54 -74.26 -98.80 -29.78
N ALA F 55 -73.86 -97.67 -29.21
CA ALA F 55 -72.58 -97.07 -29.55
C ALA F 55 -71.45 -97.65 -28.72
N ASP F 56 -71.71 -97.98 -27.46
CA ASP F 56 -70.67 -98.57 -26.61
C ASP F 56 -70.17 -99.87 -27.23
N TRP F 57 -71.09 -100.73 -27.64
CA TRP F 57 -70.71 -101.93 -28.38
C TRP F 57 -69.79 -101.56 -29.53
N ILE F 58 -70.34 -100.82 -30.50
CA ILE F 58 -69.67 -100.66 -31.78
C ILE F 58 -68.30 -100.05 -31.60
N VAL F 59 -68.20 -99.02 -30.77
CA VAL F 59 -66.89 -98.40 -30.54
C VAL F 59 -65.93 -99.43 -29.96
N ASN F 60 -66.40 -100.27 -29.06
CA ASN F 60 -65.49 -101.20 -28.39
C ASN F 60 -64.90 -102.19 -29.38
N GLU F 61 -65.75 -102.88 -30.16
CA GLU F 61 -65.19 -103.82 -31.12
C GLU F 61 -64.32 -103.13 -32.14
N ILE F 62 -64.57 -101.84 -32.40
CA ILE F 62 -63.63 -101.09 -33.23
C ILE F 62 -62.29 -100.96 -32.51
N LYS F 63 -62.33 -100.63 -31.21
CA LYS F 63 -61.09 -100.49 -30.46
C LYS F 63 -60.28 -101.78 -30.51
N THR F 64 -60.90 -102.90 -30.14
CA THR F 64 -60.19 -104.16 -30.16
C THR F 64 -59.86 -104.60 -31.57
N SER F 65 -60.50 -104.02 -32.58
CA SER F 65 -60.03 -104.23 -33.95
C SER F 65 -58.73 -103.50 -34.20
N GLY F 66 -58.41 -102.48 -33.39
CA GLY F 66 -57.16 -101.76 -33.56
C GLY F 66 -57.01 -101.11 -34.90
N LEU F 67 -58.11 -100.86 -35.60
CA LEU F 67 -58.04 -100.33 -36.94
C LEU F 67 -57.40 -98.94 -36.96
N ARG F 68 -56.42 -98.77 -37.83
CA ARG F 68 -55.84 -97.46 -38.09
C ARG F 68 -56.50 -96.87 -39.32
N GLY F 69 -56.97 -95.63 -39.20
CA GLY F 69 -57.64 -94.98 -40.31
C GLY F 69 -56.81 -94.97 -41.56
N ARG F 70 -57.42 -95.36 -42.68
CA ARG F 70 -56.73 -95.46 -43.95
C ARG F 70 -56.80 -94.19 -44.76
N GLY F 71 -56.97 -93.05 -44.11
CA GLY F 71 -57.15 -91.79 -44.80
C GLY F 71 -55.87 -91.11 -45.27
N GLY F 72 -54.72 -91.65 -44.91
CA GLY F 72 -53.43 -91.09 -45.28
C GLY F 72 -52.68 -90.52 -44.10
N ALA F 73 -53.39 -89.99 -43.10
CA ALA F 73 -52.76 -89.53 -41.88
C ALA F 73 -52.44 -90.71 -40.95
N GLY F 74 -53.41 -91.59 -40.76
CA GLY F 74 -53.17 -92.85 -40.08
C GLY F 74 -53.59 -92.92 -38.63
N PHE F 75 -54.22 -91.89 -38.09
CA PHE F 75 -54.65 -91.94 -36.71
C PHE F 75 -55.84 -92.90 -36.58
N PRO F 76 -55.87 -93.75 -35.55
CA PRO F 76 -56.92 -94.78 -35.48
C PRO F 76 -58.30 -94.18 -35.31
N SER F 77 -59.30 -94.94 -35.78
CA SER F 77 -60.67 -94.46 -35.82
C SER F 77 -61.43 -94.67 -34.53
N GLY F 78 -61.06 -95.67 -33.73
CA GLY F 78 -61.82 -95.95 -32.52
C GLY F 78 -61.91 -94.74 -31.63
N MET F 79 -60.77 -94.08 -31.40
CA MET F 79 -60.79 -92.85 -30.62
C MET F 79 -61.60 -91.77 -31.32
N LYS F 80 -61.45 -91.65 -32.63
CA LYS F 80 -62.18 -90.63 -33.36
C LYS F 80 -63.68 -90.78 -33.15
N TRP F 81 -64.21 -91.97 -33.41
CA TRP F 81 -65.63 -92.20 -33.27
C TRP F 81 -66.07 -92.03 -31.82
N SER F 82 -65.20 -92.35 -30.88
CA SER F 82 -65.55 -92.19 -29.47
C SER F 82 -65.79 -90.72 -29.13
N PHE F 83 -64.97 -89.82 -29.69
CA PHE F 83 -65.17 -88.40 -29.42
C PHE F 83 -66.56 -87.95 -29.82
N MET F 84 -67.03 -88.41 -30.98
CA MET F 84 -68.39 -88.11 -31.40
C MET F 84 -69.38 -88.55 -30.33
N ASN F 85 -69.14 -89.72 -29.72
CA ASN F 85 -70.03 -90.26 -28.71
C ASN F 85 -69.73 -89.58 -27.37
N LYS F 86 -70.19 -88.33 -27.29
CA LYS F 86 -70.20 -87.59 -26.02
C LYS F 86 -71.45 -86.72 -26.02
N PRO F 87 -72.46 -87.03 -25.20
CA PRO F 87 -73.70 -86.27 -25.28
C PRO F 87 -73.66 -85.05 -24.39
N GLY F 88 -74.76 -84.29 -24.34
CA GLY F 88 -74.85 -83.13 -23.49
C GLY F 88 -74.99 -81.83 -24.26
N ASP F 89 -75.63 -81.90 -25.43
CA ASP F 89 -75.84 -80.73 -26.27
C ASP F 89 -76.91 -81.02 -27.29
N GLY F 90 -77.67 -80.00 -27.66
CA GLY F 90 -78.74 -80.15 -28.62
C GLY F 90 -78.35 -79.85 -30.06
N ARG F 91 -77.33 -80.55 -30.57
CA ARG F 91 -76.82 -80.25 -31.90
C ARG F 91 -77.30 -81.31 -32.89
N PRO F 92 -77.40 -80.98 -34.17
CA PRO F 92 -77.64 -82.03 -35.17
C PRO F 92 -76.36 -82.71 -35.62
N LYS F 93 -75.91 -83.72 -34.87
CA LYS F 93 -74.63 -84.37 -35.18
C LYS F 93 -74.63 -84.95 -36.58
N TYR F 94 -73.52 -84.75 -37.29
CA TYR F 94 -73.39 -85.17 -38.67
C TYR F 94 -72.19 -86.10 -38.84
N LEU F 95 -72.19 -86.82 -39.95
CA LEU F 95 -71.10 -87.72 -40.32
C LEU F 95 -70.73 -87.48 -41.76
N VAL F 96 -69.47 -87.13 -42.00
CA VAL F 96 -68.99 -86.85 -43.35
C VAL F 96 -68.07 -87.99 -43.76
N VAL F 97 -68.35 -88.57 -44.91
CA VAL F 97 -67.56 -89.68 -45.44
C VAL F 97 -66.75 -89.13 -46.60
N ASN F 98 -65.51 -88.75 -46.34
CA ASN F 98 -64.66 -88.21 -47.39
C ASN F 98 -64.35 -89.30 -48.39
N ALA F 99 -64.82 -89.12 -49.63
CA ALA F 99 -64.51 -90.02 -50.72
C ALA F 99 -63.57 -89.39 -51.73
N ASP F 100 -62.88 -88.32 -51.34
CA ASP F 100 -61.91 -87.71 -52.22
C ASP F 100 -60.78 -88.70 -52.51
N GLU F 101 -60.41 -88.80 -53.78
CA GLU F 101 -59.26 -89.58 -54.23
C GLU F 101 -58.23 -88.66 -54.87
N GLY F 102 -58.12 -87.44 -54.36
CA GLY F 102 -57.24 -86.47 -55.00
C GLY F 102 -55.80 -86.94 -55.05
N GLU F 103 -55.37 -87.68 -54.04
CA GLU F 103 -53.98 -88.12 -53.88
C GLU F 103 -53.44 -88.70 -55.19
N PRO F 104 -52.47 -88.06 -55.83
CA PRO F 104 -51.90 -88.65 -57.05
C PRO F 104 -51.36 -90.04 -56.78
N GLY F 105 -51.54 -90.92 -57.75
CA GLY F 105 -51.13 -92.30 -57.62
C GLY F 105 -52.16 -93.21 -56.98
N THR F 106 -53.26 -92.65 -56.45
CA THR F 106 -54.26 -93.41 -55.73
C THR F 106 -55.51 -93.55 -56.58
N CYS F 107 -56.00 -94.78 -56.71
CA CYS F 107 -57.19 -95.07 -57.49
C CYS F 107 -58.12 -96.04 -56.78
N LYS F 108 -57.79 -96.46 -55.56
CA LYS F 108 -58.61 -97.46 -54.89
C LYS F 108 -60.01 -96.93 -54.61
N ASP F 109 -60.12 -95.67 -54.19
CA ASP F 109 -61.42 -95.14 -53.76
C ASP F 109 -62.45 -95.25 -54.86
N ARG F 110 -62.03 -94.94 -56.09
CA ARG F 110 -62.95 -94.92 -57.23
C ARG F 110 -63.74 -96.21 -57.32
N GLU F 111 -63.08 -97.34 -57.20
CA GLU F 111 -63.71 -98.61 -57.54
C GLU F 111 -64.69 -99.07 -56.48
N ILE F 112 -64.53 -98.64 -55.23
CA ILE F 112 -65.52 -98.97 -54.21
C ILE F 112 -66.88 -98.42 -54.61
N MET F 113 -66.90 -97.18 -55.08
CA MET F 113 -68.15 -96.62 -55.58
C MET F 113 -68.64 -97.40 -56.79
N ARG F 114 -67.73 -97.76 -57.70
CA ARG F 114 -68.12 -98.36 -58.96
C ARG F 114 -68.52 -99.82 -58.84
N HIS F 115 -68.23 -100.48 -57.73
CA HIS F 115 -68.45 -101.92 -57.62
C HIS F 115 -69.09 -102.37 -56.33
N ASP F 116 -69.02 -101.59 -55.26
CA ASP F 116 -69.68 -101.97 -54.01
C ASP F 116 -70.24 -100.74 -53.31
N PRO F 117 -71.00 -99.90 -54.00
CA PRO F 117 -71.58 -98.74 -53.32
C PRO F 117 -72.46 -99.14 -52.16
N HIS F 118 -73.15 -100.28 -52.25
CA HIS F 118 -74.01 -100.71 -51.15
C HIS F 118 -73.21 -100.92 -49.88
N LYS F 119 -72.03 -101.51 -50.00
CA LYS F 119 -71.21 -101.76 -48.83
C LYS F 119 -70.95 -100.48 -48.06
N LEU F 120 -70.56 -99.42 -48.77
CA LEU F 120 -70.29 -98.15 -48.12
C LEU F 120 -71.53 -97.62 -47.41
N VAL F 121 -72.68 -97.67 -48.08
CA VAL F 121 -73.90 -97.13 -47.49
C VAL F 121 -74.22 -97.87 -46.20
N GLU F 122 -74.14 -99.20 -46.24
CA GLU F 122 -74.34 -99.98 -45.03
C GLU F 122 -73.37 -99.55 -43.94
N GLY F 123 -72.11 -99.35 -44.31
CA GLY F 123 -71.13 -98.97 -43.31
C GLY F 123 -71.43 -97.61 -42.70
N CYS F 124 -71.79 -96.65 -43.53
CA CYS F 124 -72.14 -95.32 -43.01
C CYS F 124 -73.26 -95.42 -42.00
N LEU F 125 -74.20 -96.33 -42.23
CA LEU F 125 -75.33 -96.48 -41.33
C LEU F 125 -74.88 -96.99 -39.97
N ILE F 126 -74.09 -98.07 -39.96
CA ILE F 126 -73.64 -98.61 -38.68
C ILE F 126 -72.76 -97.60 -37.95
N ALA F 127 -71.85 -96.95 -38.67
CA ALA F 127 -71.02 -95.94 -38.05
C ALA F 127 -71.87 -94.79 -37.55
N GLY F 128 -72.83 -94.35 -38.36
CA GLY F 128 -73.61 -93.18 -38.00
C GLY F 128 -74.35 -93.38 -36.69
N ARG F 129 -74.80 -94.60 -36.42
CA ARG F 129 -75.35 -94.90 -35.11
C ARG F 129 -74.29 -94.72 -34.04
N ALA F 130 -73.08 -95.23 -34.29
CA ALA F 130 -72.01 -95.12 -33.30
C ALA F 130 -71.60 -93.69 -33.07
N MET F 131 -71.69 -92.85 -34.10
CA MET F 131 -71.42 -91.43 -33.97
C MET F 131 -72.66 -90.62 -33.64
N GLY F 132 -73.80 -91.27 -33.39
CA GLY F 132 -75.02 -90.53 -33.13
C GLY F 132 -75.37 -89.58 -34.26
N ALA F 133 -74.96 -89.89 -35.47
CA ALA F 133 -75.12 -88.96 -36.58
C ALA F 133 -76.58 -88.77 -36.93
N GLN F 134 -77.02 -87.52 -37.00
CA GLN F 134 -78.35 -87.22 -37.48
C GLN F 134 -78.50 -87.68 -38.92
N ALA F 135 -77.49 -87.42 -39.74
CA ALA F 135 -77.47 -87.78 -41.14
C ALA F 135 -76.01 -87.88 -41.56
N ALA F 136 -75.77 -88.06 -42.85
CA ALA F 136 -74.41 -88.11 -43.35
C ALA F 136 -74.33 -87.56 -44.76
N TYR F 137 -73.11 -87.21 -45.17
CA TYR F 137 -72.84 -86.66 -46.49
C TYR F 137 -71.66 -87.39 -47.08
N ILE F 138 -71.82 -87.92 -48.28
CA ILE F 138 -70.77 -88.68 -48.93
C ILE F 138 -70.11 -87.71 -49.91
N TYR F 139 -69.17 -86.93 -49.40
CA TYR F 139 -68.46 -86.00 -50.27
C TYR F 139 -67.62 -86.78 -51.27
N ILE F 140 -67.64 -86.34 -52.52
CA ILE F 140 -67.00 -87.08 -53.62
C ILE F 140 -66.41 -86.07 -54.59
N ARG F 141 -65.31 -86.46 -55.22
CA ARG F 141 -64.69 -85.60 -56.21
C ARG F 141 -65.67 -85.26 -57.33
N GLY F 142 -65.47 -84.10 -57.93
CA GLY F 142 -66.21 -83.75 -59.12
C GLY F 142 -65.69 -84.40 -60.38
N GLU F 143 -64.55 -85.08 -60.29
CA GLU F 143 -63.99 -85.79 -61.42
C GLU F 143 -64.60 -87.17 -61.61
N PHE F 144 -65.55 -87.55 -60.76
CA PHE F 144 -66.16 -88.87 -60.83
C PHE F 144 -67.66 -88.74 -61.00
N TYR F 145 -68.09 -87.93 -61.96
CA TYR F 145 -69.51 -87.68 -62.15
C TYR F 145 -70.27 -88.99 -62.32
N ASN F 146 -69.65 -89.96 -62.97
CA ASN F 146 -70.32 -91.23 -63.18
C ASN F 146 -70.43 -92.03 -61.89
N GLU F 147 -69.37 -92.05 -61.08
CA GLU F 147 -69.47 -92.73 -59.79
C GLU F 147 -70.53 -92.08 -58.92
N ALA F 148 -70.54 -90.75 -58.87
CA ALA F 148 -71.46 -90.05 -57.98
C ALA F 148 -72.89 -90.41 -58.31
N SER F 149 -73.22 -90.44 -59.60
CA SER F 149 -74.51 -90.97 -60.00
C SER F 149 -74.66 -92.41 -59.56
N ASN F 150 -73.60 -93.21 -59.70
CA ASN F 150 -73.69 -94.61 -59.31
C ASN F 150 -74.00 -94.73 -57.83
N MET F 151 -73.33 -93.95 -56.99
CA MET F 151 -73.71 -93.91 -55.59
C MET F 151 -75.14 -93.44 -55.42
N GLN F 152 -75.53 -92.37 -56.12
CA GLN F 152 -76.90 -91.92 -56.04
C GLN F 152 -77.86 -93.05 -56.38
N LEU F 153 -77.50 -93.87 -57.36
CA LEU F 153 -78.35 -95.00 -57.70
C LEU F 153 -78.43 -95.98 -56.55
N ALA F 154 -77.30 -96.30 -55.94
CA ALA F 154 -77.31 -97.24 -54.81
C ALA F 154 -78.15 -96.69 -53.67
N ILE F 155 -78.05 -95.40 -53.41
CA ILE F 155 -78.91 -94.77 -52.41
C ILE F 155 -80.37 -94.94 -52.79
N ALA F 156 -80.67 -94.89 -54.09
CA ALA F 156 -82.05 -95.13 -54.51
C ALA F 156 -82.53 -96.51 -54.11
N GLU F 157 -81.77 -97.54 -54.44
CA GLU F 157 -82.20 -98.90 -54.13
C GLU F 157 -82.33 -99.07 -52.61
N ALA F 158 -81.44 -98.45 -51.85
CA ALA F 158 -81.53 -98.58 -50.40
C ALA F 158 -82.76 -97.87 -49.86
N TYR F 159 -82.99 -96.62 -50.27
CA TYR F 159 -84.17 -95.91 -49.78
C TYR F 159 -85.44 -96.64 -50.15
N GLN F 160 -85.54 -97.11 -51.40
CA GLN F 160 -86.76 -97.77 -51.83
C GLN F 160 -86.98 -99.07 -51.06
N ALA F 161 -85.92 -99.83 -50.85
CA ALA F 161 -86.05 -101.07 -50.07
C ALA F 161 -86.30 -100.80 -48.59
N GLY F 162 -86.17 -99.56 -48.13
CA GLY F 162 -86.35 -99.26 -46.73
C GLY F 162 -85.17 -99.61 -45.86
N LEU F 163 -84.03 -99.98 -46.45
CA LEU F 163 -82.86 -100.28 -45.65
C LEU F 163 -82.41 -99.07 -44.86
N ILE F 164 -82.38 -97.91 -45.50
CA ILE F 164 -81.88 -96.68 -44.90
C ILE F 164 -82.91 -95.58 -45.09
N GLY F 165 -83.03 -94.73 -44.09
CA GLY F 165 -83.98 -93.64 -44.10
C GLY F 165 -84.52 -93.42 -42.71
N LYS F 166 -85.83 -93.26 -42.59
CA LYS F 166 -86.48 -93.22 -41.29
C LYS F 166 -86.86 -94.64 -40.89
N ASN F 167 -86.58 -94.98 -39.64
CA ASN F 167 -86.80 -96.34 -39.15
C ASN F 167 -86.02 -97.34 -40.00
N ALA F 168 -84.77 -96.99 -40.29
CA ALA F 168 -83.96 -97.81 -41.17
C ALA F 168 -83.79 -99.22 -40.61
N CYS F 169 -84.03 -100.21 -41.47
CA CYS F 169 -83.92 -101.61 -41.07
C CYS F 169 -84.82 -101.93 -39.88
N GLY F 170 -85.91 -101.19 -39.73
CA GLY F 170 -86.86 -101.46 -38.67
C GLY F 170 -86.38 -101.14 -37.28
N THR F 171 -85.20 -100.54 -37.14
CA THR F 171 -84.67 -100.22 -35.83
C THR F 171 -85.31 -99.00 -35.21
N GLY F 172 -86.06 -98.22 -35.98
CA GLY F 172 -86.67 -97.00 -35.51
C GLY F 172 -85.75 -95.79 -35.60
N TYR F 173 -84.46 -95.97 -35.37
CA TYR F 173 -83.52 -94.88 -35.53
C TYR F 173 -83.54 -94.37 -36.96
N ASP F 174 -83.37 -93.06 -37.11
CA ASP F 174 -83.47 -92.39 -38.39
C ASP F 174 -82.09 -92.01 -38.89
N PHE F 175 -81.87 -92.12 -40.20
CA PHE F 175 -80.58 -91.75 -40.78
C PHE F 175 -80.71 -91.62 -42.28
N ASP F 176 -80.37 -90.45 -42.80
CA ASP F 176 -80.44 -90.16 -44.23
C ASP F 176 -79.05 -89.84 -44.75
N VAL F 177 -78.76 -90.26 -45.97
CA VAL F 177 -77.47 -90.08 -46.61
C VAL F 177 -77.66 -89.19 -47.82
N PHE F 178 -76.80 -88.18 -47.95
CA PHE F 178 -76.83 -87.26 -49.06
C PHE F 178 -75.49 -87.31 -49.79
N MET F 179 -75.52 -86.89 -51.05
CA MET F 179 -74.35 -86.94 -51.92
C MET F 179 -73.99 -85.52 -52.34
N HIS F 180 -72.80 -85.09 -51.99
CA HIS F 180 -72.31 -83.76 -52.38
C HIS F 180 -71.09 -83.95 -53.28
N ARG F 181 -71.25 -83.63 -54.56
CA ARG F 181 -70.15 -83.75 -55.51
C ARG F 181 -69.42 -82.43 -55.55
N GLY F 182 -68.42 -82.30 -54.70
CA GLY F 182 -67.62 -81.08 -54.67
C GLY F 182 -66.88 -80.88 -55.96
N ALA F 183 -66.93 -79.66 -56.49
CA ALA F 183 -66.16 -79.33 -57.68
C ALA F 183 -64.69 -79.59 -57.41
N GLY F 184 -64.13 -80.59 -58.09
CA GLY F 184 -62.80 -81.10 -57.80
C GLY F 184 -61.73 -80.08 -57.47
N ALA F 185 -61.06 -80.33 -56.35
CA ALA F 185 -59.84 -79.62 -55.97
C ALA F 185 -59.17 -80.45 -54.89
N TYR F 186 -57.90 -80.79 -55.10
CA TYR F 186 -57.25 -81.79 -54.27
C TYR F 186 -57.31 -81.44 -52.80
N ILE F 187 -57.25 -80.15 -52.46
CA ILE F 187 -57.21 -79.74 -51.07
C ILE F 187 -58.45 -80.19 -50.31
N CYS F 188 -59.56 -80.42 -51.02
CA CYS F 188 -60.81 -80.75 -50.36
C CYS F 188 -60.73 -82.09 -49.63
N GLY F 189 -59.72 -82.90 -49.91
CA GLY F 189 -59.57 -84.14 -49.16
C GLY F 189 -59.21 -83.95 -47.70
N GLU F 190 -58.93 -82.71 -47.30
CA GLU F 190 -58.66 -82.40 -45.90
C GLU F 190 -59.97 -82.35 -45.12
N GLU F 191 -59.88 -82.63 -43.82
CA GLU F 191 -61.11 -82.63 -43.01
C GLU F 191 -61.74 -81.24 -43.04
N THR F 192 -61.00 -80.26 -42.54
CA THR F 192 -61.57 -78.93 -42.34
C THR F 192 -61.96 -78.30 -43.67
N ALA F 193 -61.09 -78.42 -44.68
CA ALA F 193 -61.39 -77.82 -45.97
C ALA F 193 -62.65 -78.43 -46.57
N LEU F 194 -62.80 -79.75 -46.44
CA LEU F 194 -64.03 -80.38 -46.92
C LEU F 194 -65.24 -79.76 -46.22
N ILE F 195 -65.17 -79.65 -44.90
CA ILE F 195 -66.28 -79.08 -44.16
C ILE F 195 -66.58 -77.68 -44.67
N GLU F 196 -65.55 -76.91 -44.96
CA GLU F 196 -65.77 -75.60 -45.56
C GLU F 196 -66.43 -75.74 -46.92
N SER F 197 -66.08 -76.77 -47.68
CA SER F 197 -66.70 -76.96 -48.97
C SER F 197 -68.20 -77.21 -48.81
N LEU F 198 -68.58 -78.16 -47.96
CA LEU F 198 -69.99 -78.45 -47.74
C LEU F 198 -70.73 -77.20 -47.32
N GLU F 199 -70.16 -76.44 -46.39
CA GLU F 199 -70.79 -75.21 -45.94
C GLU F 199 -70.94 -74.20 -47.06
N GLY F 200 -70.16 -74.33 -48.14
CA GLY F 200 -70.23 -73.40 -49.25
C GLY F 200 -69.22 -72.27 -49.20
N LYS F 201 -68.40 -72.22 -48.16
CA LYS F 201 -67.38 -71.19 -48.07
C LYS F 201 -66.29 -71.46 -49.11
N GLN F 202 -65.20 -70.69 -49.03
CA GLN F 202 -64.19 -70.68 -50.07
C GLN F 202 -63.75 -72.08 -50.42
N GLY F 203 -63.53 -72.91 -49.41
CA GLY F 203 -62.96 -74.23 -49.58
C GLY F 203 -61.65 -74.42 -48.86
N LYS F 204 -61.04 -73.35 -48.34
CA LYS F 204 -59.76 -73.47 -47.67
C LYS F 204 -59.95 -74.04 -46.26
N PRO F 205 -58.98 -74.80 -45.75
CA PRO F 205 -59.16 -75.43 -44.45
C PRO F 205 -59.11 -74.46 -43.29
N ARG F 206 -59.17 -75.00 -42.08
CA ARG F 206 -59.33 -74.24 -40.85
C ARG F 206 -58.28 -74.67 -39.83
N LEU F 207 -58.08 -73.82 -38.84
CA LEU F 207 -57.12 -74.10 -37.78
C LEU F 207 -57.68 -75.13 -36.80
N LYS F 208 -56.78 -75.84 -36.14
CA LYS F 208 -57.15 -76.77 -35.07
C LYS F 208 -56.39 -76.41 -33.81
N PRO F 209 -57.04 -76.29 -32.65
CA PRO F 209 -58.46 -76.50 -32.36
C PRO F 209 -59.30 -75.33 -32.83
N PRO F 210 -60.64 -75.48 -32.84
CA PRO F 210 -61.39 -76.66 -32.43
C PRO F 210 -61.40 -77.74 -33.51
N PHE F 211 -61.61 -78.98 -33.09
CA PHE F 211 -61.65 -80.10 -34.01
C PHE F 211 -63.07 -80.32 -34.51
N PRO F 212 -63.26 -81.10 -35.57
CA PRO F 212 -64.62 -81.38 -36.02
C PRO F 212 -65.48 -82.00 -34.94
N ALA F 213 -64.88 -82.81 -34.07
CA ALA F 213 -65.64 -83.34 -32.93
C ALA F 213 -66.19 -82.22 -32.07
N ASP F 214 -65.48 -81.09 -32.01
CA ASP F 214 -65.99 -79.93 -31.29
C ASP F 214 -67.00 -79.17 -32.14
N VAL F 215 -66.57 -78.68 -33.30
CA VAL F 215 -67.43 -77.94 -34.21
C VAL F 215 -67.03 -78.32 -35.62
N GLY F 216 -68.03 -78.65 -36.44
CA GLY F 216 -67.76 -79.11 -37.80
C GLY F 216 -68.69 -78.46 -38.79
N VAL F 217 -69.31 -79.25 -39.66
CA VAL F 217 -70.23 -78.69 -40.64
C VAL F 217 -71.28 -77.89 -39.90
N PHE F 218 -71.55 -76.68 -40.38
CA PHE F 218 -72.58 -75.84 -39.80
C PHE F 218 -72.27 -75.49 -38.34
N GLY F 219 -71.02 -75.65 -37.93
CA GLY F 219 -70.66 -75.51 -36.54
C GLY F 219 -71.27 -76.59 -35.67
N CYS F 220 -71.38 -77.81 -36.19
CA CYS F 220 -71.99 -78.92 -35.49
C CYS F 220 -70.99 -80.06 -35.33
N PRO F 221 -71.16 -80.91 -34.32
CA PRO F 221 -70.17 -81.98 -34.11
C PRO F 221 -70.18 -82.98 -35.25
N THR F 222 -69.01 -83.19 -35.84
CA THR F 222 -68.88 -84.06 -37.01
C THR F 222 -67.54 -84.77 -36.97
N THR F 223 -67.42 -85.78 -37.83
CA THR F 223 -66.13 -86.33 -38.19
C THR F 223 -66.07 -86.61 -39.67
N VAL F 224 -64.95 -86.28 -40.27
CA VAL F 224 -64.62 -86.75 -41.61
C VAL F 224 -63.91 -88.08 -41.48
N THR F 225 -64.42 -89.09 -42.16
CA THR F 225 -63.86 -90.42 -42.12
C THR F 225 -63.73 -90.97 -43.53
N ASN F 226 -62.62 -91.65 -43.78
CA ASN F 226 -62.33 -92.10 -45.13
C ASN F 226 -63.32 -93.18 -45.56
N VAL F 227 -63.46 -93.33 -46.88
CA VAL F 227 -64.39 -94.31 -47.42
C VAL F 227 -64.04 -95.71 -46.93
N GLU F 228 -62.78 -96.10 -47.09
CA GLU F 228 -62.39 -97.44 -46.68
C GLU F 228 -62.61 -97.63 -45.19
N THR F 229 -62.24 -96.62 -44.40
CA THR F 229 -62.45 -96.70 -42.96
C THR F 229 -63.89 -97.05 -42.64
N VAL F 230 -64.84 -96.42 -43.35
CA VAL F 230 -66.24 -96.73 -43.13
C VAL F 230 -66.57 -98.11 -43.71
N ALA F 231 -66.12 -98.38 -44.94
CA ALA F 231 -66.58 -99.57 -45.64
C ALA F 231 -66.20 -100.84 -44.89
N VAL F 232 -65.05 -100.84 -44.24
CA VAL F 232 -64.63 -102.00 -43.47
C VAL F 232 -65.49 -102.17 -42.22
N ALA F 233 -65.87 -101.05 -41.60
CA ALA F 233 -66.54 -101.02 -40.31
C ALA F 233 -67.68 -102.05 -40.20
N PRO F 234 -68.69 -102.00 -41.06
CA PRO F 234 -69.81 -102.95 -40.89
C PRO F 234 -69.36 -104.40 -40.97
N THR F 235 -68.39 -104.70 -41.82
CA THR F 235 -67.85 -106.05 -41.85
C THR F 235 -67.20 -106.40 -40.52
N ILE F 236 -66.49 -105.44 -39.92
CA ILE F 236 -65.89 -105.68 -38.61
C ILE F 236 -66.97 -106.00 -37.60
N CYS F 237 -68.00 -105.16 -37.53
CA CYS F 237 -69.10 -105.40 -36.62
C CYS F 237 -69.90 -106.63 -36.98
N ARG F 238 -69.71 -107.18 -38.18
CA ARG F 238 -70.43 -108.35 -38.64
C ARG F 238 -69.57 -109.60 -38.65
N ARG F 239 -68.25 -109.46 -38.55
CA ARG F 239 -67.35 -110.61 -38.62
C ARG F 239 -66.53 -110.83 -37.36
N GLY F 240 -66.23 -109.78 -36.60
CA GLY F 240 -65.55 -109.92 -35.33
C GLY F 240 -64.25 -109.15 -35.23
N GLY F 241 -64.17 -108.23 -34.27
CA GLY F 241 -62.95 -107.48 -34.07
C GLY F 241 -61.75 -108.37 -33.78
N VAL F 242 -61.98 -109.52 -33.16
CA VAL F 242 -60.91 -110.49 -32.96
C VAL F 242 -60.37 -110.96 -34.30
N TRP F 243 -61.25 -111.27 -35.24
CA TRP F 243 -60.80 -111.77 -36.53
C TRP F 243 -59.98 -110.73 -37.26
N PHE F 244 -60.38 -109.47 -37.19
CA PHE F 244 -59.63 -108.43 -37.90
C PHE F 244 -58.25 -108.26 -37.30
N ALA F 245 -58.11 -108.43 -35.99
CA ALA F 245 -56.80 -108.49 -35.39
C ALA F 245 -56.01 -109.71 -35.85
N SER F 246 -56.70 -110.74 -36.35
CA SER F 246 -56.00 -111.92 -36.85
C SER F 246 -55.02 -111.56 -37.94
N PHE F 247 -55.29 -110.49 -38.67
CA PHE F 247 -54.33 -109.93 -39.61
C PHE F 247 -53.54 -108.82 -38.94
N GLY F 248 -52.43 -108.45 -39.58
CA GLY F 248 -51.56 -107.40 -39.08
C GLY F 248 -50.58 -107.90 -38.03
N ARG F 249 -49.54 -107.10 -37.82
CA ARG F 249 -48.48 -107.44 -36.88
C ARG F 249 -48.60 -106.72 -35.55
N THR F 250 -48.90 -105.43 -35.58
CA THR F 250 -48.84 -104.59 -34.39
C THR F 250 -49.86 -103.48 -34.62
N ARG F 251 -49.70 -102.34 -33.92
CA ARG F 251 -50.56 -101.18 -34.08
C ARG F 251 -51.00 -100.98 -35.52
N ASN F 252 -50.11 -101.25 -36.46
CA ASN F 252 -50.49 -101.36 -37.86
C ASN F 252 -51.27 -102.64 -38.09
N SER F 253 -52.53 -102.67 -37.66
CA SER F 253 -53.34 -103.87 -37.70
C SER F 253 -54.31 -103.84 -38.87
N GLY F 254 -54.82 -105.00 -39.21
CA GLY F 254 -55.83 -105.12 -40.25
C GLY F 254 -55.23 -105.40 -41.62
N THR F 255 -56.01 -105.05 -42.63
CA THR F 255 -55.63 -105.23 -44.02
C THR F 255 -55.92 -103.95 -44.78
N LYS F 256 -55.22 -103.76 -45.89
CA LYS F 256 -55.38 -102.55 -46.69
C LYS F 256 -55.32 -102.91 -48.16
N LEU F 257 -55.89 -102.03 -48.98
CA LEU F 257 -55.75 -102.11 -50.41
C LEU F 257 -54.42 -101.52 -50.83
N PHE F 258 -53.95 -101.92 -52.01
CA PHE F 258 -52.74 -101.37 -52.59
C PHE F 258 -53.03 -100.97 -54.03
N ASN F 259 -52.38 -99.92 -54.49
CA ASN F 259 -52.47 -99.48 -55.88
C ASN F 259 -51.05 -99.43 -56.43
N ILE F 260 -50.69 -100.44 -57.19
CA ILE F 260 -49.36 -100.56 -57.77
C ILE F 260 -49.41 -100.00 -59.18
N SER F 261 -48.57 -99.01 -59.46
CA SER F 261 -48.55 -98.38 -60.77
C SER F 261 -47.18 -97.80 -61.03
N GLY F 262 -46.96 -97.38 -62.27
CA GLY F 262 -45.67 -96.89 -62.70
C GLY F 262 -45.03 -97.86 -63.68
N HIS F 263 -43.70 -97.97 -63.64
CA HIS F 263 -42.98 -98.89 -64.52
C HIS F 263 -43.20 -100.30 -63.97
N VAL F 264 -44.36 -100.85 -64.29
CA VAL F 264 -44.79 -102.13 -63.76
C VAL F 264 -45.45 -102.93 -64.87
N ASN F 265 -45.22 -104.24 -64.87
CA ASN F 265 -45.73 -105.08 -65.95
C ASN F 265 -47.25 -105.03 -66.01
N ARG F 266 -47.91 -105.31 -64.90
CA ARG F 266 -49.36 -105.46 -64.83
C ARG F 266 -49.89 -104.71 -63.63
N PRO F 267 -49.79 -103.38 -63.65
CA PRO F 267 -50.26 -102.60 -62.51
C PRO F 267 -51.77 -102.72 -62.34
N CYS F 268 -52.20 -102.70 -61.09
CA CYS F 268 -53.61 -102.88 -60.74
C CYS F 268 -53.77 -102.56 -59.26
N THR F 269 -55.00 -102.71 -58.78
CA THR F 269 -55.29 -102.59 -57.37
C THR F 269 -55.46 -103.98 -56.77
N VAL F 270 -54.95 -104.15 -55.55
CA VAL F 270 -54.95 -105.45 -54.90
C VAL F 270 -55.39 -105.29 -53.46
N GLU F 271 -56.42 -106.03 -53.07
CA GLU F 271 -56.72 -106.24 -51.67
C GLU F 271 -55.77 -107.29 -51.14
N GLU F 272 -55.11 -107.00 -50.03
CA GLU F 272 -54.07 -107.90 -49.54
C GLU F 272 -53.71 -107.48 -48.13
N GLU F 273 -53.27 -108.46 -47.34
CA GLU F 273 -52.95 -108.16 -45.95
C GLU F 273 -51.84 -107.14 -45.86
N MET F 274 -51.97 -106.23 -44.90
CA MET F 274 -50.90 -105.33 -44.54
C MET F 274 -49.80 -106.12 -43.84
N SER F 275 -48.71 -105.44 -43.48
CA SER F 275 -47.60 -106.06 -42.77
C SER F 275 -46.90 -107.10 -43.62
N ILE F 276 -46.91 -106.89 -44.94
CA ILE F 276 -46.37 -107.84 -45.89
C ILE F 276 -45.05 -107.29 -46.43
N PRO F 277 -44.12 -108.12 -46.88
CA PRO F 277 -42.98 -107.60 -47.65
C PRO F 277 -43.47 -107.00 -48.96
N LEU F 278 -42.85 -105.90 -49.37
CA LEU F 278 -43.23 -105.31 -50.64
C LEU F 278 -42.81 -106.17 -51.82
N LYS F 279 -41.60 -106.72 -51.77
CA LYS F 279 -41.11 -107.51 -52.90
C LYS F 279 -42.01 -108.71 -53.16
N GLU F 280 -42.44 -109.38 -52.10
CA GLU F 280 -43.33 -110.53 -52.25
C GLU F 280 -44.61 -110.13 -52.95
N LEU F 281 -45.21 -109.01 -52.54
CA LEU F 281 -46.44 -108.54 -53.17
C LEU F 281 -46.21 -108.23 -54.64
N ILE F 282 -45.12 -107.51 -54.95
CA ILE F 282 -44.87 -107.10 -56.32
C ILE F 282 -44.71 -108.31 -57.22
N GLU F 283 -44.32 -109.45 -56.67
CA GLU F 283 -44.15 -110.66 -57.44
C GLU F 283 -45.35 -111.60 -57.36
N ARG F 284 -46.34 -111.31 -56.51
CA ARG F 284 -47.51 -112.17 -56.39
C ARG F 284 -48.67 -111.69 -57.27
N HIS F 285 -49.19 -110.49 -56.98
CA HIS F 285 -50.42 -110.02 -57.58
C HIS F 285 -50.16 -109.03 -58.70
N CYS F 286 -48.91 -108.83 -59.08
CA CYS F 286 -48.49 -107.69 -59.86
C CYS F 286 -47.70 -108.08 -61.10
N GLY F 287 -46.92 -109.16 -61.00
CA GLY F 287 -46.12 -109.64 -62.09
C GLY F 287 -44.67 -109.21 -62.04
N GLY F 288 -44.34 -108.19 -61.27
CA GLY F 288 -42.97 -107.75 -61.13
C GLY F 288 -42.66 -106.53 -61.98
N VAL F 289 -41.56 -105.87 -61.63
CA VAL F 289 -41.15 -104.67 -62.36
C VAL F 289 -40.87 -105.03 -63.81
N THR F 290 -41.15 -104.09 -64.71
CA THR F 290 -41.04 -104.36 -66.13
C THR F 290 -39.64 -104.86 -66.49
N GLY F 291 -38.61 -104.27 -65.89
CA GLY F 291 -37.24 -104.66 -66.17
C GLY F 291 -36.68 -105.63 -65.16
N GLY F 292 -37.55 -106.30 -64.42
CA GLY F 292 -37.11 -107.17 -63.35
C GLY F 292 -36.73 -106.38 -62.11
N TRP F 293 -36.65 -107.10 -60.99
CA TRP F 293 -36.44 -106.43 -59.70
C TRP F 293 -35.16 -105.61 -59.70
N ASP F 294 -34.12 -106.10 -60.37
CA ASP F 294 -32.86 -105.35 -60.38
C ASP F 294 -33.04 -103.99 -61.04
N ASN F 295 -33.79 -103.93 -62.14
CA ASN F 295 -33.99 -102.69 -62.88
C ASN F 295 -35.06 -101.85 -62.18
N LEU F 296 -34.70 -101.34 -61.00
CA LEU F 296 -35.62 -100.58 -60.15
C LEU F 296 -34.87 -99.42 -59.51
N LEU F 297 -35.34 -98.20 -59.74
CA LEU F 297 -34.65 -97.01 -59.26
C LEU F 297 -35.23 -96.47 -57.97
N GLY F 298 -36.52 -96.65 -57.73
CA GLY F 298 -37.10 -96.27 -56.47
C GLY F 298 -38.60 -96.43 -56.52
N VAL F 299 -39.19 -96.56 -55.35
CA VAL F 299 -40.63 -96.74 -55.19
C VAL F 299 -41.12 -95.73 -54.17
N ILE F 300 -42.27 -95.12 -54.45
CA ILE F 300 -42.95 -94.24 -53.51
C ILE F 300 -44.09 -95.03 -52.90
N PRO F 301 -43.99 -95.47 -51.64
CA PRO F 301 -44.98 -96.43 -51.13
C PRO F 301 -46.34 -95.82 -50.89
N GLY F 302 -46.36 -94.57 -50.41
CA GLY F 302 -47.60 -93.93 -50.06
C GLY F 302 -48.18 -93.10 -51.19
N GLY F 303 -47.73 -93.36 -52.41
CA GLY F 303 -48.11 -92.47 -53.48
C GLY F 303 -47.45 -91.13 -53.26
N SER F 304 -47.96 -90.13 -53.97
CA SER F 304 -47.47 -88.77 -53.82
C SER F 304 -47.59 -88.34 -52.37
N SER F 305 -46.87 -87.28 -51.99
CA SER F 305 -46.81 -86.76 -50.62
C SER F 305 -45.91 -87.61 -49.75
N THR F 306 -45.15 -88.53 -50.32
CA THR F 306 -44.39 -89.50 -49.56
C THR F 306 -42.96 -89.55 -50.11
N PRO F 307 -41.93 -89.53 -49.28
CA PRO F 307 -40.57 -89.58 -49.81
C PRO F 307 -40.33 -90.89 -50.53
N ILE F 308 -39.49 -90.84 -51.55
CA ILE F 308 -39.13 -92.05 -52.28
C ILE F 308 -38.11 -92.85 -51.47
N ILE F 309 -38.05 -94.14 -51.73
CA ILE F 309 -37.04 -95.00 -51.13
C ILE F 309 -36.31 -95.72 -52.26
N PRO F 310 -34.98 -95.86 -52.20
CA PRO F 310 -34.25 -96.50 -53.28
C PRO F 310 -34.40 -98.01 -53.24
N LYS F 311 -33.88 -98.65 -54.29
CA LYS F 311 -34.00 -100.10 -54.44
C LYS F 311 -33.35 -100.82 -53.26
N ASN F 312 -32.14 -100.44 -52.90
CA ASN F 312 -31.42 -101.17 -51.86
C ASN F 312 -32.19 -101.13 -50.55
N VAL F 313 -32.58 -99.93 -50.11
CA VAL F 313 -33.37 -99.84 -48.88
C VAL F 313 -34.72 -100.51 -49.08
N CYS F 314 -35.21 -100.55 -50.31
CA CYS F 314 -36.53 -101.09 -50.60
C CYS F 314 -36.57 -102.62 -50.53
N ASP F 315 -35.43 -103.27 -50.75
CA ASP F 315 -35.42 -104.72 -50.90
C ASP F 315 -36.09 -105.43 -49.75
N ASP F 316 -35.88 -104.94 -48.53
CA ASP F 316 -36.48 -105.53 -47.32
C ASP F 316 -37.30 -104.45 -46.61
N VAL F 317 -38.54 -104.29 -47.04
CA VAL F 317 -39.46 -103.32 -46.45
C VAL F 317 -40.72 -104.05 -46.03
N ILE F 318 -41.12 -103.84 -44.78
CA ILE F 318 -42.40 -104.33 -44.29
C ILE F 318 -43.45 -103.27 -44.57
N MET F 319 -44.44 -103.62 -45.37
CA MET F 319 -45.46 -102.64 -45.74
C MET F 319 -46.50 -102.56 -44.64
N ASP F 320 -46.60 -101.39 -44.02
CA ASP F 320 -47.53 -101.16 -42.93
C ASP F 320 -47.38 -99.70 -42.49
N PHE F 321 -48.31 -99.27 -41.65
CA PHE F 321 -48.23 -97.92 -41.12
C PHE F 321 -46.92 -97.73 -40.36
N ASP F 322 -46.56 -98.70 -39.54
CA ASP F 322 -45.26 -98.73 -38.90
C ASP F 322 -44.26 -99.26 -39.90
N GLY F 323 -43.04 -99.56 -39.45
CA GLY F 323 -42.08 -100.16 -40.33
C GLY F 323 -41.55 -99.18 -41.36
N LEU F 324 -42.43 -98.77 -42.29
CA LEU F 324 -42.06 -97.73 -43.23
C LEU F 324 -41.65 -96.45 -42.51
N ILE F 325 -42.33 -96.13 -41.41
CA ILE F 325 -41.96 -94.94 -40.65
C ILE F 325 -40.52 -95.01 -40.23
N ALA F 326 -40.09 -96.18 -39.74
CA ALA F 326 -38.68 -96.36 -39.40
C ALA F 326 -37.80 -96.17 -40.62
N ALA F 327 -38.21 -96.71 -41.77
CA ALA F 327 -37.48 -96.56 -43.02
C ALA F 327 -37.58 -95.15 -43.60
N GLN F 328 -38.12 -94.16 -42.88
CA GLN F 328 -38.18 -92.77 -43.34
C GLN F 328 -39.15 -92.60 -44.49
N THR F 329 -40.34 -93.19 -44.35
CA THR F 329 -41.41 -92.94 -45.30
C THR F 329 -42.72 -93.31 -44.63
N SER F 330 -43.80 -92.67 -45.08
CA SER F 330 -45.13 -92.86 -44.54
C SER F 330 -45.96 -93.65 -45.52
N LEU F 331 -46.68 -94.66 -45.02
CA LEU F 331 -47.45 -95.53 -45.90
C LEU F 331 -48.52 -94.78 -46.67
N GLY F 332 -48.93 -93.61 -46.21
CA GLY F 332 -49.89 -92.80 -46.92
C GLY F 332 -51.16 -93.54 -47.28
N THR F 333 -51.39 -93.76 -48.57
CA THR F 333 -52.54 -94.50 -49.06
C THR F 333 -52.17 -95.88 -49.59
N ALA F 334 -50.96 -96.37 -49.24
CA ALA F 334 -50.45 -97.60 -49.81
C ALA F 334 -50.50 -97.55 -51.33
N ALA F 335 -50.18 -96.39 -51.86
CA ALA F 335 -50.13 -96.19 -53.31
C ALA F 335 -48.68 -96.31 -53.74
N ILE F 336 -48.33 -97.45 -54.31
CA ILE F 336 -46.96 -97.75 -54.68
C ILE F 336 -46.77 -97.33 -56.13
N ILE F 337 -45.97 -96.28 -56.33
CA ILE F 337 -45.56 -95.82 -57.65
C ILE F 337 -44.11 -96.25 -57.86
N VAL F 338 -43.88 -97.15 -58.79
CA VAL F 338 -42.58 -97.77 -58.99
C VAL F 338 -42.00 -97.33 -60.31
N MET F 339 -40.70 -97.03 -60.32
CA MET F 339 -39.99 -96.63 -61.52
C MET F 339 -38.77 -97.52 -61.75
N ASP F 340 -38.57 -97.90 -63.01
CA ASP F 340 -37.44 -98.72 -63.40
C ASP F 340 -36.14 -97.95 -63.23
N LYS F 341 -35.02 -98.67 -63.42
CA LYS F 341 -33.70 -98.08 -63.22
C LYS F 341 -33.44 -96.92 -64.17
N SER F 342 -34.15 -96.82 -65.28
CA SER F 342 -33.87 -95.83 -66.33
C SER F 342 -35.04 -94.86 -66.46
N THR F 343 -34.96 -93.75 -65.75
CA THR F 343 -35.91 -92.66 -65.91
C THR F 343 -35.44 -91.47 -65.07
N ASP F 344 -35.83 -90.27 -65.49
CA ASP F 344 -35.44 -89.05 -64.80
C ASP F 344 -36.28 -88.93 -63.54
N VAL F 345 -35.75 -89.43 -62.43
CA VAL F 345 -36.44 -89.30 -61.16
C VAL F 345 -36.61 -87.82 -60.81
N ILE F 346 -35.59 -87.02 -61.11
CA ILE F 346 -35.62 -85.63 -60.67
C ILE F 346 -36.82 -84.92 -61.27
N LYS F 347 -37.04 -85.08 -62.57
CA LYS F 347 -38.17 -84.42 -63.19
C LYS F 347 -39.45 -85.19 -62.97
N ALA F 348 -39.36 -86.45 -62.53
CA ALA F 348 -40.52 -87.11 -61.98
C ALA F 348 -41.00 -86.39 -60.74
N ILE F 349 -40.10 -86.13 -59.80
CA ILE F 349 -40.46 -85.42 -58.59
C ILE F 349 -40.85 -83.99 -58.90
N ALA F 350 -40.15 -83.35 -59.84
CA ALA F 350 -40.51 -81.99 -60.21
C ALA F 350 -41.96 -81.91 -60.62
N ARG F 351 -42.46 -82.94 -61.27
CA ARG F 351 -43.87 -82.99 -61.62
C ARG F 351 -44.74 -82.96 -60.37
N LEU F 352 -44.34 -83.72 -59.33
CA LEU F 352 -45.10 -83.69 -58.09
C LEU F 352 -45.16 -82.28 -57.53
N ILE F 353 -44.03 -81.58 -57.52
CA ILE F 353 -44.00 -80.25 -56.94
C ILE F 353 -44.92 -79.31 -57.70
N SER F 354 -44.86 -79.38 -59.04
CA SER F 354 -45.78 -78.58 -59.83
C SER F 354 -47.22 -78.89 -59.47
N PHE F 355 -47.51 -80.15 -59.17
CA PHE F 355 -48.85 -80.51 -58.74
C PHE F 355 -49.22 -79.81 -57.45
N TYR F 356 -48.30 -79.80 -56.49
CA TYR F 356 -48.56 -79.09 -55.24
C TYR F 356 -48.70 -77.59 -55.48
N LYS F 357 -47.79 -77.01 -56.25
CA LYS F 357 -47.88 -75.59 -56.55
C LYS F 357 -49.24 -75.26 -57.13
N HIS F 358 -49.73 -76.10 -58.02
CA HIS F 358 -51.04 -75.88 -58.59
C HIS F 358 -52.15 -76.31 -57.65
N GLU F 359 -51.85 -77.09 -56.62
CA GLU F 359 -52.88 -77.58 -55.70
C GLU F 359 -52.48 -77.19 -54.27
N SER F 360 -52.75 -75.95 -53.92
CA SER F 360 -52.45 -75.43 -52.59
C SER F 360 -53.28 -74.16 -52.45
N CYS F 361 -54.33 -74.21 -51.62
CA CYS F 361 -55.32 -73.15 -51.61
C CYS F 361 -54.62 -71.80 -51.59
N GLY F 362 -53.67 -71.66 -50.69
CA GLY F 362 -52.86 -70.47 -50.62
C GLY F 362 -53.30 -69.59 -49.49
N GLN F 363 -53.53 -70.20 -48.35
CA GLN F 363 -53.93 -69.45 -47.17
C GLN F 363 -52.76 -69.21 -46.24
N CYS F 364 -51.81 -70.12 -46.17
CA CYS F 364 -50.67 -70.02 -45.29
C CYS F 364 -49.50 -69.38 -46.00
N THR F 365 -48.72 -68.61 -45.26
CA THR F 365 -47.53 -68.00 -45.85
C THR F 365 -46.56 -69.02 -46.42
N PRO F 366 -46.21 -70.09 -45.72
CA PRO F 366 -45.25 -71.01 -46.32
C PRO F 366 -45.77 -71.65 -47.60
N CYS F 367 -46.94 -72.24 -47.52
CA CYS F 367 -47.50 -72.98 -48.62
C CYS F 367 -48.03 -72.13 -49.77
N ARG F 368 -48.35 -70.86 -49.58
CA ARG F 368 -48.90 -70.09 -50.69
C ARG F 368 -47.82 -69.73 -51.69
N GLU F 369 -46.59 -69.68 -51.21
CA GLU F 369 -45.40 -69.35 -51.97
C GLU F 369 -44.29 -70.38 -51.87
N GLY F 370 -44.11 -71.03 -50.71
CA GLY F 370 -42.91 -71.81 -50.52
C GLY F 370 -42.85 -72.96 -51.49
N ILE F 371 -43.99 -73.59 -51.73
CA ILE F 371 -44.08 -74.58 -52.79
C ILE F 371 -43.79 -73.92 -54.12
N GLY F 372 -44.28 -72.69 -54.31
CA GLY F 372 -43.93 -71.94 -55.51
C GLY F 372 -42.42 -71.78 -55.65
N TRP F 373 -41.75 -71.48 -54.55
CA TRP F 373 -40.30 -71.43 -54.58
C TRP F 373 -39.71 -72.77 -54.97
N MET F 374 -40.13 -73.83 -54.27
CA MET F 374 -39.59 -75.15 -54.56
C MET F 374 -39.83 -75.51 -56.01
N ASN F 375 -40.95 -75.06 -56.58
CA ASN F 375 -41.19 -75.33 -57.99
C ASN F 375 -40.14 -74.65 -58.86
N LYS F 376 -39.81 -73.40 -58.55
CA LYS F 376 -38.79 -72.70 -59.32
C LYS F 376 -37.44 -73.39 -59.20
N ILE F 377 -37.05 -73.78 -57.99
CA ILE F 377 -35.76 -74.42 -57.81
C ILE F 377 -35.72 -75.75 -58.55
N MET F 378 -36.75 -76.57 -58.38
CA MET F 378 -36.71 -77.89 -59.00
C MET F 378 -36.68 -77.78 -60.51
N THR F 379 -37.44 -76.86 -61.09
CA THR F 379 -37.41 -76.66 -62.53
C THR F 379 -35.99 -76.37 -63.01
N ARG F 380 -35.29 -75.48 -62.30
CA ARG F 380 -33.92 -75.19 -62.67
C ARG F 380 -33.04 -76.43 -62.51
N PHE F 381 -33.24 -77.19 -61.43
CA PHE F 381 -32.47 -78.42 -61.26
C PHE F 381 -32.70 -79.37 -62.42
N VAL F 382 -33.96 -79.54 -62.82
CA VAL F 382 -34.27 -80.48 -63.89
C VAL F 382 -33.54 -80.10 -65.17
N LYS F 383 -33.51 -78.81 -65.49
CA LYS F 383 -32.74 -78.36 -66.64
C LYS F 383 -31.24 -78.31 -66.34
N GLY F 384 -30.84 -78.56 -65.10
CA GLY F 384 -29.44 -78.71 -64.76
C GLY F 384 -28.70 -77.44 -64.44
N ASP F 385 -29.39 -76.30 -64.43
CA ASP F 385 -28.76 -74.99 -64.21
C ASP F 385 -29.00 -74.54 -62.78
N ALA F 386 -28.07 -74.86 -61.89
CA ALA F 386 -28.15 -74.43 -60.51
C ALA F 386 -26.84 -74.74 -59.81
N GLN F 387 -26.36 -73.80 -59.00
CA GLN F 387 -25.19 -74.05 -58.18
C GLN F 387 -25.50 -75.19 -57.21
N PRO F 388 -24.52 -76.05 -56.90
CA PRO F 388 -24.81 -77.19 -56.01
C PRO F 388 -25.32 -76.79 -54.64
N ALA F 389 -25.04 -75.57 -54.18
CA ALA F 389 -25.59 -75.13 -52.91
C ALA F 389 -27.10 -75.17 -52.88
N GLU F 390 -27.75 -75.10 -54.04
CA GLU F 390 -29.21 -75.21 -54.06
C GLU F 390 -29.67 -76.57 -53.58
N ILE F 391 -28.78 -77.55 -53.51
CA ILE F 391 -29.08 -78.75 -52.74
C ILE F 391 -29.49 -78.37 -51.33
N ASP F 392 -28.76 -77.43 -50.74
CA ASP F 392 -29.02 -77.08 -49.34
C ASP F 392 -30.27 -76.22 -49.19
N MET F 393 -30.49 -75.26 -50.09
CA MET F 393 -31.76 -74.55 -50.14
C MET F 393 -32.94 -75.51 -50.04
N LEU F 394 -33.00 -76.46 -50.97
CA LEU F 394 -34.14 -77.36 -50.99
C LEU F 394 -34.23 -78.13 -49.68
N TRP F 395 -33.10 -78.63 -49.19
CA TRP F 395 -33.11 -79.28 -47.90
C TRP F 395 -33.61 -78.32 -46.82
N GLU F 396 -33.00 -77.14 -46.75
CA GLU F 396 -33.25 -76.27 -45.62
C GLU F 396 -34.56 -75.51 -45.77
N ILE F 397 -34.94 -75.17 -47.00
CA ILE F 397 -36.28 -74.62 -47.23
C ILE F 397 -37.34 -75.61 -46.79
N SER F 398 -37.15 -76.88 -47.13
CA SER F 398 -38.16 -77.88 -46.83
C SER F 398 -38.42 -77.94 -45.33
N LYS F 399 -37.37 -77.84 -44.52
CA LYS F 399 -37.57 -77.82 -43.08
C LYS F 399 -38.36 -76.60 -42.67
N GLN F 400 -38.13 -75.46 -43.33
CA GLN F 400 -38.85 -74.25 -42.96
C GLN F 400 -40.35 -74.40 -43.23
N ILE F 401 -40.70 -75.04 -44.34
CA ILE F 401 -42.12 -75.19 -44.67
C ILE F 401 -42.78 -76.19 -43.72
N GLU F 402 -42.14 -77.33 -43.49
CA GLU F 402 -42.82 -78.40 -42.78
C GLU F 402 -43.03 -78.02 -41.32
N GLY F 403 -44.26 -78.20 -40.84
CA GLY F 403 -44.62 -77.97 -39.47
C GLY F 403 -45.26 -76.63 -39.21
N HIS F 404 -45.09 -75.67 -40.10
CA HIS F 404 -45.59 -74.32 -39.92
C HIS F 404 -46.84 -74.06 -40.72
N THR F 405 -47.21 -74.96 -41.62
CA THR F 405 -48.39 -74.80 -42.44
C THR F 405 -49.61 -75.28 -41.68
N ILE F 406 -50.79 -74.90 -42.17
CA ILE F 406 -52.00 -75.22 -41.45
C ILE F 406 -52.42 -76.66 -41.73
N CYS F 407 -52.72 -77.00 -42.97
CA CYS F 407 -53.19 -78.34 -43.25
C CYS F 407 -51.97 -79.18 -43.58
N ALA F 408 -52.13 -80.50 -43.51
CA ALA F 408 -50.98 -81.35 -43.75
C ALA F 408 -50.43 -81.24 -45.17
N LEU F 409 -51.09 -80.50 -46.06
CA LEU F 409 -50.60 -80.44 -47.44
C LEU F 409 -49.17 -79.96 -47.52
N GLY F 410 -48.79 -78.98 -46.70
CA GLY F 410 -47.44 -78.47 -46.77
C GLY F 410 -46.43 -79.58 -46.52
N ASP F 411 -46.71 -80.42 -45.53
CA ASP F 411 -45.82 -81.53 -45.24
C ASP F 411 -45.74 -82.48 -46.42
N GLY F 412 -46.88 -82.73 -47.07
CA GLY F 412 -46.86 -83.55 -48.26
C GLY F 412 -45.99 -82.95 -49.34
N ALA F 413 -45.92 -81.64 -49.41
CA ALA F 413 -45.02 -80.99 -50.35
C ALA F 413 -43.58 -81.01 -49.86
N ALA F 414 -43.37 -80.95 -48.54
CA ALA F 414 -42.01 -80.89 -48.02
C ALA F 414 -41.30 -82.23 -48.14
N TRP F 415 -41.97 -83.32 -47.78
CA TRP F 415 -41.28 -84.61 -47.69
C TRP F 415 -40.65 -85.05 -49.00
N PRO F 416 -41.35 -85.05 -50.14
CA PRO F 416 -40.74 -85.64 -51.35
C PRO F 416 -39.40 -85.04 -51.71
N VAL F 417 -39.24 -83.73 -51.55
CA VAL F 417 -37.97 -83.12 -51.87
C VAL F 417 -36.92 -83.51 -50.84
N GLN F 418 -37.32 -83.70 -49.59
CA GLN F 418 -36.38 -84.17 -48.59
C GLN F 418 -35.88 -85.57 -48.93
N GLY F 419 -36.79 -86.45 -49.34
CA GLY F 419 -36.36 -87.78 -49.73
C GLY F 419 -35.43 -87.75 -50.92
N LEU F 420 -35.73 -86.91 -51.90
CA LEU F 420 -34.94 -86.86 -53.12
C LEU F 420 -33.49 -86.48 -52.82
N ILE F 421 -33.30 -85.49 -51.95
CA ILE F 421 -31.95 -85.07 -51.60
C ILE F 421 -31.25 -86.14 -50.79
N ARG F 422 -31.97 -86.81 -49.89
CA ARG F 422 -31.32 -87.78 -49.02
C ARG F 422 -30.75 -88.95 -49.81
N HIS F 423 -31.47 -89.43 -50.82
CA HIS F 423 -31.20 -90.72 -51.43
C HIS F 423 -30.73 -90.65 -52.87
N PHE F 424 -31.13 -89.62 -53.63
CA PHE F 424 -30.70 -89.48 -55.02
C PHE F 424 -29.95 -88.17 -55.25
N ARG F 425 -29.33 -87.62 -54.21
CA ARG F 425 -28.49 -86.46 -54.41
C ARG F 425 -27.39 -86.69 -55.44
N PRO F 426 -26.72 -87.85 -55.49
CA PRO F 426 -25.69 -88.04 -56.53
C PRO F 426 -26.21 -87.86 -57.93
N GLU F 427 -27.47 -88.21 -58.18
CA GLU F 427 -28.05 -87.95 -59.48
C GLU F 427 -28.07 -86.46 -59.79
N ILE F 428 -28.52 -85.65 -58.82
CA ILE F 428 -28.58 -84.21 -59.06
C ILE F 428 -27.19 -83.67 -59.32
N GLU F 429 -26.21 -84.17 -58.57
CA GLU F 429 -24.84 -83.71 -58.74
C GLU F 429 -24.36 -83.98 -60.17
N LYS F 430 -24.67 -85.18 -60.68
CA LYS F 430 -24.30 -85.48 -62.06
C LYS F 430 -25.07 -84.60 -63.04
N ARG F 431 -26.36 -84.41 -62.82
CA ARG F 431 -27.14 -83.56 -63.71
C ARG F 431 -26.56 -82.15 -63.73
N MET F 432 -26.26 -81.60 -62.57
CA MET F 432 -25.61 -80.30 -62.52
C MET F 432 -24.23 -80.37 -63.16
N GLN F 433 -23.52 -81.47 -62.93
CA GLN F 433 -22.17 -81.59 -63.47
C GLN F 433 -22.20 -81.56 -64.99
N LEU F 434 -23.12 -82.29 -65.61
CA LEU F 434 -23.19 -82.32 -67.06
C LEU F 434 -23.48 -80.93 -67.61
N HIS F 435 -24.40 -80.20 -66.99
CA HIS F 435 -24.72 -78.86 -67.44
C HIS F 435 -23.48 -77.96 -67.35
N ALA F 436 -22.76 -78.03 -66.23
CA ALA F 436 -21.61 -77.16 -66.05
C ALA F 436 -20.53 -77.45 -67.08
N LYS F 437 -20.26 -78.73 -67.34
CA LYS F 437 -19.23 -79.09 -68.31
C LYS F 437 -19.60 -78.56 -69.70
N ARG F 438 -20.86 -78.76 -70.11
CA ARG F 438 -21.32 -78.19 -71.37
C ARG F 438 -21.28 -76.67 -71.33
N VAL F 439 -21.49 -76.08 -70.16
CA VAL F 439 -21.42 -74.65 -70.01
C VAL F 439 -19.99 -74.19 -70.21
N PRO G 39 -64.64 -67.50 -12.65
CA PRO G 39 -63.78 -68.32 -13.50
C PRO G 39 -62.30 -68.19 -13.14
N GLU G 40 -61.78 -69.18 -12.42
CA GLU G 40 -60.39 -69.14 -11.97
C GLU G 40 -59.44 -69.04 -13.15
N LYS G 41 -58.39 -68.24 -12.97
CA LYS G 41 -57.43 -67.99 -14.04
C LYS G 41 -56.34 -69.04 -14.02
N ILE G 42 -55.97 -69.51 -15.20
CA ILE G 42 -54.98 -70.57 -15.32
C ILE G 42 -53.60 -70.01 -15.03
N GLU G 43 -52.69 -70.89 -14.64
CA GLU G 43 -51.29 -70.53 -14.44
C GLU G 43 -50.48 -71.12 -15.56
N VAL G 44 -49.82 -70.26 -16.33
CA VAL G 44 -49.02 -70.67 -17.47
C VAL G 44 -47.74 -69.88 -17.46
N PHE G 45 -46.62 -70.56 -17.74
CA PHE G 45 -45.30 -69.94 -17.64
C PHE G 45 -44.89 -69.40 -19.00
N VAL G 46 -45.39 -68.20 -19.31
CA VAL G 46 -44.97 -67.52 -20.52
C VAL G 46 -43.51 -67.11 -20.35
N ASP G 47 -42.61 -67.80 -21.03
CA ASP G 47 -41.20 -67.43 -21.03
C ASP G 47 -40.63 -67.49 -19.61
N ASP G 48 -40.91 -68.59 -18.92
CA ASP G 48 -40.45 -68.80 -17.55
C ASP G 48 -40.93 -67.70 -16.62
N ILE G 49 -42.16 -67.25 -16.82
CA ILE G 49 -42.79 -66.29 -15.91
C ILE G 49 -44.22 -66.77 -15.66
N PRO G 50 -44.63 -67.05 -14.42
CA PRO G 50 -46.03 -67.40 -14.19
C PRO G 50 -46.96 -66.27 -14.62
N VAL G 51 -48.09 -66.65 -15.21
CA VAL G 51 -49.04 -65.68 -15.75
C VAL G 51 -50.46 -66.15 -15.44
N GLN G 52 -51.35 -65.19 -15.28
CA GLN G 52 -52.76 -65.45 -15.00
C GLN G 52 -53.59 -65.14 -16.24
N VAL G 53 -54.38 -66.11 -16.67
CA VAL G 53 -55.23 -65.98 -17.83
C VAL G 53 -56.60 -66.56 -17.50
N VAL G 54 -57.66 -65.84 -17.84
CA VAL G 54 -58.99 -66.47 -17.77
C VAL G 54 -59.05 -67.57 -18.82
N PRO G 55 -59.57 -68.76 -18.50
CA PRO G 55 -59.48 -69.88 -19.44
C PRO G 55 -60.13 -69.55 -20.77
N GLY G 56 -59.55 -70.09 -21.83
CA GLY G 56 -59.91 -69.72 -23.19
C GLY G 56 -59.10 -68.57 -23.74
N THR G 57 -58.29 -67.91 -22.91
CA THR G 57 -57.45 -66.84 -23.42
C THR G 57 -56.47 -67.40 -24.43
N THR G 58 -56.22 -66.63 -25.48
CA THR G 58 -55.27 -67.04 -26.50
C THR G 58 -53.86 -66.77 -26.03
N VAL G 59 -52.91 -67.53 -26.57
CA VAL G 59 -51.53 -67.42 -26.11
C VAL G 59 -51.05 -65.99 -26.30
N LEU G 60 -51.30 -65.43 -27.48
CA LEU G 60 -50.86 -64.06 -27.74
C LEU G 60 -51.48 -63.11 -26.75
N GLN G 61 -52.78 -63.24 -26.51
CA GLN G 61 -53.46 -62.29 -25.63
C GLN G 61 -52.92 -62.40 -24.21
N ALA G 62 -52.39 -63.57 -23.85
CA ALA G 62 -51.71 -63.72 -22.56
C ALA G 62 -50.32 -63.12 -22.59
N ALA G 63 -49.59 -63.27 -23.70
CA ALA G 63 -48.22 -62.76 -23.73
C ALA G 63 -48.21 -61.25 -23.60
N ALA G 64 -49.16 -60.57 -24.23
CA ALA G 64 -49.27 -59.13 -24.05
C ALA G 64 -49.63 -58.79 -22.62
N GLN G 65 -50.51 -59.59 -22.00
CA GLN G 65 -50.88 -59.39 -20.61
C GLN G 65 -49.63 -59.27 -19.75
N ILE G 66 -48.72 -60.24 -19.88
CA ILE G 66 -47.46 -60.15 -19.15
C ILE G 66 -46.60 -59.03 -19.72
N GLY G 67 -46.56 -58.89 -21.03
CA GLY G 67 -45.81 -57.80 -21.64
C GLY G 67 -45.07 -58.15 -22.91
N VAL G 68 -44.74 -59.43 -23.10
CA VAL G 68 -44.09 -59.83 -24.33
C VAL G 68 -45.06 -59.67 -25.49
N GLU G 69 -44.53 -59.37 -26.66
CA GLU G 69 -45.31 -59.18 -27.87
C GLU G 69 -44.82 -60.13 -28.94
N ILE G 70 -45.76 -60.78 -29.62
CA ILE G 70 -45.42 -61.70 -30.69
C ILE G 70 -45.62 -60.98 -32.01
N PRO G 71 -44.76 -61.16 -33.00
CA PRO G 71 -45.01 -60.53 -34.31
C PRO G 71 -46.26 -61.08 -34.95
N ARG G 72 -47.12 -60.17 -35.41
CA ARG G 72 -48.36 -60.52 -36.06
C ARG G 72 -48.49 -59.78 -37.38
N PHE G 73 -49.20 -60.39 -38.30
CA PHE G 73 -49.68 -59.68 -39.47
C PHE G 73 -51.17 -59.80 -39.69
N CYS G 74 -51.75 -60.98 -39.52
CA CYS G 74 -53.15 -61.17 -39.84
C CYS G 74 -54.04 -60.99 -38.62
N TYR G 75 -53.46 -60.70 -37.47
CA TYR G 75 -54.19 -60.54 -36.22
C TYR G 75 -54.37 -59.08 -35.92
N HIS G 76 -55.57 -58.70 -35.56
CA HIS G 76 -55.83 -57.36 -35.09
C HIS G 76 -56.85 -57.42 -33.97
N GLU G 77 -56.72 -56.50 -33.01
CA GLU G 77 -57.59 -56.51 -31.84
C GLU G 77 -59.06 -56.55 -32.24
N ARG G 78 -59.43 -55.80 -33.26
CA ARG G 78 -60.82 -55.58 -33.62
C ARG G 78 -61.20 -56.28 -34.92
N LEU G 79 -60.70 -57.51 -35.10
CA LEU G 79 -61.08 -58.31 -36.26
C LEU G 79 -61.15 -59.76 -35.85
N ALA G 80 -61.88 -60.53 -36.64
CA ALA G 80 -61.97 -61.97 -36.40
C ALA G 80 -60.58 -62.57 -36.49
N VAL G 81 -60.41 -63.70 -35.82
CA VAL G 81 -59.13 -64.37 -35.75
C VAL G 81 -58.96 -65.26 -36.96
N ALA G 82 -57.78 -65.23 -37.56
CA ALA G 82 -57.43 -66.16 -38.62
C ALA G 82 -55.96 -66.48 -38.50
N GLY G 83 -55.57 -67.65 -38.99
CA GLY G 83 -54.18 -67.97 -39.14
C GLY G 83 -53.79 -67.84 -40.60
N ASN G 84 -53.19 -66.72 -40.97
CA ASN G 84 -52.72 -66.56 -42.33
C ASN G 84 -51.21 -66.37 -42.38
N CYS G 85 -50.69 -65.40 -41.62
CA CYS G 85 -49.30 -65.05 -41.82
C CYS G 85 -48.39 -66.18 -41.38
N ARG G 86 -48.77 -66.89 -40.33
CA ARG G 86 -47.88 -67.85 -39.69
C ARG G 86 -46.68 -67.16 -39.09
N MET G 87 -46.78 -65.86 -38.86
CA MET G 87 -45.72 -65.10 -38.24
C MET G 87 -45.83 -65.11 -36.73
N CYS G 88 -47.03 -65.35 -36.21
CA CYS G 88 -47.24 -65.40 -34.78
C CYS G 88 -46.85 -66.73 -34.18
N LEU G 89 -46.30 -67.65 -34.96
CA LEU G 89 -45.93 -68.96 -34.45
C LEU G 89 -45.08 -68.84 -33.20
N VAL G 90 -45.11 -69.87 -32.37
CA VAL G 90 -44.32 -69.88 -31.15
C VAL G 90 -44.23 -71.33 -30.69
N GLU G 91 -43.18 -71.65 -29.94
CA GLU G 91 -42.96 -73.00 -29.50
C GLU G 91 -43.41 -73.16 -28.05
N VAL G 92 -44.11 -74.25 -27.77
CA VAL G 92 -44.46 -74.64 -26.42
C VAL G 92 -43.67 -75.89 -26.08
N GLU G 93 -43.14 -75.95 -24.87
CA GLU G 93 -42.31 -77.09 -24.49
C GLU G 93 -43.10 -78.38 -24.71
N LYS G 94 -42.46 -79.33 -25.39
CA LYS G 94 -43.14 -80.55 -25.86
C LYS G 94 -44.18 -80.20 -26.93
N SER G 95 -43.78 -79.37 -27.89
CA SER G 95 -44.62 -79.04 -29.03
C SER G 95 -44.25 -79.95 -30.19
N PRO G 96 -45.11 -80.87 -30.62
CA PRO G 96 -44.87 -81.51 -31.91
C PRO G 96 -44.88 -80.51 -33.04
N LYS G 97 -45.63 -79.43 -32.88
CA LYS G 97 -45.98 -78.52 -33.94
C LYS G 97 -46.02 -77.11 -33.37
N PRO G 98 -45.21 -76.17 -33.87
CA PRO G 98 -45.35 -74.79 -33.39
C PRO G 98 -46.75 -74.28 -33.65
N VAL G 99 -47.27 -73.52 -32.71
CA VAL G 99 -48.66 -73.10 -32.71
C VAL G 99 -48.75 -71.61 -32.97
N ALA G 100 -49.81 -71.20 -33.63
CA ALA G 100 -50.07 -69.79 -33.89
C ALA G 100 -50.61 -69.17 -32.62
N ALA G 101 -49.78 -68.35 -31.97
CA ALA G 101 -50.22 -67.71 -30.74
C ALA G 101 -51.52 -66.95 -30.93
N CYS G 102 -51.68 -66.30 -32.09
CA CYS G 102 -52.81 -65.43 -32.29
C CYS G 102 -54.12 -66.17 -32.06
N ALA G 103 -54.16 -67.47 -32.34
CA ALA G 103 -55.40 -68.23 -32.32
C ALA G 103 -55.30 -69.50 -31.50
N MET G 104 -54.40 -69.54 -30.52
CA MET G 104 -54.18 -70.75 -29.74
C MET G 104 -54.66 -70.55 -28.31
N PRO G 105 -55.80 -71.11 -27.91
CA PRO G 105 -56.23 -70.96 -26.52
C PRO G 105 -55.28 -71.65 -25.56
N VAL G 106 -54.90 -70.94 -24.50
CA VAL G 106 -53.93 -71.48 -23.54
C VAL G 106 -54.56 -72.64 -22.80
N MET G 107 -53.71 -73.53 -22.29
CA MET G 107 -54.15 -74.70 -21.55
C MET G 107 -53.22 -74.92 -20.36
N LYS G 108 -53.72 -75.65 -19.37
CA LYS G 108 -53.11 -75.69 -18.05
C LYS G 108 -51.63 -76.03 -18.11
N GLY G 109 -50.85 -75.34 -17.28
CA GLY G 109 -49.47 -75.73 -17.03
C GLY G 109 -48.63 -75.80 -18.27
N TRP G 110 -48.83 -74.88 -19.21
CA TRP G 110 -48.05 -74.88 -20.43
C TRP G 110 -46.73 -74.16 -20.20
N ARG G 111 -45.88 -74.16 -21.22
CA ARG G 111 -44.62 -73.43 -21.17
C ARG G 111 -44.37 -72.88 -22.57
N ILE G 112 -44.64 -71.59 -22.74
CA ILE G 112 -44.48 -70.93 -24.03
C ILE G 112 -43.09 -70.33 -24.07
N LYS G 113 -42.29 -70.77 -25.04
CA LYS G 113 -40.92 -70.30 -25.21
C LYS G 113 -40.90 -69.29 -26.34
N THR G 114 -41.28 -68.05 -26.02
CA THR G 114 -41.34 -67.03 -27.05
C THR G 114 -40.01 -66.86 -27.73
N ASN G 115 -39.00 -66.40 -27.00
CA ASN G 115 -37.66 -66.22 -27.55
C ASN G 115 -36.80 -67.43 -27.21
N SER G 116 -37.14 -68.55 -27.83
CA SER G 116 -36.31 -69.72 -27.91
C SER G 116 -35.94 -69.94 -29.37
N ASP G 117 -34.79 -70.58 -29.60
CA ASP G 117 -34.24 -70.62 -30.95
C ASP G 117 -35.22 -71.22 -31.94
N LEU G 118 -36.03 -72.19 -31.52
CA LEU G 118 -37.00 -72.75 -32.45
C LEU G 118 -37.97 -71.68 -32.94
N THR G 119 -38.41 -70.81 -32.04
CA THR G 119 -39.23 -69.68 -32.48
C THR G 119 -38.46 -68.82 -33.47
N ARG G 120 -37.19 -68.52 -33.16
CA ARG G 120 -36.41 -67.68 -34.06
C ARG G 120 -36.24 -68.33 -35.41
N LYS G 121 -35.99 -69.65 -35.43
CA LYS G 121 -35.93 -70.36 -36.69
C LYS G 121 -37.22 -70.20 -37.48
N ALA G 122 -38.36 -70.34 -36.80
CA ALA G 122 -39.64 -70.25 -37.47
C ALA G 122 -39.86 -68.86 -38.06
N ARG G 123 -39.63 -67.83 -37.25
CA ARG G 123 -39.93 -66.48 -37.70
C ARG G 123 -39.11 -66.12 -38.93
N GLU G 124 -37.82 -66.44 -38.93
CA GLU G 124 -36.98 -66.09 -40.05
C GLU G 124 -37.47 -66.77 -41.33
N GLY G 125 -37.78 -68.05 -41.24
CA GLY G 125 -38.27 -68.75 -42.42
C GLY G 125 -39.52 -68.11 -42.98
N VAL G 126 -40.44 -67.73 -42.09
CA VAL G 126 -41.70 -67.15 -42.54
C VAL G 126 -41.45 -65.83 -43.25
N MET G 127 -40.47 -65.06 -42.79
CA MET G 127 -40.23 -63.77 -43.41
C MET G 127 -39.44 -63.91 -44.71
N GLU G 128 -38.50 -64.85 -44.77
CA GLU G 128 -37.89 -65.18 -46.05
C GLU G 128 -38.97 -65.45 -47.07
N PHE G 129 -40.02 -66.15 -46.64
CA PHE G 129 -41.14 -66.42 -47.52
C PHE G 129 -41.88 -65.15 -47.91
N LEU G 130 -42.21 -64.31 -46.93
CA LEU G 130 -42.98 -63.10 -47.25
C LEU G 130 -42.20 -62.20 -48.18
N LEU G 131 -40.90 -62.11 -47.99
CA LEU G 131 -40.07 -61.21 -48.75
C LEU G 131 -39.53 -61.82 -50.02
N MET G 132 -39.93 -63.04 -50.38
CA MET G 132 -39.54 -63.56 -51.67
C MET G 132 -39.94 -62.60 -52.77
N ASN G 133 -41.23 -62.35 -52.89
CA ASN G 133 -41.81 -61.73 -54.06
C ASN G 133 -42.62 -60.49 -53.72
N HIS G 134 -42.50 -59.98 -52.51
CA HIS G 134 -42.79 -58.57 -52.31
C HIS G 134 -41.87 -57.77 -53.21
N PRO G 135 -42.35 -56.72 -53.86
CA PRO G 135 -41.53 -56.05 -54.87
C PRO G 135 -40.54 -55.10 -54.20
N LEU G 136 -39.69 -54.51 -55.03
CA LEU G 136 -38.62 -53.65 -54.56
C LEU G 136 -39.06 -52.19 -54.59
N ASP G 137 -40.16 -51.89 -53.92
CA ASP G 137 -40.83 -50.61 -54.10
C ASP G 137 -40.94 -49.82 -52.80
N CYS G 138 -40.02 -50.01 -51.87
CA CYS G 138 -40.08 -49.19 -50.66
C CYS G 138 -39.99 -47.71 -50.99
N PRO G 139 -39.03 -47.24 -51.78
CA PRO G 139 -38.91 -45.79 -51.99
C PRO G 139 -40.15 -45.15 -52.59
N ILE G 140 -40.91 -45.87 -53.41
CA ILE G 140 -42.13 -45.33 -53.99
C ILE G 140 -43.37 -45.80 -53.28
N CYS G 141 -43.22 -46.57 -52.20
CA CYS G 141 -44.37 -47.10 -51.48
C CYS G 141 -44.70 -46.15 -50.33
N ASP G 142 -45.94 -45.67 -50.30
CA ASP G 142 -46.28 -44.62 -49.37
C ASP G 142 -46.14 -45.04 -47.92
N GLN G 143 -46.13 -46.34 -47.63
CA GLN G 143 -45.93 -46.80 -46.28
C GLN G 143 -44.46 -46.96 -45.91
N GLY G 144 -43.56 -46.41 -46.71
CA GLY G 144 -42.15 -46.48 -46.35
C GLY G 144 -41.91 -45.84 -45.00
N GLY G 145 -41.11 -46.50 -44.18
CA GLY G 145 -40.83 -46.01 -42.85
C GLY G 145 -42.00 -46.12 -41.90
N GLU G 146 -43.11 -46.71 -42.33
CA GLU G 146 -44.25 -46.96 -41.47
C GLU G 146 -44.79 -48.37 -41.68
N CYS G 147 -44.01 -49.23 -42.30
CA CYS G 147 -44.48 -50.50 -42.83
C CYS G 147 -44.11 -51.61 -41.86
N ASP G 148 -45.13 -52.33 -41.39
CA ASP G 148 -44.85 -53.42 -40.47
C ASP G 148 -43.92 -54.45 -41.08
N LEU G 149 -44.02 -54.67 -42.38
CA LEU G 149 -43.13 -55.64 -43.00
C LEU G 149 -41.69 -55.20 -42.84
N GLN G 150 -41.40 -53.92 -43.04
CA GLN G 150 -40.06 -53.43 -42.81
C GLN G 150 -39.67 -53.58 -41.35
N ASP G 151 -40.53 -53.14 -40.45
CA ASP G 151 -40.18 -53.16 -39.04
C ASP G 151 -39.97 -54.59 -38.57
N GLN G 152 -40.87 -55.49 -38.93
CA GLN G 152 -40.74 -56.86 -38.47
C GLN G 152 -39.65 -57.59 -39.22
N ALA G 153 -39.34 -57.17 -40.45
CA ALA G 153 -38.14 -57.69 -41.09
C ALA G 153 -36.90 -57.30 -40.31
N MET G 154 -36.81 -56.04 -39.88
CA MET G 154 -35.69 -55.61 -39.06
C MET G 154 -35.57 -56.45 -37.80
N ALA G 155 -36.64 -56.53 -37.03
CA ALA G 155 -36.55 -57.13 -35.71
C ALA G 155 -36.30 -58.63 -35.80
N PHE G 156 -37.07 -59.32 -36.62
CA PHE G 156 -37.24 -60.76 -36.48
C PHE G 156 -36.84 -61.55 -37.71
N GLY G 157 -36.52 -60.90 -38.82
CA GLY G 157 -36.14 -61.58 -40.03
C GLY G 157 -34.62 -61.69 -40.19
N SER G 158 -34.24 -62.34 -41.27
CA SER G 158 -32.83 -62.57 -41.57
C SER G 158 -32.23 -61.28 -42.15
N ASP G 159 -31.07 -61.40 -42.78
CA ASP G 159 -30.47 -60.25 -43.46
C ASP G 159 -29.81 -60.61 -44.78
N ARG G 160 -29.99 -61.82 -45.30
CA ARG G 160 -29.42 -62.25 -46.56
C ARG G 160 -30.53 -62.83 -47.42
N SER G 161 -30.42 -62.65 -48.74
CA SER G 161 -31.45 -63.07 -49.68
C SER G 161 -31.04 -64.41 -50.30
N ARG G 162 -31.66 -65.47 -49.82
CA ARG G 162 -31.49 -66.79 -50.41
C ARG G 162 -32.25 -66.94 -51.72
N PHE G 163 -33.13 -66.01 -52.04
CA PHE G 163 -33.87 -66.04 -53.29
C PHE G 163 -32.91 -65.71 -54.42
N THR G 164 -32.48 -66.74 -55.14
CA THR G 164 -31.54 -66.59 -56.24
C THR G 164 -32.23 -66.46 -57.59
N ASP G 165 -33.54 -66.65 -57.64
CA ASP G 165 -34.25 -66.74 -58.91
C ASP G 165 -34.57 -65.38 -59.52
N ILE G 166 -34.21 -64.29 -58.86
CA ILE G 166 -34.36 -62.99 -59.48
C ILE G 166 -33.59 -62.92 -60.79
N ASN G 167 -32.49 -63.67 -60.88
CA ASN G 167 -31.67 -63.68 -62.09
C ASN G 167 -32.20 -64.62 -63.16
N TYR G 168 -33.15 -65.50 -62.83
CA TYR G 168 -33.61 -66.53 -63.75
C TYR G 168 -35.02 -66.27 -64.26
N THR G 169 -35.99 -66.16 -63.35
CA THR G 169 -37.39 -66.04 -63.73
C THR G 169 -38.09 -64.93 -62.96
N GLY G 170 -37.42 -64.28 -62.04
CA GLY G 170 -37.98 -63.12 -61.41
C GLY G 170 -39.02 -63.45 -60.36
N LYS G 171 -39.91 -62.50 -60.15
CA LYS G 171 -40.94 -62.55 -59.14
C LYS G 171 -42.30 -62.64 -59.82
N ARG G 172 -43.36 -62.56 -59.02
CA ARG G 172 -44.71 -62.51 -59.55
C ARG G 172 -45.19 -61.06 -59.58
N ALA G 173 -46.30 -60.85 -60.26
CA ALA G 173 -46.90 -59.53 -60.36
C ALA G 173 -48.41 -59.69 -60.54
N VAL G 174 -49.13 -58.65 -60.17
CA VAL G 174 -50.58 -58.68 -60.25
C VAL G 174 -51.08 -57.34 -60.74
N GLU G 175 -52.08 -57.36 -61.61
CA GLU G 175 -52.69 -56.13 -62.06
C GLU G 175 -53.27 -55.39 -60.86
N ASP G 176 -53.08 -54.08 -60.83
CA ASP G 176 -53.74 -53.28 -59.81
C ASP G 176 -55.21 -53.15 -60.12
N LYS G 177 -55.98 -52.78 -59.09
CA LYS G 177 -57.42 -52.66 -59.23
C LYS G 177 -57.84 -51.21 -59.10
N ASP G 178 -58.91 -50.86 -59.79
CA ASP G 178 -59.61 -49.59 -59.57
C ASP G 178 -60.67 -49.84 -58.51
N ILE G 179 -60.59 -49.09 -57.41
CA ILE G 179 -61.50 -49.29 -56.29
C ILE G 179 -62.19 -48.01 -55.84
N GLY G 180 -61.71 -46.84 -56.20
CA GLY G 180 -62.38 -45.62 -55.87
C GLY G 180 -61.46 -44.42 -56.03
N PRO G 181 -62.02 -43.22 -55.87
CA PRO G 181 -61.18 -42.02 -55.92
C PRO G 181 -60.43 -41.77 -54.63
N LEU G 182 -60.67 -42.56 -53.59
CA LEU G 182 -60.05 -42.39 -52.29
C LEU G 182 -58.90 -43.36 -52.05
N VAL G 183 -59.12 -44.64 -52.31
CA VAL G 183 -58.15 -45.68 -52.01
C VAL G 183 -57.39 -45.98 -53.29
N LYS G 184 -56.12 -45.63 -53.31
CA LYS G 184 -55.23 -46.06 -54.39
C LYS G 184 -54.75 -47.47 -54.08
N THR G 185 -54.85 -48.35 -55.07
CA THR G 185 -54.60 -49.77 -54.88
C THR G 185 -53.41 -50.20 -55.71
N ILE G 186 -52.40 -50.78 -55.06
CA ILE G 186 -51.28 -51.42 -55.74
C ILE G 186 -51.16 -52.80 -55.15
N MET G 187 -51.84 -53.78 -55.74
CA MET G 187 -51.94 -55.08 -55.11
C MET G 187 -50.70 -55.92 -55.29
N THR G 188 -49.76 -55.51 -56.13
CA THR G 188 -48.55 -56.30 -56.25
C THR G 188 -47.72 -56.30 -54.98
N ARG G 189 -48.07 -55.47 -53.99
CA ARG G 189 -47.41 -55.48 -52.70
C ARG G 189 -48.16 -56.27 -51.65
N CYS G 190 -49.45 -56.52 -51.86
CA CYS G 190 -50.26 -57.25 -50.90
C CYS G 190 -49.56 -58.51 -50.43
N ILE G 191 -49.80 -58.87 -49.19
CA ILE G 191 -49.31 -60.11 -48.60
C ILE G 191 -50.48 -61.03 -48.22
N HIS G 192 -51.68 -60.71 -48.68
CA HIS G 192 -52.86 -61.52 -48.46
C HIS G 192 -53.07 -61.79 -46.97
N CYS G 193 -52.96 -60.74 -46.18
CA CYS G 193 -53.23 -60.92 -44.76
C CYS G 193 -54.71 -61.00 -44.46
N THR G 194 -55.56 -60.57 -45.38
CA THR G 194 -57.00 -60.64 -45.24
C THR G 194 -57.53 -59.70 -44.18
N ARG G 195 -56.75 -58.72 -43.74
CA ARG G 195 -57.31 -57.69 -42.88
C ARG G 195 -58.40 -56.94 -43.63
N CYS G 196 -58.15 -56.59 -44.89
CA CYS G 196 -59.17 -55.92 -45.68
C CYS G 196 -60.39 -56.80 -45.83
N VAL G 197 -60.18 -58.08 -46.12
CA VAL G 197 -61.30 -58.99 -46.31
C VAL G 197 -62.16 -59.04 -45.05
N ARG G 198 -61.52 -59.24 -43.91
CA ARG G 198 -62.29 -59.42 -42.69
C ARG G 198 -62.93 -58.12 -42.24
N PHE G 199 -62.20 -57.01 -42.33
CA PHE G 199 -62.78 -55.74 -41.92
C PHE G 199 -64.05 -55.45 -42.69
N ALA G 200 -63.97 -55.49 -44.02
CA ALA G 200 -65.11 -55.11 -44.83
C ALA G 200 -66.31 -55.98 -44.53
N SER G 201 -66.10 -57.30 -44.44
CA SER G 201 -67.22 -58.21 -44.24
C SER G 201 -67.92 -57.94 -42.93
N GLU G 202 -67.18 -57.57 -41.88
CA GLU G 202 -67.74 -57.52 -40.54
C GLU G 202 -67.99 -56.09 -40.07
N ILE G 203 -66.97 -55.24 -40.07
CA ILE G 203 -67.11 -53.93 -39.44
C ILE G 203 -68.00 -53.03 -40.27
N ALA G 204 -67.77 -52.99 -41.58
CA ALA G 204 -68.59 -52.18 -42.48
C ALA G 204 -69.66 -52.99 -43.19
N GLY G 205 -69.54 -54.31 -43.23
CA GLY G 205 -70.56 -55.12 -43.85
C GLY G 205 -70.75 -54.88 -45.32
N VAL G 206 -69.77 -54.25 -45.98
CA VAL G 206 -69.88 -54.01 -47.42
C VAL G 206 -69.99 -55.32 -48.16
N ASP G 207 -69.12 -56.27 -47.82
CA ASP G 207 -69.16 -57.65 -48.27
C ASP G 207 -68.72 -57.80 -49.73
N ASP G 208 -68.35 -56.72 -50.40
CA ASP G 208 -68.05 -56.75 -51.83
C ASP G 208 -66.58 -56.92 -52.16
N LEU G 209 -65.73 -57.08 -51.15
CA LEU G 209 -64.29 -57.22 -51.34
C LEU G 209 -63.86 -58.58 -50.83
N GLY G 210 -63.18 -59.34 -51.68
CA GLY G 210 -62.85 -60.71 -51.31
C GLY G 210 -61.69 -61.22 -52.12
N THR G 211 -61.41 -62.51 -51.94
CA THR G 211 -60.28 -63.18 -52.55
C THR G 211 -60.73 -64.06 -53.70
N THR G 212 -59.78 -64.45 -54.55
CA THR G 212 -60.07 -65.29 -55.69
C THR G 212 -58.84 -66.10 -56.05
N GLY G 213 -59.06 -67.30 -56.57
CA GLY G 213 -58.00 -68.12 -57.12
C GLY G 213 -57.29 -68.95 -56.07
N ARG G 214 -56.60 -69.99 -56.53
CA ARG G 214 -55.76 -70.83 -55.70
C ARG G 214 -54.31 -70.35 -55.77
N GLY G 215 -53.46 -71.05 -55.02
CA GLY G 215 -52.03 -70.99 -55.23
C GLY G 215 -51.46 -69.60 -55.18
N ASN G 216 -50.19 -69.49 -55.55
CA ASN G 216 -49.49 -68.21 -55.52
C ASN G 216 -50.19 -67.13 -56.34
N ASP G 217 -51.13 -67.49 -57.20
CA ASP G 217 -51.86 -66.53 -58.01
C ASP G 217 -53.12 -66.02 -57.35
N MET G 218 -53.40 -66.43 -56.12
CA MET G 218 -54.53 -65.87 -55.39
C MET G 218 -54.41 -64.36 -55.33
N GLN G 219 -55.49 -63.67 -55.68
CA GLN G 219 -55.55 -62.23 -55.65
C GLN G 219 -56.67 -61.78 -54.75
N ILE G 220 -56.70 -60.49 -54.46
CA ILE G 220 -57.73 -59.88 -53.65
C ILE G 220 -58.29 -58.70 -54.39
N GLY G 221 -59.58 -58.45 -54.20
CA GLY G 221 -60.27 -57.39 -54.88
C GLY G 221 -61.69 -57.78 -55.16
N THR G 222 -62.27 -57.23 -56.21
CA THR G 222 -63.58 -57.61 -56.68
C THR G 222 -63.44 -58.26 -58.05
N TYR G 223 -64.15 -59.36 -58.26
CA TYR G 223 -63.94 -60.11 -59.49
C TYR G 223 -64.20 -59.25 -60.72
N VAL G 224 -65.09 -58.26 -60.60
CA VAL G 224 -65.37 -57.33 -61.68
C VAL G 224 -65.25 -55.92 -61.14
N GLU G 225 -64.81 -55.01 -61.99
CA GLU G 225 -64.48 -53.66 -61.56
C GLU G 225 -65.68 -52.98 -60.92
N LYS G 226 -65.51 -52.57 -59.66
CA LYS G 226 -66.52 -51.86 -58.91
C LYS G 226 -65.83 -50.79 -58.10
N LEU G 227 -66.60 -49.98 -57.39
CA LEU G 227 -66.06 -49.00 -56.47
C LEU G 227 -66.45 -49.39 -55.06
N PHE G 228 -65.44 -49.49 -54.19
CA PHE G 228 -65.65 -49.81 -52.79
C PHE G 228 -66.15 -48.55 -52.09
N LEU G 229 -67.46 -48.33 -52.20
CA LEU G 229 -68.10 -47.11 -51.71
C LEU G 229 -68.71 -47.39 -50.35
N THR G 230 -68.21 -46.68 -49.33
CA THR G 230 -68.66 -46.97 -47.97
C THR G 230 -68.14 -45.91 -47.02
N GLU G 231 -69.01 -45.46 -46.11
CA GLU G 231 -68.68 -44.38 -45.20
C GLU G 231 -67.41 -44.67 -44.40
N LEU G 232 -67.17 -45.94 -44.07
CA LEU G 232 -66.01 -46.32 -43.29
C LEU G 232 -64.84 -46.82 -44.15
N SER G 233 -64.93 -46.68 -45.47
CA SER G 233 -63.95 -47.29 -46.35
C SER G 233 -62.53 -46.81 -46.08
N GLY G 234 -62.37 -45.64 -45.45
CA GLY G 234 -61.03 -45.14 -45.21
C GLY G 234 -60.21 -46.06 -44.33
N ASN G 235 -60.86 -46.71 -43.37
CA ASN G 235 -60.12 -47.46 -42.37
C ASN G 235 -59.32 -48.61 -42.96
N VAL G 236 -59.64 -49.05 -44.18
CA VAL G 236 -58.84 -50.12 -44.75
C VAL G 236 -57.41 -49.66 -44.96
N ILE G 237 -57.23 -48.36 -45.23
CA ILE G 237 -55.88 -47.87 -45.47
C ILE G 237 -55.04 -47.98 -44.22
N ASP G 238 -55.63 -47.82 -43.04
CA ASP G 238 -54.89 -48.04 -41.81
C ASP G 238 -54.71 -49.52 -41.52
N LEU G 239 -55.63 -50.36 -41.99
CA LEU G 239 -55.55 -51.78 -41.67
C LEU G 239 -54.46 -52.47 -42.48
N CYS G 240 -54.37 -52.16 -43.76
CA CYS G 240 -53.44 -52.87 -44.63
C CYS G 240 -52.04 -52.68 -44.08
N PRO G 241 -51.42 -53.72 -43.52
CA PRO G 241 -50.09 -53.52 -42.93
C PRO G 241 -49.06 -53.09 -43.94
N VAL G 242 -49.21 -53.51 -45.18
CA VAL G 242 -48.31 -53.15 -46.24
C VAL G 242 -48.97 -52.05 -47.07
N GLY G 243 -48.20 -51.43 -47.95
CA GLY G 243 -48.68 -50.28 -48.67
C GLY G 243 -49.45 -50.62 -49.93
N ALA G 244 -50.29 -51.65 -49.88
CA ALA G 244 -51.12 -51.97 -51.03
C ALA G 244 -52.30 -51.02 -51.16
N LEU G 245 -52.85 -50.56 -50.05
CA LEU G 245 -53.96 -49.62 -50.02
C LEU G 245 -53.51 -48.36 -49.32
N THR G 246 -53.78 -47.22 -49.93
CA THR G 246 -53.24 -45.97 -49.40
C THR G 246 -54.14 -44.81 -49.79
N ASN G 247 -54.04 -43.73 -49.02
CA ASN G 247 -54.82 -42.53 -49.29
C ASN G 247 -54.48 -41.99 -50.66
N LYS G 248 -55.50 -41.83 -51.51
CA LYS G 248 -55.26 -41.13 -52.76
C LYS G 248 -54.86 -39.68 -52.54
N PRO G 249 -55.56 -38.89 -51.72
CA PRO G 249 -55.13 -37.49 -51.55
C PRO G 249 -53.76 -37.38 -50.90
N TYR G 250 -53.58 -37.95 -49.71
CA TYR G 250 -52.28 -37.96 -49.06
C TYR G 250 -51.44 -39.04 -49.73
N SER G 251 -51.03 -38.74 -50.95
CA SER G 251 -50.25 -39.65 -51.76
C SER G 251 -48.90 -39.01 -52.02
N PHE G 252 -47.84 -39.67 -51.57
CA PHE G 252 -46.47 -39.29 -51.87
C PHE G 252 -46.07 -38.01 -51.15
N VAL G 253 -46.94 -37.47 -50.31
CA VAL G 253 -46.75 -36.09 -49.87
C VAL G 253 -45.64 -35.99 -48.83
N ALA G 254 -45.59 -36.92 -47.89
CA ALA G 254 -44.62 -36.81 -46.81
C ALA G 254 -44.36 -38.16 -46.18
N ARG G 255 -43.25 -38.27 -45.51
CA ARG G 255 -42.82 -39.49 -44.86
C ARG G 255 -43.06 -39.41 -43.36
N PRO G 256 -43.33 -40.54 -42.72
CA PRO G 256 -43.65 -40.51 -41.30
C PRO G 256 -42.54 -39.96 -40.44
N TRP G 257 -41.28 -40.20 -40.77
CA TRP G 257 -40.22 -39.70 -39.91
C TRP G 257 -40.16 -38.18 -39.94
N GLU G 258 -40.43 -37.57 -41.09
CA GLU G 258 -40.40 -36.11 -41.18
C GLU G 258 -41.52 -35.47 -40.40
N ILE G 259 -42.70 -36.08 -40.43
CA ILE G 259 -43.95 -35.41 -40.10
C ILE G 259 -44.02 -35.24 -38.59
N ARG G 260 -44.98 -34.45 -38.12
CA ARG G 260 -45.15 -34.21 -36.70
C ARG G 260 -46.58 -34.52 -36.30
N LYS G 261 -46.75 -35.13 -35.13
CA LYS G 261 -48.04 -35.59 -34.66
C LYS G 261 -48.59 -34.65 -33.62
N VAL G 262 -49.87 -34.30 -33.76
CA VAL G 262 -50.56 -33.47 -32.80
C VAL G 262 -51.86 -34.17 -32.44
N SER G 263 -52.03 -34.49 -31.16
CA SER G 263 -53.31 -35.03 -30.72
C SER G 263 -54.39 -33.98 -30.92
N SER G 264 -55.58 -34.44 -31.25
CA SER G 264 -56.70 -33.53 -31.47
C SER G 264 -57.98 -34.35 -31.50
N ILE G 265 -59.09 -33.69 -31.82
CA ILE G 265 -60.39 -34.32 -31.88
C ILE G 265 -61.08 -33.94 -33.17
N ASP G 266 -61.72 -34.91 -33.80
CA ASP G 266 -62.52 -34.62 -34.97
C ASP G 266 -63.68 -33.72 -34.59
N VAL G 267 -64.04 -32.83 -35.51
CA VAL G 267 -65.11 -31.86 -35.25
C VAL G 267 -66.22 -31.95 -36.27
N LEU G 268 -66.02 -32.61 -37.41
CA LEU G 268 -67.00 -32.63 -38.47
C LEU G 268 -68.21 -33.48 -38.17
N ASP G 269 -68.17 -34.28 -37.10
CA ASP G 269 -69.30 -35.09 -36.68
C ASP G 269 -69.38 -35.09 -35.16
N ALA G 270 -70.60 -35.24 -34.65
CA ALA G 270 -70.85 -35.16 -33.22
C ALA G 270 -70.32 -36.36 -32.45
N VAL G 271 -69.69 -37.33 -33.12
CA VAL G 271 -69.02 -38.40 -32.38
C VAL G 271 -67.84 -37.84 -31.61
N GLY G 272 -67.20 -36.80 -32.12
CA GLY G 272 -66.05 -36.24 -31.45
C GLY G 272 -64.90 -37.23 -31.34
N SER G 273 -64.66 -38.00 -32.40
CA SER G 273 -63.59 -38.98 -32.36
C SER G 273 -62.25 -38.31 -32.17
N ASN G 274 -61.34 -39.02 -31.50
CA ASN G 274 -60.01 -38.51 -31.27
C ASN G 274 -59.15 -38.67 -32.51
N ILE G 275 -58.40 -37.61 -32.84
CA ILE G 275 -57.62 -37.55 -34.06
C ILE G 275 -56.18 -37.25 -33.72
N VAL G 276 -55.28 -37.72 -34.57
CA VAL G 276 -53.88 -37.35 -34.55
C VAL G 276 -53.62 -36.59 -35.83
N VAL G 277 -53.59 -35.26 -35.75
CA VAL G 277 -53.38 -34.43 -36.92
C VAL G 277 -51.91 -34.46 -37.29
N SER G 278 -51.62 -34.86 -38.52
CA SER G 278 -50.26 -35.16 -38.93
C SER G 278 -49.69 -33.95 -39.67
N THR G 279 -49.17 -33.01 -38.88
CA THR G 279 -48.67 -31.76 -39.41
C THR G 279 -47.20 -31.86 -39.80
N ARG G 280 -46.83 -31.14 -40.85
CA ARG G 280 -45.43 -30.94 -41.22
C ARG G 280 -45.29 -29.54 -41.77
N THR G 281 -44.63 -28.68 -41.02
CA THR G 281 -44.30 -27.33 -41.46
C THR G 281 -45.56 -26.58 -41.90
N ASN G 282 -46.45 -26.38 -40.93
CA ASN G 282 -47.61 -25.53 -41.10
C ASN G 282 -48.57 -26.07 -42.16
N GLU G 283 -48.58 -27.38 -42.37
CA GLU G 283 -49.47 -28.03 -43.32
C GLU G 283 -50.07 -29.26 -42.65
N VAL G 284 -51.39 -29.31 -42.55
CA VAL G 284 -52.07 -30.51 -42.07
C VAL G 284 -52.12 -31.48 -43.23
N LEU G 285 -51.19 -32.45 -43.25
CA LEU G 285 -51.09 -33.34 -44.39
C LEU G 285 -52.23 -34.34 -44.42
N ARG G 286 -52.55 -34.94 -43.27
CA ARG G 286 -53.58 -35.96 -43.22
C ARG G 286 -54.15 -36.03 -41.82
N ILE G 287 -55.00 -37.02 -41.60
CA ILE G 287 -55.67 -37.26 -40.32
C ILE G 287 -55.61 -38.75 -40.03
N LEU G 288 -55.42 -39.11 -38.77
CA LEU G 288 -55.43 -40.49 -38.33
C LEU G 288 -56.24 -40.64 -37.07
N PRO G 289 -56.82 -41.81 -36.83
CA PRO G 289 -57.53 -42.04 -35.58
C PRO G 289 -56.56 -42.19 -34.43
N ARG G 290 -56.94 -41.61 -33.29
CA ARG G 290 -56.21 -41.79 -32.05
C ARG G 290 -57.01 -42.76 -31.19
N GLU G 291 -56.34 -43.80 -30.70
CA GLU G 291 -57.05 -44.87 -30.00
C GLU G 291 -57.63 -44.32 -28.71
N ASN G 292 -58.95 -44.10 -28.72
CA ASN G 292 -59.71 -43.79 -27.51
C ASN G 292 -60.93 -44.70 -27.57
N GLU G 293 -60.78 -45.91 -27.06
CA GLU G 293 -61.81 -46.92 -27.25
C GLU G 293 -63.09 -46.61 -26.50
N ASP G 294 -63.07 -45.67 -25.56
CA ASP G 294 -64.31 -45.26 -24.93
C ASP G 294 -65.23 -44.57 -25.93
N VAL G 295 -64.65 -43.81 -26.86
CA VAL G 295 -65.42 -43.07 -27.85
C VAL G 295 -64.98 -43.44 -29.26
N ASN G 296 -63.70 -43.21 -29.55
CA ASN G 296 -63.25 -43.25 -30.93
C ASN G 296 -63.36 -44.64 -31.53
N GLU G 297 -63.06 -45.67 -30.74
CA GLU G 297 -63.06 -47.07 -31.15
C GLU G 297 -61.89 -47.40 -32.06
N GLU G 298 -61.05 -46.44 -32.40
CA GLU G 298 -59.89 -46.54 -33.28
C GLU G 298 -60.27 -46.53 -34.76
N TRP G 299 -61.55 -46.59 -35.13
CA TRP G 299 -61.93 -46.39 -36.51
C TRP G 299 -62.07 -44.91 -36.79
N LEU G 300 -62.51 -44.58 -38.00
CA LEU G 300 -62.70 -43.19 -38.37
C LEU G 300 -63.43 -43.13 -39.69
N ALA G 301 -64.44 -42.27 -39.77
CA ALA G 301 -65.27 -42.16 -40.95
C ALA G 301 -64.49 -41.54 -42.09
N ASP G 302 -65.06 -41.60 -43.29
CA ASP G 302 -64.40 -41.00 -44.45
C ASP G 302 -64.42 -39.48 -44.39
N LYS G 303 -65.51 -38.90 -43.89
CA LYS G 303 -65.62 -37.45 -43.88
C LYS G 303 -64.51 -36.83 -43.07
N SER G 304 -64.39 -37.24 -41.80
CA SER G 304 -63.32 -36.72 -40.96
C SER G 304 -61.97 -37.03 -41.58
N ARG G 305 -61.81 -38.22 -42.16
CA ARG G 305 -60.52 -38.62 -42.67
C ARG G 305 -60.08 -37.73 -43.82
N PHE G 306 -60.96 -37.50 -44.79
CA PHE G 306 -60.54 -36.96 -46.07
C PHE G 306 -60.83 -35.49 -46.27
N ALA G 307 -61.76 -34.91 -45.53
CA ALA G 307 -62.12 -33.51 -45.78
C ALA G 307 -61.03 -32.54 -45.37
N CYS G 308 -59.88 -33.02 -44.87
CA CYS G 308 -58.83 -32.11 -44.41
C CYS G 308 -58.39 -31.16 -45.50
N ASP G 309 -58.54 -31.53 -46.77
CA ASP G 309 -58.20 -30.61 -47.84
C ASP G 309 -59.08 -29.37 -47.81
N GLY G 310 -60.29 -29.49 -47.26
CA GLY G 310 -61.17 -28.34 -47.17
C GLY G 310 -60.55 -27.19 -46.41
N LEU G 311 -59.58 -27.47 -45.55
CA LEU G 311 -58.90 -26.47 -44.75
C LEU G 311 -57.79 -25.77 -45.52
N LYS G 312 -57.82 -25.84 -46.86
CA LYS G 312 -56.84 -25.15 -47.67
C LYS G 312 -57.45 -24.43 -48.85
N ARG G 313 -58.78 -24.41 -48.98
CA ARG G 313 -59.44 -23.74 -50.09
C ARG G 313 -60.67 -23.01 -49.58
N GLN G 314 -61.05 -21.96 -50.30
CA GLN G 314 -62.16 -21.13 -49.89
C GLN G 314 -61.94 -20.56 -48.50
N ARG G 315 -60.69 -20.32 -48.14
CA ARG G 315 -60.37 -19.82 -46.83
C ARG G 315 -60.47 -18.30 -46.81
N LEU G 316 -60.91 -17.77 -45.68
CA LEU G 316 -60.89 -16.34 -45.46
C LEU G 316 -59.56 -15.94 -44.86
N VAL G 317 -58.88 -14.99 -45.48
CA VAL G 317 -57.53 -14.62 -45.10
C VAL G 317 -57.42 -13.11 -44.89
N ALA G 318 -58.54 -12.40 -44.92
CA ALA G 318 -58.50 -10.96 -44.75
C ALA G 318 -59.86 -10.44 -44.29
N PRO G 319 -59.92 -9.59 -43.26
CA PRO G 319 -61.20 -8.95 -42.95
C PRO G 319 -61.72 -8.18 -44.15
N MET G 320 -63.03 -8.16 -44.29
CA MET G 320 -63.67 -7.55 -45.43
C MET G 320 -64.85 -6.73 -44.92
N VAL G 321 -65.13 -5.60 -45.56
CA VAL G 321 -66.27 -4.77 -45.21
C VAL G 321 -66.96 -4.35 -46.50
N ARG G 322 -68.28 -4.41 -46.49
CA ARG G 322 -69.08 -4.17 -47.69
C ARG G 322 -69.21 -2.67 -47.94
N MET G 323 -68.69 -2.22 -49.07
CA MET G 323 -68.69 -0.82 -49.44
C MET G 323 -70.06 -0.42 -49.97
N PRO G 324 -70.27 0.85 -50.28
CA PRO G 324 -71.45 1.21 -51.07
C PRO G 324 -71.52 0.45 -52.39
N ASN G 325 -70.39 0.23 -53.05
CA ASN G 325 -70.38 -0.69 -54.18
C ASN G 325 -70.87 -2.06 -53.76
N GLY G 326 -70.54 -2.47 -52.53
CA GLY G 326 -71.03 -3.70 -51.97
C GLY G 326 -70.12 -4.89 -52.13
N GLU G 327 -68.88 -4.68 -52.57
CA GLU G 327 -68.04 -5.78 -53.02
C GLU G 327 -67.30 -6.49 -51.89
N LEU G 328 -67.33 -5.96 -50.66
CA LEU G 328 -66.58 -6.52 -49.57
C LEU G 328 -65.09 -6.56 -49.91
N GLN G 329 -64.52 -5.37 -50.08
CA GLN G 329 -63.09 -5.28 -50.31
C GLN G 329 -62.35 -5.68 -49.04
N ALA G 330 -61.05 -5.94 -49.19
CA ALA G 330 -60.21 -6.29 -48.06
C ALA G 330 -59.80 -5.03 -47.30
N VAL G 331 -59.80 -5.12 -45.98
CA VAL G 331 -59.40 -4.02 -45.11
C VAL G 331 -58.51 -4.60 -44.01
N GLU G 332 -58.12 -3.75 -43.07
CA GLU G 332 -57.26 -4.17 -41.98
C GLU G 332 -58.07 -4.28 -40.70
N TRP G 333 -57.43 -4.89 -39.69
CA TRP G 333 -58.12 -5.15 -38.44
C TRP G 333 -58.58 -3.88 -37.75
N GLU G 334 -57.76 -2.83 -37.81
CA GLU G 334 -58.13 -1.57 -37.17
C GLU G 334 -59.47 -1.09 -37.67
N GLY G 335 -59.56 -0.80 -38.97
CA GLY G 335 -60.80 -0.30 -39.52
C GLY G 335 -61.95 -1.26 -39.32
N ALA G 336 -61.69 -2.55 -39.51
CA ALA G 336 -62.77 -3.53 -39.45
C ALA G 336 -63.46 -3.49 -38.09
N LEU G 337 -62.72 -3.79 -37.03
CA LEU G 337 -63.34 -3.83 -35.71
C LEU G 337 -63.90 -2.46 -35.35
N ILE G 338 -63.18 -1.39 -35.68
CA ILE G 338 -63.69 -0.05 -35.39
C ILE G 338 -65.00 0.17 -36.11
N ALA G 339 -65.08 -0.24 -37.38
CA ALA G 339 -66.34 -0.13 -38.10
C ALA G 339 -67.42 -0.99 -37.45
N VAL G 340 -67.06 -2.18 -36.99
CA VAL G 340 -68.05 -3.03 -36.34
C VAL G 340 -68.51 -2.40 -35.03
N ALA G 341 -67.58 -1.88 -34.24
CA ALA G 341 -67.95 -1.24 -32.99
C ALA G 341 -68.84 -0.03 -33.25
N LYS G 342 -68.57 0.69 -34.34
CA LYS G 342 -69.45 1.78 -34.74
C LYS G 342 -70.88 1.29 -34.93
N ALA G 343 -71.07 0.23 -35.72
CA ALA G 343 -72.41 -0.21 -36.04
C ALA G 343 -73.14 -0.70 -34.79
N ILE G 344 -72.44 -1.43 -33.94
CA ILE G 344 -73.08 -1.99 -32.74
C ILE G 344 -73.60 -0.86 -31.85
N LYS G 345 -72.76 0.14 -31.61
CA LYS G 345 -73.15 1.22 -30.71
C LYS G 345 -74.33 2.00 -31.26
N ALA G 346 -74.31 2.31 -32.56
CA ALA G 346 -75.33 3.15 -33.18
C ALA G 346 -76.51 2.37 -33.74
N ALA G 347 -76.44 1.03 -33.76
CA ALA G 347 -77.55 0.26 -34.29
C ALA G 347 -78.80 0.45 -33.44
N GLY G 348 -78.66 0.48 -32.12
CA GLY G 348 -79.77 0.74 -31.23
C GLY G 348 -80.10 -0.40 -30.29
N GLY G 349 -79.10 -1.19 -29.92
CA GLY G 349 -79.30 -2.23 -28.91
C GLY G 349 -80.33 -3.27 -29.32
N GLN G 350 -80.31 -3.68 -30.59
CA GLN G 350 -81.17 -4.76 -31.08
C GLN G 350 -80.26 -5.70 -31.85
N ILE G 351 -79.67 -6.67 -31.14
CA ILE G 351 -78.61 -7.50 -31.66
C ILE G 351 -78.93 -8.97 -31.41
N ALA G 352 -78.40 -9.83 -32.26
CA ALA G 352 -78.56 -11.27 -32.12
C ALA G 352 -77.27 -11.97 -32.52
N GLY G 353 -77.10 -13.18 -32.00
CA GLY G 353 -75.97 -14.01 -32.40
C GLY G 353 -76.40 -15.45 -32.64
N ILE G 354 -76.19 -15.93 -33.86
CA ILE G 354 -76.56 -17.29 -34.24
C ILE G 354 -75.27 -18.07 -34.42
N SER G 355 -75.05 -19.05 -33.54
CA SER G 355 -73.83 -19.84 -33.60
C SER G 355 -73.96 -20.95 -34.62
N GLY G 356 -72.91 -21.15 -35.40
CA GLY G 356 -72.90 -22.18 -36.42
C GLY G 356 -72.78 -23.56 -35.82
N GLN G 357 -72.03 -24.44 -36.47
CA GLN G 357 -71.83 -25.80 -35.99
C GLN G 357 -70.37 -26.18 -35.76
N LEU G 358 -69.42 -25.40 -36.27
CA LEU G 358 -68.01 -25.63 -36.01
C LEU G 358 -67.44 -24.68 -34.96
N ALA G 359 -68.30 -23.98 -34.23
CA ALA G 359 -67.85 -23.04 -33.23
C ALA G 359 -67.56 -23.76 -31.92
N ASP G 360 -66.35 -23.58 -31.41
CA ASP G 360 -65.96 -24.17 -30.14
C ASP G 360 -66.64 -23.44 -28.99
N LEU G 361 -66.76 -24.14 -27.87
CA LEU G 361 -67.51 -23.60 -26.74
C LEU G 361 -66.97 -22.27 -26.28
N GLU G 362 -65.66 -22.05 -26.40
CA GLU G 362 -65.11 -20.75 -26.02
C GLU G 362 -65.72 -19.65 -26.88
N ALA G 363 -65.85 -19.89 -28.17
CA ALA G 363 -66.47 -18.91 -29.05
C ALA G 363 -67.91 -18.66 -28.65
N GLN G 364 -68.64 -19.71 -28.26
CA GLN G 364 -69.99 -19.51 -27.78
C GLN G 364 -70.00 -18.63 -26.53
N VAL G 365 -69.14 -18.93 -25.57
CA VAL G 365 -69.19 -18.21 -24.31
C VAL G 365 -68.74 -16.77 -24.49
N ALA G 366 -67.67 -16.56 -25.25
CA ALA G 366 -67.28 -15.19 -25.57
C ALA G 366 -68.41 -14.46 -26.26
N LEU G 367 -69.10 -15.12 -27.19
CA LEU G 367 -70.20 -14.49 -27.87
C LEU G 367 -71.32 -14.12 -26.90
N LYS G 368 -71.66 -15.05 -26.01
CA LYS G 368 -72.77 -14.78 -25.10
C LYS G 368 -72.43 -13.64 -24.14
N ASP G 369 -71.24 -13.68 -23.54
CA ASP G 369 -70.90 -12.67 -22.55
C ASP G 369 -70.93 -11.28 -23.15
N LEU G 370 -70.37 -11.13 -24.35
CA LEU G 370 -70.37 -9.83 -25.00
C LEU G 370 -71.80 -9.33 -25.22
N LEU G 371 -72.68 -10.21 -25.68
CA LEU G 371 -74.04 -9.79 -25.97
C LEU G 371 -74.82 -9.51 -24.69
N ASN G 372 -74.40 -10.11 -23.57
CA ASN G 372 -75.01 -9.75 -22.29
C ASN G 372 -74.55 -8.38 -21.82
N ARG G 373 -73.33 -7.99 -22.16
CA ARG G 373 -72.94 -6.60 -21.94
C ARG G 373 -73.80 -5.67 -22.78
N LEU G 374 -73.91 -5.97 -24.08
CA LEU G 374 -74.73 -5.15 -24.97
C LEU G 374 -76.19 -5.17 -24.58
N GLY G 375 -76.62 -6.15 -23.77
CA GLY G 375 -78.00 -6.23 -23.36
C GLY G 375 -78.90 -7.03 -24.27
N SER G 376 -78.34 -7.91 -25.10
CA SER G 376 -79.11 -8.75 -25.99
C SER G 376 -78.89 -10.20 -25.60
N GLU G 377 -79.97 -10.89 -25.24
CA GLU G 377 -79.93 -12.31 -24.91
C GLU G 377 -80.36 -13.18 -26.08
N VAL G 378 -80.58 -12.60 -27.25
CA VAL G 378 -80.99 -13.37 -28.42
C VAL G 378 -79.77 -14.06 -28.97
N VAL G 379 -79.52 -15.28 -28.49
CA VAL G 379 -78.34 -16.05 -28.88
C VAL G 379 -78.85 -17.44 -29.24
N ALA G 380 -79.13 -17.65 -30.51
CA ALA G 380 -79.70 -18.90 -31.00
C ALA G 380 -78.60 -19.79 -31.55
N THR G 381 -78.99 -21.02 -31.86
CA THR G 381 -78.16 -21.96 -32.58
C THR G 381 -78.91 -22.40 -33.83
N GLU G 382 -78.16 -22.68 -34.90
CA GLU G 382 -78.78 -23.02 -36.17
C GLU G 382 -79.76 -24.17 -36.02
N GLN G 383 -79.33 -25.27 -35.42
CA GLN G 383 -80.13 -26.47 -35.31
C GLN G 383 -81.06 -26.32 -34.12
N GLY G 384 -82.36 -26.13 -34.40
CA GLY G 384 -83.33 -25.96 -33.34
C GLY G 384 -83.51 -27.20 -32.49
N PHE G 385 -84.27 -27.06 -31.42
CA PHE G 385 -84.45 -28.15 -30.47
C PHE G 385 -85.78 -28.00 -29.77
N ILE G 386 -86.10 -28.97 -28.92
CA ILE G 386 -87.26 -28.95 -28.04
C ILE G 386 -87.46 -27.59 -27.41
N ALA G 387 -88.67 -27.08 -27.49
CA ALA G 387 -89.08 -25.94 -26.67
C ALA G 387 -89.41 -26.42 -25.27
N GLY G 388 -88.93 -25.69 -24.26
CA GLY G 388 -89.32 -25.97 -22.89
C GLY G 388 -88.93 -27.35 -22.40
N GLY G 389 -87.82 -27.90 -22.88
CA GLY G 389 -87.29 -29.14 -22.36
C GLY G 389 -85.77 -29.16 -22.35
N THR G 390 -85.17 -27.99 -22.54
CA THR G 390 -83.73 -27.86 -22.74
C THR G 390 -82.98 -27.75 -21.43
N ASP G 391 -83.60 -28.12 -20.31
CA ASP G 391 -83.09 -27.76 -18.99
C ASP G 391 -82.41 -28.91 -18.29
N ASN G 392 -83.06 -30.08 -18.25
CA ASN G 392 -82.43 -31.28 -17.71
C ASN G 392 -81.40 -31.80 -18.71
N ARG G 393 -80.18 -32.01 -18.24
CA ARG G 393 -79.06 -32.27 -19.15
C ARG G 393 -79.34 -33.45 -20.05
N ALA G 394 -79.98 -34.48 -19.53
CA ALA G 394 -80.20 -35.72 -20.27
C ALA G 394 -81.21 -35.58 -21.36
N ASN G 395 -81.73 -34.40 -21.69
CA ASN G 395 -82.72 -34.28 -22.74
C ASN G 395 -82.11 -34.11 -24.12
N TYR G 396 -80.79 -33.99 -24.22
CA TYR G 396 -80.14 -33.68 -25.49
C TYR G 396 -78.82 -34.42 -25.64
N LEU G 397 -78.72 -35.64 -25.12
CA LEU G 397 -77.46 -36.37 -25.09
C LEU G 397 -77.70 -37.83 -25.43
N LEU G 398 -76.61 -38.57 -25.49
CA LEU G 398 -76.62 -40.04 -25.53
C LEU G 398 -76.35 -40.52 -24.11
N ASN G 399 -77.41 -40.60 -23.30
CA ASN G 399 -77.24 -41.07 -21.94
C ASN G 399 -76.81 -42.53 -21.90
N SER G 400 -76.94 -43.26 -23.00
CA SER G 400 -76.63 -44.68 -23.02
C SER G 400 -75.14 -44.96 -23.13
N THR G 401 -74.27 -43.98 -22.93
CA THR G 401 -72.85 -44.31 -22.79
C THR G 401 -72.33 -44.99 -24.04
N ILE G 402 -72.04 -44.23 -25.09
CA ILE G 402 -71.73 -44.75 -26.43
C ILE G 402 -70.96 -46.07 -26.37
N ALA G 403 -70.00 -46.19 -25.46
CA ALA G 403 -69.40 -47.50 -25.22
C ALA G 403 -70.48 -48.53 -24.91
N GLY G 404 -71.41 -48.19 -24.03
CA GLY G 404 -72.49 -49.11 -23.68
C GLY G 404 -73.38 -49.49 -24.83
N LEU G 405 -73.39 -48.72 -25.92
CA LEU G 405 -74.26 -49.07 -27.04
C LEU G 405 -73.97 -50.46 -27.54
N GLU G 406 -72.69 -50.82 -27.66
CA GLU G 406 -72.35 -52.19 -28.04
C GLU G 406 -72.98 -53.20 -27.10
N GLU G 407 -73.20 -52.82 -25.85
CA GLU G 407 -73.86 -53.70 -24.90
C GLU G 407 -75.36 -53.73 -25.11
N ALA G 408 -75.90 -52.82 -25.92
CA ALA G 408 -77.34 -52.76 -26.14
C ALA G 408 -77.86 -54.11 -26.61
N ASP G 409 -79.12 -54.37 -26.31
CA ASP G 409 -79.77 -55.63 -26.62
C ASP G 409 -80.96 -55.47 -27.55
N ALA G 410 -81.71 -54.39 -27.42
CA ALA G 410 -82.82 -54.08 -28.31
C ALA G 410 -82.78 -52.59 -28.59
N VAL G 411 -82.50 -52.22 -29.84
CA VAL G 411 -82.30 -50.84 -30.24
C VAL G 411 -83.44 -50.44 -31.16
N LEU G 412 -84.03 -49.27 -30.90
CA LEU G 412 -85.13 -48.75 -31.68
C LEU G 412 -84.72 -47.40 -32.27
N LEU G 413 -84.51 -47.36 -33.58
CA LEU G 413 -84.07 -46.15 -34.27
C LEU G 413 -85.27 -45.53 -34.95
N VAL G 414 -85.84 -44.51 -34.31
CA VAL G 414 -86.99 -43.79 -34.86
C VAL G 414 -86.43 -42.78 -35.87
N GLY G 415 -86.43 -43.18 -37.13
CA GLY G 415 -86.12 -42.26 -38.21
C GLY G 415 -84.80 -41.56 -38.01
N THR G 416 -83.78 -42.32 -37.63
CA THR G 416 -82.48 -41.78 -37.26
C THR G 416 -81.41 -42.69 -37.85
N ASN G 417 -80.95 -42.38 -39.04
CA ASN G 417 -80.03 -43.24 -39.77
C ASN G 417 -78.62 -43.08 -39.23
N PRO G 418 -78.12 -43.98 -38.38
CA PRO G 418 -76.77 -43.79 -37.85
C PRO G 418 -75.71 -43.92 -38.91
N ARG G 419 -75.94 -44.75 -39.92
CA ARG G 419 -74.89 -45.02 -40.90
C ARG G 419 -74.38 -43.76 -41.58
N TYR G 420 -75.20 -42.71 -41.63
CA TYR G 420 -74.79 -41.45 -42.17
C TYR G 420 -74.97 -40.30 -41.19
N GLU G 421 -75.43 -40.58 -39.97
CA GLU G 421 -75.54 -39.58 -38.92
C GLU G 421 -74.48 -39.75 -37.83
N ALA G 422 -73.99 -40.96 -37.64
CA ALA G 422 -72.93 -41.21 -36.68
C ALA G 422 -72.29 -42.55 -37.03
N PRO G 423 -71.46 -42.60 -38.07
CA PRO G 423 -70.94 -43.90 -38.51
C PRO G 423 -70.20 -44.65 -37.42
N LEU G 424 -69.43 -43.96 -36.59
CA LEU G 424 -68.77 -44.65 -35.48
C LEU G 424 -69.78 -45.26 -34.54
N VAL G 425 -70.87 -44.57 -34.25
CA VAL G 425 -71.95 -45.19 -33.49
C VAL G 425 -72.52 -46.37 -34.26
N ASN G 426 -72.65 -46.23 -35.57
CA ASN G 426 -73.24 -47.31 -36.35
C ASN G 426 -72.43 -48.59 -36.20
N THR G 427 -71.12 -48.51 -36.33
CA THR G 427 -70.31 -49.71 -36.23
C THR G 427 -70.35 -50.30 -34.83
N ARG G 428 -70.49 -49.45 -33.80
CA ARG G 428 -70.68 -49.99 -32.46
C ARG G 428 -71.93 -50.84 -32.40
N LEU G 429 -73.00 -50.38 -33.03
CA LEU G 429 -74.21 -51.18 -33.06
C LEU G 429 -73.98 -52.48 -33.82
N ARG G 430 -73.27 -52.42 -34.95
CA ARG G 430 -73.03 -53.65 -35.68
C ARG G 430 -72.23 -54.63 -34.85
N LYS G 431 -71.29 -54.14 -34.06
CA LYS G 431 -70.56 -55.03 -33.16
C LYS G 431 -71.52 -55.71 -32.20
N ALA G 432 -72.51 -54.97 -31.70
CA ALA G 432 -73.55 -55.60 -30.90
C ALA G 432 -74.34 -56.60 -31.73
N TYR G 433 -74.75 -56.19 -32.93
CA TYR G 433 -75.55 -57.06 -33.77
C TYR G 433 -74.82 -58.36 -34.08
N VAL G 434 -73.49 -58.34 -34.01
CA VAL G 434 -72.71 -59.52 -34.31
C VAL G 434 -72.34 -60.33 -33.06
N HIS G 435 -72.31 -59.69 -31.89
CA HIS G 435 -71.81 -60.34 -30.69
C HIS G 435 -72.80 -60.40 -29.53
N ASN G 436 -73.96 -59.77 -29.65
CA ASN G 436 -74.93 -59.82 -28.56
C ASN G 436 -76.37 -59.95 -29.02
N GLU G 437 -76.63 -60.21 -30.31
CA GLU G 437 -77.99 -60.40 -30.81
C GLU G 437 -78.84 -59.14 -30.55
N LEU G 438 -78.46 -58.08 -31.24
CA LEU G 438 -79.09 -56.78 -31.06
C LEU G 438 -80.34 -56.68 -31.92
N GLN G 439 -81.49 -56.50 -31.26
CA GLN G 439 -82.78 -56.40 -31.94
C GLN G 439 -82.96 -54.96 -32.42
N ILE G 440 -82.88 -54.75 -33.72
CA ILE G 440 -82.85 -53.41 -34.30
C ILE G 440 -84.10 -53.22 -35.14
N ALA G 441 -85.04 -52.46 -34.63
CA ALA G 441 -86.24 -52.06 -35.35
C ALA G 441 -86.06 -50.67 -35.92
N SER G 442 -86.98 -50.27 -36.79
CA SER G 442 -86.98 -48.93 -37.35
C SER G 442 -88.41 -48.40 -37.42
N ILE G 443 -88.56 -47.12 -37.11
CA ILE G 443 -89.85 -46.44 -37.18
C ILE G 443 -89.72 -45.24 -38.10
N GLY G 444 -88.87 -45.34 -39.12
CA GLY G 444 -88.66 -44.26 -40.05
C GLY G 444 -88.84 -44.72 -41.49
N PRO G 445 -88.39 -43.90 -42.44
CA PRO G 445 -88.45 -44.30 -43.84
C PRO G 445 -87.42 -45.37 -44.16
N LYS G 446 -87.29 -45.74 -45.43
CA LYS G 446 -86.33 -46.76 -45.81
C LYS G 446 -84.90 -46.25 -45.67
N ILE G 447 -84.05 -47.12 -45.12
CA ILE G 447 -82.62 -46.92 -45.02
C ILE G 447 -81.97 -48.30 -44.97
N ASP G 448 -80.64 -48.33 -45.11
CA ASP G 448 -79.87 -49.56 -44.99
C ASP G 448 -78.77 -49.34 -43.96
N LEU G 449 -78.75 -50.16 -42.93
CA LEU G 449 -77.83 -50.01 -41.82
C LEU G 449 -76.64 -50.95 -41.91
N SER G 450 -76.44 -51.58 -43.08
CA SER G 450 -75.45 -52.64 -43.31
C SER G 450 -75.82 -53.93 -42.62
N TYR G 451 -77.00 -54.03 -42.02
CA TYR G 451 -77.45 -55.26 -41.40
C TYR G 451 -78.96 -55.20 -41.30
N ASP G 452 -79.56 -56.37 -41.14
CA ASP G 452 -81.01 -56.47 -41.08
C ASP G 452 -81.58 -55.58 -39.99
N HIS G 453 -82.72 -54.95 -40.28
CA HIS G 453 -83.43 -54.16 -39.29
C HIS G 453 -84.91 -54.19 -39.60
N GLU G 454 -85.73 -54.32 -38.57
CA GLU G 454 -87.17 -54.45 -38.74
C GLU G 454 -87.78 -53.07 -38.96
N ASN G 455 -88.39 -52.86 -40.12
CA ASN G 455 -89.02 -51.60 -40.45
C ASN G 455 -90.50 -51.67 -40.13
N LEU G 456 -90.93 -50.92 -39.11
CA LEU G 456 -92.30 -50.93 -38.63
C LEU G 456 -93.18 -49.89 -39.30
N GLY G 457 -92.66 -49.16 -40.27
CA GLY G 457 -93.36 -48.08 -40.92
C GLY G 457 -92.63 -46.77 -40.74
N ALA G 458 -93.33 -45.69 -41.06
CA ALA G 458 -92.72 -44.36 -41.00
C ALA G 458 -93.58 -43.38 -40.20
N ASP G 459 -94.90 -43.53 -40.26
CA ASP G 459 -95.77 -42.53 -39.68
C ASP G 459 -95.49 -42.34 -38.21
N ALA G 460 -95.44 -41.08 -37.78
CA ALA G 460 -95.05 -40.74 -36.42
C ALA G 460 -96.03 -41.25 -35.38
N ALA G 461 -97.23 -41.68 -35.77
CA ALA G 461 -98.12 -42.32 -34.81
C ALA G 461 -97.57 -43.63 -34.28
N LEU G 462 -96.64 -44.25 -35.01
CA LEU G 462 -96.07 -45.52 -34.57
C LEU G 462 -95.30 -45.35 -33.27
N VAL G 463 -94.58 -44.24 -33.11
CA VAL G 463 -93.79 -44.06 -31.90
C VAL G 463 -94.71 -43.99 -30.68
N LYS G 464 -95.90 -43.42 -30.85
CA LYS G 464 -96.83 -43.34 -29.73
C LYS G 464 -97.32 -44.71 -29.31
N ASP G 465 -97.78 -45.51 -30.29
CA ASP G 465 -98.29 -46.84 -29.95
C ASP G 465 -97.20 -47.68 -29.29
N VAL G 466 -95.97 -47.58 -29.80
CA VAL G 466 -94.86 -48.30 -29.19
C VAL G 466 -94.63 -47.81 -27.77
N CYS G 467 -94.64 -46.49 -27.58
CA CYS G 467 -94.43 -45.95 -26.25
C CYS G 467 -95.52 -46.41 -25.29
N SER G 468 -96.74 -46.60 -25.77
CA SER G 468 -97.75 -47.24 -24.96
C SER G 468 -97.43 -48.71 -24.74
N GLY G 469 -96.73 -49.32 -25.70
CA GLY G 469 -96.42 -50.73 -25.62
C GLY G 469 -97.53 -51.58 -26.19
N ALA G 470 -97.86 -51.34 -27.46
CA ALA G 470 -98.94 -52.03 -28.16
C ALA G 470 -98.46 -52.75 -29.42
N HIS G 471 -97.16 -52.98 -29.56
CA HIS G 471 -96.61 -53.59 -30.76
C HIS G 471 -95.60 -54.66 -30.38
N ALA G 472 -95.40 -55.60 -31.31
CA ALA G 472 -94.61 -56.78 -31.00
C ALA G 472 -93.19 -56.41 -30.60
N PHE G 473 -92.56 -55.50 -31.34
CA PHE G 473 -91.23 -55.07 -30.94
C PHE G 473 -91.25 -54.35 -29.61
N SER G 474 -92.37 -53.75 -29.23
CA SER G 474 -92.46 -53.16 -27.90
C SER G 474 -92.35 -54.25 -26.84
N LYS G 475 -92.97 -55.40 -27.06
CA LYS G 475 -92.79 -56.52 -26.15
C LYS G 475 -91.32 -56.92 -26.10
N VAL G 476 -90.67 -56.95 -27.26
CA VAL G 476 -89.24 -57.24 -27.31
C VAL G 476 -88.47 -56.23 -26.46
N LEU G 477 -88.82 -54.95 -26.60
CA LEU G 477 -88.18 -53.94 -25.76
C LEU G 477 -88.42 -54.23 -24.29
N GLU G 478 -89.65 -54.59 -23.93
CA GLU G 478 -89.94 -54.90 -22.53
C GLU G 478 -89.07 -56.06 -22.06
N GLY G 479 -89.00 -57.12 -22.84
CA GLY G 479 -88.29 -58.32 -22.41
C GLY G 479 -86.78 -58.18 -22.39
N ALA G 480 -86.24 -57.22 -23.14
CA ALA G 480 -84.80 -57.04 -23.17
C ALA G 480 -84.28 -56.63 -21.79
N LYS G 481 -82.96 -56.61 -21.68
CA LYS G 481 -82.29 -56.11 -20.48
C LYS G 481 -81.52 -54.83 -20.72
N LYS G 482 -81.14 -54.54 -21.94
CA LYS G 482 -80.54 -53.26 -22.32
C LYS G 482 -81.29 -52.76 -23.54
N PRO G 483 -82.47 -52.18 -23.35
CA PRO G 483 -83.14 -51.51 -24.45
C PRO G 483 -82.54 -50.13 -24.68
N ALA G 484 -82.57 -49.70 -25.94
CA ALA G 484 -82.13 -48.37 -26.32
C ALA G 484 -83.12 -47.81 -27.34
N ILE G 485 -83.44 -46.54 -27.18
CA ILE G 485 -84.34 -45.84 -28.09
C ILE G 485 -83.60 -44.59 -28.55
N ILE G 486 -83.31 -44.54 -29.85
CA ILE G 486 -82.47 -43.49 -30.43
C ILE G 486 -83.34 -42.63 -31.32
N ILE G 487 -83.38 -41.34 -31.02
CA ILE G 487 -84.17 -40.37 -31.77
C ILE G 487 -83.23 -39.29 -32.28
N GLY G 488 -83.35 -38.99 -33.58
CA GLY G 488 -82.43 -38.07 -34.22
C GLY G 488 -82.84 -36.62 -33.98
N ALA G 489 -81.84 -35.80 -33.67
CA ALA G 489 -82.11 -34.42 -33.27
C ALA G 489 -82.86 -33.66 -34.33
N ASP G 490 -82.67 -34.00 -35.61
CA ASP G 490 -83.45 -33.39 -36.68
C ASP G 490 -84.93 -33.53 -36.39
N LEU G 491 -85.37 -34.74 -36.06
CA LEU G 491 -86.78 -34.97 -35.79
C LEU G 491 -87.24 -34.15 -34.60
N LEU G 492 -86.40 -34.07 -33.56
CA LEU G 492 -86.75 -33.27 -32.39
C LEU G 492 -86.91 -31.81 -32.74
N GLU G 493 -86.36 -31.36 -33.87
CA GLU G 493 -86.57 -30.00 -34.35
C GLU G 493 -87.50 -29.94 -35.56
N ARG G 494 -88.01 -31.07 -36.02
CA ARG G 494 -88.83 -31.09 -37.22
C ARG G 494 -90.06 -30.21 -37.02
N ALA G 495 -90.98 -30.67 -36.19
CA ALA G 495 -92.17 -29.90 -35.82
C ALA G 495 -92.96 -30.71 -34.81
N ASP G 496 -93.59 -30.04 -33.85
CA ASP G 496 -94.46 -30.68 -32.86
C ASP G 496 -93.87 -31.98 -32.33
N GLY G 497 -92.54 -32.04 -32.24
CA GLY G 497 -91.86 -33.26 -31.85
C GLY G 497 -91.54 -33.29 -30.38
N ALA G 498 -91.73 -32.16 -29.70
CA ALA G 498 -91.58 -32.15 -28.26
C ALA G 498 -92.56 -33.12 -27.62
N ALA G 499 -93.76 -33.24 -28.21
CA ALA G 499 -94.67 -34.28 -27.77
C ALA G 499 -94.07 -35.66 -27.99
N ILE G 500 -93.44 -35.87 -29.15
CA ILE G 500 -92.80 -37.15 -29.43
C ILE G 500 -91.74 -37.45 -28.38
N HIS G 501 -90.92 -36.45 -28.07
CA HIS G 501 -89.90 -36.65 -27.06
C HIS G 501 -90.53 -36.94 -25.69
N ALA G 502 -91.59 -36.21 -25.35
CA ALA G 502 -92.19 -36.39 -24.03
C ALA G 502 -92.70 -37.81 -23.85
N THR G 503 -93.38 -38.35 -24.86
CA THR G 503 -93.84 -39.73 -24.76
C THR G 503 -92.67 -40.69 -24.69
N VAL G 504 -91.63 -40.43 -25.48
CA VAL G 504 -90.46 -41.28 -25.47
C VAL G 504 -89.84 -41.30 -24.07
N ALA G 505 -89.69 -40.11 -23.47
CA ALA G 505 -89.21 -40.07 -22.11
C ALA G 505 -90.18 -40.79 -21.17
N GLU G 506 -91.47 -40.65 -21.44
CA GLU G 506 -92.46 -41.31 -20.59
C GLU G 506 -92.26 -42.81 -20.58
N TYR G 507 -92.03 -43.41 -21.74
CA TYR G 507 -91.86 -44.86 -21.78
C TYR G 507 -90.52 -45.28 -21.20
N CYS G 508 -89.48 -44.48 -21.39
CA CYS G 508 -88.17 -44.83 -20.86
C CYS G 508 -88.20 -44.98 -19.34
N LYS G 509 -89.16 -44.33 -18.68
CA LYS G 509 -89.29 -44.48 -17.24
C LYS G 509 -89.37 -45.95 -16.85
N LYS G 510 -90.21 -46.71 -17.55
CA LYS G 510 -90.39 -48.12 -17.24
C LYS G 510 -89.23 -48.96 -17.74
N LEU G 511 -88.69 -48.61 -18.90
CA LEU G 511 -87.59 -49.36 -19.50
C LEU G 511 -86.31 -49.28 -18.68
N LYS G 512 -86.18 -48.27 -17.83
CA LYS G 512 -84.92 -48.05 -17.13
C LYS G 512 -84.53 -49.28 -16.34
N LYS G 513 -83.33 -49.75 -16.57
CA LYS G 513 -82.71 -50.77 -15.76
C LYS G 513 -81.57 -50.15 -14.98
N PRO G 514 -81.23 -50.68 -13.80
CA PRO G 514 -80.30 -49.97 -12.93
C PRO G 514 -78.96 -49.75 -13.62
N ASN G 515 -78.39 -48.58 -13.40
CA ASN G 515 -77.10 -48.21 -13.98
C ASN G 515 -77.19 -48.11 -15.50
N TRP G 516 -78.36 -47.75 -16.04
CA TRP G 516 -78.57 -47.79 -17.48
C TRP G 516 -79.76 -46.91 -17.82
N ASN G 517 -79.52 -45.80 -18.53
CA ASN G 517 -80.60 -44.93 -18.97
C ASN G 517 -80.86 -45.17 -20.45
N PRO G 518 -81.99 -45.75 -20.84
CA PRO G 518 -82.21 -46.04 -22.27
C PRO G 518 -82.15 -44.84 -23.19
N PHE G 519 -82.68 -43.69 -22.78
CA PHE G 519 -82.96 -42.62 -23.73
C PHE G 519 -81.69 -42.13 -24.42
N ASN G 520 -81.77 -41.97 -25.74
CA ASN G 520 -80.61 -41.67 -26.57
C ASN G 520 -80.97 -40.62 -27.61
N VAL G 521 -80.05 -39.68 -27.83
CA VAL G 521 -80.27 -38.61 -28.80
C VAL G 521 -78.99 -38.40 -29.59
N LEU G 522 -78.96 -38.90 -30.82
CA LEU G 522 -77.77 -38.72 -31.64
C LEU G 522 -77.65 -37.29 -32.11
N GLN G 523 -76.93 -36.45 -31.36
CA GLN G 523 -76.68 -35.11 -31.83
C GLN G 523 -75.90 -35.16 -33.14
N THR G 524 -75.98 -34.07 -33.89
CA THR G 524 -75.39 -33.99 -35.22
C THR G 524 -74.25 -32.99 -35.28
N ASN G 525 -74.51 -31.74 -34.90
CA ASN G 525 -73.46 -30.75 -34.84
C ASN G 525 -72.60 -30.96 -33.61
N ALA G 526 -71.34 -30.58 -33.71
CA ALA G 526 -70.42 -30.71 -32.59
C ALA G 526 -70.51 -29.56 -31.61
N ALA G 527 -71.37 -28.57 -31.87
CA ALA G 527 -71.53 -27.42 -31.00
C ALA G 527 -72.88 -27.38 -30.29
N GLN G 528 -73.85 -28.19 -30.72
CA GLN G 528 -75.19 -28.11 -30.13
C GLN G 528 -75.14 -28.38 -28.63
N VAL G 529 -74.47 -29.47 -28.23
CA VAL G 529 -74.40 -29.76 -26.81
C VAL G 529 -73.62 -28.66 -26.11
N GLY G 530 -72.63 -28.08 -26.78
CA GLY G 530 -71.96 -26.93 -26.22
C GLY G 530 -72.93 -25.79 -25.97
N ALA G 531 -73.82 -25.54 -26.91
CA ALA G 531 -74.80 -24.48 -26.74
C ALA G 531 -75.67 -24.73 -25.53
N LEU G 532 -76.16 -25.97 -25.39
CA LEU G 532 -77.08 -26.27 -24.30
C LEU G 532 -76.43 -26.04 -22.95
N ASP G 533 -75.16 -26.41 -22.81
CA ASP G 533 -74.49 -26.27 -21.53
C ASP G 533 -74.13 -24.82 -21.21
N VAL G 534 -74.16 -23.93 -22.20
CA VAL G 534 -73.98 -22.50 -21.91
C VAL G 534 -75.31 -21.78 -21.79
N GLY G 535 -76.38 -22.30 -22.40
CA GLY G 535 -77.71 -21.77 -22.19
C GLY G 535 -78.26 -20.96 -23.33
N TYR G 536 -77.99 -21.39 -24.56
CA TYR G 536 -78.53 -20.69 -25.71
C TYR G 536 -80.01 -20.98 -25.87
N LYS G 537 -80.63 -20.26 -26.81
CA LYS G 537 -81.87 -20.70 -27.40
C LYS G 537 -81.56 -21.61 -28.58
N ALA G 538 -82.60 -22.26 -29.10
CA ALA G 538 -82.48 -23.16 -30.23
C ALA G 538 -83.35 -22.65 -31.36
N GLY G 539 -82.81 -22.67 -32.57
CA GLY G 539 -83.58 -22.33 -33.76
C GLY G 539 -83.22 -20.99 -34.34
N ALA G 540 -82.55 -21.01 -35.51
CA ALA G 540 -82.14 -19.76 -36.13
C ALA G 540 -83.34 -18.85 -36.38
N GLN G 541 -84.49 -19.42 -36.72
CA GLN G 541 -85.68 -18.61 -36.89
C GLN G 541 -86.02 -17.86 -35.61
N THR G 542 -85.67 -18.43 -34.45
CA THR G 542 -85.90 -17.73 -33.20
C THR G 542 -85.21 -16.37 -33.21
N ALA G 543 -83.93 -16.35 -33.58
CA ALA G 543 -83.18 -15.10 -33.60
C ALA G 543 -83.76 -14.12 -34.60
N VAL G 544 -84.15 -14.61 -35.78
CA VAL G 544 -84.75 -13.72 -36.78
C VAL G 544 -86.02 -13.10 -36.22
N LYS G 545 -86.84 -13.91 -35.53
CA LYS G 545 -88.08 -13.40 -34.97
C LYS G 545 -87.83 -12.32 -33.93
N ALA G 546 -86.64 -12.28 -33.33
CA ALA G 546 -86.31 -11.20 -32.42
C ALA G 546 -86.24 -9.85 -33.11
N GLN G 547 -86.01 -9.84 -34.43
CA GLN G 547 -85.86 -8.61 -35.20
C GLN G 547 -84.67 -7.80 -34.71
N PRO G 548 -83.45 -8.32 -34.85
CA PRO G 548 -82.26 -7.58 -34.44
C PRO G 548 -81.74 -6.66 -35.54
N LYS G 549 -81.18 -5.54 -35.11
CA LYS G 549 -80.58 -4.60 -36.04
C LYS G 549 -79.21 -5.07 -36.54
N VAL G 550 -78.47 -5.77 -35.70
CA VAL G 550 -77.17 -6.34 -36.06
C VAL G 550 -77.22 -7.83 -35.78
N LEU G 551 -76.37 -8.58 -36.48
CA LEU G 551 -76.32 -10.02 -36.32
C LEU G 551 -74.88 -10.48 -36.19
N PHE G 552 -74.68 -11.55 -35.42
CA PHE G 552 -73.40 -12.22 -35.26
C PHE G 552 -73.53 -13.65 -35.73
N LEU G 553 -72.50 -14.17 -36.39
CA LEU G 553 -72.54 -15.52 -36.94
C LEU G 553 -71.19 -16.19 -36.72
N LEU G 554 -71.11 -17.03 -35.70
CA LEU G 554 -69.95 -17.89 -35.52
C LEU G 554 -69.99 -18.94 -36.62
N ASN G 555 -69.24 -18.71 -37.69
CA ASN G 555 -69.08 -19.61 -38.83
C ASN G 555 -70.37 -20.38 -39.13
N ALA G 556 -71.48 -19.65 -39.15
CA ALA G 556 -72.81 -20.23 -39.33
C ALA G 556 -73.14 -20.19 -40.82
N ASP G 557 -72.76 -21.26 -41.52
CA ASP G 557 -72.89 -21.33 -42.97
C ASP G 557 -74.01 -22.26 -43.39
N ALA G 558 -75.07 -22.36 -42.60
CA ALA G 558 -76.27 -23.04 -43.01
C ALA G 558 -77.24 -22.06 -43.64
N GLY G 559 -78.00 -22.53 -44.61
CA GLY G 559 -78.98 -21.70 -45.28
C GLY G 559 -80.22 -21.42 -44.47
N LYS G 560 -80.24 -21.80 -43.20
CA LYS G 560 -81.44 -21.62 -42.38
C LYS G 560 -81.79 -20.15 -42.18
N VAL G 561 -80.86 -19.24 -42.46
CA VAL G 561 -81.11 -17.80 -42.38
C VAL G 561 -80.65 -17.15 -43.68
N THR G 562 -81.51 -16.31 -44.24
CA THR G 562 -81.22 -15.58 -45.46
C THR G 562 -81.65 -14.14 -45.32
N ARG G 563 -80.83 -13.22 -45.83
CA ARG G 563 -81.07 -11.80 -45.60
C ARG G 563 -82.47 -11.41 -46.03
N GLU G 564 -82.96 -11.99 -47.13
CA GLU G 564 -84.37 -11.87 -47.47
C GLU G 564 -85.24 -12.25 -46.28
N GLN G 565 -84.89 -13.37 -45.64
CA GLN G 565 -85.64 -13.80 -44.47
C GLN G 565 -85.28 -12.96 -43.24
N LEU G 566 -84.16 -12.25 -43.27
CA LEU G 566 -83.82 -11.34 -42.18
C LEU G 566 -84.55 -10.02 -42.35
N PRO G 567 -84.60 -9.22 -41.28
CA PRO G 567 -85.00 -7.82 -41.45
C PRO G 567 -84.08 -7.15 -42.47
N LYS G 568 -84.67 -6.32 -43.32
CA LYS G 568 -83.93 -5.75 -44.43
C LYS G 568 -82.76 -4.90 -43.92
N ASP G 569 -83.00 -4.07 -42.91
CA ASP G 569 -81.94 -3.22 -42.38
C ASP G 569 -80.91 -3.97 -41.56
N CYS G 570 -81.16 -5.25 -41.26
CA CYS G 570 -80.30 -6.02 -40.36
C CYS G 570 -78.85 -6.06 -40.83
N PHE G 571 -77.96 -5.45 -40.05
CA PHE G 571 -76.53 -5.48 -40.34
C PHE G 571 -75.97 -6.84 -39.93
N VAL G 572 -75.08 -7.38 -40.76
CA VAL G 572 -74.72 -8.79 -40.69
C VAL G 572 -73.20 -8.91 -40.58
N VAL G 573 -72.75 -9.62 -39.55
CA VAL G 573 -71.34 -9.82 -39.26
C VAL G 573 -71.07 -11.31 -39.19
N TYR G 574 -70.01 -11.76 -39.85
CA TYR G 574 -69.70 -13.18 -39.93
C TYR G 574 -68.27 -13.38 -39.44
N ILE G 575 -68.10 -14.32 -38.51
CA ILE G 575 -66.84 -14.46 -37.76
C ILE G 575 -66.29 -15.86 -38.00
N GLY G 576 -66.43 -16.37 -39.22
CA GLY G 576 -66.05 -17.73 -39.54
C GLY G 576 -64.85 -17.85 -40.46
N SER G 577 -64.39 -19.09 -40.61
CA SER G 577 -63.14 -19.39 -41.30
C SER G 577 -63.34 -19.47 -42.81
N HIS G 578 -64.16 -20.41 -43.26
CA HIS G 578 -64.31 -20.64 -44.68
C HIS G 578 -65.32 -19.68 -45.28
N GLY G 579 -64.97 -19.11 -46.43
CA GLY G 579 -65.86 -18.20 -47.09
C GLY G 579 -66.96 -18.94 -47.81
N ASP G 580 -67.90 -19.51 -47.07
CA ASP G 580 -69.00 -20.24 -47.67
C ASP G 580 -70.16 -19.29 -47.94
N ASN G 581 -71.25 -19.85 -48.48
CA ASN G 581 -72.37 -19.02 -48.92
C ASN G 581 -72.96 -18.23 -47.77
N GLY G 582 -73.13 -18.87 -46.60
CA GLY G 582 -73.65 -18.14 -45.46
C GLY G 582 -72.78 -16.94 -45.10
N ALA G 583 -71.47 -17.10 -45.25
CA ALA G 583 -70.56 -15.97 -45.09
C ALA G 583 -70.75 -14.93 -46.19
N SER G 584 -71.28 -15.32 -47.34
CA SER G 584 -71.38 -14.42 -48.47
C SER G 584 -72.37 -13.29 -48.26
N ILE G 585 -73.25 -13.39 -47.28
CA ILE G 585 -74.36 -12.46 -47.13
C ILE G 585 -74.14 -11.51 -45.95
N ALA G 586 -72.90 -11.25 -45.59
CA ALA G 586 -72.58 -10.37 -44.47
C ALA G 586 -71.96 -9.08 -44.97
N ASP G 587 -72.20 -8.00 -44.22
CA ASP G 587 -71.57 -6.72 -44.52
C ASP G 587 -70.19 -6.57 -43.89
N ALA G 588 -69.85 -7.43 -42.94
CA ALA G 588 -68.50 -7.47 -42.38
C ALA G 588 -68.15 -8.93 -42.15
N VAL G 589 -66.96 -9.32 -42.57
CA VAL G 589 -66.57 -10.72 -42.62
C VAL G 589 -65.21 -10.86 -41.97
N LEU G 590 -65.20 -11.31 -40.75
CA LEU G 590 -63.95 -11.43 -40.01
C LEU G 590 -63.37 -12.82 -40.21
N PRO G 591 -62.12 -12.97 -40.63
CA PRO G 591 -61.58 -14.32 -40.79
C PRO G 591 -61.45 -15.02 -39.45
N GLY G 592 -61.45 -16.34 -39.51
CA GLY G 592 -61.23 -17.15 -38.34
C GLY G 592 -60.40 -18.37 -38.68
N ALA G 593 -59.61 -18.81 -37.70
CA ALA G 593 -58.81 -20.01 -37.86
C ALA G 593 -59.67 -21.24 -37.65
N ALA G 594 -59.56 -22.21 -38.55
CA ALA G 594 -60.39 -23.40 -38.51
C ALA G 594 -60.06 -24.23 -37.27
N TYR G 595 -60.78 -25.35 -37.13
CA TYR G 595 -60.73 -26.11 -35.88
C TYR G 595 -59.34 -26.66 -35.60
N THR G 596 -58.67 -27.19 -36.62
CA THR G 596 -57.32 -27.71 -36.40
C THR G 596 -56.37 -26.61 -35.95
N GLU G 597 -56.66 -25.37 -36.32
CA GLU G 597 -55.75 -24.28 -36.04
C GLU G 597 -56.00 -23.60 -34.70
N LYS G 598 -57.15 -23.84 -34.08
CA LYS G 598 -57.54 -23.18 -32.84
C LYS G 598 -57.72 -24.18 -31.73
N GLN G 599 -57.36 -23.77 -30.52
CA GLN G 599 -57.58 -24.58 -29.32
C GLN G 599 -58.94 -24.24 -28.75
N GLY G 600 -59.84 -25.22 -28.74
CA GLY G 600 -61.17 -25.01 -28.22
C GLY G 600 -61.68 -26.27 -27.53
N ILE G 601 -62.84 -26.14 -26.91
CA ILE G 601 -63.48 -27.22 -26.18
C ILE G 601 -64.75 -27.60 -26.92
N TYR G 602 -64.87 -28.88 -27.24
CA TYR G 602 -66.07 -29.41 -27.86
C TYR G 602 -66.67 -30.49 -26.98
N VAL G 603 -67.94 -30.34 -26.64
CA VAL G 603 -68.68 -31.38 -25.96
C VAL G 603 -69.22 -32.31 -27.03
N ASN G 604 -68.85 -33.58 -26.97
CA ASN G 604 -69.32 -34.52 -27.96
C ASN G 604 -70.77 -34.89 -27.68
N THR G 605 -71.29 -35.84 -28.46
CA THR G 605 -72.70 -36.20 -28.34
C THR G 605 -73.01 -36.73 -26.95
N GLU G 606 -72.25 -37.73 -26.49
CA GLU G 606 -72.54 -38.32 -25.20
C GLU G 606 -72.37 -37.31 -24.07
N GLY G 607 -71.39 -36.42 -24.19
CA GLY G 607 -71.29 -35.31 -23.28
C GLY G 607 -69.92 -35.00 -22.72
N ARG G 608 -68.93 -35.85 -22.97
CA ARG G 608 -67.62 -35.54 -22.43
C ARG G 608 -67.04 -34.33 -23.18
N PRO G 609 -66.43 -33.39 -22.48
CA PRO G 609 -65.78 -32.27 -23.18
C PRO G 609 -64.34 -32.61 -23.53
N GLN G 610 -63.95 -32.22 -24.73
CA GLN G 610 -62.63 -32.56 -25.25
C GLN G 610 -61.99 -31.33 -25.87
N GLN G 611 -60.66 -31.32 -25.86
CA GLN G 611 -59.88 -30.16 -26.23
C GLN G 611 -59.16 -30.40 -27.54
N THR G 612 -59.41 -29.53 -28.51
CA THR G 612 -58.57 -29.47 -29.69
C THR G 612 -57.23 -28.83 -29.34
N LEU G 613 -56.22 -29.15 -30.14
CA LEU G 613 -54.92 -28.50 -30.04
C LEU G 613 -54.53 -27.90 -31.38
N PRO G 614 -53.84 -26.77 -31.37
CA PRO G 614 -53.52 -26.12 -32.64
C PRO G 614 -52.26 -26.70 -33.26
N GLY G 615 -52.32 -27.12 -34.51
CA GLY G 615 -51.19 -27.75 -35.16
C GLY G 615 -50.60 -26.93 -36.27
N VAL G 616 -51.35 -25.95 -36.78
CA VAL G 616 -50.97 -25.17 -37.94
C VAL G 616 -51.17 -23.71 -37.64
N SER G 617 -50.22 -22.88 -38.03
CA SER G 617 -50.41 -21.45 -37.90
C SER G 617 -51.55 -21.00 -38.79
N PRO G 618 -52.47 -20.17 -38.31
CA PRO G 618 -53.59 -19.75 -39.15
C PRO G 618 -53.12 -18.91 -40.32
N PRO G 619 -53.89 -18.82 -41.38
CA PRO G 619 -53.47 -18.06 -42.55
C PRO G 619 -53.84 -16.58 -42.46
N GLY G 620 -53.08 -15.77 -43.20
CA GLY G 620 -53.43 -14.36 -43.37
C GLY G 620 -53.48 -13.62 -42.05
N MET G 621 -54.56 -12.86 -41.86
CA MET G 621 -54.82 -12.19 -40.60
C MET G 621 -55.75 -12.98 -39.70
N ALA G 622 -56.06 -14.23 -40.04
CA ALA G 622 -56.97 -15.03 -39.24
C ALA G 622 -56.49 -15.08 -37.79
N ARG G 623 -57.45 -15.01 -36.87
CA ARG G 623 -57.19 -15.11 -35.46
C ARG G 623 -58.11 -16.15 -34.86
N GLU G 624 -58.01 -16.35 -33.55
CA GLU G 624 -58.93 -17.22 -32.85
C GLU G 624 -60.27 -16.52 -32.66
N ASP G 625 -61.35 -17.30 -32.67
CA ASP G 625 -62.67 -16.72 -32.57
C ASP G 625 -62.84 -15.98 -31.25
N TRP G 626 -62.47 -16.62 -30.14
CA TRP G 626 -62.61 -15.98 -28.84
C TRP G 626 -61.70 -14.77 -28.71
N LYS G 627 -60.70 -14.64 -29.57
CA LYS G 627 -59.88 -13.44 -29.55
C LYS G 627 -60.54 -12.31 -30.35
N ILE G 628 -61.25 -12.65 -31.43
CA ILE G 628 -61.91 -11.61 -32.20
C ILE G 628 -62.97 -10.92 -31.36
N LEU G 629 -63.79 -11.71 -30.67
CA LEU G 629 -64.84 -11.13 -29.84
C LEU G 629 -64.25 -10.26 -28.75
N ARG G 630 -63.18 -10.75 -28.10
CA ARG G 630 -62.58 -10.00 -27.01
C ARG G 630 -62.04 -8.66 -27.50
N ALA G 631 -61.40 -8.65 -28.66
CA ALA G 631 -60.92 -7.38 -29.20
C ALA G 631 -62.09 -6.46 -29.49
N LEU G 632 -63.16 -6.98 -30.06
CA LEU G 632 -64.29 -6.12 -30.42
C LEU G 632 -64.93 -5.52 -29.17
N SER G 633 -65.05 -6.30 -28.10
CA SER G 633 -65.64 -5.76 -26.87
C SER G 633 -64.85 -4.55 -26.38
N GLU G 634 -63.53 -4.70 -26.25
CA GLU G 634 -62.68 -3.64 -25.77
C GLU G 634 -62.60 -2.48 -26.75
N VAL G 635 -62.92 -2.71 -28.02
CA VAL G 635 -63.04 -1.60 -28.95
C VAL G 635 -64.34 -0.84 -28.70
N VAL G 636 -65.43 -1.57 -28.45
CA VAL G 636 -66.69 -0.91 -28.15
C VAL G 636 -66.59 -0.17 -26.81
N GLY G 637 -66.06 -0.83 -25.80
CA GLY G 637 -65.88 -0.21 -24.50
C GLY G 637 -66.62 -0.91 -23.39
N LYS G 638 -66.85 -2.21 -23.55
CA LYS G 638 -67.47 -3.06 -22.54
C LYS G 638 -66.60 -4.29 -22.38
N PRO G 639 -65.38 -4.11 -21.89
CA PRO G 639 -64.41 -5.22 -21.89
C PRO G 639 -64.91 -6.42 -21.09
N LEU G 640 -64.65 -7.60 -21.64
CA LEU G 640 -64.85 -8.83 -20.92
C LEU G 640 -63.72 -8.97 -19.90
N PRO G 641 -63.84 -9.86 -18.93
CA PRO G 641 -62.78 -9.98 -17.91
C PRO G 641 -61.65 -10.92 -18.30
N TYR G 642 -61.87 -11.78 -19.28
CA TYR G 642 -60.94 -12.85 -19.61
C TYR G 642 -60.04 -12.45 -20.78
N ASP G 643 -58.80 -12.09 -20.44
CA ASP G 643 -57.75 -11.75 -21.39
C ASP G 643 -56.88 -12.93 -21.78
N ASN G 644 -57.09 -14.10 -21.18
CA ASN G 644 -56.28 -15.28 -21.47
C ASN G 644 -57.21 -16.48 -21.54
N LEU G 645 -56.70 -17.54 -22.15
CA LEU G 645 -57.52 -18.74 -22.30
C LEU G 645 -57.95 -19.28 -20.94
N ASP G 646 -57.02 -19.31 -19.99
CA ASP G 646 -57.35 -19.84 -18.67
C ASP G 646 -58.39 -18.98 -17.97
N GLU G 647 -58.28 -17.66 -18.09
CA GLU G 647 -59.33 -16.80 -17.55
C GLU G 647 -60.68 -17.20 -18.12
N LEU G 648 -60.73 -17.44 -19.43
CA LEU G 648 -61.95 -17.90 -20.05
C LEU G 648 -62.31 -19.31 -19.60
N ARG G 649 -61.33 -20.20 -19.49
CA ARG G 649 -61.63 -21.55 -19.04
C ARG G 649 -62.12 -21.56 -17.61
N ASN G 650 -61.73 -20.58 -16.79
CA ASN G 650 -62.31 -20.46 -15.47
C ASN G 650 -63.71 -19.86 -15.51
N ARG G 651 -63.99 -19.00 -16.49
CA ARG G 651 -65.35 -18.52 -16.66
C ARG G 651 -66.30 -19.65 -17.02
N LEU G 652 -65.84 -20.60 -17.84
CA LEU G 652 -66.61 -21.81 -18.08
C LEU G 652 -66.74 -22.65 -16.81
N GLU G 653 -65.66 -22.73 -16.02
CA GLU G 653 -65.74 -23.48 -14.78
C GLU G 653 -66.85 -22.94 -13.90
N ASP G 654 -66.99 -21.61 -13.86
CA ASP G 654 -68.14 -21.01 -13.18
C ASP G 654 -69.45 -21.54 -13.73
N VAL G 655 -69.58 -21.57 -15.05
CA VAL G 655 -70.85 -21.92 -15.68
C VAL G 655 -71.13 -23.42 -15.53
N ALA G 656 -70.11 -24.25 -15.65
CA ALA G 656 -70.32 -25.69 -15.60
C ALA G 656 -69.07 -26.43 -15.16
N PRO G 657 -68.90 -26.70 -13.87
CA PRO G 657 -67.73 -27.50 -13.45
C PRO G 657 -67.66 -28.85 -14.12
N HIS G 658 -68.81 -29.49 -14.34
CA HIS G 658 -68.84 -30.73 -15.12
C HIS G 658 -68.24 -30.52 -16.49
N LEU G 659 -68.47 -29.35 -17.08
CA LEU G 659 -68.06 -29.10 -18.45
C LEU G 659 -66.57 -28.90 -18.62
N THR G 660 -65.81 -28.77 -17.53
CA THR G 660 -64.36 -28.62 -17.60
C THR G 660 -63.61 -29.81 -17.02
N ARG G 661 -64.32 -30.82 -16.52
CA ARG G 661 -63.70 -32.08 -16.13
C ARG G 661 -63.42 -32.88 -17.40
N LEU G 662 -62.37 -32.47 -18.10
CA LEU G 662 -62.09 -33.03 -19.42
C LEU G 662 -61.90 -34.53 -19.35
N GLY G 663 -62.33 -35.21 -20.41
CA GLY G 663 -62.14 -36.64 -20.52
C GLY G 663 -63.07 -37.48 -19.67
N GLN G 664 -63.92 -36.86 -18.86
CA GLN G 664 -64.88 -37.58 -18.02
C GLN G 664 -66.29 -37.24 -18.45
N LEU G 665 -67.25 -37.97 -17.89
CA LEU G 665 -68.65 -37.85 -18.26
C LEU G 665 -69.48 -37.89 -17.00
N GLU G 666 -69.95 -36.73 -16.56
CA GLU G 666 -70.83 -36.69 -15.40
C GLU G 666 -72.20 -37.28 -15.77
N PRO G 667 -72.81 -38.05 -14.89
CA PRO G 667 -74.12 -38.65 -15.22
C PRO G 667 -75.24 -37.65 -15.05
N ALA G 668 -76.27 -37.81 -15.88
CA ALA G 668 -77.44 -36.94 -15.86
C ALA G 668 -78.71 -37.65 -15.41
N GLY G 669 -78.68 -38.97 -15.27
CA GLY G 669 -79.86 -39.67 -14.75
C GLY G 669 -81.06 -39.52 -15.67
N ASP G 670 -82.20 -39.19 -15.06
CA ASP G 670 -83.48 -39.30 -15.74
C ASP G 670 -83.52 -38.40 -16.98
N ALA G 671 -84.20 -38.89 -18.00
CA ALA G 671 -84.38 -38.13 -19.24
C ALA G 671 -85.67 -37.32 -19.13
N GLY G 672 -85.52 -36.00 -19.05
CA GLY G 672 -86.67 -35.14 -18.87
C GLY G 672 -87.38 -35.41 -17.56
N ALA G 685 -95.34 -37.10 -42.35
CA ALA G 685 -94.70 -38.33 -41.93
C ALA G 685 -93.24 -38.09 -41.54
N ILE G 686 -92.58 -39.14 -41.07
CA ILE G 686 -91.17 -39.05 -40.66
C ILE G 686 -90.31 -39.27 -41.88
N ASP G 687 -89.67 -38.19 -42.35
CA ASP G 687 -88.74 -38.24 -43.46
C ASP G 687 -87.49 -37.46 -43.10
N ILE G 688 -86.34 -38.00 -43.45
CA ILE G 688 -85.05 -37.53 -42.95
C ILE G 688 -84.06 -37.37 -44.09
N LYS G 689 -83.06 -36.53 -43.86
CA LYS G 689 -81.99 -36.32 -44.79
C LYS G 689 -80.92 -37.40 -44.62
N LEU G 690 -79.85 -37.31 -45.40
CA LEU G 690 -78.70 -38.19 -45.26
C LEU G 690 -79.10 -39.66 -45.26
N LYS G 691 -80.02 -40.01 -46.15
CA LYS G 691 -80.40 -41.41 -46.32
C LYS G 691 -79.60 -42.09 -47.44
N GLU G 692 -78.73 -41.36 -48.12
CA GLU G 692 -77.85 -41.94 -49.12
C GLU G 692 -76.49 -41.27 -49.00
N LEU G 693 -75.46 -41.97 -49.47
CA LEU G 693 -74.11 -41.42 -49.40
C LEU G 693 -74.01 -40.11 -50.15
N ARG G 694 -74.70 -40.00 -51.28
CA ARG G 694 -74.70 -38.75 -52.03
C ARG G 694 -75.10 -37.59 -51.14
N ASP G 695 -76.08 -37.81 -50.27
CA ASP G 695 -76.44 -36.78 -49.30
C ASP G 695 -75.32 -36.58 -48.29
N TYR G 696 -74.63 -37.66 -47.93
CA TYR G 696 -73.71 -37.62 -46.80
C TYR G 696 -72.50 -36.75 -47.08
N PHE G 697 -71.90 -36.90 -48.27
CA PHE G 697 -70.61 -36.28 -48.51
C PHE G 697 -70.68 -34.76 -48.45
N MET G 698 -71.74 -34.18 -49.02
CA MET G 698 -71.94 -32.73 -49.00
C MET G 698 -72.87 -32.39 -47.84
N THR G 699 -72.29 -32.10 -46.68
CA THR G 699 -73.05 -31.64 -45.53
C THR G 699 -72.65 -30.24 -45.08
N ASP G 700 -71.37 -30.01 -44.82
CA ASP G 700 -70.92 -28.79 -44.17
C ASP G 700 -70.05 -27.98 -45.11
N ALA G 701 -69.73 -26.76 -44.68
CA ALA G 701 -68.94 -25.86 -45.52
C ALA G 701 -67.59 -26.46 -45.81
N ILE G 702 -66.93 -27.03 -44.80
CA ILE G 702 -65.65 -27.69 -45.04
C ILE G 702 -65.84 -28.84 -46.00
N SER G 703 -66.91 -29.60 -45.85
CA SER G 703 -67.18 -30.70 -46.77
C SER G 703 -67.27 -30.20 -48.20
N ARG G 704 -68.09 -29.18 -48.44
CA ARG G 704 -68.19 -28.63 -49.77
C ARG G 704 -66.87 -28.01 -50.21
N ALA G 705 -66.13 -27.44 -49.28
CA ALA G 705 -64.86 -26.82 -49.63
C ALA G 705 -63.86 -27.84 -50.16
N SER G 706 -63.91 -29.06 -49.63
CA SER G 706 -62.89 -30.05 -49.96
C SER G 706 -62.98 -30.47 -51.42
N PRO G 707 -61.85 -30.56 -52.14
CA PRO G 707 -61.92 -31.08 -53.51
C PRO G 707 -62.19 -32.57 -53.57
N THR G 708 -61.59 -33.34 -52.67
CA THR G 708 -61.73 -34.79 -52.74
C THR G 708 -63.18 -35.22 -52.59
N MET G 709 -63.91 -34.58 -51.68
CA MET G 709 -65.32 -34.93 -51.50
C MET G 709 -66.10 -34.65 -52.77
N ALA G 710 -65.81 -33.53 -53.44
CA ALA G 710 -66.47 -33.25 -54.71
C ALA G 710 -66.18 -34.34 -55.72
N LYS G 711 -64.93 -34.82 -55.75
CA LYS G 711 -64.61 -35.95 -56.62
C LYS G 711 -65.39 -37.18 -56.21
N CYS G 712 -65.54 -37.40 -54.90
CA CYS G 712 -66.28 -38.56 -54.43
C CYS G 712 -67.72 -38.51 -54.90
N ILE G 713 -68.35 -37.34 -54.78
CA ILE G 713 -69.73 -37.21 -55.23
C ILE G 713 -69.84 -37.53 -56.71
N SER G 714 -68.93 -36.98 -57.51
CA SER G 714 -68.98 -37.25 -58.94
C SER G 714 -68.78 -38.72 -59.23
N ALA G 715 -67.84 -39.36 -58.54
CA ALA G 715 -67.54 -40.76 -58.82
C ALA G 715 -68.75 -41.64 -58.53
N VAL G 716 -69.45 -41.39 -57.42
CA VAL G 716 -70.62 -42.19 -57.10
C VAL G 716 -71.72 -41.96 -58.11
N ASN G 717 -71.94 -40.70 -58.50
CA ASN G 717 -72.95 -40.40 -59.51
C ASN G 717 -72.63 -41.11 -60.81
N LYS G 718 -71.35 -41.17 -61.17
CA LYS G 718 -70.98 -41.80 -62.42
C LYS G 718 -71.16 -43.31 -62.36
N GLN G 719 -70.85 -43.94 -61.22
CA GLN G 719 -71.10 -45.37 -61.13
C GLN G 719 -72.59 -45.67 -61.21
N GLN G 720 -73.42 -44.81 -60.61
CA GLN G 720 -74.86 -44.97 -60.79
C GLN G 720 -75.23 -44.86 -62.25
N ARG G 721 -74.72 -43.83 -62.94
CA ARG G 721 -75.02 -43.69 -64.35
C ARG G 721 -74.55 -44.90 -65.14
N GLU G 722 -73.40 -45.47 -64.77
CA GLU G 722 -72.98 -46.72 -65.38
C GLU G 722 -74.05 -47.78 -65.21
N ASN G 723 -74.60 -47.90 -64.00
CA ASN G 723 -75.66 -48.87 -63.77
C ASN G 723 -76.82 -48.63 -64.71
N GLU G 724 -77.11 -47.35 -65.01
CA GLU G 724 -78.20 -47.06 -65.93
C GLU G 724 -77.81 -47.38 -67.36
N ALA G 725 -76.61 -46.97 -67.78
CA ALA G 725 -76.21 -47.02 -69.18
C ALA G 725 -75.41 -48.27 -69.53
N LYS G 726 -74.49 -48.69 -68.66
CA LYS G 726 -73.79 -49.95 -68.88
C LYS G 726 -74.79 -51.08 -69.07
N GLN G 727 -75.95 -50.98 -68.42
CA GLN G 727 -77.08 -51.90 -68.64
C GLN G 727 -77.30 -52.19 -70.12
N MET H 1 35.47 24.40 -60.74
CA MET H 1 35.90 25.20 -59.59
C MET H 1 35.10 24.90 -58.33
N PHE H 2 35.00 25.87 -57.42
CA PHE H 2 34.46 25.57 -56.10
C PHE H 2 32.99 25.20 -56.18
N TYR H 3 32.17 26.00 -56.86
CA TYR H 3 30.75 25.67 -56.88
C TYR H 3 30.46 24.44 -57.73
N MET H 4 31.32 24.13 -58.70
CA MET H 4 31.31 22.80 -59.29
C MET H 4 31.37 21.74 -58.20
N GLU H 5 32.25 21.94 -57.22
CA GLU H 5 32.39 20.98 -56.15
C GLU H 5 31.06 20.77 -55.44
N PHE H 6 30.42 21.86 -55.03
CA PHE H 6 29.22 21.73 -54.20
C PHE H 6 28.07 21.14 -55.01
N ILE H 7 27.87 21.60 -56.24
CA ILE H 7 26.74 21.11 -57.04
C ILE H 7 26.81 19.60 -57.18
N LEU H 8 27.99 19.09 -57.51
CA LEU H 8 28.14 17.66 -57.68
C LEU H 8 27.89 16.92 -56.38
N SER H 9 28.38 17.46 -55.26
CA SER H 9 28.18 16.81 -53.97
C SER H 9 26.69 16.64 -53.69
N LEU H 10 25.88 17.63 -54.07
CA LEU H 10 24.44 17.51 -53.85
C LEU H 10 23.82 16.57 -54.87
N ILE H 11 24.29 16.59 -56.12
CA ILE H 11 23.76 15.66 -57.11
C ILE H 11 24.02 14.23 -56.68
N GLY H 12 25.24 13.95 -56.22
CA GLY H 12 25.57 12.60 -55.80
C GLY H 12 24.71 12.13 -54.64
N SER H 13 24.55 12.99 -53.63
CA SER H 13 23.69 12.64 -52.52
C SER H 13 22.27 12.35 -52.99
N LEU H 14 21.71 13.26 -53.79
CA LEU H 14 20.37 13.05 -54.31
C LEU H 14 20.31 11.80 -55.18
N LEU H 15 21.27 11.64 -56.08
CA LEU H 15 21.26 10.49 -56.97
C LEU H 15 21.32 9.20 -56.18
N LEU H 16 22.18 9.16 -55.16
CA LEU H 16 22.26 7.96 -54.33
C LEU H 16 20.95 7.71 -53.60
N ILE H 17 20.27 8.77 -53.17
CA ILE H 17 19.05 8.59 -52.38
C ILE H 17 17.99 7.88 -53.21
N ILE H 18 17.79 8.32 -54.46
CA ILE H 18 16.78 7.67 -55.28
C ILE H 18 17.17 6.23 -55.56
N CYS H 19 18.46 5.97 -55.79
CA CYS H 19 18.88 4.63 -56.12
C CYS H 19 18.70 3.69 -54.93
N VAL H 20 19.16 4.11 -53.75
CA VAL H 20 19.06 3.24 -52.58
C VAL H 20 17.61 2.97 -52.24
N LEU H 21 16.75 3.98 -52.36
CA LEU H 21 15.33 3.77 -52.09
C LEU H 21 14.71 2.81 -53.11
N VAL H 22 14.94 3.05 -54.40
CA VAL H 22 14.37 2.18 -55.42
C VAL H 22 14.98 0.79 -55.32
N SER H 23 16.26 0.72 -54.94
CA SER H 23 16.88 -0.58 -54.81
C SER H 23 16.23 -1.39 -53.70
N VAL H 24 16.09 -0.82 -52.51
CA VAL H 24 15.57 -1.58 -51.38
C VAL H 24 14.11 -1.93 -51.62
N ALA H 25 13.31 -0.97 -52.12
CA ALA H 25 11.95 -1.29 -52.49
C ALA H 25 11.93 -2.40 -53.52
N PHE H 26 12.83 -2.34 -54.49
CA PHE H 26 12.91 -3.43 -55.47
C PHE H 26 13.57 -4.66 -54.89
N LEU H 27 14.46 -4.49 -53.90
CA LEU H 27 15.10 -5.65 -53.30
C LEU H 27 14.11 -6.55 -52.59
N THR H 28 13.06 -5.97 -52.01
CA THR H 28 12.04 -6.72 -51.28
C THR H 28 11.58 -7.93 -52.09
N LEU H 29 11.48 -7.76 -53.41
CA LEU H 29 11.11 -8.87 -54.27
C LEU H 29 12.13 -9.99 -54.14
N LEU H 30 13.41 -9.65 -54.16
CA LEU H 30 14.45 -10.67 -54.08
C LEU H 30 14.36 -11.46 -52.79
N GLU H 31 13.95 -10.82 -51.69
CA GLU H 31 13.64 -11.58 -50.49
C GLU H 31 12.49 -12.54 -50.75
N ARG H 32 11.41 -12.02 -51.34
CA ARG H 32 10.23 -12.86 -51.54
C ARG H 32 10.52 -14.00 -52.51
N LYS H 33 11.26 -13.73 -53.59
CA LYS H 33 11.64 -14.81 -54.49
C LYS H 33 12.58 -15.79 -53.81
N VAL H 34 13.67 -15.29 -53.24
CA VAL H 34 14.72 -16.17 -52.73
C VAL H 34 14.18 -17.04 -51.61
N LEU H 35 13.53 -16.43 -50.63
CA LEU H 35 12.91 -17.20 -49.57
C LEU H 35 11.92 -18.19 -50.15
N GLY H 36 11.27 -17.82 -51.25
CA GLY H 36 10.35 -18.73 -51.90
C GLY H 36 11.01 -20.00 -52.37
N TYR H 37 12.29 -19.94 -52.73
CA TYR H 37 13.00 -21.12 -53.21
C TYR H 37 13.79 -21.81 -52.11
N ILE H 38 14.15 -21.12 -51.02
CA ILE H 38 14.64 -21.83 -49.86
C ILE H 38 13.58 -22.83 -49.40
N GLN H 39 12.43 -22.31 -48.98
CA GLN H 39 11.25 -23.15 -48.98
C GLN H 39 11.02 -23.62 -50.41
N ILE H 40 10.24 -24.68 -50.57
CA ILE H 40 10.16 -25.27 -51.89
C ILE H 40 9.14 -24.51 -52.75
N ARG H 41 8.69 -23.35 -52.28
CA ARG H 41 7.76 -22.52 -53.03
C ARG H 41 8.38 -22.02 -54.33
N LYS H 42 7.55 -21.39 -55.16
CA LYS H 42 7.98 -20.73 -56.38
C LYS H 42 8.15 -19.23 -56.22
N GLY H 43 7.62 -18.64 -55.16
CA GLY H 43 7.75 -17.22 -54.94
C GLY H 43 6.97 -16.41 -55.96
N PRO H 44 6.88 -15.10 -55.74
CA PRO H 44 6.06 -14.26 -56.63
C PRO H 44 6.56 -14.29 -58.07
N ASN H 45 5.69 -14.75 -58.97
CA ASN H 45 5.95 -14.69 -60.40
C ASN H 45 4.69 -14.33 -61.15
N LYS H 46 3.77 -13.62 -60.53
CA LYS H 46 2.44 -13.40 -61.09
C LYS H 46 2.31 -12.05 -61.76
N VAL H 47 2.53 -10.97 -61.01
CA VAL H 47 2.27 -9.64 -61.57
C VAL H 47 3.35 -9.28 -62.59
N GLY H 48 2.99 -8.38 -63.50
CA GLY H 48 3.92 -7.94 -64.52
C GLY H 48 4.45 -9.10 -65.32
N LEU H 49 5.77 -9.16 -65.44
CA LEU H 49 6.46 -10.28 -66.08
C LEU H 49 7.35 -10.90 -65.01
N MET H 50 6.91 -12.01 -64.44
CA MET H 50 7.66 -12.70 -63.40
C MET H 50 7.74 -11.86 -62.13
N GLY H 51 6.63 -11.23 -61.77
CA GLY H 51 6.56 -10.52 -60.51
C GLY H 51 7.57 -9.43 -60.33
N ILE H 52 8.12 -8.88 -61.42
CA ILE H 52 9.07 -7.79 -61.29
C ILE H 52 8.43 -6.57 -60.65
N PRO H 53 7.26 -6.11 -61.07
CA PRO H 53 6.70 -4.89 -60.47
C PRO H 53 5.95 -5.15 -59.16
N GLN H 54 6.18 -6.31 -58.55
CA GLN H 54 5.55 -6.62 -57.27
C GLN H 54 5.75 -5.54 -56.22
N PRO H 55 6.95 -5.00 -56.01
CA PRO H 55 7.10 -4.01 -54.93
C PRO H 55 6.47 -2.67 -55.26
N PHE H 56 6.47 -2.24 -56.53
CA PHE H 56 5.69 -1.06 -56.88
C PHE H 56 4.22 -1.28 -56.58
N CYS H 57 3.72 -2.46 -56.93
CA CYS H 57 2.34 -2.81 -56.59
C CYS H 57 2.08 -2.64 -55.11
N ASP H 58 3.02 -3.10 -54.28
CA ASP H 58 2.83 -3.01 -52.83
C ASP H 58 2.70 -1.56 -52.40
N ALA H 59 3.57 -0.69 -52.90
CA ALA H 59 3.53 0.71 -52.47
C ALA H 59 2.21 1.35 -52.84
N ILE H 60 1.70 1.05 -54.03
CA ILE H 60 0.42 1.62 -54.44
C ILE H 60 -0.67 1.19 -53.47
N LYS H 61 -0.69 -0.08 -53.08
CA LYS H 61 -1.68 -0.52 -52.10
C LYS H 61 -1.60 0.35 -50.86
N LEU H 62 -0.41 0.46 -50.30
CA LEU H 62 -0.26 1.11 -49.00
C LEU H 62 -0.69 2.56 -49.06
N PHE H 63 -0.16 3.31 -50.02
CA PHE H 63 -0.47 4.73 -50.07
C PHE H 63 -1.95 4.96 -50.30
N THR H 64 -2.62 4.04 -50.99
CA THR H 64 -4.06 4.14 -51.14
C THR H 64 -4.78 3.82 -49.84
N LYS H 65 -4.32 2.78 -49.14
CA LYS H 65 -4.87 2.38 -47.86
C LYS H 65 -4.94 3.59 -46.94
N GLU H 66 -6.02 3.73 -46.17
CA GLU H 66 -6.12 4.90 -45.32
C GLU H 66 -5.07 4.85 -44.22
N GLN H 67 -5.05 5.90 -43.39
CA GLN H 67 -4.14 6.01 -42.27
C GLN H 67 -4.99 5.92 -41.01
N THR H 68 -5.16 4.70 -40.52
CA THR H 68 -5.98 4.46 -39.34
C THR H 68 -5.21 4.98 -38.14
N TYR H 69 -5.25 6.30 -37.99
CA TYR H 69 -4.52 6.95 -36.94
C TYR H 69 -5.00 6.46 -35.57
N PRO H 70 -4.11 6.24 -34.61
CA PRO H 70 -4.56 5.84 -33.27
C PRO H 70 -5.24 6.99 -32.54
N LEU H 71 -5.47 6.84 -31.23
CA LEU H 71 -6.30 7.73 -30.43
C LEU H 71 -6.12 9.21 -30.77
N LEU H 72 -7.22 9.97 -30.62
CA LEU H 72 -7.45 11.23 -31.34
C LEU H 72 -6.24 12.11 -31.58
N SER H 73 -5.50 12.48 -30.53
CA SER H 73 -4.56 13.59 -30.59
C SER H 73 -3.14 13.17 -30.92
N ASN H 74 -2.91 11.89 -31.15
CA ASN H 74 -1.56 11.39 -31.37
C ASN H 74 -1.05 11.69 -32.76
N TYR H 75 -1.85 12.36 -33.60
CA TYR H 75 -1.57 12.49 -35.03
C TYR H 75 -0.10 12.76 -35.33
N LEU H 76 0.45 13.83 -34.79
CA LEU H 76 1.84 14.15 -35.07
C LEU H 76 2.77 13.08 -34.53
N SER H 77 2.77 12.87 -33.21
CA SER H 77 3.75 12.00 -32.58
C SER H 77 3.78 10.63 -33.21
N TYR H 78 2.62 10.12 -33.62
CA TYR H 78 2.60 8.87 -34.38
C TYR H 78 3.13 9.08 -35.79
N TYR H 79 3.00 10.29 -36.34
CA TYR H 79 3.48 10.58 -37.67
C TYR H 79 4.95 11.00 -37.69
N ILE H 80 5.59 11.09 -36.53
CA ILE H 80 6.98 11.52 -36.51
C ILE H 80 7.92 10.35 -36.71
N SER H 81 7.76 9.30 -35.91
CA SER H 81 8.76 8.24 -35.86
C SER H 81 9.11 7.65 -37.22
N PRO H 82 8.17 7.34 -38.10
CA PRO H 82 8.57 6.81 -39.41
C PRO H 82 9.48 7.74 -40.17
N ILE H 83 9.24 9.03 -40.11
CA ILE H 83 10.15 9.98 -40.76
C ILE H 83 11.52 9.90 -40.12
N PHE H 84 11.57 9.97 -38.79
CA PHE H 84 12.84 10.05 -38.09
C PHE H 84 13.61 8.74 -38.14
N SER H 85 12.99 7.66 -38.62
CA SER H 85 13.69 6.39 -38.79
C SER H 85 14.19 6.21 -40.22
N LEU H 86 13.31 6.39 -41.21
CA LEU H 86 13.77 6.31 -42.59
C LEU H 86 14.87 7.33 -42.84
N PHE H 87 14.83 8.46 -42.15
CA PHE H 87 15.88 9.44 -42.33
C PHE H 87 17.24 8.88 -41.92
N LEU H 88 17.31 8.23 -40.77
CA LEU H 88 18.58 7.65 -40.33
C LEU H 88 19.05 6.58 -41.30
N SER H 89 18.14 5.68 -41.68
CA SER H 89 18.54 4.56 -42.51
C SER H 89 19.09 5.02 -43.85
N LEU H 90 18.59 6.14 -44.38
CA LEU H 90 19.17 6.69 -45.60
C LEU H 90 20.44 7.46 -45.29
N PHE H 91 20.33 8.48 -44.45
CA PHE H 91 21.42 9.41 -44.24
C PHE H 91 22.68 8.72 -43.75
N VAL H 92 22.54 7.53 -43.15
CA VAL H 92 23.71 6.76 -42.78
C VAL H 92 24.56 6.42 -43.97
N TRP H 93 24.00 6.44 -45.17
CA TRP H 93 24.77 6.06 -46.35
C TRP H 93 25.88 7.05 -46.64
N MET H 94 25.65 8.34 -46.38
CA MET H 94 26.55 9.37 -46.88
C MET H 94 27.98 9.20 -46.41
N CYS H 95 28.20 8.47 -45.31
CA CYS H 95 29.55 8.20 -44.86
C CYS H 95 30.21 7.06 -45.60
N MET H 96 29.48 6.32 -46.42
CA MET H 96 30.05 5.14 -47.06
C MET H 96 31.22 5.55 -47.95
N PRO H 97 32.20 4.67 -48.12
CA PRO H 97 33.45 5.07 -48.79
C PRO H 97 33.31 5.13 -50.30
N PHE H 98 33.96 6.13 -50.88
CA PHE H 98 34.21 6.18 -52.31
C PHE H 98 35.65 6.58 -52.56
N PHE H 99 36.22 6.06 -53.66
CA PHE H 99 37.41 6.68 -54.21
C PHE H 99 37.04 7.98 -54.91
N VAL H 100 35.97 7.96 -55.69
CA VAL H 100 35.42 9.17 -56.28
C VAL H 100 34.81 9.99 -55.17
N LYS H 101 35.48 11.05 -54.77
CA LYS H 101 35.14 11.79 -53.58
C LYS H 101 33.67 12.20 -53.58
N LEU H 102 32.89 11.62 -52.67
CA LEU H 102 31.61 12.17 -52.31
C LEU H 102 31.76 13.13 -51.15
N TYR H 103 32.51 12.70 -50.14
CA TYR H 103 32.90 13.56 -49.04
C TYR H 103 34.33 13.22 -48.65
N SER H 104 34.95 14.11 -47.90
CA SER H 104 36.19 13.81 -47.21
C SER H 104 35.92 13.28 -45.82
N PHE H 105 34.83 12.56 -45.67
CA PHE H 105 34.28 12.25 -44.36
C PHE H 105 35.25 11.40 -43.56
N ASN H 106 35.96 12.03 -42.63
CA ASN H 106 36.78 11.32 -41.69
C ASN H 106 35.96 10.97 -40.46
N LEU H 107 36.55 10.19 -39.57
CA LEU H 107 35.82 9.66 -38.42
C LEU H 107 34.61 8.85 -38.88
N GLY H 108 34.69 8.24 -40.06
CA GLY H 108 33.55 7.53 -40.60
C GLY H 108 33.09 6.42 -39.68
N GLY H 109 34.03 5.73 -39.06
CA GLY H 109 33.66 4.69 -38.10
C GLY H 109 32.85 5.25 -36.95
N LEU H 110 33.29 6.37 -36.40
CA LEU H 110 32.50 7.02 -35.35
C LEU H 110 31.10 7.32 -35.85
N PHE H 111 30.99 7.87 -37.05
CA PHE H 111 29.68 8.22 -37.58
C PHE H 111 28.82 6.98 -37.74
N PHE H 112 29.43 5.88 -38.19
CA PHE H 112 28.72 4.60 -38.20
C PHE H 112 28.16 4.26 -36.82
N LEU H 113 29.01 4.33 -35.79
CA LEU H 113 28.53 4.03 -34.45
C LEU H 113 27.35 4.92 -34.09
N CYS H 114 27.44 6.20 -34.45
CA CYS H 114 26.40 7.15 -34.06
C CYS H 114 25.07 6.83 -34.73
N CYS H 115 25.08 6.66 -36.06
CA CYS H 115 23.82 6.41 -36.76
C CYS H 115 23.21 5.08 -36.31
N THR H 116 24.04 4.04 -36.23
CA THR H 116 23.54 2.75 -35.75
C THR H 116 22.99 2.88 -34.34
N SER H 117 23.46 3.86 -33.57
CA SER H 117 22.94 4.06 -32.24
C SER H 117 21.54 4.67 -32.27
N LEU H 118 21.33 5.65 -33.14
CA LEU H 118 20.11 6.45 -33.10
C LEU H 118 18.86 5.65 -33.39
N GLY H 119 18.97 4.40 -33.83
CA GLY H 119 17.79 3.61 -34.09
C GLY H 119 16.93 3.38 -32.86
N VAL H 120 17.54 3.40 -31.67
CA VAL H 120 16.78 3.11 -30.46
C VAL H 120 15.67 4.14 -30.25
N TYR H 121 15.99 5.42 -30.43
CA TYR H 121 15.01 6.46 -30.15
C TYR H 121 13.82 6.34 -31.08
N THR H 122 14.06 6.01 -32.34
CA THR H 122 12.96 5.88 -33.30
C THR H 122 12.00 4.79 -32.88
N VAL H 123 12.51 3.59 -32.64
CA VAL H 123 11.63 2.48 -32.29
C VAL H 123 10.93 2.74 -30.97
N MET H 124 11.65 3.28 -29.99
CA MET H 124 11.06 3.46 -28.67
C MET H 124 9.92 4.46 -28.70
N VAL H 125 10.15 5.64 -29.29
CA VAL H 125 9.09 6.63 -29.34
C VAL H 125 7.94 6.13 -30.21
N ALA H 126 8.26 5.35 -31.25
CA ALA H 126 7.20 4.79 -32.08
C ALA H 126 6.26 3.92 -31.26
N GLY H 127 6.81 3.02 -30.45
CA GLY H 127 5.96 2.24 -29.56
C GLY H 127 5.21 3.12 -28.59
N TRP H 128 5.89 4.12 -28.03
CA TRP H 128 5.25 4.99 -27.06
C TRP H 128 4.09 5.75 -27.68
N SER H 129 4.26 6.24 -28.90
CA SER H 129 3.17 6.92 -29.58
C SER H 129 2.00 5.98 -29.82
N SER H 130 2.29 4.72 -30.14
CA SER H 130 1.21 3.77 -30.44
C SER H 130 0.29 3.60 -29.25
N ASN H 131 0.86 3.49 -28.05
CA ASN H 131 0.09 3.36 -26.82
C ASN H 131 -0.76 2.08 -26.84
N SER H 132 -0.07 0.96 -26.93
CA SER H 132 -0.70 -0.35 -26.87
C SER H 132 0.32 -1.33 -26.32
N ASN H 133 -0.03 -1.99 -25.22
CA ASN H 133 0.96 -2.76 -24.48
C ASN H 133 1.69 -3.75 -25.37
N TYR H 134 1.01 -4.28 -26.38
CA TYR H 134 1.72 -5.08 -27.39
C TYR H 134 2.82 -4.27 -28.03
N ALA H 135 2.48 -3.08 -28.55
CA ALA H 135 3.50 -2.23 -29.14
C ALA H 135 4.55 -1.85 -28.12
N LEU H 136 4.15 -1.67 -26.87
CA LEU H 136 5.10 -1.19 -25.87
C LEU H 136 6.11 -2.27 -25.50
N LEU H 137 5.66 -3.50 -25.32
CA LEU H 137 6.61 -4.59 -25.08
C LEU H 137 7.60 -4.71 -26.22
N GLY H 138 7.12 -4.61 -27.45
CA GLY H 138 8.02 -4.69 -28.58
C GLY H 138 9.10 -3.64 -28.52
N GLY H 139 8.73 -2.40 -28.22
CA GLY H 139 9.72 -1.34 -28.14
C GLY H 139 10.77 -1.64 -27.10
N LEU H 140 10.35 -2.06 -25.91
CA LEU H 140 11.30 -2.35 -24.85
C LEU H 140 12.23 -3.48 -25.25
N ARG H 141 11.66 -4.57 -25.76
CA ARG H 141 12.50 -5.67 -26.23
C ARG H 141 13.38 -5.22 -27.38
N ALA H 142 12.82 -4.40 -28.27
CA ALA H 142 13.64 -3.87 -29.36
C ALA H 142 14.77 -3.00 -28.81
N VAL H 143 14.44 -2.14 -27.85
CA VAL H 143 15.46 -1.25 -27.29
C VAL H 143 16.56 -2.07 -26.64
N ALA H 144 16.19 -3.06 -25.84
CA ALA H 144 17.19 -3.86 -25.13
C ALA H 144 18.12 -4.56 -26.12
N GLN H 145 17.57 -5.11 -27.19
CA GLN H 145 18.39 -5.81 -28.17
C GLN H 145 19.42 -4.88 -28.77
N THR H 146 18.98 -3.75 -29.32
CA THR H 146 19.90 -2.85 -29.98
C THR H 146 20.95 -2.33 -29.02
N ILE H 147 20.52 -1.84 -27.86
CA ILE H 147 21.44 -1.25 -26.91
C ILE H 147 22.49 -2.26 -26.48
N SER H 148 22.08 -3.49 -26.24
CA SER H 148 23.03 -4.50 -25.79
C SER H 148 24.10 -4.76 -26.83
N TYR H 149 23.72 -4.82 -28.10
CA TYR H 149 24.69 -5.22 -29.12
C TYR H 149 25.66 -4.12 -29.46
N GLU H 150 25.28 -2.86 -29.27
CA GLU H 150 26.18 -1.76 -29.60
C GLU H 150 27.48 -1.89 -28.83
N VAL H 151 27.42 -2.41 -27.60
CA VAL H 151 28.62 -2.57 -26.78
C VAL H 151 29.63 -3.44 -27.51
N SER H 152 29.18 -4.60 -27.97
CA SER H 152 30.07 -5.48 -28.71
C SER H 152 30.43 -4.86 -30.06
N LEU H 153 29.50 -4.14 -30.67
CA LEU H 153 29.74 -3.58 -31.99
C LEU H 153 30.93 -2.64 -31.97
N ALA H 154 31.03 -1.83 -30.91
CA ALA H 154 32.11 -0.84 -30.86
C ALA H 154 33.47 -1.52 -30.80
N LEU H 155 33.66 -2.45 -29.86
CA LEU H 155 34.97 -3.06 -29.71
C LEU H 155 35.34 -3.87 -30.94
N ILE H 156 34.35 -4.50 -31.58
CA ILE H 156 34.62 -5.23 -32.81
C ILE H 156 35.22 -4.28 -33.85
N LEU H 157 34.61 -3.10 -34.00
CA LEU H 157 35.15 -2.11 -34.93
C LEU H 157 36.62 -1.85 -34.66
N LEU H 158 36.98 -1.65 -33.40
CA LEU H 158 38.32 -1.20 -33.05
C LEU H 158 39.39 -2.18 -33.54
N SER H 159 39.09 -3.47 -33.55
CA SER H 159 40.02 -4.44 -34.10
C SER H 159 40.38 -4.10 -35.54
N PHE H 160 39.36 -3.87 -36.37
CA PHE H 160 39.64 -3.45 -37.73
C PHE H 160 40.34 -2.11 -37.75
N ILE H 161 39.89 -1.17 -36.91
CA ILE H 161 40.45 0.17 -36.93
C ILE H 161 41.94 0.12 -36.67
N PHE H 162 42.36 -0.63 -35.66
CA PHE H 162 43.79 -0.81 -35.41
C PHE H 162 44.46 -1.47 -36.59
N LEU H 163 43.82 -2.48 -37.17
CA LEU H 163 44.46 -3.19 -38.25
C LEU H 163 44.63 -2.33 -39.49
N ILE H 164 43.90 -1.22 -39.59
CA ILE H 164 44.05 -0.31 -40.72
C ILE H 164 44.82 0.95 -40.35
N GLY H 165 44.93 1.27 -39.07
CA GLY H 165 45.75 2.40 -38.68
C GLY H 165 45.12 3.76 -38.89
N SER H 166 43.79 3.86 -38.85
CA SER H 166 43.12 5.15 -38.87
C SER H 166 41.63 4.89 -38.74
N TYR H 167 40.87 5.97 -38.55
CA TYR H 167 39.42 5.89 -38.58
C TYR H 167 38.84 6.12 -39.95
N ASN H 168 39.64 6.58 -40.90
CA ASN H 168 39.15 6.78 -42.26
C ASN H 168 38.87 5.43 -42.89
N MET H 169 37.62 5.21 -43.29
CA MET H 169 37.24 3.92 -43.86
C MET H 169 38.05 3.60 -45.12
N ILE H 170 38.46 4.62 -45.87
CA ILE H 170 39.03 4.39 -47.18
C ILE H 170 40.25 3.51 -47.09
N TYR H 171 40.98 3.58 -45.98
CA TYR H 171 42.20 2.78 -45.85
C TYR H 171 41.93 1.29 -45.84
N PHE H 172 40.67 0.87 -45.68
CA PHE H 172 40.37 -0.54 -45.85
C PHE H 172 40.76 -1.02 -47.24
N PHE H 173 40.63 -0.15 -48.24
CA PHE H 173 41.01 -0.55 -49.60
C PHE H 173 42.51 -0.73 -49.72
N PHE H 174 43.29 0.22 -49.20
CA PHE H 174 44.73 0.14 -49.33
C PHE H 174 45.30 -1.09 -48.64
N TYR H 175 44.75 -1.43 -47.48
CA TYR H 175 45.25 -2.58 -46.74
C TYR H 175 44.77 -3.91 -47.32
N GLN H 176 43.69 -3.91 -48.10
CA GLN H 176 43.19 -5.11 -48.75
C GLN H 176 43.70 -5.23 -50.17
N VAL H 177 44.68 -4.41 -50.57
CA VAL H 177 45.11 -4.33 -51.95
C VAL H 177 45.70 -5.65 -52.44
N TYR H 178 46.12 -6.54 -51.55
CA TYR H 178 46.75 -7.79 -51.93
C TYR H 178 45.85 -9.00 -51.67
N MET H 179 45.38 -9.16 -50.44
CA MET H 179 44.62 -10.33 -50.05
C MET H 179 43.46 -9.90 -49.17
N TRP H 180 42.30 -10.51 -49.38
CA TRP H 180 41.11 -10.08 -48.67
C TRP H 180 41.34 -10.17 -47.17
N PHE H 181 40.43 -9.55 -46.44
CA PHE H 181 40.59 -9.37 -45.01
C PHE H 181 39.72 -10.30 -44.20
N LEU H 182 38.72 -10.93 -44.83
CA LEU H 182 37.99 -12.01 -44.17
C LEU H 182 38.91 -13.16 -43.79
N ILE H 183 39.78 -13.56 -44.71
CA ILE H 183 40.65 -14.70 -44.50
C ILE H 183 41.62 -14.47 -43.35
N ILE H 184 41.76 -13.24 -42.89
CA ILE H 184 42.55 -12.94 -41.70
C ILE H 184 41.68 -12.99 -40.45
N LEU H 185 40.47 -12.42 -40.52
CA LEU H 185 39.61 -12.24 -39.35
C LEU H 185 38.33 -13.06 -39.46
N PHE H 186 38.45 -14.32 -39.86
CA PHE H 186 37.28 -15.17 -40.06
C PHE H 186 36.30 -15.17 -38.90
N PRO H 187 36.71 -15.38 -37.65
CA PRO H 187 35.71 -15.39 -36.57
C PRO H 187 35.00 -14.07 -36.43
N MET H 188 35.70 -12.97 -36.66
CA MET H 188 35.09 -11.66 -36.58
C MET H 188 33.95 -11.53 -37.58
N ALA H 189 34.10 -12.16 -38.75
CA ALA H 189 33.07 -12.08 -39.77
C ALA H 189 31.76 -12.69 -39.28
N LEU H 190 31.84 -13.88 -38.69
CA LEU H 190 30.64 -14.50 -38.15
C LEU H 190 30.04 -13.62 -37.05
N VAL H 191 30.89 -13.10 -36.17
CA VAL H 191 30.36 -12.23 -35.12
C VAL H 191 29.79 -10.97 -35.74
N TRP H 192 30.45 -10.44 -36.76
CA TRP H 192 29.97 -9.20 -37.34
C TRP H 192 28.65 -9.40 -38.07
N VAL H 193 28.47 -10.56 -38.70
CA VAL H 193 27.17 -10.86 -39.28
C VAL H 193 26.11 -10.83 -38.19
N SER H 194 26.38 -11.48 -37.06
CA SER H 194 25.40 -11.51 -35.99
C SER H 194 25.12 -10.12 -35.46
N ILE H 195 26.15 -9.30 -35.27
CA ILE H 195 25.94 -7.94 -34.80
C ILE H 195 25.09 -7.17 -35.81
N SER H 196 25.47 -7.23 -37.08
CA SER H 196 24.71 -6.53 -38.10
C SER H 196 23.28 -7.04 -38.14
N LEU H 197 23.11 -8.35 -38.05
CA LEU H 197 21.77 -8.91 -38.07
C LEU H 197 20.98 -8.44 -36.86
N ALA H 198 21.62 -8.35 -35.70
CA ALA H 198 20.93 -7.84 -34.53
C ALA H 198 20.49 -6.39 -34.72
N GLU H 199 21.35 -5.56 -35.31
CA GLU H 199 21.01 -4.16 -35.50
C GLU H 199 19.77 -4.02 -36.37
N THR H 200 19.77 -4.67 -37.51
CA THR H 200 18.62 -4.59 -38.41
C THR H 200 17.45 -5.42 -37.92
N ASN H 201 17.56 -6.07 -36.77
CA ASN H 201 16.47 -6.75 -36.09
C ASN H 201 15.96 -7.96 -36.87
N ARG H 202 16.68 -8.42 -37.87
CA ARG H 202 16.26 -9.62 -38.56
C ARG H 202 16.39 -10.82 -37.62
N THR H 203 15.89 -11.95 -38.08
CA THR H 203 16.03 -13.18 -37.32
C THR H 203 17.44 -13.74 -37.54
N PRO H 204 17.98 -14.53 -36.61
CA PRO H 204 17.44 -15.13 -35.37
C PRO H 204 17.17 -14.13 -34.27
N PHE H 205 17.67 -12.90 -34.40
CA PHE H 205 17.43 -11.87 -33.39
C PHE H 205 16.20 -11.04 -33.73
N ASP H 206 15.07 -11.71 -33.97
CA ASP H 206 13.83 -11.03 -34.32
C ASP H 206 12.94 -10.97 -33.09
N PHE H 207 13.24 -9.99 -32.22
CA PHE H 207 12.36 -9.65 -31.10
C PHE H 207 11.63 -8.34 -31.30
N ALA H 208 12.22 -7.42 -32.06
CA ALA H 208 11.70 -6.06 -32.11
C ALA H 208 10.36 -6.01 -32.81
N GLU H 209 10.31 -6.41 -34.08
CA GLU H 209 9.05 -6.55 -34.76
C GLU H 209 8.48 -7.95 -34.55
N GLY H 210 9.27 -8.98 -34.87
CA GLY H 210 8.90 -10.35 -34.58
C GLY H 210 7.53 -10.74 -35.07
N GLU H 211 7.14 -11.97 -34.74
CA GLU H 211 5.82 -12.49 -35.01
C GLU H 211 5.62 -13.66 -34.07
N SER H 212 4.36 -14.01 -33.83
CA SER H 212 4.04 -15.20 -33.05
C SER H 212 4.41 -15.07 -31.58
N GLU H 213 5.07 -13.97 -31.19
CA GLU H 213 5.29 -13.63 -29.80
C GLU H 213 4.72 -12.27 -29.47
N LEU H 214 5.05 -11.28 -30.28
CA LEU H 214 4.34 -10.02 -30.35
C LEU H 214 3.74 -9.97 -31.74
N VAL H 215 2.57 -9.36 -31.87
CA VAL H 215 1.87 -9.42 -33.16
C VAL H 215 2.74 -8.83 -34.25
N SER H 216 3.24 -7.62 -34.04
CA SER H 216 4.31 -7.09 -34.87
C SER H 216 5.27 -6.26 -34.04
N GLY H 217 5.30 -6.46 -32.73
CA GLY H 217 6.07 -5.58 -31.89
C GLY H 217 5.58 -4.16 -32.02
N PHE H 218 6.51 -3.22 -32.04
CA PHE H 218 6.16 -1.82 -32.18
C PHE H 218 5.35 -1.55 -33.44
N ASN H 219 5.55 -2.35 -34.48
CA ASN H 219 4.89 -2.07 -35.75
C ASN H 219 3.39 -2.30 -35.70
N VAL H 220 2.88 -2.91 -34.64
CA VAL H 220 1.52 -3.45 -34.68
C VAL H 220 0.50 -2.37 -34.92
N GLU H 221 0.70 -1.17 -34.38
CA GLU H 221 -0.29 -0.11 -34.46
C GLU H 221 -0.02 0.87 -35.60
N TYR H 222 0.68 0.45 -36.63
CA TYR H 222 1.03 1.33 -37.73
C TYR H 222 0.14 1.10 -38.94
N SER H 223 -0.42 2.19 -39.45
CA SER H 223 -1.26 2.16 -40.63
C SER H 223 -0.36 2.05 -41.85
N SER H 224 -0.90 2.35 -43.03
CA SER H 224 -0.17 2.15 -44.27
C SER H 224 1.08 3.00 -44.41
N GLY H 225 0.90 4.30 -44.63
CA GLY H 225 2.01 5.14 -45.04
C GLY H 225 3.15 5.11 -44.04
N GLY H 226 2.81 5.17 -42.75
CA GLY H 226 3.84 4.99 -41.74
C GLY H 226 4.50 3.62 -41.85
N PHE H 227 3.70 2.58 -42.07
CA PHE H 227 4.26 1.24 -42.16
C PHE H 227 5.21 1.13 -43.34
N ALA H 228 4.83 1.70 -44.48
CA ALA H 228 5.71 1.63 -45.65
C ALA H 228 7.06 2.29 -45.34
N LEU H 229 7.04 3.41 -44.63
CA LEU H 229 8.30 4.07 -44.30
C LEU H 229 9.14 3.22 -43.37
N ILE H 230 8.53 2.64 -42.33
CA ILE H 230 9.30 1.76 -41.44
C ILE H 230 9.85 0.60 -42.25
N PHE H 231 9.02 -0.02 -43.07
CA PHE H 231 9.44 -1.20 -43.80
C PHE H 231 10.56 -0.87 -44.77
N MET H 232 10.49 0.30 -45.43
CA MET H 232 11.59 0.71 -46.27
C MET H 232 12.83 1.03 -45.45
N ALA H 233 12.65 1.63 -44.27
CA ALA H 233 13.78 1.98 -43.44
C ALA H 233 14.57 0.74 -43.05
N GLU H 234 13.87 -0.33 -42.69
CA GLU H 234 14.56 -1.55 -42.30
C GLU H 234 15.40 -2.10 -43.45
N TYR H 235 14.86 -2.06 -44.67
CA TYR H 235 15.58 -2.64 -45.80
C TYR H 235 16.73 -1.76 -46.27
N ALA H 236 16.57 -0.44 -46.20
CA ALA H 236 17.75 0.40 -46.37
C ALA H 236 18.81 0.03 -45.36
N SER H 237 18.40 -0.33 -44.14
CA SER H 237 19.36 -0.74 -43.12
C SER H 237 20.02 -2.06 -43.50
N ILE H 238 19.25 -3.05 -43.95
CA ILE H 238 19.85 -4.36 -44.23
C ILE H 238 20.82 -4.27 -45.38
N LEU H 239 20.54 -3.41 -46.37
CA LEU H 239 21.49 -3.20 -47.45
C LEU H 239 22.76 -2.58 -46.95
N PHE H 240 22.65 -1.52 -46.16
CA PHE H 240 23.83 -0.79 -45.72
C PHE H 240 24.79 -1.69 -44.97
N MET H 241 24.28 -2.51 -44.07
CA MET H 241 25.14 -3.44 -43.36
C MET H 241 25.79 -4.39 -44.35
N SER H 242 25.04 -4.85 -45.35
CA SER H 242 25.64 -5.68 -46.39
C SER H 242 26.77 -4.94 -47.09
N MET H 243 26.58 -3.66 -47.36
CA MET H 243 27.66 -2.87 -47.92
C MET H 243 28.84 -2.82 -46.95
N LEU H 244 28.57 -2.54 -45.68
CA LEU H 244 29.66 -2.41 -44.73
C LEU H 244 30.41 -3.72 -44.57
N PHE H 245 29.70 -4.84 -44.58
CA PHE H 245 30.38 -6.11 -44.58
C PHE H 245 31.28 -6.22 -45.80
N CYS H 246 30.80 -5.78 -46.95
CA CYS H 246 31.59 -5.89 -48.17
C CYS H 246 32.83 -5.00 -48.12
N VAL H 247 32.69 -3.77 -47.64
CA VAL H 247 33.83 -2.85 -47.68
C VAL H 247 34.88 -3.23 -46.65
N ILE H 248 34.48 -3.86 -45.55
CA ILE H 248 35.46 -4.26 -44.54
C ILE H 248 36.19 -5.51 -44.98
N PHE H 249 35.45 -6.61 -45.11
CA PHE H 249 36.03 -7.93 -45.25
C PHE H 249 36.40 -8.26 -46.68
N LEU H 250 35.61 -7.81 -47.64
CA LEU H 250 35.64 -8.37 -48.98
C LEU H 250 36.10 -7.39 -50.03
N GLY H 251 37.16 -6.65 -49.75
CA GLY H 251 37.89 -5.99 -50.82
C GLY H 251 37.75 -4.48 -50.89
N CYS H 252 36.57 -3.95 -50.59
CA CYS H 252 36.34 -2.51 -50.63
C CYS H 252 36.62 -1.97 -52.03
N ASP H 253 36.31 -2.75 -53.05
CA ASP H 253 36.67 -2.41 -54.42
C ASP H 253 35.52 -1.66 -55.07
N VAL H 254 35.34 -0.41 -54.65
CA VAL H 254 34.15 0.36 -55.01
C VAL H 254 34.03 0.50 -56.52
N PHE H 255 35.15 0.59 -57.23
CA PHE H 255 35.15 0.80 -58.67
C PHE H 255 35.34 -0.51 -59.42
N ASN H 256 34.74 -1.58 -58.92
CA ASN H 256 34.80 -2.88 -59.59
C ASN H 256 33.47 -3.57 -59.41
N LEU H 257 32.87 -4.02 -60.52
CA LEU H 257 31.55 -4.64 -60.46
C LEU H 257 31.49 -5.75 -59.43
N LEU H 258 32.59 -6.49 -59.28
CA LEU H 258 32.63 -7.60 -58.34
C LEU H 258 32.21 -7.15 -56.95
N PHE H 259 32.49 -5.90 -56.61
CA PHE H 259 32.01 -5.36 -55.35
C PHE H 259 30.50 -5.39 -55.30
N TYR H 260 29.83 -5.03 -56.39
CA TYR H 260 28.37 -5.06 -56.38
C TYR H 260 27.85 -6.49 -56.43
N MET H 261 28.56 -7.40 -57.11
CA MET H 261 28.25 -8.81 -56.97
C MET H 261 28.30 -9.23 -55.51
N LYS H 262 29.28 -8.72 -54.78
CA LYS H 262 29.41 -9.08 -53.37
C LYS H 262 28.30 -8.48 -52.54
N LEU H 263 27.86 -7.26 -52.87
CA LEU H 263 26.70 -6.68 -52.20
C LEU H 263 25.50 -7.62 -52.26
N THR H 264 25.16 -8.08 -53.46
CA THR H 264 23.99 -8.94 -53.59
C THR H 264 24.17 -10.24 -52.81
N PHE H 265 25.36 -10.84 -52.89
CA PHE H 265 25.58 -12.11 -52.21
C PHE H 265 25.40 -11.96 -50.71
N ILE H 266 25.92 -10.89 -50.14
CA ILE H 266 25.78 -10.70 -48.70
C ILE H 266 24.33 -10.43 -48.34
N SER H 267 23.67 -9.53 -49.06
CA SER H 267 22.26 -9.29 -48.77
C SER H 267 21.46 -10.57 -48.96
N PHE H 268 21.82 -11.37 -49.96
CA PHE H 268 21.25 -12.70 -50.06
C PHE H 268 21.53 -13.51 -48.80
N VAL H 269 22.75 -13.44 -48.30
CA VAL H 269 23.11 -14.23 -47.13
C VAL H 269 22.22 -13.88 -45.96
N PHE H 270 21.87 -12.62 -45.82
CA PHE H 270 20.94 -12.21 -44.78
C PHE H 270 19.64 -13.00 -44.91
N ILE H 271 19.08 -13.05 -46.12
CA ILE H 271 17.87 -13.84 -46.34
C ILE H 271 18.14 -15.30 -46.05
N TRP H 272 19.27 -15.80 -46.52
CA TRP H 272 19.63 -17.19 -46.33
C TRP H 272 19.54 -17.56 -44.86
N VAL H 273 19.89 -16.62 -43.98
CA VAL H 273 19.63 -16.82 -42.56
C VAL H 273 18.14 -16.74 -42.26
N ARG H 274 17.44 -15.78 -42.89
CA ARG H 274 16.04 -15.54 -42.55
C ARG H 274 15.22 -16.81 -42.62
N GLY H 275 15.43 -17.60 -43.66
CA GLY H 275 14.69 -18.82 -43.85
C GLY H 275 15.26 -20.04 -43.20
N THR H 276 16.32 -19.92 -42.41
CA THR H 276 16.95 -21.09 -41.80
C THR H 276 16.86 -21.10 -40.29
N LEU H 277 17.25 -20.03 -39.65
CA LEU H 277 17.45 -20.08 -38.21
C LEU H 277 16.12 -19.97 -37.49
N PRO H 278 16.00 -20.56 -36.30
CA PRO H 278 14.92 -20.17 -35.40
C PRO H 278 15.33 -18.98 -34.53
N ARG H 279 14.41 -18.48 -33.71
CA ARG H 279 14.63 -17.27 -32.93
C ARG H 279 15.22 -17.60 -31.56
N PHE H 280 15.86 -16.60 -30.96
CA PHE H 280 16.48 -16.74 -29.65
C PHE H 280 15.45 -16.46 -28.56
N ARG H 281 15.85 -16.71 -27.32
CA ARG H 281 15.12 -16.17 -26.19
C ARG H 281 15.66 -14.80 -25.82
N TYR H 282 14.94 -14.10 -24.96
CA TYR H 282 15.44 -12.86 -24.40
C TYR H 282 16.76 -13.08 -23.69
N ASP H 283 16.74 -13.84 -22.60
CA ASP H 283 17.92 -13.97 -21.75
C ASP H 283 19.08 -14.60 -22.51
N LYS H 284 18.82 -15.68 -23.26
CA LYS H 284 19.91 -16.36 -23.96
C LYS H 284 20.66 -15.39 -24.86
N LEU H 285 19.93 -14.45 -25.47
CA LEU H 285 20.58 -13.43 -26.29
C LEU H 285 21.46 -12.52 -25.45
N MET H 286 21.00 -12.13 -24.26
CA MET H 286 21.81 -11.26 -23.42
C MET H 286 23.07 -11.96 -22.95
N TYR H 287 22.98 -13.25 -22.58
CA TYR H 287 24.20 -14.02 -22.39
C TYR H 287 25.08 -13.89 -23.62
N LEU H 288 24.50 -14.14 -24.78
CA LEU H 288 25.27 -14.11 -26.02
C LEU H 288 25.86 -12.72 -26.28
N ALA H 289 25.22 -11.68 -25.78
CA ALA H 289 25.72 -10.32 -26.01
C ALA H 289 26.85 -9.98 -25.06
N TRP H 290 26.63 -10.14 -23.76
CA TRP H 290 27.61 -9.77 -22.76
C TRP H 290 28.58 -10.91 -22.50
N LYS H 291 28.06 -12.06 -22.08
CA LYS H 291 28.92 -13.13 -21.61
C LYS H 291 29.70 -13.81 -22.71
N CYS H 292 29.33 -13.62 -23.98
CA CYS H 292 30.03 -14.28 -25.08
C CYS H 292 30.74 -13.28 -26.00
N PHE H 293 30.03 -12.30 -26.55
CA PHE H 293 30.64 -11.41 -27.53
C PHE H 293 31.62 -10.44 -26.89
N LEU H 294 31.23 -9.82 -25.77
CA LEU H 294 32.11 -8.84 -25.15
C LEU H 294 33.44 -9.47 -24.78
N SER H 295 33.40 -10.68 -24.22
CA SER H 295 34.64 -11.39 -23.95
C SER H 295 35.41 -11.61 -25.25
N PHE H 296 34.71 -12.08 -26.28
CA PHE H 296 35.36 -12.32 -27.56
C PHE H 296 36.06 -11.06 -28.04
N SER H 297 35.33 -9.95 -28.09
CA SER H 297 35.89 -8.73 -28.65
C SER H 297 37.10 -8.25 -27.86
N LEU H 298 37.03 -8.32 -26.54
CA LEU H 298 38.14 -7.85 -25.71
C LEU H 298 39.40 -8.64 -25.98
N ASN H 299 39.28 -9.96 -26.15
CA ASN H 299 40.45 -10.78 -26.40
C ASN H 299 41.15 -10.37 -27.68
N TYR H 300 40.38 -10.23 -28.77
CA TYR H 300 40.96 -9.76 -30.03
C TYR H 300 41.54 -8.37 -29.90
N LEU H 301 40.88 -7.50 -29.15
CA LEU H 301 41.46 -6.19 -28.88
C LEU H 301 42.83 -6.35 -28.23
N LEU H 302 42.89 -7.16 -27.17
CA LEU H 302 44.17 -7.40 -26.50
C LEU H 302 45.11 -8.23 -27.36
N PHE H 303 44.58 -8.98 -28.33
CA PHE H 303 45.42 -9.73 -29.25
C PHE H 303 46.02 -8.82 -30.31
N PHE H 304 45.20 -8.00 -30.96
CA PHE H 304 45.68 -7.20 -32.07
C PHE H 304 46.47 -5.99 -31.60
N ILE H 305 46.16 -5.46 -30.42
CA ILE H 305 46.95 -4.36 -29.90
C ILE H 305 48.40 -4.79 -29.74
N GLY H 306 48.62 -5.98 -29.20
CA GLY H 306 49.97 -6.49 -29.13
C GLY H 306 50.56 -6.72 -30.51
N PHE H 307 49.75 -7.26 -31.42
CA PHE H 307 50.25 -7.54 -32.76
C PHE H 307 50.74 -6.28 -33.43
N LYS H 308 49.96 -5.20 -33.34
CA LYS H 308 50.38 -3.96 -33.97
C LYS H 308 51.57 -3.35 -33.25
N ILE H 309 51.68 -3.57 -31.94
CA ILE H 309 52.89 -3.18 -31.22
C ILE H 309 54.08 -3.93 -31.79
N LEU H 310 53.93 -5.24 -31.96
CA LEU H 310 54.99 -6.01 -32.60
C LEU H 310 55.21 -5.53 -34.03
N LEU H 311 54.13 -5.27 -34.76
CA LEU H 311 54.28 -4.75 -36.11
C LEU H 311 55.02 -3.42 -36.10
N PHE H 312 54.64 -2.53 -35.20
CA PHE H 312 55.35 -1.26 -35.10
C PHE H 312 56.80 -1.48 -34.74
N SER H 313 57.07 -2.46 -33.89
CA SER H 313 58.46 -2.77 -33.55
C SER H 313 59.24 -3.12 -34.81
N LEU H 314 58.69 -3.98 -35.65
CA LEU H 314 59.38 -4.40 -36.86
C LEU H 314 59.60 -3.26 -37.83
N LEU H 315 58.84 -2.18 -37.72
CA LEU H 315 58.90 -1.12 -38.72
C LEU H 315 58.15 0.15 -38.30
N GLU I 1 30.22 -45.67 -30.29
CA GLU I 1 29.07 -45.15 -29.57
C GLU I 1 29.32 -45.10 -28.06
N PRO I 2 28.87 -44.05 -27.39
CA PRO I 2 28.89 -44.07 -25.92
C PRO I 2 27.86 -45.04 -25.36
N LYS I 3 28.13 -45.53 -24.16
CA LYS I 3 27.19 -46.42 -23.49
C LYS I 3 25.88 -45.67 -23.19
N ASP I 4 24.89 -46.43 -22.74
CA ASP I 4 23.59 -45.85 -22.40
C ASP I 4 23.69 -45.18 -21.04
N ILE I 5 22.54 -44.75 -20.51
CA ILE I 5 22.45 -44.34 -19.11
C ILE I 5 21.34 -45.06 -18.37
N VAL I 6 20.31 -45.55 -19.05
CA VAL I 6 19.32 -46.43 -18.45
C VAL I 6 19.19 -47.66 -19.34
N GLU I 7 19.31 -48.84 -18.75
CA GLU I 7 19.20 -50.07 -19.51
C GLU I 7 17.78 -50.26 -19.98
N VAL I 8 17.62 -50.57 -21.27
CA VAL I 8 16.32 -50.57 -21.94
C VAL I 8 15.93 -52.00 -22.26
N PRO I 9 14.70 -52.42 -22.01
CA PRO I 9 14.22 -53.68 -22.60
C PRO I 9 13.62 -53.44 -23.97
N LYS I 10 13.09 -54.48 -24.59
CA LYS I 10 12.57 -54.35 -25.94
C LYS I 10 11.27 -53.56 -25.91
N GLY I 11 10.66 -53.40 -27.08
CA GLY I 11 9.41 -52.70 -27.17
C GLY I 11 9.53 -51.25 -26.76
N TYR I 12 10.75 -50.73 -26.69
CA TYR I 12 10.98 -49.35 -26.33
C TYR I 12 12.30 -48.90 -26.94
N VAL I 13 12.45 -47.59 -27.06
CA VAL I 13 13.69 -46.96 -27.50
C VAL I 13 13.83 -45.67 -26.72
N TYR I 14 14.79 -45.60 -25.81
CA TYR I 14 15.09 -44.36 -25.13
C TYR I 14 15.87 -43.45 -26.07
N VAL I 15 15.43 -42.19 -26.19
CA VAL I 15 15.99 -41.26 -27.16
C VAL I 15 17.00 -40.30 -26.53
N ASN I 16 17.41 -40.56 -25.28
CA ASN I 16 18.43 -39.75 -24.64
C ASN I 16 19.41 -40.54 -23.79
N ASN I 17 19.33 -41.88 -23.78
CA ASN I 17 20.21 -42.65 -22.92
C ASN I 17 21.67 -42.52 -23.32
N LYS I 18 21.94 -42.07 -24.55
CA LYS I 18 23.31 -41.96 -25.01
C LYS I 18 24.05 -40.94 -24.17
N GLU I 19 25.26 -41.29 -23.76
CA GLU I 19 26.04 -40.44 -22.87
C GLU I 19 26.86 -39.42 -23.65
N LEU I 20 27.03 -38.24 -23.06
CA LEU I 20 27.91 -37.22 -23.62
C LEU I 20 29.31 -37.49 -23.09
N SER I 21 30.15 -38.06 -23.95
CA SER I 21 31.49 -38.47 -23.55
C SER I 21 32.27 -37.32 -22.94
N MET I 22 33.27 -37.64 -22.12
CA MET I 22 34.23 -36.68 -21.62
C MET I 22 35.62 -36.92 -22.20
N GLU I 23 35.73 -37.77 -23.21
CA GLU I 23 37.01 -38.00 -23.86
C GLU I 23 37.49 -36.72 -24.53
N PHE I 24 38.80 -36.49 -24.50
CA PHE I 24 39.33 -35.21 -24.95
C PHE I 24 38.98 -34.95 -26.41
N ALA I 25 39.12 -35.96 -27.27
CA ALA I 25 38.70 -35.79 -28.65
C ALA I 25 37.23 -35.45 -28.74
N ASP I 26 36.43 -35.94 -27.80
CA ASP I 26 34.99 -35.70 -27.83
C ASP I 26 34.66 -34.29 -27.38
N ILE I 27 35.32 -33.80 -26.34
CA ILE I 27 35.06 -32.44 -25.90
C ILE I 27 35.60 -31.44 -26.92
N THR I 28 36.80 -31.67 -27.45
CA THR I 28 37.34 -30.72 -28.41
C THR I 28 36.50 -30.68 -29.66
N ASP I 29 35.92 -31.81 -30.05
CA ASP I 29 34.98 -31.80 -31.17
C ASP I 29 33.84 -30.84 -30.88
N ARG I 30 33.18 -31.01 -29.73
CA ARG I 30 32.05 -30.15 -29.40
C ARG I 30 32.50 -28.70 -29.28
N ALA I 31 33.66 -28.47 -28.66
CA ALA I 31 34.17 -27.12 -28.54
C ALA I 31 34.39 -26.50 -29.91
N ALA I 32 35.02 -27.23 -30.81
CA ALA I 32 35.23 -26.70 -32.16
C ALA I 32 33.90 -26.45 -32.85
N SER I 33 32.91 -27.30 -32.60
CA SER I 33 31.59 -27.08 -33.19
C SER I 33 31.02 -25.75 -32.74
N THR I 34 31.18 -25.41 -31.45
CA THR I 34 30.65 -24.16 -30.96
C THR I 34 31.49 -22.98 -31.41
N MET I 35 32.81 -23.15 -31.49
CA MET I 35 33.68 -22.05 -31.84
C MET I 35 33.59 -21.68 -33.32
N PHE I 36 33.13 -22.59 -34.17
CA PHE I 36 33.04 -22.33 -35.61
C PHE I 36 31.69 -22.76 -36.19
N PHE I 37 30.71 -23.04 -35.33
CA PHE I 37 29.33 -23.25 -35.74
C PHE I 37 29.22 -24.26 -36.88
N GLY I 38 29.87 -25.42 -36.69
CA GLY I 38 29.80 -26.46 -37.70
C GLY I 38 28.37 -26.89 -37.97
N GLU I 39 27.60 -27.10 -36.92
CA GLU I 39 26.20 -27.50 -37.07
C GLU I 39 25.43 -26.47 -37.88
N LEU I 40 25.64 -25.18 -37.61
CA LEU I 40 24.99 -24.17 -38.42
C LEU I 40 25.45 -24.26 -39.87
N LEU I 41 26.73 -24.53 -40.08
CA LEU I 41 27.24 -24.67 -41.44
C LEU I 41 26.55 -25.84 -42.15
N ARG I 42 26.33 -26.95 -41.45
CA ARG I 42 25.62 -28.06 -42.08
C ARG I 42 24.22 -27.62 -42.48
N GLY I 43 23.48 -27.02 -41.57
CA GLY I 43 22.15 -26.53 -41.91
C GLY I 43 22.20 -25.44 -42.95
N PHE I 44 23.22 -24.58 -42.89
CA PHE I 44 23.33 -23.53 -43.87
C PHE I 44 23.44 -24.12 -45.27
N ALA I 45 24.34 -25.08 -45.44
CA ALA I 45 24.56 -25.62 -46.76
C ALA I 45 23.34 -26.41 -47.24
N VAL I 46 22.58 -26.98 -46.31
CA VAL I 46 21.37 -27.69 -46.70
C VAL I 46 20.44 -26.77 -47.48
N THR I 47 20.15 -25.60 -46.93
CA THR I 47 19.20 -24.70 -47.56
C THR I 47 19.74 -24.15 -48.88
N LEU I 48 21.04 -23.85 -48.95
CA LEU I 48 21.63 -23.54 -50.24
C LEU I 48 21.34 -24.65 -51.23
N ALA I 49 21.66 -25.88 -50.85
CA ALA I 49 21.39 -27.01 -51.73
C ALA I 49 19.96 -27.00 -52.18
N HIS I 50 19.04 -26.79 -51.25
CA HIS I 50 17.66 -27.13 -51.50
C HIS I 50 16.97 -26.01 -52.28
N ILE I 51 17.71 -24.95 -52.61
CA ILE I 51 17.34 -24.08 -53.72
C ILE I 51 17.30 -24.87 -55.02
N PHE I 52 18.22 -25.82 -55.17
CA PHE I 52 18.40 -26.52 -56.43
C PHE I 52 17.44 -27.68 -56.59
N LYS I 53 16.31 -27.65 -55.88
CA LYS I 53 15.20 -28.56 -56.12
C LYS I 53 14.07 -27.76 -56.72
N GLU I 54 13.41 -28.33 -57.70
CA GLU I 54 12.41 -27.57 -58.46
C GLU I 54 11.13 -27.42 -57.66
N PRO I 55 10.59 -26.21 -57.52
CA PRO I 55 9.41 -26.03 -56.68
C PRO I 55 8.21 -26.77 -57.24
N ALA I 56 7.32 -27.19 -56.33
CA ALA I 56 6.18 -28.02 -56.67
C ALA I 56 4.88 -27.23 -56.73
N THR I 57 4.93 -25.98 -57.20
CA THR I 57 3.74 -25.16 -57.29
C THR I 57 3.00 -25.45 -58.59
N ILE I 58 1.72 -25.78 -58.49
CA ILE I 58 0.89 -25.94 -59.67
C ILE I 58 0.52 -24.57 -60.19
N ASN I 59 0.72 -24.35 -61.50
CA ASN I 59 0.43 -23.06 -62.12
C ASN I 59 -1.08 -22.92 -62.31
N TYR I 60 -1.78 -22.80 -61.18
CA TYR I 60 -3.22 -22.65 -61.21
C TYR I 60 -3.61 -21.31 -61.81
N PRO I 61 -4.70 -21.24 -62.58
CA PRO I 61 -5.66 -22.26 -63.01
C PRO I 61 -5.28 -22.98 -64.29
N PHE I 62 -4.12 -22.68 -64.87
CA PHE I 62 -3.77 -23.37 -66.11
C PHE I 62 -3.44 -24.83 -65.80
N GLU I 63 -2.36 -25.05 -65.07
CA GLU I 63 -2.11 -26.37 -64.51
C GLU I 63 -2.95 -26.51 -63.25
N LYS I 64 -3.25 -27.75 -62.88
CA LYS I 64 -4.24 -27.93 -61.83
C LYS I 64 -4.39 -29.42 -61.53
N GLY I 65 -5.02 -29.72 -60.41
CA GLY I 65 -5.24 -31.08 -59.98
C GLY I 65 -4.13 -31.55 -59.07
N PRO I 66 -4.09 -32.85 -58.75
CA PRO I 66 -5.00 -33.94 -59.13
C PRO I 66 -6.10 -34.18 -58.11
N LEU I 67 -7.20 -34.76 -58.54
CA LEU I 67 -8.26 -35.24 -57.66
C LEU I 67 -8.43 -36.74 -57.90
N SER I 68 -9.47 -37.31 -57.33
CA SER I 68 -9.80 -38.71 -57.53
C SER I 68 -11.27 -38.83 -57.90
N PRO I 69 -11.67 -39.95 -58.50
CA PRO I 69 -13.06 -40.05 -58.99
C PRO I 69 -14.10 -39.88 -57.92
N ARG I 70 -13.74 -40.02 -56.65
CA ARG I 70 -14.71 -39.96 -55.57
C ARG I 70 -14.86 -38.56 -54.98
N PHE I 71 -14.20 -37.57 -55.55
CA PHE I 71 -14.20 -36.25 -54.94
C PHE I 71 -15.62 -35.75 -54.77
N ARG I 72 -15.87 -35.12 -53.62
CA ARG I 72 -17.20 -34.67 -53.22
C ARG I 72 -17.24 -33.16 -53.37
N GLY I 73 -17.98 -32.68 -54.37
CA GLY I 73 -18.03 -31.25 -54.65
C GLY I 73 -19.44 -30.75 -54.90
N GLU I 74 -19.62 -30.05 -56.02
CA GLU I 74 -20.91 -29.45 -56.32
C GLU I 74 -21.98 -30.52 -56.44
N HIS I 75 -23.17 -30.21 -55.97
CA HIS I 75 -24.27 -31.15 -56.03
C HIS I 75 -24.94 -31.09 -57.39
N ALA I 76 -25.55 -32.21 -57.79
CA ALA I 76 -26.22 -32.28 -59.08
C ALA I 76 -27.32 -33.33 -59.02
N LEU I 77 -28.45 -33.02 -59.66
CA LEU I 77 -29.57 -33.96 -59.76
C LEU I 77 -29.55 -34.54 -61.17
N ARG I 78 -29.26 -35.83 -61.26
CA ARG I 78 -29.06 -36.44 -62.56
C ARG I 78 -30.39 -36.75 -63.24
N ARG I 79 -30.30 -37.18 -64.51
CA ARG I 79 -31.45 -37.55 -65.31
C ARG I 79 -31.17 -38.86 -66.01
N TYR I 80 -32.21 -39.64 -66.23
CA TYR I 80 -32.11 -40.93 -66.87
C TYR I 80 -31.53 -40.77 -68.26
N PRO I 81 -31.13 -41.85 -68.93
CA PRO I 81 -30.70 -41.71 -70.33
C PRO I 81 -31.78 -41.18 -71.24
N SER I 82 -33.05 -41.28 -70.85
CA SER I 82 -34.10 -40.66 -71.65
C SER I 82 -34.21 -39.16 -71.41
N GLY I 83 -33.62 -38.67 -70.34
CA GLY I 83 -33.79 -37.28 -69.94
C GLY I 83 -34.74 -37.08 -68.78
N GLU I 84 -35.42 -38.13 -68.34
CA GLU I 84 -36.35 -38.00 -67.23
C GLU I 84 -35.60 -37.86 -65.90
N GLU I 85 -36.20 -37.10 -64.99
CA GLU I 85 -35.61 -36.90 -63.67
C GLU I 85 -35.45 -38.23 -62.96
N ARG I 86 -34.28 -38.46 -62.38
CA ARG I 86 -34.07 -39.69 -61.63
C ARG I 86 -34.74 -39.65 -60.27
N CYS I 87 -34.81 -38.48 -59.64
CA CYS I 87 -35.31 -38.43 -58.28
C CYS I 87 -36.78 -38.81 -58.23
N ILE I 88 -37.16 -39.56 -57.20
CA ILE I 88 -38.52 -40.01 -56.97
C ILE I 88 -39.03 -39.53 -55.63
N ALA I 89 -38.32 -38.64 -54.97
CA ALA I 89 -38.76 -38.07 -53.71
C ALA I 89 -38.81 -39.12 -52.62
N CYS I 90 -37.97 -40.13 -52.67
CA CYS I 90 -38.00 -41.12 -51.60
C CYS I 90 -37.60 -40.51 -50.27
N LYS I 91 -36.96 -39.35 -50.30
CA LYS I 91 -36.68 -38.54 -49.11
C LYS I 91 -35.70 -39.19 -48.16
N LEU I 92 -35.01 -40.25 -48.58
CA LEU I 92 -33.93 -40.75 -47.75
C LEU I 92 -32.81 -39.74 -47.64
N CYS I 93 -32.49 -39.06 -48.74
CA CYS I 93 -31.37 -38.12 -48.70
C CYS I 93 -31.59 -37.09 -47.60
N GLU I 94 -32.81 -36.59 -47.49
CA GLU I 94 -33.11 -35.68 -46.39
C GLU I 94 -33.03 -36.40 -45.05
N ALA I 95 -33.54 -37.62 -44.98
CA ALA I 95 -33.61 -38.30 -43.69
C ALA I 95 -32.24 -38.58 -43.11
N ILE I 96 -31.22 -38.68 -43.96
CA ILE I 96 -29.89 -39.03 -43.51
C ILE I 96 -29.02 -37.79 -43.37
N CYS I 97 -29.33 -36.74 -44.13
CA CYS I 97 -28.46 -35.59 -44.26
C CYS I 97 -28.04 -35.08 -42.89
N PRO I 98 -26.79 -35.28 -42.47
CA PRO I 98 -26.41 -34.88 -41.11
C PRO I 98 -26.67 -33.43 -40.80
N ALA I 99 -26.46 -32.54 -41.75
CA ALA I 99 -26.67 -31.13 -41.48
C ALA I 99 -28.11 -30.70 -41.66
N GLN I 100 -29.00 -31.60 -42.09
CA GLN I 100 -30.37 -31.22 -42.39
C GLN I 100 -30.41 -30.07 -43.37
N ALA I 101 -29.55 -30.12 -44.37
CA ALA I 101 -29.47 -29.08 -45.38
C ALA I 101 -30.41 -29.30 -46.54
N ILE I 102 -31.18 -30.38 -46.52
CA ILE I 102 -32.04 -30.75 -47.64
C ILE I 102 -33.49 -30.59 -47.22
N THR I 103 -34.28 -30.02 -48.09
CA THR I 103 -35.71 -29.89 -47.87
C THR I 103 -36.40 -30.37 -49.13
N ILE I 104 -37.44 -31.17 -48.98
CA ILE I 104 -38.12 -31.79 -50.11
C ILE I 104 -39.62 -31.71 -49.90
N GLU I 105 -40.35 -31.49 -50.99
CA GLU I 105 -41.81 -31.52 -51.00
C GLU I 105 -42.20 -32.14 -52.32
N ALA I 106 -42.88 -33.27 -52.27
CA ALA I 106 -43.19 -34.01 -53.48
C ALA I 106 -44.68 -34.24 -53.60
N GLU I 107 -45.13 -34.37 -54.83
CA GLU I 107 -46.52 -34.63 -55.15
C GLU I 107 -46.55 -35.49 -56.40
N GLU I 108 -47.73 -35.60 -56.99
CA GLU I 108 -47.93 -36.35 -58.23
C GLU I 108 -47.95 -35.38 -59.39
N ARG I 109 -47.05 -35.58 -60.34
CA ARG I 109 -47.21 -34.87 -61.58
C ARG I 109 -48.45 -35.41 -62.30
N ALA I 110 -48.97 -34.63 -63.23
CA ALA I 110 -50.25 -34.96 -63.84
C ALA I 110 -50.26 -36.37 -64.44
N ASP I 111 -49.10 -36.85 -64.85
CA ASP I 111 -48.99 -38.23 -65.33
C ASP I 111 -49.24 -39.26 -64.24
N GLY I 112 -49.27 -38.84 -62.97
CA GLY I 112 -49.41 -39.76 -61.87
C GLY I 112 -48.12 -40.28 -61.30
N SER I 113 -46.98 -39.67 -61.64
CA SER I 113 -45.68 -40.13 -61.20
C SER I 113 -45.28 -39.46 -59.90
N ARG I 114 -44.56 -40.20 -59.07
CA ARG I 114 -44.08 -39.70 -57.80
C ARG I 114 -42.84 -38.86 -58.05
N ARG I 115 -42.95 -37.54 -57.90
CA ARG I 115 -41.84 -36.67 -58.24
C ARG I 115 -41.86 -35.46 -57.32
N THR I 116 -40.71 -34.81 -57.23
CA THR I 116 -40.55 -33.66 -56.36
C THR I 116 -41.18 -32.42 -56.97
N THR I 117 -41.62 -31.52 -56.10
CA THR I 117 -41.94 -30.15 -56.49
C THR I 117 -40.82 -29.19 -56.12
N ARG I 118 -40.45 -29.15 -54.85
CA ARG I 118 -39.33 -28.38 -54.37
C ARG I 118 -38.26 -29.34 -53.88
N TYR I 119 -37.03 -29.06 -54.25
CA TYR I 119 -35.89 -29.85 -53.79
C TYR I 119 -34.75 -28.86 -53.56
N ASP I 120 -34.41 -28.64 -52.31
CA ASP I 120 -33.55 -27.54 -51.93
C ASP I 120 -32.34 -28.06 -51.18
N ILE I 121 -31.18 -27.49 -51.47
CA ILE I 121 -29.98 -27.75 -50.71
C ILE I 121 -29.35 -26.42 -50.35
N ASP I 122 -28.86 -26.32 -49.13
CA ASP I 122 -28.18 -25.14 -48.62
C ASP I 122 -26.70 -25.51 -48.46
N MET I 123 -25.88 -25.10 -49.41
CA MET I 123 -24.45 -25.30 -49.29
C MET I 123 -23.77 -24.32 -48.38
N THR I 124 -24.52 -23.66 -47.52
CA THR I 124 -24.00 -23.07 -46.30
C THR I 124 -24.37 -23.88 -45.08
N LYS I 125 -25.10 -24.98 -45.25
CA LYS I 125 -25.30 -25.96 -44.21
C LYS I 125 -24.77 -27.33 -44.57
N CYS I 126 -24.69 -27.65 -45.86
CA CYS I 126 -24.12 -28.92 -46.28
C CYS I 126 -22.67 -29.02 -45.87
N ILE I 127 -22.27 -30.23 -45.50
CA ILE I 127 -20.89 -30.54 -45.15
C ILE I 127 -20.19 -31.36 -46.22
N TYR I 128 -20.84 -31.57 -47.35
CA TYR I 128 -20.19 -32.26 -48.45
C TYR I 128 -19.67 -33.60 -47.96
N CYS I 129 -20.46 -34.23 -47.11
CA CYS I 129 -20.14 -35.53 -46.55
C CYS I 129 -20.45 -36.66 -47.50
N GLY I 130 -21.42 -36.47 -48.37
CA GLY I 130 -21.77 -37.51 -49.31
C GLY I 130 -22.69 -38.56 -48.77
N PHE I 131 -23.22 -38.39 -47.56
CA PHE I 131 -24.20 -39.34 -47.08
C PHE I 131 -25.43 -39.34 -47.96
N CYS I 132 -25.78 -38.20 -48.55
CA CYS I 132 -26.96 -38.16 -49.40
C CYS I 132 -26.82 -39.10 -50.58
N GLN I 133 -25.71 -39.02 -51.29
CA GLN I 133 -25.60 -39.86 -52.48
C GLN I 133 -25.38 -41.32 -52.13
N GLU I 134 -24.72 -41.60 -51.01
CA GLU I 134 -24.58 -42.99 -50.60
C GLU I 134 -25.92 -43.60 -50.24
N ALA I 135 -26.91 -42.78 -49.92
CA ALA I 135 -28.21 -43.28 -49.52
C ALA I 135 -29.21 -43.35 -50.65
N CYS I 136 -29.10 -42.47 -51.63
CA CYS I 136 -30.14 -42.35 -52.64
C CYS I 136 -30.27 -43.66 -53.40
N PRO I 137 -31.47 -44.22 -53.53
CA PRO I 137 -31.60 -45.56 -54.11
C PRO I 137 -31.58 -45.60 -55.63
N VAL I 138 -31.53 -44.47 -56.30
CA VAL I 138 -31.52 -44.44 -57.75
C VAL I 138 -30.45 -43.51 -58.27
N ASP I 139 -29.50 -43.14 -57.41
CA ASP I 139 -28.41 -42.24 -57.81
C ASP I 139 -28.96 -40.92 -58.34
N ALA I 140 -30.04 -40.45 -57.72
CA ALA I 140 -30.65 -39.22 -58.22
C ALA I 140 -29.76 -38.01 -57.97
N ILE I 141 -29.15 -37.94 -56.79
CA ILE I 141 -28.34 -36.79 -56.40
C ILE I 141 -26.93 -37.26 -56.15
N VAL I 142 -25.96 -36.47 -56.60
CA VAL I 142 -24.55 -36.87 -56.53
C VAL I 142 -23.70 -35.64 -56.22
N GLU I 143 -22.57 -35.90 -55.57
CA GLU I 143 -21.60 -34.85 -55.30
C GLU I 143 -20.74 -34.67 -56.54
N GLY I 144 -21.24 -33.86 -57.46
CA GLY I 144 -20.54 -33.59 -58.70
C GLY I 144 -19.14 -33.12 -58.42
N PRO I 145 -18.27 -33.16 -59.43
CA PRO I 145 -16.85 -32.86 -59.16
C PRO I 145 -16.51 -31.40 -59.10
N ASN I 146 -17.35 -30.51 -59.59
CA ASN I 146 -17.02 -29.09 -59.53
C ASN I 146 -16.82 -28.68 -58.09
N PHE I 147 -15.82 -27.83 -57.86
CA PHE I 147 -15.58 -27.25 -56.56
C PHE I 147 -15.33 -25.75 -56.60
N GLU I 148 -15.08 -25.18 -57.78
CA GLU I 148 -15.03 -23.73 -57.92
C GLU I 148 -16.44 -23.21 -58.19
N PHE I 149 -17.25 -23.20 -57.14
CA PHE I 149 -18.56 -22.56 -57.17
C PHE I 149 -18.58 -21.57 -56.02
N SER I 150 -18.02 -20.40 -56.26
CA SER I 150 -17.83 -19.36 -55.26
C SER I 150 -18.69 -18.17 -55.64
N THR I 151 -19.39 -17.61 -54.67
CA THR I 151 -20.40 -16.60 -54.92
C THR I 151 -20.13 -15.37 -54.07
N GLU I 152 -20.50 -14.21 -54.59
CA GLU I 152 -20.32 -12.98 -53.85
C GLU I 152 -21.46 -12.73 -52.86
N THR I 153 -22.58 -13.43 -53.00
CA THR I 153 -23.74 -13.18 -52.15
C THR I 153 -24.20 -14.47 -51.52
N HIS I 154 -24.57 -14.39 -50.24
CA HIS I 154 -24.96 -15.60 -49.54
C HIS I 154 -26.20 -16.21 -50.15
N GLU I 155 -27.16 -15.37 -50.55
CA GLU I 155 -28.39 -15.91 -51.13
C GLU I 155 -28.08 -16.79 -52.34
N GLU I 156 -27.02 -16.50 -53.07
CA GLU I 156 -26.75 -17.26 -54.28
C GLU I 156 -26.37 -18.71 -53.99
N LEU I 157 -26.11 -19.06 -52.75
CA LEU I 157 -25.69 -20.43 -52.44
C LEU I 157 -26.85 -21.38 -52.23
N LEU I 158 -28.02 -20.89 -51.83
CA LEU I 158 -29.13 -21.78 -51.53
C LEU I 158 -29.70 -22.30 -52.84
N TYR I 159 -29.31 -23.49 -53.23
CA TYR I 159 -29.76 -24.03 -54.50
C TYR I 159 -31.18 -24.57 -54.35
N ASN I 160 -31.98 -24.40 -55.39
CA ASN I 160 -33.25 -25.08 -55.51
C ASN I 160 -33.17 -26.07 -56.66
N LYS I 161 -34.29 -26.74 -56.94
CA LYS I 161 -34.23 -27.83 -57.91
C LYS I 161 -33.82 -27.34 -59.28
N GLU I 162 -34.23 -26.14 -59.66
CA GLU I 162 -33.86 -25.64 -60.98
C GLU I 162 -32.34 -25.50 -61.11
N LYS I 163 -31.71 -24.93 -60.10
CA LYS I 163 -30.26 -24.81 -60.14
C LYS I 163 -29.60 -26.18 -60.15
N LEU I 164 -30.09 -27.09 -59.30
CA LEU I 164 -29.48 -28.41 -59.22
C LEU I 164 -29.63 -29.16 -60.53
N LEU I 165 -30.80 -29.07 -61.16
CA LEU I 165 -30.97 -29.73 -62.45
C LEU I 165 -30.01 -29.16 -63.48
N CYS I 166 -29.82 -27.84 -63.46
CA CYS I 166 -28.91 -27.24 -64.42
C CYS I 166 -27.50 -27.80 -64.26
N ASN I 167 -27.02 -27.92 -63.03
CA ASN I 167 -25.70 -28.48 -62.82
C ASN I 167 -25.63 -29.91 -63.34
N GLY I 168 -26.68 -30.68 -63.10
CA GLY I 168 -26.70 -32.04 -63.63
C GLY I 168 -26.56 -32.06 -65.14
N ASP I 169 -27.32 -31.19 -65.81
CA ASP I 169 -27.19 -31.10 -67.27
C ASP I 169 -25.78 -30.67 -67.64
N LYS I 170 -25.22 -29.70 -66.93
CA LYS I 170 -23.92 -29.16 -67.29
C LYS I 170 -22.83 -30.20 -67.11
N TRP I 171 -22.88 -30.99 -66.04
CA TRP I 171 -21.79 -31.87 -65.67
C TRP I 171 -22.06 -33.33 -65.98
N GLU I 172 -23.08 -33.63 -66.79
CA GLU I 172 -23.53 -35.01 -66.89
C GLU I 172 -22.43 -35.92 -67.38
N SER I 173 -21.63 -35.47 -68.35
CA SER I 173 -20.62 -36.35 -68.91
C SER I 173 -19.64 -36.82 -67.84
N GLU I 174 -19.10 -35.88 -67.07
CA GLU I 174 -18.12 -36.24 -66.06
C GLU I 174 -18.71 -37.16 -65.00
N ILE I 175 -19.93 -36.84 -64.54
CA ILE I 175 -20.53 -37.68 -63.52
C ILE I 175 -20.75 -39.08 -64.05
N ALA I 176 -21.13 -39.20 -65.31
CA ALA I 176 -21.28 -40.52 -65.91
C ALA I 176 -19.96 -41.28 -65.85
N SER I 177 -18.85 -40.59 -66.13
CA SER I 177 -17.55 -41.25 -66.08
C SER I 177 -17.27 -41.81 -64.69
N ASN I 178 -17.41 -40.99 -63.66
CA ASN I 178 -17.08 -41.43 -62.32
C ASN I 178 -17.92 -42.63 -61.92
N LEU I 179 -19.23 -42.56 -62.13
CA LEU I 179 -20.09 -43.65 -61.72
C LEU I 179 -19.71 -44.94 -62.43
N GLN I 180 -19.42 -44.86 -63.72
CA GLN I 180 -18.92 -46.04 -64.42
C GLN I 180 -17.64 -46.54 -63.77
N ALA I 181 -16.88 -45.65 -63.13
CA ALA I 181 -15.65 -46.07 -62.48
C ALA I 181 -15.90 -46.72 -61.13
N ASP I 182 -16.93 -46.28 -60.39
CA ASP I 182 -17.07 -46.62 -58.98
C ASP I 182 -18.32 -47.42 -58.64
N HIS I 183 -19.30 -47.53 -59.54
CA HIS I 183 -20.55 -48.18 -59.18
C HIS I 183 -20.32 -49.60 -58.69
N LEU I 184 -19.58 -50.39 -59.46
CA LEU I 184 -19.31 -51.77 -59.09
C LEU I 184 -18.38 -51.87 -57.92
N TYR I 185 -17.74 -50.77 -57.56
CA TYR I 185 -16.74 -50.73 -56.51
C TYR I 185 -17.23 -50.07 -55.24
N ARG I 186 -18.20 -49.17 -55.35
CA ARG I 186 -18.65 -48.40 -54.19
C ARG I 186 -19.38 -49.28 -53.19
N MET J 1 23.55 33.02 -41.29
CA MET J 1 24.75 32.19 -41.37
C MET J 1 24.72 31.12 -40.30
N ILE J 2 25.45 30.02 -40.56
CA ILE J 2 25.24 28.80 -39.81
C ILE J 2 25.46 29.04 -38.32
N GLN J 3 26.55 29.71 -37.96
CA GLN J 3 26.90 29.86 -36.55
C GLN J 3 25.78 30.53 -35.77
N LEU J 4 25.33 31.69 -36.23
CA LEU J 4 24.39 32.45 -35.44
C LEU J 4 22.97 31.90 -35.59
N MET J 5 22.64 31.38 -36.77
CA MET J 5 21.43 30.57 -36.90
C MET J 5 21.41 29.47 -35.84
N LEU J 6 22.56 28.84 -35.62
CA LEU J 6 22.61 27.78 -34.63
C LEU J 6 22.41 28.32 -33.22
N TYR J 7 22.90 29.54 -32.95
CA TYR J 7 22.51 30.19 -31.71
C TYR J 7 21.00 30.34 -31.66
N SER J 8 20.42 30.82 -32.76
CA SER J 8 18.99 31.11 -32.77
C SER J 8 18.18 29.85 -32.52
N LEU J 9 18.54 28.75 -33.19
CA LEU J 9 17.83 27.50 -32.98
C LEU J 9 17.97 27.03 -31.54
N ILE J 10 19.15 27.23 -30.94
CA ILE J 10 19.32 26.84 -29.55
C ILE J 10 18.48 27.74 -28.64
N ILE J 11 18.41 29.03 -28.94
CA ILE J 11 17.59 29.92 -28.13
C ILE J 11 16.14 29.51 -28.21
N THR J 12 15.63 29.29 -29.42
CA THR J 12 14.23 28.93 -29.58
C THR J 12 13.91 27.63 -28.86
N THR J 13 14.74 26.61 -29.06
CA THR J 13 14.51 25.35 -28.36
C THR J 13 14.61 25.53 -26.86
N SER J 14 15.48 26.43 -26.39
CA SER J 14 15.57 26.68 -24.96
C SER J 14 14.26 27.26 -24.44
N ILE J 15 13.67 28.20 -25.17
CA ILE J 15 12.35 28.70 -24.80
C ILE J 15 11.34 27.57 -24.83
N ILE J 16 11.43 26.69 -25.81
CA ILE J 16 10.58 25.51 -25.81
C ILE J 16 10.84 24.70 -24.54
N PHE J 17 12.12 24.56 -24.17
CA PHE J 17 12.44 23.70 -23.04
C PHE J 17 11.82 24.20 -21.75
N LEU J 18 11.86 25.52 -21.52
CA LEU J 18 11.35 26.03 -20.26
C LEU J 18 9.83 26.02 -20.20
N ASN J 19 9.14 25.96 -21.35
CA ASN J 19 7.69 25.88 -21.33
C ASN J 19 7.20 24.46 -21.11
N MET J 20 7.61 23.53 -21.98
CA MET J 20 7.11 22.16 -21.94
C MET J 20 7.20 21.57 -20.55
N ILE J 21 6.16 20.84 -20.15
CA ILE J 21 6.11 20.18 -18.86
C ILE J 21 5.90 18.68 -18.98
N HIS J 22 5.37 18.18 -20.07
CA HIS J 22 5.26 16.74 -20.24
C HIS J 22 6.65 16.14 -20.32
N PRO J 23 6.95 15.09 -19.55
CA PRO J 23 8.34 14.59 -19.50
C PRO J 23 8.89 14.17 -20.85
N LEU J 24 8.08 13.50 -21.69
CA LEU J 24 8.56 13.19 -23.03
C LEU J 24 8.86 14.46 -23.79
N ALA J 25 7.98 15.45 -23.68
CA ALA J 25 8.19 16.70 -24.40
C ALA J 25 9.48 17.36 -23.95
N LEU J 26 9.77 17.33 -22.66
CA LEU J 26 11.06 17.80 -22.19
C LEU J 26 12.20 16.94 -22.74
N GLY J 27 12.07 15.61 -22.61
CA GLY J 27 13.14 14.75 -23.04
C GLY J 27 13.38 14.84 -24.53
N LEU J 28 12.31 14.95 -25.30
CA LEU J 28 12.44 15.28 -26.71
C LEU J 28 13.22 16.57 -26.88
N THR J 29 12.94 17.58 -26.07
CA THR J 29 13.61 18.86 -26.22
C THR J 29 15.10 18.73 -25.99
N LEU J 30 15.50 17.94 -24.99
CA LEU J 30 16.93 17.69 -24.77
C LEU J 30 17.56 17.09 -26.01
N LEU J 31 16.87 16.14 -26.65
CA LEU J 31 17.45 15.47 -27.80
C LEU J 31 17.86 16.49 -28.85
N ILE J 32 16.94 17.37 -29.24
CA ILE J 32 17.29 18.40 -30.22
C ILE J 32 18.43 19.25 -29.71
N GLN J 33 18.38 19.67 -28.44
CA GLN J 33 19.44 20.50 -27.89
C GLN J 33 20.80 19.86 -28.09
N THR J 34 20.88 18.53 -27.89
CA THR J 34 22.17 17.87 -27.95
C THR J 34 22.74 17.93 -29.36
N ILE J 35 21.93 17.64 -30.39
CA ILE J 35 22.41 17.78 -31.76
C ILE J 35 22.93 19.20 -31.99
N PHE J 36 22.16 20.19 -31.56
CA PHE J 36 22.56 21.57 -31.81
C PHE J 36 23.88 21.87 -31.11
N VAL J 37 24.02 21.47 -29.85
CA VAL J 37 25.25 21.79 -29.13
C VAL J 37 26.44 21.04 -29.72
N CYS J 38 26.22 19.80 -30.18
CA CYS J 38 27.29 19.08 -30.85
C CYS J 38 27.73 19.81 -32.11
N LEU J 39 26.76 20.27 -32.91
CA LEU J 39 27.09 21.05 -34.09
C LEU J 39 27.92 22.27 -33.72
N LEU J 40 27.48 22.99 -32.69
CA LEU J 40 28.08 24.28 -32.38
C LEU J 40 29.51 24.13 -31.90
N THR J 41 29.73 23.24 -30.92
CA THR J 41 31.09 23.02 -30.44
C THR J 41 31.98 22.51 -31.55
N GLY J 42 31.43 21.71 -32.46
CA GLY J 42 32.21 21.24 -33.58
C GLY J 42 32.76 22.38 -34.42
N LEU J 43 31.95 23.41 -34.64
CA LEU J 43 32.36 24.51 -35.50
C LEU J 43 33.57 25.23 -34.93
N MET J 44 33.59 25.46 -33.64
CA MET J 44 34.65 26.22 -32.99
C MET J 44 35.82 25.36 -32.56
N THR J 45 35.80 24.07 -32.88
CA THR J 45 36.80 23.13 -32.41
C THR J 45 37.86 22.99 -33.50
N LYS J 46 38.91 22.21 -33.26
CA LYS J 46 39.81 21.86 -34.35
C LYS J 46 39.16 20.89 -35.33
N SER J 47 38.29 20.03 -34.82
CA SER J 47 37.56 19.07 -35.64
C SER J 47 36.33 18.63 -34.85
N PHE J 48 35.57 17.70 -35.43
CA PHE J 48 34.34 17.22 -34.82
C PHE J 48 34.55 15.98 -33.99
N TRP J 49 35.79 15.64 -33.64
CA TRP J 49 36.04 14.41 -32.91
C TRP J 49 35.23 14.38 -31.62
N TYR J 50 35.41 15.40 -30.78
CA TYR J 50 34.71 15.43 -29.51
C TYR J 50 33.21 15.47 -29.71
N SER J 51 32.75 16.10 -30.79
CA SER J 51 31.33 16.15 -31.05
C SER J 51 30.77 14.76 -31.27
N TYR J 52 31.45 13.95 -32.08
CA TYR J 52 31.00 12.57 -32.26
C TYR J 52 31.04 11.82 -30.96
N ILE J 53 32.08 12.03 -30.16
CA ILE J 53 32.22 11.34 -28.89
C ILE J 53 31.01 11.63 -28.01
N LEU J 54 30.87 12.88 -27.58
CA LEU J 54 29.83 13.16 -26.59
C LEU J 54 28.45 12.89 -27.16
N PHE J 55 28.30 12.90 -28.48
CA PHE J 55 27.04 12.49 -29.07
C PHE J 55 26.69 11.06 -28.66
N LEU J 56 27.62 10.12 -28.88
CA LEU J 56 27.27 8.73 -28.67
C LEU J 56 27.22 8.36 -27.20
N ILE J 57 27.94 9.06 -26.33
CA ILE J 57 27.82 8.82 -24.90
C ILE J 57 26.62 9.55 -24.32
N PHE J 58 26.60 10.88 -24.42
CA PHE J 58 25.53 11.65 -23.82
C PHE J 58 24.19 11.27 -24.45
N LEU J 59 24.04 11.56 -25.75
CA LEU J 59 22.77 11.30 -26.40
C LEU J 59 22.58 9.81 -26.64
N GLY J 60 23.51 9.19 -27.38
CA GLY J 60 23.26 7.87 -27.92
C GLY J 60 22.90 6.86 -26.85
N GLY J 61 23.62 6.88 -25.73
CA GLY J 61 23.37 5.91 -24.67
C GLY J 61 22.63 6.47 -23.48
N MET J 62 23.08 7.63 -22.99
CA MET J 62 22.67 8.11 -21.68
C MET J 62 21.32 8.81 -21.69
N LEU J 63 20.91 9.45 -22.77
CA LEU J 63 19.54 9.94 -22.78
C LEU J 63 18.54 8.82 -22.92
N VAL J 64 19.00 7.60 -23.22
CA VAL J 64 18.08 6.47 -23.26
C VAL J 64 17.50 6.22 -21.88
N LEU J 65 18.32 6.35 -20.84
CA LEU J 65 17.80 6.24 -19.48
C LEU J 65 16.71 7.26 -19.23
N PHE J 66 16.97 8.52 -19.58
CA PHE J 66 16.04 9.58 -19.24
C PHE J 66 14.70 9.36 -19.94
N ILE J 67 14.71 9.12 -21.25
CA ILE J 67 13.46 8.85 -21.92
C ILE J 67 12.80 7.60 -21.34
N TYR J 68 13.59 6.55 -21.14
CA TYR J 68 13.01 5.28 -20.72
C TYR J 68 12.34 5.37 -19.37
N VAL J 69 13.04 5.90 -18.37
CA VAL J 69 12.41 6.04 -17.06
C VAL J 69 11.36 7.12 -17.09
N THR J 70 11.49 8.11 -17.97
CA THR J 70 10.43 9.08 -18.19
C THR J 70 9.42 8.59 -19.22
N SER J 71 9.36 7.29 -19.45
CA SER J 71 8.25 6.70 -20.19
C SER J 71 6.99 6.62 -19.37
N LEU J 72 6.94 7.27 -18.20
CA LEU J 72 5.69 7.37 -17.45
C LEU J 72 4.53 7.79 -18.33
N ALA J 73 4.81 8.56 -19.39
CA ALA J 73 3.85 8.84 -20.45
C ALA J 73 2.77 9.82 -20.01
N SER J 74 2.76 10.20 -18.74
CA SER J 74 1.66 10.93 -18.14
C SER J 74 0.36 10.17 -18.19
N ASN J 75 0.39 8.91 -18.63
CA ASN J 75 -0.77 8.07 -18.90
C ASN J 75 -1.49 8.48 -20.17
N GLU J 76 -1.08 9.57 -20.84
CA GLU J 76 -1.77 10.06 -22.03
C GLU J 76 -0.77 10.80 -22.90
N MET J 77 -1.11 10.98 -24.17
CA MET J 77 -0.17 11.50 -25.14
C MET J 77 -0.21 13.02 -25.16
N PHE J 78 0.60 13.62 -26.04
CA PHE J 78 0.70 15.07 -26.10
C PHE J 78 -0.61 15.70 -26.55
N ASN J 79 -0.89 16.88 -26.01
CA ASN J 79 -1.82 17.82 -26.64
C ASN J 79 -0.97 18.93 -27.23
N LEU J 80 -0.48 18.69 -28.45
CA LEU J 80 0.40 19.65 -29.09
C LEU J 80 -0.35 20.94 -29.40
N SER J 81 0.32 22.06 -29.16
CA SER J 81 -0.25 23.38 -29.35
C SER J 81 0.46 24.04 -30.53
N MET J 82 -0.26 24.19 -31.64
CA MET J 82 0.29 24.86 -32.82
C MET J 82 0.67 26.31 -32.58
N LYS J 83 0.40 26.85 -31.40
CA LYS J 83 0.62 28.26 -31.13
C LYS J 83 2.06 28.50 -30.74
N LEU J 84 2.55 27.72 -29.77
CA LEU J 84 3.95 27.80 -29.40
C LEU J 84 4.83 27.42 -30.57
N THR J 85 4.35 26.53 -31.44
CA THR J 85 5.07 26.25 -32.68
C THR J 85 5.12 27.49 -33.56
N LEU J 86 3.98 28.15 -33.74
CA LEU J 86 3.96 29.34 -34.58
C LEU J 86 4.82 30.44 -33.97
N PHE J 87 4.74 30.64 -32.66
CA PHE J 87 5.63 31.60 -32.02
C PHE J 87 7.07 31.15 -32.20
N SER J 88 7.32 29.86 -32.07
CA SER J 88 8.66 29.33 -32.32
C SER J 88 9.10 29.64 -33.74
N SER J 89 8.21 29.41 -34.71
CA SER J 89 8.52 29.82 -36.07
C SER J 89 8.68 31.33 -36.16
N LEU J 90 7.78 32.07 -35.53
CA LEU J 90 7.83 33.52 -35.63
C LEU J 90 9.11 34.06 -35.01
N ILE J 91 9.44 33.61 -33.79
CA ILE J 91 10.64 34.11 -33.14
C ILE J 91 11.87 33.68 -33.92
N LEU J 92 11.84 32.49 -34.50
CA LEU J 92 12.97 32.02 -35.28
C LEU J 92 13.24 32.92 -36.47
N ILE J 93 12.18 33.37 -37.17
CA ILE J 93 12.40 34.02 -38.45
C ILE J 93 13.05 35.39 -38.27
N PHE J 94 12.52 36.22 -37.37
CA PHE J 94 13.09 37.57 -37.30
C PHE J 94 14.43 37.55 -36.57
N MET J 95 14.65 36.56 -35.71
CA MET J 95 16.01 36.27 -35.29
C MET J 95 16.86 35.85 -36.48
N LEU J 96 16.29 35.09 -37.42
CA LEU J 96 17.04 34.66 -38.58
C LEU J 96 17.33 35.82 -39.52
N ILE J 97 16.36 36.72 -39.73
CA ILE J 97 16.65 37.86 -40.58
C ILE J 97 17.65 38.79 -39.91
N LEU J 98 17.54 38.95 -38.59
CA LEU J 98 18.57 39.70 -37.88
C LEU J 98 19.92 39.04 -38.05
N SER J 99 19.96 37.70 -38.04
CA SER J 99 21.21 37.00 -38.29
C SER J 99 21.75 37.36 -39.67
N PHE J 100 20.87 37.48 -40.65
CA PHE J 100 21.29 37.98 -41.96
C PHE J 100 21.81 39.40 -41.86
N ILE J 101 21.32 40.19 -40.90
CA ILE J 101 21.72 41.58 -40.80
C ILE J 101 23.00 41.73 -40.00
N MET J 102 23.14 40.97 -38.92
CA MET J 102 24.20 41.20 -37.94
C MET J 102 25.56 41.19 -38.61
N ASP J 103 26.54 41.81 -37.94
CA ASP J 103 27.87 41.90 -38.52
C ASP J 103 28.43 40.51 -38.81
N LYS J 104 28.83 40.33 -40.05
CA LYS J 104 29.26 39.04 -40.57
C LYS J 104 30.33 38.39 -39.69
N THR J 105 31.38 39.13 -39.36
CA THR J 105 32.52 38.57 -38.63
C THR J 105 32.37 38.76 -37.13
N SER J 106 32.30 40.02 -36.70
CA SER J 106 32.41 40.32 -35.27
C SER J 106 31.41 39.53 -34.46
N SER J 107 30.29 39.16 -35.06
CA SER J 107 29.32 38.28 -34.43
C SER J 107 29.75 36.82 -34.45
N SER J 108 30.98 36.51 -34.82
CA SER J 108 31.49 35.15 -34.85
C SER J 108 32.52 34.97 -33.76
N LEU J 109 32.70 33.71 -33.36
CA LEU J 109 33.74 33.39 -32.40
C LEU J 109 35.11 33.72 -32.99
N PHE J 110 36.12 33.63 -32.14
CA PHE J 110 37.50 33.90 -32.52
C PHE J 110 38.36 32.65 -32.43
N LEU J 111 37.80 31.51 -32.03
CA LEU J 111 38.57 30.30 -31.87
C LEU J 111 39.19 29.88 -33.20
N MET J 112 40.18 29.00 -33.11
CA MET J 112 41.06 28.69 -34.24
C MET J 112 40.77 27.28 -34.71
N ASN J 113 39.89 27.16 -35.70
CA ASN J 113 39.68 25.89 -36.34
C ASN J 113 40.95 25.52 -37.07
N ASN J 114 41.05 24.25 -37.46
CA ASN J 114 42.21 23.77 -38.20
C ASN J 114 42.49 24.67 -39.39
N ASP J 115 41.46 25.09 -40.11
CA ASP J 115 41.64 26.02 -41.22
C ASP J 115 42.11 27.39 -40.74
N MET J 116 41.54 27.91 -39.66
CA MET J 116 41.92 29.25 -39.23
C MET J 116 43.25 29.30 -38.52
N GLN J 117 44.06 28.25 -38.57
CA GLN J 117 45.46 28.33 -38.18
C GLN J 117 46.33 28.74 -39.36
N SER J 118 47.49 29.30 -39.04
CA SER J 118 48.38 29.83 -40.04
C SER J 118 49.06 28.71 -40.82
N ILE J 119 49.48 29.02 -42.04
CA ILE J 119 50.02 28.01 -42.94
C ILE J 119 51.35 27.48 -42.43
N ILE J 120 52.18 28.36 -41.85
CA ILE J 120 53.52 27.95 -41.46
C ILE J 120 53.49 26.89 -40.38
N ASN J 121 52.39 26.75 -39.66
CA ASN J 121 52.38 25.93 -38.45
C ASN J 121 52.66 24.49 -38.81
N MET J 122 53.89 24.04 -38.56
CA MET J 122 54.29 22.70 -38.91
C MET J 122 53.51 21.65 -38.13
N ASN J 123 53.01 22.00 -36.96
CA ASN J 123 52.28 21.03 -36.16
C ASN J 123 50.93 20.70 -36.77
N SER J 124 50.30 21.66 -37.43
CA SER J 124 48.93 21.49 -37.91
C SER J 124 48.81 20.45 -39.01
N TYR J 125 49.92 19.99 -39.59
CA TYR J 125 49.87 19.06 -40.70
C TYR J 125 49.95 17.61 -40.24
N PHE J 126 49.45 17.31 -39.05
CA PHE J 126 49.34 15.95 -38.54
C PHE J 126 47.87 15.54 -38.49
N MET J 127 47.65 14.28 -38.15
CA MET J 127 46.29 13.80 -37.95
C MET J 127 45.61 14.64 -36.88
N GLU J 128 44.37 15.05 -37.16
CA GLU J 128 43.76 16.14 -36.40
C GLU J 128 43.62 15.86 -34.91
N ASN J 129 43.51 14.58 -34.53
CA ASN J 129 43.37 14.19 -33.14
C ASN J 129 44.65 13.67 -32.54
N SER J 130 45.68 13.45 -33.35
CA SER J 130 46.92 12.91 -32.83
C SER J 130 47.46 13.78 -31.70
N LEU J 131 47.80 15.02 -32.02
CA LEU J 131 48.43 15.89 -31.04
C LEU J 131 47.47 16.40 -29.97
N SER J 132 46.16 16.33 -30.18
CA SER J 132 45.27 16.80 -29.14
C SER J 132 45.13 15.78 -28.02
N LEU J 133 44.92 14.52 -28.38
CA LEU J 133 44.69 13.45 -27.42
C LEU J 133 45.98 12.79 -26.99
N ASN J 134 47.13 13.40 -27.27
CA ASN J 134 48.41 12.77 -26.96
C ASN J 134 48.54 12.47 -25.49
N LYS J 135 48.35 13.48 -24.64
CA LYS J 135 48.69 13.36 -23.23
C LYS J 135 47.57 12.79 -22.38
N LEU J 136 46.48 12.34 -22.99
CA LEU J 136 45.53 11.50 -22.29
C LEU J 136 46.11 10.12 -22.02
N TYR J 137 47.20 9.74 -22.68
CA TYR J 137 47.77 8.41 -22.53
C TYR J 137 49.25 8.48 -22.16
N ASN J 138 49.97 9.46 -22.69
CA ASN J 138 51.37 9.61 -22.35
C ASN J 138 51.52 10.12 -20.93
N PHE J 139 52.52 9.60 -20.22
CA PHE J 139 52.74 10.03 -18.84
C PHE J 139 52.96 11.54 -18.78
N PRO J 140 52.86 12.15 -17.59
CA PRO J 140 52.38 11.56 -16.33
C PRO J 140 50.93 11.94 -16.06
N THR J 141 50.21 12.23 -17.14
CA THR J 141 48.83 12.67 -17.09
C THR J 141 47.87 11.60 -17.58
N ASN J 142 48.29 10.34 -17.60
CA ASN J 142 47.47 9.25 -18.09
C ASN J 142 46.83 8.45 -16.95
N PHE J 143 47.46 8.42 -15.78
CA PHE J 143 46.85 7.73 -14.66
C PHE J 143 45.45 8.23 -14.36
N ILE J 144 45.15 9.49 -14.68
CA ILE J 144 43.81 10.00 -14.44
C ILE J 144 42.80 9.22 -15.25
N THR J 145 43.18 8.73 -16.44
CA THR J 145 42.28 7.85 -17.16
C THR J 145 42.02 6.57 -16.37
N ILE J 146 43.06 6.05 -15.72
CA ILE J 146 42.88 4.89 -14.88
C ILE J 146 41.88 5.21 -13.77
N LEU J 147 41.96 6.42 -13.24
CA LEU J 147 40.98 6.84 -12.24
C LEU J 147 39.58 6.89 -12.85
N LEU J 148 39.47 7.29 -14.12
CA LEU J 148 38.16 7.33 -14.75
C LEU J 148 37.56 5.94 -14.83
N MET J 149 38.33 4.98 -15.33
CA MET J 149 37.77 3.66 -15.52
C MET J 149 37.39 3.02 -14.18
N ASN J 150 38.23 3.18 -13.16
CA ASN J 150 37.88 2.65 -11.86
C ASN J 150 36.70 3.40 -11.26
N TYR J 151 36.63 4.71 -11.48
CA TYR J 151 35.44 5.47 -11.10
C TYR J 151 34.20 4.84 -11.71
N LEU J 152 34.27 4.49 -12.98
CA LEU J 152 33.12 3.86 -13.63
C LEU J 152 32.87 2.48 -13.05
N LEU J 153 33.93 1.72 -12.77
CA LEU J 153 33.75 0.45 -12.08
C LEU J 153 33.02 0.66 -10.76
N ILE J 154 33.52 1.62 -9.96
CA ILE J 154 32.89 1.91 -8.68
C ILE J 154 31.47 2.40 -8.89
N THR J 155 31.22 3.11 -9.98
CA THR J 155 29.87 3.57 -10.27
C THR J 155 28.92 2.39 -10.38
N LEU J 156 29.36 1.30 -11.00
CA LEU J 156 28.53 0.11 -11.11
C LEU J 156 28.35 -0.55 -9.75
N ILE J 157 29.39 -0.54 -8.92
CA ILE J 157 29.22 -1.07 -7.57
C ILE J 157 28.18 -0.26 -6.83
N VAL J 158 28.12 1.04 -7.10
CA VAL J 158 27.12 1.88 -6.45
C VAL J 158 25.73 1.59 -7.01
N ILE J 159 25.61 1.42 -8.32
CA ILE J 159 24.27 1.30 -8.90
C ILE J 159 23.62 0.02 -8.39
N VAL J 160 24.38 -1.08 -8.35
CA VAL J 160 23.88 -2.32 -7.81
C VAL J 160 23.64 -2.26 -6.31
N LYS J 161 24.15 -1.22 -5.65
CA LYS J 161 23.88 -1.01 -4.23
C LYS J 161 22.64 -0.17 -4.00
N ILE J 162 22.23 0.63 -4.98
CA ILE J 162 21.08 1.50 -4.84
C ILE J 162 19.91 0.85 -5.56
N THR J 163 20.17 0.27 -6.72
CA THR J 163 19.16 -0.38 -7.52
C THR J 163 18.85 -1.78 -7.04
N LYS J 164 19.31 -2.15 -5.85
CA LYS J 164 19.07 -3.49 -5.33
C LYS J 164 18.44 -3.35 -3.96
N LEU J 165 17.40 -2.54 -3.86
CA LEU J 165 16.64 -2.39 -2.62
C LEU J 165 15.60 -3.50 -2.58
N PHE J 166 16.01 -4.65 -2.07
CA PHE J 166 15.16 -5.83 -1.84
C PHE J 166 14.49 -6.35 -3.10
N LYS J 167 14.88 -5.85 -4.27
CA LYS J 167 14.31 -6.31 -5.52
C LYS J 167 15.02 -5.56 -6.64
N MET K 1 32.11 44.31 -25.77
CA MET K 1 32.48 43.52 -24.60
C MET K 1 32.66 42.07 -24.98
N ILE K 2 33.76 41.47 -24.51
CA ILE K 2 34.08 40.10 -24.92
C ILE K 2 33.01 39.14 -24.42
N MET K 3 32.73 39.17 -23.12
CA MET K 3 31.77 38.22 -22.57
C MET K 3 30.39 38.44 -23.15
N ILE K 4 30.00 39.69 -23.38
CA ILE K 4 28.66 39.97 -23.87
C ILE K 4 28.44 39.40 -25.25
N LEU K 5 29.48 39.35 -26.08
CA LEU K 5 29.33 38.82 -27.43
C LEU K 5 29.69 37.35 -27.54
N TYR K 6 30.49 36.82 -26.63
CA TYR K 6 31.00 35.46 -26.75
C TYR K 6 30.50 34.55 -25.65
N TRP K 7 30.69 34.92 -24.39
CA TRP K 7 30.28 34.08 -23.26
C TRP K 7 28.89 34.43 -22.78
N SER K 8 28.13 35.22 -23.54
CA SER K 8 26.81 35.64 -23.10
C SER K 8 25.80 34.52 -23.29
N LEU K 9 25.70 34.00 -24.51
CA LEU K 9 24.77 32.90 -24.78
C LEU K 9 24.89 31.78 -23.77
N PRO K 10 26.09 31.30 -23.41
CA PRO K 10 26.17 30.29 -22.35
C PRO K 10 25.57 30.74 -21.03
N MET K 11 25.76 32.00 -20.65
CA MET K 11 25.14 32.50 -19.42
C MET K 11 23.63 32.43 -19.48
N ILE K 12 23.05 33.00 -20.53
CA ILE K 12 21.59 33.13 -20.58
C ILE K 12 20.97 31.75 -20.48
N LEU K 13 21.51 30.79 -21.21
CA LEU K 13 21.01 29.42 -21.12
C LEU K 13 21.24 28.85 -19.73
N PHE K 14 22.42 29.08 -19.14
CA PHE K 14 22.69 28.48 -17.85
C PHE K 14 21.71 28.99 -16.79
N ILE K 15 21.45 30.29 -16.77
CA ILE K 15 20.54 30.81 -15.76
C ILE K 15 19.13 30.27 -15.99
N LEU K 16 18.70 30.20 -17.25
CA LEU K 16 17.37 29.67 -17.53
C LEU K 16 17.27 28.24 -17.04
N GLY K 17 18.36 27.47 -17.17
CA GLY K 17 18.33 26.11 -16.67
C GLY K 17 18.09 26.05 -15.18
N LEU K 18 18.77 26.90 -14.43
CA LEU K 18 18.63 26.86 -12.97
C LEU K 18 17.21 27.22 -12.56
N PHE K 19 16.62 28.24 -13.19
CA PHE K 19 15.28 28.64 -12.81
C PHE K 19 14.30 27.50 -13.03
N CYS K 20 14.42 26.81 -14.16
CA CYS K 20 13.61 25.62 -14.39
C CYS K 20 13.92 24.53 -13.37
N PHE K 21 15.12 24.56 -12.80
CA PHE K 21 15.48 23.57 -11.78
C PHE K 21 14.79 23.86 -10.45
N VAL K 22 14.36 25.10 -10.22
CA VAL K 22 13.71 25.49 -8.97
C VAL K 22 12.24 25.82 -9.19
N SER K 23 11.67 25.45 -10.33
CA SER K 23 10.27 25.70 -10.62
C SER K 23 9.42 24.60 -9.99
N ASN K 24 8.17 24.50 -10.41
CA ASN K 24 7.20 23.56 -9.86
C ASN K 24 6.93 22.44 -10.86
N ARG K 25 7.11 21.20 -10.42
CA ARG K 25 6.97 20.03 -11.28
C ARG K 25 6.36 18.88 -10.50
N LYS K 26 5.49 18.11 -11.16
CA LYS K 26 4.72 17.08 -10.48
C LYS K 26 5.62 16.09 -9.77
N HIS K 27 6.66 15.62 -10.44
CA HIS K 27 7.70 14.80 -9.84
C HIS K 27 9.04 15.50 -10.06
N LEU K 28 10.10 14.80 -9.67
CA LEU K 28 11.45 15.33 -9.79
C LEU K 28 12.06 15.09 -11.15
N LEU K 29 11.39 14.34 -12.03
CA LEU K 29 11.99 14.02 -13.32
C LEU K 29 12.28 15.29 -14.10
N SER K 30 11.38 16.26 -14.06
CA SER K 30 11.62 17.51 -14.76
C SER K 30 12.85 18.21 -14.20
N MET K 31 13.08 18.08 -12.90
CA MET K 31 14.29 18.65 -12.31
C MET K 31 15.54 17.96 -12.88
N LEU K 32 15.60 16.64 -12.81
CA LEU K 32 16.76 15.92 -13.33
C LEU K 32 17.00 16.27 -14.78
N LEU K 33 15.93 16.31 -15.56
CA LEU K 33 16.07 16.72 -16.93
C LEU K 33 16.53 18.17 -17.03
N SER K 34 16.10 19.02 -16.10
CA SER K 34 16.54 20.40 -16.12
C SER K 34 18.04 20.50 -15.90
N LEU K 35 18.54 19.88 -14.83
CA LEU K 35 19.98 19.89 -14.60
C LEU K 35 20.73 19.23 -15.74
N GLU K 36 20.07 18.34 -16.47
CA GLU K 36 20.77 17.67 -17.56
C GLU K 36 21.04 18.65 -18.69
N PHE K 37 20.04 19.46 -19.04
CA PHE K 37 20.28 20.57 -19.95
C PHE K 37 21.41 21.46 -19.45
N ILE K 38 21.47 21.70 -18.14
CA ILE K 38 22.53 22.54 -17.60
C ILE K 38 23.89 21.91 -17.86
N VAL K 39 23.97 20.58 -17.78
CA VAL K 39 25.23 19.91 -18.03
C VAL K 39 25.69 20.18 -19.46
N LEU K 40 24.77 20.10 -20.42
CA LEU K 40 25.14 20.40 -21.80
C LEU K 40 25.66 21.82 -21.90
N MET K 41 25.00 22.77 -21.25
CA MET K 41 25.52 24.12 -21.23
C MET K 41 26.84 24.18 -20.48
N LEU K 42 26.92 23.47 -19.35
CA LEU K 42 28.20 23.39 -18.65
C LEU K 42 29.28 22.90 -19.58
N PHE K 43 28.98 21.89 -20.38
CA PHE K 43 29.96 21.45 -21.37
C PHE K 43 30.27 22.58 -22.33
N PHE K 44 29.25 23.36 -22.69
CA PHE K 44 29.48 24.41 -23.67
C PHE K 44 30.47 25.43 -23.16
N MET K 45 30.30 25.91 -21.92
CA MET K 45 31.27 26.85 -21.37
C MET K 45 32.64 26.18 -21.29
N LEU K 46 32.66 24.93 -20.84
CA LEU K 46 33.93 24.26 -20.65
C LEU K 46 34.68 24.13 -21.97
N PHE K 47 33.98 23.78 -23.05
CA PHE K 47 34.69 23.52 -24.29
C PHE K 47 35.26 24.80 -24.88
N ILE K 48 34.50 25.89 -24.84
CA ILE K 48 35.01 27.13 -25.42
C ILE K 48 36.28 27.56 -24.69
N TYR K 49 36.34 27.34 -23.38
CA TYR K 49 37.60 27.53 -22.69
C TYR K 49 38.65 26.52 -23.13
N LEU K 50 38.31 25.24 -23.15
CA LEU K 50 39.35 24.27 -23.52
C LEU K 50 39.81 24.53 -24.95
N ASN K 51 38.95 25.12 -25.78
CA ASN K 51 39.36 25.55 -27.10
C ASN K 51 40.32 26.73 -27.07
N MET K 52 40.28 27.59 -26.04
CA MET K 52 41.33 28.60 -25.90
C MET K 52 42.70 27.95 -25.82
N LEU K 53 42.74 26.67 -25.52
CA LEU K 53 43.91 25.98 -25.05
C LEU K 53 44.28 24.98 -26.13
N ASN K 54 45.58 24.89 -26.45
CA ASN K 54 45.96 24.17 -27.66
C ASN K 54 45.65 22.69 -27.56
N TYR K 55 46.06 22.04 -26.48
CA TYR K 55 45.87 20.61 -26.30
C TYR K 55 45.11 20.24 -25.05
N GLU K 56 44.97 21.16 -24.10
CA GLU K 56 44.18 20.87 -22.90
C GLU K 56 42.76 20.46 -23.25
N SER K 57 42.36 20.64 -24.53
CA SER K 57 41.10 20.16 -25.08
C SER K 57 40.59 18.84 -24.52
N TYR K 58 41.49 17.87 -24.33
CA TYR K 58 41.03 16.53 -24.01
C TYR K 58 40.23 16.46 -22.72
N PHE K 59 40.33 17.46 -21.85
CA PHE K 59 39.60 17.43 -20.59
C PHE K 59 38.10 17.25 -20.75
N SER K 60 37.56 17.35 -21.97
CA SER K 60 36.15 17.05 -22.18
C SER K 60 35.76 15.72 -21.59
N MET K 61 36.55 14.67 -21.88
CA MET K 61 36.19 13.34 -21.40
C MET K 61 36.06 13.32 -19.88
N MET K 62 37.04 13.90 -19.18
CA MET K 62 36.97 13.93 -17.73
C MET K 62 35.65 14.51 -17.26
N PHE K 63 35.28 15.67 -17.80
CA PHE K 63 34.00 16.25 -17.41
C PHE K 63 32.84 15.38 -17.85
N LEU K 64 32.89 14.85 -19.07
CA LEU K 64 31.78 14.03 -19.54
C LEU K 64 31.64 12.76 -18.73
N THR K 65 32.74 12.08 -18.45
CA THR K 65 32.66 10.85 -17.67
C THR K 65 32.04 11.13 -16.32
N PHE K 66 32.46 12.22 -15.67
CA PHE K 66 31.89 12.55 -14.38
C PHE K 66 30.42 12.93 -14.50
N SER K 67 30.07 13.70 -15.52
CA SER K 67 28.72 14.22 -15.61
C SER K 67 27.70 13.10 -15.80
N VAL K 68 27.99 12.15 -16.69
CA VAL K 68 27.06 11.06 -16.91
C VAL K 68 26.88 10.26 -15.64
N CYS K 69 27.93 10.15 -14.82
CA CYS K 69 27.80 9.44 -13.56
C CYS K 69 26.82 10.13 -12.63
N GLU K 70 26.82 11.46 -12.62
CA GLU K 70 25.81 12.18 -11.83
C GLU K 70 24.41 11.81 -12.30
N GLY K 71 24.19 11.85 -13.61
CA GLY K 71 22.89 11.47 -14.12
C GLY K 71 22.50 10.06 -13.74
N ALA K 72 23.43 9.12 -13.89
CA ALA K 72 23.16 7.74 -13.52
C ALA K 72 22.80 7.63 -12.05
N LEU K 73 23.59 8.28 -11.18
CA LEU K 73 23.22 8.31 -9.78
C LEU K 73 21.86 8.95 -9.61
N GLY K 74 21.58 10.01 -10.36
CA GLY K 74 20.28 10.65 -10.25
C GLY K 74 19.15 9.69 -10.57
N LEU K 75 19.22 9.02 -11.71
CA LEU K 75 18.20 8.05 -12.05
C LEU K 75 18.21 6.89 -11.06
N SER K 76 19.38 6.54 -10.54
CA SER K 76 19.46 5.43 -9.60
C SER K 76 18.56 5.67 -8.39
N ILE K 77 18.75 6.80 -7.72
CA ILE K 77 18.00 7.03 -6.49
C ILE K 77 16.52 7.21 -6.80
N LEU K 78 16.18 7.92 -7.88
CA LEU K 78 14.78 8.04 -8.25
C LEU K 78 14.14 6.69 -8.48
N VAL K 79 14.77 5.82 -9.28
CA VAL K 79 14.07 4.59 -9.64
C VAL K 79 13.91 3.70 -8.42
N SER K 80 14.95 3.62 -7.58
CA SER K 80 14.78 2.90 -6.31
C SER K 80 13.66 3.51 -5.48
N MET K 81 13.39 4.80 -5.67
CA MET K 81 12.42 5.47 -4.83
C MET K 81 11.00 5.14 -5.22
N ILE K 82 10.71 5.09 -6.53
CA ILE K 82 9.41 4.59 -6.98
C ILE K 82 9.19 3.20 -6.41
N ARG K 83 10.20 2.36 -6.57
CA ARG K 83 10.12 0.99 -6.11
C ARG K 83 9.87 0.90 -4.61
N THR K 84 10.48 1.79 -3.82
CA THR K 84 10.19 1.80 -2.39
C THR K 84 8.74 2.15 -2.09
N HIS K 85 8.33 3.38 -2.39
CA HIS K 85 7.01 3.85 -2.03
C HIS K 85 5.95 3.48 -3.04
N GLY K 86 6.31 2.78 -4.12
CA GLY K 86 5.42 2.68 -5.25
C GLY K 86 5.25 3.99 -5.98
N ASN K 87 6.07 5.00 -5.67
CA ASN K 87 6.02 6.29 -6.31
C ASN K 87 7.14 7.18 -5.79
N ASP K 88 7.65 8.09 -6.63
CA ASP K 88 8.63 9.08 -6.22
C ASP K 88 8.08 10.47 -6.45
N TYR K 89 6.83 10.67 -6.09
CA TYR K 89 6.10 11.84 -6.50
C TYR K 89 6.30 12.93 -5.45
N PHE K 90 6.39 14.18 -5.89
CA PHE K 90 6.73 15.24 -4.96
C PHE K 90 5.70 15.39 -3.85
N GLN K 91 4.47 14.91 -4.08
CA GLN K 91 3.48 14.90 -3.00
C GLN K 91 3.93 14.08 -1.82
N SER K 92 4.85 13.13 -2.04
CA SER K 92 5.43 12.31 -0.98
C SER K 92 6.53 13.05 -0.20
N PHE K 93 6.61 14.37 -0.32
CA PHE K 93 7.75 15.13 0.19
C PHE K 93 7.32 16.48 0.75
N MET L 1 28.11 29.19 90.07
CA MET L 1 26.77 29.12 89.51
C MET L 1 26.27 27.67 89.44
N LYS L 2 26.69 26.86 90.41
CA LYS L 2 26.23 25.49 90.53
C LYS L 2 25.81 25.17 91.96
N TYR L 3 26.37 25.87 92.93
CA TYR L 3 26.03 25.69 94.33
C TYR L 3 25.63 26.96 95.04
N LEU L 4 25.93 28.13 94.49
CA LEU L 4 25.59 29.40 95.10
C LEU L 4 24.84 30.25 94.08
N SER L 5 23.92 31.07 94.58
CA SER L 5 23.14 31.94 93.71
C SER L 5 24.07 32.85 92.91
N ILE L 6 23.80 32.96 91.61
CA ILE L 6 24.58 33.85 90.78
C ILE L 6 24.55 35.26 91.33
N CYS L 7 23.43 35.64 91.96
CA CYS L 7 23.34 36.97 92.57
C CYS L 7 24.45 37.15 93.59
N SER L 8 24.68 36.14 94.43
CA SER L 8 25.81 36.19 95.35
C SER L 8 27.12 36.29 94.59
N ILE L 9 27.26 35.50 93.52
CA ILE L 9 28.55 35.40 92.85
C ILE L 9 28.98 36.76 92.30
N SER L 10 28.08 37.43 91.59
CA SER L 10 28.42 38.73 91.01
C SER L 10 28.47 39.81 92.09
N PHE L 11 27.50 39.78 93.01
CA PHE L 11 27.37 40.83 94.01
C PHE L 11 28.69 41.08 94.74
N VAL L 12 29.29 40.02 95.25
CA VAL L 12 30.47 40.16 96.10
C VAL L 12 31.62 40.75 95.32
N ASN L 13 31.88 40.22 94.13
CA ASN L 13 32.99 40.77 93.35
C ASN L 13 32.69 42.19 92.89
N LEU L 14 31.42 42.52 92.65
CA LEU L 14 31.09 43.89 92.25
C LEU L 14 31.37 44.87 93.38
N ILE L 15 30.91 44.58 94.60
CA ILE L 15 31.19 45.49 95.70
C ILE L 15 32.71 45.59 95.91
N SER L 16 33.41 44.47 95.80
CA SER L 16 34.86 44.49 95.97
C SER L 16 35.53 45.36 94.92
N MET L 17 35.12 45.23 93.66
CA MET L 17 35.77 45.97 92.59
C MET L 17 35.56 47.47 92.74
N SER L 18 34.33 47.90 93.02
CA SER L 18 34.05 49.33 92.97
C SER L 18 34.60 50.06 94.18
N LEU L 19 34.62 49.43 95.35
CA LEU L 19 35.31 50.04 96.48
C LEU L 19 36.77 50.29 96.15
N SER L 20 37.41 49.33 95.47
CA SER L 20 38.76 49.57 94.98
C SER L 20 38.79 50.75 94.02
N CYS L 21 37.82 50.81 93.10
CA CYS L 21 37.77 51.95 92.19
C CYS L 21 37.54 53.24 92.95
N PHE L 22 36.64 53.22 93.94
CA PHE L 22 36.37 54.43 94.71
C PHE L 22 37.62 54.95 95.37
N LEU L 23 38.36 54.08 96.05
CA LEU L 23 39.57 54.50 96.75
C LEU L 23 40.63 55.00 95.77
N LEU L 24 40.76 54.34 94.62
CA LEU L 24 41.66 54.86 93.60
C LEU L 24 41.21 56.23 93.12
N SER L 25 39.91 56.48 93.07
CA SER L 25 39.44 57.80 92.67
C SER L 25 39.96 58.86 93.63
N LEU L 26 39.94 58.57 94.93
CA LEU L 26 40.49 59.50 95.90
C LEU L 26 41.96 59.78 95.60
N TYR L 27 42.72 58.72 95.33
CA TYR L 27 44.12 58.89 95.01
C TYR L 27 44.30 59.82 93.83
N PHE L 28 43.46 59.66 92.81
CA PHE L 28 43.53 60.54 91.66
C PHE L 28 43.21 61.97 92.06
N LEU L 29 42.28 62.16 93.00
CA LEU L 29 41.89 63.52 93.39
C LEU L 29 42.98 64.19 94.22
N LEU L 30 43.57 63.46 95.16
CA LEU L 30 44.58 64.06 96.03
C LEU L 30 45.86 64.35 95.28
N ASN L 31 46.11 63.66 94.17
CA ASN L 31 47.26 63.92 93.33
C ASN L 31 46.91 64.63 92.03
N ASP L 32 45.65 64.58 91.61
CA ASP L 32 45.22 65.15 90.34
C ASP L 32 46.02 64.58 89.18
N MET L 33 45.93 63.27 89.02
CA MET L 33 46.58 62.55 87.95
C MET L 33 45.57 62.26 86.83
N ILE L 34 46.09 62.08 85.63
CA ILE L 34 45.28 61.66 84.48
C ILE L 34 46.14 60.73 83.65
N TYR L 35 45.84 59.44 83.70
CA TYR L 35 46.57 58.45 82.91
C TYR L 35 45.80 58.15 81.63
N PHE L 36 46.56 57.86 80.57
CA PHE L 36 46.01 57.69 79.24
C PHE L 36 46.65 56.46 78.59
N ILE L 37 46.61 55.33 79.30
CA ILE L 37 47.20 54.10 78.76
C ILE L 37 46.63 53.81 77.38
N GLU L 38 47.47 53.30 76.49
CA GLU L 38 47.15 53.10 75.09
C GLU L 38 47.77 51.82 74.56
N TRP L 39 46.99 51.05 73.79
CA TRP L 39 47.47 49.85 73.13
C TRP L 39 47.03 49.89 71.67
N GLU L 40 47.98 50.10 70.77
CA GLU L 40 47.66 50.32 69.36
C GLU L 40 47.46 48.99 68.64
N LEU L 41 46.63 49.02 67.59
CA LEU L 41 46.30 47.85 66.80
C LEU L 41 46.98 47.87 65.45
N VAL L 42 46.70 48.90 64.64
CA VAL L 42 47.26 49.06 63.31
C VAL L 42 47.52 50.53 63.10
N SER L 43 48.18 50.85 61.99
CA SER L 43 48.46 52.24 61.67
C SER L 43 48.79 52.33 60.19
N LEU L 44 47.99 53.08 59.44
CA LEU L 44 48.25 53.26 58.02
C LEU L 44 48.00 54.70 57.64
N ASN L 45 48.75 55.17 56.65
CA ASN L 45 48.65 56.54 56.18
C ASN L 45 48.92 57.53 57.29
N SER L 46 49.74 57.14 58.27
CA SER L 46 50.14 57.95 59.41
C SER L 46 49.07 58.02 60.49
N MET L 47 47.96 57.31 60.37
CA MET L 47 46.98 57.30 61.43
C MET L 47 47.28 56.13 62.34
N SER L 48 46.84 56.23 63.60
CA SER L 48 47.11 55.20 64.59
C SER L 48 45.79 54.78 65.22
N ILE L 49 45.31 53.60 64.87
CA ILE L 49 44.12 53.04 65.49
C ILE L 49 44.50 52.44 66.82
N VAL L 50 43.87 52.90 67.89
CA VAL L 50 44.36 52.67 69.24
C VAL L 50 43.20 52.40 70.18
N MET L 51 43.34 51.37 71.00
CA MET L 51 42.43 51.13 72.11
C MET L 51 43.00 51.86 73.32
N THR L 52 42.28 52.86 73.80
CA THR L 52 42.76 53.75 74.85
C THR L 52 41.82 53.69 76.04
N PHE L 53 42.40 53.69 77.23
CA PHE L 53 41.65 53.85 78.47
C PHE L 53 42.23 55.04 79.21
N LEU L 54 41.42 56.06 79.43
CA LEU L 54 41.81 57.22 80.23
C LEU L 54 41.27 57.05 81.64
N PHE L 55 42.14 57.21 82.62
CA PHE L 55 41.77 57.08 84.02
C PHE L 55 41.87 58.45 84.66
N ASP L 56 40.75 58.94 85.16
CA ASP L 56 40.70 60.20 85.87
C ASP L 56 39.71 60.06 87.02
N TRP L 57 39.78 60.99 87.96
CA TRP L 57 38.88 60.96 89.10
C TRP L 57 37.42 60.96 88.65
N MET L 58 37.12 61.70 87.58
CA MET L 58 35.76 61.73 87.06
C MET L 58 35.31 60.33 86.67
N SER L 59 36.00 59.71 85.71
CA SER L 59 35.57 58.40 85.21
C SER L 59 35.55 57.37 86.32
N LEU L 60 36.61 57.33 87.14
CA LEU L 60 36.71 56.32 88.18
C LEU L 60 35.56 56.45 89.17
N LEU L 61 35.30 57.68 89.62
CA LEU L 61 34.16 57.89 90.51
C LEU L 61 32.87 57.49 89.81
N PHE L 62 32.72 57.88 88.54
CA PHE L 62 31.48 57.58 87.84
C PHE L 62 31.24 56.08 87.79
N MET L 63 32.22 55.33 87.31
CA MET L 63 32.04 53.88 87.23
C MET L 63 31.87 53.29 88.61
N SER L 64 32.48 53.90 89.63
CA SER L 64 32.31 53.41 90.99
C SER L 64 30.84 53.36 91.37
N PHE L 65 30.19 54.52 91.40
CA PHE L 65 28.80 54.58 91.82
C PHE L 65 27.93 53.74 90.92
N VAL L 66 28.18 53.80 89.61
CA VAL L 66 27.48 52.94 88.67
C VAL L 66 27.49 51.50 89.17
N LEU L 67 28.59 51.09 89.78
CA LEU L 67 28.80 49.68 90.02
C LEU L 67 28.39 49.25 91.44
N MET L 68 28.44 50.12 92.44
CA MET L 68 27.70 49.79 93.66
C MET L 68 26.23 49.64 93.35
N ILE L 69 25.67 50.57 92.58
CA ILE L 69 24.26 50.45 92.21
C ILE L 69 24.04 49.19 91.41
N SER L 70 25.01 48.80 90.59
CA SER L 70 24.91 47.52 89.91
C SER L 70 24.78 46.39 90.92
N SER L 71 25.64 46.39 91.94
CA SER L 71 25.60 45.33 92.94
C SER L 71 24.26 45.31 93.66
N LEU L 72 23.79 46.48 94.09
CA LEU L 72 22.52 46.51 94.82
C LEU L 72 21.35 46.16 93.92
N VAL L 73 21.43 46.51 92.65
CA VAL L 73 20.36 46.16 91.71
C VAL L 73 20.26 44.65 91.60
N ILE L 74 21.38 43.97 91.40
CA ILE L 74 21.34 42.52 91.23
C ILE L 74 20.89 41.86 92.52
N PHE L 75 21.29 42.40 93.67
CA PHE L 75 20.83 41.86 94.94
C PHE L 75 19.32 41.95 95.06
N TYR L 76 18.74 43.08 94.66
CA TYR L 76 17.28 43.18 94.61
C TYR L 76 16.71 42.14 93.66
N SER L 77 17.36 41.95 92.51
CA SER L 77 16.89 40.94 91.57
C SER L 77 16.91 39.55 92.19
N LYS L 78 17.72 39.35 93.23
CA LYS L 78 17.81 38.06 93.87
C LYS L 78 16.45 37.57 94.36
N GLU L 79 15.54 38.50 94.65
CA GLU L 79 14.16 38.16 94.99
C GLU L 79 13.19 38.48 93.87
N TYR L 80 13.33 39.63 93.21
CA TYR L 80 12.38 40.00 92.17
C TYR L 80 12.36 38.99 91.03
N MET L 81 13.42 38.18 90.89
CA MET L 81 13.45 37.07 89.95
C MET L 81 13.32 35.73 90.65
N MET L 82 12.79 35.72 91.88
CA MET L 82 12.78 34.52 92.70
C MET L 82 12.21 33.32 91.95
N ASN L 83 11.15 33.54 91.17
CA ASN L 83 10.36 32.47 90.59
C ASN L 83 10.39 32.54 89.08
N ASP L 84 11.46 33.12 88.52
CA ASP L 84 11.59 33.28 87.09
C ASP L 84 12.49 32.19 86.53
N ASN L 85 12.20 31.77 85.30
CA ASN L 85 13.14 30.99 84.53
C ASN L 85 14.11 31.93 83.82
N HIS L 86 15.29 31.41 83.50
CA HIS L 86 16.32 32.19 82.84
C HIS L 86 16.83 33.32 83.73
N ILE L 87 16.92 33.06 85.04
CA ILE L 87 17.55 34.02 85.93
C ILE L 87 19.01 34.18 85.56
N ASN L 88 19.71 33.07 85.33
CA ASN L 88 21.12 33.14 84.99
C ASN L 88 21.30 33.93 83.69
N ARG L 89 20.47 33.65 82.69
CA ARG L 89 20.46 34.45 81.47
C ARG L 89 20.35 35.92 81.82
N PHE L 90 19.42 36.26 82.70
CA PHE L 90 19.22 37.64 83.08
C PHE L 90 20.48 38.25 83.69
N ILE L 91 21.18 37.47 84.52
CA ILE L 91 22.27 38.05 85.30
C ILE L 91 23.50 38.30 84.44
N MET L 92 23.91 37.33 83.61
CA MET L 92 25.08 37.58 82.77
C MET L 92 24.86 38.78 81.86
N LEU L 93 23.62 39.00 81.40
CA LEU L 93 23.32 40.20 80.66
C LEU L 93 23.61 41.45 81.47
N VAL L 94 23.22 41.44 82.75
CA VAL L 94 23.49 42.58 83.62
C VAL L 94 24.98 42.87 83.66
N LEU L 95 25.79 41.82 83.77
CA LEU L 95 27.24 42.02 83.80
C LEU L 95 27.73 42.63 82.49
N MET L 96 27.18 42.17 81.37
CA MET L 96 27.59 42.71 80.08
C MET L 96 27.28 44.20 80.00
N PHE L 97 26.12 44.61 80.52
CA PHE L 97 25.87 46.03 80.70
C PHE L 97 27.01 46.70 81.46
N VAL L 98 27.36 46.14 82.62
CA VAL L 98 28.35 46.77 83.48
C VAL L 98 29.68 46.86 82.76
N LEU L 99 30.10 45.77 82.11
CA LEU L 99 31.37 45.78 81.41
C LEU L 99 31.34 46.78 80.26
N SER L 100 30.28 46.73 79.45
CA SER L 100 30.16 47.67 78.35
C SER L 100 30.13 49.11 78.86
N MET L 101 29.50 49.34 80.01
CA MET L 101 29.49 50.68 80.59
C MET L 101 30.89 51.11 80.99
N MET L 102 31.65 50.21 81.64
CA MET L 102 33.03 50.54 82.00
C MET L 102 33.78 51.06 80.79
N LEU L 103 33.72 50.31 79.70
CA LEU L 103 34.49 50.66 78.52
C LEU L 103 34.01 51.99 77.94
N LEU L 104 32.70 52.18 77.87
CA LEU L 104 32.17 53.41 77.29
C LEU L 104 32.59 54.62 78.12
N ILE L 105 32.51 54.52 79.44
CA ILE L 105 32.87 55.64 80.29
C ILE L 105 34.34 55.97 80.10
N ILE L 106 35.21 54.97 80.27
CA ILE L 106 36.64 55.19 80.27
C ILE L 106 37.14 55.61 78.89
N SER L 107 36.40 55.26 77.83
CA SER L 107 36.86 55.50 76.47
C SER L 107 37.24 56.96 76.25
N PRO L 108 38.52 57.28 76.08
CA PRO L 108 38.90 58.66 75.70
C PRO L 108 39.09 58.86 74.21
N ASN L 109 38.91 57.82 73.42
CA ASN L 109 39.09 57.86 71.98
C ASN L 109 37.75 57.55 71.34
N LEU L 110 37.45 58.24 70.24
CA LEU L 110 36.17 58.05 69.58
C LEU L 110 35.93 56.59 69.22
N ILE L 111 36.97 55.88 68.81
CA ILE L 111 36.81 54.46 68.46
C ILE L 111 36.48 53.65 69.70
N SER L 112 37.22 53.87 70.78
CA SER L 112 36.91 53.17 72.03
C SER L 112 35.49 53.45 72.48
N ILE L 113 35.05 54.71 72.33
CA ILE L 113 33.66 55.04 72.64
C ILE L 113 32.73 54.19 71.79
N LEU L 114 33.03 54.08 70.49
CA LEU L 114 32.15 53.35 69.60
C LEU L 114 32.01 51.90 70.03
N LEU L 115 33.10 51.33 70.55
CA LEU L 115 33.01 49.99 71.11
C LEU L 115 31.92 49.93 72.17
N GLY L 116 32.07 50.72 73.23
CA GLY L 116 31.09 50.69 74.30
C GLY L 116 29.71 51.12 73.83
N TRP L 117 29.64 52.14 72.98
CA TRP L 117 28.36 52.74 72.64
C TRP L 117 27.40 51.71 72.07
N ASP L 118 27.71 51.16 70.91
CA ASP L 118 26.85 50.13 70.36
C ASP L 118 26.88 48.88 71.21
N GLY L 119 27.90 48.71 72.05
CA GLY L 119 27.88 47.65 73.03
C GLY L 119 26.75 47.84 74.03
N LEU L 120 26.56 49.07 74.49
CA LEU L 120 25.40 49.36 75.33
C LEU L 120 24.12 49.02 74.58
N GLY L 121 24.01 49.50 73.34
CA GLY L 121 22.86 49.13 72.52
C GLY L 121 22.78 47.64 72.30
N LEU L 122 23.93 46.99 72.17
CA LEU L 122 23.93 45.56 71.88
C LEU L 122 23.27 44.78 72.99
N VAL L 123 23.57 45.12 74.25
CA VAL L 123 22.90 44.46 75.37
C VAL L 123 21.59 45.15 75.72
N SER L 124 21.44 46.42 75.35
CA SER L 124 20.19 47.12 75.65
C SER L 124 19.01 46.39 75.03
N TYR L 125 19.17 45.93 73.79
CA TYR L 125 18.10 45.18 73.15
C TYR L 125 17.82 43.88 73.91
N CYS L 126 18.88 43.22 74.38
CA CYS L 126 18.71 41.91 74.99
C CYS L 126 17.84 41.99 76.24
N LEU L 127 18.18 42.88 77.18
CA LEU L 127 17.45 42.91 78.43
C LEU L 127 16.15 43.67 78.34
N VAL L 128 15.86 44.35 77.23
CA VAL L 128 14.53 44.89 77.00
C VAL L 128 13.61 43.84 76.40
N ILE L 129 14.16 43.01 75.52
CA ILE L 129 13.38 41.96 74.87
C ILE L 129 13.36 40.72 75.76
N TYR L 130 13.79 40.87 77.01
CA TYR L 130 13.88 39.71 77.89
C TYR L 130 12.57 38.95 77.96
N PHE L 131 11.46 39.64 78.23
CA PHE L 131 10.19 38.96 78.24
C PHE L 131 9.79 38.61 76.81
N GLN L 132 8.68 37.88 76.68
CA GLN L 132 8.22 37.41 75.38
C GLN L 132 6.82 37.94 75.06
N ASN L 133 6.49 39.10 75.59
CA ASN L 133 5.23 39.77 75.30
C ASN L 133 5.43 40.81 74.20
N ILE L 134 4.41 40.99 73.38
CA ILE L 134 4.59 41.77 72.15
C ILE L 134 4.99 43.20 72.46
N LYS L 135 4.62 43.71 73.63
CA LYS L 135 5.08 45.03 74.00
C LYS L 135 6.59 45.08 74.09
N SER L 136 7.21 44.04 74.66
CA SER L 136 8.67 44.01 74.74
C SER L 136 9.29 43.99 73.36
N TYR L 137 8.71 43.22 72.44
CA TYR L 137 9.09 43.30 71.04
C TYR L 137 9.12 44.75 70.59
N ASN L 138 7.98 45.42 70.68
CA ASN L 138 7.89 46.80 70.20
C ASN L 138 8.84 47.71 70.96
N ALA L 139 8.88 47.56 72.29
CA ALA L 139 9.65 48.50 73.09
C ALA L 139 11.14 48.40 72.78
N GLY L 140 11.69 47.19 72.86
CA GLY L 140 13.12 47.03 72.62
C GLY L 140 13.50 47.41 71.21
N MET L 141 12.72 46.96 70.23
CA MET L 141 13.03 47.22 68.84
C MET L 141 13.04 48.71 68.55
N LEU L 142 12.14 49.46 69.17
CA LEU L 142 12.19 50.91 69.05
C LEU L 142 13.47 51.45 69.66
N THR L 143 13.79 51.01 70.89
CA THR L 143 14.97 51.55 71.57
C THR L 143 16.24 51.23 70.79
N ALA L 144 16.36 49.99 70.30
CA ALA L 144 17.55 49.62 69.57
C ALA L 144 17.74 50.47 68.32
N LEU L 145 16.66 50.71 67.58
CA LEU L 145 16.77 51.56 66.40
C LEU L 145 17.06 53.00 66.77
N SER L 146 16.47 53.49 67.86
CA SER L 146 16.80 54.83 68.32
C SER L 146 18.28 54.94 68.61
N ASN L 147 18.82 53.95 69.34
CA ASN L 147 20.25 53.98 69.64
C ASN L 147 21.09 53.86 68.38
N ARG L 148 20.65 53.04 67.42
CA ARG L 148 21.44 52.83 66.22
C ARG L 148 21.61 54.13 65.45
N ILE L 149 20.58 54.97 65.44
CA ILE L 149 20.70 56.30 64.85
C ILE L 149 21.85 57.04 65.52
N GLY L 150 21.94 56.95 66.84
CA GLY L 150 23.05 57.57 67.53
C GLY L 150 24.39 57.02 67.11
N ASP L 151 24.52 55.69 67.11
CA ASP L 151 25.78 55.07 66.72
C ASP L 151 26.20 55.51 65.33
N VAL L 152 25.26 55.57 64.39
CA VAL L 152 25.58 56.00 63.04
C VAL L 152 26.22 57.38 63.07
N ALA L 153 25.67 58.29 63.87
CA ALA L 153 26.22 59.64 63.95
C ALA L 153 27.67 59.60 64.42
N LEU L 154 27.95 58.81 65.46
CA LEU L 154 29.34 58.61 65.86
C LEU L 154 30.15 58.05 64.71
N LEU L 155 29.58 57.08 64.00
CA LEU L 155 30.32 56.42 62.93
C LEU L 155 30.67 57.42 61.83
N LEU L 156 29.70 58.25 61.44
CA LEU L 156 30.02 59.34 60.53
C LEU L 156 31.07 60.26 61.14
N SER L 157 30.90 60.60 62.42
CA SER L 157 31.81 61.53 63.07
C SER L 157 33.25 61.04 62.99
N ILE L 158 33.44 59.72 62.97
CA ILE L 158 34.78 59.18 62.79
C ILE L 158 35.39 59.73 61.51
N ALA L 159 34.57 59.85 60.46
CA ALA L 159 35.08 60.26 59.16
C ALA L 159 35.78 61.61 59.24
N TRP L 160 35.12 62.61 59.81
CA TRP L 160 35.72 63.93 59.86
C TRP L 160 36.79 64.03 60.92
N MET L 161 36.68 63.28 62.00
CA MET L 161 37.71 63.29 63.03
C MET L 161 39.03 62.74 62.50
N LEU L 162 39.01 62.08 61.35
CA LEU L 162 40.26 61.66 60.73
C LEU L 162 41.12 62.84 60.32
N ASN L 163 40.49 64.00 60.07
CA ASN L 163 41.24 65.14 59.56
C ASN L 163 42.37 65.54 60.50
N TYR L 164 42.07 65.59 61.79
CA TYR L 164 43.03 66.06 62.78
C TYR L 164 44.01 65.00 63.20
N GLY L 165 44.14 63.93 62.42
CA GLY L 165 45.27 63.03 62.54
C GLY L 165 45.09 61.90 63.53
N SER L 166 44.02 61.87 64.30
CA SER L 166 43.83 60.81 65.28
C SER L 166 42.35 60.73 65.63
N TRP L 167 42.04 60.05 66.73
CA TRP L 167 40.71 60.06 67.30
C TRP L 167 40.79 60.25 68.81
N ASN L 168 41.82 60.94 69.27
CA ASN L 168 42.01 61.26 70.68
C ASN L 168 41.55 62.70 70.88
N TYR L 169 40.26 62.84 71.14
CA TYR L 169 39.63 64.16 71.06
C TYR L 169 40.13 65.11 72.13
N ILE L 170 40.33 64.64 73.35
CA ILE L 170 40.56 65.54 74.49
C ILE L 170 41.89 66.28 74.38
N PHE L 171 42.67 66.02 73.33
CA PHE L 171 43.93 66.71 73.12
C PHE L 171 43.93 67.62 71.92
N TYR L 172 42.80 67.75 71.22
CA TYR L 172 42.68 68.68 70.10
C TYR L 172 41.59 69.71 70.27
N LEU L 173 40.62 69.49 71.16
CA LEU L 173 39.46 70.36 71.25
C LEU L 173 39.88 71.82 71.40
N GLU L 174 40.70 72.11 72.40
CA GLU L 174 41.06 73.49 72.68
C GLU L 174 41.86 74.09 71.53
N ILE L 175 42.87 73.37 71.04
CA ILE L 175 43.81 73.98 70.11
C ILE L 175 43.18 74.30 68.77
N MET L 176 42.03 73.70 68.43
CA MET L 176 41.47 73.85 67.09
C MET L 176 39.95 74.04 67.18
N GLN L 177 39.49 74.82 68.15
CA GLN L 177 38.06 75.00 68.36
C GLN L 177 37.33 75.42 67.09
N ASN L 178 37.68 76.58 66.56
CA ASN L 178 36.81 77.29 65.63
C ASN L 178 36.65 76.58 64.29
N GLU L 179 37.45 75.56 64.01
CA GLU L 179 37.50 74.97 62.68
C GLU L 179 36.16 74.36 62.31
N PHE L 180 35.85 74.43 61.02
CA PHE L 180 34.56 73.94 60.53
C PHE L 180 34.43 72.44 60.75
N GLU L 181 35.52 71.70 60.63
CA GLU L 181 35.46 70.26 60.78
C GLU L 181 35.18 69.87 62.22
N MET L 182 35.93 70.45 63.15
CA MET L 182 35.67 70.20 64.56
C MET L 182 34.28 70.69 64.94
N LEU L 183 33.82 71.77 64.31
CA LEU L 183 32.47 72.24 64.56
C LEU L 183 31.46 71.14 64.31
N MET L 184 31.53 70.52 63.13
CA MET L 184 30.54 69.52 62.80
C MET L 184 30.83 68.19 63.49
N ILE L 185 32.10 67.91 63.80
CA ILE L 185 32.41 66.73 64.58
C ILE L 185 31.68 66.76 65.91
N GLY L 186 31.64 67.94 66.54
CA GLY L 186 30.79 68.11 67.68
C GLY L 186 29.32 67.96 67.34
N SER L 187 28.92 68.41 66.15
CA SER L 187 27.52 68.33 65.77
C SER L 187 27.05 66.88 65.70
N LEU L 188 27.84 66.01 65.10
CA LEU L 188 27.47 64.60 65.05
C LEU L 188 27.53 63.99 66.44
N VAL L 189 28.58 64.30 67.19
CA VAL L 189 28.62 63.90 68.59
C VAL L 189 27.43 64.45 69.33
N MET L 190 27.06 65.70 69.04
CA MET L 190 25.89 66.28 69.66
C MET L 190 24.64 65.46 69.38
N LEU L 191 24.46 65.06 68.12
CA LEU L 191 23.26 64.29 67.77
C LEU L 191 23.26 62.93 68.47
N ALA L 192 24.40 62.23 68.46
CA ALA L 192 24.43 60.91 69.08
C ALA L 192 24.12 61.01 70.56
N ALA L 193 24.65 62.03 71.24
CA ALA L 193 24.32 62.23 72.65
C ALA L 193 22.84 62.47 72.84
N MET L 194 22.21 63.17 71.89
CA MET L 194 20.77 63.38 71.98
C MET L 194 20.02 62.06 71.97
N THR L 195 20.42 61.14 71.08
CA THR L 195 19.66 59.92 70.91
C THR L 195 19.71 59.06 72.18
N LYS L 196 20.91 58.82 72.71
CA LYS L 196 21.01 58.01 73.91
C LYS L 196 20.42 58.74 75.11
N SER L 197 20.49 60.07 75.11
CA SER L 197 19.94 60.88 76.18
C SER L 197 18.47 61.18 75.97
N ALA L 198 17.85 60.59 74.95
CA ALA L 198 16.41 60.68 74.74
C ALA L 198 15.93 62.13 74.69
N GLN L 199 16.76 62.99 74.11
CA GLN L 199 16.34 64.37 73.94
C GLN L 199 15.27 64.46 72.88
N ILE L 200 14.37 65.42 73.05
CA ILE L 200 13.35 65.65 72.03
C ILE L 200 14.05 66.05 70.74
N PRO L 201 13.64 65.56 69.57
CA PRO L 201 12.50 64.72 69.19
C PRO L 201 12.72 63.22 69.34
N PHE L 202 13.82 62.80 69.96
CA PHE L 202 14.15 61.40 70.11
C PHE L 202 13.70 60.83 71.45
N SER L 203 12.90 61.57 72.21
CA SER L 203 12.49 61.15 73.54
C SER L 203 11.29 60.20 73.47
N SER L 204 11.37 59.18 72.63
CA SER L 204 10.23 58.31 72.36
C SER L 204 10.49 56.88 72.78
N TRP L 205 11.67 56.57 73.30
CA TRP L 205 12.04 55.21 73.63
C TRP L 205 12.25 54.99 75.11
N LEU L 206 12.71 55.98 75.85
CA LEU L 206 12.76 55.84 77.29
C LEU L 206 11.40 55.49 77.86
N PRO L 207 10.28 56.01 77.37
CA PRO L 207 9.00 55.41 77.71
C PRO L 207 8.95 53.94 77.38
N ALA L 208 9.60 53.52 76.30
CA ALA L 208 9.72 52.11 75.97
C ALA L 208 10.85 51.43 76.73
N ALA L 209 11.37 52.05 77.78
CA ALA L 209 12.27 51.38 78.70
C ALA L 209 11.51 50.63 79.78
N MET L 210 10.19 50.53 79.65
CA MET L 210 9.33 50.09 80.72
C MET L 210 8.91 48.64 80.57
N ALA L 211 9.14 48.03 79.41
CA ALA L 211 8.83 46.62 79.22
C ALA L 211 9.84 45.70 79.89
N ALA L 212 11.04 46.18 80.14
CA ALA L 212 12.05 45.37 80.80
C ALA L 212 11.74 45.23 82.28
N PRO L 213 12.30 44.21 82.94
CA PRO L 213 12.10 44.08 84.39
C PRO L 213 12.60 45.32 85.11
N THR L 214 11.89 45.70 86.16
CA THR L 214 12.22 46.92 86.87
C THR L 214 13.65 46.92 87.43
N PRO L 215 14.30 45.77 87.65
CA PRO L 215 15.77 45.84 87.76
C PRO L 215 16.42 46.45 86.54
N VAL L 216 16.04 45.99 85.34
CA VAL L 216 16.60 46.58 84.14
C VAL L 216 16.23 48.05 84.04
N SER L 217 14.98 48.37 84.34
CA SER L 217 14.57 49.77 84.33
C SER L 217 15.42 50.58 85.30
N ALA L 218 15.74 50.00 86.46
CA ALA L 218 16.61 50.68 87.40
C ALA L 218 17.99 50.91 86.80
N LEU L 219 18.58 49.87 86.23
CA LEU L 219 19.94 49.95 85.70
C LEU L 219 19.98 50.49 84.27
N VAL L 220 18.84 50.83 83.68
CA VAL L 220 18.83 51.58 82.43
C VAL L 220 18.63 53.07 82.68
N HIS L 221 18.12 53.46 83.84
CA HIS L 221 17.89 54.85 84.18
C HIS L 221 18.85 55.38 85.25
N SER L 222 19.35 54.51 86.12
CA SER L 222 20.22 54.95 87.20
C SER L 222 21.49 55.60 86.65
N SER L 223 22.33 54.79 86.01
CA SER L 223 23.50 55.30 85.31
C SER L 223 23.76 54.35 84.14
N THR L 224 23.17 54.68 83.00
CA THR L 224 23.17 53.80 81.85
C THR L 224 23.06 54.69 80.61
N LEU L 225 22.60 54.13 79.50
CA LEU L 225 22.62 54.74 78.18
C LEU L 225 22.41 56.25 78.22
N VAL L 226 21.35 56.68 78.91
CA VAL L 226 21.05 58.10 79.00
C VAL L 226 22.20 58.84 79.68
N THR L 227 22.67 58.30 80.81
CA THR L 227 23.74 58.98 81.53
C THR L 227 25.02 58.98 80.73
N ALA L 228 25.36 57.84 80.12
CA ALA L 228 26.54 57.81 79.28
C ALA L 228 26.40 58.78 78.12
N GLY L 229 25.17 59.04 77.67
CA GLY L 229 24.98 60.01 76.61
C GLY L 229 25.44 61.39 77.03
N VAL L 230 24.94 61.89 78.16
CA VAL L 230 25.44 63.16 78.67
C VAL L 230 26.90 63.04 79.06
N TYR L 231 27.33 61.86 79.50
CA TYR L 231 28.74 61.70 79.86
C TYR L 231 29.63 61.84 78.64
N LEU L 232 29.14 61.47 77.45
CA LEU L 232 29.92 61.80 76.27
C LEU L 232 30.03 63.32 76.12
N LEU L 233 28.95 64.04 76.43
CA LEU L 233 28.96 65.49 76.26
C LEU L 233 29.86 66.16 77.28
N ILE L 234 29.83 65.72 78.54
CA ILE L 234 30.71 66.34 79.53
C ILE L 234 32.16 66.15 79.10
N ARG L 235 32.46 65.02 78.48
CA ARG L 235 33.80 64.83 77.95
C ARG L 235 34.07 65.79 76.79
N PHE L 236 33.04 66.19 76.06
CA PHE L 236 33.13 67.18 74.99
C PHE L 236 32.51 68.49 75.47
N ASN L 237 33.27 69.28 76.23
CA ASN L 237 32.74 70.56 76.67
C ASN L 237 32.96 71.65 75.64
N ILE L 238 34.19 71.74 75.10
CA ILE L 238 34.70 72.98 74.54
C ILE L 238 33.77 73.52 73.46
N ILE L 239 33.58 72.74 72.39
CA ILE L 239 32.84 73.25 71.24
C ILE L 239 31.39 73.55 71.61
N LEU L 240 30.81 72.75 72.50
CA LEU L 240 29.41 72.96 72.86
C LEU L 240 29.20 74.35 73.44
N SER L 241 30.05 74.76 74.37
CA SER L 241 29.94 76.10 74.94
C SER L 241 30.28 77.17 73.92
N THR L 242 31.26 76.91 73.05
CA THR L 242 31.91 77.94 72.26
C THR L 242 31.37 78.03 70.83
N SER L 243 30.25 77.39 70.51
CA SER L 243 29.64 77.49 69.20
C SER L 243 28.14 77.37 69.34
N TRP L 244 27.43 77.52 68.21
CA TRP L 244 25.98 77.55 68.28
C TRP L 244 25.39 76.22 68.70
N LEU L 245 26.18 75.15 68.74
CA LEU L 245 25.69 73.90 69.32
C LEU L 245 25.18 74.13 70.74
N GLY L 246 25.81 75.04 71.49
CA GLY L 246 25.30 75.36 72.80
C GLY L 246 23.90 75.93 72.74
N GLN L 247 23.67 76.87 71.82
CA GLN L 247 22.34 77.44 71.68
C GLN L 247 21.33 76.39 71.27
N LEU L 248 21.70 75.53 70.33
CA LEU L 248 20.77 74.51 69.85
C LEU L 248 20.42 73.53 70.96
N MET L 249 21.41 73.10 71.75
CA MET L 249 21.12 72.14 72.81
C MET L 249 20.26 72.75 73.90
N LEU L 250 20.54 74.00 74.25
CA LEU L 250 19.78 74.65 75.31
C LEU L 250 18.30 74.75 74.93
N LEU L 251 18.03 75.04 73.66
CA LEU L 251 16.69 74.88 73.13
C LEU L 251 16.09 73.53 73.51
N LEU L 252 16.73 72.47 73.03
CA LEU L 252 16.12 71.15 73.10
C LEU L 252 16.05 70.62 74.51
N SER L 253 17.17 70.67 75.24
CA SER L 253 17.16 70.14 76.60
C SER L 253 16.16 70.89 77.46
N GLY L 254 16.15 72.21 77.35
CA GLY L 254 15.14 72.98 78.08
C GLY L 254 13.74 72.56 77.71
N LEU L 255 13.47 72.41 76.41
CA LEU L 255 12.12 72.07 76.00
C LEU L 255 11.69 70.71 76.53
N THR L 256 12.55 69.70 76.39
CA THR L 256 12.13 68.35 76.75
C THR L 256 11.90 68.23 78.25
N MET L 257 12.76 68.85 79.06
CA MET L 257 12.54 68.76 80.50
C MET L 257 11.20 69.37 80.88
N PHE L 258 10.80 70.43 80.17
CA PHE L 258 9.52 71.05 80.43
C PHE L 258 8.38 70.23 79.85
N MET L 259 8.57 69.67 78.67
CA MET L 259 7.56 68.77 78.12
C MET L 259 7.39 67.55 79.02
N ALA L 260 8.49 66.96 79.47
CA ALA L 260 8.38 65.87 80.44
C ALA L 260 7.78 66.37 81.74
N GLY L 261 8.18 67.56 82.19
CA GLY L 261 7.67 68.09 83.43
C GLY L 261 6.17 68.31 83.41
N LEU L 262 5.56 68.36 82.23
CA LEU L 262 4.11 68.42 82.12
C LEU L 262 3.51 67.03 81.95
N GLY L 263 4.07 66.22 81.04
CA GLY L 263 3.50 64.93 80.77
C GLY L 263 3.46 64.02 81.98
N ALA L 264 4.40 64.20 82.90
CA ALA L 264 4.43 63.36 84.09
C ALA L 264 3.17 63.50 84.92
N ASN L 265 2.57 64.69 84.96
CA ASN L 265 1.37 64.87 85.75
C ASN L 265 0.25 63.98 85.27
N PHE L 266 0.06 63.89 83.95
CA PHE L 266 -1.10 63.20 83.40
C PHE L 266 -0.88 61.71 83.21
N GLU L 267 0.35 61.23 83.32
CA GLU L 267 0.62 59.81 83.11
C GLU L 267 0.33 59.00 84.36
N PHE L 268 -0.23 57.82 84.16
CA PHE L 268 -0.75 57.00 85.25
C PHE L 268 0.01 55.68 85.44
N ASP L 269 0.90 55.31 84.54
CA ASP L 269 1.65 54.06 84.66
C ASP L 269 2.88 54.34 85.50
N LEU L 270 2.89 53.85 86.74
CA LEU L 270 3.88 54.23 87.73
C LEU L 270 5.29 54.29 87.15
N LYS L 271 5.74 53.20 86.52
CA LYS L 271 7.07 53.20 85.96
C LYS L 271 7.22 54.31 84.93
N LYS L 272 6.16 54.60 84.19
CA LYS L 272 6.24 55.63 83.16
C LYS L 272 6.47 57.00 83.78
N ILE L 273 5.75 57.30 84.87
CA ILE L 273 5.96 58.58 85.54
C ILE L 273 7.40 58.71 86.01
N ILE L 274 7.97 57.63 86.54
CA ILE L 274 9.36 57.68 86.99
C ILE L 274 10.26 58.01 85.80
N ALA L 275 10.05 57.33 84.68
CA ALA L 275 10.88 57.57 83.51
C ALA L 275 10.80 59.03 83.09
N LEU L 276 9.61 59.61 83.14
CA LEU L 276 9.46 61.00 82.75
C LEU L 276 10.27 61.90 83.67
N SER L 277 10.23 61.63 84.97
CA SER L 277 11.06 62.38 85.89
C SER L 277 12.52 62.24 85.54
N THR L 278 12.93 61.06 85.05
CA THR L 278 14.30 60.89 84.62
C THR L 278 14.64 61.90 83.53
N LEU L 279 13.81 61.95 82.50
CA LEU L 279 14.05 62.88 81.41
C LEU L 279 14.02 64.31 81.92
N SER L 280 13.07 64.63 82.78
CA SER L 280 12.98 65.99 83.30
C SER L 280 14.25 66.36 84.04
N GLN L 281 14.79 65.43 84.82
CA GLN L 281 16.05 65.73 85.48
C GLN L 281 17.20 65.75 84.49
N LEU L 282 17.24 64.80 83.57
CA LEU L 282 18.35 64.75 82.63
C LEU L 282 18.42 66.00 81.77
N GLY L 283 17.26 66.54 81.38
CA GLY L 283 17.27 67.76 80.60
C GLY L 283 18.00 68.87 81.31
N LEU L 284 17.83 68.95 82.63
CA LEU L 284 18.55 69.96 83.40
C LEU L 284 20.04 69.76 83.27
N MET L 285 20.52 68.52 83.45
CA MET L 285 21.94 68.23 83.31
C MET L 285 22.46 68.76 82.00
N MET L 286 21.79 68.40 80.91
CA MET L 286 22.30 68.75 79.60
C MET L 286 22.22 70.25 79.35
N SER L 287 21.29 70.93 80.00
CA SER L 287 21.21 72.38 79.84
C SER L 287 22.33 73.09 80.59
N ILE L 288 22.60 72.70 81.85
CA ILE L 288 23.71 73.31 82.57
C ILE L 288 25.01 73.04 81.85
N LEU L 289 25.17 71.83 81.33
CA LEU L 289 26.34 71.55 80.52
C LEU L 289 26.36 72.43 79.29
N SER L 290 25.20 72.66 78.69
CA SER L 290 25.15 73.49 77.49
C SER L 290 25.73 74.87 77.76
N MET L 291 25.47 75.42 78.95
CA MET L 291 26.20 76.61 79.36
C MET L 291 27.69 76.33 79.40
N GLY L 292 28.08 75.18 79.94
CA GLY L 292 29.48 74.80 80.02
C GLY L 292 30.03 74.60 81.42
N PHE L 293 29.24 74.05 82.34
CA PHE L 293 29.66 73.80 83.72
C PHE L 293 29.68 72.29 83.96
N LEU L 294 30.88 71.70 83.88
CA LEU L 294 31.02 70.26 83.94
C LEU L 294 30.82 69.72 85.35
N LYS L 295 31.42 70.40 86.33
CA LYS L 295 31.45 69.85 87.68
C LYS L 295 30.05 69.66 88.21
N LEU L 296 29.19 70.67 88.03
CA LEU L 296 27.81 70.55 88.48
C LEU L 296 27.08 69.47 87.71
N ALA L 297 27.41 69.29 86.43
CA ALA L 297 26.79 68.22 85.65
C ALA L 297 27.14 66.87 86.24
N MET L 298 28.43 66.58 86.42
CA MET L 298 28.81 65.30 86.97
C MET L 298 28.33 65.15 88.40
N PHE L 299 28.48 66.21 89.21
CA PHE L 299 28.01 66.17 90.58
C PHE L 299 26.53 65.80 90.63
N HIS L 300 25.72 66.48 89.82
CA HIS L 300 24.29 66.17 89.81
C HIS L 300 24.02 64.87 89.07
N LEU L 301 24.85 64.50 88.12
CA LEU L 301 24.67 63.25 87.40
C LEU L 301 24.63 62.08 88.36
N LEU L 302 25.68 61.92 89.17
CA LEU L 302 25.70 60.83 90.13
C LEU L 302 24.58 60.98 91.14
N THR L 303 24.38 62.20 91.63
CA THR L 303 23.29 62.44 92.58
C THR L 303 21.97 61.98 91.98
N HIS L 304 21.67 62.45 90.78
CA HIS L 304 20.48 61.99 90.07
C HIS L 304 20.44 60.46 90.01
N ALA L 305 21.57 59.85 89.67
CA ALA L 305 21.62 58.40 89.50
C ALA L 305 21.23 57.68 90.77
N LEU L 306 21.75 58.12 91.91
CA LEU L 306 21.61 57.34 93.13
C LEU L 306 20.15 57.15 93.53
N PHE L 307 19.50 58.24 93.97
CA PHE L 307 18.19 58.10 94.58
C PHE L 307 17.13 57.65 93.58
N LYS L 308 17.28 57.96 92.30
CA LYS L 308 16.30 57.50 91.34
C LYS L 308 16.35 56.00 91.19
N ALA L 309 17.56 55.43 91.19
CA ALA L 309 17.68 53.99 91.27
C ALA L 309 16.93 53.47 92.49
N LEU L 310 17.10 54.13 93.63
CA LEU L 310 16.38 53.75 94.83
C LEU L 310 14.88 53.86 94.61
N LEU L 311 14.43 54.92 93.96
CA LEU L 311 13.01 55.03 93.66
C LEU L 311 12.57 53.89 92.76
N PHE L 312 13.38 53.55 91.75
CA PHE L 312 13.07 52.41 90.92
C PHE L 312 12.96 51.15 91.77
N MET L 313 13.79 51.02 92.79
CA MET L 313 13.67 49.88 93.68
C MET L 313 12.35 49.93 94.43
N CYS L 314 12.00 51.12 94.94
CA CYS L 314 10.73 51.26 95.66
C CYS L 314 9.58 50.83 94.77
N ALA L 315 9.53 51.32 93.53
CA ALA L 315 8.45 50.94 92.64
C ALA L 315 8.43 49.44 92.43
N GLY L 316 9.60 48.84 92.19
CA GLY L 316 9.65 47.41 91.99
C GLY L 316 9.09 46.64 93.16
N ALA L 317 9.40 47.09 94.38
CA ALA L 317 8.82 46.45 95.56
C ALA L 317 7.31 46.56 95.53
N ILE L 318 6.79 47.75 95.23
CA ILE L 318 5.34 47.94 95.21
C ILE L 318 4.72 47.09 94.11
N ILE L 319 5.30 47.10 92.92
CA ILE L 319 4.64 46.53 91.76
C ILE L 319 4.44 45.03 91.93
N HIS L 320 5.48 44.32 92.39
CA HIS L 320 5.33 42.90 92.69
C HIS L 320 4.32 42.68 93.79
N ASN L 321 4.35 43.51 94.84
CA ASN L 321 3.42 43.35 95.95
C ASN L 321 1.99 43.69 95.57
N MET L 322 1.78 44.28 94.41
CA MET L 322 0.47 44.28 93.77
C MET L 322 0.44 43.20 92.71
N ASN L 323 -0.76 42.86 92.26
CA ASN L 323 -0.93 41.79 91.29
C ASN L 323 -0.40 42.20 89.92
N ASN L 324 0.92 42.40 89.84
CA ASN L 324 1.61 42.64 88.57
C ASN L 324 1.01 43.81 87.80
N SER L 325 0.40 44.76 88.49
CA SER L 325 -0.21 45.93 87.88
C SER L 325 0.61 47.17 88.21
N GLN L 326 0.57 48.16 87.31
CA GLN L 326 1.54 49.24 87.33
C GLN L 326 0.87 50.62 87.24
N ASP L 327 -0.37 50.76 87.70
CA ASP L 327 -1.10 52.00 87.56
C ASP L 327 -1.16 52.73 88.90
N ILE L 328 -0.82 54.02 88.88
CA ILE L 328 -0.93 54.83 90.09
C ILE L 328 -2.36 54.84 90.60
N ARG L 329 -3.32 54.89 89.68
CA ARG L 329 -4.72 54.87 90.08
C ARG L 329 -5.03 53.65 90.93
N LEU L 330 -4.56 52.48 90.50
CA LEU L 330 -4.81 51.25 91.25
C LEU L 330 -4.25 51.36 92.66
N MET L 331 -3.03 51.85 92.81
CA MET L 331 -2.44 51.93 94.13
C MET L 331 -3.16 52.96 95.00
N GLY L 332 -3.01 52.78 96.30
CA GLY L 332 -3.41 53.75 97.29
C GLY L 332 -2.58 53.54 98.53
N GLY L 333 -3.07 54.02 99.67
CA GLY L 333 -2.26 54.07 100.87
C GLY L 333 -1.50 52.80 101.17
N LEU L 334 -0.19 52.85 100.97
CA LEU L 334 0.71 51.73 101.23
C LEU L 334 1.47 51.88 102.54
N SER L 335 1.39 53.04 103.18
CA SER L 335 2.17 53.29 104.37
C SER L 335 1.82 52.29 105.48
N ILE L 336 0.53 52.01 105.66
CA ILE L 336 0.12 51.09 106.71
C ILE L 336 0.72 49.72 106.47
N HIS L 337 0.78 49.28 105.22
CA HIS L 337 1.33 47.96 104.91
C HIS L 337 2.85 47.99 104.90
N MET L 338 3.42 48.78 104.01
CA MET L 338 4.86 48.95 103.91
C MET L 338 5.24 50.29 104.52
N PRO L 339 5.64 50.34 105.78
CA PRO L 339 6.19 51.59 106.32
C PRO L 339 7.65 51.77 105.93
N LEU L 340 8.35 50.68 105.63
CA LEU L 340 9.73 50.80 105.13
C LEU L 340 9.75 51.31 103.70
N THR L 341 8.99 50.66 102.80
CA THR L 341 8.95 51.11 101.42
C THR L 341 8.35 52.49 101.32
N SER L 342 7.31 52.77 102.11
CA SER L 342 6.74 54.11 102.13
C SER L 342 7.79 55.12 102.58
N ALA L 343 8.50 54.82 103.67
CA ALA L 343 9.52 55.74 104.14
C ALA L 343 10.64 55.89 103.12
N CYS L 344 11.08 54.78 102.53
CA CYS L 344 12.15 54.86 101.54
C CYS L 344 11.70 55.67 100.33
N PHE L 345 10.47 55.44 99.87
CA PHE L 345 9.94 56.24 98.77
C PHE L 345 9.88 57.72 99.16
N ASN L 346 9.74 58.02 100.45
CA ASN L 346 9.89 59.40 100.89
C ASN L 346 11.29 59.92 100.61
N VAL L 347 12.30 59.13 100.97
CA VAL L 347 13.68 59.59 100.85
C VAL L 347 14.02 59.88 99.40
N SER L 348 13.56 59.01 98.50
CA SER L 348 13.72 59.27 97.07
C SER L 348 13.00 60.56 96.67
N ASN L 349 11.78 60.75 97.16
CA ASN L 349 11.04 61.97 96.80
C ASN L 349 11.79 63.22 97.24
N LEU L 350 12.27 63.21 98.48
CA LEU L 350 12.84 64.42 99.05
C LEU L 350 14.22 64.71 98.47
N ALA L 351 15.00 63.65 98.23
CA ALA L 351 16.23 63.83 97.47
C ALA L 351 15.93 64.39 96.09
N LEU L 352 14.90 63.86 95.42
CA LEU L 352 14.52 64.37 94.11
C LEU L 352 13.75 65.69 94.22
N CYS L 353 13.07 65.92 95.33
CA CYS L 353 12.31 67.14 95.50
C CYS L 353 13.15 68.29 96.06
N GLY L 354 14.41 68.03 96.42
CA GLY L 354 15.27 69.08 96.90
C GLY L 354 14.92 69.61 98.26
N MET L 355 14.21 68.82 99.07
CA MET L 355 14.01 69.20 100.47
C MET L 355 15.38 69.39 101.12
N PRO L 356 15.56 70.40 101.97
CA PRO L 356 16.91 70.89 102.24
C PRO L 356 17.85 69.82 102.75
N PHE L 357 19.11 69.95 102.36
CA PHE L 357 20.19 69.12 102.86
C PHE L 357 20.00 67.65 102.51
N LEU L 358 19.33 67.40 101.39
CA LEU L 358 19.33 66.11 100.74
C LEU L 358 19.89 66.27 99.34
N ALA L 359 19.86 65.17 98.58
CA ALA L 359 20.58 65.11 97.30
C ALA L 359 20.17 66.26 96.38
N GLY L 360 18.87 66.45 96.19
CA GLY L 360 18.42 67.53 95.32
C GLY L 360 18.90 68.90 95.79
N PHE L 361 18.85 69.15 97.09
CA PHE L 361 19.25 70.44 97.59
C PHE L 361 20.72 70.72 97.33
N TYR L 362 21.57 69.71 97.50
CA TYR L 362 22.98 69.92 97.21
C TYR L 362 23.20 70.21 95.73
N SER L 363 22.41 69.56 94.86
CA SER L 363 22.65 69.58 93.42
C SER L 363 21.74 70.55 92.69
N LYS L 364 20.42 70.38 92.81
CA LYS L 364 19.51 71.28 92.09
C LYS L 364 19.78 72.72 92.46
N ASP L 365 19.98 72.99 93.75
CA ASP L 365 20.28 74.34 94.19
C ASP L 365 21.46 74.89 93.42
N MET L 366 22.64 74.29 93.60
CA MET L 366 23.87 74.87 93.07
C MET L 366 23.75 75.17 91.59
N ILE L 367 23.02 74.33 90.86
CA ILE L 367 22.82 74.58 89.43
C ILE L 367 22.03 75.87 89.23
N LEU L 368 20.92 76.01 89.94
CA LEU L 368 19.96 77.06 89.62
C LEU L 368 20.55 78.45 89.85
N GLU L 369 21.33 78.64 90.91
CA GLU L 369 21.97 79.94 91.07
C GLU L 369 23.18 80.10 90.17
N ILE L 370 23.80 79.01 89.71
CA ILE L 370 24.79 79.14 88.65
C ILE L 370 24.12 79.64 87.38
N VAL L 371 22.87 79.22 87.14
CA VAL L 371 22.09 79.83 86.07
C VAL L 371 21.93 81.31 86.34
N SER L 372 21.63 81.69 87.58
CA SER L 372 21.50 83.10 87.91
C SER L 372 22.81 83.83 87.66
N ILE L 373 23.92 83.27 88.16
CA ILE L 373 25.21 83.94 88.03
C ILE L 373 25.55 84.17 86.57
N SER L 374 25.46 83.13 85.75
CA SER L 374 25.82 83.25 84.35
C SER L 374 24.70 83.91 83.57
N ASN L 375 25.07 84.80 82.66
CA ASN L 375 24.10 85.40 81.75
C ASN L 375 23.48 84.31 80.89
N VAL L 376 22.15 84.29 80.83
CA VAL L 376 21.39 83.26 80.14
C VAL L 376 20.18 83.87 79.44
N ASN L 377 19.39 83.01 78.83
CA ASN L 377 18.23 83.39 78.02
C ASN L 377 16.96 83.31 78.85
N MET L 378 15.96 84.10 78.44
CA MET L 378 14.68 84.15 79.14
C MET L 378 14.07 82.77 79.33
N PHE L 379 13.78 82.06 78.23
CA PHE L 379 13.12 80.77 78.38
C PHE L 379 13.95 79.83 79.21
N SER L 380 15.25 79.76 78.95
CA SER L 380 16.12 78.87 79.71
C SER L 380 16.01 79.18 81.21
N PHE L 381 16.02 80.46 81.56
CA PHE L 381 15.83 80.83 82.95
C PHE L 381 14.46 80.41 83.45
N PHE L 382 13.40 81.00 82.89
CA PHE L 382 12.05 80.71 83.38
C PHE L 382 11.74 79.22 83.34
N LEU L 383 12.27 78.52 82.35
CA LEU L 383 11.91 77.13 82.17
C LEU L 383 12.49 76.24 83.26
N TYR L 384 13.72 76.53 83.69
CA TYR L 384 14.29 75.73 84.77
C TYR L 384 13.42 75.82 86.01
N TYR L 385 13.07 77.04 86.41
CA TYR L 385 12.25 77.22 87.59
C TYR L 385 10.86 76.65 87.36
N PHE L 386 10.32 76.88 86.17
CA PHE L 386 9.01 76.32 85.84
C PHE L 386 9.01 74.80 85.95
N SER L 387 10.03 74.16 85.41
CA SER L 387 10.10 72.70 85.52
C SER L 387 10.35 72.28 86.96
N THR L 388 11.06 73.10 87.73
CA THR L 388 11.36 72.74 89.10
C THR L 388 10.09 72.60 89.92
N GLY L 389 9.18 73.56 89.78
CA GLY L 389 7.86 73.40 90.38
C GLY L 389 7.18 72.13 89.90
N LEU L 390 7.29 71.85 88.59
CA LEU L 390 6.67 70.64 88.05
C LEU L 390 7.26 69.40 88.71
N THR L 391 8.58 69.38 88.93
CA THR L 391 9.20 68.24 89.57
C THR L 391 8.52 67.92 90.90
N VAL L 392 8.35 68.94 91.73
CA VAL L 392 7.62 68.74 92.98
C VAL L 392 6.17 68.40 92.68
N SER L 393 5.61 68.98 91.61
CA SER L 393 4.21 68.77 91.31
C SER L 393 3.91 67.28 91.10
N TYR L 394 4.39 66.72 89.99
CA TYR L 394 4.02 65.34 89.70
C TYR L 394 4.53 64.40 90.78
N SER L 395 5.59 64.78 91.48
CA SER L 395 6.05 63.97 92.61
C SER L 395 4.97 63.87 93.66
N PHE L 396 4.46 65.01 94.14
CA PHE L 396 3.40 64.97 95.14
C PHE L 396 2.11 64.46 94.55
N ARG L 397 1.87 64.74 93.27
CA ARG L 397 0.72 64.15 92.60
C ARG L 397 0.73 62.64 92.76
N LEU L 398 1.87 62.01 92.48
CA LEU L 398 1.97 60.58 92.71
C LEU L 398 1.81 60.25 94.19
N VAL L 399 2.39 61.08 95.06
CA VAL L 399 2.38 60.79 96.50
C VAL L 399 0.95 60.59 96.99
N TYR L 400 0.05 61.50 96.62
CA TYR L 400 -1.31 61.38 97.11
C TYR L 400 -2.02 60.18 96.52
N TYR L 401 -1.88 59.96 95.21
CA TYR L 401 -2.65 58.91 94.54
C TYR L 401 -2.32 57.52 95.07
N SER L 402 -1.09 57.09 94.82
CA SER L 402 -0.74 55.70 95.04
C SER L 402 -0.45 55.38 96.49
N MET L 403 -0.40 56.39 97.36
CA MET L 403 0.26 56.19 98.63
C MET L 403 -0.36 56.89 99.83
N THR L 404 -1.27 57.85 99.64
CA THR L 404 -2.07 58.36 100.75
C THR L 404 -3.53 58.46 100.38
N GLY L 405 -3.91 58.12 99.15
CA GLY L 405 -5.29 58.08 98.75
C GLY L 405 -5.87 56.68 98.94
N ASP L 406 -7.13 56.56 98.55
CA ASP L 406 -7.87 55.31 98.72
C ASP L 406 -7.26 54.21 97.86
N LEU L 407 -7.44 52.96 98.31
CA LEU L 407 -6.72 51.80 97.76
C LEU L 407 -7.49 51.22 96.58
N ASN L 408 -7.31 51.83 95.40
CA ASN L 408 -8.16 51.47 94.27
C ASN L 408 -7.80 50.08 93.76
N CYS L 409 -8.03 49.07 94.61
CA CYS L 409 -7.58 47.71 94.36
C CYS L 409 -8.78 46.78 94.27
N GLY L 410 -8.49 45.50 94.13
CA GLY L 410 -9.50 44.47 94.12
C GLY L 410 -9.80 43.95 95.51
N SER L 411 -10.37 42.75 95.56
CA SER L 411 -10.68 42.14 96.85
C SER L 411 -9.43 41.63 97.55
N LEU L 412 -8.52 40.99 96.81
CA LEU L 412 -7.32 40.44 97.43
C LEU L 412 -6.47 41.56 97.99
N ASN L 413 -5.98 41.38 99.21
CA ASN L 413 -5.05 42.31 99.83
C ASN L 413 -3.66 41.72 99.64
N MET L 414 -3.09 41.97 98.47
CA MET L 414 -1.87 41.32 98.03
C MET L 414 -0.61 41.96 98.64
N LEU L 415 -0.75 42.78 99.69
CA LEU L 415 0.37 43.57 100.17
C LEU L 415 1.22 42.80 101.19
N ASN L 416 2.54 42.93 101.04
CA ASN L 416 3.50 42.37 101.99
C ASN L 416 4.60 43.39 102.22
N ASP L 417 5.29 43.28 103.36
CA ASP L 417 6.38 44.18 103.69
C ASP L 417 7.61 43.48 104.28
N GLU L 418 7.50 42.22 104.68
CA GLU L 418 8.56 41.61 105.47
C GLU L 418 9.85 41.41 104.68
N SER L 419 9.74 41.18 103.36
CA SER L 419 10.87 40.69 102.57
C SER L 419 12.14 41.52 102.80
N TRP L 420 13.14 40.91 103.44
CA TRP L 420 14.34 41.64 103.82
C TRP L 420 15.24 41.92 102.63
N ILE L 421 15.42 40.94 101.75
CA ILE L 421 16.35 41.10 100.63
C ILE L 421 15.96 42.31 99.79
N MET L 422 14.68 42.39 99.40
CA MET L 422 14.24 43.54 98.60
C MET L 422 14.46 44.84 99.33
N LEU L 423 14.58 44.81 100.66
CA LEU L 423 14.95 45.99 101.43
C LEU L 423 16.47 46.11 101.53
N ARG L 424 17.13 45.07 102.04
CA ARG L 424 18.55 45.19 102.36
C ARG L 424 19.37 45.63 101.15
N GLY L 425 18.96 45.21 99.95
CA GLY L 425 19.57 45.74 98.75
C GLY L 425 19.32 47.23 98.60
N MET L 426 18.16 47.71 99.03
CA MET L 426 17.84 49.12 98.93
C MET L 426 18.61 49.94 99.96
N MET L 427 18.93 49.34 101.11
CA MET L 427 19.36 50.14 102.26
C MET L 427 20.70 50.81 102.02
N GLY L 428 21.66 50.10 101.44
CA GLY L 428 22.98 50.70 101.25
C GLY L 428 22.91 51.96 100.41
N LEU L 429 22.20 51.88 99.29
CA LEU L 429 21.95 53.07 98.49
C LEU L 429 21.20 54.11 99.30
N LEU L 430 20.20 53.67 100.06
CA LEU L 430 19.42 54.60 100.85
C LEU L 430 20.33 55.38 101.79
N ILE L 431 21.25 54.69 102.45
CA ILE L 431 22.18 55.37 103.35
C ILE L 431 23.02 56.37 102.56
N MET L 432 23.60 55.91 101.46
CA MET L 432 24.43 56.79 100.64
C MET L 432 23.64 57.94 100.04
N SER L 433 22.33 57.78 99.87
CA SER L 433 21.52 58.88 99.35
C SER L 433 21.08 59.84 100.44
N ILE L 434 20.80 59.34 101.65
CA ILE L 434 20.44 60.24 102.75
C ILE L 434 21.56 61.23 102.99
N ILE L 435 22.79 60.74 103.12
CA ILE L 435 23.94 61.62 103.15
C ILE L 435 24.10 62.31 101.81
N GLY L 436 23.88 61.57 100.73
CA GLY L 436 23.79 62.16 99.39
C GLY L 436 25.03 62.93 99.00
N GLY L 437 24.80 64.11 98.43
CA GLY L 437 25.88 64.86 97.80
C GLY L 437 26.99 65.23 98.76
N SER L 438 26.71 65.23 100.06
CA SER L 438 27.65 65.73 101.06
C SER L 438 29.06 65.19 100.82
N MET L 439 29.19 63.88 100.70
CA MET L 439 30.51 63.29 100.51
C MET L 439 31.18 63.83 99.26
N LEU L 440 30.42 63.95 98.17
CA LEU L 440 30.98 64.54 96.95
C LEU L 440 31.18 66.04 97.14
N ASN L 441 30.17 66.72 97.68
CA ASN L 441 30.20 68.18 97.75
C ASN L 441 31.43 68.66 98.50
N TRP L 442 31.91 67.87 99.45
CA TRP L 442 33.11 68.21 100.20
C TRP L 442 34.39 67.72 99.55
N LEU L 443 34.30 66.99 98.44
CA LEU L 443 35.47 66.36 97.86
C LEU L 443 35.55 66.48 96.34
N ILE L 444 34.66 67.25 95.72
CA ILE L 444 34.68 67.43 94.28
C ILE L 444 35.07 68.85 93.88
N PHE L 445 34.68 69.85 94.66
CA PHE L 445 34.88 71.24 94.29
C PHE L 445 36.06 71.83 95.06
N PRO L 446 37.27 71.78 94.51
CA PRO L 446 38.36 72.54 95.14
C PRO L 446 38.14 74.04 95.10
N PHE L 447 37.25 74.52 94.22
CA PHE L 447 37.02 75.94 94.04
C PHE L 447 35.51 76.17 94.02
N PRO L 448 34.86 76.03 95.17
CA PRO L 448 33.39 76.14 95.19
C PRO L 448 32.93 77.47 94.59
N TYR L 449 31.95 77.38 93.72
CA TYR L 449 31.47 78.58 93.05
C TYR L 449 30.82 79.51 94.06
N MET L 450 31.28 80.75 94.09
CA MET L 450 30.76 81.74 95.02
C MET L 450 29.57 82.41 94.38
N ILE L 451 28.44 82.44 95.09
CA ILE L 451 27.19 82.96 94.57
C ILE L 451 26.57 83.85 95.64
N CYS L 452 26.72 85.15 95.49
CA CYS L 452 26.07 86.14 96.34
C CYS L 452 25.01 86.84 95.47
N LEU L 453 23.79 86.33 95.53
CA LEU L 453 22.70 86.79 94.70
C LEU L 453 21.68 87.60 95.49
N PRO L 454 20.75 88.25 94.81
CA PRO L 454 19.64 88.89 95.54
C PRO L 454 18.87 87.87 96.34
N ILE L 455 18.33 88.33 97.47
CA ILE L 455 17.52 87.46 98.31
C ILE L 455 16.26 87.02 97.56
N TYR L 456 15.73 87.88 96.70
CA TYR L 456 14.54 87.50 95.94
C TYR L 456 14.82 86.51 94.83
N MET L 457 16.08 86.07 94.67
CA MET L 457 16.45 85.01 93.73
C MET L 457 16.85 83.73 94.42
N LYS L 458 17.74 83.81 95.41
CA LYS L 458 18.18 82.62 96.12
C LYS L 458 17.02 81.93 96.81
N LEU L 459 16.16 82.70 97.47
CA LEU L 459 14.99 82.13 98.13
C LEU L 459 13.92 81.74 97.13
N LEU L 460 13.83 82.47 96.01
CA LEU L 460 12.84 82.16 94.99
C LEU L 460 12.92 80.71 94.56
N THR L 461 14.12 80.13 94.58
CA THR L 461 14.28 78.72 94.24
C THR L 461 13.50 77.81 95.17
N LEU L 462 13.09 78.30 96.33
CA LEU L 462 12.38 77.48 97.31
C LEU L 462 10.87 77.55 97.13
N PHE L 463 10.35 78.71 96.75
CA PHE L 463 8.90 78.94 96.72
C PHE L 463 8.30 78.65 95.36
N VAL L 464 9.00 79.02 94.28
CA VAL L 464 8.57 78.54 92.97
C VAL L 464 8.63 77.03 92.96
N CYS L 465 9.49 76.46 93.79
CA CYS L 465 9.50 75.02 94.00
C CYS L 465 8.28 74.58 94.79
N ILE L 466 7.92 75.32 95.85
CA ILE L 466 6.90 74.83 96.76
C ILE L 466 5.52 74.88 96.12
N VAL L 467 5.26 75.89 95.28
CA VAL L 467 3.94 76.03 94.67
C VAL L 467 3.60 74.83 93.81
N GLY L 468 4.62 74.18 93.24
CA GLY L 468 4.38 72.94 92.52
C GLY L 468 3.78 71.86 93.39
N GLY L 469 4.36 71.66 94.58
CA GLY L 469 3.81 70.66 95.49
C GLY L 469 2.43 71.02 95.97
N LEU L 470 2.18 72.31 96.19
CA LEU L 470 0.82 72.77 96.47
C LEU L 470 -0.13 72.30 95.39
N PHE L 471 0.22 72.57 94.13
CA PHE L 471 -0.65 72.18 93.03
C PHE L 471 -0.72 70.65 92.92
N GLY L 472 0.41 69.97 93.14
CA GLY L 472 0.44 68.54 92.98
C GLY L 472 -0.45 67.81 93.96
N TYR L 473 -0.55 68.33 95.19
CA TYR L 473 -1.37 67.73 96.23
C TYR L 473 -2.74 68.39 96.36
N LEU L 474 -2.96 69.52 95.68
CA LEU L 474 -4.27 70.16 95.66
C LEU L 474 -5.09 69.72 94.45
N ILE L 475 -4.52 69.83 93.26
CA ILE L 475 -5.26 69.47 92.05
C ILE L 475 -5.67 68.02 92.09
N SER L 476 -4.90 67.18 92.79
CA SER L 476 -5.30 65.80 92.98
C SER L 476 -6.47 65.70 93.95
N LEU L 477 -6.39 66.37 95.09
CA LEU L 477 -7.47 66.37 96.07
C LEU L 477 -8.68 67.05 95.47
N SER L 478 -9.75 66.29 95.24
CA SER L 478 -10.94 66.80 94.61
C SER L 478 -12.18 66.35 95.37
N ASN L 479 -13.14 67.26 95.51
CA ASN L 479 -14.45 66.94 96.05
C ASN L 479 -15.34 66.37 94.95
N LEU L 480 -16.25 65.47 95.35
CA LEU L 480 -17.03 64.65 94.43
C LEU L 480 -17.60 65.44 93.25
N PHE L 481 -18.43 66.43 93.56
CA PHE L 481 -19.22 67.13 92.56
C PHE L 481 -18.41 68.32 92.07
N PHE L 482 -17.60 68.09 91.03
CA PHE L 482 -16.66 69.11 90.58
C PHE L 482 -16.49 68.99 89.06
N LEU L 483 -15.61 69.83 88.52
CA LEU L 483 -15.29 69.84 87.09
C LEU L 483 -13.88 69.32 86.89
N ASN L 484 -13.74 68.31 86.03
CA ASN L 484 -12.44 67.71 85.77
C ASN L 484 -11.75 68.48 84.65
N LYS L 485 -10.65 69.16 84.99
CA LYS L 485 -9.97 69.99 84.01
C LYS L 485 -9.49 69.20 82.80
N SER L 486 -9.25 67.91 82.96
CA SER L 486 -8.88 67.08 81.81
C SER L 486 -9.92 67.21 80.72
N LEU L 487 -11.19 67.00 81.06
CA LEU L 487 -12.25 67.20 80.08
C LEU L 487 -12.43 68.66 79.72
N PHE L 488 -12.05 69.58 80.61
CA PHE L 488 -12.11 70.98 80.27
C PHE L 488 -11.21 71.28 79.09
N MET L 489 -10.02 70.68 79.07
CA MET L 489 -9.04 70.88 78.00
C MET L 489 -8.65 69.55 77.39
N TYR L 490 -9.65 68.73 77.05
CA TYR L 490 -9.43 67.39 76.51
C TYR L 490 -8.33 67.35 75.47
N ASN L 491 -8.47 68.16 74.41
CA ASN L 491 -7.50 68.11 73.33
C ASN L 491 -6.11 68.47 73.83
N LEU L 492 -5.98 69.60 74.53
CA LEU L 492 -4.66 69.98 75.02
C LEU L 492 -4.15 68.96 76.02
N SER L 493 -5.00 68.47 76.91
CA SER L 493 -4.56 67.44 77.85
C SER L 493 -4.13 66.19 77.09
N THR L 494 -4.90 65.78 76.09
CA THR L 494 -4.51 64.63 75.28
C THR L 494 -3.13 64.84 74.67
N PHE L 495 -2.91 66.01 74.05
CA PHE L 495 -1.58 66.34 73.58
C PHE L 495 -0.57 66.32 74.71
N LEU L 496 -0.88 67.00 75.81
CA LEU L 496 0.05 67.04 76.93
C LEU L 496 0.28 65.64 77.50
N GLY L 497 -0.76 64.82 77.54
CA GLY L 497 -0.66 63.51 78.17
C GLY L 497 -0.04 62.45 77.29
N SER L 498 -0.03 62.66 75.98
CA SER L 498 0.59 61.73 75.04
C SER L 498 2.03 62.11 74.72
N MET L 499 2.66 62.91 75.57
CA MET L 499 4.07 63.26 75.39
C MET L 499 4.27 64.05 74.11
N TRP L 500 3.40 65.01 73.86
CA TRP L 500 3.48 65.81 72.65
C TRP L 500 3.42 64.95 71.40
N PHE L 501 2.75 63.81 71.50
CA PHE L 501 2.42 62.98 70.34
C PHE L 501 3.67 62.47 69.64
N MET L 502 4.81 62.53 70.33
CA MET L 502 6.03 61.93 69.79
C MET L 502 5.87 60.45 69.51
N PRO L 503 5.25 59.64 70.38
CA PRO L 503 5.15 58.21 70.07
C PRO L 503 4.46 57.94 68.76
N TYR L 504 3.40 58.69 68.46
CA TYR L 504 2.78 58.57 67.15
C TYR L 504 3.76 58.97 66.06
N ILE L 505 4.51 60.05 66.28
CA ILE L 505 5.47 60.50 65.28
C ILE L 505 6.51 59.44 65.03
N SER L 506 7.11 58.91 66.09
CA SER L 506 8.22 57.99 65.94
C SER L 506 7.78 56.56 65.66
N THR L 507 6.48 56.27 65.69
CA THR L 507 6.00 54.94 65.34
C THR L 507 5.08 54.96 64.12
N TYR L 508 4.00 55.72 64.15
CA TYR L 508 3.04 55.69 63.06
C TYR L 508 3.44 56.60 61.91
N GLY L 509 4.10 57.70 62.20
CA GLY L 509 4.31 58.72 61.20
C GLY L 509 5.49 58.53 60.28
N MET L 510 6.28 57.47 60.48
CA MET L 510 7.47 57.27 59.64
C MET L 510 7.66 55.85 59.14
N ILE L 511 7.05 54.83 59.75
CA ILE L 511 7.30 53.47 59.29
C ILE L 511 6.44 53.07 58.11
N PHE L 512 5.30 53.73 57.90
CA PHE L 512 4.39 53.30 56.84
C PHE L 512 5.07 53.40 55.48
N TYR L 513 5.81 54.47 55.23
CA TYR L 513 6.30 54.70 53.88
C TYR L 513 7.46 53.77 53.53
N PRO L 514 8.51 53.66 54.35
CA PRO L 514 9.64 52.81 53.94
C PRO L 514 9.25 51.36 53.70
N LEU L 515 8.36 50.81 54.52
CA LEU L 515 7.98 49.42 54.31
C LEU L 515 7.26 49.26 52.99
N ASN L 516 6.27 50.11 52.72
CA ASN L 516 5.65 50.11 51.40
C ASN L 516 6.68 50.35 50.32
N TYR L 517 7.65 51.22 50.61
CA TYR L 517 8.67 51.55 49.63
C TYR L 517 9.44 50.30 49.21
N GLY L 518 9.81 49.48 50.19
CA GLY L 518 10.55 48.27 49.87
C GLY L 518 9.74 47.29 49.05
N GLN L 519 8.53 46.98 49.48
CA GLN L 519 7.71 46.05 48.72
C GLN L 519 7.37 46.63 47.36
N LEU L 520 7.07 47.92 47.32
CA LEU L 520 6.91 48.60 46.05
C LEU L 520 8.13 48.36 45.16
N VAL L 521 9.32 48.44 45.74
CA VAL L 521 10.53 48.38 44.92
C VAL L 521 10.76 46.98 44.37
N VAL L 522 10.61 45.94 45.19
CA VAL L 522 10.88 44.59 44.70
C VAL L 522 9.90 44.23 43.59
N LYS L 523 8.65 44.68 43.73
CA LYS L 523 7.67 44.44 42.68
C LYS L 523 7.99 45.25 41.42
N SER L 524 8.85 46.26 41.52
CA SER L 524 9.21 47.07 40.36
C SER L 524 10.54 46.66 39.73
N PHE L 525 11.59 46.49 40.53
CA PHE L 525 12.93 46.20 40.00
C PHE L 525 13.49 44.85 40.42
N ASP L 526 13.65 44.58 41.72
CA ASP L 526 14.30 43.34 42.15
C ASP L 526 13.72 42.13 41.45
N GLN L 527 12.44 42.18 41.10
CA GLN L 527 11.74 41.03 40.59
C GLN L 527 10.90 41.38 39.36
N GLY L 528 10.70 42.67 39.06
CA GLY L 528 9.88 43.09 37.94
C GLY L 528 10.68 43.60 36.77
N TRP L 529 10.82 44.92 36.66
CA TRP L 529 11.47 45.54 35.52
C TRP L 529 12.82 44.91 35.23
N SER L 530 13.63 44.74 36.27
CA SER L 530 15.01 44.32 36.08
C SER L 530 15.09 42.99 35.34
N GLU L 531 14.55 41.93 35.96
CA GLU L 531 14.57 40.64 35.32
C GLU L 531 13.72 40.62 34.04
N TYR L 532 12.66 41.44 33.98
CA TYR L 532 11.92 41.56 32.72
C TYR L 532 12.80 42.15 31.64
N PHE L 533 13.62 43.12 32.00
CA PHE L 533 14.52 43.74 31.02
C PHE L 533 15.54 42.72 30.52
N GLY L 534 15.95 41.79 31.38
CA GLY L 534 16.75 40.64 30.95
C GLY L 534 16.07 39.34 31.29
N GLY L 535 16.66 38.57 32.20
CA GLY L 535 16.01 37.46 32.86
C GLY L 535 15.11 36.59 32.00
N GLN L 536 13.88 36.38 32.46
CA GLN L 536 12.99 35.45 31.78
C GLN L 536 12.54 35.98 30.43
N HIS L 537 12.34 37.29 30.30
CA HIS L 537 11.82 37.84 29.05
C HIS L 537 12.69 37.44 27.87
N LEU L 538 14.01 37.38 28.08
CA LEU L 538 14.89 36.94 27.01
C LEU L 538 14.53 35.53 26.57
N TYR L 539 14.36 34.63 27.53
CA TYR L 539 13.98 33.27 27.19
C TYR L 539 12.60 33.24 26.55
N GLN L 540 11.76 34.21 26.85
CA GLN L 540 10.46 34.29 26.20
C GLN L 540 10.61 34.69 24.74
N LYS L 541 11.40 35.74 24.47
CA LYS L 541 11.62 36.15 23.09
C LYS L 541 12.38 35.08 22.31
N LEU L 542 13.29 34.38 22.96
CA LEU L 542 14.03 33.33 22.26
C LEU L 542 13.08 32.25 21.78
N SER L 543 12.11 31.86 22.60
CA SER L 543 11.15 30.84 22.19
C SER L 543 10.33 31.32 21.00
N MET L 544 9.92 32.59 21.01
CA MET L 544 9.23 33.15 19.86
C MET L 544 10.06 32.99 18.60
N TYR L 545 11.34 33.35 18.67
CA TYR L 545 12.20 33.25 17.50
C TYR L 545 12.55 31.81 17.19
N SER L 546 12.65 30.97 18.21
CA SER L 546 12.85 29.55 17.95
C SER L 546 11.70 28.98 17.14
N LYS L 547 10.47 29.33 17.52
CA LYS L 547 9.32 28.91 16.73
C LYS L 547 9.44 29.38 15.30
N THR L 548 9.85 30.63 15.11
CA THR L 548 9.94 31.20 13.78
C THR L 548 10.88 30.38 12.91
N LEU L 549 12.08 30.09 13.42
CA LEU L 549 13.07 29.38 12.61
C LEU L 549 12.53 28.02 12.17
N PHE L 550 11.76 27.38 13.03
CA PHE L 550 11.16 26.11 12.64
C PHE L 550 10.21 26.30 11.46
N LEU L 551 9.48 27.41 11.45
CA LEU L 551 8.59 27.66 10.32
C LEU L 551 9.38 27.87 9.04
N MET L 552 10.53 28.56 9.13
CA MET L 552 11.43 28.60 7.98
C MET L 552 11.75 27.19 7.51
N HIS L 553 12.16 26.34 8.43
CA HIS L 553 12.73 25.05 8.07
C HIS L 553 11.67 23.98 7.87
N ASN L 554 10.41 24.32 8.05
CA ASN L 554 9.32 23.38 7.82
C ASN L 554 8.69 23.65 6.45
N ASN L 555 9.49 23.46 5.40
CA ASN L 555 9.08 23.80 4.05
C ASN L 555 9.73 22.82 3.08
N SER L 556 9.55 23.07 1.80
CA SER L 556 10.03 22.21 0.72
C SER L 556 11.38 22.71 0.22
N LEU L 557 12.21 21.76 -0.23
CA LEU L 557 13.57 22.09 -0.65
C LEU L 557 13.59 23.05 -1.84
N LYS L 558 12.49 23.17 -2.58
CA LYS L 558 12.46 24.10 -3.70
C LYS L 558 12.73 25.53 -3.24
N ILE L 559 12.17 25.91 -2.10
CA ILE L 559 12.26 27.29 -1.65
C ILE L 559 13.71 27.66 -1.38
N TYR L 560 14.46 26.78 -0.72
CA TYR L 560 15.82 27.11 -0.35
C TYR L 560 16.73 27.16 -1.56
N LEU L 561 16.61 26.21 -2.47
CA LEU L 561 17.39 26.27 -3.70
C LEU L 561 17.07 27.54 -4.48
N LEU L 562 15.81 27.98 -4.42
CA LEU L 562 15.46 29.24 -5.06
C LEU L 562 16.24 30.39 -4.46
N LEU L 563 16.38 30.40 -3.13
CA LEU L 563 17.21 31.41 -2.48
C LEU L 563 18.60 31.41 -3.11
N PHE L 564 19.22 30.24 -3.17
CA PHE L 564 20.57 30.14 -3.71
C PHE L 564 20.62 30.58 -5.16
N VAL L 565 19.62 30.18 -5.96
CA VAL L 565 19.59 30.61 -7.35
C VAL L 565 19.53 32.12 -7.41
N PHE L 566 18.72 32.73 -6.55
CA PHE L 566 18.63 34.18 -6.54
C PHE L 566 19.97 34.79 -6.17
N TRP L 567 20.62 34.23 -5.16
CA TRP L 567 21.94 34.73 -4.78
C TRP L 567 22.92 34.63 -5.92
N ILE L 568 22.89 33.52 -6.66
CA ILE L 568 23.73 33.43 -7.85
C ILE L 568 23.36 34.51 -8.85
N LEU L 569 22.06 34.61 -9.15
CA LEU L 569 21.62 35.53 -10.20
C LEU L 569 22.03 36.95 -9.88
N ILE L 570 21.90 37.35 -8.62
CA ILE L 570 22.28 38.70 -8.22
C ILE L 570 23.76 38.92 -8.51
N LEU L 571 24.60 37.96 -8.12
CA LEU L 571 26.03 38.12 -8.32
C LEU L 571 26.38 38.16 -9.80
N LEU L 572 25.68 37.37 -10.62
CA LEU L 572 25.99 37.32 -12.04
C LEU L 572 25.72 38.66 -12.72
N ILE L 573 24.54 39.23 -12.49
CA ILE L 573 24.25 40.50 -13.13
C ILE L 573 25.18 41.60 -12.63
N LEU L 574 25.55 41.55 -11.35
CA LEU L 574 26.45 42.57 -10.82
C LEU L 574 27.84 42.47 -11.44
N LEU L 575 28.27 41.27 -11.82
CA LEU L 575 29.46 41.15 -12.64
C LEU L 575 29.30 41.90 -13.96
N PHE L 576 28.12 41.79 -14.57
CA PHE L 576 27.88 42.47 -15.83
C PHE L 576 27.84 43.98 -15.62
N LEU L 577 27.13 44.42 -14.60
CA LEU L 577 26.98 45.85 -14.33
C LEU L 577 28.33 46.39 -13.87
N MET M 1 53.86 27.27 47.67
CA MET M 1 52.46 26.91 47.80
C MET M 1 52.15 25.53 47.22
N LEU M 2 53.06 25.00 46.39
CA LEU M 2 52.86 23.65 45.87
C LEU M 2 52.72 22.64 46.99
N LYS M 3 53.28 22.94 48.16
CA LYS M 3 53.04 22.11 49.34
C LYS M 3 51.56 21.92 49.56
N ILE M 4 50.80 23.02 49.58
CA ILE M 4 49.35 22.92 49.75
C ILE M 4 48.75 22.15 48.59
N ILE M 5 49.15 22.48 47.37
CA ILE M 5 48.52 21.90 46.19
C ILE M 5 48.68 20.39 46.18
N PHE M 6 49.90 19.92 46.41
CA PHE M 6 50.12 18.48 46.43
C PHE M 6 49.39 17.84 47.60
N PHE M 7 49.25 18.54 48.72
CA PHE M 7 48.49 17.99 49.83
C PHE M 7 47.05 17.74 49.41
N LEU M 8 46.44 18.70 48.73
CA LEU M 8 45.05 18.53 48.32
C LEU M 8 44.91 17.40 47.32
N LEU M 9 45.83 17.30 46.37
CA LEU M 9 45.75 16.21 45.39
C LEU M 9 45.83 14.86 46.08
N PHE M 10 46.72 14.73 47.06
CA PHE M 10 46.82 13.48 47.80
C PHE M 10 45.70 13.31 48.81
N LEU M 11 44.84 14.31 48.98
CA LEU M 11 43.62 14.13 49.75
C LEU M 11 42.48 13.63 48.89
N ILE M 12 42.55 13.86 47.58
CA ILE M 12 41.49 13.48 46.63
C ILE M 12 41.15 12.00 46.74
N PRO M 13 42.12 11.09 46.87
CA PRO M 13 41.76 9.67 46.94
C PRO M 13 40.79 9.35 48.06
N PHE M 14 40.86 10.06 49.19
CA PHE M 14 40.01 9.74 50.33
C PHE M 14 38.54 9.79 49.95
N CYS M 15 38.18 10.57 48.95
CA CYS M 15 36.79 10.63 48.52
C CYS M 15 36.34 9.25 48.04
N PHE M 16 37.20 8.54 47.30
CA PHE M 16 36.85 7.20 46.85
C PHE M 16 36.76 6.22 48.01
N ILE M 17 37.78 6.22 48.88
CA ILE M 17 37.78 5.28 50.00
C ILE M 17 36.58 5.53 50.89
N ASN M 18 35.90 4.46 51.28
CA ASN M 18 34.63 4.57 51.97
C ASN M 18 34.82 5.11 53.38
N ASN M 19 33.82 5.84 53.85
CA ASN M 19 33.79 6.34 55.23
C ASN M 19 35.01 7.19 55.52
N MET M 20 35.22 8.21 54.70
CA MET M 20 36.31 9.16 54.90
C MET M 20 35.80 10.59 54.99
N TYR M 21 34.50 10.77 55.28
CA TYR M 21 33.98 12.12 55.46
C TYR M 21 34.71 12.83 56.59
N TRP M 22 34.88 12.16 57.71
CA TRP M 22 35.48 12.81 58.88
C TRP M 22 37.00 12.83 58.79
N MET M 23 37.60 11.80 58.21
CA MET M 23 39.03 11.84 57.98
C MET M 23 39.41 12.96 57.02
N VAL M 24 38.63 13.14 55.95
CA VAL M 24 38.88 14.27 55.06
C VAL M 24 38.75 15.57 55.83
N GLN M 25 37.71 15.68 56.66
CA GLN M 25 37.46 16.94 57.37
C GLN M 25 38.65 17.34 58.23
N ILE M 26 39.17 16.40 59.02
CA ILE M 26 40.28 16.73 59.89
C ILE M 26 41.50 17.13 59.07
N MET M 27 41.71 16.45 57.94
CA MET M 27 42.87 16.78 57.11
C MET M 27 42.76 18.20 56.57
N MET M 28 41.57 18.57 56.08
CA MET M 28 41.41 19.91 55.53
C MET M 28 41.66 20.96 56.60
N PHE M 29 41.19 20.72 57.83
CA PHE M 29 41.53 21.63 58.92
C PHE M 29 43.02 21.58 59.24
N PHE M 30 43.60 20.39 59.18
CA PHE M 30 45.03 20.28 59.50
C PHE M 30 45.88 21.03 58.50
N ILE M 31 45.57 20.91 57.20
CA ILE M 31 46.35 21.66 56.22
C ILE M 31 46.11 23.14 56.39
N SER M 32 44.89 23.54 56.73
CA SER M 32 44.65 24.93 57.07
C SER M 32 45.58 25.36 58.19
N PHE M 33 45.74 24.51 59.20
CA PHE M 33 46.70 24.80 60.25
C PHE M 33 48.10 24.93 59.68
N ILE M 34 48.49 24.05 58.76
CA ILE M 34 49.81 24.17 58.15
C ILE M 34 49.92 25.48 57.38
N PHE M 35 48.92 25.79 56.57
CA PHE M 35 48.97 27.03 55.80
C PHE M 35 49.01 28.24 56.72
N LEU M 36 48.43 28.13 57.90
CA LEU M 36 48.57 29.20 58.88
C LEU M 36 50.03 29.42 59.22
N LEU M 37 50.77 28.34 59.45
CA LEU M 37 52.15 28.47 59.89
C LEU M 37 52.98 29.22 58.87
N MET M 38 52.68 29.07 57.59
CA MET M 38 53.48 29.64 56.51
C MET M 38 53.04 31.09 56.31
N ASN M 39 53.73 32.03 56.93
CA ASN M 39 53.28 33.42 56.92
C ASN M 39 54.48 34.34 57.15
N ASN M 40 55.00 34.93 56.07
CA ASN M 40 56.04 35.95 56.24
C ASN M 40 55.93 37.06 55.19
N PHE M 41 54.80 37.22 54.52
CA PHE M 41 54.82 37.94 53.25
C PHE M 41 54.84 39.45 53.47
N MET M 42 55.18 40.15 52.39
CA MET M 42 55.18 41.59 52.31
C MET M 42 54.31 41.97 51.11
N ASN M 43 54.30 43.24 50.70
CA ASN M 43 53.52 43.60 49.52
C ASN M 43 54.02 42.90 48.27
N TYR M 44 55.33 42.69 48.16
CA TYR M 44 55.84 42.05 46.96
C TYR M 44 55.35 40.61 46.88
N TRP M 45 55.33 40.08 45.66
CA TRP M 45 54.96 38.69 45.47
C TRP M 45 55.99 37.80 46.15
N SER M 46 55.51 36.76 46.82
CA SER M 46 56.35 35.89 47.62
C SER M 46 55.98 34.44 47.34
N GLU M 47 56.86 33.53 47.76
CA GLU M 47 56.67 32.11 47.57
C GLU M 47 56.47 31.79 46.10
N ILE M 48 57.33 32.36 45.26
CA ILE M 48 57.15 32.25 43.82
C ILE M 48 57.58 30.86 43.39
N SER M 49 56.60 29.96 43.31
CA SER M 49 56.79 28.64 42.74
C SER M 49 56.75 28.77 41.22
N TYR M 50 56.50 27.67 40.52
CA TYR M 50 56.62 27.69 39.06
C TYR M 50 55.81 28.84 38.47
N PHE M 51 54.54 28.94 38.86
CA PHE M 51 53.71 30.06 38.49
C PHE M 51 52.78 30.47 39.63
N LEU M 52 53.03 29.99 40.85
CA LEU M 52 52.19 30.26 42.01
C LEU M 52 52.94 31.14 42.98
N GLY M 53 52.31 32.24 43.38
CA GLY M 53 52.86 33.10 44.39
C GLY M 53 51.93 33.26 45.57
N CYS M 54 52.22 34.21 46.45
CA CYS M 54 51.30 34.49 47.54
C CYS M 54 51.69 35.83 48.16
N ASP M 55 50.70 36.48 48.78
CA ASP M 55 50.86 37.87 49.19
C ASP M 55 49.82 38.17 50.27
N MET M 56 49.99 39.33 50.93
CA MET M 56 48.97 39.85 51.83
C MET M 56 47.58 39.64 51.28
N LEU M 57 47.33 40.11 50.07
CA LEU M 57 45.99 40.01 49.52
C LEU M 57 45.60 38.55 49.33
N SER M 58 46.51 37.73 48.80
CA SER M 58 46.18 36.34 48.52
C SER M 58 46.25 35.46 49.76
N TYR M 59 47.11 35.81 50.71
CA TYR M 59 47.33 34.92 51.85
C TYR M 59 46.06 34.77 52.67
N GLY M 60 45.46 35.89 53.05
CA GLY M 60 44.23 35.81 53.83
C GLY M 60 43.08 35.20 53.06
N LEU M 61 42.96 35.53 51.77
CA LEU M 61 41.88 34.96 50.97
C LEU M 61 42.01 33.44 50.92
N ILE M 62 43.22 32.94 50.76
CA ILE M 62 43.42 31.50 50.74
C ILE M 62 43.06 30.90 52.09
N LEU M 63 43.47 31.55 53.18
CA LEU M 63 43.18 31.01 54.50
C LEU M 63 41.67 30.92 54.72
N LEU M 64 40.94 31.94 54.31
CA LEU M 64 39.48 31.87 54.39
C LEU M 64 38.94 30.74 53.53
N SER M 65 39.50 30.57 52.33
CA SER M 65 39.03 29.51 51.45
C SER M 65 39.27 28.14 52.05
N LEU M 66 40.48 27.90 52.54
CA LEU M 66 40.73 26.64 53.24
C LEU M 66 39.88 26.55 54.48
N TRP M 67 39.75 27.65 55.22
CA TRP M 67 38.91 27.65 56.41
C TRP M 67 37.49 27.25 56.07
N ILE M 68 36.84 27.97 55.17
CA ILE M 68 35.45 27.71 54.86
C ILE M 68 35.30 26.34 54.21
N CYS M 69 36.28 25.95 53.40
CA CYS M 69 36.14 24.70 52.66
C CYS M 69 36.18 23.50 53.61
N SER M 70 36.89 23.62 54.74
CA SER M 70 36.82 22.58 55.75
C SER M 70 35.51 22.62 56.52
N LEU M 71 35.00 23.84 56.77
CA LEU M 71 33.77 23.97 57.54
C LEU M 71 32.56 23.45 56.79
N MET M 72 32.66 23.26 55.48
CA MET M 72 31.59 22.62 54.75
C MET M 72 31.21 21.30 55.40
N LEU M 73 32.21 20.49 55.71
CA LEU M 73 31.95 19.12 56.14
C LEU M 73 31.29 19.11 57.51
N LEU M 74 31.63 20.05 58.37
CA LEU M 74 30.85 20.22 59.60
C LEU M 74 29.41 20.59 59.28
N ALA M 75 29.22 21.50 58.33
CA ALA M 75 27.88 22.00 58.04
C ALA M 75 26.96 20.90 57.52
N SER M 76 27.44 20.13 56.55
CA SER M 76 26.60 19.17 55.86
C SER M 76 26.93 17.78 56.36
N GLU M 77 25.95 17.14 57.00
CA GLU M 77 26.02 15.73 57.32
C GLU M 77 24.79 14.97 56.83
N MET M 78 23.73 15.66 56.46
CA MET M 78 22.57 14.99 55.89
C MET M 78 22.95 14.18 54.66
N ILE M 79 24.03 14.57 53.98
CA ILE M 79 24.53 13.78 52.87
C ILE M 79 24.90 12.39 53.35
N ASN M 80 25.57 12.31 54.50
CA ASN M 80 25.89 10.99 55.06
C ASN M 80 24.64 10.27 55.52
N LYS M 81 23.72 10.97 56.19
CA LYS M 81 22.48 10.35 56.61
C LYS M 81 21.78 9.68 55.43
N HIS M 82 21.68 10.42 54.33
CA HIS M 82 20.97 9.93 53.15
C HIS M 82 21.83 9.03 52.29
N ASN M 83 23.14 9.01 52.52
CA ASN M 83 24.07 8.35 51.61
C ASN M 83 23.83 8.87 50.19
N ASN M 84 23.81 10.18 50.06
CA ASN M 84 23.49 10.85 48.80
C ASN M 84 24.74 11.10 47.97
N TYR M 85 25.51 10.05 47.73
CA TYR M 85 26.76 10.13 46.97
C TYR M 85 27.77 11.02 47.68
N LYS M 86 28.09 10.62 48.91
CA LYS M 86 29.11 11.31 49.67
C LYS M 86 30.41 11.41 48.91
N ASN M 87 30.72 10.40 48.09
CA ASN M 87 31.97 10.43 47.33
C ASN M 87 31.99 11.60 46.34
N LEU M 88 30.91 11.79 45.60
CA LEU M 88 30.87 12.93 44.68
C LEU M 88 30.92 14.25 45.42
N PHE M 89 30.27 14.32 46.59
CA PHE M 89 30.32 15.55 47.37
C PHE M 89 31.75 15.88 47.76
N LEU M 90 32.44 14.92 48.37
CA LEU M 90 33.79 15.17 48.82
C LEU M 90 34.70 15.52 47.65
N LEU M 91 34.57 14.80 46.53
CA LEU M 91 35.38 15.12 45.36
C LEU M 91 35.07 16.52 44.86
N ASN M 92 33.80 16.89 44.83
CA ASN M 92 33.45 18.22 44.36
C ASN M 92 34.08 19.29 45.24
N ILE M 93 34.06 19.09 46.55
CA ILE M 93 34.59 20.10 47.47
C ILE M 93 36.09 20.28 47.24
N ILE M 94 36.83 19.17 47.23
CA ILE M 94 38.29 19.27 47.10
C ILE M 94 38.64 19.92 45.77
N ILE M 95 37.98 19.50 44.69
CA ILE M 95 38.23 20.12 43.39
C ILE M 95 38.03 21.61 43.49
N LEU M 96 36.95 22.03 44.15
CA LEU M 96 36.71 23.45 44.34
C LEU M 96 37.85 24.08 45.14
N LEU M 97 38.31 23.40 46.19
CA LEU M 97 39.37 23.95 47.03
C LEU M 97 40.62 24.22 46.21
N LEU M 98 41.05 23.23 45.42
CA LEU M 98 42.23 23.41 44.60
C LEU M 98 42.06 24.61 43.66
N LEU M 99 40.88 24.74 43.05
CA LEU M 99 40.68 25.83 42.11
C LEU M 99 40.81 27.18 42.80
N LEU M 100 40.27 27.29 44.01
CA LEU M 100 40.36 28.54 44.75
C LEU M 100 41.82 28.89 45.04
N ILE M 101 42.60 27.91 45.49
CA ILE M 101 44.00 28.16 45.79
C ILE M 101 44.72 28.63 44.54
N LEU M 102 44.47 27.94 43.43
CA LEU M 102 45.13 28.31 42.19
C LEU M 102 44.61 29.62 41.63
N THR M 103 43.34 29.94 41.88
CA THR M 103 42.84 31.24 41.46
C THR M 103 43.53 32.36 42.23
N PHE M 104 43.62 32.21 43.56
CA PHE M 104 44.15 33.29 44.38
C PHE M 104 45.66 33.41 44.29
N SER M 105 46.35 32.39 43.81
CA SER M 105 47.81 32.42 43.71
C SER M 105 48.30 32.57 42.28
N SER M 106 47.42 32.48 41.29
CA SER M 106 47.84 32.69 39.91
C SER M 106 48.46 34.07 39.77
N MET M 107 49.77 34.14 39.59
CA MET M 107 50.43 35.42 39.45
C MET M 107 50.14 36.06 38.10
N SER M 108 49.72 35.28 37.12
CA SER M 108 49.31 35.81 35.83
C SER M 108 47.84 36.16 35.86
N LEU M 109 47.47 37.21 35.15
CA LEU M 109 46.05 37.52 35.02
C LEU M 109 45.32 36.39 34.31
N PHE M 110 45.92 35.86 33.24
CA PHE M 110 45.23 34.83 32.47
C PHE M 110 45.10 33.55 33.28
N MET M 111 46.16 33.14 33.97
CA MET M 111 46.04 32.02 34.89
C MET M 111 44.97 32.30 35.92
N PHE M 112 44.94 33.53 36.45
CA PHE M 112 43.90 33.86 37.41
C PHE M 112 42.53 33.71 36.80
N TYR M 113 42.31 34.34 35.63
CA TYR M 113 41.01 34.23 35.00
C TYR M 113 40.67 32.78 34.70
N LEU M 114 41.67 31.98 34.34
CA LEU M 114 41.39 30.61 33.94
C LEU M 114 40.79 29.83 35.09
N PHE M 115 41.43 29.86 36.26
CA PHE M 115 40.88 29.17 37.41
C PHE M 115 39.61 29.86 37.89
N PHE M 116 39.58 31.19 37.83
CA PHE M 116 38.41 31.95 38.20
C PHE M 116 37.15 31.43 37.52
N GLU M 117 37.24 31.21 36.22
CA GLU M 117 36.08 30.77 35.47
C GLU M 117 35.99 29.25 35.40
N SER M 118 37.09 28.55 35.73
CA SER M 118 36.99 27.10 35.92
C SER M 118 36.11 26.76 37.10
N SER M 119 36.06 27.62 38.11
CA SER M 119 35.21 27.38 39.28
C SER M 119 33.72 27.39 38.93
N LEU M 120 33.36 27.75 37.71
CA LEU M 120 31.94 27.73 37.33
C LEU M 120 31.35 26.34 37.49
N ILE M 121 32.13 25.30 37.21
CA ILE M 121 31.59 23.95 37.19
C ILE M 121 31.37 23.42 38.60
N PRO M 122 32.42 23.28 39.43
CA PRO M 122 32.23 22.53 40.68
C PRO M 122 31.17 23.12 41.56
N THR M 123 31.04 24.46 41.58
CA THR M 123 29.94 25.06 42.32
C THR M 123 28.61 24.60 41.74
N LEU M 124 28.49 24.55 40.42
CA LEU M 124 27.21 24.14 39.83
C LEU M 124 26.87 22.71 40.21
N PHE M 125 27.88 21.85 40.30
CA PHE M 125 27.65 20.51 40.83
C PHE M 125 27.06 20.60 42.23
N LEU M 126 27.64 21.47 43.07
CA LEU M 126 27.29 21.48 44.48
C LEU M 126 25.84 21.85 44.70
N ILE M 127 25.33 22.83 43.95
CA ILE M 127 23.90 23.15 44.04
C ILE M 127 23.07 22.03 43.43
N LEU M 128 23.41 21.63 42.21
CA LEU M 128 22.51 20.76 41.45
C LEU M 128 22.51 19.35 42.01
N GLY M 129 23.67 18.84 42.41
CA GLY M 129 23.71 17.49 42.91
C GLY M 129 23.05 17.30 44.26
N TRP M 130 22.81 18.39 45.00
CA TRP M 130 22.26 18.30 46.33
C TRP M 130 21.26 19.41 46.61
N GLY M 131 20.60 19.91 45.58
CA GLY M 131 19.56 20.89 45.78
C GLY M 131 18.29 20.27 46.34
N TYR M 132 17.36 21.13 46.75
CA TYR M 132 16.08 20.72 47.30
C TYR M 132 14.90 21.27 46.53
N GLN M 133 14.89 22.55 46.22
CA GLN M 133 13.72 23.11 45.58
C GLN M 133 13.69 22.75 44.09
N PRO M 134 12.51 22.61 43.49
CA PRO M 134 12.47 22.45 42.03
C PRO M 134 13.07 23.63 41.30
N GLU M 135 13.10 24.81 41.92
CA GLU M 135 13.71 25.98 41.29
C GLU M 135 15.18 25.76 41.01
N ARG M 136 15.81 24.78 41.67
CA ARG M 136 17.21 24.44 41.50
C ARG M 136 17.63 24.47 40.03
N LEU M 137 16.74 24.05 39.13
CA LEU M 137 17.08 24.08 37.71
C LEU M 137 17.24 25.51 37.22
N GLN M 138 16.17 26.30 37.26
CA GLN M 138 16.26 27.65 36.71
C GLN M 138 17.30 28.47 37.47
N ALA M 139 17.48 28.20 38.76
CA ALA M 139 18.51 28.89 39.52
C ALA M 139 19.90 28.65 38.92
N GLY M 140 20.20 27.38 38.60
CA GLY M 140 21.47 27.09 37.98
C GLY M 140 21.63 27.79 36.65
N LEU M 141 20.53 27.94 35.91
CA LEU M 141 20.59 28.70 34.67
C LEU M 141 20.96 30.15 34.94
N TYR M 142 20.32 30.75 35.95
CA TYR M 142 20.66 32.12 36.30
C TYR M 142 22.12 32.25 36.68
N LEU M 143 22.58 31.42 37.61
CA LEU M 143 23.95 31.51 38.09
C LEU M 143 24.94 31.41 36.95
N LEU M 144 24.85 30.34 36.17
CA LEU M 144 25.87 30.07 35.17
C LEU M 144 25.87 31.15 34.09
N PHE M 145 24.70 31.56 33.63
CA PHE M 145 24.67 32.38 32.43
C PHE M 145 24.83 33.86 32.74
N TYR M 146 24.38 34.32 33.89
CA TYR M 146 24.75 35.67 34.30
C TYR M 146 26.26 35.79 34.36
N THR M 147 26.93 34.76 34.86
CA THR M 147 28.38 34.80 34.98
C THR M 147 29.03 34.73 33.60
N LEU M 148 28.77 33.65 32.87
CA LEU M 148 29.44 33.44 31.59
C LEU M 148 29.15 34.56 30.61
N LEU M 149 27.96 35.14 30.68
CA LEU M 149 27.59 36.17 29.71
C LEU M 149 28.44 37.42 29.84
N VAL M 150 29.15 37.58 30.94
CA VAL M 150 30.08 38.70 31.09
C VAL M 150 31.47 38.17 31.43
N SER M 151 31.53 37.02 32.10
CA SER M 151 32.83 36.47 32.47
C SER M 151 33.60 36.02 31.24
N LEU M 152 32.91 35.59 30.20
CA LEU M 152 33.59 35.26 28.96
C LEU M 152 34.18 36.51 28.32
N PRO M 153 33.42 37.60 28.16
CA PRO M 153 33.96 38.78 27.47
C PRO M 153 35.26 39.35 28.02
N MET M 154 35.55 39.24 29.33
CA MET M 154 36.86 39.75 29.76
C MET M 154 37.99 38.98 29.10
N LEU M 155 37.71 37.80 28.57
CA LEU M 155 38.72 37.04 27.87
C LEU M 155 39.33 37.85 26.74
N ILE M 156 38.54 38.69 26.08
CA ILE M 156 39.09 39.58 25.08
C ILE M 156 39.98 40.62 25.72
N GLY M 157 39.51 41.25 26.79
CA GLY M 157 40.33 42.25 27.45
C GLY M 157 41.67 41.69 27.88
N ILE M 158 41.67 40.46 28.38
CA ILE M 158 42.91 39.83 28.80
C ILE M 158 43.87 39.71 27.63
N PHE M 159 43.38 39.21 26.50
CA PHE M 159 44.25 39.04 25.34
C PHE M 159 44.65 40.39 24.76
N TYR M 160 43.75 41.36 24.77
CA TYR M 160 44.13 42.69 24.32
C TYR M 160 45.24 43.24 25.19
N LEU M 161 45.14 43.02 26.50
CA LEU M 161 46.21 43.44 27.39
C LEU M 161 47.52 42.76 27.00
N MET M 162 47.47 41.46 26.72
CA MET M 162 48.69 40.76 26.32
C MET M 162 49.34 41.45 25.14
N ASN M 163 48.55 41.74 24.11
CA ASN M 163 49.11 42.28 22.88
C ASN M 163 49.79 43.61 23.12
N LYS M 164 49.21 44.46 23.96
CA LYS M 164 49.76 45.77 24.23
C LYS M 164 50.84 45.74 25.31
N ILE M 165 50.97 44.65 26.05
CA ILE M 165 51.82 44.58 27.22
C ILE M 165 52.92 43.53 27.07
N GLY M 166 52.57 42.34 26.59
CA GLY M 166 53.54 41.29 26.41
C GLY M 166 53.54 40.23 27.50
N SER M 167 52.79 40.43 28.58
CA SER M 167 52.62 39.40 29.60
C SER M 167 51.39 39.73 30.41
N MET M 168 51.14 38.93 31.45
CA MET M 168 50.00 39.14 32.34
C MET M 168 50.32 38.93 33.81
N ASN M 169 51.58 39.02 34.22
CA ASN M 169 51.87 39.12 35.63
C ASN M 169 51.40 40.47 36.16
N PHE M 170 50.91 40.47 37.40
CA PHE M 170 50.24 41.64 37.94
C PHE M 170 51.17 42.84 38.03
N TYR M 171 52.42 42.63 38.44
CA TYR M 171 53.33 43.77 38.53
C TYR M 171 53.54 44.42 37.17
N LEU M 172 53.51 43.62 36.10
CA LEU M 172 53.77 44.16 34.78
C LEU M 172 52.65 45.08 34.32
N MET M 173 51.39 44.72 34.57
CA MET M 173 50.33 45.65 34.21
C MET M 173 50.46 46.95 34.98
N ASN M 174 50.76 46.87 36.27
CA ASN M 174 50.79 48.06 37.11
C ASN M 174 51.69 49.12 36.50
N ASN M 175 52.76 48.70 35.83
CA ASN M 175 53.68 49.64 35.19
C ASN M 175 53.00 50.47 34.10
N PHE M 176 51.89 50.01 33.55
CA PHE M 176 51.23 50.69 32.44
C PHE M 176 49.83 51.12 32.86
N MET M 177 49.16 51.83 31.97
CA MET M 177 47.82 52.34 32.26
C MET M 177 47.07 52.52 30.95
N PHE M 178 45.83 52.05 30.91
CA PHE M 178 45.03 51.98 29.70
C PHE M 178 43.78 52.82 29.84
N ASN M 179 43.41 53.49 28.76
CA ASN M 179 42.27 54.40 28.73
C ASN M 179 41.51 54.32 27.40
N TYR M 180 41.20 53.11 26.93
CA TYR M 180 40.44 52.95 25.70
C TYR M 180 38.93 52.87 25.89
N ASP M 181 38.45 52.94 27.13
CA ASP M 181 37.04 53.20 27.42
C ASP M 181 36.14 51.98 27.16
N LEU M 182 36.66 50.94 26.54
CA LEU M 182 35.96 49.65 26.48
C LEU M 182 36.64 48.60 27.34
N LEU M 183 37.98 48.61 27.32
CA LEU M 183 38.73 47.78 28.26
C LEU M 183 38.21 47.98 29.67
N TYR M 184 37.92 49.22 30.03
CA TYR M 184 37.43 49.52 31.36
C TYR M 184 36.10 48.85 31.64
N PHE M 185 35.11 49.08 30.79
CA PHE M 185 33.80 48.49 31.05
C PHE M 185 33.86 46.97 30.94
N CYS M 186 34.60 46.47 29.95
CA CYS M 186 34.61 45.03 29.71
C CYS M 186 35.17 44.27 30.90
N LEU M 187 36.22 44.79 31.52
CA LEU M 187 36.74 44.14 32.72
C LEU M 187 35.90 44.48 33.93
N LEU M 188 35.65 45.77 34.17
CA LEU M 188 34.92 46.18 35.36
C LEU M 188 33.58 45.45 35.44
N CYS M 189 32.69 45.71 34.49
CA CYS M 189 31.35 45.15 34.56
C CYS M 189 31.39 43.63 34.68
N ALA M 190 32.35 43.00 34.01
CA ALA M 190 32.43 41.55 34.06
C ALA M 190 32.67 41.07 35.48
N PHE M 191 33.50 41.79 36.23
CA PHE M 191 33.65 41.47 37.65
C PHE M 191 32.43 41.89 38.45
N LEU M 192 31.76 42.98 38.04
CA LEU M 192 30.69 43.52 38.85
C LEU M 192 29.53 42.54 38.98
N VAL M 193 29.30 41.71 37.98
CA VAL M 193 28.20 40.75 38.06
C VAL M 193 28.46 39.75 39.18
N LYS M 194 29.70 39.28 39.30
CA LYS M 194 30.02 38.32 40.35
C LYS M 194 30.20 38.99 41.71
N MET M 195 30.42 40.30 41.72
CA MET M 195 30.60 41.04 42.98
C MET M 195 29.53 40.74 44.02
N PRO M 196 28.23 40.79 43.73
CA PRO M 196 27.57 41.28 42.53
C PRO M 196 27.23 42.74 42.70
N MET M 197 26.52 43.30 41.74
CA MET M 197 26.05 44.68 41.82
C MET M 197 24.55 44.65 42.06
N PHE M 198 24.04 45.74 42.62
CA PHE M 198 22.62 45.78 42.97
C PHE M 198 21.76 45.55 41.75
N LEU M 199 22.10 46.15 40.61
CA LEU M 199 21.30 45.95 39.42
C LEU M 199 21.40 44.53 38.86
N VAL M 200 22.46 43.80 39.18
CA VAL M 200 22.60 42.40 38.80
C VAL M 200 22.64 41.50 40.03
N HIS M 201 22.10 41.99 41.15
CA HIS M 201 21.85 41.13 42.29
C HIS M 201 20.92 39.97 41.93
N LEU M 202 20.09 40.15 40.90
CA LEU M 202 18.94 39.28 40.62
C LEU M 202 19.22 37.80 40.84
N TRP M 203 20.28 37.29 40.24
CA TRP M 203 20.55 35.86 40.32
C TRP M 203 20.78 35.44 41.77
N LEU M 204 21.50 36.26 42.53
CA LEU M 204 22.08 35.80 43.78
C LEU M 204 21.04 35.35 44.80
N PRO M 205 19.94 36.06 45.03
CA PRO M 205 18.92 35.52 45.94
C PRO M 205 18.43 34.16 45.51
N LYS M 206 18.24 33.96 44.21
CA LYS M 206 17.75 32.67 43.72
C LYS M 206 18.78 31.57 43.99
N ALA M 207 20.04 31.83 43.65
CA ALA M 207 21.07 30.82 43.86
C ALA M 207 21.14 30.40 45.32
N HIS M 208 21.10 31.36 46.24
CA HIS M 208 21.18 31.01 47.65
C HIS M 208 19.93 30.27 48.11
N VAL M 209 18.76 30.73 47.70
CA VAL M 209 17.53 30.18 48.27
C VAL M 209 17.41 28.70 47.92
N GLU M 210 17.55 28.36 46.65
CA GLU M 210 17.46 26.96 46.22
C GLU M 210 18.85 26.37 46.01
N ALA M 211 19.61 26.33 47.11
CA ALA M 211 20.88 25.63 47.15
C ALA M 211 21.06 25.07 48.54
N PRO M 212 21.83 24.00 48.71
CA PRO M 212 21.97 23.41 50.04
C PRO M 212 22.72 24.32 50.99
N VAL M 213 22.86 23.91 52.24
CA VAL M 213 23.67 24.68 53.19
C VAL M 213 25.06 24.86 52.64
N SER M 214 25.62 23.81 52.06
CA SER M 214 27.00 23.86 51.61
C SER M 214 27.16 24.84 50.46
N GLY M 215 26.38 24.65 49.39
CA GLY M 215 26.54 25.51 48.22
C GLY M 215 26.34 26.97 48.56
N SER M 216 25.29 27.28 49.33
CA SER M 216 25.04 28.66 49.69
C SER M 216 26.21 29.24 50.47
N MET M 217 26.78 28.46 51.39
CA MET M 217 27.94 28.92 52.13
C MET M 217 29.09 29.25 51.18
N ILE M 218 29.33 28.37 50.20
CA ILE M 218 30.34 28.64 49.19
C ILE M 218 29.99 29.90 48.41
N LEU M 219 28.75 29.99 47.93
CA LEU M 219 28.39 31.08 47.04
C LEU M 219 28.62 32.42 47.71
N ALA M 220 28.11 32.61 48.92
CA ALA M 220 28.27 33.87 49.62
C ALA M 220 29.63 34.02 50.26
N GLY M 221 30.39 32.95 50.41
CA GLY M 221 31.62 33.01 51.19
C GLY M 221 32.88 33.24 50.40
N ILE M 222 32.87 32.88 49.11
CA ILE M 222 34.06 33.02 48.28
C ILE M 222 33.73 33.76 46.99
N MET M 223 32.80 33.19 46.21
CA MET M 223 32.47 33.68 44.87
C MET M 223 32.37 35.19 44.82
N LEU M 224 31.59 35.78 45.72
CA LEU M 224 31.52 37.22 45.78
C LEU M 224 32.88 37.83 46.14
N LYS M 225 33.58 37.23 47.09
CA LYS M 225 34.90 37.74 47.44
C LYS M 225 35.88 37.55 46.30
N LEU M 226 35.81 36.42 45.60
CA LEU M 226 36.73 36.18 44.50
C LEU M 226 36.59 37.24 43.43
N GLY M 227 35.37 37.65 43.13
CA GLY M 227 35.21 38.77 42.22
C GLY M 227 35.93 40.01 42.71
N GLY M 228 35.81 40.30 44.01
CA GLY M 228 36.47 41.47 44.55
C GLY M 228 37.97 41.36 44.53
N TYR M 229 38.50 40.17 44.80
CA TYR M 229 39.94 40.02 44.79
C TYR M 229 40.51 40.34 43.43
N GLY M 230 39.84 39.90 42.36
CA GLY M 230 40.27 40.28 41.03
C GLY M 230 40.28 41.80 40.86
N MET M 231 39.24 42.47 41.33
CA MET M 231 39.19 43.91 41.22
C MET M 231 40.41 44.55 41.83
N LEU M 232 40.74 44.16 43.07
CA LEU M 232 41.87 44.76 43.76
C LEU M 232 43.14 44.62 42.93
N ARG M 233 43.31 43.47 42.27
CA ARG M 233 44.51 43.27 41.48
C ARG M 233 44.47 44.05 40.17
N VAL M 234 43.28 44.26 39.62
CA VAL M 234 43.20 44.72 38.23
C VAL M 234 43.06 46.24 38.11
N ILE M 235 42.38 46.89 39.06
CA ILE M 235 42.14 48.32 38.93
C ILE M 235 43.42 49.15 38.98
N SER M 236 44.56 48.51 39.23
CA SER M 236 45.83 49.23 39.29
C SER M 236 46.03 50.09 38.05
N PHE M 237 45.63 49.59 36.88
CA PHE M 237 45.89 50.26 35.63
C PHE M 237 44.64 50.85 34.99
N LEU M 238 43.50 50.76 35.67
CA LEU M 238 42.25 51.32 35.16
C LEU M 238 41.96 52.69 35.74
N GLN M 239 42.97 53.34 36.31
CA GLN M 239 42.71 54.48 37.18
C GLN M 239 42.11 55.65 36.41
N LEU M 240 42.86 56.19 35.44
CA LEU M 240 42.37 57.37 34.72
C LEU M 240 41.00 57.13 34.13
N MET M 241 40.82 56.02 33.43
CA MET M 241 39.52 55.73 32.86
C MET M 241 38.48 55.56 33.95
N ASN M 242 38.86 54.94 35.06
CA ASN M 242 37.93 54.84 36.19
C ASN M 242 37.53 56.21 36.70
N LEU M 243 38.50 57.11 36.86
CA LEU M 243 38.18 58.42 37.40
C LEU M 243 37.15 59.13 36.56
N LYS M 244 37.26 59.04 35.23
CA LYS M 244 36.31 59.72 34.36
C LYS M 244 34.90 59.17 34.57
N TYR M 245 34.77 57.85 34.66
CA TYR M 245 33.47 57.20 34.82
C TYR M 245 33.54 56.35 36.08
N SER M 246 33.26 56.97 37.21
CA SER M 246 33.12 56.27 38.48
C SER M 246 31.89 56.64 39.26
N PHE M 247 31.38 57.86 39.08
CA PHE M 247 30.23 58.30 39.85
C PHE M 247 29.03 57.38 39.63
N VAL M 248 28.92 56.75 38.46
CA VAL M 248 27.79 55.90 38.19
C VAL M 248 27.80 54.69 39.12
N TRP M 249 28.96 54.06 39.27
CA TRP M 249 29.04 52.81 40.03
C TRP M 249 28.82 53.07 41.51
N ILE M 250 29.49 54.07 42.05
CA ILE M 250 29.33 54.39 43.46
C ILE M 250 27.89 54.79 43.74
N SER M 251 27.26 55.49 42.81
CA SER M 251 25.88 55.90 43.03
C SER M 251 24.96 54.70 43.15
N ILE M 252 25.02 53.79 42.18
CA ILE M 252 24.07 52.68 42.18
C ILE M 252 24.30 51.77 43.37
N SER M 253 25.56 51.59 43.76
CA SER M 253 25.85 50.77 44.93
C SER M 253 25.24 51.40 46.18
N LEU M 254 25.52 52.67 46.43
CA LEU M 254 24.99 53.33 47.60
C LEU M 254 23.47 53.39 47.56
N VAL M 255 22.92 53.81 46.42
CA VAL M 255 21.46 53.87 46.28
C VAL M 255 20.87 52.49 46.46
N GLY M 256 21.42 51.49 45.76
CA GLY M 256 20.92 50.15 45.90
C GLY M 256 21.02 49.61 47.32
N GLY M 257 21.98 50.11 48.09
CA GLY M 257 22.15 49.60 49.44
C GLY M 257 20.94 49.86 50.32
N VAL M 258 20.48 51.12 50.37
CA VAL M 258 19.30 51.41 51.18
C VAL M 258 18.09 50.67 50.64
N LEU M 259 17.98 50.58 49.32
CA LEU M 259 16.85 49.86 48.75
C LEU M 259 16.87 48.39 49.18
N VAL M 260 18.00 47.72 48.99
CA VAL M 260 18.04 46.29 49.27
C VAL M 260 17.84 46.04 50.76
N SER M 261 18.24 46.98 51.61
CA SER M 261 17.94 46.87 53.03
C SER M 261 16.44 46.92 53.26
N LEU M 262 15.74 47.80 52.54
CA LEU M 262 14.29 47.85 52.66
C LEU M 262 13.65 46.60 52.07
N VAL M 263 14.28 46.01 51.06
CA VAL M 263 13.83 44.70 50.59
C VAL M 263 13.98 43.68 51.70
N CYS M 264 15.05 43.78 52.50
CA CYS M 264 15.25 42.85 53.60
C CYS M 264 14.15 42.97 54.63
N LEU M 265 13.81 44.20 55.02
CA LEU M 265 12.73 44.39 55.98
C LEU M 265 11.46 43.69 55.51
N ARG M 266 11.08 43.90 54.25
CA ARG M 266 9.86 43.33 53.72
C ARG M 266 10.01 41.86 53.35
N GLN M 267 11.22 41.34 53.28
CA GLN M 267 11.41 39.96 52.87
C GLN M 267 10.95 39.02 53.98
N THR M 268 10.66 37.78 53.59
CA THR M 268 10.07 36.78 54.48
C THR M 268 10.70 35.41 54.27
N ASP M 269 12.04 35.36 54.19
CA ASP M 269 12.76 34.09 54.05
C ASP M 269 14.17 34.25 54.58
N LEU M 270 14.58 33.33 55.45
CA LEU M 270 15.86 33.46 56.14
C LEU M 270 17.01 33.61 55.16
N LYS M 271 17.07 32.72 54.16
CA LYS M 271 18.13 32.84 53.16
C LYS M 271 17.99 34.10 52.34
N ALA M 272 16.75 34.53 52.08
CA ALA M 272 16.56 35.76 51.32
C ALA M 272 17.07 36.97 52.10
N LEU M 273 16.79 37.04 53.39
CA LEU M 273 17.32 38.12 54.21
C LEU M 273 18.84 38.16 54.14
N ILE M 274 19.48 37.02 54.40
CA ILE M 274 20.93 36.98 54.42
C ILE M 274 21.48 37.28 53.04
N ALA M 275 20.86 36.70 52.00
CA ALA M 275 21.32 36.92 50.65
C ALA M 275 21.28 38.40 50.29
N TYR M 276 20.15 39.06 50.54
CA TYR M 276 20.07 40.48 50.28
C TYR M 276 21.03 41.24 51.19
N SER M 277 21.15 40.81 52.44
CA SER M 277 22.09 41.47 53.34
C SER M 277 23.50 41.39 52.80
N SER M 278 23.91 40.22 52.31
CA SER M 278 25.26 40.06 51.78
C SER M 278 25.47 40.95 50.57
N VAL M 279 24.43 41.15 49.76
CA VAL M 279 24.53 42.09 48.66
C VAL M 279 24.74 43.50 49.18
N ALA M 280 24.04 43.85 50.26
CA ALA M 280 24.18 45.20 50.81
C ALA M 280 25.61 45.46 51.24
N HIS M 281 26.18 44.57 52.03
CA HIS M 281 27.55 44.78 52.50
C HIS M 281 28.50 44.84 51.33
N MET M 282 28.34 43.95 50.35
CA MET M 282 29.23 44.00 49.20
C MET M 282 28.96 45.22 48.34
N GLY M 283 27.83 45.88 48.55
CA GLY M 283 27.65 47.20 47.96
C GLY M 283 28.63 48.21 48.51
N ILE M 284 28.77 48.24 49.84
CA ILE M 284 29.69 49.20 50.45
C ILE M 284 31.13 48.86 50.09
N VAL M 285 31.45 47.56 50.02
CA VAL M 285 32.79 47.15 49.62
C VAL M 285 33.09 47.64 48.22
N LEU M 286 32.14 47.46 47.30
CA LEU M 286 32.33 47.95 45.94
C LEU M 286 32.53 49.46 45.94
N SER M 287 31.87 50.17 46.85
CA SER M 287 32.01 51.62 46.91
C SER M 287 33.40 52.02 47.35
N GLY M 288 33.83 51.56 48.52
CA GLY M 288 35.17 51.90 48.99
C GLY M 288 36.23 51.49 47.99
N LEU M 289 36.06 50.32 47.38
CA LEU M 289 37.01 49.86 46.37
C LEU M 289 37.10 50.86 45.22
N LEU M 290 35.96 51.25 44.66
CA LEU M 290 35.97 52.15 43.52
C LEU M 290 36.41 53.55 43.91
N THR M 291 36.40 53.86 45.20
CA THR M 291 37.06 55.08 45.63
C THR M 291 38.55 55.01 45.30
N MET M 292 39.13 53.82 45.39
CA MET M 292 40.53 53.53 45.10
C MET M 292 41.48 54.20 46.07
N THR M 293 40.99 54.95 47.04
CA THR M 293 41.87 55.56 48.01
C THR M 293 42.47 54.46 48.89
N TYR M 294 43.61 54.79 49.51
CA TYR M 294 44.29 53.82 50.35
C TYR M 294 43.36 53.28 51.42
N TRP M 295 42.67 54.17 52.11
CA TRP M 295 41.75 53.75 53.16
C TRP M 295 40.67 52.84 52.60
N GLY M 296 40.11 53.20 51.45
CA GLY M 296 39.09 52.35 50.86
C GLY M 296 39.59 50.95 50.57
N LEU M 297 40.75 50.85 49.92
CA LEU M 297 41.21 49.55 49.44
C LEU M 297 41.62 48.66 50.60
N CYS M 298 42.43 49.18 51.51
CA CYS M 298 42.86 48.38 52.65
C CYS M 298 41.69 47.98 53.52
N GLY M 299 40.65 48.80 53.56
CA GLY M 299 39.45 48.41 54.27
C GLY M 299 38.60 47.44 53.50
N SER M 300 38.58 47.55 52.17
CA SER M 300 37.79 46.62 51.38
C SER M 300 38.28 45.19 51.60
N TYR M 301 39.60 45.00 51.56
CA TYR M 301 40.17 43.69 51.83
C TYR M 301 39.64 43.13 53.14
N THR M 302 39.55 43.97 54.16
CA THR M 302 39.09 43.49 55.46
C THR M 302 37.62 43.13 55.42
N LEU M 303 36.79 43.97 54.80
CA LEU M 303 35.36 43.74 54.87
C LEU M 303 34.95 42.53 54.05
N MET M 304 35.62 42.28 52.93
CA MET M 304 35.38 41.04 52.19
C MET M 304 35.62 39.83 53.08
N ILE M 305 36.74 39.82 53.79
CA ILE M 305 37.06 38.68 54.65
C ILE M 305 36.03 38.53 55.75
N ALA M 306 35.77 39.61 56.47
CA ALA M 306 34.83 39.51 57.58
C ALA M 306 33.43 39.18 57.09
N HIS M 307 33.02 39.78 55.97
CA HIS M 307 31.67 39.54 55.47
C HIS M 307 31.49 38.07 55.09
N GLY M 308 32.49 37.49 54.44
CA GLY M 308 32.40 36.08 54.09
C GLY M 308 32.17 35.21 55.31
N LEU M 309 32.90 35.48 56.39
CA LEU M 309 32.74 34.69 57.60
C LEU M 309 31.33 34.83 58.18
N CYS M 310 30.85 36.06 58.34
CA CYS M 310 29.54 36.23 58.97
C CYS M 310 28.45 35.63 58.09
N SER M 311 28.56 35.81 56.78
CA SER M 311 27.53 35.28 55.90
C SER M 311 27.44 33.77 56.00
N SER M 312 28.59 33.10 56.10
CA SER M 312 28.59 31.66 56.27
C SER M 312 27.84 31.25 57.52
N GLY M 313 28.21 31.82 58.67
CA GLY M 313 27.58 31.44 59.92
C GLY M 313 26.09 31.64 59.89
N LEU M 314 25.64 32.77 59.34
CA LEU M 314 24.20 32.98 59.22
C LEU M 314 23.56 31.92 58.35
N PHE M 315 24.28 31.43 57.34
CA PHE M 315 23.72 30.36 56.53
C PHE M 315 23.61 29.07 57.33
N CYS M 316 24.57 28.78 58.19
CA CYS M 316 24.45 27.61 59.05
C CYS M 316 23.22 27.72 59.94
N LEU M 317 22.96 28.92 60.47
CA LEU M 317 21.73 29.15 61.21
C LEU M 317 20.51 28.84 60.36
N ALA M 318 20.48 29.38 59.14
CA ALA M 318 19.35 29.10 58.25
C ALA M 318 19.22 27.62 57.98
N ASN M 319 20.34 26.92 57.84
CA ASN M 319 20.28 25.47 57.68
C ASN M 319 19.67 24.80 58.89
N VAL M 320 20.02 25.28 60.09
CA VAL M 320 19.51 24.66 61.31
C VAL M 320 18.00 24.67 61.32
N SER M 321 17.40 25.84 61.11
CA SER M 321 15.94 25.92 61.02
C SER M 321 15.42 25.03 59.91
N TYR M 322 16.01 25.15 58.72
CA TYR M 322 15.55 24.37 57.59
C TYR M 322 15.62 22.89 57.88
N GLU M 323 16.52 22.47 58.77
CA GLU M 323 16.69 21.06 59.06
C GLU M 323 15.87 20.61 60.26
N ARG M 324 15.40 21.54 61.10
CA ARG M 324 14.44 21.18 62.14
C ARG M 324 13.00 21.35 61.65
N LEU M 325 12.61 22.59 61.34
CA LEU M 325 11.22 22.90 61.07
C LEU M 325 10.88 22.82 59.59
N GLY M 326 11.83 22.40 58.76
CA GLY M 326 11.50 22.02 57.40
C GLY M 326 10.77 23.07 56.59
N SER M 327 11.06 24.35 56.84
CA SER M 327 10.47 25.41 56.03
C SER M 327 11.18 26.73 56.26
N ARG M 328 11.58 27.39 55.17
CA ARG M 328 12.41 28.59 55.23
C ARG M 328 11.65 29.82 55.71
N SER M 329 10.33 29.75 55.84
CA SER M 329 9.53 30.95 56.02
C SER M 329 9.84 31.63 57.35
N MET M 330 9.73 32.96 57.34
CA MET M 330 9.67 33.69 58.61
C MET M 330 8.52 33.20 59.46
N LEU M 331 7.36 32.97 58.84
CA LEU M 331 6.17 32.69 59.63
C LEU M 331 6.33 31.41 60.43
N ILE M 332 6.75 30.33 59.78
CA ILE M 332 6.89 29.07 60.49
C ILE M 332 7.97 29.16 61.54
N ASN M 333 9.12 29.75 61.21
CA ASN M 333 10.23 29.84 62.15
C ASN M 333 9.95 30.98 63.11
N LYS M 334 9.95 30.69 64.41
CA LYS M 334 9.66 31.70 65.41
C LYS M 334 9.91 31.11 66.78
N GLY M 335 10.18 31.98 67.75
CA GLY M 335 10.22 31.57 69.14
C GLY M 335 11.26 30.53 69.45
N LEU M 336 12.26 30.36 68.59
CA LEU M 336 13.25 29.32 68.78
C LEU M 336 14.04 29.51 70.07
N LEU M 337 14.01 30.70 70.67
CA LEU M 337 14.63 30.88 71.98
C LEU M 337 14.11 29.88 72.99
N ASN M 338 12.86 29.45 72.84
CA ASN M 338 12.31 28.46 73.74
C ASN M 338 12.81 27.05 73.45
N PHE M 339 13.25 26.76 72.22
CA PHE M 339 13.68 25.42 71.83
C PHE M 339 15.18 25.24 71.78
N MET M 340 15.94 26.29 71.62
CA MET M 340 17.39 26.16 71.53
C MET M 340 18.02 27.40 72.12
N PRO M 341 17.69 27.75 73.36
CA PRO M 341 18.16 29.04 73.90
C PRO M 341 19.66 29.20 73.83
N SER M 342 20.42 28.15 74.11
CA SER M 342 21.86 28.24 73.93
C SER M 342 22.23 28.47 72.48
N MET M 343 21.39 28.03 71.54
CA MET M 343 21.65 28.36 70.15
C MET M 343 21.34 29.81 69.85
N THR M 344 20.27 30.35 70.44
CA THR M 344 19.89 31.72 70.13
C THR M 344 20.99 32.69 70.52
N LEU M 345 21.83 32.31 71.47
CA LEU M 345 23.06 33.05 71.71
C LEU M 345 23.84 33.22 70.41
N TRP M 346 24.06 32.13 69.69
CA TRP M 346 24.83 32.22 68.46
C TRP M 346 24.06 32.99 67.39
N TRP M 347 22.74 32.84 67.36
CA TRP M 347 21.94 33.65 66.46
C TRP M 347 22.21 35.13 66.69
N PHE M 348 22.23 35.54 67.96
CA PHE M 348 22.48 36.93 68.28
C PHE M 348 23.88 37.35 67.85
N LEU M 349 24.88 36.52 68.14
CA LEU M 349 26.25 36.92 67.88
C LEU M 349 26.50 37.11 66.40
N LEU M 350 26.11 36.12 65.59
CA LEU M 350 26.30 36.24 64.15
C LEU M 350 25.52 37.41 63.60
N SER M 351 24.31 37.63 64.09
CA SER M 351 23.58 38.85 63.74
C SER M 351 24.38 40.07 64.16
N SER M 352 24.94 40.04 65.36
CA SER M 352 25.71 41.18 65.85
C SER M 352 26.84 41.52 64.89
N ALA M 353 27.61 40.51 64.48
CA ALA M 353 28.73 40.77 63.59
C ALA M 353 28.27 41.37 62.27
N ASN M 354 27.07 41.00 61.81
CA ASN M 354 26.62 41.49 60.51
C ASN M 354 26.16 42.93 60.59
N MET M 355 25.77 43.40 61.77
CA MET M 355 25.46 44.81 61.98
C MET M 355 26.65 45.60 62.50
N ALA M 356 27.86 45.03 62.44
CA ALA M 356 29.10 45.75 62.75
C ALA M 356 29.16 46.14 64.23
N ALA M 357 28.97 45.14 65.11
CA ALA M 357 29.19 45.31 66.54
C ALA M 357 30.55 44.75 66.95
N PRO M 358 31.41 45.50 67.62
CA PRO M 358 32.77 45.01 67.90
C PRO M 358 32.77 44.05 69.09
N PRO M 359 33.90 43.36 69.33
CA PRO M 359 35.10 43.34 68.49
C PRO M 359 34.90 42.46 67.28
N THR M 360 34.87 43.06 66.11
CA THR M 360 34.35 42.40 64.93
C THR M 360 35.11 42.89 63.72
N LEU M 361 35.77 41.98 63.01
CA LEU M 361 36.53 42.38 61.83
C LEU M 361 35.63 43.05 60.80
N ASN M 362 34.34 42.70 60.77
CA ASN M 362 33.42 43.46 59.92
C ASN M 362 33.51 44.94 60.27
N LEU M 363 33.27 45.27 61.54
CA LEU M 363 33.22 46.68 61.95
C LEU M 363 34.47 47.41 61.51
N LEU M 364 35.64 46.86 61.85
CA LEU M 364 36.92 47.40 61.37
C LEU M 364 36.87 47.80 59.92
N GLY M 365 36.12 47.05 59.10
CA GLY M 365 35.95 47.44 57.72
C GLY M 365 35.27 48.79 57.57
N GLU M 366 34.04 48.91 58.09
CA GLU M 366 33.24 50.09 57.78
C GLU M 366 33.91 51.37 58.21
N ILE M 367 34.65 51.36 59.31
CA ILE M 367 35.43 52.55 59.64
C ILE M 367 36.31 52.94 58.47
N TYR M 368 37.00 51.97 57.88
CA TYR M 368 37.90 52.29 56.77
C TYR M 368 37.12 52.75 55.55
N LEU M 369 36.10 51.98 55.16
CA LEU M 369 35.36 52.32 53.95
C LEU M 369 34.61 53.63 54.11
N LEU M 370 33.99 53.85 55.26
CA LEU M 370 33.22 55.08 55.46
C LEU M 370 34.12 56.29 55.48
N ASN M 371 35.31 56.19 56.07
CA ASN M 371 36.27 57.27 55.97
C ASN M 371 36.60 57.58 54.52
N SER M 372 36.82 56.54 53.72
CA SER M 372 37.21 56.75 52.33
C SER M 372 36.12 57.49 51.57
N ILE M 373 34.90 56.97 51.65
CA ILE M 373 33.80 57.54 50.86
C ILE M 373 33.54 58.97 51.29
N VAL M 374 33.53 59.23 52.60
CA VAL M 374 33.24 60.56 53.10
C VAL M 374 34.27 61.54 52.58
N SER M 375 35.55 61.18 52.63
CA SER M 375 36.58 62.02 52.04
C SER M 375 36.33 62.21 50.57
N TRP M 376 35.96 61.15 49.87
CA TRP M 376 35.81 61.23 48.43
C TRP M 376 34.71 62.21 48.05
N SER M 377 33.62 62.23 48.81
CA SER M 377 32.52 63.12 48.47
C SER M 377 31.63 63.29 49.69
N TRP M 378 31.54 64.51 50.20
CA TRP M 378 30.71 64.75 51.37
C TRP M 378 29.26 64.39 51.12
N ILE M 379 28.82 64.45 49.85
CA ILE M 379 27.43 64.18 49.53
C ILE M 379 27.03 62.79 49.98
N SER M 380 27.98 61.87 50.03
CA SER M 380 27.67 60.48 50.35
C SER M 380 27.02 60.36 51.71
N MET M 381 27.38 61.22 52.66
CA MET M 381 26.96 61.03 54.04
C MET M 381 25.44 60.94 54.15
N ILE M 382 24.72 61.66 53.29
CA ILE M 382 23.27 61.68 53.40
C ILE M 382 22.68 60.30 53.16
N LEU M 383 23.36 59.47 52.37
CA LEU M 383 22.93 58.08 52.17
C LEU M 383 23.73 57.08 52.98
N LEU M 384 24.98 57.37 53.34
CA LEU M 384 25.71 56.46 54.19
C LEU M 384 24.99 56.26 55.52
N SER M 385 24.50 57.36 56.10
CA SER M 385 23.78 57.25 57.35
C SER M 385 22.60 56.28 57.23
N PHE M 386 21.76 56.47 56.22
CA PHE M 386 20.61 55.60 56.07
C PHE M 386 21.03 54.18 55.73
N LEU M 387 22.11 54.02 54.97
CA LEU M 387 22.54 52.69 54.56
C LEU M 387 22.87 51.82 55.77
N SER M 388 23.73 52.32 56.65
CA SER M 388 24.01 51.60 57.89
C SER M 388 22.78 51.50 58.78
N PHE M 389 22.00 52.56 58.85
CA PHE M 389 20.81 52.53 59.70
C PHE M 389 19.90 51.37 59.32
N PHE M 390 19.57 51.26 58.03
CA PHE M 390 18.70 50.16 57.63
C PHE M 390 19.44 48.84 57.61
N SER M 391 20.77 48.86 57.52
CA SER M 391 21.53 47.63 57.67
C SER M 391 21.20 46.97 58.99
N ALA M 392 21.47 47.69 60.08
CA ALA M 392 21.13 47.17 61.40
C ALA M 392 19.64 46.91 61.55
N ALA M 393 18.80 47.69 60.85
CA ALA M 393 17.37 47.58 61.06
C ALA M 393 16.86 46.20 60.73
N TYR M 394 17.16 45.69 59.54
CA TYR M 394 16.63 44.38 59.18
C TYR M 394 17.27 43.28 60.00
N THR M 395 18.56 43.43 60.35
CA THR M 395 19.20 42.44 61.19
C THR M 395 18.48 42.32 62.53
N LEU M 396 18.07 43.45 63.10
CA LEU M 396 17.27 43.39 64.31
C LEU M 396 16.02 42.57 64.07
N TYR M 397 15.30 42.88 63.00
CA TYR M 397 14.06 42.16 62.71
C TYR M 397 14.32 40.68 62.53
N LEU M 398 15.38 40.33 61.79
CA LEU M 398 15.70 38.94 61.59
C LEU M 398 15.92 38.24 62.91
N TYR M 399 16.72 38.85 63.80
CA TYR M 399 17.00 38.20 65.07
C TYR M 399 15.74 38.07 65.91
N SER M 400 14.96 39.13 66.00
CA SER M 400 13.85 39.14 66.94
C SER M 400 12.74 38.19 66.51
N PHE M 401 12.13 38.47 65.36
CA PHE M 401 10.95 37.73 64.94
C PHE M 401 11.24 36.23 64.87
N SER M 402 12.46 35.85 64.51
CA SER M 402 12.78 34.44 64.37
C SER M 402 12.88 33.74 65.72
N GLN M 403 13.25 34.48 66.77
CA GLN M 403 13.62 33.87 68.04
C GLN M 403 12.71 34.25 69.20
N HIS M 404 11.79 35.19 69.03
CA HIS M 404 11.18 35.86 70.17
C HIS M 404 9.71 35.49 70.36
N GLY M 405 8.87 35.65 69.36
CA GLY M 405 7.43 35.53 69.55
C GLY M 405 7.03 34.19 70.13
N LYS M 406 5.74 34.09 70.43
CA LYS M 406 5.22 32.84 70.96
C LYS M 406 5.32 31.75 69.90
N LEU M 407 5.56 30.53 70.36
CA LEU M 407 5.91 29.43 69.48
C LEU M 407 4.83 29.20 68.43
N PHE M 408 5.15 28.34 67.46
CA PHE M 408 4.19 27.96 66.44
C PHE M 408 3.45 26.70 66.88
N SER M 409 2.14 26.69 66.66
CA SER M 409 1.32 25.59 67.16
C SER M 409 1.65 24.28 66.46
N GLY M 410 1.65 24.27 65.13
CA GLY M 410 1.90 23.04 64.41
C GLY M 410 3.37 22.82 64.11
N VAL M 411 4.03 22.09 65.00
CA VAL M 411 5.47 21.85 64.89
C VAL M 411 5.77 20.48 65.47
N TYR M 412 6.30 19.60 64.65
CA TYR M 412 6.42 18.20 65.02
C TYR M 412 7.79 17.96 65.62
N SER M 413 7.83 17.08 66.62
CA SER M 413 8.98 16.98 67.50
C SER M 413 10.27 16.83 66.72
N PHE M 414 11.24 17.69 67.03
CA PHE M 414 12.53 17.70 66.37
C PHE M 414 13.65 17.73 67.39
N SER M 415 14.73 17.00 67.10
CA SER M 415 15.87 16.89 67.99
C SER M 415 16.40 18.25 68.39
N SER M 416 17.20 18.30 69.46
CA SER M 416 17.70 19.56 70.00
C SER M 416 19.14 19.80 69.55
N GLY M 417 19.70 20.93 69.98
CA GLY M 417 21.03 21.36 69.59
C GLY M 417 22.07 20.27 69.78
N LYS M 418 23.15 20.31 69.00
CA LYS M 418 24.09 19.21 69.00
C LYS M 418 25.50 19.74 68.75
N ILE M 419 26.48 18.92 69.12
CA ILE M 419 27.86 19.41 69.19
C ILE M 419 28.34 19.87 67.83
N ARG M 420 27.98 19.16 66.78
CA ARG M 420 28.45 19.55 65.44
C ARG M 420 28.06 20.98 65.14
N GLU M 421 26.77 21.31 65.28
CA GLU M 421 26.33 22.66 64.97
C GLU M 421 26.91 23.67 65.94
N TYR M 422 26.95 23.35 67.24
CA TYR M 422 27.53 24.27 68.20
C TYR M 422 28.97 24.61 67.83
N LEU M 423 29.78 23.58 67.61
CA LEU M 423 31.16 23.81 67.22
C LEU M 423 31.25 24.54 65.90
N LEU M 424 30.28 24.32 65.02
CA LEU M 424 30.31 25.01 63.73
C LEU M 424 30.15 26.52 63.92
N MET M 425 29.28 26.92 64.84
CA MET M 425 29.00 28.34 65.00
C MET M 425 30.14 29.04 65.70
N LEU M 426 30.72 28.41 66.73
CA LEU M 426 31.91 28.97 67.36
C LEU M 426 33.02 29.16 66.34
N LEU M 427 33.21 28.18 65.46
CA LEU M 427 34.34 28.20 64.56
C LEU M 427 34.24 29.34 63.55
N HIS M 428 33.03 29.71 63.16
CA HIS M 428 32.90 30.81 62.21
C HIS M 428 33.02 32.15 62.90
N TRP M 429 32.57 32.24 64.15
CA TRP M 429 32.59 33.53 64.83
C TRP M 429 33.91 33.77 65.55
N LEU M 430 34.39 32.79 66.31
CA LEU M 430 35.54 33.06 67.16
C LEU M 430 36.74 33.58 66.39
N PRO M 431 37.12 33.02 65.23
CA PRO M 431 38.16 33.69 64.42
C PRO M 431 37.78 35.08 64.02
N LEU M 432 36.49 35.34 63.81
CA LEU M 432 36.06 36.69 63.47
C LEU M 432 36.30 37.66 64.62
N ASN M 433 36.49 37.15 65.84
CA ASN M 433 36.94 37.96 66.96
C ASN M 433 38.45 37.91 67.10
N LEU M 434 39.06 36.76 66.80
CA LEU M 434 40.50 36.61 66.92
C LEU M 434 41.24 37.67 66.11
N LEU M 435 40.85 37.83 64.84
CA LEU M 435 41.69 38.52 63.88
C LEU M 435 42.01 39.94 64.30
N ILE M 436 41.13 40.58 65.07
CA ILE M 436 41.33 41.98 65.40
C ILE M 436 42.64 42.18 66.16
N LEU M 437 43.09 41.17 66.90
CA LEU M 437 44.37 41.27 67.57
C LEU M 437 45.49 41.54 66.58
N LYS M 438 45.44 40.91 65.41
CA LYS M 438 46.49 40.98 64.41
C LYS M 438 45.92 41.37 63.06
N SER M 439 45.12 42.44 63.05
CA SER M 439 44.55 42.91 61.80
C SER M 439 45.62 43.32 60.79
N GLU M 440 46.82 43.67 61.27
CA GLU M 440 47.85 44.22 60.39
C GLU M 440 48.12 43.31 59.20
N SER M 441 48.06 41.99 59.41
CA SER M 441 48.19 41.08 58.29
C SER M 441 46.93 41.06 57.43
N PHE M 442 45.77 41.19 58.06
CA PHE M 442 44.50 41.26 57.34
C PHE M 442 44.08 42.68 57.04
N MET M 443 44.85 43.67 57.47
CA MET M 443 44.51 45.08 57.29
C MET M 443 45.43 45.81 56.34
N LEU M 444 46.70 45.41 56.25
CA LEU M 444 47.67 46.03 55.36
C LEU M 444 48.03 45.05 54.26
N TRP M 445 47.74 45.43 53.03
CA TRP M 445 48.19 44.68 51.88
C TRP M 445 48.69 45.55 50.73
N LEU M 446 48.28 46.81 50.65
CA LEU M 446 48.67 47.66 49.54
C LEU M 446 50.18 47.81 49.47
N MET N 1 31.91 1.76 8.30
CA MET N 1 31.82 0.31 8.42
C MET N 1 30.70 -0.05 9.38
N PHE N 2 29.48 -0.05 8.87
CA PHE N 2 28.29 -0.15 9.71
C PHE N 2 27.69 -1.56 9.68
N ASN N 3 27.27 -2.02 8.51
CA ASN N 3 26.77 -3.38 8.34
C ASN N 3 27.58 -4.18 7.33
N ASN N 4 27.67 -3.71 6.08
CA ASN N 4 28.16 -4.55 5.00
C ASN N 4 29.65 -4.34 4.78
N SER N 5 30.21 -5.11 3.86
CA SER N 5 31.59 -4.91 3.45
C SER N 5 31.74 -3.73 2.51
N SER N 6 30.71 -3.43 1.71
CA SER N 6 30.78 -2.31 0.78
C SER N 6 30.97 -0.98 1.49
N LYS N 7 30.61 -0.91 2.79
CA LYS N 7 30.87 0.31 3.53
C LYS N 7 32.35 0.67 3.48
N ILE N 8 33.22 -0.33 3.60
CA ILE N 8 34.65 -0.05 3.53
C ILE N 8 35.02 0.48 2.17
N LEU N 9 34.46 -0.10 1.11
CA LEU N 9 34.82 0.31 -0.24
C LEU N 9 34.45 1.76 -0.49
N PHE N 10 33.20 2.12 -0.26
CA PHE N 10 32.76 3.48 -0.57
C PHE N 10 33.47 4.50 0.31
N ILE N 11 33.75 4.14 1.56
CA ILE N 11 34.54 5.03 2.39
C ILE N 11 35.89 5.27 1.76
N THR N 12 36.53 4.21 1.25
CA THR N 12 37.84 4.37 0.64
C THR N 12 37.77 5.29 -0.57
N ILE N 13 36.83 5.03 -1.47
CA ILE N 13 36.69 5.89 -2.64
C ILE N 13 36.37 7.31 -2.22
N MET N 14 35.55 7.46 -1.19
CA MET N 14 35.24 8.79 -0.70
C MET N 14 36.53 9.48 -0.27
N ILE N 15 37.36 8.80 0.53
CA ILE N 15 38.58 9.39 1.04
C ILE N 15 39.45 9.86 -0.12
N ILE N 16 39.64 9.00 -1.11
CA ILE N 16 40.46 9.36 -2.26
C ILE N 16 39.87 10.58 -2.94
N GLY N 17 38.56 10.60 -3.13
CA GLY N 17 37.94 11.72 -3.82
C GLY N 17 38.16 13.02 -3.08
N THR N 18 37.89 13.03 -1.78
CA THR N 18 38.09 14.24 -1.01
C THR N 18 39.56 14.59 -0.90
N LEU N 19 40.42 13.59 -0.79
CA LEU N 19 41.84 13.88 -0.69
C LEU N 19 42.34 14.53 -1.98
N ILE N 20 41.74 14.19 -3.11
CA ILE N 20 42.08 14.87 -4.35
C ILE N 20 41.80 16.36 -4.22
N THR N 21 40.65 16.70 -3.66
CA THR N 21 40.26 18.10 -3.54
C THR N 21 41.29 18.88 -2.73
N VAL N 22 41.62 18.41 -1.53
CA VAL N 22 42.51 19.16 -0.66
C VAL N 22 43.89 19.27 -1.28
N THR N 23 44.29 18.29 -2.07
CA THR N 23 45.55 18.31 -2.79
C THR N 23 45.41 18.77 -4.22
N SER N 24 44.22 19.22 -4.61
CA SER N 24 43.99 19.62 -5.99
C SER N 24 44.79 20.85 -6.32
N ASN N 25 45.39 20.87 -7.50
CA ASN N 25 46.19 22.01 -7.91
C ASN N 25 45.38 23.11 -8.56
N SER N 26 44.38 22.75 -9.36
CA SER N 26 43.55 23.71 -10.07
C SER N 26 42.09 23.47 -9.75
N TRP N 27 41.28 24.50 -9.98
CA TRP N 27 39.86 24.41 -9.64
C TRP N 27 39.23 23.15 -10.24
N LEU N 28 39.56 22.85 -11.49
CA LEU N 28 38.96 21.69 -12.14
C LEU N 28 39.27 20.43 -11.38
N GLY N 29 40.54 20.23 -11.01
CA GLY N 29 40.89 19.06 -10.23
C GLY N 29 40.13 19.01 -8.93
N ALA N 30 39.99 20.15 -8.26
CA ALA N 30 39.21 20.19 -7.03
C ALA N 30 37.77 19.80 -7.30
N TRP N 31 37.19 20.34 -8.38
CA TRP N 31 35.84 19.91 -8.74
C TRP N 31 35.78 18.41 -8.97
N MET N 32 36.76 17.87 -9.67
CA MET N 32 36.78 16.42 -9.90
C MET N 32 36.70 15.68 -8.59
N GLY N 33 37.58 16.01 -7.64
CA GLY N 33 37.55 15.33 -6.36
C GLY N 33 36.22 15.47 -5.66
N LEU N 34 35.61 16.65 -5.75
CA LEU N 34 34.33 16.86 -5.10
C LEU N 34 33.27 15.91 -5.63
N GLU N 35 33.19 15.75 -6.95
CA GLU N 35 32.17 14.86 -7.45
C GLU N 35 32.42 13.43 -7.01
N ILE N 36 33.69 13.01 -7.00
CA ILE N 36 33.99 11.65 -6.55
C ILE N 36 33.50 11.47 -5.12
N ASN N 37 33.63 12.51 -4.30
CA ASN N 37 33.02 12.50 -2.99
C ASN N 37 31.51 12.34 -3.10
N LEU N 38 30.89 13.01 -4.07
CA LEU N 38 29.45 12.93 -4.22
C LEU N 38 29.02 11.50 -4.48
N LEU N 39 29.70 10.82 -5.42
CA LEU N 39 29.44 9.40 -5.65
C LEU N 39 29.57 8.61 -4.35
N SER N 40 30.78 8.62 -3.77
CA SER N 40 31.11 7.64 -2.75
C SER N 40 30.19 7.74 -1.54
N PHE N 41 29.62 8.90 -1.30
CA PHE N 41 28.86 9.13 -0.07
C PHE N 41 27.39 8.77 -0.21
N ILE N 42 26.81 8.96 -1.39
CA ILE N 42 25.39 8.69 -1.58
C ILE N 42 25.00 7.27 -1.17
N PRO N 43 25.73 6.22 -1.56
CA PRO N 43 25.27 4.87 -1.15
C PRO N 43 25.25 4.67 0.34
N LEU N 44 26.26 5.18 1.06
CA LEU N 44 26.25 5.04 2.51
C LEU N 44 25.04 5.77 3.09
N LEU N 45 24.80 6.98 2.61
CA LEU N 45 23.66 7.75 3.09
C LEU N 45 22.34 7.10 2.71
N SER N 46 22.27 6.52 1.53
CA SER N 46 21.03 5.93 1.04
C SER N 46 21.02 4.43 1.34
N ASP N 47 20.90 4.11 2.62
CA ASP N 47 20.65 2.75 3.01
C ASP N 47 19.38 2.25 2.33
N ASN N 48 19.39 1.01 1.89
CA ASN N 48 18.24 0.40 1.26
C ASN N 48 17.34 -0.30 2.26
N ASN N 49 17.67 -0.25 3.54
CA ASN N 49 16.92 -1.00 4.54
C ASN N 49 15.66 -0.27 4.96
N ASN N 50 15.73 1.04 5.11
CA ASN N 50 14.60 1.84 5.59
C ASN N 50 14.20 2.83 4.50
N LEU N 51 13.30 3.74 4.88
CA LEU N 51 12.78 4.77 4.01
C LEU N 51 13.50 6.08 4.18
N MET N 52 13.56 6.60 5.41
CA MET N 52 14.03 7.97 5.64
C MET N 52 15.39 8.19 5.01
N SER N 53 16.23 7.15 5.03
CA SER N 53 17.53 7.23 4.37
C SER N 53 17.37 7.67 2.91
N THR N 54 16.39 7.10 2.22
CA THR N 54 16.30 7.34 0.78
C THR N 54 15.92 8.78 0.47
N GLU N 55 14.99 9.35 1.25
CA GLU N 55 14.60 10.74 1.00
C GLU N 55 15.77 11.69 1.24
N ALA N 56 16.54 11.46 2.30
CA ALA N 56 17.74 12.25 2.49
C ALA N 56 18.64 12.19 1.26
N SER N 57 18.63 11.05 0.57
CA SER N 57 19.53 10.88 -0.56
C SER N 57 19.20 11.83 -1.70
N LEU N 58 17.91 11.96 -2.05
CA LEU N 58 17.58 12.86 -3.15
C LEU N 58 17.97 14.28 -2.79
N LYS N 59 17.70 14.68 -1.55
CA LYS N 59 17.98 16.04 -1.14
C LYS N 59 19.48 16.30 -1.14
N TYR N 60 20.27 15.37 -0.61
CA TYR N 60 21.71 15.50 -0.65
C TYR N 60 22.23 15.56 -2.07
N PHE N 61 21.83 14.58 -2.89
CA PHE N 61 22.26 14.58 -4.28
C PHE N 61 21.76 15.81 -5.00
N LEU N 62 20.46 16.09 -4.89
CA LEU N 62 19.87 17.20 -5.64
C LEU N 62 20.44 18.54 -5.22
N THR N 63 21.06 18.62 -4.04
CA THR N 63 21.73 19.84 -3.61
C THR N 63 23.20 19.84 -4.02
N GLN N 64 23.95 18.81 -3.65
CA GLN N 64 25.37 18.78 -3.96
C GLN N 64 25.60 18.88 -5.46
N VAL N 65 24.77 18.20 -6.25
CA VAL N 65 24.98 18.19 -7.70
C VAL N 65 24.90 19.61 -8.24
N LEU N 66 23.92 20.38 -7.78
CA LEU N 66 23.84 21.77 -8.20
C LEU N 66 25.04 22.55 -7.69
N ALA N 67 25.49 22.25 -6.47
CA ALA N 67 26.65 22.94 -5.93
C ALA N 67 27.86 22.72 -6.81
N SER N 68 28.12 21.47 -7.19
CA SER N 68 29.25 21.18 -8.07
C SER N 68 29.05 21.84 -9.43
N THR N 69 27.82 21.81 -9.93
CA THR N 69 27.53 22.46 -11.20
C THR N 69 27.94 23.92 -11.16
N VAL N 70 27.48 24.65 -10.15
CA VAL N 70 27.79 26.07 -10.09
C VAL N 70 29.27 26.28 -9.82
N LEU N 71 29.88 25.43 -8.99
CA LEU N 71 31.28 25.61 -8.65
C LEU N 71 32.16 25.58 -9.88
N LEU N 72 32.04 24.52 -10.68
CA LEU N 72 32.83 24.42 -11.90
C LEU N 72 32.51 25.58 -12.83
N PHE N 73 31.22 25.90 -12.97
CA PHE N 73 30.84 27.00 -13.84
C PHE N 73 31.54 28.29 -13.44
N SER N 74 31.42 28.67 -12.18
CA SER N 74 32.05 29.91 -11.73
C SER N 74 33.56 29.82 -11.83
N SER N 75 34.11 28.61 -11.72
CA SER N 75 35.55 28.44 -11.92
C SER N 75 35.94 28.89 -13.31
N ILE N 76 35.22 28.41 -14.33
CA ILE N 76 35.55 28.74 -15.71
C ILE N 76 35.55 30.24 -15.91
N LEU N 77 34.54 30.92 -15.38
CA LEU N 77 34.46 32.36 -15.55
C LEU N 77 35.66 33.04 -14.92
N LEU N 78 35.91 32.78 -13.65
CA LEU N 78 37.08 33.35 -12.99
C LEU N 78 38.32 33.05 -13.79
N MET N 79 38.52 31.77 -14.10
CA MET N 79 39.68 31.33 -14.85
C MET N 79 39.48 31.47 -16.35
N LEU N 80 38.45 32.21 -16.78
CA LEU N 80 38.49 32.89 -18.07
C LEU N 80 38.89 34.36 -17.91
N LYS N 81 38.02 35.16 -17.27
CA LYS N 81 38.20 36.60 -17.27
C LYS N 81 39.54 36.99 -16.65
N ASN N 82 40.12 36.10 -15.84
CA ASN N 82 41.45 36.28 -15.31
C ASN N 82 42.49 35.40 -15.99
N ASN N 83 42.07 34.40 -16.76
CA ASN N 83 42.96 33.58 -17.56
C ASN N 83 44.04 32.96 -16.69
N MET N 84 43.72 32.75 -15.42
CA MET N 84 44.68 32.33 -14.42
C MET N 84 43.93 31.92 -13.16
N ASN N 85 44.39 30.84 -12.51
CA ASN N 85 43.64 30.30 -11.39
C ASN N 85 43.63 31.29 -10.22
N ASN N 86 44.75 31.91 -9.94
CA ASN N 86 44.86 32.91 -8.87
C ASN N 86 44.61 34.27 -9.47
N GLU N 87 43.35 34.70 -9.45
CA GLU N 87 43.01 36.03 -9.91
C GLU N 87 43.84 37.07 -9.16
N ILE N 88 44.01 38.24 -9.79
CA ILE N 88 44.74 39.31 -9.12
C ILE N 88 43.97 39.80 -7.91
N ASN N 89 42.64 39.81 -7.99
CA ASN N 89 41.82 40.37 -6.94
C ASN N 89 40.47 39.67 -6.95
N GLU N 90 39.77 39.76 -5.82
CA GLU N 90 38.47 39.13 -5.69
C GLU N 90 37.39 40.08 -6.21
N SER N 91 36.73 39.66 -7.29
CA SER N 91 35.64 40.40 -7.93
C SER N 91 34.39 39.53 -7.93
N PHE N 92 33.38 39.97 -8.69
CA PHE N 92 32.18 39.16 -8.81
C PHE N 92 32.47 37.79 -9.38
N THR N 93 33.60 37.62 -10.06
CA THR N 93 33.98 36.29 -10.54
C THR N 93 34.04 35.28 -9.40
N SER N 94 34.43 35.74 -8.21
CA SER N 94 34.81 34.83 -7.14
C SER N 94 33.74 34.60 -6.09
N MET N 95 32.86 35.57 -5.81
CA MET N 95 31.86 35.33 -4.78
C MET N 95 31.00 34.13 -5.10
N ILE N 96 30.74 33.86 -6.38
CA ILE N 96 29.91 32.71 -6.71
C ILE N 96 30.59 31.42 -6.30
N ILE N 97 31.91 31.37 -6.40
CA ILE N 97 32.63 30.15 -6.01
C ILE N 97 32.44 29.88 -4.53
N MET N 98 32.49 30.92 -3.70
CA MET N 98 32.21 30.70 -2.29
C MET N 98 30.77 30.26 -2.09
N SER N 99 29.82 30.92 -2.75
CA SER N 99 28.42 30.56 -2.56
C SER N 99 28.20 29.10 -2.90
N ALA N 100 28.89 28.60 -3.92
CA ALA N 100 28.89 27.16 -4.15
C ALA N 100 29.44 26.43 -2.94
N LEU N 101 30.63 26.78 -2.50
CA LEU N 101 31.27 26.04 -1.41
C LEU N 101 30.49 26.15 -0.13
N LEU N 102 29.92 27.33 0.15
CA LEU N 102 29.18 27.50 1.39
C LEU N 102 27.96 26.58 1.43
N LEU N 103 27.25 26.48 0.32
CA LEU N 103 26.14 25.53 0.27
C LEU N 103 26.62 24.10 0.43
N LYS N 104 27.74 23.76 -0.21
CA LYS N 104 28.21 22.38 -0.17
C LYS N 104 28.51 21.95 1.26
N SER N 105 29.11 22.82 2.06
CA SER N 105 29.41 22.53 3.45
C SER N 105 28.28 22.92 4.40
N GLY N 106 27.19 23.49 3.89
CA GLY N 106 26.08 23.86 4.74
C GLY N 106 26.42 25.00 5.69
N ALA N 107 26.64 26.19 5.15
CA ALA N 107 26.91 27.39 5.94
C ALA N 107 25.62 28.16 6.14
N ALA N 108 25.73 29.37 6.68
CA ALA N 108 24.60 30.02 7.34
C ALA N 108 23.37 30.20 6.46
N PRO N 109 23.38 31.05 5.44
CA PRO N 109 22.14 31.25 4.66
C PRO N 109 21.77 30.04 3.84
N PHE N 110 22.73 29.18 3.53
CA PHE N 110 22.51 27.97 2.76
C PHE N 110 22.71 26.79 3.69
N HIS N 111 21.66 26.48 4.45
CA HIS N 111 21.70 25.41 5.43
C HIS N 111 20.43 24.59 5.50
N PHE N 112 19.31 25.07 4.96
CA PHE N 112 18.02 24.48 5.26
C PHE N 112 17.98 23.00 4.90
N TRP N 113 18.67 22.64 3.82
CA TRP N 113 18.79 21.23 3.46
C TRP N 113 19.35 20.41 4.60
N PHE N 114 20.21 21.02 5.41
CA PHE N 114 21.09 20.27 6.29
C PHE N 114 20.32 19.72 7.48
N PRO N 115 19.44 20.51 8.12
CA PRO N 115 18.55 19.90 9.13
C PRO N 115 17.63 18.84 8.58
N ASN N 116 16.99 19.08 7.43
CA ASN N 116 16.12 18.07 6.87
C ASN N 116 16.87 16.77 6.62
N MET N 117 18.16 16.87 6.30
CA MET N 117 18.98 15.67 6.16
C MET N 117 18.94 14.81 7.40
N MET N 118 19.11 15.42 8.57
CA MET N 118 19.41 14.65 9.76
C MET N 118 18.33 13.64 10.07
N GLU N 119 17.08 13.97 9.75
CA GLU N 119 15.99 13.03 9.97
C GLU N 119 16.33 11.69 9.34
N GLY N 120 16.75 11.71 8.07
CA GLY N 120 17.05 10.48 7.38
C GLY N 120 18.28 9.77 7.93
N LEU N 121 19.36 10.50 8.13
CA LEU N 121 20.63 9.88 8.44
C LEU N 121 20.54 9.10 9.75
N THR N 122 21.22 7.96 9.79
CA THR N 122 21.46 7.31 11.07
C THR N 122 22.62 8.01 11.75
N TRP N 123 23.13 7.45 12.84
CA TRP N 123 24.10 8.19 13.64
C TRP N 123 25.44 8.32 12.93
N MET N 124 26.14 7.21 12.74
CA MET N 124 27.49 7.33 12.18
C MET N 124 27.43 7.86 10.76
N ASN N 125 26.38 7.56 10.01
CA ASN N 125 26.21 8.21 8.72
C ASN N 125 26.11 9.71 8.89
N ALA N 126 25.26 10.15 9.82
CA ALA N 126 25.23 11.57 10.15
C ALA N 126 26.62 12.05 10.53
N LEU N 127 27.21 11.43 11.56
CA LEU N 127 28.58 11.70 11.96
C LEU N 127 29.50 11.88 10.78
N MET N 128 29.41 10.99 9.81
CA MET N 128 30.42 11.01 8.76
C MET N 128 30.17 12.21 7.86
N LEU N 129 28.91 12.57 7.65
CA LEU N 129 28.57 13.81 6.98
C LEU N 129 28.96 15.02 7.81
N MET N 130 28.87 14.90 9.13
CA MET N 130 29.17 16.03 10.00
C MET N 130 30.64 16.42 9.89
N THR N 131 31.52 15.42 9.97
CA THR N 131 32.95 15.67 10.04
C THR N 131 33.56 15.81 8.66
N TRP N 132 33.44 14.77 7.85
CA TRP N 132 34.34 14.66 6.71
C TRP N 132 33.81 15.37 5.48
N GLN N 133 32.51 15.45 5.32
CA GLN N 133 31.94 16.14 4.17
C GLN N 133 32.02 17.62 4.27
N LYS N 134 32.74 18.15 5.25
CA LYS N 134 32.95 19.58 5.38
C LYS N 134 34.41 19.97 5.24
N ILE N 135 35.32 19.01 5.10
CA ILE N 135 36.72 19.35 4.93
C ILE N 135 36.89 20.06 3.60
N ALA N 136 36.63 19.34 2.51
CA ALA N 136 36.99 19.85 1.19
C ALA N 136 36.39 21.21 0.90
N PRO N 137 35.10 21.44 1.07
CA PRO N 137 34.58 22.77 0.75
C PRO N 137 35.21 23.85 1.60
N LEU N 138 35.52 23.54 2.86
CA LEU N 138 36.16 24.53 3.72
C LEU N 138 37.58 24.82 3.28
N MET N 139 38.38 23.76 3.03
CA MET N 139 39.75 24.00 2.60
C MET N 139 39.78 24.79 1.31
N LEU N 140 38.77 24.63 0.46
CA LEU N 140 38.69 25.50 -0.71
C LEU N 140 38.32 26.91 -0.31
N ILE N 141 37.38 27.07 0.62
CA ILE N 141 37.04 28.41 1.08
C ILE N 141 38.29 29.14 1.51
N SER N 142 39.28 28.40 2.02
CA SER N 142 40.57 29.00 2.36
C SER N 142 41.16 29.71 1.16
N TYR N 143 41.13 29.07 0.00
CA TYR N 143 41.75 29.68 -1.18
C TYR N 143 41.00 30.94 -1.57
N LEU N 144 39.68 30.92 -1.50
CA LEU N 144 38.90 32.12 -1.76
C LEU N 144 39.06 33.09 -0.61
N ASN N 145 39.16 34.38 -0.95
CA ASN N 145 39.57 35.40 0.02
C ASN N 145 38.66 36.62 -0.06
N ILE N 146 37.35 36.42 -0.03
CA ILE N 146 36.40 37.52 0.05
C ILE N 146 36.03 37.69 1.51
N LYS N 147 36.46 38.81 2.10
CA LYS N 147 36.23 39.03 3.52
C LYS N 147 34.76 39.09 3.86
N TYR N 148 34.00 39.94 3.17
CA TYR N 148 32.66 40.30 3.63
C TYR N 148 31.69 39.12 3.58
N LEU N 149 31.81 38.26 2.57
CA LEU N 149 30.87 37.14 2.49
C LEU N 149 31.09 36.18 3.65
N LEU N 150 32.34 35.80 3.91
CA LEU N 150 32.63 35.00 5.08
C LEU N 150 32.09 35.67 6.33
N LEU N 151 32.20 37.00 6.40
CA LEU N 151 31.76 37.73 7.58
C LEU N 151 30.25 37.63 7.75
N ILE N 152 29.50 37.77 6.67
CA ILE N 152 28.06 37.59 6.77
C ILE N 152 27.74 36.15 7.13
N SER N 153 28.49 35.20 6.59
CA SER N 153 28.31 33.81 6.99
C SER N 153 28.59 33.64 8.47
N VAL N 154 29.69 34.20 8.98
CA VAL N 154 30.01 34.05 10.38
C VAL N 154 28.94 34.72 11.24
N ILE N 155 28.47 35.89 10.81
CA ILE N 155 27.43 36.57 11.57
C ILE N 155 26.22 35.66 11.72
N LEU N 156 25.75 35.11 10.61
CA LEU N 156 24.55 34.29 10.58
C LEU N 156 24.84 32.83 10.90
N SER N 157 26.10 32.47 11.09
CA SER N 157 26.45 31.07 11.32
C SER N 157 26.13 30.61 12.74
N VAL N 158 25.84 31.54 13.63
CA VAL N 158 25.52 31.21 15.01
C VAL N 158 24.07 31.56 15.33
N ILE N 159 23.56 32.65 14.77
CA ILE N 159 22.23 33.12 15.12
C ILE N 159 21.22 32.01 14.89
N ILE N 160 21.07 31.58 13.64
CA ILE N 160 20.22 30.44 13.34
C ILE N 160 20.79 29.19 13.98
N GLY N 161 22.12 29.06 13.96
CA GLY N 161 22.75 27.84 14.44
C GLY N 161 22.49 27.55 15.90
N ALA N 162 22.09 28.56 16.67
CA ALA N 162 21.71 28.37 18.06
C ALA N 162 20.22 28.53 18.30
N ILE N 163 19.57 29.49 17.64
CA ILE N 163 18.15 29.71 17.88
C ILE N 163 17.35 28.47 17.48
N GLY N 164 17.72 27.84 16.38
CA GLY N 164 17.07 26.60 16.01
C GLY N 164 17.35 25.49 16.99
N GLY N 165 18.61 25.35 17.43
CA GLY N 165 18.94 24.32 18.39
C GLY N 165 18.10 24.39 19.65
N LEU N 166 17.70 25.61 20.03
CA LEU N 166 16.81 25.76 21.17
C LEU N 166 15.51 24.99 20.94
N ASN N 167 15.08 24.89 19.69
CA ASN N 167 13.72 24.46 19.37
C ASN N 167 13.61 22.97 19.14
N GLN N 168 14.69 22.34 18.68
CA GLN N 168 14.64 20.95 18.25
C GLN N 168 14.54 20.01 19.44
N THR N 169 13.73 18.96 19.29
CA THR N 169 13.67 17.87 20.26
C THR N 169 14.25 16.57 19.72
N SER N 170 14.55 16.50 18.42
CA SER N 170 15.13 15.30 17.83
C SER N 170 16.64 15.49 17.81
N LEU N 171 17.37 14.56 18.44
CA LEU N 171 18.81 14.70 18.55
C LEU N 171 19.44 14.89 17.19
N ARG N 172 18.82 14.34 16.15
CA ARG N 172 19.35 14.50 14.81
C ARG N 172 19.40 15.97 14.43
N LYS N 173 18.32 16.71 14.66
CA LYS N 173 18.32 18.12 14.29
C LYS N 173 19.23 18.93 15.21
N LEU N 174 19.34 18.57 16.48
CA LEU N 174 20.20 19.34 17.37
C LEU N 174 21.65 19.29 16.92
N MET N 175 22.14 18.11 16.53
CA MET N 175 23.51 18.03 16.05
C MET N 175 23.70 18.91 14.82
N ALA N 176 22.71 18.94 13.93
CA ALA N 176 22.78 19.85 12.81
C ALA N 176 22.99 21.28 13.30
N PHE N 177 22.14 21.74 14.20
CA PHE N 177 22.23 23.12 14.63
C PHE N 177 23.48 23.37 15.45
N SER N 178 23.89 22.37 16.23
CA SER N 178 25.12 22.51 17.01
C SER N 178 26.31 22.76 16.10
N SER N 179 26.39 22.02 15.00
CA SER N 179 27.53 22.16 14.11
C SER N 179 27.49 23.45 13.32
N ILE N 180 26.31 23.86 12.87
CA ILE N 180 26.21 25.12 12.13
C ILE N 180 26.79 26.25 12.98
N ASN N 181 26.49 26.24 14.27
CA ASN N 181 27.14 27.19 15.17
C ASN N 181 28.64 26.99 15.19
N HIS N 182 29.10 25.75 15.42
CA HIS N 182 30.54 25.50 15.43
C HIS N 182 31.14 25.85 14.08
N LEU N 183 30.44 25.53 12.99
CA LEU N 183 30.90 25.92 11.68
C LEU N 183 31.12 27.42 11.59
N GLY N 184 30.34 28.20 12.35
CA GLY N 184 30.61 29.63 12.43
C GLY N 184 32.01 29.91 12.91
N TRP N 185 32.48 29.16 13.89
CA TRP N 185 33.83 29.38 14.42
C TRP N 185 34.89 29.00 13.39
N MET N 186 34.73 27.86 12.71
CA MET N 186 35.70 27.49 11.69
C MET N 186 35.81 28.57 10.63
N LEU N 187 34.68 29.06 10.14
CA LEU N 187 34.70 30.03 9.04
C LEU N 187 35.44 31.29 9.44
N SER N 188 35.13 31.82 10.61
CA SER N 188 35.88 32.98 11.10
C SER N 188 37.35 32.61 11.22
N SER N 189 37.63 31.46 11.83
CA SER N 189 39.00 31.06 12.05
C SER N 189 39.76 30.94 10.73
N LEU N 190 39.10 30.49 9.67
CA LEU N 190 39.77 30.37 8.39
C LEU N 190 39.95 31.73 7.73
N MET N 191 39.05 32.68 8.01
CA MET N 191 39.27 34.04 7.54
C MET N 191 40.53 34.61 8.16
N ILE N 192 40.81 34.23 9.41
CA ILE N 192 41.98 34.73 10.12
C ILE N 192 43.24 34.01 9.64
N SER N 193 43.29 32.70 9.84
CA SER N 193 44.48 31.89 9.61
C SER N 193 44.03 30.46 9.30
N GLU N 194 44.97 29.65 8.84
CA GLU N 194 44.66 28.28 8.47
C GLU N 194 45.17 27.25 9.46
N SER N 195 46.35 27.47 10.04
CA SER N 195 46.89 26.48 10.97
C SER N 195 45.98 26.34 12.18
N ILE N 196 45.50 27.46 12.71
CA ILE N 196 44.53 27.41 13.80
C ILE N 196 43.23 26.79 13.32
N TRP N 197 42.81 27.09 12.09
CA TRP N 197 41.58 26.47 11.58
C TRP N 197 41.75 24.96 11.51
N LEU N 198 42.91 24.50 11.07
CA LEU N 198 43.17 23.07 11.04
C LEU N 198 43.02 22.46 12.42
N ILE N 199 43.60 23.10 13.42
CA ILE N 199 43.51 22.58 14.77
C ILE N 199 42.05 22.54 15.23
N TYR N 200 41.34 23.66 15.05
CA TYR N 200 40.00 23.75 15.61
C TYR N 200 39.08 22.70 14.98
N PHE N 201 39.17 22.50 13.68
CA PHE N 201 38.35 21.47 13.07
C PHE N 201 38.67 20.11 13.67
N PHE N 202 39.95 19.82 13.87
CA PHE N 202 40.34 18.52 14.38
C PHE N 202 39.72 18.27 15.74
N PHE N 203 39.79 19.25 16.64
CA PHE N 203 39.18 19.07 17.95
C PHE N 203 37.67 18.97 17.82
N TYR N 204 37.08 19.73 16.90
CA TYR N 204 35.68 19.55 16.61
C TYR N 204 35.38 18.16 16.07
N SER N 205 36.22 17.67 15.15
CA SER N 205 36.04 16.32 14.68
C SER N 205 36.09 15.34 15.84
N PHE N 206 37.13 15.45 16.66
CA PHE N 206 37.26 14.58 17.82
C PHE N 206 36.00 14.63 18.68
N LEU N 207 35.59 15.85 19.03
CA LEU N 207 34.47 16.00 19.95
C LEU N 207 33.18 15.48 19.33
N SER N 208 32.84 15.95 18.13
CA SER N 208 31.64 15.42 17.49
C SER N 208 31.76 13.92 17.28
N PHE N 209 32.96 13.44 16.99
CA PHE N 209 33.15 12.01 16.76
C PHE N 209 32.77 11.21 17.98
N VAL N 210 33.30 11.58 19.15
CA VAL N 210 32.97 10.84 20.37
C VAL N 210 31.48 11.00 20.70
N LEU N 211 30.96 12.21 20.56
CA LEU N 211 29.58 12.48 20.95
C LEU N 211 28.61 11.55 20.26
N THR N 212 28.51 11.65 18.93
CA THR N 212 27.57 10.82 18.19
C THR N 212 27.93 9.36 18.27
N PHE N 213 29.17 9.03 18.60
CA PHE N 213 29.57 7.63 18.58
C PHE N 213 28.99 6.89 19.78
N MET N 214 28.76 7.57 20.89
CA MET N 214 27.98 6.99 21.98
C MET N 214 26.50 7.00 21.69
N PHE N 215 25.99 8.05 21.04
CA PHE N 215 24.57 8.07 20.71
C PHE N 215 24.24 6.90 19.79
N ASN N 216 25.15 6.58 18.87
CA ASN N 216 25.04 5.34 18.12
C ASN N 216 25.05 4.14 19.06
N ILE N 217 25.91 4.15 20.06
CA ILE N 217 26.07 2.98 20.93
C ILE N 217 24.76 2.65 21.62
N PHE N 218 24.15 3.63 22.27
CA PHE N 218 22.94 3.41 23.04
C PHE N 218 21.69 3.69 22.24
N LYS N 219 21.82 4.21 21.02
CA LYS N 219 20.67 4.50 20.17
C LYS N 219 19.67 5.39 20.87
N LEU N 220 20.17 6.50 21.38
CA LEU N 220 19.35 7.50 22.05
C LEU N 220 19.03 8.58 21.03
N PHE N 221 17.75 8.69 20.66
CA PHE N 221 17.33 9.49 19.51
C PHE N 221 16.41 10.64 19.87
N HIS N 222 16.07 10.82 21.14
CA HIS N 222 15.08 11.80 21.51
C HIS N 222 15.29 12.14 22.97
N LEU N 223 15.05 13.39 23.34
CA LEU N 223 15.35 13.83 24.70
C LEU N 223 14.70 12.91 25.72
N ASN N 224 13.52 12.42 25.39
CA ASN N 224 12.88 11.45 26.27
C ASN N 224 13.76 10.22 26.45
N GLN N 225 14.36 9.75 25.36
CA GLN N 225 15.21 8.57 25.46
C GLN N 225 16.37 8.83 26.40
N LEU N 226 16.93 10.04 26.36
CA LEU N 226 18.04 10.37 27.24
C LEU N 226 17.62 10.31 28.70
N PHE N 227 16.44 10.86 29.02
CA PHE N 227 15.95 10.82 30.39
C PHE N 227 15.64 9.39 30.80
N SER N 228 15.26 8.54 29.84
CA SER N 228 14.81 7.19 30.12
C SER N 228 15.92 6.15 30.05
N TRP N 229 17.04 6.48 29.40
CA TRP N 229 18.09 5.49 29.20
C TRP N 229 18.63 5.00 30.53
N PHE N 230 18.49 3.71 30.77
CA PHE N 230 18.92 3.13 32.04
C PHE N 230 20.44 3.12 32.13
N VAL N 231 20.94 3.48 33.31
CA VAL N 231 22.32 3.24 33.71
C VAL N 231 22.28 2.70 35.12
N ASN N 232 23.19 1.77 35.41
CA ASN N 232 23.11 1.06 36.69
C ASN N 232 23.17 2.03 37.87
N SER N 233 24.07 3.01 37.81
CA SER N 233 24.37 3.84 38.97
C SER N 233 23.78 5.24 38.90
N LYS N 234 23.40 5.72 37.72
CA LYS N 234 23.07 7.12 37.51
C LYS N 234 24.18 8.03 38.04
N ILE N 235 25.42 7.55 37.92
CA ILE N 235 26.61 8.36 38.16
C ILE N 235 27.44 8.49 36.89
N LEU N 236 27.71 7.36 36.23
CA LEU N 236 28.28 7.43 34.89
C LEU N 236 27.30 8.06 33.92
N LYS N 237 26.01 8.03 34.24
CA LYS N 237 25.04 8.85 33.53
C LYS N 237 25.49 10.29 33.51
N PHE N 238 26.21 10.72 34.56
CA PHE N 238 26.65 12.08 34.74
C PHE N 238 28.12 12.26 34.34
N THR N 239 28.98 11.29 34.67
CA THR N 239 30.36 11.38 34.24
C THR N 239 30.49 11.39 32.72
N LEU N 240 29.73 10.54 32.03
CA LEU N 240 29.81 10.53 30.57
C LEU N 240 29.29 11.84 29.98
N PHE N 241 28.36 12.51 30.65
CA PHE N 241 27.67 13.64 30.04
C PHE N 241 28.41 14.96 30.21
N MET N 242 29.57 14.98 30.88
CA MET N 242 30.37 16.19 30.87
C MET N 242 30.65 16.65 29.45
N ASN N 243 30.82 15.72 28.52
CA ASN N 243 31.18 16.11 27.16
C ASN N 243 30.17 17.05 26.55
N PHE N 244 28.90 16.92 26.92
CA PHE N 244 27.90 17.87 26.44
C PHE N 244 28.26 19.30 26.81
N LEU N 245 29.04 19.48 27.88
CA LEU N 245 29.58 20.78 28.22
C LEU N 245 30.91 21.05 27.57
N SER N 246 31.67 20.00 27.26
CA SER N 246 32.84 20.19 26.40
C SER N 246 32.43 20.75 25.04
N LEU N 247 31.17 20.56 24.65
CA LEU N 247 30.67 21.22 23.45
C LEU N 247 30.84 22.72 23.55
N GLY N 248 30.44 23.29 24.69
CA GLY N 248 30.61 24.71 24.93
C GLY N 248 32.03 25.12 25.23
N GLY N 249 32.92 24.16 25.46
CA GLY N 249 34.31 24.47 25.71
C GLY N 249 34.54 25.29 26.96
N LEU N 250 33.91 24.87 28.04
CA LEU N 250 34.15 25.51 29.32
C LEU N 250 35.42 24.91 29.96
N PRO N 251 36.28 25.76 30.53
CA PRO N 251 37.71 25.43 30.67
C PRO N 251 37.99 23.99 31.06
N PRO N 252 37.36 23.45 32.09
CA PRO N 252 37.74 22.10 32.52
C PRO N 252 37.07 21.01 31.71
N PHE N 253 36.98 21.18 30.39
CA PHE N 253 36.37 20.18 29.53
C PHE N 253 37.09 19.98 28.21
N LEU N 254 38.17 20.71 27.95
CA LEU N 254 39.02 20.55 26.75
C LEU N 254 38.40 21.09 25.48
N GLY N 255 37.11 21.45 25.49
CA GLY N 255 36.59 22.21 24.38
C GLY N 255 37.07 23.64 24.40
N PHE N 256 37.58 24.09 25.54
CA PHE N 256 38.09 25.45 25.66
C PHE N 256 39.37 25.64 24.84
N LEU N 257 40.23 24.64 24.81
CA LEU N 257 41.51 24.74 24.13
C LEU N 257 41.39 25.23 22.69
N PRO N 258 40.50 24.69 21.86
CA PRO N 258 40.34 25.27 20.52
C PRO N 258 39.70 26.65 20.55
N LYS N 259 38.64 26.84 21.31
CA LYS N 259 37.96 28.13 21.32
C LYS N 259 38.91 29.21 21.79
N TRP N 260 39.73 28.91 22.79
CA TRP N 260 40.77 29.85 23.21
C TRP N 260 41.71 30.15 22.05
N LEU N 261 42.17 29.13 21.32
CA LEU N 261 43.11 29.38 20.25
C LEU N 261 42.51 30.30 19.19
N VAL N 262 41.28 30.03 18.78
CA VAL N 262 40.66 30.88 17.76
C VAL N 262 40.51 32.29 18.30
N ILE N 263 40.04 32.43 19.54
CA ILE N 263 39.82 33.76 20.11
C ILE N 263 41.11 34.54 20.15
N GLN N 264 42.18 33.89 20.63
CA GLN N 264 43.46 34.58 20.74
C GLN N 264 43.89 35.15 19.40
N GLN N 265 43.92 34.32 18.38
CA GLN N 265 44.40 34.79 17.09
C GLN N 265 43.42 35.76 16.45
N LEU N 266 42.13 35.55 16.66
CA LEU N 266 41.16 36.43 16.03
C LEU N 266 41.27 37.83 16.58
N THR N 267 41.32 37.98 17.92
CA THR N 267 41.46 39.31 18.48
C THR N 267 42.80 39.92 18.11
N LEU N 268 43.82 39.08 17.92
CA LEU N 268 45.08 39.57 17.38
C LEU N 268 44.89 40.20 16.01
N CYS N 269 43.88 39.73 15.26
CA CYS N 269 43.49 40.40 14.03
C CYS N 269 42.65 41.65 14.28
N ASN N 270 42.12 41.81 15.49
CA ASN N 270 41.39 42.99 15.94
C ASN N 270 39.96 43.04 15.45
N GLN N 271 39.39 41.92 15.03
CA GLN N 271 37.95 41.88 14.74
C GLN N 271 37.18 41.60 16.03
N TYR N 272 37.32 42.53 16.98
CA TYR N 272 36.73 42.31 18.29
C TYR N 272 35.22 42.18 18.20
N PHE N 273 34.57 43.02 17.41
CA PHE N 273 33.10 42.96 17.32
C PHE N 273 32.65 41.56 16.95
N MET N 274 33.29 40.96 15.96
CA MET N 274 32.86 39.63 15.53
C MET N 274 32.95 38.63 16.67
N LEU N 275 34.04 38.67 17.43
CA LEU N 275 34.18 37.76 18.56
C LEU N 275 32.98 37.90 19.50
N THR N 276 32.62 39.13 19.83
CA THR N 276 31.53 39.34 20.77
C THR N 276 30.27 38.62 20.31
N LEU N 277 29.92 38.74 19.03
CA LEU N 277 28.68 38.16 18.55
C LEU N 277 28.71 36.65 18.60
N MET N 278 29.75 36.04 18.04
CA MET N 278 29.85 34.59 18.06
C MET N 278 29.83 34.08 19.49
N MET N 279 30.53 34.78 20.36
CA MET N 279 30.72 34.36 21.73
C MET N 279 29.46 34.62 22.56
N MET N 280 28.69 35.64 22.19
CA MET N 280 27.35 35.80 22.76
C MET N 280 26.50 34.58 22.42
N SER N 281 26.51 34.17 21.15
CA SER N 281 25.68 33.04 20.73
C SER N 281 26.17 31.73 21.34
N THR N 282 27.48 31.63 21.61
CA THR N 282 28.01 30.42 22.22
C THR N 282 27.23 30.05 23.48
N LEU N 283 26.84 31.07 24.25
CA LEU N 283 26.07 30.80 25.45
C LEU N 283 24.74 30.13 25.10
N ILE N 284 24.11 30.55 24.01
CA ILE N 284 22.87 29.91 23.63
C ILE N 284 23.13 28.48 23.21
N THR N 285 24.28 28.24 22.58
CA THR N 285 24.65 26.86 22.28
C THR N 285 24.76 26.05 23.56
N LEU N 286 25.56 26.54 24.52
CA LEU N 286 25.68 25.88 25.80
C LEU N 286 24.35 25.84 26.54
N PHE N 287 23.43 26.74 26.22
CA PHE N 287 22.17 26.77 26.94
C PHE N 287 21.39 25.48 26.74
N PHE N 288 21.15 25.10 25.48
CA PHE N 288 20.36 23.89 25.30
C PHE N 288 21.14 22.64 25.65
N TYR N 289 22.47 22.73 25.73
CA TYR N 289 23.24 21.58 26.21
C TYR N 289 22.97 21.31 27.67
N LEU N 290 22.85 22.37 28.49
CA LEU N 290 22.33 22.16 29.82
C LEU N 290 20.92 21.60 29.77
N ARG N 291 20.12 22.09 28.82
CA ARG N 291 18.79 21.53 28.62
C ARG N 291 18.86 20.04 28.38
N ILE N 292 19.94 19.59 27.74
CA ILE N 292 20.18 18.15 27.61
C ILE N 292 20.60 17.56 28.94
N CYS N 293 21.48 18.25 29.67
CA CYS N 293 22.12 17.66 30.84
C CYS N 293 21.23 17.68 32.09
N TYR N 294 19.99 18.15 31.98
CA TYR N 294 19.07 17.93 33.09
C TYR N 294 18.89 16.45 33.36
N SER N 295 19.19 15.60 32.37
CA SER N 295 19.06 14.16 32.51
C SER N 295 20.08 13.56 33.48
N ALA N 296 21.20 14.23 33.75
CA ALA N 296 22.28 13.55 34.44
C ALA N 296 22.89 14.32 35.60
N PHE N 297 22.83 15.66 35.57
CA PHE N 297 23.45 16.42 36.65
C PHE N 297 22.83 16.06 37.99
N MET N 298 21.54 16.30 38.15
CA MET N 298 20.83 15.70 39.26
C MET N 298 20.83 14.19 39.08
N MET N 299 20.66 13.47 40.18
CA MET N 299 20.66 12.01 40.14
C MET N 299 19.31 11.47 40.59
N ASN N 300 19.10 10.18 40.32
CA ASN N 300 17.97 9.43 40.87
C ASN N 300 16.64 10.06 40.47
N TYR N 301 16.35 9.94 39.19
CA TYR N 301 15.15 10.55 38.62
C TYR N 301 14.03 9.52 38.64
N PHE N 302 12.93 9.87 37.98
CA PHE N 302 11.85 8.93 37.70
C PHE N 302 12.15 8.23 36.39
N GLU N 303 12.02 6.90 36.39
CA GLU N 303 12.48 6.08 35.29
C GLU N 303 11.38 5.10 34.91
N ASN N 304 11.55 4.46 33.74
CA ASN N 304 10.72 3.33 33.37
C ASN N 304 11.06 2.12 34.22
N ASN N 305 10.13 1.17 34.26
CA ASN N 305 10.19 0.03 35.17
C ASN N 305 10.70 -1.24 34.52
N TRP N 306 10.36 -1.48 33.25
CA TRP N 306 10.61 -2.80 32.67
C TRP N 306 12.10 -3.08 32.52
N ILE N 307 12.90 -2.06 32.21
CA ILE N 307 14.32 -2.28 32.01
C ILE N 307 14.94 -2.75 33.30
N MET N 308 15.89 -3.67 33.19
CA MET N 308 16.64 -4.15 34.36
C MET N 308 18.13 -4.09 34.09
N LYS N 309 18.54 -4.26 32.83
CA LYS N 309 19.94 -4.23 32.46
C LYS N 309 20.10 -3.49 31.14
N MET N 310 21.28 -2.91 30.98
CA MET N 310 21.64 -2.08 29.82
C MET N 310 22.97 -2.57 29.27
N ASN N 311 23.03 -2.74 27.94
CA ASN N 311 24.16 -3.40 27.29
C ASN N 311 24.53 -2.70 26.00
N MET N 312 25.76 -2.93 25.55
CA MET N 312 26.33 -2.21 24.42
C MET N 312 27.56 -2.96 23.93
N ASN N 313 28.03 -2.57 22.75
CA ASN N 313 29.18 -3.23 22.14
C ASN N 313 30.44 -3.03 22.95
N SER N 314 31.30 -4.05 22.95
CA SER N 314 32.62 -3.91 23.54
C SER N 314 33.47 -2.90 22.78
N ILE N 315 33.56 -3.06 21.46
CA ILE N 315 34.47 -2.24 20.69
C ILE N 315 34.08 -0.78 20.77
N ASN N 316 32.81 -0.48 20.52
CA ASN N 316 32.37 0.91 20.53
C ASN N 316 32.51 1.51 21.92
N TYR N 317 32.08 0.80 22.95
CA TYR N 317 32.18 1.34 24.29
C TYR N 317 33.63 1.47 24.73
N ASN N 318 34.47 0.49 24.41
CA ASN N 318 35.88 0.58 24.78
C ASN N 318 36.54 1.78 24.15
N MET N 319 36.30 2.01 22.86
CA MET N 319 36.84 3.21 22.24
C MET N 319 36.18 4.46 22.77
N TYR N 320 34.86 4.43 22.95
CA TYR N 320 34.14 5.66 23.25
C TYR N 320 34.70 6.36 24.47
N MET N 321 34.69 5.69 25.60
CA MET N 321 34.95 6.41 26.83
C MET N 321 36.42 6.58 27.14
N ILE N 322 37.32 6.09 26.29
CA ILE N 322 38.67 6.64 26.28
C ILE N 322 38.64 8.06 25.74
N MET N 323 37.95 8.27 24.62
CA MET N 323 37.79 9.62 24.09
C MET N 323 37.12 10.53 25.11
N THR N 324 36.17 9.99 25.86
CA THR N 324 35.51 10.80 26.88
C THR N 324 36.50 11.24 27.94
N PHE N 325 37.28 10.31 28.47
CA PHE N 325 38.20 10.64 29.54
C PHE N 325 39.10 11.80 29.14
N PHE N 326 39.51 11.83 27.87
CA PHE N 326 40.28 12.97 27.38
C PHE N 326 39.44 14.23 27.41
N SER N 327 38.18 14.14 27.00
CA SER N 327 37.28 15.27 27.09
C SER N 327 37.11 15.75 28.53
N ILE N 328 37.39 14.89 29.51
CA ILE N 328 37.32 15.30 30.90
C ILE N 328 38.59 16.05 31.31
N PHE N 329 39.72 15.35 31.28
CA PHE N 329 41.02 15.91 31.66
C PHE N 329 41.86 15.98 30.39
N GLY N 330 41.69 17.05 29.65
CA GLY N 330 42.46 17.25 28.44
C GLY N 330 43.43 18.40 28.55
N LEU N 331 43.09 19.37 29.40
CA LEU N 331 43.86 20.62 29.42
C LEU N 331 45.30 20.37 29.83
N PHE N 332 45.53 19.57 30.88
CA PHE N 332 46.88 19.45 31.43
C PHE N 332 47.89 19.01 30.39
N LEU N 333 47.42 18.49 29.25
CA LEU N 333 48.22 18.26 28.06
C LEU N 333 48.60 19.55 27.34
N ILE N 334 48.38 20.72 27.93
CA ILE N 334 48.84 22.00 27.40
C ILE N 334 50.22 21.92 26.78
N SER N 335 51.14 21.20 27.41
CA SER N 335 52.47 21.05 26.85
C SER N 335 52.44 20.21 25.58
N LEU N 336 51.65 19.12 25.59
CA LEU N 336 51.77 18.12 24.54
C LEU N 336 51.50 18.69 23.16
N PHE N 337 50.72 19.77 23.07
CA PHE N 337 50.41 20.38 21.80
C PHE N 337 51.42 21.49 21.52
N TYR N 338 52.16 21.36 20.43
CA TYR N 338 53.19 22.31 20.05
C TYR N 338 52.95 22.90 18.66
N PHE N 339 51.73 22.76 18.14
CA PHE N 339 51.42 23.24 16.80
C PHE N 339 50.90 24.66 16.79
N MET N 340 50.87 25.35 17.92
CA MET N 340 50.28 26.69 17.99
C MET N 340 51.30 27.81 17.78
N PHE N 341 52.58 27.49 17.59
CA PHE N 341 53.62 28.52 17.56
C PHE N 341 54.26 28.67 16.18
N ILE O 1 13.77 -30.71 9.26
CA ILE O 1 12.52 -30.83 8.53
C ILE O 1 12.34 -32.29 8.14
N SER O 2 13.45 -33.00 7.94
CA SER O 2 13.45 -34.41 7.63
C SER O 2 13.89 -35.20 8.86
N GLY O 3 13.16 -36.28 9.15
CA GLY O 3 13.41 -37.03 10.36
C GLY O 3 14.57 -37.98 10.22
N LYS O 4 15.27 -38.18 11.34
CA LYS O 4 16.36 -39.15 11.37
C LYS O 4 15.89 -40.52 10.93
N THR O 5 14.64 -40.88 11.25
CA THR O 5 14.13 -42.20 10.91
C THR O 5 14.18 -42.44 9.41
N MET O 6 13.79 -41.43 8.62
CA MET O 6 13.93 -41.51 7.17
C MET O 6 15.36 -41.34 6.71
N ARG O 7 16.22 -40.77 7.55
CA ARG O 7 17.64 -40.75 7.26
C ARG O 7 18.31 -42.08 7.57
N GLY O 8 17.63 -43.00 8.24
CA GLY O 8 18.27 -44.22 8.67
C GLY O 8 19.46 -43.97 9.56
N GLY O 9 19.44 -42.86 10.31
CA GLY O 9 20.57 -42.48 11.12
C GLY O 9 20.50 -41.02 11.51
N PRO O 10 21.61 -40.47 11.99
CA PRO O 10 21.63 -39.06 12.36
C PRO O 10 21.92 -38.15 11.18
N ARG O 11 21.63 -36.87 11.39
CA ARG O 11 21.98 -35.82 10.45
C ARG O 11 23.36 -35.28 10.80
N VAL O 12 24.07 -34.79 9.78
CA VAL O 12 25.41 -34.25 9.94
C VAL O 12 25.38 -32.75 9.67
N PRO O 13 26.16 -31.93 10.39
CA PRO O 13 26.33 -30.53 9.96
C PRO O 13 27.26 -30.44 8.76
N LYS O 14 26.81 -29.71 7.73
CA LYS O 14 27.51 -29.70 6.45
C LYS O 14 28.91 -29.11 6.58
N ALA O 15 29.13 -28.25 7.57
CA ALA O 15 30.43 -27.61 7.75
C ALA O 15 30.64 -27.35 9.23
N ALA O 16 31.88 -27.04 9.59
CA ALA O 16 32.23 -26.87 10.99
C ALA O 16 31.43 -25.73 11.61
N PRO O 17 30.66 -25.96 12.69
CA PRO O 17 29.90 -24.85 13.29
C PRO O 17 30.79 -23.76 13.86
N TYR O 18 30.30 -22.53 13.82
CA TYR O 18 31.01 -21.34 14.28
C TYR O 18 30.79 -21.14 15.77
N PRO O 19 31.84 -20.91 16.57
CA PRO O 19 31.63 -20.78 18.02
C PRO O 19 30.99 -19.45 18.39
N TYR O 20 29.72 -19.29 18.04
CA TYR O 20 29.04 -18.03 18.31
C TYR O 20 28.75 -17.84 19.79
N LYS O 21 28.74 -18.91 20.57
CA LYS O 21 28.54 -18.75 22.00
C LYS O 21 29.68 -17.98 22.64
N THR O 22 30.91 -18.24 22.19
CA THR O 22 32.11 -17.75 22.85
C THR O 22 32.97 -16.84 21.98
N LYS O 23 32.55 -16.54 20.76
CA LYS O 23 33.36 -15.74 19.84
C LYS O 23 32.53 -14.59 19.29
N LYS O 24 33.21 -13.47 19.06
CA LYS O 24 32.61 -12.30 18.44
C LYS O 24 32.66 -12.45 16.93
N TYR O 25 31.64 -11.91 16.27
CA TYR O 25 31.57 -11.92 14.81
C TYR O 25 31.79 -10.50 14.30
N SER O 26 32.73 -10.37 13.38
CA SER O 26 33.12 -9.09 12.81
C SER O 26 32.80 -9.05 11.32
N VAL O 27 32.71 -7.83 10.79
CA VAL O 27 32.57 -7.68 9.35
C VAL O 27 33.84 -8.14 8.65
N PHE O 28 35.00 -7.85 9.24
CA PHE O 28 36.23 -8.51 8.81
C PHE O 28 36.03 -10.02 8.81
N ASN O 29 35.43 -10.55 9.87
CA ASN O 29 35.24 -11.98 9.97
C ASN O 29 34.28 -12.48 8.90
N ALA O 30 33.27 -11.69 8.57
CA ALA O 30 32.36 -12.07 7.49
C ALA O 30 33.11 -12.19 6.17
N ILE O 31 34.00 -11.25 5.89
CA ILE O 31 34.84 -11.37 4.70
C ILE O 31 35.70 -12.61 4.78
N PHE O 32 36.15 -12.97 5.99
CA PHE O 32 37.07 -14.08 6.17
C PHE O 32 36.37 -15.43 6.27
N ASP O 33 35.05 -15.45 6.41
CA ASP O 33 34.32 -16.70 6.55
C ASP O 33 32.90 -16.53 6.04
N LYS O 34 32.49 -17.42 5.14
CA LYS O 34 31.18 -17.30 4.51
C LYS O 34 30.11 -17.90 5.42
N THR O 35 28.86 -17.51 5.16
CA THR O 35 27.75 -17.78 6.08
C THR O 35 26.88 -18.96 5.65
N SER O 36 26.26 -18.88 4.47
CA SER O 36 25.32 -19.92 4.06
C SER O 36 26.01 -21.22 3.71
N LYS O 37 27.34 -21.25 3.70
CA LYS O 37 28.05 -22.51 3.52
C LYS O 37 27.55 -23.57 4.48
N ARG O 38 27.42 -23.22 5.76
CA ARG O 38 26.96 -24.18 6.75
C ARG O 38 25.51 -24.54 6.57
N PHE O 39 24.72 -23.71 5.89
CA PHE O 39 23.28 -23.89 5.89
C PHE O 39 22.89 -25.14 5.14
N ASP O 40 21.83 -25.79 5.63
CA ASP O 40 21.42 -27.11 5.18
C ASP O 40 19.89 -27.11 5.10
N GLU O 41 19.32 -28.32 4.97
CA GLU O 41 17.87 -28.44 4.88
C GLU O 41 17.18 -27.89 6.12
N ASN O 42 17.58 -28.35 7.31
CA ASN O 42 16.83 -28.06 8.53
C ASN O 42 16.98 -26.63 9.01
N SER O 43 17.63 -25.72 8.29
CA SER O 43 17.89 -24.38 8.81
C SER O 43 16.59 -23.60 8.81
N LYS O 44 15.75 -23.88 9.81
CA LYS O 44 14.45 -23.22 9.86
C LYS O 44 13.92 -23.25 11.29
N VAL O 45 12.88 -22.46 11.51
CA VAL O 45 12.32 -22.19 12.83
C VAL O 45 10.91 -22.75 12.84
N ILE O 46 10.66 -23.69 13.74
CA ILE O 46 9.34 -24.29 13.90
C ILE O 46 8.80 -23.80 15.24
N CYS O 47 7.86 -22.88 15.18
CA CYS O 47 7.25 -22.33 16.39
C CYS O 47 6.05 -23.16 16.78
N VAL O 48 5.77 -23.20 18.08
CA VAL O 48 4.65 -23.95 18.63
C VAL O 48 3.70 -22.97 19.29
N GLU O 49 2.41 -23.31 19.24
CA GLU O 49 1.39 -22.59 19.99
C GLU O 49 0.36 -23.58 20.50
N GLY O 50 -0.34 -23.16 21.54
CA GLY O 50 -1.43 -23.92 22.08
C GLY O 50 -2.03 -23.21 23.27
N PRO O 51 -3.24 -23.59 23.67
CA PRO O 51 -3.81 -23.02 24.87
C PRO O 51 -3.02 -23.47 26.09
N ILE O 52 -3.01 -22.61 27.11
CA ILE O 52 -2.10 -22.80 28.23
C ILE O 52 -2.36 -24.17 28.85
N ALA O 53 -1.32 -24.71 29.49
CA ALA O 53 -1.37 -26.05 30.08
C ALA O 53 -1.56 -27.13 29.03
N ALA O 54 -0.98 -26.92 27.85
CA ALA O 54 -1.00 -27.91 26.78
C ALA O 54 0.19 -28.85 26.80
N GLY O 55 1.08 -28.72 27.79
CA GLY O 55 2.17 -29.68 27.96
C GLY O 55 3.07 -29.80 26.75
N LYS O 56 3.14 -28.75 25.92
CA LYS O 56 3.88 -28.83 24.67
C LYS O 56 5.39 -28.85 24.86
N SER O 57 5.88 -28.61 26.08
CA SER O 57 7.31 -28.66 26.31
C SER O 57 7.86 -30.05 26.03
N LYS O 58 7.18 -31.08 26.51
CA LYS O 58 7.60 -32.44 26.18
C LYS O 58 7.44 -32.73 24.70
N PHE O 59 6.38 -32.22 24.09
CA PHE O 59 6.20 -32.40 22.66
C PHE O 59 7.37 -31.81 21.89
N ALA O 60 7.66 -30.53 22.12
CA ALA O 60 8.72 -29.87 21.37
C ALA O 60 10.06 -30.52 21.65
N LYS O 61 10.29 -30.95 22.89
CA LYS O 61 11.52 -31.67 23.21
C LYS O 61 11.67 -32.89 22.32
N GLU O 62 10.64 -33.73 22.25
CA GLU O 62 10.73 -34.93 21.42
C GLU O 62 10.78 -34.57 19.95
N LEU O 63 10.03 -33.56 19.53
CA LEU O 63 10.03 -33.16 18.13
C LEU O 63 11.42 -32.72 17.70
N ALA O 64 12.06 -31.87 18.49
CA ALA O 64 13.44 -31.50 18.21
C ALA O 64 14.37 -32.68 18.41
N GLU O 65 14.00 -33.64 19.26
CA GLU O 65 14.85 -34.80 19.48
C GLU O 65 14.94 -35.66 18.23
N GLU O 66 13.79 -35.98 17.63
CA GLU O 66 13.73 -36.92 16.52
C GLU O 66 13.67 -36.23 15.15
N LEU O 67 13.83 -34.91 15.11
CA LEU O 67 14.12 -34.21 13.86
C LEU O 67 15.43 -33.43 13.93
N ASP O 68 16.14 -33.48 15.06
CA ASP O 68 17.48 -32.91 15.18
C ASP O 68 17.49 -31.38 15.11
N MET O 69 16.73 -30.75 15.99
CA MET O 69 16.81 -29.31 16.23
C MET O 69 17.11 -29.05 17.71
N GLU O 70 17.05 -27.78 18.09
CA GLU O 70 17.25 -27.34 19.46
C GLU O 70 15.90 -27.17 20.13
N TYR O 71 15.84 -27.49 21.42
CA TYR O 71 14.57 -27.38 22.15
C TYR O 71 14.32 -25.95 22.63
N TYR O 72 15.34 -25.28 23.18
CA TYR O 72 15.15 -23.93 23.68
C TYR O 72 14.01 -23.84 24.70
N PRO O 73 14.24 -24.24 25.96
CA PRO O 73 13.15 -24.22 26.94
C PRO O 73 12.37 -22.93 27.00
N ALA O 74 11.22 -22.97 27.67
CA ALA O 74 10.22 -21.92 27.58
C ALA O 74 10.61 -20.74 28.44
N VAL O 75 9.66 -19.83 28.66
CA VAL O 75 9.92 -18.63 29.43
C VAL O 75 10.39 -18.99 30.83
N ASP O 76 11.35 -18.20 31.31
CA ASP O 76 12.02 -18.42 32.60
C ASP O 76 12.13 -17.11 33.36
N LEU O 77 10.99 -16.48 33.62
CA LEU O 77 10.91 -15.17 34.27
C LEU O 77 11.92 -15.01 35.40
N ASP O 78 12.25 -16.11 36.07
CA ASP O 78 13.18 -16.06 37.19
C ASP O 78 14.53 -15.47 36.79
N LEU O 79 14.93 -15.62 35.52
CA LEU O 79 16.30 -15.24 35.14
C LEU O 79 16.59 -13.79 35.49
N ILE O 80 15.57 -12.92 35.50
CA ILE O 80 15.76 -11.59 36.06
C ILE O 80 16.26 -11.70 37.50
N TYR O 81 15.71 -12.64 38.24
CA TYR O 81 16.02 -12.81 39.64
C TYR O 81 17.22 -13.72 39.88
N ILE O 82 17.80 -14.28 38.83
CA ILE O 82 18.92 -15.19 38.94
C ILE O 82 20.20 -14.44 38.57
N ASN O 83 21.34 -14.96 38.99
CA ASN O 83 22.62 -14.29 38.77
C ASN O 83 23.71 -15.35 38.57
N SER O 84 24.96 -14.88 38.57
CA SER O 84 26.10 -15.77 38.35
C SER O 84 26.21 -16.85 39.42
N TYR O 85 25.60 -16.64 40.58
CA TYR O 85 25.60 -17.60 41.67
C TYR O 85 24.17 -17.99 42.03
N GLY O 86 23.25 -17.88 41.08
CA GLY O 86 21.95 -18.51 41.20
C GLY O 86 20.90 -17.74 41.97
N TYR O 87 21.18 -17.41 43.24
CA TYR O 87 20.12 -17.15 44.21
C TYR O 87 19.10 -16.12 43.75
N ASP O 88 17.91 -16.19 44.34
CA ASP O 88 16.77 -15.40 43.89
C ASP O 88 16.81 -14.03 44.51
N MET O 89 16.75 -12.99 43.68
CA MET O 89 16.50 -11.68 44.23
C MET O 89 15.10 -11.61 44.86
N ARG O 90 14.22 -12.55 44.53
CA ARG O 90 13.00 -12.70 45.30
C ARG O 90 13.30 -12.97 46.77
N LYS O 91 14.48 -13.54 47.06
CA LYS O 91 14.92 -13.65 48.44
C LYS O 91 14.83 -12.30 49.14
N LEU O 92 15.32 -11.25 48.48
CA LEU O 92 15.21 -9.92 49.03
C LEU O 92 13.74 -9.59 49.27
N ASP O 93 13.39 -9.47 50.54
CA ASP O 93 12.02 -9.35 51.02
C ASP O 93 11.45 -8.01 50.58
N PRO O 94 10.22 -7.67 50.95
CA PRO O 94 9.72 -6.33 50.64
C PRO O 94 10.41 -5.23 51.44
N GLN O 95 11.74 -5.15 51.40
CA GLN O 95 12.41 -3.96 51.94
C GLN O 95 11.89 -2.71 51.23
N LEU O 96 11.77 -2.78 49.91
CA LEU O 96 11.27 -1.68 49.11
C LEU O 96 9.94 -2.14 48.56
N PRO O 97 8.86 -2.06 49.32
CA PRO O 97 7.64 -2.83 48.99
C PRO O 97 7.02 -2.42 47.66
N PRO O 98 6.83 -1.10 47.38
CA PRO O 98 5.80 -0.72 46.41
C PRO O 98 6.01 -1.32 45.02
N SER O 99 7.14 -1.01 44.39
CA SER O 99 7.36 -1.46 43.01
C SER O 99 8.77 -2.03 42.82
N CYS O 100 9.43 -2.45 43.89
CA CYS O 100 10.69 -3.18 43.80
C CYS O 100 10.54 -4.64 44.16
N ARG O 101 9.50 -5.01 44.89
CA ARG O 101 9.29 -6.40 45.26
C ARG O 101 8.83 -7.21 44.06
N SER O 102 9.21 -8.48 44.04
CA SER O 102 9.16 -9.29 42.84
C SER O 102 7.72 -9.60 42.43
N TYR O 103 7.59 -10.21 41.24
CA TYR O 103 6.30 -10.64 40.72
C TYR O 103 6.55 -11.72 39.68
N ASP O 104 6.34 -12.98 40.05
CA ASP O 104 6.48 -14.08 39.13
C ASP O 104 5.11 -14.52 38.64
N VAL O 105 5.10 -15.54 37.78
CA VAL O 105 3.84 -16.10 37.31
C VAL O 105 3.01 -16.59 38.49
N ARG O 106 3.67 -17.05 39.55
CA ARG O 106 2.95 -17.39 40.76
C ARG O 106 2.15 -16.19 41.26
N ASN O 107 2.83 -15.05 41.41
CA ASN O 107 2.17 -13.85 41.91
C ASN O 107 1.03 -13.44 40.99
N PHE O 108 1.26 -13.49 39.68
CA PHE O 108 0.20 -13.20 38.73
C PHE O 108 -1.00 -14.11 38.97
N CYS O 109 -0.77 -15.42 39.03
CA CYS O 109 -1.85 -16.37 39.20
C CYS O 109 -2.55 -16.18 40.55
N LEU O 110 -1.77 -15.96 41.61
CA LEU O 110 -2.39 -15.67 42.90
C LEU O 110 -3.24 -14.41 42.82
N ASP O 111 -2.72 -13.36 42.19
CA ASP O 111 -3.46 -12.12 42.08
C ASP O 111 -3.02 -11.30 40.86
N PRO O 112 -3.85 -11.19 39.82
CA PRO O 112 -3.54 -10.27 38.72
C PRO O 112 -4.07 -8.85 38.93
N SER O 113 -4.59 -8.56 40.12
CA SER O 113 -5.12 -7.24 40.43
C SER O 113 -4.03 -6.22 40.72
N HIS O 114 -2.81 -6.68 41.00
CA HIS O 114 -1.73 -5.79 41.38
C HIS O 114 -1.18 -5.12 40.13
N ASP O 115 -1.17 -3.78 40.11
CA ASP O 115 -0.65 -3.05 38.96
C ASP O 115 0.78 -3.48 38.63
N LEU O 116 1.53 -3.88 39.65
CA LEU O 116 2.92 -4.28 39.45
C LEU O 116 3.02 -5.49 38.53
N ALA O 117 1.91 -6.23 38.35
CA ALA O 117 1.90 -7.35 37.42
C ALA O 117 2.29 -6.90 36.02
N ALA O 118 1.90 -5.70 35.63
CA ALA O 118 2.21 -5.24 34.28
C ALA O 118 3.71 -5.31 34.00
N GLN O 119 4.54 -5.18 35.04
CA GLN O 119 5.98 -5.30 34.89
C GLN O 119 6.36 -6.51 34.06
N PHE O 120 6.05 -7.71 34.56
CA PHE O 120 6.44 -8.89 33.81
C PHE O 120 5.66 -9.01 32.52
N GLN O 121 4.44 -8.44 32.49
CA GLN O 121 3.62 -8.52 31.29
C GLN O 121 4.38 -8.03 30.07
N ILE O 122 5.22 -7.03 30.24
CA ILE O 122 6.11 -6.57 29.19
C ILE O 122 7.48 -7.21 29.29
N ARG O 123 8.02 -7.34 30.50
CA ARG O 123 9.30 -8.03 30.63
C ARG O 123 9.20 -9.47 30.15
N MET O 124 8.01 -10.05 30.20
CA MET O 124 7.83 -11.41 29.68
C MET O 124 7.94 -11.43 28.17
N TYR O 125 7.44 -10.39 27.50
CA TYR O 125 7.62 -10.28 26.07
C TYR O 125 9.08 -10.12 25.70
N MET O 126 9.83 -9.36 26.50
CA MET O 126 11.25 -9.20 26.23
C MET O 126 11.96 -10.53 26.34
N LEU O 127 11.63 -11.34 27.34
CA LEU O 127 12.28 -12.62 27.52
C LEU O 127 12.04 -13.52 26.32
N ARG O 128 10.79 -13.60 25.86
CA ARG O 128 10.51 -14.30 24.61
C ARG O 128 11.36 -13.73 23.50
N TYR O 129 11.36 -12.40 23.37
CA TYR O 129 12.02 -11.75 22.26
C TYR O 129 13.52 -11.98 22.31
N SER O 130 14.11 -11.91 23.50
CA SER O 130 15.52 -12.22 23.64
C SER O 130 15.79 -13.67 23.28
N GLN O 131 14.90 -14.58 23.70
CA GLN O 131 15.07 -15.98 23.33
C GLN O 131 15.04 -16.13 21.81
N TYR O 132 14.12 -15.44 21.15
CA TYR O 132 14.00 -15.55 19.71
C TYR O 132 15.32 -15.22 19.04
N ILE O 133 15.96 -14.14 19.46
CA ILE O 133 17.25 -13.79 18.88
C ILE O 133 18.28 -14.86 19.17
N ASP O 134 18.22 -15.47 20.36
CA ASP O 134 19.11 -16.59 20.63
C ASP O 134 18.90 -17.68 19.61
N ALA O 135 17.64 -17.96 19.28
CA ALA O 135 17.36 -18.98 18.28
C ALA O 135 17.94 -18.58 16.93
N LEU O 136 17.75 -17.32 16.53
CA LEU O 136 18.32 -16.89 15.26
C LEU O 136 19.83 -16.95 15.30
N GLN O 137 20.43 -16.60 16.45
CA GLN O 137 21.88 -16.74 16.59
C GLN O 137 22.31 -18.17 16.32
N HIS O 138 21.62 -19.13 16.94
CA HIS O 138 22.01 -20.53 16.78
C HIS O 138 21.81 -21.00 15.34
N VAL O 139 20.71 -20.60 14.72
CA VAL O 139 20.48 -20.94 13.32
C VAL O 139 21.64 -20.46 12.47
N LEU O 140 21.84 -19.15 12.43
CA LEU O 140 22.76 -18.56 11.46
C LEU O 140 24.20 -18.98 11.69
N SER O 141 24.56 -19.31 12.92
CA SER O 141 25.92 -19.77 13.17
C SER O 141 26.08 -21.23 12.78
N THR O 142 25.27 -22.10 13.36
CA THR O 142 25.40 -23.53 13.16
C THR O 142 24.68 -24.04 11.93
N GLY O 143 23.70 -23.30 11.43
CA GLY O 143 22.84 -23.79 10.38
C GLY O 143 21.85 -24.84 10.83
N GLN O 144 21.80 -25.15 12.12
CA GLN O 144 20.93 -26.18 12.65
C GLN O 144 19.56 -25.59 12.93
N GLY O 145 18.53 -26.41 12.75
CA GLY O 145 17.18 -25.94 12.97
C GLY O 145 16.91 -25.71 14.44
N VAL O 146 15.84 -24.96 14.71
CA VAL O 146 15.44 -24.61 16.07
C VAL O 146 13.93 -24.78 16.21
N VAL O 147 13.50 -24.91 17.47
CA VAL O 147 12.09 -25.04 17.80
C VAL O 147 11.85 -24.28 19.10
N LEU O 148 11.14 -23.16 19.01
CA LEU O 148 10.77 -22.39 20.18
C LEU O 148 9.35 -22.77 20.57
N GLU O 149 9.15 -23.06 21.86
CA GLU O 149 7.83 -23.44 22.34
C GLU O 149 6.83 -22.30 22.14
N ARG O 150 7.26 -21.08 22.39
CA ARG O 150 6.40 -19.92 22.22
C ARG O 150 7.24 -18.75 21.75
N SER O 151 6.57 -17.76 21.17
CA SER O 151 7.24 -16.69 20.45
C SER O 151 6.78 -15.32 20.93
N PRO O 152 7.62 -14.30 20.79
CA PRO O 152 7.12 -12.93 21.00
C PRO O 152 5.97 -12.59 20.09
N TYR O 153 5.98 -13.11 18.86
CA TYR O 153 4.87 -12.88 17.94
C TYR O 153 3.54 -13.27 18.56
N SER O 154 3.53 -14.34 19.34
CA SER O 154 2.31 -14.82 19.95
C SER O 154 2.01 -14.18 21.29
N ASP O 155 2.98 -13.48 21.89
CA ASP O 155 2.81 -12.99 23.25
C ASP O 155 1.63 -12.05 23.39
N PHE O 156 1.33 -11.26 22.35
CA PHE O 156 0.26 -10.29 22.48
C PHE O 156 -1.07 -10.96 22.77
N VAL O 157 -1.20 -12.25 22.42
CA VAL O 157 -2.42 -12.98 22.72
C VAL O 157 -2.73 -12.88 24.21
N PHE O 158 -1.79 -13.31 25.04
CA PHE O 158 -1.96 -13.15 26.48
C PHE O 158 -2.13 -11.69 26.86
N MET O 159 -1.45 -10.78 26.15
CA MET O 159 -1.55 -9.37 26.47
C MET O 159 -2.98 -8.89 26.36
N GLU O 160 -3.55 -8.96 25.16
CA GLU O 160 -4.94 -8.57 25.00
C GLU O 160 -5.84 -9.41 25.87
N ALA O 161 -5.46 -10.67 26.11
CA ALA O 161 -6.25 -11.53 26.98
C ALA O 161 -6.35 -10.96 28.38
N MET O 162 -5.22 -10.64 28.99
CA MET O 162 -5.25 -10.09 30.34
C MET O 162 -5.99 -8.78 30.38
N PHE O 163 -5.76 -7.92 29.39
CA PHE O 163 -6.44 -6.64 29.35
C PHE O 163 -7.95 -6.82 29.25
N ARG O 164 -8.41 -7.75 28.42
CA ARG O 164 -9.85 -7.97 28.30
C ARG O 164 -10.42 -8.40 29.64
N GLN O 165 -9.69 -9.22 30.40
CA GLN O 165 -10.08 -9.51 31.76
C GLN O 165 -10.13 -8.27 32.63
N GLY O 166 -9.44 -7.20 32.22
CA GLY O 166 -9.34 -5.98 32.97
C GLY O 166 -8.09 -5.85 33.81
N TYR O 167 -7.26 -6.90 33.88
CA TYR O 167 -6.14 -6.91 34.81
C TYR O 167 -5.11 -5.83 34.46
N LEU O 168 -4.78 -5.70 33.18
CA LEU O 168 -3.87 -4.63 32.78
C LEU O 168 -4.62 -3.32 32.64
N SER O 169 -3.84 -2.23 32.61
CA SER O 169 -4.40 -0.90 32.47
C SER O 169 -4.64 -0.58 31.01
N ARG O 170 -5.63 0.29 30.78
CA ARG O 170 -5.80 0.84 29.44
C ARG O 170 -4.50 1.48 28.97
N GLY O 171 -3.78 2.14 29.88
CA GLY O 171 -2.47 2.67 29.54
C GLY O 171 -1.49 1.59 29.12
N ALA O 172 -1.42 0.51 29.88
CA ALA O 172 -0.44 -0.53 29.59
C ALA O 172 -0.74 -1.21 28.27
N ARG O 173 -2.02 -1.38 27.94
CA ARG O 173 -2.36 -2.01 26.68
C ARG O 173 -1.84 -1.19 25.51
N SER O 174 -1.97 0.12 25.59
CA SER O 174 -1.39 0.98 24.55
C SER O 174 0.13 0.85 24.52
N VAL O 175 0.77 0.88 25.69
CA VAL O 175 2.23 0.84 25.75
C VAL O 175 2.74 -0.41 25.05
N TYR O 176 2.27 -1.58 25.48
CA TYR O 176 2.74 -2.82 24.88
C TYR O 176 2.34 -2.90 23.42
N ASN O 177 1.11 -2.50 23.08
CA ASN O 177 0.64 -2.64 21.72
C ASN O 177 1.48 -1.83 20.75
N GLU O 178 1.79 -0.58 21.10
CA GLU O 178 2.63 0.21 20.21
C GLU O 178 4.07 -0.27 20.27
N LEU O 179 4.53 -0.68 21.44
CA LEU O 179 5.94 -1.01 21.61
C LEU O 179 6.33 -2.29 20.90
N ARG O 180 5.38 -3.19 20.65
CA ARG O 180 5.70 -4.39 19.89
C ARG O 180 6.27 -4.01 18.53
N GLN O 181 5.55 -3.15 17.81
CA GLN O 181 5.97 -2.69 16.50
C GLN O 181 7.44 -2.33 16.49
N ASN O 182 7.87 -1.58 17.51
CA ASN O 182 9.24 -1.05 17.53
C ASN O 182 10.26 -2.16 17.36
N THR O 183 10.12 -3.24 18.12
CA THR O 183 11.05 -4.36 18.05
C THR O 183 10.58 -5.47 17.12
N ILE O 184 9.29 -5.82 17.18
CA ILE O 184 8.79 -6.98 16.44
C ILE O 184 9.05 -6.86 14.96
N GLY O 185 9.22 -5.65 14.44
CA GLY O 185 9.60 -5.50 13.05
C GLY O 185 10.97 -6.09 12.74
N GLU O 186 11.83 -6.20 13.74
CA GLU O 186 13.23 -6.53 13.55
C GLU O 186 13.53 -8.01 13.69
N LEU O 187 12.51 -8.86 13.68
CA LEU O 187 12.68 -10.30 13.76
C LEU O 187 12.15 -10.98 12.51
N LEU O 188 12.77 -12.10 12.17
CA LEU O 188 12.30 -12.94 11.08
C LEU O 188 11.18 -13.85 11.57
N LYS O 189 10.11 -13.94 10.81
CA LYS O 189 9.04 -14.83 11.19
C LYS O 189 9.46 -16.28 10.98
N PRO O 190 8.88 -17.22 11.73
CA PRO O 190 9.31 -18.61 11.60
C PRO O 190 8.91 -19.21 10.27
N HIS O 191 9.66 -20.22 9.84
CA HIS O 191 9.27 -20.94 8.63
C HIS O 191 7.93 -21.62 8.81
N LEU O 192 7.79 -22.41 9.86
CA LEU O 192 6.63 -23.26 10.08
C LEU O 192 6.06 -22.98 11.45
N VAL O 193 4.73 -23.02 11.57
CA VAL O 193 4.04 -22.83 12.83
C VAL O 193 3.09 -23.99 13.03
N ILE O 194 3.14 -24.60 14.21
CA ILE O 194 2.24 -25.68 14.59
C ILE O 194 1.44 -25.20 15.79
N TYR O 195 0.12 -25.20 15.65
CA TYR O 195 -0.77 -24.77 16.71
C TYR O 195 -1.63 -25.95 17.13
N LEU O 196 -1.80 -26.08 18.44
CA LEU O 196 -2.52 -27.17 19.07
C LEU O 196 -3.82 -26.64 19.68
N ASP O 197 -4.90 -27.39 19.52
CA ASP O 197 -6.26 -26.86 19.74
C ASP O 197 -7.11 -27.78 20.60
N LEU O 198 -7.05 -27.57 21.91
CA LEU O 198 -8.02 -28.14 22.86
C LEU O 198 -9.06 -27.10 23.22
N PRO O 199 -10.25 -27.51 23.66
CA PRO O 199 -11.21 -26.55 24.18
C PRO O 199 -10.85 -26.09 25.59
N VAL O 200 -11.54 -25.04 26.05
CA VAL O 200 -11.24 -24.45 27.34
C VAL O 200 -11.45 -25.47 28.45
N ASP O 201 -12.56 -26.22 28.39
CA ASP O 201 -12.80 -27.26 29.37
C ASP O 201 -11.67 -28.29 29.37
N ALA O 202 -11.27 -28.72 28.18
CA ALA O 202 -10.26 -29.78 28.10
C ALA O 202 -8.95 -29.33 28.73
N VAL O 203 -8.54 -28.10 28.46
CA VAL O 203 -7.32 -27.62 29.09
C VAL O 203 -7.52 -27.48 30.60
N LYS O 204 -8.72 -27.11 31.04
CA LYS O 204 -8.96 -27.09 32.48
C LYS O 204 -8.81 -28.48 33.07
N LYS O 205 -9.21 -29.51 32.34
CA LYS O 205 -8.98 -30.86 32.82
C LYS O 205 -7.49 -31.09 33.05
N GLN O 206 -6.67 -30.74 32.06
CA GLN O 206 -5.24 -30.99 32.19
C GLN O 206 -4.58 -30.06 33.19
N ILE O 207 -5.03 -28.80 33.29
CA ILE O 207 -4.35 -27.90 34.21
C ILE O 207 -4.65 -28.34 35.64
N LYS O 208 -5.82 -28.91 35.89
CA LYS O 208 -6.08 -29.53 37.18
C LYS O 208 -5.20 -30.75 37.40
N ALA O 209 -4.69 -31.36 36.32
CA ALA O 209 -3.71 -32.44 36.45
C ALA O 209 -2.30 -31.93 36.65
N ARG O 210 -2.05 -30.63 36.45
CA ARG O 210 -0.71 -30.11 36.69
C ARG O 210 -0.43 -29.98 38.19
N ASN O 211 -1.47 -29.74 39.00
CA ASN O 211 -1.40 -29.78 40.45
C ASN O 211 -0.32 -28.82 40.98
N VAL O 212 -0.54 -27.54 40.70
CA VAL O 212 0.43 -26.49 40.97
C VAL O 212 -0.17 -25.52 41.99
N ASP O 213 0.43 -25.51 43.19
CA ASP O 213 -0.12 -24.75 44.31
C ASP O 213 -0.21 -23.26 44.02
N TYR O 214 0.52 -22.77 43.02
CA TYR O 214 0.40 -21.38 42.61
C TYR O 214 -0.42 -21.20 41.35
N GLU O 215 -0.84 -22.29 40.69
CA GLU O 215 -1.83 -22.20 39.62
C GLU O 215 -3.12 -22.94 39.95
N VAL O 216 -3.08 -24.25 40.22
CA VAL O 216 -4.31 -25.03 40.19
C VAL O 216 -5.30 -24.51 41.21
N GLN O 217 -4.81 -24.05 42.36
CA GLN O 217 -5.67 -23.43 43.36
C GLN O 217 -5.95 -21.97 43.08
N SER O 218 -5.30 -21.37 42.07
CA SER O 218 -5.45 -19.95 41.82
C SER O 218 -6.86 -19.65 41.31
N LYS O 219 -7.11 -18.38 40.98
CA LYS O 219 -8.44 -17.93 40.59
C LYS O 219 -8.50 -17.33 39.19
N VAL O 220 -7.38 -17.08 38.53
CA VAL O 220 -7.40 -16.48 37.21
C VAL O 220 -8.11 -17.34 36.19
N PHE O 221 -8.27 -18.63 36.47
CA PHE O 221 -8.54 -19.62 35.44
C PHE O 221 -10.01 -19.66 35.06
N SER O 222 -10.58 -18.50 34.77
CA SER O 222 -11.94 -18.43 34.27
C SER O 222 -11.97 -18.86 32.82
N ASP O 223 -13.12 -19.37 32.39
CA ASP O 223 -13.24 -19.78 31.00
C ASP O 223 -12.96 -18.61 30.06
N ALA O 224 -13.40 -17.41 30.44
CA ALA O 224 -13.20 -16.25 29.58
C ALA O 224 -11.71 -16.02 29.32
N TYR O 225 -10.90 -16.04 30.38
CA TYR O 225 -9.47 -15.82 30.20
C TYR O 225 -8.85 -16.94 29.38
N LEU O 226 -9.09 -18.19 29.77
CA LEU O 226 -8.49 -19.31 29.06
C LEU O 226 -9.12 -19.52 27.69
N SER O 227 -10.25 -18.88 27.39
CA SER O 227 -10.82 -18.93 26.05
C SER O 227 -10.29 -17.82 25.16
N ASP O 228 -10.00 -16.66 25.74
CA ASP O 228 -9.44 -15.55 24.94
C ASP O 228 -8.20 -16.03 24.19
N LEU O 229 -7.44 -16.94 24.80
CA LEU O 229 -6.38 -17.62 24.07
C LEU O 229 -6.92 -18.22 22.78
N GLU O 230 -8.07 -18.88 22.86
CA GLU O 230 -8.60 -19.59 21.70
C GLU O 230 -8.96 -18.63 20.57
N GLN O 231 -9.75 -17.60 20.87
CA GLN O 231 -10.11 -16.67 19.81
C GLN O 231 -8.88 -15.99 19.24
N LEU O 232 -8.02 -15.47 20.12
CA LEU O 232 -6.85 -14.74 19.66
C LEU O 232 -5.94 -15.62 18.83
N TYR O 233 -5.62 -16.83 19.32
CA TYR O 233 -4.89 -17.79 18.51
C TYR O 233 -5.61 -18.01 17.18
N LYS O 234 -6.92 -18.27 17.25
CA LYS O 234 -7.66 -18.73 16.09
C LYS O 234 -7.53 -17.76 14.92
N GLN O 235 -7.78 -16.48 15.16
CA GLN O 235 -7.82 -15.47 14.10
C GLN O 235 -6.71 -14.44 14.24
N GLN O 236 -6.60 -13.77 15.40
CA GLN O 236 -5.71 -12.62 15.51
C GLN O 236 -4.25 -13.04 15.33
N TYR O 237 -3.80 -14.03 16.11
CA TYR O 237 -2.41 -14.43 16.02
C TYR O 237 -2.11 -15.23 14.76
N LEU O 238 -3.00 -16.13 14.39
CA LEU O 238 -2.68 -17.10 13.34
C LEU O 238 -2.50 -16.41 11.99
N LYS O 239 -3.41 -15.50 11.66
CA LYS O 239 -3.57 -15.07 10.27
C LYS O 239 -2.27 -14.52 9.69
N ASP O 240 -1.60 -13.62 10.41
CA ASP O 240 -0.35 -13.06 9.88
C ASP O 240 0.69 -14.16 9.71
N ILE O 241 0.80 -15.06 10.68
CA ILE O 241 1.68 -16.20 10.53
C ILE O 241 1.20 -17.08 9.38
N SER O 242 -0.11 -17.25 9.27
CA SER O 242 -0.68 -17.99 8.14
C SER O 242 -0.26 -17.37 6.83
N THR O 243 0.00 -16.06 6.83
CA THR O 243 0.50 -15.40 5.63
C THR O 243 1.96 -15.76 5.37
N HIS O 244 2.80 -15.73 6.41
CA HIS O 244 4.23 -15.93 6.21
C HIS O 244 4.64 -17.39 6.42
N ALA O 245 4.37 -17.92 7.61
CA ALA O 245 4.79 -19.28 7.91
C ALA O 245 3.71 -20.26 7.48
N GLU O 246 4.13 -21.48 7.19
CA GLU O 246 3.20 -22.54 6.84
C GLU O 246 2.55 -23.05 8.12
N LEU O 247 1.23 -23.14 8.12
CA LEU O 247 0.45 -23.40 9.31
C LEU O 247 -0.11 -24.81 9.27
N LEU O 248 0.17 -25.59 10.31
CA LEU O 248 -0.42 -26.88 10.54
C LEU O 248 -1.18 -26.83 11.86
N ILE O 249 -2.37 -27.42 11.89
CA ILE O 249 -3.18 -27.48 13.11
C ILE O 249 -3.71 -28.90 13.25
N TYR O 250 -3.11 -29.67 14.14
CA TYR O 250 -3.70 -30.93 14.59
C TYR O 250 -4.60 -30.64 15.78
N ASP O 251 -5.27 -31.67 16.29
CA ASP O 251 -6.19 -31.45 17.40
C ASP O 251 -5.44 -30.95 18.63
N TRP O 252 -4.39 -31.66 19.05
CA TRP O 252 -3.63 -31.26 20.22
C TRP O 252 -2.43 -32.19 20.42
N THR O 253 -1.65 -31.97 21.48
CA THR O 253 -0.48 -32.82 21.73
C THR O 253 -0.89 -34.22 22.13
N ALA O 254 -1.83 -34.35 23.07
CA ALA O 254 -2.09 -35.64 23.70
C ALA O 254 -2.42 -36.71 22.66
N GLY O 255 -3.40 -36.45 21.82
CA GLY O 255 -3.60 -37.25 20.64
C GLY O 255 -2.63 -36.95 19.53
N GLY O 256 -1.93 -35.80 19.61
CA GLY O 256 -0.90 -35.49 18.65
C GLY O 256 0.16 -36.56 18.65
N GLU O 257 0.13 -37.40 17.62
CA GLU O 257 1.12 -38.45 17.45
C GLU O 257 2.38 -37.82 16.87
N THR O 258 3.53 -38.00 17.54
CA THR O 258 4.74 -37.34 17.07
C THR O 258 5.10 -37.80 15.66
N GLU O 259 5.06 -39.11 15.42
CA GLU O 259 5.51 -39.63 14.14
C GLU O 259 4.68 -39.11 12.97
N VAL O 260 3.35 -39.02 13.12
CA VAL O 260 2.58 -38.49 12.00
C VAL O 260 2.86 -37.01 11.85
N VAL O 261 3.00 -36.30 12.97
CA VAL O 261 3.43 -34.92 12.91
C VAL O 261 4.79 -34.83 12.25
N VAL O 262 5.68 -35.75 12.58
CA VAL O 262 6.96 -35.81 11.87
C VAL O 262 6.72 -35.97 10.38
N GLU O 263 5.87 -36.92 10.00
CA GLU O 263 5.68 -37.20 8.59
C GLU O 263 4.97 -36.04 7.89
N ASP O 264 3.97 -35.45 8.54
CA ASP O 264 3.23 -34.36 7.90
C ASP O 264 4.15 -33.17 7.63
N ILE O 265 4.99 -32.83 8.60
CA ILE O 265 5.94 -31.74 8.41
C ILE O 265 6.90 -32.06 7.28
N GLU O 266 7.47 -33.26 7.29
CA GLU O 266 8.42 -33.64 6.26
C GLU O 266 7.79 -33.62 4.88
N ARG O 267 6.54 -34.08 4.78
CA ARG O 267 5.82 -34.00 3.51
C ARG O 267 5.73 -32.56 3.02
N ILE O 268 5.49 -31.62 3.94
CA ILE O 268 5.44 -30.21 3.57
C ILE O 268 6.87 -29.75 3.31
N ASP O 269 7.26 -29.71 2.04
CA ASP O 269 8.58 -29.23 1.68
C ASP O 269 8.50 -27.78 1.23
N PHE O 270 9.67 -27.18 1.03
CA PHE O 270 9.77 -25.77 0.69
C PHE O 270 10.50 -25.52 -0.61
N ASN O 271 11.19 -26.51 -1.17
CA ASN O 271 11.68 -26.38 -2.53
C ASN O 271 10.54 -26.01 -3.47
N GLN O 272 9.34 -26.53 -3.19
CA GLN O 272 8.14 -26.08 -3.88
C GLN O 272 7.99 -24.57 -3.77
N PHE O 273 8.41 -23.99 -2.65
CA PHE O 273 8.32 -22.57 -2.39
C PHE O 273 9.52 -21.79 -2.86
N GLU O 274 10.45 -22.43 -3.59
CA GLU O 274 11.59 -21.71 -4.15
C GLU O 274 11.25 -21.02 -5.47
N ALA O 275 9.95 -20.84 -5.75
CA ALA O 275 9.47 -20.12 -6.92
C ALA O 275 9.63 -18.63 -6.68
N ASP O 276 8.91 -17.81 -7.46
CA ASP O 276 9.03 -16.36 -7.48
C ASP O 276 9.39 -15.78 -6.12
N ILE O 277 10.46 -14.99 -6.08
CA ILE O 277 10.93 -14.42 -4.82
C ILE O 277 9.90 -13.48 -4.24
N HIS O 278 9.20 -12.75 -5.10
CA HIS O 278 8.30 -11.71 -4.62
C HIS O 278 7.12 -12.27 -3.83
N ASN O 279 6.91 -13.58 -3.85
CA ASN O 279 5.91 -14.21 -3.01
C ASN O 279 6.07 -13.79 -1.56
N LYS O 280 4.96 -13.41 -0.92
CA LYS O 280 5.01 -12.94 0.46
C LYS O 280 5.24 -14.05 1.47
N LYS O 281 5.15 -15.32 1.08
CA LYS O 281 5.30 -16.40 2.02
C LYS O 281 6.75 -16.90 1.98
N MET O 282 7.29 -17.16 3.17
CA MET O 282 8.72 -17.36 3.39
C MET O 282 9.50 -16.09 3.14
N LEU O 283 8.80 -14.95 3.03
CA LEU O 283 9.40 -13.73 2.51
C LEU O 283 10.63 -13.33 3.31
N ASP O 284 10.57 -13.45 4.61
CA ASP O 284 11.65 -12.95 5.44
C ASP O 284 12.88 -13.82 5.40
N TRP O 285 12.98 -14.79 4.50
CA TRP O 285 14.12 -15.69 4.44
C TRP O 285 14.78 -15.74 3.08
N ARG O 286 14.33 -14.94 2.12
CA ARG O 286 14.92 -14.92 0.79
C ARG O 286 16.17 -14.06 0.83
N PHE O 287 17.33 -14.69 1.02
CA PHE O 287 18.59 -13.95 1.09
C PHE O 287 19.31 -14.09 -0.23
N PRO O 288 19.41 -13.03 -1.05
CA PRO O 288 19.96 -13.20 -2.40
C PRO O 288 21.36 -13.78 -2.44
N LEU O 289 22.30 -13.13 -1.75
CA LEU O 289 23.73 -13.42 -1.90
C LEU O 289 24.33 -13.79 -0.56
N GLU O 290 25.49 -14.44 -0.64
CA GLU O 290 26.24 -14.78 0.57
C GLU O 290 26.51 -13.55 1.41
N ALA O 291 26.73 -12.40 0.77
CA ALA O 291 26.91 -11.16 1.51
C ALA O 291 25.66 -10.83 2.32
N GLU O 292 24.48 -11.00 1.73
CA GLU O 292 23.26 -10.68 2.46
C GLU O 292 23.03 -11.66 3.59
N TRP O 293 23.39 -12.93 3.38
CA TRP O 293 23.42 -13.86 4.50
C TRP O 293 24.25 -13.30 5.64
N CYS O 294 25.47 -12.86 5.33
CA CYS O 294 26.35 -12.36 6.39
C CYS O 294 25.79 -11.10 7.04
N GLU O 295 25.07 -10.28 6.29
CA GLU O 295 24.43 -9.12 6.90
C GLU O 295 23.46 -9.57 7.99
N ALA O 296 22.62 -10.54 7.67
CA ALA O 296 21.73 -11.10 8.68
C ALA O 296 22.53 -11.74 9.81
N ARG O 297 23.59 -12.47 9.47
CA ARG O 297 24.37 -13.15 10.50
C ARG O 297 25.03 -12.15 11.43
N ILE O 298 25.76 -11.19 10.88
CA ILE O 298 26.42 -10.20 11.73
C ILE O 298 25.40 -9.41 12.51
N LYS O 299 24.23 -9.17 11.92
CA LYS O 299 23.22 -8.37 12.58
C LYS O 299 22.69 -9.04 13.83
N TYR O 300 22.90 -10.34 13.99
CA TYR O 300 22.44 -11.05 15.18
C TYR O 300 23.59 -11.55 16.04
N CYS O 301 24.74 -11.81 15.46
CA CYS O 301 25.92 -12.24 16.20
C CYS O 301 26.75 -11.07 16.69
N HIS O 302 26.41 -9.84 16.30
CA HIS O 302 27.17 -8.67 16.68
C HIS O 302 26.31 -7.46 17.03
N GLU O 303 24.98 -7.57 16.96
CA GLU O 303 24.11 -6.44 17.28
C GLU O 303 23.00 -6.83 18.25
N LYS O 304 23.15 -7.93 18.98
CA LYS O 304 22.22 -8.19 20.08
C LYS O 304 22.12 -7.02 21.04
N PRO O 305 23.21 -6.37 21.45
CA PRO O 305 23.03 -5.17 22.28
C PRO O 305 22.16 -4.15 21.60
N ASP O 306 22.37 -3.94 20.30
CA ASP O 306 21.51 -3.07 19.54
C ASP O 306 20.07 -3.58 19.57
N LEU O 307 19.89 -4.90 19.47
CA LEU O 307 18.56 -5.45 19.54
C LEU O 307 17.91 -5.16 20.88
N MET O 308 18.66 -5.32 21.98
CA MET O 308 18.10 -5.02 23.29
C MET O 308 17.78 -3.53 23.40
N ASN O 309 18.68 -2.67 22.92
CA ASN O 309 18.50 -1.24 23.16
C ASN O 309 17.29 -0.67 22.43
N TYR O 310 16.72 -1.37 21.45
CA TYR O 310 15.43 -0.93 20.92
C TYR O 310 14.39 -0.80 22.03
N PHE O 311 14.48 -1.62 23.05
CA PHE O 311 13.48 -1.56 24.12
C PHE O 311 13.50 -0.23 24.85
N ASN O 312 14.58 0.54 24.75
CA ASN O 312 14.66 1.79 25.49
C ASN O 312 13.62 2.73 24.92
N VAL O 313 12.45 2.76 25.56
CA VAL O 313 11.32 3.55 25.12
C VAL O 313 10.92 4.43 26.30
N PRO O 314 10.87 5.75 26.14
CA PRO O 314 10.50 6.59 27.28
C PRO O 314 9.00 6.73 27.41
N ARG O 315 8.44 6.29 28.52
CA ARG O 315 7.02 6.48 28.79
C ARG O 315 6.86 6.67 30.29
N PHE O 316 6.83 7.92 30.72
CA PHE O 316 6.55 8.30 32.10
C PHE O 316 5.13 8.79 32.27
N ASP O 317 4.23 8.38 31.37
CA ASP O 317 2.82 8.72 31.43
C ASP O 317 1.99 7.61 32.05
N VAL O 318 2.62 6.55 32.55
CA VAL O 318 1.93 5.41 33.14
C VAL O 318 2.44 5.23 34.57
N PRO O 319 1.61 5.44 35.60
CA PRO O 319 2.16 5.41 36.96
C PRO O 319 2.74 4.07 37.35
N GLU O 320 1.99 2.99 37.14
CA GLU O 320 2.48 1.66 37.50
C GLU O 320 3.78 1.34 36.81
N LEU O 321 4.04 1.95 35.65
CA LEU O 321 5.29 1.75 34.94
C LEU O 321 6.39 2.70 35.35
N VAL O 322 6.05 3.76 36.08
CA VAL O 322 7.05 4.64 36.65
C VAL O 322 7.53 4.06 37.97
N ARG O 323 8.74 4.43 38.37
CA ARG O 323 9.28 4.03 39.66
C ARG O 323 9.59 5.27 40.50
N SER O 324 9.39 5.13 41.80
CA SER O 324 9.78 6.18 42.73
C SER O 324 11.30 6.35 42.73
N ALA O 325 11.74 7.60 42.60
CA ALA O 325 13.16 7.88 42.47
C ALA O 325 13.95 7.33 43.64
N ASP O 326 13.71 7.87 44.84
CA ASP O 326 14.49 7.50 46.00
C ASP O 326 14.34 6.01 46.31
N ASP O 327 13.12 5.48 46.22
CA ASP O 327 12.95 4.03 46.36
C ASP O 327 13.73 3.31 45.27
N GLY O 328 13.61 3.77 44.03
CA GLY O 328 14.37 3.17 42.95
C GLY O 328 15.86 3.28 43.19
N LYS O 329 16.29 4.42 43.73
CA LYS O 329 17.68 4.56 44.13
C LYS O 329 18.06 3.44 45.09
N VAL O 330 17.24 3.20 46.10
CA VAL O 330 17.56 2.12 47.03
C VAL O 330 17.52 0.80 46.30
N TRP O 331 16.54 0.61 45.40
CA TRP O 331 16.49 -0.63 44.65
C TRP O 331 17.79 -0.86 43.90
N ARG O 332 18.39 0.22 43.38
CA ARG O 332 19.73 0.10 42.81
C ARG O 332 20.75 -0.28 43.88
N ASP O 333 20.63 0.30 45.07
CA ASP O 333 21.57 -0.03 46.13
C ASP O 333 21.50 -1.51 46.47
N VAL O 334 20.29 -2.06 46.59
CA VAL O 334 20.15 -3.46 46.97
C VAL O 334 20.79 -4.37 45.94
N TRP O 335 20.44 -4.17 44.67
CA TRP O 335 20.84 -5.12 43.64
C TRP O 335 22.35 -5.18 43.49
N PHE O 336 22.99 -4.03 43.41
CA PHE O 336 24.41 -4.00 43.11
C PHE O 336 25.29 -4.10 44.35
N ASN O 337 24.69 -4.01 45.54
CA ASN O 337 25.38 -4.37 46.77
C ASN O 337 25.09 -5.79 47.21
N ALA O 338 24.02 -6.41 46.70
CA ALA O 338 23.70 -7.76 47.11
C ALA O 338 24.78 -8.72 46.62
N PRO O 339 24.86 -9.91 47.21
CA PRO O 339 25.95 -10.84 46.86
C PRO O 339 25.96 -11.16 45.37
N GLY O 340 27.17 -11.17 44.81
CA GLY O 340 27.35 -11.53 43.41
C GLY O 340 26.70 -10.58 42.43
N MET O 341 26.80 -9.28 42.66
CA MET O 341 26.38 -8.32 41.66
C MET O 341 27.28 -7.09 41.60
N LYS O 342 28.34 -7.01 42.40
CA LYS O 342 29.12 -5.79 42.47
C LYS O 342 29.77 -5.45 41.13
N TYR O 343 30.33 -6.44 40.46
CA TYR O 343 31.10 -6.26 39.24
C TYR O 343 30.40 -7.01 38.09
N ARG O 344 31.07 -7.06 36.94
CA ARG O 344 30.61 -7.90 35.86
C ARG O 344 30.72 -9.36 36.26
N PRO O 345 29.93 -10.25 35.65
CA PRO O 345 30.09 -11.68 35.93
C PRO O 345 31.51 -12.12 35.64
N GLY O 346 32.01 -13.00 36.50
CA GLY O 346 33.39 -13.42 36.46
C GLY O 346 34.35 -12.50 37.19
N TYR O 347 33.90 -11.30 37.56
CA TYR O 347 34.71 -10.36 38.32
C TYR O 347 34.11 -10.07 39.70
N ASN O 348 33.13 -10.86 40.14
CA ASN O 348 32.63 -10.77 41.50
C ASN O 348 33.53 -11.58 42.43
N ALA O 349 34.79 -11.15 42.50
CA ALA O 349 35.78 -11.84 43.31
C ALA O 349 35.41 -11.85 44.79
N ASP O 350 34.55 -10.91 45.21
CA ASP O 350 34.00 -10.99 46.57
C ASP O 350 33.24 -12.29 46.77
N MET O 351 32.58 -12.79 45.73
CA MET O 351 31.82 -14.03 45.82
C MET O 351 32.60 -15.24 45.32
N GLY O 352 33.84 -15.06 44.86
CA GLY O 352 34.71 -16.20 44.64
C GLY O 352 35.67 -16.14 43.47
N ASP O 353 35.46 -15.23 42.52
CA ASP O 353 36.27 -15.22 41.30
C ASP O 353 37.75 -15.12 41.62
N GLU O 354 38.54 -15.99 41.00
CA GLU O 354 39.99 -15.91 41.00
C GLU O 354 40.48 -15.72 39.57
N GLY O 355 41.79 -15.62 39.42
CA GLY O 355 42.36 -15.28 38.14
C GLY O 355 42.28 -13.81 37.80
N LEU O 356 41.88 -12.97 38.74
CA LEU O 356 41.85 -11.53 38.51
C LEU O 356 43.24 -10.94 38.70
N LEU O 357 43.35 -9.64 38.42
CA LEU O 357 44.58 -8.87 38.29
C LEU O 357 45.25 -9.10 36.95
N THR O 358 44.80 -10.07 36.15
CA THR O 358 45.28 -10.24 34.79
C THR O 358 44.12 -10.44 33.83
N LYS O 359 43.01 -11.00 34.32
CA LYS O 359 41.87 -11.27 33.46
C LYS O 359 41.29 -9.96 32.97
N THR O 360 41.11 -9.86 31.66
CA THR O 360 40.51 -8.67 31.05
C THR O 360 39.48 -9.05 30.00
N LYS O 361 39.02 -10.30 29.99
CA LYS O 361 38.17 -10.81 28.95
C LYS O 361 36.71 -10.55 29.25
N ILE O 362 35.89 -10.57 28.20
CA ILE O 362 34.45 -10.36 28.31
C ILE O 362 33.77 -11.12 27.18
N GLY O 363 32.61 -11.69 27.48
CA GLY O 363 31.93 -12.56 26.55
C GLY O 363 31.01 -11.83 25.60
N ILE O 364 30.88 -12.39 24.40
CA ILE O 364 29.94 -11.90 23.39
C ILE O 364 28.57 -11.77 24.01
N ASN O 365 28.02 -10.56 24.00
CA ASN O 365 26.70 -10.28 24.55
C ASN O 365 26.59 -10.80 25.99
N GLN O 366 27.69 -10.66 26.74
CA GLN O 366 27.74 -11.18 28.09
C GLN O 366 26.93 -10.30 29.02
N GLY O 367 25.60 -10.37 28.95
CA GLY O 367 24.79 -9.61 29.85
C GLY O 367 25.01 -8.11 29.72
N ILE O 368 25.76 -7.55 30.66
CA ILE O 368 26.02 -6.12 30.72
C ILE O 368 26.56 -5.65 29.36
N PRO P 1 -62.99 2.85 -42.93
CA PRO P 1 -62.34 1.55 -43.08
C PRO P 1 -61.17 1.59 -44.04
N ARG P 2 -59.96 1.45 -43.52
CA ARG P 2 -58.79 1.55 -44.37
C ARG P 2 -58.74 0.36 -45.32
N PRO P 3 -58.63 0.57 -46.64
CA PRO P 3 -58.57 -0.56 -47.55
C PRO P 3 -57.24 -1.28 -47.47
N LEU P 4 -57.18 -2.44 -48.11
CA LEU P 4 -55.97 -3.23 -48.22
C LEU P 4 -55.45 -3.14 -49.64
N LYS P 5 -54.15 -3.39 -49.80
CA LYS P 5 -53.49 -3.24 -51.09
C LYS P 5 -53.23 -4.57 -51.79
N THR P 6 -52.88 -5.61 -51.03
CA THR P 6 -52.57 -6.91 -51.60
C THR P 6 -53.28 -8.00 -50.80
N THR P 7 -53.73 -9.03 -51.51
CA THR P 7 -54.43 -10.15 -50.90
C THR P 7 -53.67 -11.47 -51.09
N ASN P 8 -52.36 -11.40 -51.33
CA ASN P 8 -51.54 -12.60 -51.42
C ASN P 8 -50.94 -12.90 -50.05
N PRO P 9 -51.29 -14.00 -49.40
CA PRO P 9 -50.78 -14.24 -48.03
C PRO P 9 -49.26 -14.28 -47.97
N ALA P 10 -48.59 -14.63 -49.06
CA ALA P 10 -47.13 -14.54 -49.06
C ALA P 10 -46.69 -13.09 -48.95
N ALA P 11 -47.39 -12.18 -49.60
CA ALA P 11 -47.08 -10.77 -49.56
C ALA P 11 -47.73 -10.04 -48.39
N MET P 12 -48.08 -10.76 -47.33
CA MET P 12 -48.91 -10.24 -46.26
C MET P 12 -48.20 -10.43 -44.93
N LYS P 13 -48.42 -9.50 -44.01
CA LYS P 13 -47.63 -9.46 -42.78
C LYS P 13 -47.74 -10.78 -42.03
N ARG P 14 -46.63 -11.16 -41.41
CA ARG P 14 -46.57 -12.42 -40.68
C ARG P 14 -45.34 -12.40 -39.79
N GLY P 15 -45.31 -13.34 -38.86
CA GLY P 15 -44.16 -13.55 -38.01
C GLY P 15 -44.33 -12.96 -36.63
N THR P 16 -43.30 -13.15 -35.83
CA THR P 16 -43.29 -12.78 -34.42
C THR P 16 -42.54 -11.50 -34.14
N GLY P 17 -42.13 -10.77 -35.17
CA GLY P 17 -41.25 -9.63 -34.99
C GLY P 17 -39.82 -10.07 -34.87
N GLY P 18 -38.92 -9.44 -35.63
CA GLY P 18 -37.52 -9.75 -35.58
C GLY P 18 -36.92 -9.71 -36.97
N ARG P 19 -35.75 -10.33 -37.13
CA ARG P 19 -35.05 -10.30 -38.41
C ARG P 19 -35.71 -11.15 -39.48
N SER P 20 -36.69 -11.97 -39.14
CA SER P 20 -37.32 -12.87 -40.08
C SER P 20 -38.77 -12.51 -40.38
N SER P 21 -39.53 -12.13 -39.36
CA SER P 21 -40.92 -11.75 -39.56
C SER P 21 -41.04 -10.65 -40.60
N PHE P 22 -41.63 -10.97 -41.74
CA PHE P 22 -41.88 -9.94 -42.75
C PHE P 22 -43.00 -9.03 -42.27
N ASN P 23 -42.76 -7.73 -42.31
CA ASN P 23 -43.68 -6.74 -41.74
C ASN P 23 -44.71 -6.24 -42.74
N GLY P 24 -44.76 -6.81 -43.93
CA GLY P 24 -45.66 -6.27 -44.92
C GLY P 24 -45.25 -4.93 -45.48
N ILE P 25 -43.98 -4.55 -45.29
CA ILE P 25 -43.45 -3.29 -45.80
C ILE P 25 -42.31 -3.64 -46.74
N VAL P 26 -42.37 -3.10 -47.95
CA VAL P 26 -41.26 -3.13 -48.88
C VAL P 26 -40.86 -1.70 -49.15
N ALA P 27 -39.62 -1.36 -48.85
CA ALA P 27 -39.17 0.02 -48.89
C ALA P 27 -37.93 0.16 -49.75
N THR P 28 -37.85 1.28 -50.44
CA THR P 28 -36.61 1.78 -51.01
C THR P 28 -36.18 2.98 -50.19
N VAL P 29 -34.89 3.11 -49.93
CA VAL P 29 -34.38 4.15 -49.04
C VAL P 29 -33.33 4.92 -49.82
N PHE P 30 -33.74 6.00 -50.47
CA PHE P 30 -32.83 6.74 -51.32
C PHE P 30 -31.86 7.56 -50.48
N GLY P 31 -30.58 7.35 -50.70
CA GLY P 31 -29.57 7.96 -49.87
C GLY P 31 -29.35 7.15 -48.61
N ALA P 32 -29.27 5.83 -48.77
CA ALA P 32 -29.12 4.96 -47.62
C ALA P 32 -27.73 5.01 -47.01
N THR P 33 -26.73 5.40 -47.78
CA THR P 33 -25.35 5.43 -47.29
C THR P 33 -25.00 6.76 -46.63
N GLY P 34 -25.84 7.18 -45.70
CA GLY P 34 -25.71 8.50 -45.11
C GLY P 34 -25.62 8.49 -43.61
N PHE P 35 -25.73 9.67 -43.00
CA PHE P 35 -25.71 9.74 -41.55
C PHE P 35 -26.97 9.13 -40.96
N VAL P 36 -28.11 9.30 -41.62
CA VAL P 36 -29.37 8.79 -41.10
C VAL P 36 -29.81 7.50 -41.79
N GLY P 37 -29.31 7.24 -43.00
CA GLY P 37 -29.68 6.01 -43.66
C GLY P 37 -29.36 4.78 -42.83
N ARG P 38 -28.17 4.77 -42.21
CA ARG P 38 -27.79 3.62 -41.40
C ARG P 38 -28.79 3.39 -40.29
N TYR P 39 -29.23 4.46 -39.63
CA TYR P 39 -30.13 4.32 -38.51
C TYR P 39 -31.50 3.88 -38.98
N VAL P 40 -31.97 4.43 -40.10
CA VAL P 40 -33.25 3.98 -40.65
C VAL P 40 -33.17 2.51 -41.00
N CYS P 41 -32.18 2.13 -41.80
CA CYS P 41 -32.16 0.77 -42.36
C CYS P 41 -32.03 -0.26 -41.25
N ASN P 42 -31.19 0.01 -40.26
CA ASN P 42 -31.05 -0.92 -39.15
C ASN P 42 -32.38 -1.09 -38.42
N LYS P 43 -33.11 0.00 -38.23
CA LYS P 43 -34.43 -0.11 -37.64
C LYS P 43 -35.35 -0.95 -38.52
N LEU P 44 -35.33 -0.69 -39.83
CA LEU P 44 -36.20 -1.42 -40.73
C LEU P 44 -35.86 -2.91 -40.75
N GLY P 45 -34.56 -3.24 -40.74
CA GLY P 45 -34.16 -4.63 -40.67
C GLY P 45 -34.59 -5.29 -39.38
N LYS P 46 -34.44 -4.59 -38.26
CA LYS P 46 -34.90 -5.10 -36.98
C LYS P 46 -36.36 -5.52 -37.07
N SER P 47 -37.18 -4.71 -37.73
CA SER P 47 -38.57 -5.10 -37.95
C SER P 47 -38.66 -6.38 -38.76
N GLY P 48 -37.71 -6.60 -39.67
CA GLY P 48 -37.84 -7.69 -40.62
C GLY P 48 -38.46 -7.20 -41.91
N THR P 49 -37.90 -6.14 -42.47
CA THR P 49 -38.49 -5.43 -43.59
C THR P 49 -37.63 -5.63 -44.84
N GLN P 50 -38.30 -5.65 -45.98
CA GLN P 50 -37.60 -5.79 -47.26
C GLN P 50 -37.14 -4.42 -47.72
N MET P 51 -35.88 -4.32 -48.15
CA MET P 51 -35.27 -3.05 -48.53
C MET P 51 -34.69 -3.18 -49.93
N ILE P 52 -34.64 -2.06 -50.66
CA ILE P 52 -34.06 -2.07 -52.00
C ILE P 52 -32.79 -1.24 -52.11
N LEU P 53 -32.52 -0.33 -51.16
CA LEU P 53 -31.25 0.38 -51.04
C LEU P 53 -30.67 0.80 -52.38
N PRO P 54 -31.24 1.77 -53.06
CA PRO P 54 -30.57 2.30 -54.25
C PRO P 54 -29.30 3.02 -53.85
N TYR P 55 -28.33 3.02 -54.75
CA TYR P 55 -27.03 3.60 -54.43
C TYR P 55 -26.36 4.05 -55.72
N ARG P 56 -25.58 5.13 -55.62
CA ARG P 56 -24.82 5.65 -56.74
C ARG P 56 -23.32 5.54 -56.56
N GLY P 57 -22.84 5.39 -55.32
CA GLY P 57 -21.44 5.15 -55.06
C GLY P 57 -21.08 3.70 -55.32
N ASP P 58 -19.82 3.38 -55.09
CA ASP P 58 -19.38 2.00 -55.27
C ASP P 58 -20.11 1.13 -54.25
N ASP P 59 -20.54 -0.04 -54.68
CA ASP P 59 -21.33 -0.88 -53.79
C ASP P 59 -20.59 -1.14 -52.49
N SER P 60 -19.25 -1.17 -52.54
CA SER P 60 -18.47 -1.36 -51.32
C SER P 60 -18.83 -0.32 -50.26
N ASP P 61 -19.27 0.86 -50.69
CA ASP P 61 -19.71 1.86 -49.72
C ASP P 61 -20.93 1.39 -48.95
N VAL P 62 -21.74 0.52 -49.55
CA VAL P 62 -22.99 0.10 -48.96
C VAL P 62 -22.95 -1.34 -48.44
N ILE P 63 -21.95 -2.13 -48.80
CA ILE P 63 -21.94 -3.55 -48.42
C ILE P 63 -22.15 -3.72 -46.92
N ARG P 64 -21.79 -2.73 -46.12
CA ARG P 64 -22.02 -2.86 -44.68
C ARG P 64 -23.50 -3.00 -44.37
N LEU P 65 -24.38 -2.37 -45.15
CA LEU P 65 -25.80 -2.45 -44.83
C LEU P 65 -26.35 -3.86 -44.98
N LYS P 66 -25.65 -4.74 -45.73
CA LYS P 66 -26.11 -6.12 -45.85
C LYS P 66 -26.26 -6.77 -44.48
N VAL P 67 -25.46 -6.33 -43.50
CA VAL P 67 -25.52 -6.88 -42.15
C VAL P 67 -26.82 -6.57 -41.43
N THR P 68 -27.64 -5.67 -41.97
CA THR P 68 -28.81 -5.18 -41.26
C THR P 68 -30.04 -6.05 -41.41
N GLY P 69 -30.03 -7.06 -42.29
CA GLY P 69 -31.20 -7.87 -42.51
C GLY P 69 -30.83 -9.31 -42.82
N ASP P 70 -31.80 -10.19 -42.59
CA ASP P 70 -31.61 -11.60 -42.91
C ASP P 70 -31.56 -11.78 -44.42
N LEU P 71 -31.39 -13.02 -44.86
CA LEU P 71 -31.09 -13.29 -46.25
C LEU P 71 -32.23 -12.84 -47.15
N GLY P 72 -31.86 -12.16 -48.25
CA GLY P 72 -32.82 -11.69 -49.20
C GLY P 72 -33.63 -10.50 -48.75
N GLN P 73 -33.41 -10.03 -47.52
CA GLN P 73 -34.10 -8.85 -47.04
C GLN P 73 -33.54 -7.57 -47.62
N VAL P 74 -32.35 -7.62 -48.20
CA VAL P 74 -31.65 -6.43 -48.66
C VAL P 74 -31.10 -6.68 -50.04
N LEU P 75 -31.44 -5.79 -50.98
CA LEU P 75 -30.95 -5.81 -52.34
C LEU P 75 -30.34 -4.45 -52.64
N PHE P 76 -29.21 -4.42 -53.33
CA PHE P 76 -28.59 -3.18 -53.74
C PHE P 76 -28.85 -2.94 -55.21
N HIS P 77 -29.40 -1.78 -55.54
CA HIS P 77 -29.79 -1.43 -56.90
C HIS P 77 -29.00 -0.20 -57.34
N PHE P 78 -28.05 -0.40 -58.24
CA PHE P 78 -27.32 0.73 -58.79
C PHE P 78 -28.25 1.58 -59.64
N TYR P 79 -28.18 2.88 -59.47
CA TYR P 79 -28.98 3.82 -60.23
C TYR P 79 -28.18 5.09 -60.41
N ASN P 80 -28.83 6.13 -60.93
CA ASN P 80 -28.31 7.47 -60.81
C ASN P 80 -29.49 8.42 -60.77
N LEU P 81 -29.35 9.51 -60.03
CA LEU P 81 -30.44 10.47 -59.95
C LEU P 81 -30.82 11.03 -61.30
N GLU P 82 -29.91 10.97 -62.27
CA GLU P 82 -30.15 11.56 -63.58
C GLU P 82 -30.78 10.55 -64.54
N ASP P 83 -31.09 9.34 -64.07
CA ASP P 83 -31.66 8.27 -64.89
C ASP P 83 -33.05 7.95 -64.37
N PRO P 84 -34.10 8.60 -64.87
CA PRO P 84 -35.45 8.24 -64.42
C PRO P 84 -35.81 6.80 -64.68
N ALA P 85 -35.26 6.19 -65.73
CA ALA P 85 -35.57 4.80 -66.01
C ALA P 85 -35.15 3.90 -64.85
N SER P 86 -33.94 4.12 -64.34
CA SER P 86 -33.47 3.31 -63.22
C SER P 86 -34.38 3.49 -62.00
N ILE P 87 -34.76 4.72 -61.72
CA ILE P 87 -35.59 4.95 -60.54
C ILE P 87 -36.94 4.27 -60.70
N ARG P 88 -37.54 4.35 -61.88
CA ARG P 88 -38.77 3.60 -62.12
C ARG P 88 -38.58 2.13 -61.78
N ASP P 89 -37.51 1.54 -62.29
CA ASP P 89 -37.27 0.13 -62.04
C ASP P 89 -37.11 -0.14 -60.55
N ALA P 90 -36.46 0.77 -59.84
CA ALA P 90 -36.22 0.55 -58.42
C ALA P 90 -37.47 0.64 -57.58
N VAL P 91 -38.54 1.26 -58.09
CA VAL P 91 -39.73 1.51 -57.27
C VAL P 91 -40.94 0.69 -57.70
N LYS P 92 -40.89 0.01 -58.84
CA LYS P 92 -42.07 -0.69 -59.35
C LYS P 92 -42.72 -1.56 -58.27
N HIS P 93 -41.96 -2.52 -57.75
CA HIS P 93 -42.50 -3.45 -56.77
C HIS P 93 -42.59 -2.87 -55.37
N SER P 94 -42.08 -1.66 -55.16
CA SER P 94 -41.97 -1.15 -53.80
C SER P 94 -43.33 -0.82 -53.22
N ASN P 95 -43.37 -0.79 -51.89
CA ASN P 95 -44.53 -0.38 -51.12
C ASN P 95 -44.37 0.99 -50.49
N VAL P 96 -43.14 1.38 -50.16
CA VAL P 96 -42.86 2.66 -49.54
C VAL P 96 -41.53 3.15 -50.10
N VAL P 97 -41.35 4.47 -50.09
CA VAL P 97 -40.08 5.07 -50.48
C VAL P 97 -39.76 6.18 -49.51
N ILE P 98 -38.48 6.28 -49.14
CA ILE P 98 -38.00 7.32 -48.24
C ILE P 98 -36.90 8.07 -48.96
N ASN P 99 -36.97 9.40 -48.89
CA ASN P 99 -36.08 10.29 -49.63
C ASN P 99 -35.09 10.91 -48.66
N LEU P 100 -34.01 10.20 -48.38
CA LEU P 100 -32.91 10.72 -47.58
C LEU P 100 -31.83 11.35 -48.43
N VAL P 101 -32.16 11.82 -49.59
CA VAL P 101 -31.18 12.36 -50.51
C VAL P 101 -30.94 13.83 -50.17
N GLY P 102 -29.69 14.26 -50.26
CA GLY P 102 -29.35 15.66 -50.09
C GLY P 102 -28.04 15.90 -49.38
N ARG P 103 -27.20 16.73 -49.97
CA ARG P 103 -25.93 17.10 -49.39
C ARG P 103 -26.08 18.36 -48.56
N ASP P 104 -25.03 18.69 -47.81
CA ASP P 104 -24.99 19.96 -47.10
C ASP P 104 -24.35 21.06 -47.92
N PHE P 105 -23.38 20.73 -48.76
CA PHE P 105 -22.65 21.69 -49.58
C PHE P 105 -23.09 21.55 -51.02
N GLU P 106 -22.42 22.28 -51.91
CA GLU P 106 -22.68 22.21 -53.34
C GLU P 106 -21.56 21.47 -54.04
N THR P 107 -21.90 20.82 -55.14
CA THR P 107 -20.99 19.99 -55.89
C THR P 107 -20.62 20.67 -57.21
N LYS P 108 -19.89 19.94 -58.05
CA LYS P 108 -19.68 20.33 -59.43
C LYS P 108 -20.67 19.69 -60.37
N ASN P 109 -21.20 18.53 -59.99
CA ASN P 109 -22.23 17.85 -60.77
C ASN P 109 -23.64 18.20 -60.32
N PHE P 110 -23.81 18.92 -59.21
CA PHE P 110 -25.13 19.23 -58.70
C PHE P 110 -25.12 20.58 -57.99
N LYS P 111 -26.03 21.44 -58.40
CA LYS P 111 -26.34 22.66 -57.67
C LYS P 111 -27.56 22.39 -56.81
N PHE P 112 -27.64 23.10 -55.68
CA PHE P 112 -28.62 22.77 -54.65
C PHE P 112 -30.00 22.54 -55.25
N LYS P 113 -30.35 23.30 -56.28
CA LYS P 113 -31.62 23.10 -56.95
C LYS P 113 -31.72 21.69 -57.53
N ASP P 114 -30.81 21.33 -58.44
CA ASP P 114 -31.00 20.11 -59.21
C ASP P 114 -31.00 18.86 -58.33
N VAL P 115 -30.23 18.88 -57.24
CA VAL P 115 -30.14 17.71 -56.38
C VAL P 115 -31.18 17.72 -55.28
N HIS P 116 -31.60 18.90 -54.83
CA HIS P 116 -32.38 18.99 -53.61
C HIS P 116 -33.86 19.19 -53.84
N VAL P 117 -34.27 19.73 -54.99
CA VAL P 117 -35.68 19.89 -55.33
C VAL P 117 -36.01 19.22 -56.66
N ASN P 118 -35.24 19.51 -57.70
CA ASN P 118 -35.58 18.98 -59.01
C ASN P 118 -35.52 17.46 -59.02
N GLY P 119 -34.47 16.90 -58.39
CA GLY P 119 -34.39 15.46 -58.27
C GLY P 119 -35.51 14.88 -57.43
N ALA P 120 -35.86 15.55 -56.33
CA ALA P 120 -36.88 15.02 -55.44
C ALA P 120 -38.21 14.85 -56.16
N GLU P 121 -38.63 15.89 -56.89
CA GLU P 121 -39.91 15.80 -57.59
C GLU P 121 -39.90 14.69 -58.62
N ARG P 122 -38.80 14.55 -59.35
CA ARG P 122 -38.69 13.45 -60.31
C ARG P 122 -38.91 12.12 -59.61
N ILE P 123 -38.29 11.95 -58.44
CA ILE P 123 -38.48 10.74 -57.67
C ILE P 123 -39.94 10.57 -57.30
N ALA P 124 -40.57 11.65 -56.83
CA ALA P 124 -41.97 11.55 -56.40
C ALA P 124 -42.87 11.24 -57.59
N ARG P 125 -42.66 11.91 -58.73
CA ARG P 125 -43.49 11.63 -59.89
C ARG P 125 -43.36 10.17 -60.30
N ILE P 126 -42.13 9.68 -60.35
CA ILE P 126 -41.92 8.28 -60.69
C ILE P 126 -42.55 7.39 -59.64
N ALA P 127 -42.40 7.73 -58.37
CA ALA P 127 -43.03 6.95 -57.32
C ALA P 127 -44.54 6.95 -57.50
N ARG P 128 -45.13 8.11 -57.76
CA ARG P 128 -46.57 8.19 -57.89
C ARG P 128 -47.07 7.37 -59.08
N GLU P 129 -46.35 7.43 -60.20
CA GLU P 129 -46.75 6.62 -61.34
C GLU P 129 -46.64 5.14 -61.01
N ALA P 130 -45.61 4.75 -60.26
CA ALA P 130 -45.47 3.38 -59.81
C ALA P 130 -46.54 2.98 -58.80
N GLY P 131 -47.31 3.94 -58.30
CA GLY P 131 -48.36 3.61 -57.37
C GLY P 131 -47.81 3.10 -56.07
N VAL P 132 -47.11 3.98 -55.36
CA VAL P 132 -46.46 3.65 -54.09
C VAL P 132 -47.28 4.26 -52.97
N GLU P 133 -47.66 3.44 -52.00
CA GLU P 133 -48.63 3.87 -51.00
C GLU P 133 -48.12 5.05 -50.18
N ARG P 134 -46.87 4.99 -49.74
CA ARG P 134 -46.35 5.92 -48.74
C ARG P 134 -45.04 6.53 -49.20
N PHE P 135 -44.91 7.84 -49.02
CA PHE P 135 -43.75 8.60 -49.43
C PHE P 135 -43.35 9.48 -48.26
N ILE P 136 -42.06 9.57 -47.98
CA ILE P 136 -41.56 10.33 -46.85
C ILE P 136 -40.44 11.26 -47.31
N HIS P 137 -40.37 12.44 -46.72
CA HIS P 137 -39.36 13.43 -47.07
C HIS P 137 -38.85 14.08 -45.79
N LEU P 138 -37.63 14.61 -45.85
CA LEU P 138 -37.03 15.34 -44.74
C LEU P 138 -36.74 16.77 -45.15
N SER P 139 -37.05 17.71 -44.26
CA SER P 139 -36.82 19.13 -44.49
C SER P 139 -36.42 19.80 -43.20
N SER P 140 -35.32 20.56 -43.21
CA SER P 140 -34.80 21.16 -42.00
C SER P 140 -35.89 21.96 -41.28
N LEU P 141 -35.77 22.04 -39.96
CA LEU P 141 -36.81 22.69 -39.17
C LEU P 141 -36.89 24.18 -39.43
N ASN P 142 -35.79 24.80 -39.79
CA ASN P 142 -35.73 26.25 -39.94
C ASN P 142 -36.33 26.73 -41.25
N VAL P 143 -37.06 25.90 -41.97
CA VAL P 143 -37.45 26.20 -43.35
C VAL P 143 -38.28 27.47 -43.40
N GLU P 144 -37.91 28.38 -44.29
CA GLU P 144 -38.58 29.67 -44.47
C GLU P 144 -38.86 29.89 -45.95
N ALA P 145 -40.03 30.45 -46.24
CA ALA P 145 -40.38 30.75 -47.63
C ALA P 145 -39.47 31.80 -48.22
N ASN P 146 -38.96 32.71 -47.39
CA ASN P 146 -38.13 33.82 -47.83
C ASN P 146 -36.91 33.91 -46.93
N PRO P 147 -35.95 33.01 -47.10
CA PRO P 147 -34.76 33.03 -46.24
C PRO P 147 -34.02 34.36 -46.34
N LYS P 148 -33.49 34.80 -45.20
CA LYS P 148 -32.63 35.97 -45.15
C LYS P 148 -31.35 35.55 -44.44
N ASP P 149 -30.20 35.81 -45.08
CA ASP P 149 -28.95 35.47 -44.45
C ASP P 149 -28.77 36.29 -43.19
N LEU P 150 -27.86 35.84 -42.33
CA LEU P 150 -27.59 36.49 -41.07
C LEU P 150 -26.16 37.01 -40.92
N TYR P 151 -25.20 36.33 -41.50
CA TYR P 151 -23.80 36.77 -41.42
C TYR P 151 -23.08 36.79 -42.75
N VAL P 152 -23.35 35.84 -43.64
CA VAL P 152 -22.68 35.76 -44.93
C VAL P 152 -23.74 35.71 -46.02
N LYS P 153 -23.55 36.52 -47.07
CA LYS P 153 -24.61 36.75 -48.05
C LYS P 153 -25.05 35.44 -48.71
N GLY P 154 -24.15 34.81 -49.45
CA GLY P 154 -24.52 33.63 -50.20
C GLY P 154 -24.49 32.38 -49.36
N GLY P 155 -25.34 32.31 -48.33
CA GLY P 155 -25.34 31.18 -47.43
C GLY P 155 -26.71 30.72 -47.00
N SER P 156 -27.74 31.04 -47.78
CA SER P 156 -29.11 30.63 -47.46
C SER P 156 -29.74 29.79 -48.56
N GLU P 157 -28.94 29.35 -49.53
CA GLU P 157 -29.49 28.59 -50.63
C GLU P 157 -30.05 27.26 -50.16
N TRP P 158 -29.42 26.64 -49.18
CA TRP P 158 -29.94 25.40 -48.62
C TRP P 158 -31.37 25.61 -48.14
N LEU P 159 -31.62 26.70 -47.42
CA LEU P 159 -32.95 26.93 -46.90
C LEU P 159 -33.95 27.15 -48.03
N LYS P 160 -33.56 27.94 -49.04
CA LYS P 160 -34.45 28.15 -50.18
C LYS P 160 -34.77 26.82 -50.85
N SER P 161 -33.74 26.01 -51.10
CA SER P 161 -33.95 24.73 -51.75
C SER P 161 -34.87 23.85 -50.92
N LYS P 162 -34.70 23.88 -49.60
CA LYS P 162 -35.53 23.04 -48.75
C LYS P 162 -37.00 23.41 -48.87
N TYR P 163 -37.32 24.70 -48.90
CA TYR P 163 -38.71 25.10 -49.10
C TYR P 163 -39.21 24.62 -50.45
N GLU P 164 -38.40 24.81 -51.49
CA GLU P 164 -38.80 24.39 -52.82
C GLU P 164 -39.05 22.89 -52.87
N GLY P 165 -38.18 22.11 -52.22
CA GLY P 165 -38.38 20.67 -52.21
C GLY P 165 -39.70 20.27 -51.59
N GLU P 166 -40.03 20.87 -50.44
CA GLU P 166 -41.28 20.53 -49.75
C GLU P 166 -42.48 20.79 -50.63
N LEU P 167 -42.59 22.00 -51.18
CA LEU P 167 -43.80 22.40 -51.88
C LEU P 167 -44.01 21.57 -53.13
N ARG P 168 -42.95 21.35 -53.91
CA ARG P 168 -43.10 20.60 -55.15
C ARG P 168 -43.33 19.13 -54.89
N VAL P 169 -42.69 18.58 -53.86
CA VAL P 169 -42.96 17.19 -53.50
C VAL P 169 -44.43 17.05 -53.13
N ARG P 170 -44.95 17.95 -52.31
CA ARG P 170 -46.36 17.93 -51.98
C ARG P 170 -47.21 18.17 -53.21
N ASP P 171 -46.69 18.91 -54.19
CA ASP P 171 -47.40 19.13 -55.43
C ASP P 171 -47.51 17.84 -56.24
N ALA P 172 -46.41 17.12 -56.37
CA ALA P 172 -46.38 15.92 -57.20
C ALA P 172 -46.76 14.65 -56.47
N PHE P 173 -47.01 14.72 -55.16
CA PHE P 173 -47.51 13.59 -54.40
C PHE P 173 -48.62 14.07 -53.48
N PRO P 174 -49.81 13.45 -53.51
CA PRO P 174 -50.94 14.01 -52.75
C PRO P 174 -50.68 14.09 -51.26
N ASN P 175 -50.35 12.95 -50.64
CA ASN P 175 -50.15 12.89 -49.19
C ASN P 175 -48.85 12.16 -48.92
N ALA P 176 -47.73 12.89 -48.94
CA ALA P 176 -46.48 12.41 -48.39
C ALA P 176 -46.31 12.95 -46.99
N THR P 177 -45.45 12.30 -46.23
CA THR P 177 -45.14 12.71 -44.87
C THR P 177 -43.80 13.43 -44.89
N ILE P 178 -43.82 14.73 -44.62
CA ILE P 178 -42.60 15.51 -44.64
C ILE P 178 -42.18 15.76 -43.20
N ILE P 179 -41.36 14.87 -42.65
CA ILE P 179 -40.83 15.09 -41.32
C ILE P 179 -39.81 16.21 -41.41
N ARG P 180 -39.62 16.95 -40.31
CA ARG P 180 -38.75 18.11 -40.30
C ARG P 180 -37.89 18.14 -39.05
N PRO P 181 -36.66 17.65 -39.14
CA PRO P 181 -35.69 17.85 -38.05
C PRO P 181 -34.85 19.09 -38.24
N ALA P 182 -33.88 19.29 -37.34
CA ALA P 182 -32.82 20.26 -37.54
C ALA P 182 -31.65 19.90 -36.65
N ASP P 183 -30.45 19.85 -37.24
CA ASP P 183 -29.22 19.63 -36.50
C ASP P 183 -29.31 18.33 -35.68
N ILE P 184 -29.41 17.23 -36.42
CA ILE P 184 -29.49 15.91 -35.79
C ILE P 184 -28.11 15.56 -35.25
N TYR P 185 -28.04 15.24 -33.96
CA TYR P 185 -26.79 14.86 -33.34
C TYR P 185 -26.74 13.35 -33.15
N GLY P 186 -25.62 12.76 -33.52
CA GLY P 186 -25.43 11.34 -33.37
C GLY P 186 -23.99 10.97 -33.61
N SER P 187 -23.74 9.69 -33.84
CA SER P 187 -22.39 9.25 -34.19
C SER P 187 -22.17 9.43 -35.68
N GLU P 188 -21.02 10.00 -36.04
CA GLU P 188 -20.70 10.29 -37.43
C GLU P 188 -21.70 11.27 -38.02
N ASP P 189 -21.81 12.41 -37.34
CA ASP P 189 -22.85 13.39 -37.60
C ASP P 189 -22.24 14.73 -37.97
N ARG P 190 -22.98 15.50 -38.76
CA ARG P 190 -22.54 16.86 -39.07
C ARG P 190 -22.38 17.67 -37.79
N PHE P 191 -23.34 17.55 -36.88
CA PHE P 191 -23.41 18.41 -35.70
C PHE P 191 -22.17 18.31 -34.82
N LEU P 192 -21.94 17.14 -34.22
CA LEU P 192 -20.88 17.03 -33.22
C LEU P 192 -19.49 16.96 -33.85
N ARG P 193 -19.35 16.29 -35.00
CA ARG P 193 -18.07 16.30 -35.68
C ARG P 193 -17.67 17.73 -36.04
N TYR P 194 -18.65 18.54 -36.45
CA TYR P 194 -18.36 19.93 -36.79
C TYR P 194 -17.82 20.70 -35.59
N TYR P 195 -18.52 20.64 -34.47
CA TYR P 195 -18.08 21.36 -33.30
C TYR P 195 -16.84 20.76 -32.67
N ALA P 196 -16.42 19.57 -33.12
CA ALA P 196 -15.23 18.92 -32.60
C ALA P 196 -14.03 19.09 -33.50
N HIS P 197 -14.23 19.17 -34.81
CA HIS P 197 -13.11 19.08 -35.73
C HIS P 197 -12.22 20.30 -35.60
N ILE P 198 -10.96 20.14 -36.02
CA ILE P 198 -9.94 21.12 -35.69
C ILE P 198 -10.16 22.42 -36.48
N TRP P 199 -10.31 22.32 -37.80
CA TRP P 199 -10.46 23.52 -38.60
C TRP P 199 -11.58 24.42 -38.09
N ARG P 200 -12.65 23.82 -37.57
CA ARG P 200 -13.69 24.62 -36.95
C ARG P 200 -13.10 25.48 -35.85
N ARG P 201 -12.25 24.90 -35.02
CA ARG P 201 -11.59 25.68 -34.00
C ARG P 201 -10.57 26.63 -34.62
N GLN P 202 -10.47 27.81 -34.04
CA GLN P 202 -9.29 28.65 -34.22
C GLN P 202 -8.24 28.08 -33.29
N PHE P 203 -7.19 28.84 -33.00
CA PHE P 203 -6.11 28.37 -32.14
C PHE P 203 -6.64 27.61 -30.93
N ARG P 204 -7.32 28.30 -30.01
CA ARG P 204 -8.08 27.64 -28.96
C ARG P 204 -9.36 28.40 -28.69
N SER P 205 -9.92 29.02 -29.72
CA SER P 205 -10.95 30.03 -29.55
C SER P 205 -12.06 29.78 -30.56
N MET P 206 -13.06 29.02 -30.15
CA MET P 206 -14.18 28.77 -31.03
C MET P 206 -14.86 30.08 -31.37
N PRO P 207 -14.97 30.46 -32.63
CA PRO P 207 -15.76 31.64 -32.97
C PRO P 207 -17.23 31.31 -33.14
N LEU P 208 -18.10 32.02 -32.42
CA LEU P 208 -19.53 31.81 -32.50
C LEU P 208 -20.21 33.12 -32.84
N TRP P 209 -21.27 33.05 -33.65
CA TRP P 209 -22.04 34.23 -33.98
C TRP P 209 -22.65 34.81 -32.71
N HIS P 210 -22.45 36.12 -32.50
CA HIS P 210 -22.86 36.78 -31.26
C HIS P 210 -22.41 35.99 -30.05
N LYS P 211 -21.17 35.50 -30.09
CA LYS P 211 -20.61 34.69 -29.03
C LYS P 211 -21.45 33.44 -28.78
N GLY P 212 -22.27 33.04 -29.75
CA GLY P 212 -23.18 31.94 -29.54
C GLY P 212 -24.16 32.17 -28.40
N GLU P 213 -24.37 33.42 -28.01
CA GLU P 213 -25.27 33.77 -26.91
C GLU P 213 -26.55 34.45 -27.38
N LYS P 214 -26.78 34.48 -28.69
CA LYS P 214 -28.02 34.94 -29.27
C LYS P 214 -28.57 33.89 -30.21
N THR P 215 -28.49 32.63 -29.82
CA THR P 215 -28.96 31.51 -30.63
C THR P 215 -29.65 30.48 -29.73
N VAL P 216 -30.79 29.98 -30.20
CA VAL P 216 -31.51 28.91 -29.54
C VAL P 216 -31.46 27.71 -30.46
N LYS P 217 -30.95 26.60 -29.95
CA LYS P 217 -30.92 25.34 -30.68
C LYS P 217 -31.64 24.27 -29.88
N GLN P 218 -32.31 23.38 -30.60
CA GLN P 218 -33.01 22.24 -30.00
C GLN P 218 -32.69 20.99 -30.82
N PRO P 219 -31.47 20.47 -30.73
CA PRO P 219 -31.14 19.26 -31.47
C PRO P 219 -31.88 18.05 -30.94
N VAL P 220 -31.97 17.04 -31.80
CA VAL P 220 -32.61 15.77 -31.50
C VAL P 220 -31.66 14.65 -31.87
N TYR P 221 -31.82 13.51 -31.21
CA TYR P 221 -30.92 12.39 -31.42
C TYR P 221 -31.33 11.61 -32.67
N VAL P 222 -30.33 11.09 -33.39
CA VAL P 222 -30.58 10.54 -34.71
C VAL P 222 -31.52 9.34 -34.64
N SER P 223 -31.28 8.42 -33.71
CA SER P 223 -32.10 7.21 -33.69
C SER P 223 -33.54 7.55 -33.43
N ASP P 224 -33.80 8.51 -32.54
CA ASP P 224 -35.16 8.92 -32.26
C ASP P 224 -35.81 9.51 -33.50
N VAL P 225 -35.01 10.15 -34.36
CA VAL P 225 -35.52 10.57 -35.66
C VAL P 225 -35.83 9.35 -36.52
N ALA P 226 -34.90 8.40 -36.57
CA ALA P 226 -35.13 7.19 -37.36
C ALA P 226 -36.35 6.45 -36.85
N GLN P 227 -36.37 6.17 -35.54
CA GLN P 227 -37.50 5.47 -34.95
C GLN P 227 -38.81 6.16 -35.30
N ALA P 228 -38.80 7.49 -35.36
CA ALA P 228 -39.99 8.19 -35.81
C ALA P 228 -40.31 7.85 -37.25
N ILE P 229 -39.30 7.78 -38.11
CA ILE P 229 -39.54 7.53 -39.53
C ILE P 229 -40.26 6.21 -39.72
N ILE P 230 -39.76 5.16 -39.09
CA ILE P 230 -40.39 3.85 -39.23
C ILE P 230 -41.79 3.87 -38.66
N ASN P 231 -41.97 4.44 -37.46
CA ASN P 231 -43.29 4.41 -36.84
C ASN P 231 -44.30 5.15 -37.71
N ALA P 232 -43.88 6.24 -38.34
CA ALA P 232 -44.76 6.94 -39.27
C ALA P 232 -44.86 6.23 -40.61
N ALA P 233 -43.89 5.37 -40.94
CA ALA P 233 -44.04 4.56 -42.15
C ALA P 233 -45.00 3.41 -41.93
N LYS P 234 -44.94 2.75 -40.78
CA LYS P 234 -45.89 1.69 -40.49
C LYS P 234 -47.31 2.23 -40.48
N ASP P 235 -47.52 3.38 -39.86
CA ASP P 235 -48.83 4.01 -39.85
C ASP P 235 -49.07 4.72 -41.18
N PRO P 236 -50.19 4.45 -41.86
CA PRO P 236 -50.57 5.30 -42.99
C PRO P 236 -51.45 6.49 -42.61
N ASP P 237 -52.01 6.49 -41.40
CA ASP P 237 -52.83 7.59 -40.94
C ASP P 237 -52.02 8.84 -40.64
N SER P 238 -50.69 8.72 -40.57
CA SER P 238 -49.83 9.89 -40.53
C SER P 238 -49.72 10.57 -41.89
N ALA P 239 -50.23 9.95 -42.95
CA ALA P 239 -49.99 10.43 -44.30
C ALA P 239 -50.46 11.87 -44.45
N GLY P 240 -49.67 12.65 -45.19
CA GLY P 240 -50.00 14.06 -45.40
C GLY P 240 -49.93 14.90 -44.15
N ARG P 241 -48.89 14.73 -43.33
CA ARG P 241 -48.76 15.49 -42.10
C ARG P 241 -47.29 15.83 -41.87
N ILE P 242 -46.98 17.12 -41.79
CA ILE P 242 -45.64 17.53 -41.40
C ILE P 242 -45.43 17.19 -39.94
N TYR P 243 -44.17 17.05 -39.55
CA TYR P 243 -43.83 16.77 -38.16
C TYR P 243 -42.55 17.54 -37.83
N GLN P 244 -42.66 18.49 -36.91
CA GLN P 244 -41.49 19.17 -36.39
C GLN P 244 -40.79 18.23 -35.42
N ALA P 245 -39.65 17.70 -35.82
CA ALA P 245 -38.89 16.78 -34.99
C ALA P 245 -37.90 17.59 -34.16
N VAL P 246 -38.14 17.69 -32.85
CA VAL P 246 -37.27 18.40 -31.94
C VAL P 246 -37.06 17.58 -30.68
N GLY P 247 -35.99 17.90 -29.96
CA GLY P 247 -35.66 17.22 -28.75
C GLY P 247 -36.48 17.73 -27.58
N PRO P 248 -36.15 17.21 -26.39
CA PRO P 248 -36.92 17.59 -25.20
C PRO P 248 -36.72 19.04 -24.77
N LYS P 249 -35.48 19.46 -24.56
CA LYS P 249 -35.16 20.73 -23.91
C LYS P 249 -34.31 21.58 -24.83
N ARG P 250 -34.85 22.75 -25.22
CA ARG P 250 -34.08 23.71 -25.99
C ARG P 250 -32.81 24.09 -25.23
N TYR P 251 -31.88 24.71 -25.95
CA TYR P 251 -30.61 25.07 -25.33
C TYR P 251 -30.02 26.28 -26.04
N GLN P 252 -29.05 26.89 -25.36
CA GLN P 252 -28.28 28.00 -25.88
C GLN P 252 -26.93 27.49 -26.33
N LEU P 253 -26.51 27.87 -27.53
CA LEU P 253 -25.30 27.31 -28.11
C LEU P 253 -24.12 27.47 -27.19
N SER P 254 -24.07 28.55 -26.41
CA SER P 254 -23.00 28.72 -25.45
C SER P 254 -23.07 27.65 -24.37
N GLU P 255 -24.27 27.33 -23.90
CA GLU P 255 -24.41 26.26 -22.93
C GLU P 255 -23.90 24.94 -23.49
N LEU P 256 -24.26 24.65 -24.74
CA LEU P 256 -23.85 23.39 -25.34
C LEU P 256 -22.34 23.29 -25.47
N VAL P 257 -21.72 24.30 -26.08
CA VAL P 257 -20.31 24.19 -26.41
C VAL P 257 -19.48 24.12 -25.13
N ASP P 258 -19.85 24.91 -24.13
CA ASP P 258 -19.16 24.81 -22.85
C ASP P 258 -19.32 23.42 -22.26
N TRP P 259 -20.52 22.88 -22.30
CA TRP P 259 -20.73 21.52 -21.83
C TRP P 259 -19.92 20.54 -22.66
N PHE P 260 -19.94 20.71 -23.99
CA PHE P 260 -19.14 19.85 -24.86
C PHE P 260 -17.70 19.85 -24.42
N HIS P 261 -17.11 21.04 -24.24
CA HIS P 261 -15.72 21.12 -23.87
C HIS P 261 -15.49 20.57 -22.47
N ARG P 262 -16.47 20.72 -21.58
CA ARG P 262 -16.37 20.04 -20.30
C ARG P 262 -16.33 18.53 -20.48
N LEU P 263 -17.20 18.00 -21.34
CA LEU P 263 -17.23 16.56 -21.57
C LEU P 263 -15.89 16.09 -22.14
N MET P 264 -15.38 16.82 -23.12
CA MET P 264 -14.11 16.51 -23.77
C MET P 264 -12.90 16.79 -22.90
N ARG P 265 -13.09 17.23 -21.66
CA ARG P 265 -11.97 17.61 -20.80
C ARG P 265 -11.14 18.74 -21.40
N LYS P 266 -11.75 19.50 -22.30
CA LYS P 266 -11.09 20.61 -22.95
C LYS P 266 -10.88 21.80 -22.03
N ASP P 267 -11.43 21.77 -20.82
CA ASP P 267 -11.30 22.88 -19.87
C ASP P 267 -10.86 22.33 -18.52
N GLN P 268 -9.56 22.16 -18.33
CA GLN P 268 -9.05 21.92 -16.98
C GLN P 268 -8.06 23.00 -16.55
N LYS P 269 -6.91 23.15 -17.23
CA LYS P 269 -6.02 24.28 -16.96
C LYS P 269 -5.52 24.93 -18.23
N ARG P 270 -4.95 24.11 -19.11
CA ARG P 270 -4.03 24.57 -20.13
C ARG P 270 -4.64 24.64 -21.51
N TRP P 271 -5.58 23.75 -21.84
CA TRP P 271 -6.09 23.77 -23.20
C TRP P 271 -6.76 25.10 -23.48
N GLY P 272 -7.37 25.69 -22.46
CA GLY P 272 -7.70 27.11 -22.46
C GLY P 272 -8.76 27.51 -23.46
N TYR P 273 -9.98 27.04 -23.26
CA TYR P 273 -11.06 27.38 -24.19
C TYR P 273 -11.47 28.84 -24.02
N MET P 274 -11.68 29.50 -25.15
CA MET P 274 -12.23 30.85 -25.21
C MET P 274 -13.29 30.89 -26.29
N ARG P 275 -14.24 31.80 -26.14
CA ARG P 275 -15.29 32.01 -27.13
C ARG P 275 -15.20 33.42 -27.66
N TYR P 276 -15.02 33.56 -28.97
CA TYR P 276 -14.92 34.85 -29.63
C TYR P 276 -16.29 35.31 -30.06
N ASP P 277 -16.33 36.36 -30.87
CA ASP P 277 -17.44 36.68 -31.74
C ASP P 277 -16.97 36.43 -33.16
N MET P 278 -17.73 35.62 -33.91
CA MET P 278 -17.34 35.34 -35.28
C MET P 278 -17.25 36.61 -36.11
N ARG P 279 -18.07 37.61 -35.79
CA ARG P 279 -18.02 38.88 -36.51
C ARG P 279 -16.70 39.60 -36.26
N TRP P 280 -16.23 39.60 -35.00
CA TRP P 280 -14.96 40.24 -34.68
C TRP P 280 -13.84 39.71 -35.54
N ASP P 281 -13.66 38.40 -35.56
CA ASP P 281 -12.58 37.80 -36.34
C ASP P 281 -13.03 37.65 -37.79
N PRO P 282 -12.33 38.24 -38.75
CA PRO P 282 -12.63 37.99 -40.16
C PRO P 282 -11.90 36.80 -40.78
N THR P 283 -11.21 35.99 -39.98
CA THR P 283 -10.47 34.87 -40.52
C THR P 283 -11.31 33.63 -40.72
N PHE P 284 -12.34 33.43 -39.89
CA PHE P 284 -13.12 32.21 -39.96
C PHE P 284 -13.78 32.04 -41.32
N LEU P 285 -14.30 33.14 -41.88
CA LEU P 285 -14.94 33.04 -43.18
C LEU P 285 -13.96 32.57 -44.25
N LEU P 286 -12.74 33.11 -44.25
CA LEU P 286 -11.76 32.73 -45.26
C LEU P 286 -11.46 31.25 -45.17
N LYS P 287 -11.31 30.73 -43.95
CA LYS P 287 -11.14 29.30 -43.77
C LYS P 287 -12.23 28.54 -44.49
N ALA P 288 -13.48 28.94 -44.28
CA ALA P 288 -14.59 28.29 -44.94
C ALA P 288 -14.48 28.42 -46.45
N LYS P 289 -14.20 29.64 -46.94
CA LYS P 289 -14.16 29.85 -48.38
C LYS P 289 -13.03 29.05 -49.01
N LEU P 290 -11.82 29.16 -48.45
CA LEU P 290 -10.71 28.38 -48.97
C LEU P 290 -10.97 26.89 -48.84
N ASN P 291 -11.42 26.45 -47.67
CA ASN P 291 -11.61 25.02 -47.45
C ASN P 291 -12.62 24.45 -48.44
N SER P 292 -13.68 25.22 -48.73
CA SER P 292 -14.60 24.84 -49.79
C SER P 292 -13.88 24.75 -51.12
N PHE P 293 -13.16 25.81 -51.49
CA PHE P 293 -12.60 25.90 -52.84
C PHE P 293 -11.57 24.82 -53.12
N ILE P 294 -10.95 24.26 -52.08
CA ILE P 294 -9.81 23.36 -52.29
C ILE P 294 -10.24 21.91 -52.29
N CYS P 295 -11.06 21.49 -51.34
CA CYS P 295 -11.33 20.07 -51.19
C CYS P 295 -12.18 19.55 -52.35
N PRO P 296 -11.78 18.46 -52.99
CA PRO P 296 -12.65 17.92 -54.05
C PRO P 296 -13.88 17.23 -53.50
N GLY P 297 -13.71 16.39 -52.50
CA GLY P 297 -14.83 15.70 -51.87
C GLY P 297 -15.52 16.64 -50.92
N THR P 298 -16.10 16.07 -49.87
CA THR P 298 -16.71 16.91 -48.85
C THR P 298 -15.62 17.76 -48.20
N PRO P 299 -15.85 19.05 -48.00
CA PRO P 299 -14.81 19.88 -47.40
C PRO P 299 -14.50 19.42 -45.99
N ILE P 300 -13.25 19.63 -45.59
CA ILE P 300 -12.75 19.09 -44.33
C ILE P 300 -13.61 19.60 -43.19
N GLY P 301 -14.15 18.68 -42.39
CA GLY P 301 -14.93 19.04 -41.24
C GLY P 301 -16.25 19.71 -41.56
N GLY P 302 -16.67 19.70 -42.82
CA GLY P 302 -17.90 20.38 -43.19
C GLY P 302 -17.82 21.87 -42.91
N LEU P 303 -16.70 22.49 -43.29
CA LEU P 303 -16.46 23.88 -42.98
C LEU P 303 -17.11 24.84 -43.96
N HIS P 304 -17.68 24.34 -45.06
CA HIS P 304 -18.30 25.18 -46.08
C HIS P 304 -19.23 26.20 -45.43
N PRO P 305 -19.41 27.38 -46.04
CA PRO P 305 -20.17 28.43 -45.36
C PRO P 305 -21.58 28.03 -44.99
N ALA P 306 -22.22 27.16 -45.77
CA ALA P 306 -23.61 26.82 -45.49
C ALA P 306 -23.77 26.24 -44.09
N ARG P 307 -22.79 25.46 -43.63
CA ARG P 307 -22.81 24.98 -42.25
C ARG P 307 -22.75 26.13 -41.27
N ILE P 308 -21.97 27.16 -41.59
CA ILE P 308 -21.84 28.30 -40.69
C ILE P 308 -23.17 29.04 -40.56
N GLU P 309 -23.88 29.22 -41.68
CA GLU P 309 -25.17 29.87 -41.57
C GLU P 309 -26.14 29.03 -40.75
N ARG P 310 -26.04 27.71 -40.87
CA ARG P 310 -26.94 26.83 -40.15
C ARG P 310 -26.82 27.02 -38.65
N GLU P 311 -25.60 27.01 -38.13
CA GLU P 311 -25.42 27.21 -36.70
C GLU P 311 -25.97 28.57 -36.28
N ALA P 312 -25.78 29.58 -37.12
CA ALA P 312 -26.30 30.90 -36.79
C ALA P 312 -27.82 30.88 -36.69
N VAL P 313 -28.49 30.20 -37.61
CA VAL P 313 -29.96 30.20 -37.64
C VAL P 313 -30.49 29.60 -36.37
N THR P 314 -31.55 30.20 -35.84
CA THR P 314 -32.25 29.70 -34.68
C THR P 314 -33.24 28.62 -35.08
N ASP P 315 -33.75 27.92 -34.08
CA ASP P 315 -34.66 26.79 -34.27
C ASP P 315 -36.07 27.24 -33.86
N LYS P 316 -36.87 27.62 -34.85
CA LYS P 316 -38.22 28.13 -34.62
C LYS P 316 -39.22 26.99 -34.79
N VAL P 317 -39.74 26.49 -33.67
CA VAL P 317 -40.80 25.49 -33.68
C VAL P 317 -42.12 26.24 -33.88
N LEU P 318 -43.19 25.50 -34.15
CA LEU P 318 -44.52 26.06 -34.16
C LEU P 318 -45.51 25.06 -33.59
N THR P 319 -46.54 25.58 -32.94
CA THR P 319 -47.62 24.75 -32.44
C THR P 319 -48.52 24.31 -33.58
N GLY P 320 -49.38 23.36 -33.30
CA GLY P 320 -50.27 22.83 -34.35
C GLY P 320 -49.57 21.88 -35.28
N VAL P 321 -48.39 22.25 -35.76
CA VAL P 321 -47.55 21.32 -36.51
C VAL P 321 -47.26 20.16 -35.56
N PRO P 322 -47.62 18.93 -35.91
CA PRO P 322 -47.42 17.82 -34.96
C PRO P 322 -45.96 17.61 -34.59
N THR P 323 -45.68 16.67 -33.70
CA THR P 323 -44.34 16.51 -33.17
C THR P 323 -44.06 15.03 -32.93
N LEU P 324 -42.91 14.76 -32.32
CA LEU P 324 -42.51 13.39 -32.04
C LEU P 324 -43.46 12.72 -31.07
N GLU P 325 -43.92 13.46 -30.06
CA GLU P 325 -44.89 12.90 -29.12
C GLU P 325 -46.13 12.43 -29.86
N ASP P 326 -46.57 13.18 -30.87
CA ASP P 326 -47.65 12.71 -31.73
C ASP P 326 -47.27 11.43 -32.43
N LEU P 327 -45.99 11.23 -32.73
CA LEU P 327 -45.50 10.00 -33.33
C LEU P 327 -45.19 8.92 -32.31
N GLY P 328 -45.41 9.18 -31.02
CA GLY P 328 -45.20 8.17 -30.00
C GLY P 328 -43.76 7.74 -29.89
N VAL P 329 -42.84 8.70 -29.87
CA VAL P 329 -41.41 8.43 -29.84
C VAL P 329 -40.84 9.10 -28.59
N THR P 330 -40.35 8.29 -27.66
CA THR P 330 -39.59 8.84 -26.54
C THR P 330 -38.27 9.39 -27.04
N LEU P 331 -37.81 10.46 -26.40
CA LEU P 331 -36.65 11.22 -26.87
C LEU P 331 -35.54 11.14 -25.82
N THR P 332 -34.53 10.33 -26.09
CA THR P 332 -33.33 10.38 -25.27
C THR P 332 -32.77 11.79 -25.30
N THR P 333 -32.47 12.33 -24.14
CA THR P 333 -31.94 13.67 -24.05
C THR P 333 -30.44 13.66 -24.34
N MET P 334 -29.91 14.86 -24.56
CA MET P 334 -28.46 15.00 -24.65
C MET P 334 -27.80 14.49 -23.37
N GLU P 335 -28.41 14.77 -22.23
CA GLU P 335 -27.79 14.43 -20.96
C GLU P 335 -27.54 12.94 -20.83
N GLN P 336 -28.33 12.13 -21.53
CA GLN P 336 -28.17 10.69 -21.53
C GLN P 336 -27.20 10.22 -22.61
N GLN P 337 -27.23 10.89 -23.76
CA GLN P 337 -26.58 10.40 -24.98
C GLN P 337 -25.22 11.04 -25.22
N VAL P 338 -25.16 12.37 -25.17
CA VAL P 338 -23.95 13.07 -25.62
C VAL P 338 -22.70 12.67 -24.87
N PRO P 339 -22.72 12.44 -23.56
CA PRO P 339 -21.45 12.16 -22.88
C PRO P 339 -20.72 11.00 -23.51
N TRP P 340 -21.37 9.84 -23.57
CA TRP P 340 -20.82 8.70 -24.27
C TRP P 340 -20.51 9.05 -25.71
N GLU P 341 -21.34 9.89 -26.32
CA GLU P 341 -21.19 10.20 -27.74
C GLU P 341 -19.82 10.81 -28.01
N LEU P 342 -19.42 11.77 -27.20
CA LEU P 342 -18.18 12.50 -27.38
C LEU P 342 -17.02 11.87 -26.64
N ARG P 343 -17.25 10.78 -25.91
CA ARG P 343 -16.16 10.15 -25.17
C ARG P 343 -14.93 9.89 -26.02
N PRO P 344 -15.04 9.50 -27.29
CA PRO P 344 -13.83 9.31 -28.10
C PRO P 344 -12.96 10.54 -28.21
N TYR P 345 -13.55 11.72 -28.21
CA TYR P 345 -12.77 12.94 -28.45
C TYR P 345 -12.23 13.57 -27.17
N ARG P 346 -12.45 12.97 -26.02
CA ARG P 346 -11.86 13.48 -24.79
C ARG P 346 -10.34 13.42 -24.90
N ALA P 347 -9.67 14.42 -24.34
CA ALA P 347 -8.22 14.51 -24.49
C ALA P 347 -7.66 15.46 -23.45
N ALA P 348 -6.39 15.83 -23.63
CA ALA P 348 -5.74 16.89 -22.87
C ALA P 348 -5.42 16.50 -21.43
N LEU P 349 -5.00 15.26 -21.22
CA LEU P 349 -4.66 14.79 -19.87
C LEU P 349 -3.18 15.13 -19.59
N TYR P 350 -2.96 16.43 -19.34
CA TYR P 350 -1.60 16.93 -19.20
C TYR P 350 -0.87 16.23 -18.06
N TYR P 351 0.45 16.16 -18.19
CA TYR P 351 1.28 15.78 -17.06
C TYR P 351 1.38 16.90 -16.04
N ASP P 352 1.20 18.15 -16.46
CA ASP P 352 1.42 19.27 -15.56
C ASP P 352 0.32 19.39 -14.50
N ALA P 353 -0.85 18.81 -14.74
CA ALA P 353 -2.02 19.14 -13.95
C ALA P 353 -2.66 17.90 -13.33
N GLU P 354 -3.86 18.06 -12.77
CA GLU P 354 -4.63 17.00 -12.18
C GLU P 354 -5.70 16.51 -13.15
N LEU P 355 -6.09 15.25 -13.00
CA LEU P 355 -7.11 14.63 -13.83
C LEU P 355 -7.99 13.76 -12.95
N GLY P 356 -8.95 13.08 -13.57
CA GLY P 356 -9.71 12.05 -12.91
C GLY P 356 -10.67 12.57 -11.87
N GLU P 357 -10.15 13.27 -10.87
CA GLU P 357 -10.97 13.81 -9.79
C GLU P 357 -11.80 15.00 -10.24
N PHE P 358 -11.54 15.55 -11.43
CA PHE P 358 -12.39 16.61 -11.96
C PHE P 358 -13.82 16.09 -12.08
N GLU P 359 -14.77 16.86 -11.56
CA GLU P 359 -16.14 16.39 -11.44
C GLU P 359 -16.68 15.95 -12.80
N THR P 360 -17.77 15.20 -12.76
CA THR P 360 -18.51 14.93 -13.97
C THR P 360 -18.99 16.27 -14.55
N PRO P 361 -18.94 16.45 -15.87
CA PRO P 361 -19.29 17.75 -16.45
C PRO P 361 -20.71 18.16 -16.06
N SER P 362 -20.81 19.24 -15.30
CA SER P 362 -22.11 19.70 -14.84
C SER P 362 -22.97 20.04 -16.06
N PRO P 363 -24.20 19.53 -16.14
CA PRO P 363 -24.96 19.65 -17.38
C PRO P 363 -25.24 21.10 -17.72
N PRO P 364 -25.78 21.36 -18.89
CA PRO P 364 -26.19 22.72 -19.25
C PRO P 364 -27.56 23.02 -18.69
N LYS P 365 -28.13 24.19 -19.01
CA LYS P 365 -29.42 24.60 -18.49
C LYS P 365 -30.29 25.12 -19.62
N CYS P 366 -31.53 24.63 -19.67
CA CYS P 366 -32.43 24.95 -20.76
C CYS P 366 -32.78 26.43 -20.80
N ILE P 367 -33.59 26.82 -21.77
CA ILE P 367 -34.03 28.20 -21.93
C ILE P 367 -35.55 28.18 -22.04
N GLU P 368 -36.21 28.90 -21.14
CA GLU P 368 -37.66 28.92 -21.09
C GLU P 368 -38.23 30.02 -21.97
N ALA P 369 -39.56 30.03 -22.10
CA ALA P 369 -40.21 30.93 -23.05
C ALA P 369 -39.99 32.39 -22.69
N ARG P 370 -40.29 32.77 -21.45
CA ARG P 370 -40.02 34.15 -21.04
C ARG P 370 -38.53 34.44 -21.09
N ASP P 371 -37.71 33.49 -20.65
CA ASP P 371 -36.26 33.69 -20.70
C ASP P 371 -35.78 33.88 -22.13
N GLU P 372 -36.43 33.20 -23.08
CA GLU P 372 -36.17 33.51 -24.48
C GLU P 372 -36.57 34.94 -24.79
N LEU P 373 -37.74 35.37 -24.30
CA LEU P 373 -38.20 36.72 -24.59
C LEU P 373 -37.26 37.75 -23.99
N ARG P 374 -36.57 37.40 -22.90
CA ARG P 374 -35.50 38.26 -22.41
C ARG P 374 -34.35 38.28 -23.40
N LEU P 375 -33.95 37.10 -23.89
CA LEU P 375 -32.84 37.00 -24.82
C LEU P 375 -33.05 37.89 -26.03
N PHE P 376 -34.20 37.74 -26.69
CA PHE P 376 -34.53 38.57 -27.84
C PHE P 376 -35.04 39.94 -27.44
N ALA P 377 -35.29 40.18 -26.17
CA ALA P 377 -35.77 41.48 -25.69
C ALA P 377 -37.11 41.84 -26.32
N ASN Q 1 -25.59 -32.84 16.88
CA ASN Q 1 -26.58 -31.83 16.51
C ASN Q 1 -26.47 -31.47 15.03
N LYS Q 2 -25.94 -32.41 14.24
CA LYS Q 2 -25.87 -32.26 12.80
C LYS Q 2 -25.46 -33.59 12.19
N LEU Q 3 -25.74 -33.74 10.90
CA LEU Q 3 -25.45 -34.95 10.13
C LEU Q 3 -24.66 -34.59 8.88
N SER Q 4 -23.57 -33.84 9.08
CA SER Q 4 -22.83 -33.17 7.99
C SER Q 4 -23.60 -31.96 7.48
N GLY Q 5 -24.20 -31.21 8.41
CA GLY Q 5 -24.87 -29.98 8.08
C GLY Q 5 -26.23 -30.14 7.47
N LYS Q 6 -26.87 -31.30 7.66
CA LYS Q 6 -28.17 -31.52 7.06
C LYS Q 6 -29.15 -30.45 7.53
N ILE Q 7 -30.14 -30.19 6.68
CA ILE Q 7 -31.12 -29.13 6.94
C ILE Q 7 -32.48 -29.69 6.61
N THR Q 8 -33.50 -29.11 7.24
CA THR Q 8 -34.89 -29.44 6.95
C THR Q 8 -35.47 -28.34 6.06
N VAL Q 9 -35.86 -28.71 4.85
CA VAL Q 9 -36.45 -27.78 3.89
C VAL Q 9 -37.63 -28.44 3.22
N PRO Q 10 -38.59 -27.66 2.73
CA PRO Q 10 -39.72 -28.27 2.04
C PRO Q 10 -39.27 -29.04 0.81
N THR Q 11 -39.98 -30.13 0.53
CA THR Q 11 -39.60 -30.96 -0.61
C THR Q 11 -39.80 -30.21 -1.93
N ALA Q 12 -40.88 -29.44 -2.05
CA ALA Q 12 -41.22 -28.75 -3.28
C ALA Q 12 -40.48 -27.41 -3.32
N VAL Q 13 -39.37 -27.37 -4.04
CA VAL Q 13 -38.55 -26.18 -4.15
C VAL Q 13 -38.67 -25.68 -5.58
N ASN Q 14 -39.35 -24.55 -5.77
CA ASN Q 14 -39.41 -23.95 -7.10
C ASN Q 14 -38.03 -23.47 -7.50
N LEU Q 15 -37.67 -23.73 -8.76
CA LEU Q 15 -36.34 -23.38 -9.26
C LEU Q 15 -36.40 -22.51 -10.51
N SER Q 16 -37.51 -21.82 -10.73
CA SER Q 16 -37.63 -20.95 -11.90
C SER Q 16 -36.49 -19.94 -12.00
N PRO Q 17 -36.14 -19.20 -10.94
CA PRO Q 17 -35.12 -18.16 -11.14
C PRO Q 17 -33.76 -18.72 -11.46
N ILE Q 18 -33.32 -19.74 -10.73
CA ILE Q 18 -32.01 -20.33 -10.98
C ILE Q 18 -31.96 -20.99 -12.34
N SER Q 19 -33.11 -21.41 -12.87
CA SER Q 19 -33.12 -22.25 -14.06
C SER Q 19 -32.45 -21.57 -15.24
N GLY Q 20 -32.87 -20.35 -15.54
CA GLY Q 20 -32.36 -19.60 -16.68
C GLY Q 20 -33.35 -19.42 -17.79
N VAL Q 21 -34.48 -20.11 -17.75
CA VAL Q 21 -35.51 -19.89 -18.77
C VAL Q 21 -36.01 -18.46 -18.65
N PRO Q 22 -36.19 -17.73 -19.75
CA PRO Q 22 -36.79 -16.39 -19.64
C PRO Q 22 -38.20 -16.47 -19.08
N GLU Q 23 -38.57 -15.47 -18.28
CA GLU Q 23 -39.89 -15.45 -17.68
C GLU Q 23 -40.99 -15.36 -18.72
N GLU Q 24 -40.69 -14.85 -19.92
CA GLU Q 24 -41.71 -14.75 -20.95
C GLU Q 24 -42.26 -16.13 -21.29
N HIS Q 25 -41.38 -17.09 -21.53
CA HIS Q 25 -41.82 -18.46 -21.78
C HIS Q 25 -42.52 -19.03 -20.57
N ILE Q 26 -41.97 -18.79 -19.37
CA ILE Q 26 -42.54 -19.37 -18.17
C ILE Q 26 -43.95 -18.87 -17.95
N ARG Q 27 -44.24 -17.63 -18.34
CA ARG Q 27 -45.50 -17.00 -17.99
C ARG Q 27 -46.54 -17.06 -19.09
N GLU Q 28 -46.16 -17.43 -20.30
CA GLU Q 28 -47.10 -17.46 -21.42
C GLU Q 28 -47.26 -18.85 -22.02
N ARG Q 29 -46.58 -19.86 -21.51
CA ARG Q 29 -46.56 -21.18 -22.11
C ARG Q 29 -46.94 -22.24 -21.10
N ARG Q 30 -47.68 -23.24 -21.56
CA ARG Q 30 -48.11 -24.37 -20.75
C ARG Q 30 -47.33 -25.61 -21.16
N VAL Q 31 -47.65 -26.73 -20.51
CA VAL Q 31 -47.04 -28.03 -20.81
C VAL Q 31 -48.16 -29.06 -20.84
N ARG Q 32 -48.02 -30.06 -21.69
CA ARG Q 32 -49.12 -30.95 -22.01
C ARG Q 32 -48.83 -32.41 -21.69
N ILE Q 33 -48.39 -32.69 -20.46
CA ILE Q 33 -48.00 -34.04 -20.04
C ILE Q 33 -49.01 -35.05 -20.56
N HIS Q 34 -48.53 -36.09 -21.23
CA HIS Q 34 -49.39 -37.08 -21.84
C HIS Q 34 -48.55 -38.31 -22.18
N ILE Q 35 -49.16 -39.26 -22.89
CA ILE Q 35 -48.46 -40.40 -23.46
C ILE Q 35 -48.48 -40.21 -24.97
N PRO Q 36 -47.37 -40.44 -25.67
CA PRO Q 36 -47.35 -40.17 -27.10
C PRO Q 36 -48.38 -41.02 -27.81
N PRO Q 37 -49.07 -40.48 -28.81
CA PRO Q 37 -50.14 -41.24 -29.45
C PRO Q 37 -49.59 -42.44 -30.20
N LYS Q 38 -50.38 -43.50 -30.23
CA LYS Q 38 -50.01 -44.69 -30.98
C LYS Q 38 -50.26 -44.45 -32.46
N ASN Q 39 -49.27 -44.77 -33.28
CA ASN Q 39 -49.42 -44.60 -34.72
C ASN Q 39 -50.52 -45.51 -35.23
N ALA Q 40 -51.36 -44.98 -36.12
CA ALA Q 40 -52.54 -45.70 -36.53
C ALA Q 40 -52.21 -46.95 -37.33
N MET Q 41 -51.29 -46.83 -38.29
CA MET Q 41 -50.96 -47.93 -39.19
C MET Q 41 -49.69 -48.65 -38.77
N GLN Q 42 -49.50 -48.80 -37.48
CA GLN Q 42 -48.48 -49.67 -36.92
C GLN Q 42 -49.16 -50.66 -36.00
N SER Q 43 -48.40 -51.63 -35.53
CA SER Q 43 -48.92 -52.63 -34.60
C SER Q 43 -48.00 -52.90 -33.42
N GLY Q 44 -46.71 -52.64 -33.52
CA GLY Q 44 -45.86 -52.67 -32.35
C GLY Q 44 -46.12 -51.46 -31.47
N THR Q 45 -46.08 -51.67 -30.17
CA THR Q 45 -46.51 -50.66 -29.20
C THR Q 45 -45.52 -50.53 -28.07
N ASP Q 46 -44.24 -50.43 -28.43
CA ASP Q 46 -43.17 -50.23 -27.46
C ASP Q 46 -42.54 -48.84 -27.59
N ASN Q 47 -43.27 -47.89 -28.14
CA ASN Q 47 -42.90 -46.48 -28.11
C ASN Q 47 -43.99 -45.62 -27.48
N VAL Q 48 -45.00 -46.24 -26.88
CA VAL Q 48 -46.05 -45.51 -26.20
C VAL Q 48 -46.16 -46.05 -24.78
N ASN Q 49 -45.05 -46.52 -24.23
CA ASN Q 49 -44.99 -46.98 -22.85
C ASN Q 49 -44.42 -45.94 -21.90
N THR Q 50 -44.21 -44.72 -22.37
CA THR Q 50 -43.57 -43.68 -21.58
C THR Q 50 -44.46 -42.45 -21.54
N TRP Q 51 -44.28 -41.67 -20.48
CA TRP Q 51 -45.02 -40.44 -20.28
C TRP Q 51 -44.18 -39.26 -20.73
N GLN Q 52 -44.75 -38.45 -21.60
CA GLN Q 52 -44.02 -37.45 -22.35
C GLN Q 52 -44.62 -36.07 -22.11
N ILE Q 53 -43.76 -35.05 -22.13
CA ILE Q 53 -44.18 -33.67 -21.94
C ILE Q 53 -43.64 -32.83 -23.08
N GLU Q 54 -44.42 -31.85 -23.50
CA GLU Q 54 -43.97 -30.91 -24.50
C GLU Q 54 -44.75 -29.61 -24.34
N PHE Q 55 -44.44 -28.65 -25.20
CA PHE Q 55 -44.95 -27.30 -25.09
C PHE Q 55 -45.83 -26.99 -26.28
N ASP Q 56 -46.87 -26.22 -26.04
CA ASP Q 56 -47.86 -25.92 -27.06
C ASP Q 56 -47.22 -25.19 -28.25
N ASN Q 57 -47.73 -25.48 -29.44
CA ASN Q 57 -47.26 -24.81 -30.64
C ASN Q 57 -47.46 -23.30 -30.52
N ARG Q 58 -46.45 -22.54 -30.91
CA ARG Q 58 -46.58 -21.10 -30.91
C ARG Q 58 -46.99 -20.57 -32.27
N GLU Q 59 -46.13 -20.74 -33.27
CA GLU Q 59 -46.34 -20.13 -34.58
C GLU Q 59 -45.35 -20.73 -35.56
N ARG Q 60 -45.72 -20.69 -36.83
CA ARG Q 60 -44.78 -20.97 -37.92
C ARG Q 60 -45.25 -20.21 -39.14
N TRP Q 61 -44.39 -19.37 -39.65
CA TRP Q 61 -44.62 -18.70 -40.92
C TRP Q 61 -43.58 -19.24 -41.88
N GLU Q 62 -43.55 -18.69 -43.08
CA GLU Q 62 -42.60 -19.13 -44.07
C GLU Q 62 -41.63 -18.02 -44.41
N ASN Q 63 -40.37 -18.37 -44.53
CA ASN Q 63 -39.34 -17.41 -44.84
C ASN Q 63 -39.68 -16.72 -46.15
N PRO Q 64 -39.73 -15.39 -46.20
CA PRO Q 64 -40.04 -14.73 -47.47
C PRO Q 64 -39.12 -15.14 -48.60
N LEU Q 65 -37.83 -15.29 -48.33
CA LEU Q 65 -36.88 -15.60 -49.39
C LEU Q 65 -37.20 -16.95 -50.03
N MET Q 66 -37.08 -18.02 -49.26
CA MET Q 66 -36.97 -19.34 -49.85
C MET Q 66 -38.15 -20.23 -49.51
N GLY Q 67 -39.15 -19.71 -48.81
CA GLY Q 67 -40.33 -20.50 -48.50
C GLY Q 67 -40.06 -21.67 -47.58
N TRP Q 68 -39.15 -21.51 -46.63
CA TRP Q 68 -38.98 -22.51 -45.60
C TRP Q 68 -40.08 -22.34 -44.56
N ALA Q 69 -39.94 -23.00 -43.41
CA ALA Q 69 -40.89 -22.86 -42.32
C ALA Q 69 -40.17 -22.18 -41.15
N SER Q 70 -40.11 -20.85 -41.21
CA SER Q 70 -39.44 -20.11 -40.16
C SER Q 70 -40.21 -20.17 -38.87
N SER Q 71 -39.51 -20.16 -37.75
CA SER Q 71 -40.14 -20.24 -36.44
C SER Q 71 -39.21 -19.60 -35.42
N GLY Q 72 -39.69 -18.54 -34.79
CA GLY Q 72 -38.90 -17.82 -33.82
C GLY Q 72 -39.32 -18.17 -32.42
N ASP Q 73 -39.54 -19.46 -32.16
CA ASP Q 73 -40.08 -19.92 -30.89
C ASP Q 73 -39.22 -21.07 -30.38
N PRO Q 74 -38.47 -20.90 -29.29
CA PRO Q 74 -37.40 -21.85 -28.98
C PRO Q 74 -37.89 -23.21 -28.50
N LEU Q 75 -38.83 -23.23 -27.56
CA LEU Q 75 -39.32 -24.48 -27.01
C LEU Q 75 -40.40 -25.08 -27.89
N SER Q 76 -40.12 -25.20 -29.18
CA SER Q 76 -41.10 -25.81 -30.07
C SER Q 76 -40.84 -27.29 -30.21
N ASN Q 77 -39.59 -27.67 -30.42
CA ASN Q 77 -39.23 -29.06 -30.52
C ASN Q 77 -39.05 -29.72 -29.16
N MET Q 78 -39.00 -28.95 -28.08
CA MET Q 78 -38.58 -29.49 -26.79
C MET Q 78 -39.47 -30.67 -26.40
N ASN Q 79 -38.84 -31.76 -25.96
CA ASN Q 79 -39.57 -32.98 -25.70
C ASN Q 79 -38.76 -33.83 -24.74
N VAL Q 80 -39.40 -34.28 -23.66
CA VAL Q 80 -38.75 -35.03 -22.59
C VAL Q 80 -39.63 -36.23 -22.25
N GLN Q 81 -39.02 -37.26 -21.67
CA GLN Q 81 -39.72 -38.50 -21.37
C GLN Q 81 -39.66 -38.81 -19.88
N PHE Q 82 -40.68 -39.48 -19.38
CA PHE Q 82 -40.76 -39.89 -17.99
C PHE Q 82 -41.37 -41.28 -17.91
N GLY Q 83 -41.24 -41.89 -16.73
CA GLY Q 83 -41.75 -43.22 -16.52
C GLY Q 83 -43.19 -43.25 -16.03
N SER Q 84 -43.63 -42.16 -15.40
CA SER Q 84 -44.96 -42.13 -14.82
C SER Q 84 -45.39 -40.68 -14.71
N PRO Q 85 -46.69 -40.39 -14.84
CA PRO Q 85 -47.11 -38.99 -14.82
C PRO Q 85 -46.73 -38.26 -13.55
N GLU Q 86 -46.84 -38.91 -12.39
CA GLU Q 86 -46.51 -38.22 -11.14
C GLU Q 86 -45.06 -37.77 -11.13
N GLU Q 87 -44.17 -38.56 -11.69
CA GLU Q 87 -42.78 -38.12 -11.82
C GLU Q 87 -42.72 -36.83 -12.64
N ALA Q 88 -43.42 -36.80 -13.76
CA ALA Q 88 -43.35 -35.63 -14.63
C ALA Q 88 -43.92 -34.40 -13.92
N ILE Q 89 -45.05 -34.55 -13.23
CA ILE Q 89 -45.62 -33.41 -12.52
C ILE Q 89 -44.64 -32.92 -11.47
N THR Q 90 -43.97 -33.84 -10.78
CA THR Q 90 -42.94 -33.45 -9.84
C THR Q 90 -41.85 -32.65 -10.54
N PHE Q 91 -41.36 -33.15 -11.67
CA PHE Q 91 -40.36 -32.41 -12.42
C PHE Q 91 -40.91 -31.05 -12.85
N CYS Q 92 -42.11 -31.04 -13.42
CA CYS Q 92 -42.62 -29.82 -14.03
C CYS Q 92 -42.76 -28.71 -12.99
N GLU Q 93 -43.22 -29.04 -11.79
CA GLU Q 93 -43.29 -28.06 -10.71
C GLU Q 93 -41.91 -27.53 -10.37
N ARG Q 94 -40.94 -28.43 -10.20
CA ARG Q 94 -39.61 -28.01 -9.77
C ARG Q 94 -38.99 -27.03 -10.74
N ASN Q 95 -39.41 -27.07 -12.00
CA ASN Q 95 -38.98 -26.10 -13.00
C ASN Q 95 -40.01 -25.01 -13.23
N GLY Q 96 -41.03 -24.92 -12.38
CA GLY Q 96 -41.89 -23.76 -12.33
C GLY Q 96 -42.69 -23.49 -13.58
N TRP Q 97 -43.15 -24.53 -14.25
CA TRP Q 97 -43.96 -24.39 -15.44
C TRP Q 97 -45.44 -24.49 -15.09
N ARG Q 98 -46.28 -24.10 -16.03
CA ARG Q 98 -47.71 -24.40 -15.96
C ARG Q 98 -47.98 -25.61 -16.84
N TRP Q 99 -48.75 -26.55 -16.31
CA TRP Q 99 -48.99 -27.81 -17.00
C TRP Q 99 -50.43 -28.26 -16.74
N TYR Q 100 -50.86 -29.24 -17.52
CA TYR Q 100 -52.16 -29.86 -17.31
C TYR Q 100 -52.11 -31.27 -17.87
N VAL Q 101 -52.17 -32.26 -16.99
CA VAL Q 101 -52.02 -33.63 -17.42
C VAL Q 101 -53.12 -33.99 -18.41
N ASP Q 102 -52.90 -35.07 -19.15
CA ASP Q 102 -53.86 -35.60 -20.11
C ASP Q 102 -53.95 -37.11 -19.91
N GLY Q 103 -54.94 -37.54 -19.12
CA GLY Q 103 -55.12 -38.94 -18.78
C GLY Q 103 -55.02 -39.88 -19.97
N ALA Q 104 -54.07 -40.80 -19.92
CA ALA Q 104 -53.80 -41.66 -21.07
C ALA Q 104 -54.97 -42.60 -21.40
N ALA Q 105 -55.23 -43.57 -20.53
CA ALA Q 105 -56.25 -44.57 -20.81
C ALA Q 105 -56.42 -45.54 -19.65
N LYS Q 106 -57.62 -46.10 -19.51
CA LYS Q 106 -57.89 -47.12 -18.51
C LYS Q 106 -57.33 -48.46 -18.96
N PRO Q 107 -57.14 -49.40 -18.04
CA PRO Q 107 -56.60 -50.70 -18.44
C PRO Q 107 -57.48 -51.37 -19.47
N LYS Q 108 -56.85 -52.00 -20.45
CA LYS Q 108 -57.60 -52.66 -21.50
C LYS Q 108 -58.51 -53.72 -20.91
N LYS Q 109 -59.79 -53.66 -21.26
CA LYS Q 109 -60.74 -54.67 -20.84
C LYS Q 109 -60.58 -55.91 -21.70
N GLU Q 110 -60.43 -57.06 -21.04
CA GLU Q 110 -60.23 -58.32 -21.76
C GLU Q 110 -61.32 -58.52 -22.80
N ARG Q 111 -60.90 -58.88 -24.01
CA ARG Q 111 -61.82 -59.28 -25.06
C ARG Q 111 -61.66 -60.78 -25.26
N VAL Q 112 -62.79 -61.49 -25.36
CA VAL Q 112 -62.74 -62.94 -25.37
C VAL Q 112 -61.93 -63.43 -26.56
N LYS Q 113 -62.19 -62.88 -27.74
CA LYS Q 113 -61.46 -63.20 -28.96
C LYS Q 113 -61.28 -64.70 -29.12
N ASN Q 114 -62.40 -65.39 -29.23
CA ASN Q 114 -62.41 -66.82 -29.45
C ASN Q 114 -62.31 -67.11 -30.94
N TYR Q 115 -61.80 -68.29 -31.27
CA TYR Q 115 -61.76 -68.71 -32.66
C TYR Q 115 -63.03 -69.41 -33.08
N GLY Q 116 -63.67 -70.16 -32.18
CA GLY Q 116 -64.84 -70.93 -32.56
C GLY Q 116 -66.01 -70.08 -33.00
N ILE Q 117 -66.13 -68.87 -32.46
CA ILE Q 117 -67.28 -68.03 -32.80
C ILE Q 117 -67.33 -67.78 -34.29
N ASN Q 118 -66.18 -67.85 -34.98
CA ASN Q 118 -66.19 -67.72 -36.43
C ASN Q 118 -67.14 -68.72 -37.06
N PHE Q 119 -67.33 -69.86 -36.42
CA PHE Q 119 -68.19 -70.93 -36.94
C PHE Q 119 -69.18 -71.25 -35.84
N ALA Q 120 -70.41 -70.76 -35.99
CA ALA Q 120 -71.47 -71.01 -35.04
C ALA Q 120 -72.71 -71.43 -35.79
N TRP Q 121 -73.57 -72.19 -35.10
CA TRP Q 121 -74.77 -72.70 -35.73
C TRP Q 121 -75.88 -71.67 -35.77
N ASN Q 122 -76.05 -70.91 -34.69
CA ASN Q 122 -77.15 -69.97 -34.54
C ASN Q 122 -76.70 -68.52 -34.49
N LYS Q 123 -75.57 -68.24 -33.86
CA LYS Q 123 -75.18 -66.86 -33.62
C LYS Q 123 -74.88 -66.15 -34.93
N ARG Q 124 -75.15 -64.85 -34.95
CA ARG Q 124 -74.89 -64.06 -36.15
C ARG Q 124 -73.41 -64.01 -36.51
N THR Q 125 -72.53 -64.32 -35.56
CA THR Q 125 -71.10 -64.08 -35.72
C THR Q 125 -70.43 -65.08 -36.65
N ARG Q 126 -71.17 -65.92 -37.36
CA ARG Q 126 -70.55 -66.78 -38.35
C ARG Q 126 -69.86 -65.92 -39.41
N VAL Q 127 -68.61 -66.23 -39.69
CA VAL Q 127 -67.87 -65.47 -40.70
C VAL Q 127 -68.47 -65.72 -42.08
N SER Q 128 -68.54 -64.66 -42.89
CA SER Q 128 -69.01 -64.81 -44.25
C SER Q 128 -67.99 -65.55 -45.11
N THR Q 129 -66.70 -65.30 -44.88
CA THR Q 129 -65.64 -65.94 -45.64
C THR Q 129 -64.47 -66.20 -44.73
N LYS Q 130 -63.45 -66.85 -45.27
CA LYS Q 130 -62.25 -67.20 -44.54
C LYS Q 130 -61.07 -66.36 -45.01
N ARG R 1 -38.29 -8.81 -68.87
CA ARG R 1 -37.46 -9.96 -69.23
C ARG R 1 -38.23 -11.25 -69.12
N GLY R 2 -37.93 -12.18 -70.02
CA GLY R 2 -38.63 -13.45 -70.03
C GLY R 2 -38.27 -14.33 -68.85
N ASP R 3 -37.05 -14.17 -68.33
CA ASP R 3 -36.61 -15.01 -67.22
C ASP R 3 -37.62 -14.96 -66.08
N ILE R 4 -38.00 -13.76 -65.66
CA ILE R 4 -39.13 -13.64 -64.74
C ILE R 4 -40.37 -13.47 -65.60
N GLU R 5 -40.71 -14.50 -66.36
CA GLU R 5 -42.08 -14.72 -66.81
C GLU R 5 -42.39 -16.20 -66.96
N LYS R 6 -41.35 -17.02 -67.16
CA LYS R 6 -41.53 -18.40 -67.54
C LYS R 6 -42.22 -19.18 -66.44
N VAL R 7 -43.00 -20.18 -66.84
CA VAL R 7 -43.73 -21.03 -65.91
C VAL R 7 -42.83 -22.21 -65.59
N THR R 8 -42.35 -22.29 -64.37
CA THR R 8 -41.62 -23.47 -63.94
C THR R 8 -42.50 -24.69 -64.08
N HIS R 9 -41.92 -25.81 -64.51
CA HIS R 9 -42.71 -27.02 -64.69
C HIS R 9 -43.46 -27.38 -63.41
N THR R 10 -42.88 -27.08 -62.25
CA THR R 10 -43.62 -27.21 -61.01
C THR R 10 -44.85 -26.32 -60.98
N GLY R 11 -44.87 -25.27 -61.80
CA GLY R 11 -46.09 -24.50 -62.00
C GLY R 11 -46.13 -23.19 -61.24
N GLN R 12 -45.05 -22.42 -61.27
CA GLN R 12 -44.99 -21.16 -60.55
C GLN R 12 -44.59 -20.03 -61.45
N VAL R 13 -45.35 -18.95 -61.39
CA VAL R 13 -44.95 -17.65 -61.88
C VAL R 13 -45.33 -16.64 -60.82
N PHE R 14 -44.40 -15.75 -60.49
CA PHE R 14 -44.75 -14.70 -59.55
C PHE R 14 -45.85 -13.84 -60.16
N ASP R 15 -46.87 -13.55 -59.37
CA ASP R 15 -47.97 -12.74 -59.85
C ASP R 15 -47.44 -11.40 -60.35
N LYS R 16 -48.16 -10.80 -61.29
CA LYS R 16 -47.66 -9.61 -61.96
C LYS R 16 -47.49 -8.43 -61.02
N GLU R 17 -48.07 -8.50 -59.83
CA GLU R 17 -48.06 -7.41 -58.87
C GLU R 17 -47.54 -7.89 -57.51
N ASP R 18 -46.61 -8.84 -57.53
CA ASP R 18 -46.16 -9.54 -56.34
C ASP R 18 -44.73 -9.11 -56.03
N TYR R 19 -44.53 -8.62 -54.79
CA TYR R 19 -43.25 -8.02 -54.45
C TYR R 19 -42.09 -9.00 -54.55
N ARG R 20 -42.34 -10.30 -54.48
CA ARG R 20 -41.26 -11.26 -54.63
C ARG R 20 -40.70 -11.28 -56.04
N ASN R 21 -41.37 -10.62 -56.99
CA ASN R 21 -40.74 -10.39 -58.28
C ASN R 21 -39.47 -9.57 -58.15
N ALA R 22 -39.40 -8.72 -57.12
CA ALA R 22 -38.33 -7.74 -57.04
C ALA R 22 -36.95 -8.38 -57.01
N ARG R 23 -36.85 -9.60 -56.47
CA ARG R 23 -35.54 -10.20 -56.30
C ARG R 23 -34.82 -10.44 -57.61
N PHE R 24 -35.53 -10.42 -58.74
CA PHE R 24 -34.93 -10.66 -60.04
C PHE R 24 -34.71 -9.40 -60.85
N VAL R 25 -34.82 -8.22 -60.24
CA VAL R 25 -34.53 -7.01 -60.99
C VAL R 25 -33.09 -7.00 -61.45
N ASN R 26 -32.22 -7.78 -60.82
CA ASN R 26 -30.80 -7.77 -61.12
C ASN R 26 -30.20 -9.16 -61.28
N ALA R 27 -31.00 -10.21 -61.11
CA ALA R 27 -30.52 -11.58 -61.27
C ALA R 27 -31.53 -12.37 -62.09
N LYS R 28 -31.04 -13.37 -62.80
CA LYS R 28 -31.89 -14.19 -63.63
C LYS R 28 -32.73 -15.15 -62.78
N ARG R 29 -33.91 -15.45 -63.29
CA ARG R 29 -34.76 -16.50 -62.72
C ARG R 29 -34.52 -17.76 -63.55
N TYR R 30 -33.58 -18.58 -63.11
CA TYR R 30 -33.31 -19.83 -63.80
C TYR R 30 -34.57 -20.68 -63.86
N VAL R 31 -34.87 -21.17 -65.07
CA VAL R 31 -35.91 -22.16 -65.27
C VAL R 31 -35.39 -23.18 -66.25
N ASN R 32 -35.55 -24.46 -65.93
CA ASN R 32 -34.94 -25.49 -66.75
C ASN R 32 -35.72 -25.69 -68.05
N GLU R 33 -35.00 -26.07 -69.08
CA GLU R 33 -35.56 -26.19 -70.43
C GLU R 33 -36.03 -27.58 -70.77
N ASN R 34 -35.59 -28.59 -70.04
CA ASN R 34 -36.06 -29.96 -70.20
C ASN R 34 -37.10 -30.23 -69.13
N TRP R 35 -38.31 -30.56 -69.56
CA TRP R 35 -39.39 -30.90 -68.66
C TRP R 35 -39.61 -32.40 -68.78
N GLY R 36 -39.38 -33.13 -67.69
CA GLY R 36 -39.46 -34.58 -67.75
C GLY R 36 -40.77 -35.07 -68.32
N ILE R 37 -41.87 -34.37 -68.03
CA ILE R 37 -43.18 -34.79 -68.52
C ILE R 37 -43.18 -34.86 -70.04
N LYS R 38 -42.66 -33.82 -70.71
CA LYS R 38 -42.60 -33.84 -72.16
C LYS R 38 -41.69 -34.96 -72.66
N LEU R 39 -40.51 -35.10 -72.05
CA LEU R 39 -39.54 -36.06 -72.56
C LEU R 39 -40.07 -37.48 -72.50
N ILE R 40 -40.54 -37.89 -71.32
CA ILE R 40 -41.04 -39.26 -71.19
C ILE R 40 -42.21 -39.48 -72.12
N GLU R 41 -43.01 -38.44 -72.36
CA GLU R 41 -44.08 -38.54 -73.34
C GLU R 41 -43.53 -38.93 -74.71
N GLU R 42 -42.43 -38.29 -75.12
CA GLU R 42 -41.86 -38.58 -76.43
C GLU R 42 -41.39 -40.03 -76.53
N VAL R 43 -40.81 -40.55 -75.46
CA VAL R 43 -40.27 -41.91 -75.52
C VAL R 43 -41.40 -42.87 -75.85
N PRO R 44 -41.28 -43.76 -76.83
CA PRO R 44 -42.40 -44.59 -77.20
C PRO R 44 -42.59 -45.73 -76.22
N PRO R 45 -43.78 -46.32 -76.15
CA PRO R 45 -44.01 -47.40 -75.18
C PRO R 45 -43.48 -48.72 -75.73
N LYS R 46 -42.49 -49.29 -75.04
CA LYS R 46 -41.96 -50.57 -75.43
C LYS R 46 -43.02 -51.64 -75.25
N GLU R 47 -42.90 -52.72 -76.03
CA GLU R 47 -43.86 -53.81 -75.99
C GLU R 47 -43.13 -55.14 -75.88
N CYS R 48 -43.79 -56.11 -75.27
CA CYS R 48 -43.22 -57.43 -75.07
C CYS R 48 -44.30 -58.48 -75.26
N THR R 49 -43.91 -59.74 -75.07
CA THR R 49 -44.81 -60.88 -75.15
C THR R 49 -45.30 -61.32 -73.79
N GLU R 50 -44.37 -61.49 -72.84
CA GLU R 50 -44.68 -62.16 -71.60
C GLU R 50 -45.68 -61.34 -70.78
N ARG R 51 -46.48 -62.06 -69.98
CA ARG R 51 -47.45 -61.37 -69.14
C ARG R 51 -46.77 -60.39 -68.20
N VAL R 52 -45.55 -60.70 -67.77
CA VAL R 52 -44.84 -59.93 -66.77
C VAL R 52 -43.46 -59.59 -67.31
N VAL R 53 -43.12 -58.31 -67.32
CA VAL R 53 -41.82 -57.84 -67.74
C VAL R 53 -41.11 -57.27 -66.53
N PHE R 54 -39.85 -56.91 -66.72
CA PHE R 54 -39.06 -56.31 -65.66
C PHE R 54 -38.30 -55.12 -66.20
N CYS R 55 -38.26 -54.05 -65.41
CA CYS R 55 -37.50 -52.86 -65.74
C CYS R 55 -36.53 -52.55 -64.60
N ASP R 56 -35.35 -52.08 -64.97
CA ASP R 56 -34.46 -51.38 -64.06
C ASP R 56 -34.26 -49.94 -64.49
N GLY R 57 -34.86 -49.52 -65.61
CA GLY R 57 -34.78 -48.14 -66.05
C GLY R 57 -33.44 -47.85 -66.68
N GLY R 58 -32.42 -47.74 -65.84
CA GLY R 58 -31.08 -47.56 -66.33
C GLY R 58 -30.50 -48.89 -66.73
N ASP R 59 -29.27 -49.17 -66.30
CA ASP R 59 -28.57 -50.38 -66.69
C ASP R 59 -27.77 -50.90 -65.50
N GLY R 60 -27.89 -52.19 -65.23
CA GLY R 60 -27.13 -52.81 -64.16
C GLY R 60 -27.37 -52.11 -62.85
N PRO R 61 -26.32 -51.88 -62.07
CA PRO R 61 -26.49 -51.10 -60.84
C PRO R 61 -26.46 -49.61 -61.08
N LEU R 62 -26.59 -49.15 -62.33
CA LEU R 62 -26.65 -47.73 -62.62
C LEU R 62 -28.08 -47.23 -62.77
N GLY R 63 -29.06 -48.09 -62.54
CA GLY R 63 -30.45 -47.71 -62.67
C GLY R 63 -31.20 -47.88 -61.38
N HIS R 64 -32.50 -47.92 -61.45
CA HIS R 64 -33.31 -48.10 -60.26
C HIS R 64 -33.49 -49.57 -59.96
N PRO R 65 -33.91 -49.92 -58.75
CA PRO R 65 -34.02 -51.34 -58.39
C PRO R 65 -34.96 -52.07 -59.34
N LYS R 66 -34.61 -53.32 -59.62
CA LYS R 66 -35.38 -54.11 -60.57
C LYS R 66 -36.82 -54.25 -60.11
N VAL R 67 -37.75 -54.01 -61.02
CA VAL R 67 -39.17 -54.02 -60.72
C VAL R 67 -39.87 -54.82 -61.81
N TYR R 68 -40.85 -55.63 -61.39
CA TYR R 68 -41.62 -56.45 -62.32
C TYR R 68 -43.00 -55.85 -62.51
N ILE R 69 -43.39 -55.70 -63.77
CA ILE R 69 -44.63 -55.02 -64.14
C ILE R 69 -45.46 -55.97 -64.99
N ASN R 70 -46.67 -56.25 -64.55
CA ASN R 70 -47.58 -57.12 -65.28
C ASN R 70 -48.32 -56.31 -66.34
N LEU R 71 -48.59 -56.94 -67.48
CA LEU R 71 -49.15 -56.24 -68.62
C LEU R 71 -50.50 -56.79 -69.05
N ASP R 72 -51.11 -57.66 -68.25
CA ASP R 72 -52.33 -58.31 -68.70
C ASP R 72 -53.44 -57.32 -68.97
N LYS R 73 -53.42 -56.16 -68.32
CA LYS R 73 -54.44 -55.16 -68.56
C LYS R 73 -54.33 -54.66 -70.00
N PRO R 74 -55.42 -54.18 -70.59
CA PRO R 74 -55.33 -53.69 -71.98
C PRO R 74 -54.36 -52.54 -72.16
N GLY R 75 -54.31 -51.60 -71.21
CA GLY R 75 -53.65 -50.33 -71.45
C GLY R 75 -52.15 -50.40 -71.33
N ASN R 76 -51.54 -49.23 -71.17
CA ASN R 76 -50.12 -49.12 -70.89
C ASN R 76 -49.86 -49.42 -69.43
N HIS R 77 -48.58 -49.60 -69.10
CA HIS R 77 -48.15 -49.76 -67.72
C HIS R 77 -46.86 -48.98 -67.53
N ILE R 78 -46.88 -48.00 -66.64
CA ILE R 78 -45.77 -47.08 -66.46
C ILE R 78 -44.89 -47.62 -65.34
N CYS R 79 -43.59 -47.73 -65.63
CA CYS R 79 -42.64 -48.08 -64.59
C CYS R 79 -42.71 -47.07 -63.46
N GLY R 80 -42.83 -47.58 -62.24
CA GLY R 80 -42.95 -46.69 -61.10
C GLY R 80 -41.76 -45.76 -60.97
N TYR R 81 -40.57 -46.29 -61.18
CA TYR R 81 -39.36 -45.50 -60.95
C TYR R 81 -39.04 -44.60 -62.12
N CYS R 82 -38.75 -45.18 -63.27
CA CYS R 82 -38.19 -44.43 -64.39
C CYS R 82 -39.26 -43.80 -65.28
N GLY R 83 -40.50 -44.24 -65.17
CA GLY R 83 -41.53 -43.75 -66.04
C GLY R 83 -41.54 -44.37 -67.41
N LEU R 84 -40.69 -45.35 -67.67
CA LEU R 84 -40.82 -46.08 -68.92
C LEU R 84 -42.21 -46.70 -68.99
N ARG R 85 -42.62 -47.02 -70.22
CA ARG R 85 -43.99 -47.40 -70.50
C ARG R 85 -44.00 -48.73 -71.23
N PHE R 86 -44.89 -49.63 -70.82
CA PHE R 86 -44.97 -50.96 -71.40
C PHE R 86 -46.38 -51.25 -71.88
N VAL R 87 -46.48 -52.05 -72.94
CA VAL R 87 -47.75 -52.42 -73.53
C VAL R 87 -47.63 -53.80 -74.17
N LYS R 88 -48.47 -54.73 -73.74
CA LYS R 88 -48.46 -56.10 -74.27
C LYS R 88 -49.66 -56.25 -75.19
N LYS R 89 -49.42 -56.22 -76.49
CA LYS R 89 -50.46 -56.39 -77.48
C LYS R 89 -49.85 -56.42 -78.88
N LEU S 70 -15.11 12.16 22.74
CA LEU S 70 -14.10 12.92 22.00
C LEU S 70 -14.58 13.18 20.59
N SER S 71 -14.38 14.40 20.11
CA SER S 71 -14.72 14.79 18.75
C SER S 71 -16.20 14.61 18.46
N LEU S 72 -17.01 14.51 19.52
CA LEU S 72 -18.41 14.13 19.36
C LEU S 72 -19.15 15.07 18.41
N LYS S 73 -18.69 16.32 18.32
CA LYS S 73 -19.18 17.20 17.27
C LYS S 73 -18.83 16.63 15.90
N LEU S 74 -17.59 16.16 15.73
CA LEU S 74 -17.17 15.65 14.43
C LEU S 74 -17.95 14.39 14.06
N ILE S 75 -18.13 13.48 15.02
CA ILE S 75 -18.90 12.26 14.74
C ILE S 75 -20.35 12.61 14.48
N ASN S 76 -20.96 13.39 15.37
CA ASN S 76 -22.36 13.77 15.17
C ASN S 76 -22.54 14.57 13.89
N GLU S 77 -21.63 15.51 13.62
CA GLU S 77 -21.75 16.32 12.42
C GLU S 77 -21.73 15.43 11.18
N ARG S 78 -20.71 14.60 11.06
CA ARG S 78 -20.62 13.71 9.91
C ARG S 78 -21.80 12.76 9.83
N VAL S 79 -22.17 12.17 10.96
CA VAL S 79 -23.28 11.21 10.96
C VAL S 79 -24.57 11.88 10.52
N LEU S 80 -24.85 13.08 11.05
CA LEU S 80 -26.08 13.75 10.67
C LEU S 80 -26.10 14.04 9.17
N LEU S 81 -25.00 14.57 8.64
CA LEU S 81 -24.98 14.98 7.24
C LEU S 81 -25.28 13.84 6.27
N VAL S 82 -24.98 12.60 6.65
CA VAL S 82 -25.28 11.47 5.76
C VAL S 82 -26.77 11.42 5.47
N LEU S 83 -27.58 11.21 6.51
CA LEU S 83 -29.01 11.07 6.32
C LEU S 83 -29.69 12.40 6.04
N LYS S 84 -29.14 13.50 6.58
CA LYS S 84 -29.64 14.82 6.22
C LYS S 84 -29.64 15.00 4.71
N LEU S 85 -28.53 14.65 4.07
CA LEU S 85 -28.30 14.88 2.65
C LEU S 85 -28.48 13.59 1.85
N TYR S 86 -29.46 12.77 2.22
CA TYR S 86 -29.70 11.48 1.60
C TYR S 86 -31.02 11.48 0.84
N ASP S 87 -31.04 10.82 -0.31
CA ASP S 87 -32.27 10.52 -1.02
C ASP S 87 -33.09 9.52 -0.20
N LYS S 88 -34.30 9.25 -0.68
CA LYS S 88 -35.10 8.12 -0.20
C LYS S 88 -35.54 8.28 1.25
N ILE S 89 -35.46 9.48 1.80
CA ILE S 89 -35.56 9.68 3.24
C ILE S 89 -36.53 10.81 3.54
N ASP S 90 -37.08 10.78 4.76
CA ASP S 90 -37.94 11.83 5.26
C ASP S 90 -37.13 12.75 6.17
N PRO S 91 -36.94 14.04 5.83
CA PRO S 91 -36.10 14.91 6.68
C PRO S 91 -36.60 14.98 8.11
N SER S 92 -37.83 15.42 8.33
CA SER S 92 -38.39 15.35 9.66
C SER S 92 -38.51 13.89 10.08
N LYS S 93 -38.57 13.68 11.39
CA LYS S 93 -38.53 12.36 12.00
C LYS S 93 -37.16 11.72 11.92
N LEU S 94 -36.17 12.42 11.36
CA LEU S 94 -34.82 11.89 11.19
C LEU S 94 -34.01 12.16 12.45
N ASN S 95 -34.52 11.61 13.55
CA ASN S 95 -33.86 11.74 14.84
C ASN S 95 -32.60 10.89 14.86
N VAL S 96 -31.70 11.22 15.79
CA VAL S 96 -30.60 10.33 16.06
C VAL S 96 -31.10 9.03 16.66
N GLU S 97 -32.31 9.04 17.21
CA GLU S 97 -33.00 7.83 17.65
C GLU S 97 -34.02 7.36 16.62
N SER S 98 -33.74 7.56 15.33
CA SER S 98 -34.64 7.16 14.25
C SER S 98 -34.16 5.83 13.70
N HIS S 99 -34.91 4.77 13.99
CA HIS S 99 -34.57 3.43 13.52
C HIS S 99 -34.64 3.41 11.99
N PHE S 100 -33.50 3.19 11.35
CA PHE S 100 -33.41 3.17 9.90
C PHE S 100 -34.48 2.26 9.31
N ILE S 101 -34.67 1.11 9.94
CA ILE S 101 -35.46 0.04 9.34
C ILE S 101 -36.91 0.49 9.14
N ASN S 102 -37.60 0.76 10.24
CA ASN S 102 -39.03 1.03 10.23
C ASN S 102 -39.39 2.44 10.66
N ASP S 103 -38.76 2.96 11.71
CA ASP S 103 -38.98 4.36 12.08
C ASP S 103 -38.65 5.29 10.92
N LEU S 104 -37.52 5.04 10.26
CA LEU S 104 -37.13 5.88 9.13
C LEU S 104 -37.78 5.44 7.83
N GLY S 105 -38.36 4.25 7.80
CA GLY S 105 -39.00 3.76 6.59
C GLY S 105 -38.05 3.31 5.51
N LEU S 106 -36.76 3.22 5.79
CA LEU S 106 -35.77 2.82 4.80
C LEU S 106 -35.68 1.30 4.72
N ASP S 107 -35.68 0.79 3.49
CA ASP S 107 -35.49 -0.64 3.25
C ASP S 107 -34.15 -1.09 3.83
N SER S 108 -34.05 -2.40 4.06
CA SER S 108 -32.77 -2.97 4.46
C SER S 108 -31.70 -2.65 3.43
N LEU S 109 -32.05 -2.73 2.14
CA LEU S 109 -31.12 -2.37 1.10
C LEU S 109 -30.76 -0.89 1.18
N ASP S 110 -31.75 -0.03 1.41
CA ASP S 110 -31.45 1.36 1.71
C ASP S 110 -30.52 1.44 2.90
N HIS S 111 -30.81 0.66 3.94
CA HIS S 111 -29.96 0.61 5.11
C HIS S 111 -28.52 0.21 4.78
N VAL S 112 -28.35 -0.76 3.87
CA VAL S 112 -27.00 -1.17 3.53
C VAL S 112 -26.26 -0.06 2.81
N GLU S 113 -26.92 0.59 1.85
CA GLU S 113 -26.28 1.69 1.14
C GLU S 113 -26.02 2.88 2.05
N VAL S 114 -26.88 3.10 3.04
CA VAL S 114 -26.69 4.22 3.95
C VAL S 114 -25.44 4.01 4.79
N ILE S 115 -25.29 2.83 5.38
CA ILE S 115 -24.11 2.55 6.18
C ILE S 115 -22.86 2.64 5.32
N MET S 116 -23.00 2.35 4.04
CA MET S 116 -21.87 2.41 3.12
C MET S 116 -21.47 3.86 2.87
N ALA S 117 -22.46 4.72 2.66
CA ALA S 117 -22.19 6.14 2.50
C ALA S 117 -21.44 6.66 3.70
N MET S 118 -21.70 6.10 4.88
CA MET S 118 -20.89 6.42 6.04
C MET S 118 -19.48 5.87 5.86
N GLU S 119 -19.36 4.65 5.33
CA GLU S 119 -18.05 4.12 5.04
C GLU S 119 -17.35 5.00 4.00
N ASP S 120 -18.13 5.68 3.17
CA ASP S 120 -17.57 6.70 2.27
C ASP S 120 -17.16 7.94 3.06
N GLU S 121 -18.06 8.48 3.88
CA GLU S 121 -17.77 9.73 4.59
C GLU S 121 -16.83 9.53 5.78
N PHE S 122 -16.54 8.30 6.16
CA PHE S 122 -15.61 8.03 7.25
C PHE S 122 -14.45 7.15 6.83
N GLY S 123 -14.53 6.51 5.66
CA GLY S 123 -13.45 5.67 5.18
C GLY S 123 -13.10 4.56 6.16
N PHE S 124 -14.13 3.89 6.68
CA PHE S 124 -13.99 2.97 7.79
C PHE S 124 -14.57 1.61 7.39
N GLU S 125 -13.84 0.55 7.68
CA GLU S 125 -14.26 -0.81 7.34
C GLU S 125 -15.09 -1.35 8.49
N ILE S 126 -16.40 -1.41 8.29
CA ILE S 126 -17.33 -1.80 9.33
C ILE S 126 -17.66 -3.27 9.11
N PRO S 127 -17.94 -4.06 10.14
CA PRO S 127 -18.37 -5.44 9.91
C PRO S 127 -19.86 -5.51 9.58
N ASP S 128 -20.22 -6.63 8.96
CA ASP S 128 -21.63 -6.86 8.65
C ASP S 128 -22.44 -7.09 9.91
N SER S 129 -21.82 -7.64 10.96
CA SER S 129 -22.50 -7.78 12.24
C SER S 129 -22.96 -6.43 12.78
N ASP S 130 -22.21 -5.37 12.49
CA ASP S 130 -22.64 -4.04 12.90
C ASP S 130 -24.03 -3.72 12.37
N ALA S 131 -24.40 -4.28 11.21
CA ALA S 131 -25.66 -3.96 10.58
C ALA S 131 -26.84 -4.11 11.53
N GLU S 132 -26.95 -5.25 12.19
CA GLU S 132 -27.99 -5.44 13.19
C GLU S 132 -27.63 -4.81 14.52
N LYS S 133 -26.34 -4.77 14.87
CA LYS S 133 -25.95 -4.12 16.10
C LYS S 133 -26.21 -2.62 16.07
N LEU S 134 -26.42 -2.04 14.90
CA LEU S 134 -26.83 -0.65 14.75
C LEU S 134 -28.30 -0.62 14.32
N LEU S 135 -28.99 0.43 14.76
CA LEU S 135 -30.38 0.65 14.34
C LEU S 135 -30.62 2.10 13.95
N LYS S 136 -29.88 3.01 14.56
CA LYS S 136 -30.26 4.41 14.64
C LYS S 136 -29.01 5.25 14.43
N PRO S 137 -29.16 6.49 13.94
CA PRO S 137 -27.96 7.30 13.68
C PRO S 137 -27.09 7.44 14.91
N ALA S 138 -27.70 7.47 16.08
CA ALA S 138 -26.91 7.45 17.31
C ALA S 138 -26.09 6.17 17.40
N ASP S 139 -26.65 5.04 16.95
CA ASP S 139 -25.93 3.79 17.03
C ASP S 139 -24.62 3.87 16.24
N ILE S 140 -24.70 4.36 15.01
CA ILE S 140 -23.50 4.50 14.20
C ILE S 140 -22.61 5.61 14.75
N ILE S 141 -23.19 6.63 15.38
CA ILE S 141 -22.37 7.59 16.13
C ILE S 141 -21.54 6.86 17.16
N LYS S 142 -22.15 5.88 17.84
CA LYS S 142 -21.38 5.08 18.78
C LYS S 142 -20.30 4.29 18.04
N TYR S 143 -20.64 3.74 16.88
CA TYR S 143 -19.64 3.00 16.12
C TYR S 143 -18.67 3.91 15.40
N VAL S 144 -18.99 5.20 15.23
CA VAL S 144 -18.11 6.10 14.50
C VAL S 144 -17.07 6.72 15.42
N ALA S 145 -17.48 7.22 16.59
CA ALA S 145 -16.50 7.61 17.59
C ALA S 145 -15.73 6.42 18.12
N ASP S 146 -16.20 5.20 17.84
CA ASP S 146 -15.52 3.97 18.20
C ASP S 146 -14.02 4.06 17.94
N PRO T 68 -0.67 33.12 96.61
CA PRO T 68 -1.32 31.88 97.06
C PRO T 68 -2.21 31.26 95.97
N PRO T 69 -2.47 29.96 96.07
CA PRO T 69 -3.42 29.35 95.12
C PRO T 69 -4.85 29.78 95.40
N LEU T 70 -5.80 29.24 94.64
CA LEU T 70 -7.20 29.61 94.75
C LEU T 70 -8.03 28.36 94.98
N SER T 71 -8.96 28.43 95.93
CA SER T 71 -9.74 27.27 96.37
C SER T 71 -11.15 27.34 95.82
N LEU T 72 -11.60 26.24 95.22
CA LEU T 72 -12.89 26.24 94.52
C LEU T 72 -14.03 26.69 95.43
N LYS T 73 -14.04 26.20 96.68
CA LYS T 73 -15.09 26.60 97.61
C LYS T 73 -15.05 28.10 97.87
N LEU T 74 -13.86 28.68 97.92
CA LEU T 74 -13.74 30.10 98.22
C LEU T 74 -14.16 30.94 97.03
N ILE T 75 -13.89 30.46 95.80
CA ILE T 75 -14.44 31.11 94.62
C ILE T 75 -15.96 31.15 94.73
N ASN T 76 -16.56 30.03 95.14
CA ASN T 76 -18.01 29.97 95.24
C ASN T 76 -18.52 30.97 96.26
N GLU T 77 -17.96 30.94 97.48
CA GLU T 77 -18.40 31.88 98.50
C GLU T 77 -18.15 33.32 98.08
N ARG T 78 -17.11 33.56 97.28
CA ARG T 78 -16.79 34.94 96.91
C ARG T 78 -17.78 35.51 95.91
N VAL T 79 -18.13 34.73 94.88
CA VAL T 79 -19.20 35.15 93.99
C VAL T 79 -20.50 35.27 94.76
N LEU T 80 -20.69 34.40 95.76
CA LEU T 80 -21.85 34.51 96.62
C LEU T 80 -21.81 35.79 97.44
N LEU T 81 -20.63 36.17 97.92
CA LEU T 81 -20.52 37.36 98.76
C LEU T 81 -20.94 38.60 97.98
N VAL T 82 -20.41 38.75 96.76
CA VAL T 82 -20.78 39.90 95.94
C VAL T 82 -22.25 39.83 95.56
N LEU T 83 -22.77 38.62 95.31
CA LEU T 83 -24.18 38.50 94.94
C LEU T 83 -25.08 38.88 96.10
N LYS T 84 -24.79 38.38 97.30
CA LYS T 84 -25.48 38.88 98.48
C LYS T 84 -25.28 40.37 98.65
N LEU T 85 -24.16 40.89 98.19
CA LEU T 85 -23.86 42.31 98.34
C LEU T 85 -24.68 43.16 97.37
N TYR T 86 -24.99 42.63 96.19
CA TYR T 86 -25.59 43.44 95.13
C TYR T 86 -27.07 43.70 95.43
N ASP T 87 -27.43 44.99 95.58
CA ASP T 87 -28.76 45.34 96.05
C ASP T 87 -29.84 44.96 95.04
N LYS T 88 -29.67 45.36 93.78
CA LYS T 88 -30.77 45.25 92.83
C LYS T 88 -31.17 43.81 92.54
N ILE T 89 -30.32 42.84 92.89
CA ILE T 89 -30.76 41.44 92.90
C ILE T 89 -31.72 41.22 94.07
N ASP T 90 -32.63 40.25 93.89
CA ASP T 90 -33.51 39.79 94.95
C ASP T 90 -32.69 39.69 96.24
N PRO T 91 -32.99 40.50 97.27
CA PRO T 91 -32.04 40.63 98.38
C PRO T 91 -31.61 39.32 99.04
N SER T 92 -32.52 38.37 99.20
CA SER T 92 -32.17 37.15 99.92
C SER T 92 -31.21 36.28 99.13
N LYS T 93 -30.94 36.60 97.87
CA LYS T 93 -30.10 35.77 97.00
C LYS T 93 -30.65 34.35 96.93
N LEU T 94 -31.76 34.25 96.21
CA LEU T 94 -32.46 32.98 96.02
C LEU T 94 -31.52 31.98 95.35
N ASN T 95 -32.00 30.77 95.09
CA ASN T 95 -31.17 29.60 94.79
C ASN T 95 -29.94 29.93 93.97
N VAL T 96 -28.79 29.41 94.40
CA VAL T 96 -27.48 29.72 93.80
C VAL T 96 -27.55 29.69 92.27
N GLU T 97 -28.42 28.87 91.71
CA GLU T 97 -28.61 28.79 90.27
C GLU T 97 -29.75 29.70 89.80
N SER T 98 -29.69 30.98 90.17
CA SER T 98 -30.75 31.92 89.85
C SER T 98 -30.49 32.53 88.47
N HIS T 99 -31.31 32.17 87.49
CA HIS T 99 -31.16 32.73 86.16
C HIS T 99 -31.51 34.21 86.16
N PHE T 100 -30.78 34.97 85.34
CA PHE T 100 -30.81 36.42 85.45
C PHE T 100 -32.16 36.99 85.07
N ILE T 101 -32.82 36.41 84.07
CA ILE T 101 -34.10 36.94 83.61
C ILE T 101 -35.30 36.27 84.27
N ASN T 102 -35.09 35.26 85.11
CA ASN T 102 -36.20 34.46 85.62
C ASN T 102 -36.70 34.96 86.97
N ASP T 103 -35.87 34.85 88.00
CA ASP T 103 -36.22 35.25 89.35
C ASP T 103 -35.43 36.45 89.84
N LEU T 104 -34.17 36.57 89.44
CA LEU T 104 -33.44 37.80 89.68
C LEU T 104 -34.07 38.96 88.92
N GLY T 105 -34.70 38.66 87.78
CA GLY T 105 -35.30 39.69 86.96
C GLY T 105 -34.30 40.62 86.32
N LEU T 106 -33.03 40.23 86.23
CA LEU T 106 -32.03 41.14 85.73
C LEU T 106 -32.29 41.49 84.29
N ASP T 107 -32.38 42.79 84.05
CA ASP T 107 -32.90 43.38 82.84
C ASP T 107 -31.86 43.18 81.75
N SER T 108 -32.01 43.87 80.62
CA SER T 108 -30.96 43.84 79.61
C SER T 108 -29.67 44.46 80.13
N LEU T 109 -29.75 45.63 80.78
CA LEU T 109 -28.53 46.25 81.27
C LEU T 109 -28.07 45.73 82.62
N ASP T 110 -28.98 45.27 83.48
CA ASP T 110 -28.55 44.80 84.80
C ASP T 110 -27.63 43.61 84.67
N HIS T 111 -27.78 42.84 83.60
CA HIS T 111 -26.95 41.65 83.42
C HIS T 111 -25.46 42.01 83.35
N VAL T 112 -25.13 43.04 82.57
CA VAL T 112 -23.72 43.39 82.41
C VAL T 112 -23.18 44.12 83.63
N GLU T 113 -24.04 44.80 84.38
CA GLU T 113 -23.60 45.32 85.67
C GLU T 113 -23.13 44.18 86.57
N VAL T 114 -23.82 43.04 86.51
CA VAL T 114 -23.36 41.86 87.23
C VAL T 114 -21.98 41.45 86.75
N ILE T 115 -21.83 41.33 85.43
CA ILE T 115 -20.55 40.88 84.87
C ILE T 115 -19.46 41.89 85.22
N MET T 116 -19.81 43.17 85.20
CA MET T 116 -18.77 44.18 85.41
C MET T 116 -18.25 44.15 86.84
N ALA T 117 -19.12 43.94 87.83
CA ALA T 117 -18.63 43.77 89.18
C ALA T 117 -17.80 42.50 89.31
N MET T 118 -18.24 41.42 88.68
CA MET T 118 -17.48 40.17 88.73
C MET T 118 -16.08 40.38 88.19
N GLU T 119 -15.97 41.09 87.07
CA GLU T 119 -14.68 41.51 86.54
C GLU T 119 -13.81 42.14 87.62
N ASP T 120 -14.27 43.26 88.17
CA ASP T 120 -13.46 44.00 89.14
C ASP T 120 -13.11 43.14 90.34
N GLU T 121 -14.00 42.22 90.71
CA GLU T 121 -13.75 41.38 91.87
C GLU T 121 -12.69 40.33 91.57
N PHE T 122 -12.71 39.75 90.38
CA PHE T 122 -11.87 38.61 90.05
C PHE T 122 -10.69 38.97 89.15
N GLY T 123 -10.46 40.25 88.89
CA GLY T 123 -9.23 40.64 88.26
C GLY T 123 -9.07 40.11 86.84
N PHE T 124 -10.10 40.23 86.02
CA PHE T 124 -9.97 40.01 84.58
C PHE T 124 -11.28 40.39 83.89
N GLU T 125 -11.16 40.89 82.67
CA GLU T 125 -12.32 41.08 81.82
C GLU T 125 -12.90 39.73 81.42
N ILE T 126 -14.22 39.68 81.35
CA ILE T 126 -14.92 38.56 80.72
C ILE T 126 -15.12 38.96 79.26
N PRO T 127 -15.01 38.05 78.30
CA PRO T 127 -15.19 38.45 76.90
C PRO T 127 -16.60 38.93 76.65
N ASP T 128 -16.73 39.80 75.65
CA ASP T 128 -17.99 40.53 75.45
C ASP T 128 -19.14 39.59 75.15
N SER T 129 -18.96 38.70 74.16
CA SER T 129 -19.99 37.71 73.90
C SER T 129 -20.03 36.64 74.96
N ASP T 130 -18.87 36.28 75.51
CA ASP T 130 -18.80 35.18 76.45
C ASP T 130 -19.54 35.50 77.74
N ALA T 131 -19.81 36.78 78.01
CA ALA T 131 -20.75 37.10 79.07
C ALA T 131 -22.11 36.49 78.78
N GLU T 132 -22.54 36.54 77.52
CA GLU T 132 -23.82 35.92 77.16
C GLU T 132 -23.81 34.43 77.42
N LYS T 133 -22.63 33.81 77.36
CA LYS T 133 -22.54 32.42 77.80
C LYS T 133 -22.79 32.31 79.30
N LEU T 134 -22.30 33.27 80.08
CA LEU T 134 -22.56 33.34 81.52
C LEU T 134 -24.02 33.71 81.75
N LEU T 135 -24.84 32.70 82.02
CA LEU T 135 -26.27 32.90 82.24
C LEU T 135 -26.69 32.46 83.64
N LYS T 136 -25.76 32.43 84.58
CA LYS T 136 -26.06 31.95 85.92
C LYS T 136 -24.86 32.15 86.84
N PRO T 137 -25.06 32.35 88.14
CA PRO T 137 -23.92 32.32 89.06
C PRO T 137 -23.15 31.01 89.02
N ALA T 138 -23.82 29.89 88.70
CA ALA T 138 -23.09 28.65 88.46
C ALA T 138 -22.17 28.79 87.25
N ASP T 139 -22.63 29.48 86.21
CA ASP T 139 -21.78 29.71 85.04
C ASP T 139 -20.55 30.51 85.43
N ILE T 140 -20.75 31.56 86.23
CA ILE T 140 -19.64 32.44 86.61
C ILE T 140 -18.57 31.64 87.33
N ILE T 141 -18.98 30.80 88.28
CA ILE T 141 -18.02 29.90 88.91
C ILE T 141 -17.39 29.01 87.85
N LYS T 142 -18.21 28.52 86.93
CA LYS T 142 -17.71 27.61 85.90
C LYS T 142 -16.75 28.32 84.96
N TYR T 143 -16.99 29.61 84.69
CA TYR T 143 -16.05 30.36 83.86
C TYR T 143 -14.78 30.71 84.62
N VAL T 144 -14.90 31.08 85.89
CA VAL T 144 -13.70 31.35 86.69
C VAL T 144 -12.89 30.09 86.86
N ALA T 145 -13.58 28.95 87.00
CA ALA T 145 -12.87 27.69 87.21
C ALA T 145 -12.07 27.30 85.98
N ASP T 146 -12.66 27.43 84.79
CA ASP T 146 -11.94 27.13 83.57
C ASP T 146 -10.69 28.00 83.44
N LYS T 147 -10.77 29.25 83.92
CA LYS T 147 -9.63 30.15 83.82
C LYS T 147 -8.48 29.69 84.70
N GLU T 148 -8.77 29.40 85.97
CA GLU T 148 -7.76 29.36 87.02
C GLU T 148 -7.39 27.96 87.47
N ASP T 149 -7.85 26.92 86.77
CA ASP T 149 -7.54 25.55 87.13
C ASP T 149 -8.10 25.20 88.51
N VAL T 150 -9.42 25.34 88.61
CA VAL T 150 -10.08 25.21 89.90
C VAL T 150 -10.74 23.84 90.09
N TYR T 151 -11.02 23.12 89.00
CA TYR T 151 -11.55 21.76 89.04
C TYR T 151 -10.87 20.90 90.10
N GLU T 152 -9.57 21.11 90.29
CA GLU T 152 -8.75 20.22 91.11
C GLU T 152 -8.47 20.82 92.47
N ILE U 1 25.76 -49.44 -8.69
CA ILE U 1 24.49 -48.79 -8.41
C ILE U 1 23.90 -48.26 -9.71
N LYS U 2 22.59 -48.43 -9.87
CA LYS U 2 21.90 -47.90 -11.03
C LYS U 2 22.10 -46.40 -11.11
N ALA U 3 22.41 -45.92 -12.31
CA ALA U 3 22.71 -44.50 -12.49
C ALA U 3 21.46 -43.64 -12.33
N SER U 4 20.35 -44.05 -12.96
CA SER U 4 19.15 -43.25 -12.98
C SER U 4 17.93 -44.12 -12.74
N THR U 5 16.86 -43.48 -12.27
CA THR U 5 15.57 -44.14 -12.11
C THR U 5 14.77 -44.18 -13.39
N GLY U 6 15.27 -43.58 -14.47
CA GLY U 6 14.54 -43.54 -15.71
C GLY U 6 13.37 -42.58 -15.73
N LEU U 7 13.13 -41.87 -14.63
CA LEU U 7 11.99 -40.96 -14.54
C LEU U 7 12.47 -39.63 -13.99
N THR U 8 11.85 -38.55 -14.45
CA THR U 8 12.16 -37.23 -13.95
C THR U 8 11.55 -37.06 -12.57
N GLY U 9 12.30 -36.43 -11.68
CA GLY U 9 11.86 -36.21 -10.31
C GLY U 9 12.10 -37.37 -9.38
N LEU U 10 11.80 -38.59 -9.82
CA LEU U 10 12.02 -39.79 -9.02
C LEU U 10 13.51 -40.08 -8.97
N ALA U 11 14.14 -39.68 -7.88
CA ALA U 11 15.59 -39.79 -7.74
C ALA U 11 15.98 -41.13 -7.13
N VAL U 12 17.23 -41.53 -7.39
CA VAL U 12 17.76 -42.75 -6.81
C VAL U 12 17.90 -42.55 -5.31
N SER U 13 17.36 -43.49 -4.54
CA SER U 13 17.35 -43.41 -3.08
C SER U 13 18.17 -44.55 -2.50
N THR U 14 19.13 -44.21 -1.65
CA THR U 14 19.91 -45.21 -0.95
C THR U 14 19.07 -45.78 0.19
N ASN U 15 19.70 -46.61 1.04
CA ASN U 15 19.12 -47.32 2.18
C ASN U 15 17.66 -47.68 1.93
N PRO U 16 17.33 -48.24 0.77
CA PRO U 16 15.92 -48.52 0.50
C PRO U 16 15.32 -49.48 1.50
N HIS U 17 16.10 -50.47 1.93
CA HIS U 17 15.60 -51.45 2.88
C HIS U 17 15.19 -50.78 4.18
N HIS U 18 16.01 -49.86 4.68
CA HIS U 18 15.67 -49.19 5.91
C HIS U 18 14.39 -48.38 5.75
N THR U 19 14.28 -47.63 4.64
CA THR U 19 13.09 -46.85 4.39
C THR U 19 11.87 -47.75 4.22
N LEU U 20 11.99 -48.82 3.43
CA LEU U 20 10.85 -49.71 3.24
C LEU U 20 10.45 -50.37 4.55
N SER U 21 11.42 -50.84 5.33
CA SER U 21 11.10 -51.43 6.62
C SER U 21 10.38 -50.43 7.50
N ALA U 22 10.90 -49.21 7.60
CA ALA U 22 10.29 -48.21 8.47
C ALA U 22 8.87 -47.91 8.02
N LEU U 23 8.66 -47.78 6.71
CA LEU U 23 7.31 -47.53 6.21
C LEU U 23 6.38 -48.68 6.54
N TYR U 24 6.85 -49.91 6.39
CA TYR U 24 5.98 -51.06 6.67
C TYR U 24 5.60 -51.10 8.15
N GLY U 25 6.54 -50.77 9.03
CA GLY U 25 6.20 -50.77 10.45
C GLY U 25 5.08 -49.81 10.77
N LYS U 26 5.18 -48.58 10.26
CA LYS U 26 4.19 -47.56 10.61
C LYS U 26 2.81 -47.94 10.10
N ILE U 27 2.72 -48.43 8.86
CA ILE U 27 1.42 -48.78 8.31
C ILE U 27 0.81 -49.94 9.09
N LEU U 28 1.65 -50.89 9.53
CA LEU U 28 1.13 -51.99 10.33
C LEU U 28 0.51 -51.48 11.61
N ARG U 29 1.16 -50.55 12.29
CA ARG U 29 0.57 -49.96 13.48
C ARG U 29 -0.67 -49.15 13.13
N ALA U 30 -0.63 -48.43 12.01
CA ALA U 30 -1.78 -47.65 11.60
C ALA U 30 -3.01 -48.53 11.43
N VAL U 31 -2.84 -49.71 10.83
CA VAL U 31 -3.95 -50.65 10.74
C VAL U 31 -4.21 -51.31 12.09
N SER U 32 -3.20 -51.34 12.96
CA SER U 32 -3.41 -51.91 14.29
C SER U 32 -4.55 -51.20 15.02
N LYS U 33 -4.62 -49.88 14.94
CA LYS U 33 -5.70 -49.14 15.58
C LYS U 33 -7.07 -49.48 15.01
N MET U 34 -7.13 -50.06 13.82
CA MET U 34 -8.42 -50.32 13.19
C MET U 34 -9.20 -51.35 13.99
N PRO U 35 -10.51 -51.44 13.79
CA PRO U 35 -11.26 -52.53 14.40
C PRO U 35 -10.86 -53.86 13.80
N GLN U 36 -11.11 -54.92 14.57
CA GLN U 36 -10.64 -56.25 14.18
C GLN U 36 -11.52 -56.92 13.15
N ASP U 37 -12.66 -56.32 12.80
CA ASP U 37 -13.61 -56.88 11.85
C ASP U 37 -13.76 -55.98 10.63
N ALA U 38 -12.66 -55.44 10.14
CA ALA U 38 -12.64 -54.57 8.98
C ALA U 38 -11.89 -55.26 7.86
N SER U 39 -12.56 -55.46 6.72
CA SER U 39 -11.92 -56.15 5.62
C SER U 39 -10.65 -55.44 5.19
N TYR U 40 -10.66 -54.11 5.18
CA TYR U 40 -9.46 -53.36 4.87
C TYR U 40 -8.31 -53.80 5.76
N ARG U 41 -8.56 -53.94 7.06
CA ARG U 41 -7.53 -54.47 7.94
C ARG U 41 -7.11 -55.85 7.48
N LYS U 42 -8.04 -56.80 7.49
CA LYS U 42 -7.76 -58.21 7.24
C LYS U 42 -6.76 -58.46 6.12
N TYR U 43 -6.82 -57.65 5.07
CA TYR U 43 -5.97 -57.86 3.90
C TYR U 43 -4.68 -57.08 3.97
N THR U 44 -4.71 -55.86 4.51
CA THR U 44 -3.52 -55.03 4.53
C THR U 44 -2.38 -55.70 5.29
N GLU U 45 -2.69 -56.30 6.45
CA GLU U 45 -1.67 -57.03 7.19
C GLU U 45 -1.01 -58.10 6.32
N GLN U 46 -1.82 -58.99 5.73
CA GLN U 46 -1.23 -60.09 4.96
C GLN U 46 -0.45 -59.55 3.77
N LEU U 47 -0.98 -58.54 3.08
CA LEU U 47 -0.24 -57.96 1.97
C LEU U 47 1.03 -57.30 2.47
N VAL U 48 0.90 -56.39 3.44
CA VAL U 48 2.06 -55.65 3.92
C VAL U 48 3.08 -56.60 4.52
N LYS U 49 2.61 -57.58 5.30
CA LYS U 49 3.55 -58.51 5.91
C LYS U 49 4.25 -59.35 4.85
N GLN U 50 3.53 -59.71 3.79
CA GLN U 50 4.18 -60.40 2.69
C GLN U 50 5.28 -59.54 2.10
N ARG U 51 4.98 -58.25 1.88
CA ARG U 51 6.00 -57.34 1.41
C ARG U 51 7.12 -57.21 2.44
N ALA U 52 6.76 -56.88 3.68
CA ALA U 52 7.74 -56.68 4.73
C ALA U 52 8.48 -57.94 5.12
N ASP U 53 8.00 -59.10 4.69
CA ASP U 53 8.76 -60.34 4.85
C ASP U 53 9.68 -60.59 3.68
N SER U 54 9.28 -60.16 2.48
CA SER U 54 10.16 -60.23 1.33
C SER U 54 11.29 -59.21 1.41
N VAL U 55 11.15 -58.19 2.25
CA VAL U 55 12.14 -57.11 2.28
C VAL U 55 13.50 -57.63 2.68
N ALA U 56 13.57 -58.68 3.48
CA ALA U 56 14.81 -59.05 4.14
C ALA U 56 15.68 -59.98 3.31
N GLN U 57 15.08 -61.02 2.72
CA GLN U 57 15.88 -62.11 2.16
C GLN U 57 16.83 -61.66 1.07
N HIS U 58 16.58 -60.51 0.45
CA HIS U 58 17.28 -60.08 -0.75
C HIS U 58 18.03 -58.79 -0.46
N LYS U 59 19.26 -58.91 0.03
CA LYS U 59 20.03 -57.71 0.36
C LYS U 59 20.25 -56.85 -0.87
N ASP U 60 20.59 -57.47 -2.00
CA ASP U 60 20.70 -56.73 -3.24
C ASP U 60 19.39 -56.03 -3.55
N ILE U 61 19.48 -54.76 -3.92
CA ILE U 61 18.26 -54.00 -4.23
C ILE U 61 17.60 -54.56 -5.49
N THR U 62 18.41 -54.93 -6.49
CA THR U 62 17.84 -55.50 -7.71
C THR U 62 17.19 -56.84 -7.43
N ALA U 63 17.83 -57.68 -6.60
CA ALA U 63 17.21 -58.94 -6.23
C ALA U 63 15.88 -58.70 -5.55
N LEU U 64 15.84 -57.76 -4.61
CA LEU U 64 14.58 -57.43 -3.95
C LEU U 64 13.55 -56.94 -4.97
N GLU U 65 14.00 -56.16 -5.95
CA GLU U 65 13.08 -55.67 -6.97
C GLU U 65 12.37 -56.81 -7.66
N LYS U 66 13.12 -57.82 -8.11
CA LYS U 66 12.52 -58.97 -8.77
C LYS U 66 11.61 -59.73 -7.82
N ALA U 67 12.05 -59.92 -6.58
CA ALA U 67 11.27 -60.72 -5.64
C ALA U 67 9.93 -60.07 -5.35
N VAL U 68 9.92 -58.74 -5.17
CA VAL U 68 8.68 -58.06 -4.84
C VAL U 68 7.87 -57.73 -6.08
N GLY U 69 8.51 -57.63 -7.24
CA GLY U 69 7.76 -57.25 -8.42
C GLY U 69 7.15 -55.88 -8.24
N CYS U 70 6.02 -55.67 -8.91
CA CYS U 70 5.18 -54.51 -8.65
C CYS U 70 5.86 -53.19 -8.97
N GLY U 71 7.06 -53.22 -9.51
CA GLY U 71 7.80 -52.02 -9.87
C GLY U 71 9.08 -51.88 -9.08
N GLN U 72 9.78 -50.78 -9.34
CA GLN U 72 11.08 -50.53 -8.76
C GLN U 72 10.96 -49.91 -7.38
N VAL U 73 12.05 -49.99 -6.62
CA VAL U 73 12.03 -49.57 -5.23
C VAL U 73 11.66 -48.10 -5.12
N GLU U 74 12.13 -47.28 -6.06
CA GLU U 74 11.96 -45.84 -5.97
C GLU U 74 10.47 -45.47 -5.96
N GLU U 75 9.71 -46.05 -6.88
CA GLU U 75 8.26 -45.91 -6.81
C GLU U 75 7.69 -46.68 -5.64
N LEU U 76 8.26 -47.85 -5.36
CA LEU U 76 7.67 -48.76 -4.38
C LEU U 76 7.55 -48.08 -3.01
N ILE U 77 8.58 -47.32 -2.62
CA ILE U 77 8.50 -46.59 -1.36
C ILE U 77 7.33 -45.61 -1.41
N VAL U 78 7.13 -44.96 -2.55
CA VAL U 78 6.01 -44.03 -2.66
C VAL U 78 4.70 -44.76 -2.49
N GLN U 79 4.59 -45.97 -3.04
CA GLN U 79 3.40 -46.77 -2.84
C GLN U 79 3.14 -46.96 -1.36
N ALA U 80 4.20 -47.30 -0.61
CA ALA U 80 4.06 -47.48 0.83
C ALA U 80 3.60 -46.19 1.48
N GLU U 81 4.22 -45.07 1.14
CA GLU U 81 3.85 -43.82 1.79
C GLU U 81 2.41 -43.47 1.52
N ASN U 82 1.97 -43.64 0.27
CA ASN U 82 0.56 -43.42 -0.04
C ASN U 82 -0.33 -44.15 0.95
N GLU U 83 -0.03 -45.44 1.17
CA GLU U 83 -0.88 -46.24 2.02
C GLU U 83 -0.84 -45.79 3.47
N LEU U 84 0.30 -45.26 3.91
CA LEU U 84 0.34 -44.67 5.24
C LEU U 84 -0.72 -43.59 5.36
N ILE U 85 -0.74 -42.65 4.41
CA ILE U 85 -1.80 -41.65 4.39
C ILE U 85 -3.16 -42.30 4.31
N LEU U 86 -3.27 -43.42 3.60
CA LEU U 86 -4.58 -44.05 3.49
C LEU U 86 -5.06 -44.52 4.85
N ALA U 87 -4.20 -45.19 5.62
CA ALA U 87 -4.63 -45.73 6.90
C ALA U 87 -5.03 -44.60 7.85
N ARG U 88 -4.23 -43.54 7.94
CA ARG U 88 -4.57 -42.43 8.82
C ARG U 88 -5.91 -41.85 8.41
N LYS U 89 -6.12 -41.66 7.12
CA LYS U 89 -7.41 -41.22 6.63
C LYS U 89 -8.46 -42.30 6.82
N MET U 90 -8.08 -43.56 6.65
CA MET U 90 -9.06 -44.64 6.75
C MET U 90 -9.61 -44.71 8.17
N LEU U 91 -8.74 -44.66 9.16
CA LEU U 91 -9.19 -44.59 10.54
C LEU U 91 -10.12 -43.41 10.76
N GLY U 92 -9.81 -42.28 10.13
CA GLY U 92 -10.67 -41.10 10.24
C GLY U 92 -11.96 -41.22 9.46
N TRP U 93 -12.05 -42.18 8.55
CA TRP U 93 -13.21 -42.30 7.68
C TRP U 93 -14.24 -43.29 8.21
N LYS U 94 -13.84 -44.29 8.97
CA LYS U 94 -14.71 -45.34 9.48
C LYS U 94 -15.49 -46.00 8.33
N PRO U 95 -14.85 -46.43 7.25
CA PRO U 95 -15.62 -47.03 6.15
C PRO U 95 -16.01 -48.47 6.35
N TRP U 96 -15.49 -49.13 7.39
CA TRP U 96 -15.89 -50.49 7.70
C TRP U 96 -17.35 -50.58 8.13
N GLU U 97 -17.99 -49.47 8.45
CA GLU U 97 -19.37 -49.50 8.91
C GLU U 97 -20.30 -49.89 7.75
N LYS U 98 -21.58 -50.02 8.04
CA LYS U 98 -22.55 -50.46 7.06
C LYS U 98 -23.10 -49.28 6.27
N LEU U 99 -24.05 -49.58 5.37
CA LEU U 99 -24.47 -48.63 4.34
C LEU U 99 -24.98 -47.34 4.94
N VAL U 100 -24.39 -46.22 4.52
CA VAL U 100 -24.86 -44.92 4.98
C VAL U 100 -26.22 -44.59 4.36
N GLN U 101 -26.40 -44.93 3.10
CA GLN U 101 -27.57 -44.53 2.33
C GLN U 101 -28.00 -45.64 1.40
N ALA U 102 -29.30 -45.89 1.33
CA ALA U 102 -29.86 -46.81 0.36
C ALA U 102 -30.31 -46.01 -0.85
N ALA U 103 -29.92 -46.46 -2.04
CA ALA U 103 -30.27 -45.72 -3.24
C ALA U 103 -31.78 -45.66 -3.40
N PRO U 104 -32.34 -44.54 -3.85
CA PRO U 104 -33.77 -44.51 -4.09
C PRO U 104 -34.13 -45.50 -5.18
N ALA U 105 -35.37 -45.98 -5.15
CA ALA U 105 -35.83 -46.89 -6.18
C ALA U 105 -35.70 -46.25 -7.55
N LYS U 106 -35.38 -47.07 -8.54
CA LYS U 106 -35.19 -46.64 -9.92
C LYS U 106 -34.02 -45.67 -10.07
N GLN U 107 -33.09 -45.65 -9.12
CA GLN U 107 -31.94 -44.77 -9.26
C GLN U 107 -30.96 -45.34 -10.27
N TRP U 108 -30.51 -46.57 -10.05
CA TRP U 108 -29.48 -47.18 -10.89
C TRP U 108 -30.06 -48.07 -11.97
N ASP U 109 -31.24 -47.74 -12.49
CA ASP U 109 -31.91 -48.56 -13.47
C ASP U 109 -31.73 -47.97 -14.86
N TRP U 110 -31.31 -48.80 -15.80
CA TRP U 110 -31.16 -48.42 -17.19
C TRP U 110 -31.87 -49.44 -18.08
N PRO U 111 -32.57 -49.00 -19.13
CA PRO U 111 -32.84 -47.65 -19.60
C PRO U 111 -33.82 -46.92 -18.71
N PRO U 112 -33.89 -45.60 -18.83
CA PRO U 112 -34.78 -44.82 -17.97
C PRO U 112 -36.16 -44.64 -18.62
N ALA U 113 -37.08 -44.11 -17.82
CA ALA U 113 -38.37 -43.63 -18.30
C ALA U 113 -39.11 -44.72 -19.08
N GLN U 114 -39.49 -45.76 -18.36
CA GLN U 114 -40.32 -46.81 -18.90
C GLN U 114 -41.32 -47.23 -17.84
N ILE U 115 -42.59 -47.26 -18.22
CA ILE U 115 -43.67 -47.59 -17.30
C ILE U 115 -43.48 -49.02 -16.84
N MET U 116 -44.16 -49.42 -15.77
CA MET U 116 -43.92 -50.71 -15.13
C MET U 116 -45.24 -51.32 -14.67
N GLU U 117 -45.23 -52.64 -14.51
CA GLU U 117 -46.38 -53.37 -14.01
C GLU U 117 -46.28 -53.50 -12.50
N PRO U 118 -47.25 -53.01 -11.72
CA PRO U 118 -47.08 -53.10 -10.28
C PRO U 118 -47.25 -54.53 -9.76
N ALA V 1 -44.09 -32.20 4.53
CA ALA V 1 -43.53 -32.16 3.19
C ALA V 1 -42.08 -31.68 3.25
N VAL V 2 -41.43 -31.94 4.37
CA VAL V 2 -40.06 -31.48 4.62
C VAL V 2 -39.09 -32.60 4.27
N GLN V 3 -37.86 -32.23 3.94
CA GLN V 3 -36.81 -33.18 3.62
C GLN V 3 -35.55 -32.83 4.39
N GLN V 4 -34.89 -33.86 4.91
CA GLN V 4 -33.71 -33.70 5.74
C GLN V 4 -32.49 -33.88 4.84
N VAL V 5 -31.92 -32.77 4.38
CA VAL V 5 -31.04 -32.73 3.23
C VAL V 5 -29.79 -31.92 3.53
N ARG V 6 -28.80 -32.04 2.65
CA ARG V 6 -27.51 -31.40 2.83
C ARG V 6 -27.65 -29.88 2.68
N PRO V 7 -26.68 -29.12 3.20
CA PRO V 7 -26.66 -27.68 2.95
C PRO V 7 -25.83 -27.36 1.72
N ILE V 8 -25.71 -26.08 1.35
CA ILE V 8 -24.72 -25.68 0.35
C ILE V 8 -23.75 -24.71 0.99
N LEU V 9 -24.23 -23.52 1.33
CA LEU V 9 -23.48 -22.62 2.18
C LEU V 9 -24.26 -22.23 3.43
N SER V 10 -25.45 -21.68 3.29
CA SER V 10 -26.10 -20.95 4.36
C SER V 10 -27.08 -21.85 5.08
N VAL V 11 -27.00 -21.88 6.41
CA VAL V 11 -27.81 -22.79 7.20
C VAL V 11 -29.13 -22.17 7.64
N ASP V 12 -29.25 -20.84 7.60
CA ASP V 12 -30.49 -20.19 8.03
C ASP V 12 -30.74 -19.00 7.13
N ARG V 13 -32.01 -18.58 7.09
CA ARG V 13 -32.39 -17.49 6.20
C ARG V 13 -31.59 -16.24 6.48
N GLU V 14 -31.21 -16.00 7.74
CA GLU V 14 -30.46 -14.80 8.08
C GLU V 14 -29.03 -14.87 7.55
N GLU V 15 -28.38 -16.03 7.68
CA GLU V 15 -27.09 -16.19 7.03
C GLU V 15 -27.23 -15.97 5.54
N ALA V 16 -28.34 -16.41 4.96
CA ALA V 16 -28.55 -16.20 3.53
C ALA V 16 -28.57 -14.71 3.21
N ARG V 17 -29.30 -13.92 3.99
CA ARG V 17 -29.28 -12.48 3.77
C ARG V 17 -27.88 -11.94 3.99
N LYS V 18 -27.18 -12.42 5.01
CA LYS V 18 -25.83 -11.96 5.26
C LYS V 18 -24.97 -12.18 4.02
N ARG V 19 -25.02 -13.37 3.44
CA ARG V 19 -24.30 -13.59 2.20
C ARG V 19 -24.85 -12.73 1.08
N ALA V 20 -26.18 -12.68 0.94
CA ALA V 20 -26.77 -11.92 -0.15
C ALA V 20 -26.39 -10.46 -0.08
N LEU V 21 -26.39 -9.89 1.12
CA LEU V 21 -26.05 -8.48 1.25
C LEU V 21 -24.56 -8.24 1.06
N ASN V 22 -23.71 -9.20 1.44
CA ASN V 22 -22.29 -9.07 1.12
C ASN V 22 -22.12 -8.86 -0.38
N LEU V 23 -22.79 -9.68 -1.18
CA LEU V 23 -22.72 -9.49 -2.63
C LEU V 23 -23.16 -8.09 -3.01
N TYR V 24 -24.27 -7.62 -2.43
CA TYR V 24 -24.75 -6.28 -2.73
C TYR V 24 -23.69 -5.24 -2.44
N LYS V 25 -22.86 -5.49 -1.44
CA LYS V 25 -21.76 -4.58 -1.16
C LYS V 25 -20.75 -4.57 -2.29
N ALA V 26 -20.31 -5.75 -2.72
CA ALA V 26 -19.32 -5.78 -3.78
C ALA V 26 -19.86 -5.12 -5.03
N TRP V 27 -21.10 -5.38 -5.37
CA TRP V 27 -21.63 -4.82 -6.61
C TRP V 27 -21.77 -3.32 -6.51
N TYR V 28 -22.32 -2.82 -5.40
CA TYR V 28 -22.41 -1.37 -5.23
C TYR V 28 -21.03 -0.73 -5.31
N ARG V 29 -20.06 -1.31 -4.61
CA ARG V 29 -18.72 -0.74 -4.61
C ARG V 29 -18.06 -0.85 -5.97
N GLN V 30 -18.42 -1.85 -6.76
CA GLN V 30 -17.74 -2.03 -8.04
C GLN V 30 -18.20 -1.01 -9.09
N ILE V 31 -19.49 -0.68 -9.09
CA ILE V 31 -20.13 0.05 -10.20
C ILE V 31 -19.24 1.17 -10.75
N PRO V 32 -18.66 2.04 -9.91
CA PRO V 32 -17.86 3.14 -10.47
C PRO V 32 -16.71 2.66 -11.33
N TYR V 33 -16.06 1.57 -10.94
CA TYR V 33 -14.92 1.08 -11.72
C TYR V 33 -15.36 0.66 -13.11
N ILE V 34 -16.51 -0.01 -13.21
CA ILE V 34 -16.99 -0.49 -14.50
C ILE V 34 -17.41 0.68 -15.37
N VAL V 35 -17.96 1.74 -14.76
CA VAL V 35 -18.29 2.93 -15.53
C VAL V 35 -17.02 3.49 -16.18
N MET V 36 -15.91 3.45 -15.45
CA MET V 36 -14.65 3.91 -16.01
C MET V 36 -14.10 2.89 -16.99
N ASP V 37 -13.93 1.64 -16.55
CA ASP V 37 -13.20 0.65 -17.32
C ASP V 37 -13.90 0.34 -18.63
N TYR V 38 -15.20 0.07 -18.58
CA TYR V 38 -15.97 -0.33 -19.76
C TYR V 38 -16.52 0.91 -20.43
N ASP V 39 -16.03 1.21 -21.63
CA ASP V 39 -16.49 2.38 -22.38
C ASP V 39 -17.87 2.08 -22.94
N ILE V 40 -18.88 2.23 -22.09
CA ILE V 40 -20.27 2.01 -22.49
C ILE V 40 -21.08 3.22 -22.06
N PRO V 41 -22.26 3.43 -22.65
CA PRO V 41 -23.04 4.63 -22.33
C PRO V 41 -23.42 4.74 -20.87
N MET V 42 -23.60 3.63 -20.18
CA MET V 42 -24.28 3.64 -18.90
C MET V 42 -23.52 4.49 -17.89
N THR V 43 -24.29 5.17 -17.04
CA THR V 43 -23.78 6.05 -16.01
C THR V 43 -24.00 5.41 -14.64
N VAL V 44 -23.34 5.96 -13.63
CA VAL V 44 -23.34 5.34 -12.30
C VAL V 44 -24.77 5.22 -11.78
N GLU V 45 -25.56 6.29 -11.89
CA GLU V 45 -26.88 6.24 -11.28
C GLU V 45 -27.72 5.15 -11.91
N GLN V 46 -27.67 5.04 -13.24
CA GLN V 46 -28.45 4.02 -13.93
C GLN V 46 -27.97 2.63 -13.56
N CYS V 47 -26.66 2.43 -13.51
CA CYS V 47 -26.13 1.14 -13.10
C CYS V 47 -26.58 0.81 -11.69
N ARG V 48 -26.53 1.78 -10.79
CA ARG V 48 -27.03 1.54 -9.44
C ARG V 48 -28.51 1.21 -9.47
N ASP V 49 -29.29 1.97 -10.24
CA ASP V 49 -30.72 1.71 -10.30
C ASP V 49 -31.00 0.31 -10.80
N LYS V 50 -30.30 -0.12 -11.85
CA LYS V 50 -30.53 -1.46 -12.35
C LYS V 50 -30.17 -2.51 -11.32
N LEU V 51 -29.09 -2.28 -10.58
CA LEU V 51 -28.69 -3.23 -9.56
C LEU V 51 -29.79 -3.43 -8.53
N ARG V 52 -30.48 -2.34 -8.18
CA ARG V 52 -31.61 -2.45 -7.27
C ARG V 52 -32.72 -3.29 -7.88
N GLU V 53 -33.15 -2.95 -9.10
CA GLU V 53 -34.25 -3.67 -9.73
C GLU V 53 -33.89 -5.13 -9.94
N GLU V 54 -32.62 -5.39 -10.22
CA GLU V 54 -32.20 -6.74 -10.56
C GLU V 54 -32.09 -7.63 -9.34
N PHE V 55 -31.98 -7.05 -8.15
CA PHE V 55 -32.23 -7.82 -6.93
C PHE V 55 -33.72 -8.00 -6.71
N VAL V 56 -34.50 -6.94 -6.99
CA VAL V 56 -35.94 -7.05 -6.88
C VAL V 56 -36.50 -8.03 -7.89
N LYS V 57 -35.74 -8.34 -8.94
CA LYS V 57 -36.12 -9.34 -9.95
C LYS V 57 -36.66 -10.60 -9.30
N HIS V 58 -36.09 -10.99 -8.17
CA HIS V 58 -36.54 -12.13 -7.40
C HIS V 58 -36.56 -11.71 -5.93
N ARG V 59 -37.69 -11.17 -5.50
CA ARG V 59 -37.90 -10.83 -4.10
C ARG V 59 -38.49 -11.99 -3.32
N ASN V 60 -39.44 -12.70 -3.93
CA ASN V 60 -40.19 -13.75 -3.26
C ASN V 60 -39.51 -15.11 -3.38
N VAL V 61 -38.20 -15.14 -3.59
CA VAL V 61 -37.46 -16.37 -3.32
C VAL V 61 -37.63 -16.72 -1.86
N THR V 62 -37.84 -18.01 -1.58
CA THR V 62 -38.09 -18.45 -0.22
C THR V 62 -37.07 -19.46 0.28
N ASP V 63 -36.80 -20.51 -0.49
CA ASP V 63 -35.91 -21.57 -0.01
C ASP V 63 -34.54 -20.99 0.32
N ILE V 64 -33.98 -21.44 1.45
CA ILE V 64 -32.62 -21.07 1.79
C ILE V 64 -31.67 -21.49 0.68
N ARG V 65 -31.85 -22.71 0.18
CA ARG V 65 -30.91 -23.22 -0.81
C ARG V 65 -30.97 -22.43 -2.10
N VAL V 66 -32.17 -22.10 -2.57
CA VAL V 66 -32.28 -21.35 -3.83
C VAL V 66 -31.59 -20.02 -3.70
N ILE V 67 -31.85 -19.29 -2.60
CA ILE V 67 -31.23 -17.99 -2.45
C ILE V 67 -29.73 -18.13 -2.37
N ASP V 68 -29.23 -19.24 -1.82
CA ASP V 68 -27.78 -19.45 -1.79
C ASP V 68 -27.22 -19.49 -3.20
N MET V 69 -27.88 -20.22 -4.10
CA MET V 69 -27.36 -20.32 -5.46
C MET V 69 -27.39 -18.97 -6.17
N LEU V 70 -28.49 -18.24 -6.03
CA LEU V 70 -28.57 -16.92 -6.63
C LEU V 70 -27.37 -16.08 -6.23
N VAL V 71 -26.96 -16.19 -4.96
CA VAL V 71 -25.77 -15.49 -4.52
C VAL V 71 -24.53 -16.07 -5.17
N ILE V 72 -24.49 -17.38 -5.33
CA ILE V 72 -23.34 -18.01 -5.98
C ILE V 72 -23.18 -17.47 -7.39
N LYS V 73 -24.30 -17.33 -8.11
CA LYS V 73 -24.24 -16.74 -9.43
C LYS V 73 -23.70 -15.33 -9.36
N GLY V 74 -24.19 -14.55 -8.39
CA GLY V 74 -23.77 -13.16 -8.30
C GLY V 74 -22.29 -13.01 -8.00
N GLN V 75 -21.78 -13.80 -7.05
CA GLN V 75 -20.36 -13.73 -6.75
C GLN V 75 -19.53 -14.01 -8.00
N MET V 76 -19.99 -14.95 -8.82
CA MET V 76 -19.31 -15.20 -10.08
C MET V 76 -19.35 -13.97 -10.97
N GLU V 77 -20.55 -13.47 -11.25
CA GLU V 77 -20.68 -12.34 -12.18
C GLU V 77 -19.95 -11.13 -11.64
N LEU V 78 -19.93 -10.97 -10.33
CA LEU V 78 -19.13 -9.91 -9.72
C LEU V 78 -17.69 -10.03 -10.16
N LYS V 79 -17.08 -11.21 -10.00
CA LYS V 79 -15.67 -11.37 -10.34
C LYS V 79 -15.44 -11.14 -11.82
N GLU V 80 -16.37 -11.61 -12.65
CA GLU V 80 -16.21 -11.42 -14.09
C GLU V 80 -16.31 -9.97 -14.49
N SER V 81 -17.00 -9.15 -13.71
CA SER V 81 -17.01 -7.71 -13.93
C SER V 81 -15.88 -7.03 -13.17
N VAL V 82 -15.57 -7.53 -11.96
CA VAL V 82 -14.46 -6.96 -11.21
C VAL V 82 -13.19 -6.99 -12.04
N GLU V 83 -12.75 -8.18 -12.39
CA GLU V 83 -11.76 -8.27 -13.45
C GLU V 83 -12.53 -8.05 -14.74
N ILE V 84 -11.83 -7.72 -15.82
CA ILE V 84 -12.49 -7.27 -17.04
C ILE V 84 -12.63 -8.40 -18.07
N TRP V 85 -12.78 -9.64 -17.62
CA TRP V 85 -13.06 -10.73 -18.56
C TRP V 85 -14.22 -10.39 -19.49
N LYS V 86 -15.29 -9.80 -18.96
CA LYS V 86 -16.44 -9.49 -19.78
C LYS V 86 -16.09 -8.45 -20.84
N GLN V 87 -17.06 -8.16 -21.70
CA GLN V 87 -16.94 -7.18 -22.76
C GLN V 87 -18.10 -6.21 -22.69
N LYS V 88 -17.90 -5.04 -23.31
CA LYS V 88 -18.92 -4.00 -23.27
C LYS V 88 -20.28 -4.54 -23.70
N GLY V 89 -20.29 -5.40 -24.70
CA GLY V 89 -21.55 -6.05 -25.06
C GLY V 89 -22.10 -6.87 -23.92
N HIS V 90 -21.25 -7.66 -23.29
CA HIS V 90 -21.72 -8.55 -22.24
C HIS V 90 -22.30 -7.77 -21.08
N ILE V 91 -21.62 -6.69 -20.67
CA ILE V 91 -22.09 -5.96 -19.50
C ILE V 91 -23.39 -5.24 -19.80
N MET V 92 -23.54 -4.66 -21.00
CA MET V 92 -24.77 -3.94 -21.27
C MET V 92 -25.95 -4.89 -21.32
N ARG V 93 -25.72 -6.19 -21.50
CA ARG V 93 -26.77 -7.17 -21.72
C ARG V 93 -27.96 -6.99 -20.78
N TYR V 94 -27.72 -6.45 -19.60
CA TYR V 94 -28.76 -6.31 -18.59
C TYR V 94 -29.86 -5.35 -19.00
N TRP V 95 -29.66 -4.54 -20.06
CA TRP V 95 -30.65 -3.56 -20.45
C TRP V 95 -31.54 -4.01 -21.58
N LYS V 96 -31.07 -4.89 -22.46
CA LYS V 96 -31.89 -5.41 -23.55
C LYS V 96 -32.42 -4.27 -24.42
N GLU V 97 -31.49 -3.53 -25.01
CA GLU V 97 -31.80 -2.33 -25.76
C GLU V 97 -31.98 -2.59 -27.25
N SER V 98 -31.79 -3.84 -27.70
CA SER V 98 -31.95 -4.13 -29.12
C SER V 98 -33.42 -4.24 -29.50
N GLN V 99 -34.24 -4.77 -28.61
CA GLN V 99 -35.65 -5.00 -28.89
C GLN V 99 -36.50 -3.98 -28.14
N ASP V 100 -37.44 -3.37 -28.86
CA ASP V 100 -38.40 -2.49 -28.23
C ASP V 100 -39.34 -3.30 -27.35
N PRO V 101 -39.69 -2.81 -26.14
CA PRO V 101 -40.74 -3.47 -25.37
C PRO V 101 -41.95 -3.81 -26.23
N LYS V 102 -42.22 -5.10 -26.39
CA LYS V 102 -43.27 -5.54 -27.28
C LYS V 102 -44.63 -5.12 -26.74
N PRO V 103 -45.63 -5.01 -27.60
CA PRO V 103 -46.96 -4.62 -27.13
C PRO V 103 -47.49 -5.59 -26.08
N THR V 104 -48.28 -5.05 -25.16
CA THR V 104 -48.76 -5.79 -24.01
C THR V 104 -50.28 -5.78 -23.85
N ASP V 105 -50.94 -4.67 -24.13
CA ASP V 105 -52.39 -4.63 -23.99
C ASP V 105 -53.04 -5.38 -25.16
N PHE V 106 -54.25 -5.90 -24.89
CA PHE V 106 -54.80 -6.96 -25.74
C PHE V 106 -54.91 -6.52 -27.20
N LEU V 107 -55.36 -5.28 -27.43
CA LEU V 107 -55.49 -4.81 -28.81
C LEU V 107 -54.14 -4.77 -29.50
N SER V 108 -53.12 -4.22 -28.84
CA SER V 108 -51.81 -4.14 -29.49
C SER V 108 -51.29 -5.53 -29.79
N LYS V 109 -51.48 -6.47 -28.87
CA LYS V 109 -51.19 -7.86 -29.19
C LYS V 109 -52.06 -8.34 -30.35
N PHE V 110 -53.37 -8.11 -30.24
CA PHE V 110 -54.29 -8.59 -31.27
C PHE V 110 -53.96 -7.99 -32.62
N ILE V 111 -53.70 -6.68 -32.67
CA ILE V 111 -53.45 -6.03 -33.94
C ILE V 111 -52.05 -6.29 -34.46
N GLN V 112 -51.15 -6.84 -33.63
CA GLN V 112 -49.79 -7.11 -34.04
C GLN V 112 -49.47 -8.60 -34.12
N GLY V 113 -50.44 -9.47 -33.96
CA GLY V 113 -50.24 -10.89 -34.14
C GLY V 113 -49.76 -11.58 -32.87
N VAL V 114 -49.85 -12.91 -32.90
CA VAL V 114 -49.46 -13.73 -31.75
C VAL V 114 -47.95 -13.73 -31.62
N VAL W 1 48.68 44.01 -34.00
CA VAL W 1 49.69 44.29 -32.99
C VAL W 1 50.74 45.25 -33.53
N ILE W 2 50.87 45.32 -34.85
CA ILE W 2 51.97 46.05 -35.46
C ILE W 2 51.72 47.55 -35.32
N THR W 3 52.81 48.29 -35.13
CA THR W 3 52.79 49.73 -34.91
C THR W 3 53.65 50.41 -35.97
N ASN W 4 53.48 51.73 -36.07
CA ASN W 4 54.23 52.50 -37.06
C ASN W 4 55.71 52.61 -36.72
N ASN W 5 56.09 52.39 -35.46
CA ASN W 5 57.50 52.39 -35.08
C ASN W 5 58.19 51.11 -35.52
N THR W 6 57.45 50.00 -35.58
CA THR W 6 58.00 48.73 -36.01
C THR W 6 58.58 48.85 -37.42
N THR W 7 59.46 47.92 -37.74
CA THR W 7 60.14 47.90 -39.03
C THR W 7 59.56 46.79 -39.88
N LEU W 8 59.27 47.10 -41.13
CA LEU W 8 58.77 46.15 -42.12
C LEU W 8 59.58 46.29 -43.38
N PRO W 9 59.42 45.37 -44.33
CA PRO W 9 60.20 45.48 -45.57
C PRO W 9 59.64 46.54 -46.51
N GLU W 10 60.25 46.63 -47.69
CA GLU W 10 59.80 47.49 -48.76
C GLU W 10 58.87 46.70 -49.69
N GLU W 11 57.94 47.42 -50.33
CA GLU W 11 57.10 46.77 -51.33
C GLU W 11 57.97 46.10 -52.39
N SER W 12 58.99 46.82 -52.86
CA SER W 12 59.90 46.27 -53.86
C SER W 12 60.59 45.02 -53.34
N GLU W 13 61.00 45.03 -52.07
CA GLU W 13 61.66 43.86 -51.50
C GLU W 13 60.76 42.63 -51.59
N LEU W 14 59.48 42.78 -51.27
CA LEU W 14 58.56 41.65 -51.40
C LEU W 14 58.32 41.29 -52.85
N ASN W 15 58.32 42.28 -53.74
CA ASN W 15 57.93 42.02 -55.12
C ASN W 15 59.00 41.23 -55.85
N VAL W 16 58.86 39.91 -55.83
CA VAL W 16 59.74 39.00 -56.55
C VAL W 16 58.87 37.99 -57.27
N GLN W 17 59.45 37.31 -58.25
CA GLN W 17 58.67 36.38 -59.05
C GLN W 17 58.34 35.13 -58.25
N GLU W 18 57.14 34.60 -58.47
CA GLU W 18 56.66 33.37 -57.84
C GLU W 18 56.27 32.36 -58.91
N LEU W 19 56.02 31.14 -58.45
CA LEU W 19 55.98 30.00 -59.37
C LEU W 19 54.77 30.05 -60.29
N ASN W 20 53.58 30.28 -59.73
CA ASN W 20 52.32 30.23 -60.44
C ASN W 20 51.90 28.83 -60.84
N LEU W 21 52.56 27.81 -60.30
CA LEU W 21 52.32 26.44 -60.74
C LEU W 21 51.17 25.81 -59.95
N SER W 22 50.54 24.81 -60.57
CA SER W 22 49.45 24.08 -59.97
C SER W 22 49.97 23.03 -58.99
N SER W 23 49.04 22.42 -58.25
CA SER W 23 49.41 21.32 -57.38
C SER W 23 50.02 20.17 -58.17
N ALA W 24 49.34 19.74 -59.24
CA ALA W 24 49.88 18.68 -60.08
C ALA W 24 51.22 19.09 -60.67
N ALA W 25 51.35 20.36 -61.03
CA ALA W 25 52.60 20.85 -61.58
C ALA W 25 53.75 20.63 -60.59
N LEU W 26 53.58 21.12 -59.36
CA LEU W 26 54.64 20.94 -58.36
C LEU W 26 54.82 19.47 -58.02
N ARG W 27 53.73 18.80 -57.64
CA ARG W 27 53.85 17.44 -57.14
C ARG W 27 54.43 16.49 -58.17
N ALA W 28 54.38 16.86 -59.45
CA ALA W 28 55.02 16.04 -60.48
C ALA W 28 56.53 16.23 -60.45
N GLY W 29 56.99 17.48 -60.46
CA GLY W 29 58.40 17.77 -60.46
C GLY W 29 59.03 17.77 -59.09
N ALA W 30 58.34 17.23 -58.08
CA ALA W 30 58.82 17.30 -56.71
C ALA W 30 60.20 16.69 -56.56
N PHE W 31 60.30 15.38 -56.81
CA PHE W 31 61.50 14.65 -56.42
C PHE W 31 62.74 15.18 -57.11
N HIS W 32 62.71 15.29 -58.43
CA HIS W 32 63.90 15.75 -59.11
C HIS W 32 64.20 17.21 -58.82
N LEU W 33 63.26 17.96 -58.24
CA LEU W 33 63.52 19.30 -57.76
C LEU W 33 64.08 19.32 -56.36
N GLY W 34 63.70 18.35 -55.52
CA GLY W 34 64.10 18.41 -54.13
C GLY W 34 65.60 18.34 -53.92
N LYS W 35 66.26 17.48 -54.68
CA LYS W 35 67.70 17.30 -54.46
C LYS W 35 68.52 18.36 -55.16
N GLN W 36 68.01 18.96 -56.23
CA GLN W 36 68.74 20.05 -56.87
C GLN W 36 68.83 21.27 -55.95
N CYS W 37 67.74 21.61 -55.29
CA CYS W 37 67.68 22.77 -54.39
C CYS W 37 67.14 22.31 -53.04
N GLU W 38 68.07 22.04 -52.11
CA GLU W 38 67.70 21.72 -50.75
C GLU W 38 68.50 22.60 -49.80
N GLN W 39 69.71 22.97 -50.21
CA GLN W 39 70.49 23.93 -49.44
C GLN W 39 69.73 25.23 -49.30
N ALA W 40 69.19 25.73 -50.42
CA ALA W 40 68.33 26.89 -50.38
C ALA W 40 67.28 26.73 -49.29
N ASN W 41 66.46 25.68 -49.41
CA ASN W 41 65.43 25.44 -48.41
C ASN W 41 66.03 25.22 -47.04
N ASN W 42 67.04 24.36 -46.95
CA ASN W 42 67.54 23.92 -45.66
C ASN W 42 67.92 25.12 -44.81
N GLU W 43 68.94 25.87 -45.22
CA GLU W 43 69.29 27.08 -44.50
C GLU W 43 68.14 28.07 -44.51
N PHE W 44 67.31 28.06 -45.54
CA PHE W 44 66.21 29.01 -45.53
C PHE W 44 65.32 28.71 -44.34
N MET W 45 64.61 27.59 -44.36
CA MET W 45 63.64 27.41 -43.29
C MET W 45 64.28 26.84 -42.03
N LEU W 46 65.59 26.60 -42.03
CA LEU W 46 66.28 26.39 -40.76
C LEU W 46 66.25 27.67 -39.95
N CYS W 47 66.63 28.79 -40.56
CA CYS W 47 66.57 30.04 -39.81
C CYS W 47 65.14 30.34 -39.40
N ARG W 48 64.17 29.93 -40.22
CA ARG W 48 62.77 30.07 -39.83
C ARG W 48 62.46 29.19 -38.64
N GLN W 49 62.96 27.97 -38.64
CA GLN W 49 62.68 27.06 -37.53
C GLN W 49 63.23 27.60 -36.22
N GLU W 50 64.53 27.93 -36.21
CA GLU W 50 65.14 28.44 -34.98
C GLU W 50 64.57 29.80 -34.62
N LEU W 51 64.48 30.69 -35.59
CA LEU W 51 64.02 32.06 -35.38
C LEU W 51 62.79 32.28 -36.23
N ASP W 52 61.72 32.78 -35.60
CA ASP W 52 60.45 32.92 -36.29
C ASP W 52 60.25 34.25 -36.98
N ASP W 53 60.95 35.29 -36.54
CA ASP W 53 60.79 36.62 -37.11
C ASP W 53 61.06 36.58 -38.61
N PRO W 54 60.04 36.66 -39.47
CA PRO W 54 60.29 36.48 -40.90
C PRO W 54 61.03 37.63 -41.56
N ARG W 55 61.15 38.79 -40.91
CA ARG W 55 61.72 39.96 -41.57
C ARG W 55 63.11 39.68 -42.13
N ALA W 56 63.88 38.82 -41.47
CA ALA W 56 65.22 38.51 -41.91
C ALA W 56 65.26 37.41 -42.96
N CYS W 57 64.36 36.44 -42.89
CA CYS W 57 64.39 35.32 -43.82
C CYS W 57 63.96 35.70 -45.23
N LEU W 58 63.63 36.97 -45.47
CA LEU W 58 63.15 37.35 -46.79
C LEU W 58 64.19 37.09 -47.87
N ALA W 59 65.46 37.40 -47.58
CA ALA W 59 66.51 37.23 -48.58
C ALA W 59 66.62 35.77 -49.01
N GLU W 60 66.75 34.86 -48.05
CA GLU W 60 66.91 33.46 -48.41
C GLU W 60 65.65 32.89 -49.04
N GLY W 61 64.48 33.40 -48.64
CA GLY W 61 63.26 33.00 -49.30
C GLY W 61 63.28 33.34 -50.78
N LYS W 62 63.72 34.56 -51.11
CA LYS W 62 63.88 34.93 -52.50
C LYS W 62 64.79 33.94 -53.22
N ALA W 63 65.85 33.50 -52.54
CA ALA W 63 66.72 32.50 -53.14
C ALA W 63 65.99 31.20 -53.41
N VAL W 64 65.15 30.78 -52.46
CA VAL W 64 64.46 29.49 -52.61
C VAL W 64 63.57 29.50 -53.83
N THR W 65 62.73 30.53 -53.96
CA THR W 65 61.81 30.59 -55.09
C THR W 65 62.57 30.71 -56.40
N SER W 66 63.65 31.48 -56.41
CA SER W 66 64.46 31.60 -57.62
C SER W 66 65.02 30.24 -58.02
N CYS W 67 65.55 29.49 -57.06
CA CYS W 67 66.18 28.21 -57.38
C CYS W 67 65.17 27.26 -57.99
N ALA W 68 63.98 27.18 -57.41
CA ALA W 68 62.94 26.35 -58.00
C ALA W 68 62.59 26.85 -59.39
N LEU W 69 62.46 28.17 -59.54
CA LEU W 69 62.20 28.74 -60.86
C LEU W 69 63.25 28.28 -61.86
N ASP W 70 64.51 28.28 -61.46
CA ASP W 70 65.58 27.88 -62.37
C ASP W 70 65.40 26.44 -62.83
N PHE W 71 65.10 25.55 -61.89
CA PHE W 71 64.95 24.13 -62.24
C PHE W 71 63.87 23.95 -63.28
N PHE W 72 62.72 24.58 -63.09
CA PHE W 72 61.61 24.33 -63.99
C PHE W 72 61.87 24.93 -65.36
N ARG W 73 62.58 26.05 -65.41
CA ARG W 73 62.97 26.58 -66.70
C ARG W 73 63.83 25.58 -67.45
N LYS W 74 64.69 24.87 -66.73
CA LYS W 74 65.44 23.78 -67.35
C LYS W 74 64.49 22.68 -67.81
N VAL W 75 63.52 22.33 -66.97
CA VAL W 75 62.53 21.33 -67.35
C VAL W 75 61.76 21.79 -68.58
N LYS W 76 61.36 23.05 -68.58
CA LYS W 76 60.63 23.61 -69.71
C LYS W 76 61.41 23.45 -71.01
N LYS W 77 62.70 23.77 -70.98
CA LYS W 77 63.51 23.70 -72.19
C LYS W 77 63.69 22.26 -72.66
N THR W 78 64.00 21.35 -71.74
CA THR W 78 64.51 20.03 -72.10
C THR W 78 63.41 18.99 -72.30
N CYS W 79 62.65 18.70 -71.26
CA CYS W 79 61.64 17.64 -71.26
C CYS W 79 60.30 18.30 -70.99
N HIS W 80 59.59 18.65 -72.05
CA HIS W 80 58.26 19.23 -71.90
C HIS W 80 57.17 18.17 -71.99
N GLU W 81 57.15 17.42 -73.09
CA GLU W 81 56.08 16.45 -73.29
C GLU W 81 56.07 15.42 -72.18
N GLU W 82 57.24 14.89 -71.84
CA GLU W 82 57.31 13.89 -70.78
C GLU W 82 56.76 14.45 -69.48
N PHE W 83 57.26 15.61 -69.06
CA PHE W 83 56.81 16.16 -67.79
C PHE W 83 55.33 16.47 -67.81
N THR W 84 54.84 17.05 -68.90
CA THR W 84 53.43 17.41 -68.95
C THR W 84 52.55 16.17 -68.84
N GLN W 85 52.88 15.12 -69.57
CA GLN W 85 52.11 13.89 -69.48
C GLN W 85 52.09 13.39 -68.04
N TYR W 86 53.25 13.36 -67.40
CA TYR W 86 53.32 12.89 -66.02
C TYR W 86 52.44 13.73 -65.13
N ALA W 87 52.41 15.05 -65.36
CA ALA W 87 51.49 15.90 -64.63
C ALA W 87 50.05 15.53 -64.94
N THR W 88 49.73 15.28 -66.21
CA THR W 88 48.35 15.00 -66.58
C THR W 88 47.86 13.71 -65.95
N CYS W 89 48.69 12.67 -65.91
CA CYS W 89 48.35 11.49 -65.13
C CYS W 89 48.05 11.86 -63.68
N LEU W 90 48.98 12.55 -63.04
CA LEU W 90 49.02 12.58 -61.59
C LEU W 90 47.79 13.23 -60.99
N ASP W 91 47.02 13.98 -61.78
CA ASP W 91 45.78 14.59 -61.32
C ASP W 91 44.55 13.93 -61.92
N LYS W 92 44.53 13.74 -63.25
CA LYS W 92 43.40 13.05 -63.87
C LYS W 92 43.21 11.66 -63.28
N SER W 93 44.30 11.04 -62.84
CA SER W 93 44.24 9.63 -62.43
C SER W 93 43.57 9.44 -61.09
N SER W 94 43.71 10.39 -60.17
CA SER W 94 43.19 10.19 -58.84
C SER W 94 42.88 11.53 -58.19
N GLY W 95 41.90 11.52 -57.29
CA GLY W 95 41.58 12.69 -56.51
C GLY W 95 42.44 12.87 -55.29
N THR W 96 43.38 11.95 -55.05
CA THR W 96 44.32 12.07 -53.95
C THR W 96 45.73 12.35 -54.40
N MET W 97 45.99 12.34 -55.70
CA MET W 97 47.29 12.77 -56.24
C MET W 97 48.42 11.87 -55.74
N ALA W 98 48.22 10.56 -55.90
CA ALA W 98 49.18 9.57 -55.45
C ALA W 98 50.03 9.07 -56.61
N PHE W 99 51.32 8.85 -56.33
CA PHE W 99 52.24 8.41 -57.38
C PHE W 99 52.01 6.99 -57.83
N SER W 100 51.13 6.23 -57.17
CA SER W 100 51.01 4.80 -57.39
C SER W 100 49.96 4.43 -58.43
N HIS W 101 49.70 5.31 -59.40
CA HIS W 101 48.70 5.02 -60.42
C HIS W 101 49.14 5.32 -61.85
N CYS W 102 50.22 6.07 -62.07
CA CYS W 102 50.76 6.27 -63.42
C CYS W 102 52.28 6.19 -63.38
N ARG W 103 52.80 5.15 -62.72
CA ARG W 103 54.25 4.98 -62.66
C ARG W 103 54.88 4.78 -64.04
N LYS W 104 54.12 4.30 -65.02
CA LYS W 104 54.67 4.13 -66.35
C LYS W 104 55.09 5.47 -66.92
N THR W 105 54.24 6.48 -66.80
CA THR W 105 54.64 7.82 -67.21
C THR W 105 55.76 8.34 -66.33
N GLN W 106 55.70 8.06 -65.03
CA GLN W 106 56.79 8.43 -64.14
C GLN W 106 58.10 7.83 -64.61
N GLY W 107 58.07 6.58 -65.06
CA GLY W 107 59.28 5.98 -65.59
C GLY W 107 59.78 6.68 -66.84
N VAL W 108 58.88 6.93 -67.79
CA VAL W 108 59.32 7.54 -69.04
C VAL W 108 59.81 8.96 -68.81
N PHE W 109 59.14 9.70 -67.94
CA PHE W 109 59.65 11.02 -67.58
C PHE W 109 61.02 10.92 -66.93
N ASP W 110 61.25 9.86 -66.17
CA ASP W 110 62.59 9.63 -65.63
C ASP W 110 63.58 9.35 -66.75
N LYS W 111 63.16 8.61 -67.78
CA LYS W 111 64.04 8.36 -68.90
C LYS W 111 64.50 9.65 -69.55
N CYS W 112 63.56 10.56 -69.81
CA CYS W 112 63.92 11.82 -70.44
C CYS W 112 64.91 12.59 -69.57
N ILE W 113 64.65 12.63 -68.26
CA ILE W 113 65.59 13.28 -67.37
C ILE W 113 66.93 12.54 -67.40
N LYS W 114 66.89 11.22 -67.46
CA LYS W 114 68.12 10.46 -67.56
C LYS W 114 68.90 10.82 -68.82
N ASP W 115 68.19 11.14 -69.90
CA ASP W 115 68.86 11.51 -71.14
C ASP W 115 69.38 12.94 -71.12
N ASN W 116 68.67 13.86 -70.46
CA ASN W 116 69.04 15.28 -70.53
C ASN W 116 70.14 15.60 -69.53
N PHE W 117 69.86 15.46 -68.24
CA PHE W 117 70.80 15.79 -67.20
C PHE W 117 71.44 14.56 -66.56
N ASP W 118 70.93 13.37 -66.84
CA ASP W 118 71.46 12.15 -66.26
C ASP W 118 71.42 12.20 -64.74
N TRP W 119 70.37 12.79 -64.19
CA TRP W 119 70.14 12.78 -62.76
C TRP W 119 69.32 11.55 -62.38
N ASP W 120 69.44 11.17 -61.12
CA ASP W 120 68.84 9.94 -60.60
C ASP W 120 67.67 10.30 -59.70
N ARG W 121 66.55 9.60 -59.87
CA ARG W 121 65.41 9.85 -59.01
C ARG W 121 65.78 9.48 -57.58
N PRO W 122 65.61 10.39 -56.61
CA PRO W 122 66.03 10.06 -55.25
C PRO W 122 65.28 8.86 -54.67
N SER W 123 65.66 8.45 -53.48
CA SER W 123 65.03 7.30 -52.86
C SER W 123 63.57 7.61 -52.54
N TYR W 124 62.83 6.54 -52.25
CA TYR W 124 61.47 6.61 -51.72
C TYR W 124 61.28 7.67 -50.65
N GLY W 125 62.29 7.89 -49.82
CA GLY W 125 62.17 8.79 -48.69
C GLY W 125 63.42 9.63 -48.50
N TYR W 126 64.10 9.93 -49.60
CA TYR W 126 65.37 10.63 -49.51
C TYR W 126 65.24 11.95 -48.75
N PHE W 127 64.07 12.58 -48.81
CA PHE W 127 63.80 13.79 -48.05
C PHE W 127 63.10 13.54 -46.74
N SER W 128 62.73 12.30 -46.44
CA SER W 128 62.04 12.03 -45.18
C SER W 128 62.99 12.07 -44.00
N ARG W 129 64.26 11.80 -44.22
CA ARG W 129 65.21 11.75 -43.12
C ARG W 129 65.33 13.13 -42.50
N ALA W 130 66.04 13.20 -41.39
CA ALA W 130 66.44 14.49 -40.87
C ALA W 130 67.32 15.20 -41.90
N LYS W 131 67.52 16.49 -41.68
CA LYS W 131 68.49 17.26 -42.47
C LYS W 131 69.48 17.90 -41.50
N VAL W 132 70.60 17.24 -41.31
CA VAL W 132 71.74 17.83 -40.61
C VAL W 132 72.54 18.60 -41.65
N ILE W 133 72.76 19.88 -41.41
CA ILE W 133 73.33 20.77 -42.41
C ILE W 133 74.42 21.64 -41.80
N GLN W 134 75.11 22.36 -42.67
CA GLN W 134 76.08 23.35 -42.26
C GLN W 134 75.38 24.65 -41.88
N SER W 135 76.09 25.48 -41.13
CA SER W 135 75.56 26.76 -40.67
C SER W 135 76.06 27.87 -41.58
N ALA W 136 75.14 28.56 -42.23
CA ALA W 136 75.45 29.72 -43.06
C ALA W 136 74.98 31.02 -42.45
N ARG W 137 73.75 31.06 -41.92
CA ARG W 137 73.29 32.26 -41.23
C ARG W 137 74.15 32.54 -40.01
N GLU W 138 74.48 31.51 -39.24
CA GLU W 138 75.37 31.64 -38.09
C GLU W 138 74.77 32.60 -37.05
N ALA W 139 73.55 32.28 -36.63
CA ALA W 139 72.83 33.08 -35.63
C ALA W 139 72.14 32.16 -34.62
N PRO W 140 72.91 31.49 -33.76
CA PRO W 140 72.29 30.73 -32.66
C PRO W 140 71.82 31.69 -31.57
N LYS W 141 70.54 31.61 -31.23
CA LYS W 141 70.04 32.45 -30.15
C LYS W 141 70.70 32.04 -28.85
N LYS W 142 70.82 32.99 -27.94
CA LYS W 142 71.66 32.80 -26.76
C LYS W 142 70.88 32.04 -25.69
N GLU W 143 71.52 31.04 -25.12
CA GLU W 143 70.91 30.22 -24.08
C GLU W 143 71.21 30.86 -22.72
N GLU W 144 70.15 31.18 -21.98
CA GLU W 144 70.26 32.07 -20.83
C GLU W 144 69.35 31.57 -19.70
N LYS W 145 69.65 32.01 -18.49
CA LYS W 145 68.88 31.69 -17.29
C LYS W 145 68.56 32.98 -16.55
N VAL W 146 67.33 33.07 -16.04
CA VAL W 146 66.85 34.30 -15.41
C VAL W 146 67.39 34.39 -13.99
N SER W 147 67.51 35.62 -13.48
CA SER W 147 68.05 35.88 -12.16
C SER W 147 67.14 36.85 -11.44
N TYR W 148 66.49 36.39 -10.36
CA TYR W 148 65.68 37.19 -9.47
C TYR W 148 66.47 37.38 -8.18
N PRO W 149 67.26 38.45 -8.04
CA PRO W 149 68.16 38.54 -6.89
C PRO W 149 67.44 38.54 -5.55
N ASP W 150 66.24 39.11 -5.49
CA ASP W 150 65.52 39.30 -4.23
C ASP W 150 64.46 38.24 -4.02
N ALA W 151 64.72 37.01 -4.43
CA ALA W 151 63.76 35.95 -4.21
C ALA W 151 63.55 35.73 -2.72
N THR W 152 62.47 35.05 -2.39
CA THR W 152 62.11 34.83 -0.99
C THR W 152 63.00 33.75 -0.40
N PRO W 153 63.78 34.04 0.64
CA PRO W 153 64.66 33.03 1.21
C PRO W 153 64.01 32.29 2.37
N GLY W 154 64.54 31.11 2.63
CA GLY W 154 64.12 30.29 3.75
C GLY W 154 65.25 30.12 4.73
N LEU W 155 65.19 29.08 5.55
CA LEU W 155 66.24 28.80 6.53
C LEU W 155 67.13 27.69 6.00
N PRO W 156 68.37 27.97 5.62
CA PRO W 156 69.25 26.89 5.14
C PRO W 156 69.42 25.82 6.21
N GLU W 157 69.82 24.63 5.76
CA GLU W 157 70.08 23.53 6.68
C GLU W 157 71.37 23.72 7.46
N ASP W 158 72.20 24.70 7.08
CA ASP W 158 73.43 25.01 7.81
C ASP W 158 73.25 26.11 8.84
N TYR W 159 72.18 26.89 8.75
CA TYR W 159 71.96 27.97 9.71
C TYR W 159 71.90 27.36 11.11
N PRO W 160 72.75 27.80 12.05
CA PRO W 160 72.77 27.13 13.36
C PRO W 160 71.46 27.28 14.11
N LYS W 161 70.98 26.18 14.69
CA LYS W 161 69.77 26.17 15.50
C LYS W 161 70.16 26.08 16.96
N PRO W 162 70.43 27.19 17.64
CA PRO W 162 70.68 27.12 19.07
C PRO W 162 69.44 26.60 19.78
N PRO W 163 69.59 25.71 20.76
CA PRO W 163 68.41 25.19 21.46
C PRO W 163 67.54 26.31 21.98
N ALA W 164 66.24 26.02 22.11
CA ALA W 164 65.21 27.04 22.27
C ALA W 164 65.50 28.02 23.40
N LYS W 165 64.88 29.19 23.33
CA LYS W 165 65.03 30.22 24.36
C LYS W 165 63.71 30.39 25.11
N TYR W 166 63.77 30.33 26.43
CA TYR W 166 62.61 30.54 27.29
C TYR W 166 61.51 29.52 26.99
N GLY W 167 61.89 28.25 27.11
CA GLY W 167 60.93 27.18 26.96
C GLY W 167 60.14 27.32 25.69
N SER W 168 58.82 27.19 25.80
CA SER W 168 57.92 27.42 24.68
C SER W 168 57.52 28.88 24.56
N ARG W 169 58.04 29.76 25.42
CA ARG W 169 57.79 31.20 25.33
C ARG W 169 56.30 31.49 25.30
N PHE W 170 55.55 30.72 26.06
CA PHE W 170 54.10 30.79 26.10
C PHE W 170 53.74 31.41 27.44
N HIS W 171 52.47 31.33 27.83
CA HIS W 171 51.94 32.11 28.93
C HIS W 171 52.73 31.89 30.22
N TRP W 172 52.73 30.65 30.72
CA TRP W 172 53.49 30.25 31.90
C TRP W 172 54.60 29.29 31.53
N LEU W 173 55.24 29.53 30.39
CA LEU W 173 56.30 28.67 29.86
C LEU W 173 55.77 27.31 29.46
N GLU W 174 54.46 27.16 29.34
CA GLU W 174 53.86 25.83 29.20
C GLU W 174 52.35 25.94 28.98
N LEU X 1 23.88 58.39 -6.28
CA LEU X 1 23.64 57.12 -5.60
C LEU X 1 24.80 56.77 -4.66
N ARG X 2 26.02 56.85 -5.16
CA ARG X 2 27.20 56.36 -4.45
C ARG X 2 27.74 57.48 -3.58
N SER X 3 27.36 57.48 -2.30
CA SER X 3 27.85 58.45 -1.32
C SER X 3 28.13 57.72 -0.02
N LYS X 4 28.84 58.41 0.88
CA LYS X 4 29.25 57.86 2.17
C LYS X 4 28.71 58.75 3.29
N TYR X 5 27.92 58.15 4.18
CA TYR X 5 27.36 58.91 5.29
C TYR X 5 28.46 59.56 6.12
N TYR X 6 29.51 58.80 6.42
CA TYR X 6 30.48 59.15 7.44
C TYR X 6 31.76 59.75 6.87
N ASP X 7 31.76 60.12 5.58
CA ASP X 7 32.91 60.77 4.97
C ASP X 7 32.76 62.28 4.90
N HIS X 8 31.67 62.83 5.45
CA HIS X 8 31.42 64.27 5.41
C HIS X 8 31.36 64.79 6.84
N PRO X 9 31.27 66.10 7.06
CA PRO X 9 30.97 66.60 8.40
C PRO X 9 29.70 65.97 8.93
N ASP X 10 29.47 66.07 10.24
CA ASP X 10 28.27 65.49 10.84
C ASP X 10 27.05 66.40 10.73
N GLY X 11 27.09 67.42 9.87
CA GLY X 11 25.94 68.28 9.67
C GLY X 11 25.74 68.80 8.27
N GLU X 12 26.25 68.11 7.25
CA GLU X 12 26.28 68.64 5.89
C GLU X 12 25.86 67.57 4.89
N ASP X 13 25.36 68.04 3.75
CA ASP X 13 24.79 67.19 2.69
C ASP X 13 23.83 66.16 3.27
N ALA X 14 22.73 66.68 3.84
CA ALA X 14 21.68 65.81 4.35
C ALA X 14 21.23 64.82 3.29
N PHE X 15 20.91 65.30 2.08
CA PHE X 15 20.36 64.43 1.06
C PHE X 15 21.37 63.37 0.63
N GLY X 16 22.59 63.78 0.32
CA GLY X 16 23.62 62.79 0.03
C GLY X 16 23.85 61.87 1.20
N LYS X 17 23.79 62.42 2.42
CA LYS X 17 24.01 61.62 3.61
C LYS X 17 22.93 60.57 3.79
N ILE X 18 21.66 60.97 3.68
CA ILE X 18 20.59 59.99 3.85
C ILE X 18 20.67 58.92 2.78
N VAL X 19 21.05 59.29 1.56
CA VAL X 19 21.19 58.32 0.49
C VAL X 19 22.26 57.30 0.84
N ALA X 20 23.40 57.78 1.33
CA ALA X 20 24.47 56.87 1.75
C ALA X 20 24.03 55.97 2.89
N THR X 21 23.01 56.36 3.65
CA THR X 21 22.44 55.48 4.65
C THR X 21 21.32 54.62 4.07
N ASN X 22 20.38 55.26 3.36
CA ASN X 22 19.21 54.55 2.87
C ASN X 22 19.61 53.35 2.01
N LYS X 23 20.73 53.44 1.30
CA LYS X 23 21.19 52.27 0.55
C LYS X 23 21.52 51.13 1.50
N TYR X 24 22.24 51.41 2.58
CA TYR X 24 22.51 50.38 3.57
C TYR X 24 21.30 50.08 4.42
N ALA X 25 20.22 50.86 4.28
CA ALA X 25 18.94 50.53 4.88
C ALA X 25 18.12 49.63 3.98
N VAL X 26 18.00 49.99 2.70
CA VAL X 26 17.16 49.21 1.79
C VAL X 26 17.71 47.80 1.65
N SER X 27 19.04 47.66 1.65
CA SER X 27 19.65 46.35 1.51
C SER X 27 19.09 45.38 2.54
N ALA X 28 19.11 45.79 3.82
CA ALA X 28 18.55 44.94 4.86
C ALA X 28 17.06 44.72 4.64
N GLY X 29 16.32 45.78 4.30
CA GLY X 29 14.89 45.68 4.15
C GLY X 29 14.49 44.63 3.13
N VAL X 30 14.99 44.77 1.90
CA VAL X 30 14.61 43.81 0.87
C VAL X 30 15.27 42.46 1.14
N ALA X 31 16.46 42.46 1.74
CA ALA X 31 17.13 41.20 2.02
C ALA X 31 16.28 40.32 2.92
N TRP X 32 15.79 40.88 4.04
CA TRP X 32 14.87 40.14 4.87
C TRP X 32 13.57 39.84 4.13
N SER X 33 13.15 40.75 3.24
CA SER X 33 11.87 40.55 2.55
C SER X 33 11.88 39.28 1.71
N MET X 34 12.87 39.13 0.84
CA MET X 34 12.95 37.89 0.09
C MET X 34 13.18 36.69 0.99
N PHE X 35 13.73 36.92 2.19
CA PHE X 35 14.04 35.81 3.07
C PHE X 35 12.78 35.24 3.71
N ASP X 36 11.81 36.09 4.03
CA ASP X 36 10.64 35.68 4.79
C ASP X 36 9.39 35.51 3.93
N VAL X 37 9.28 36.19 2.79
CA VAL X 37 8.08 36.05 1.96
C VAL X 37 7.90 34.60 1.55
N LEU X 38 8.99 33.85 1.45
CA LEU X 38 8.95 32.47 1.03
C LEU X 38 8.79 31.50 2.19
N THR X 39 8.86 31.98 3.44
CA THR X 39 8.77 31.11 4.62
C THR X 39 7.42 31.19 5.31
N LEU X 40 6.94 32.38 5.64
CA LEU X 40 5.73 32.53 6.43
C LEU X 40 4.57 33.14 5.64
N SER X 41 4.75 34.35 5.13
CA SER X 41 3.62 35.06 4.53
C SER X 41 3.10 34.29 3.33
N LYS X 42 3.98 33.95 2.41
CA LYS X 42 3.64 33.18 1.22
C LYS X 42 2.36 33.68 0.56
N PRO X 43 2.21 34.99 0.34
CA PRO X 43 0.95 35.51 -0.18
C PRO X 43 0.87 35.35 -1.69
N GLN X 44 0.04 34.42 -2.15
CA GLN X 44 -0.05 34.12 -3.57
C GLN X 44 -0.51 35.35 -4.34
N GLY X 45 0.18 35.64 -5.43
CA GLY X 45 -0.06 36.84 -6.21
C GLY X 45 1.08 37.83 -6.09
N TYR X 46 1.08 38.79 -7.02
CA TYR X 46 2.17 39.76 -7.08
C TYR X 46 1.86 41.02 -6.29
N LEU X 47 0.62 41.51 -6.31
CA LEU X 47 0.27 42.60 -5.41
C LEU X 47 0.35 42.19 -3.95
N PRO X 48 -0.18 41.03 -3.53
CA PRO X 48 0.08 40.59 -2.16
C PRO X 48 1.56 40.51 -1.84
N THR X 49 2.35 39.99 -2.77
CA THR X 49 3.80 39.94 -2.56
C THR X 49 4.38 41.34 -2.51
N LEU X 50 3.91 42.22 -3.38
CA LEU X 50 4.31 43.62 -3.28
C LEU X 50 3.94 44.19 -1.91
N GLY X 51 2.83 43.74 -1.35
CA GLY X 51 2.43 44.23 -0.03
C GLY X 51 3.41 43.84 1.05
N ARG X 52 3.82 42.58 1.08
CA ARG X 52 4.77 42.13 2.09
C ARG X 52 6.10 42.84 1.95
N PHE X 53 6.58 42.99 0.71
CA PHE X 53 7.83 43.71 0.50
C PHE X 53 7.68 45.15 0.95
N ALA X 54 6.54 45.77 0.65
CA ALA X 54 6.30 47.13 1.11
C ALA X 54 6.22 47.18 2.65
N TYR X 55 5.50 46.23 3.24
CA TYR X 55 5.38 46.20 4.70
C TYR X 55 6.75 46.07 5.36
N ASN X 56 7.63 45.29 4.76
CA ASN X 56 8.95 45.06 5.36
C ASN X 56 9.88 46.24 5.15
N THR X 57 9.83 46.87 3.97
CA THR X 57 10.85 47.85 3.60
C THR X 57 10.60 49.21 4.24
N GLY X 58 9.36 49.67 4.22
CA GLY X 58 9.03 51.00 4.70
C GLY X 58 9.50 51.27 6.11
N PRO X 59 9.19 50.36 7.04
CA PRO X 59 9.62 50.59 8.44
C PRO X 59 11.11 50.81 8.59
N LEU X 60 11.93 50.04 7.86
CA LEU X 60 13.37 50.25 7.96
C LEU X 60 13.79 51.57 7.34
N MET X 61 13.06 52.04 6.32
CA MET X 61 13.26 53.41 5.88
C MET X 61 12.89 54.38 6.98
N GLY X 62 11.79 54.11 7.68
CA GLY X 62 11.41 54.95 8.80
C GLY X 62 12.48 55.00 9.86
N MET X 63 13.07 53.84 10.18
CA MET X 63 14.13 53.82 11.17
C MET X 63 15.32 54.68 10.75
N ALA X 64 15.83 54.46 9.54
CA ALA X 64 17.01 55.18 9.10
C ALA X 64 16.74 56.68 9.03
N THR X 65 15.64 57.06 8.37
CA THR X 65 15.34 58.48 8.23
C THR X 65 15.17 59.15 9.59
N ALA X 66 14.46 58.51 10.51
CA ALA X 66 14.26 59.09 11.83
C ALA X 66 15.59 59.29 12.54
N PHE X 67 16.45 58.28 12.51
CA PHE X 67 17.76 58.42 13.13
C PHE X 67 18.55 59.56 12.50
N THR X 68 18.62 59.56 11.16
CA THR X 68 19.44 60.53 10.46
C THR X 68 18.99 61.95 10.73
N LEU X 69 17.68 62.21 10.57
CA LEU X 69 17.21 63.58 10.63
C LEU X 69 17.31 64.14 12.05
N THR X 70 16.90 63.37 13.05
CA THR X 70 17.02 63.85 14.43
C THR X 70 18.46 64.18 14.75
N THR X 71 19.39 63.29 14.40
CA THR X 71 20.79 63.54 14.72
C THR X 71 21.34 64.67 13.86
N LEU X 72 20.96 64.72 12.58
CA LEU X 72 21.35 65.86 11.77
C LEU X 72 20.79 67.15 12.35
N VAL X 73 19.55 67.09 12.84
CA VAL X 73 18.95 68.26 13.47
C VAL X 73 19.79 68.70 14.67
N ALA X 74 20.27 67.74 15.47
CA ALA X 74 21.07 68.08 16.63
C ALA X 74 22.29 68.90 16.24
N THR X 75 23.11 68.38 15.33
CA THR X 75 24.33 69.10 14.96
C THR X 75 24.00 70.45 14.33
N ASN X 76 22.92 70.51 13.57
CA ASN X 76 22.52 71.77 12.97
C ASN X 76 22.21 72.81 14.04
N ALA X 77 21.52 72.41 15.11
CA ALA X 77 21.10 73.33 16.16
C ALA X 77 21.87 73.13 17.47
N ARG X 78 21.98 71.89 17.97
CA ARG X 78 22.79 71.67 19.16
C ARG X 78 24.24 72.06 18.92
N GLY X 79 24.69 72.05 17.66
CA GLY X 79 25.98 72.59 17.31
C GLY X 79 27.16 71.76 17.74
N LYS X 80 26.95 70.52 18.15
CA LYS X 80 28.01 69.64 18.59
C LYS X 80 27.82 68.26 17.96
N ASP X 81 28.86 67.45 18.07
CA ASP X 81 28.86 66.06 17.63
C ASP X 81 29.27 65.22 18.83
N ASP X 82 28.28 64.61 19.48
CA ASP X 82 28.46 63.95 20.76
C ASP X 82 27.86 62.56 20.71
N LYS X 83 28.27 61.74 21.67
CA LYS X 83 27.60 60.45 21.84
C LYS X 83 26.12 60.67 22.10
N ILE X 84 25.77 61.71 22.83
CA ILE X 84 24.37 61.96 23.15
C ILE X 84 23.58 62.23 21.88
N ASN X 85 24.21 62.85 20.89
CA ASN X 85 23.47 63.19 19.67
C ASN X 85 22.93 61.92 19.00
N TYR X 86 23.79 60.91 18.84
CA TYR X 86 23.31 59.64 18.32
C TYR X 86 22.35 58.97 19.28
N LEU X 87 22.44 59.25 20.58
CA LEU X 87 21.51 58.66 21.53
C LEU X 87 20.09 59.13 21.26
N ILE X 88 19.89 60.44 21.11
CA ILE X 88 18.58 60.90 20.66
C ILE X 88 18.26 60.37 19.29
N GLY X 89 19.27 60.17 18.45
CA GLY X 89 19.05 59.54 17.17
C GLY X 89 18.42 58.17 17.31
N GLY X 90 18.98 57.36 18.21
CA GLY X 90 18.41 56.04 18.44
C GLY X 90 17.04 56.08 19.07
N PHE X 91 16.82 57.05 19.97
CA PHE X 91 15.51 57.19 20.57
C PHE X 91 14.45 57.45 19.53
N ALA X 92 14.75 58.33 18.57
CA ALA X 92 13.80 58.63 17.51
C ALA X 92 13.54 57.41 16.63
N ALA X 93 14.58 56.63 16.35
CA ALA X 93 14.42 55.45 15.50
C ALA X 93 13.45 54.46 16.11
N GLY X 94 13.61 54.17 17.40
CA GLY X 94 12.71 53.23 18.05
C GLY X 94 11.33 53.79 18.27
N GLY X 95 11.23 55.11 18.47
CA GLY X 95 9.92 55.73 18.49
C GLY X 95 9.16 55.50 17.21
N VAL X 96 9.86 55.55 16.08
CA VAL X 96 9.26 55.14 14.81
C VAL X 96 8.99 53.65 14.82
N PHE X 97 9.85 52.86 15.48
CA PHE X 97 9.59 51.43 15.57
C PHE X 97 8.29 51.15 16.31
N GLY X 98 8.08 51.83 17.43
CA GLY X 98 6.83 51.67 18.15
C GLY X 98 5.64 52.14 17.32
N ALA X 99 5.82 53.27 16.63
CA ALA X 99 4.73 53.81 15.82
C ALA X 99 4.26 52.78 14.79
N TRP X 100 5.18 52.24 14.00
CA TRP X 100 4.79 51.28 12.98
C TRP X 100 4.35 49.97 13.61
N LYS X 101 5.10 49.47 14.59
CA LYS X 101 4.77 48.21 15.21
C LYS X 101 3.47 48.28 16.01
N HIS X 102 3.03 49.48 16.36
CA HIS X 102 1.87 49.67 17.24
C HIS X 102 2.06 48.87 18.52
N ASN X 103 3.27 48.95 19.07
CA ASN X 103 3.61 48.36 20.36
C ASN X 103 4.41 49.43 21.09
N HIS X 104 3.74 50.18 21.94
CA HIS X 104 4.37 51.34 22.57
C HIS X 104 5.62 50.95 23.33
N VAL X 105 5.53 49.90 24.14
CA VAL X 105 6.68 49.50 24.95
C VAL X 105 7.83 49.02 24.07
N ALA X 106 7.52 48.20 23.05
CA ALA X 106 8.58 47.64 22.23
C ALA X 106 9.35 48.73 21.50
N GLY X 107 8.65 49.75 21.01
CA GLY X 107 9.34 50.84 20.36
C GLY X 107 10.28 51.59 21.29
N LEU X 108 9.81 51.91 22.49
CA LEU X 108 10.63 52.72 23.40
C LEU X 108 11.88 51.97 23.80
N CYS X 109 11.75 50.69 24.15
CA CYS X 109 12.91 49.92 24.59
C CYS X 109 13.93 49.78 23.47
N ALA X 110 13.47 49.52 22.25
CA ALA X 110 14.38 49.48 21.11
C ALA X 110 15.00 50.84 20.85
N GLY X 111 14.25 51.91 21.12
CA GLY X 111 14.81 53.24 20.94
C GLY X 111 15.99 53.48 21.86
N LEU X 112 15.89 53.00 23.09
CA LEU X 112 17.06 53.01 23.97
C LEU X 112 18.18 52.15 23.40
N PHE X 113 17.84 50.93 22.96
CA PHE X 113 18.87 50.05 22.40
C PHE X 113 19.56 50.69 21.22
N LEU X 114 18.80 51.26 20.29
CA LEU X 114 19.41 51.87 19.11
C LEU X 114 20.27 53.06 19.50
N GLY X 115 19.89 53.77 20.57
CA GLY X 115 20.75 54.84 21.06
C GLY X 115 22.10 54.33 21.51
N ILE X 116 22.11 53.16 22.17
CA ILE X 116 23.37 52.53 22.53
C ILE X 116 24.15 52.19 21.27
N ALA X 117 23.47 51.66 20.26
CA ALA X 117 24.14 51.32 19.01
C ALA X 117 24.81 52.55 18.41
N GLY X 118 24.07 53.64 18.28
CA GLY X 118 24.67 54.86 17.75
C GLY X 118 25.81 55.36 18.62
N VAL X 119 25.70 55.19 19.93
CA VAL X 119 26.78 55.62 20.82
C VAL X 119 28.06 54.89 20.47
N ILE X 120 27.99 53.57 20.37
CA ILE X 120 29.18 52.81 20.04
C ILE X 120 29.67 53.16 18.65
N LYS X 121 28.75 53.37 17.70
CA LYS X 121 29.16 53.73 16.35
C LYS X 121 29.95 55.03 16.36
N LYS X 122 29.46 56.03 17.09
CA LYS X 122 30.20 57.28 17.20
C LYS X 122 31.56 57.05 17.83
N MET X 123 31.64 56.14 18.79
CA MET X 123 32.92 55.86 19.42
C MET X 123 33.91 55.34 18.39
N SER X 124 33.48 54.45 17.51
CA SER X 124 34.36 53.98 16.44
C SER X 124 34.79 55.14 15.55
N ILE X 125 33.82 55.95 15.12
CA ILE X 125 34.13 57.04 14.19
C ILE X 125 35.12 58.02 14.80
N GLU X 126 35.15 58.15 16.12
CA GLU X 126 35.95 59.17 16.78
C GLU X 126 37.19 58.64 17.47
N GLN X 127 37.29 57.34 17.72
CA GLN X 127 38.46 56.76 18.36
C GLN X 127 39.37 56.06 17.35
N GLY X 128 39.13 56.23 16.07
CA GLY X 128 40.08 55.75 15.09
C GLY X 128 40.23 54.25 15.00
N TRP X 129 39.26 53.49 15.51
CA TRP X 129 39.22 52.04 15.33
C TRP X 129 37.96 51.68 14.54
N GLU X 130 37.78 50.38 14.34
CA GLU X 130 36.71 49.89 13.49
C GLU X 130 36.20 48.55 14.02
N PHE X 131 34.97 48.21 13.66
CA PHE X 131 34.40 46.94 14.09
C PHE X 131 35.04 45.75 13.38
N PHE X 132 35.21 45.85 12.06
CA PHE X 132 35.75 44.76 11.25
C PHE X 132 36.96 45.24 10.46
N PRO X 133 38.03 45.62 11.13
CA PRO X 133 39.22 46.08 10.41
C PRO X 133 39.82 44.96 9.60
N ASN X 134 40.49 45.32 8.51
CA ASN X 134 41.18 44.33 7.71
C ASN X 134 42.23 43.62 8.56
N THR X 135 42.72 42.52 8.06
CA THR X 135 43.62 41.72 8.86
C THR X 135 45.04 42.25 8.77
N PRO X 136 45.78 42.32 9.90
CA PRO X 136 47.21 42.63 9.82
C PRO X 136 48.07 41.39 9.60
N ILE X 137 47.56 40.23 10.02
CA ILE X 137 48.24 38.95 9.83
C ILE X 137 47.29 37.99 9.14
N LYS X 138 47.84 37.15 8.27
CA LYS X 138 47.10 36.07 7.61
C LYS X 138 48.11 34.94 7.43
N GLN X 139 48.03 33.92 8.28
CA GLN X 139 49.03 32.87 8.32
C GLN X 139 48.61 31.71 7.43
N TYR X 140 49.62 30.97 6.93
CA TYR X 140 49.38 29.86 6.03
C TYR X 140 49.94 28.54 6.52
N GLY X 141 50.63 28.50 7.65
CA GLY X 141 51.00 27.22 8.25
C GLY X 141 52.23 27.35 9.12
N GLY X 142 52.64 26.20 9.64
CA GLY X 142 53.79 26.12 10.52
C GLY X 142 55.06 26.58 9.84
N LEU X 143 56.16 26.60 10.59
CA LEU X 143 57.42 27.09 10.02
C LEU X 143 57.87 26.21 8.86
N ASN X 144 57.61 24.90 8.94
CA ASN X 144 57.94 23.96 7.88
C ASN X 144 56.91 23.93 6.77
N ILE X 145 56.08 24.97 6.67
CA ILE X 145 55.07 25.05 5.62
C ILE X 145 55.68 24.80 4.25
N ALA X 146 56.94 25.19 4.05
CA ALA X 146 57.61 24.89 2.79
C ALA X 146 57.99 23.42 2.70
N GLY X 147 58.22 22.77 3.83
CA GLY X 147 58.70 21.40 3.87
C GLY X 147 57.65 20.32 3.82
N ASN X 148 56.37 20.69 3.79
CA ASN X 148 55.29 19.70 3.70
C ASN X 148 54.95 19.41 2.25
N ASP X 149 55.92 18.82 1.55
CA ASP X 149 55.69 18.23 0.24
C ASP X 149 56.05 16.75 0.32
N TRP X 150 55.24 15.92 -0.35
CA TRP X 150 55.41 14.48 -0.31
C TRP X 150 55.29 13.89 -1.71
N THR X 151 55.60 14.68 -2.74
CA THR X 151 55.37 14.27 -4.12
C THR X 151 56.53 13.42 -4.62
N ILE X 152 56.26 12.67 -5.70
CA ILE X 152 57.18 11.64 -6.18
C ILE X 152 57.48 11.76 -7.66
N MET X 153 57.45 12.96 -8.22
CA MET X 153 57.97 13.21 -9.55
C MET X 153 59.31 13.92 -9.49
N ALA X 154 60.25 13.43 -10.28
CA ALA X 154 61.54 14.10 -10.41
C ALA X 154 61.34 15.44 -11.10
N ASP X 155 61.87 16.50 -10.51
CA ASP X 155 61.76 17.84 -11.07
C ASP X 155 63.08 18.22 -11.71
N PRO X 156 63.17 18.39 -13.02
CA PRO X 156 64.42 18.86 -13.61
C PRO X 156 64.76 20.24 -13.08
N PRO X 157 66.00 20.69 -13.26
CA PRO X 157 66.41 21.98 -12.67
C PRO X 157 65.54 23.12 -13.16
N LYS X 158 65.76 24.28 -12.54
CA LYS X 158 64.95 25.44 -12.80
C LYS X 158 65.48 26.21 -14.01
N ASN X 159 64.73 27.23 -14.41
CA ASN X 159 65.15 28.20 -15.41
C ASN X 159 65.53 29.54 -14.79
N TRP X 160 65.38 29.68 -13.48
CA TRP X 160 65.68 30.90 -12.76
C TRP X 160 66.60 30.55 -11.61
N THR X 161 67.44 31.51 -11.23
CA THR X 161 68.40 31.31 -10.15
C THR X 161 68.37 32.53 -9.23
N THR X 162 68.53 32.29 -7.94
CA THR X 162 68.59 33.37 -6.97
C THR X 162 69.90 34.13 -7.05
N GLU X 163 70.93 33.55 -7.67
CA GLU X 163 72.26 34.13 -7.62
C GLU X 163 72.30 35.41 -8.45
N LYS X 164 73.23 36.29 -8.09
CA LYS X 164 73.29 37.61 -8.67
C LYS X 164 73.65 37.54 -10.15
N PRO X 165 73.31 38.56 -10.94
CA PRO X 165 73.65 38.55 -12.36
C PRO X 165 75.16 38.47 -12.59
N LYS X 166 75.54 37.69 -13.60
CA LYS X 166 76.93 37.59 -14.06
C LYS X 166 76.96 38.08 -15.50
N GLU X 167 77.15 39.39 -15.67
CA GLU X 167 77.15 40.01 -16.99
C GLU X 167 78.55 40.46 -17.38
N PRO Y 1 -4.79 -61.50 -63.30
CA PRO Y 1 -4.58 -60.12 -62.85
C PRO Y 1 -5.29 -59.84 -61.51
N PRO Y 2 -5.08 -58.67 -60.95
CA PRO Y 2 -5.67 -58.36 -59.65
C PRO Y 2 -7.12 -57.93 -59.73
N LYS Y 3 -7.88 -58.29 -58.70
CA LYS Y 3 -9.26 -57.88 -58.54
C LYS Y 3 -9.47 -57.07 -57.27
N GLN Y 4 -8.40 -56.72 -56.57
CA GLN Y 4 -8.49 -56.14 -55.24
C GLN Y 4 -7.09 -55.76 -54.80
N ASP Y 5 -7.01 -54.75 -53.93
CA ASP Y 5 -5.70 -54.27 -53.48
C ASP Y 5 -4.99 -55.35 -52.67
N LEU Y 6 -3.90 -55.86 -53.20
CA LEU Y 6 -3.02 -56.78 -52.48
C LEU Y 6 -1.59 -56.42 -52.79
N PRO Y 7 -0.65 -56.83 -51.93
CA PRO Y 7 0.75 -56.56 -52.21
C PRO Y 7 1.21 -57.31 -53.44
N PRO Y 8 2.22 -56.81 -54.15
CA PRO Y 8 2.65 -57.45 -55.39
C PRO Y 8 3.44 -58.72 -55.10
N PRO Y 9 3.92 -59.39 -56.14
CA PRO Y 9 4.80 -60.54 -55.93
C PRO Y 9 6.07 -60.15 -55.19
N GLY Y 10 6.54 -61.03 -54.33
CA GLY Y 10 7.72 -60.75 -53.55
C GLY Y 10 7.51 -59.75 -52.43
N GLY Y 11 6.26 -59.41 -52.12
CA GLY Y 11 6.00 -58.40 -51.12
C GLY Y 11 6.55 -57.06 -51.55
N TYR Y 12 7.00 -56.30 -50.56
CA TYR Y 12 7.59 -54.99 -50.76
C TYR Y 12 8.95 -54.94 -50.08
N LYS Y 13 9.89 -54.27 -50.71
CA LYS Y 13 11.17 -54.01 -50.04
C LYS Y 13 10.92 -53.23 -48.77
N LYS Y 14 11.67 -53.56 -47.72
CA LYS Y 14 11.48 -52.90 -46.45
C LYS Y 14 11.66 -51.39 -46.61
N ILE Y 15 10.77 -50.65 -45.99
CA ILE Y 15 10.89 -49.18 -46.05
C ILE Y 15 12.06 -48.75 -45.16
N PRO Y 16 12.93 -47.85 -45.60
CA PRO Y 16 14.01 -47.41 -44.72
C PRO Y 16 13.48 -46.52 -43.61
N PHE Y 17 13.86 -46.85 -42.38
CA PHE Y 17 13.46 -46.09 -41.20
C PHE Y 17 14.66 -45.92 -40.27
N ALA Y 18 15.83 -45.70 -40.84
CA ALA Y 18 17.07 -45.58 -40.08
C ALA Y 18 17.71 -44.23 -40.35
N ARG Y 19 18.03 -43.51 -39.28
CA ARG Y 19 18.79 -42.27 -39.39
C ARG Y 19 20.18 -42.54 -39.94
N VAL Y 20 20.72 -41.58 -40.69
CA VAL Y 20 22.06 -41.71 -41.24
C VAL Y 20 22.73 -40.34 -41.31
N PRO Y 21 23.80 -40.10 -40.57
CA PRO Y 21 24.43 -38.77 -40.61
C PRO Y 21 25.16 -38.55 -41.92
N PRO Y 22 25.56 -37.32 -42.21
CA PRO Y 22 26.35 -37.05 -43.41
C PRO Y 22 27.84 -37.30 -43.15
N LYS Y 23 28.64 -36.99 -44.16
CA LYS Y 23 30.09 -37.01 -44.00
C LYS Y 23 30.50 -36.04 -42.89
N SER Y 24 31.37 -36.50 -42.00
CA SER Y 24 31.87 -35.71 -40.88
C SER Y 24 33.23 -35.16 -41.28
N TYR Y 25 33.22 -34.01 -41.93
CA TYR Y 25 34.41 -33.58 -42.66
C TYR Y 25 35.59 -33.29 -41.75
N PHE Y 26 35.36 -32.75 -40.55
CA PHE Y 26 36.45 -32.29 -39.71
C PHE Y 26 36.27 -32.80 -38.29
N THR Y 27 37.35 -32.68 -37.53
CA THR Y 27 37.38 -33.00 -36.11
C THR Y 27 38.07 -31.88 -35.36
N GLY Y 28 37.73 -31.75 -34.08
CA GLY Y 28 38.24 -30.69 -33.22
C GLY Y 28 39.71 -30.34 -33.43
N PHE Y 29 40.55 -31.36 -33.50
CA PHE Y 29 41.96 -31.10 -33.80
C PHE Y 29 42.12 -30.47 -35.18
N THR Y 30 41.54 -31.09 -36.20
CA THR Y 30 41.74 -30.61 -37.56
C THR Y 30 41.20 -29.21 -37.73
N THR Y 31 39.99 -28.96 -37.23
CA THR Y 31 39.37 -27.66 -37.42
C THR Y 31 40.22 -26.55 -36.81
N ILE Y 32 40.57 -26.70 -35.53
CA ILE Y 32 41.31 -25.64 -34.86
C ILE Y 32 42.68 -25.45 -35.48
N GLY Y 33 43.41 -26.54 -35.69
CA GLY Y 33 44.74 -26.42 -36.25
C GLY Y 33 44.73 -25.75 -37.61
N THR Y 34 43.74 -26.07 -38.44
CA THR Y 34 43.63 -25.42 -39.74
C THR Y 34 43.29 -23.94 -39.58
N TYR Y 35 42.47 -23.60 -38.59
CA TYR Y 35 42.16 -22.19 -38.34
C TYR Y 35 43.41 -21.39 -38.02
N VAL Y 36 44.25 -21.92 -37.13
CA VAL Y 36 45.45 -21.19 -36.72
C VAL Y 36 46.42 -21.07 -37.88
N VAL Y 37 46.57 -22.13 -38.67
CA VAL Y 37 47.44 -22.06 -39.85
C VAL Y 37 46.99 -20.91 -40.75
N VAL Y 38 45.69 -20.84 -41.03
CA VAL Y 38 45.19 -19.79 -41.90
C VAL Y 38 45.48 -18.42 -41.28
N THR Y 39 45.22 -18.28 -39.98
CA THR Y 39 45.48 -17.01 -39.34
C THR Y 39 46.96 -16.63 -39.41
N ALA Y 40 47.84 -17.60 -39.18
CA ALA Y 40 49.26 -17.32 -39.21
C ALA Y 40 49.69 -16.83 -40.59
N VAL Y 41 49.22 -17.50 -41.65
CA VAL Y 41 49.52 -17.03 -42.99
C VAL Y 41 48.90 -15.66 -43.23
N GLY Y 42 47.69 -15.45 -42.71
CA GLY Y 42 47.07 -14.16 -42.83
C GLY Y 42 47.89 -13.05 -42.19
N LEU Y 43 48.46 -13.32 -41.03
CA LEU Y 43 49.30 -12.33 -40.38
C LEU Y 43 50.48 -11.96 -41.26
N GLY Y 44 51.14 -12.97 -41.84
CA GLY Y 44 52.28 -12.68 -42.69
C GLY Y 44 51.90 -11.82 -43.88
N ILE Y 45 50.79 -12.16 -44.53
CA ILE Y 45 50.38 -11.39 -45.71
C ILE Y 45 50.05 -9.96 -45.32
N TYR Y 46 49.40 -9.76 -44.17
CA TYR Y 46 49.11 -8.41 -43.73
C TYR Y 46 50.40 -7.64 -43.46
N TYR Y 47 51.37 -8.31 -42.85
CA TYR Y 47 52.68 -7.70 -42.66
C TYR Y 47 53.24 -7.15 -43.96
N LEU Y 48 53.24 -7.97 -45.00
CA LEU Y 48 53.78 -7.53 -46.28
C LEU Y 48 52.91 -6.44 -46.89
N THR Y 49 51.60 -6.49 -46.64
CA THR Y 49 50.74 -5.40 -47.08
C THR Y 49 51.07 -4.11 -46.37
N ALA Y 50 51.26 -4.17 -45.04
CA ALA Y 50 51.52 -2.96 -44.28
C ALA Y 50 52.81 -2.29 -44.73
N LYS Y 51 53.80 -3.07 -45.13
CA LYS Y 51 55.02 -2.48 -45.65
C LYS Y 51 54.72 -1.63 -46.88
N LYS Y 52 53.81 -2.09 -47.73
CA LYS Y 52 53.44 -1.33 -48.91
C LYS Y 52 52.69 -0.06 -48.53
N VAL Y 53 51.84 -0.13 -47.52
CA VAL Y 53 51.14 1.06 -47.06
C VAL Y 53 52.13 2.05 -46.49
N LYS Y 54 53.06 1.59 -45.66
CA LYS Y 54 54.07 2.50 -45.14
C LYS Y 54 54.94 3.02 -46.26
N ARG Y 55 55.16 2.21 -47.29
CA ARG Y 55 56.00 2.64 -48.40
C ARG Y 55 55.44 3.89 -49.06
N ASP Y 56 54.17 3.86 -49.46
CA ASP Y 56 53.63 4.98 -50.22
C ASP Y 56 53.35 6.18 -49.33
N GLU Y 57 52.89 5.95 -48.11
CA GLU Y 57 52.64 7.07 -47.20
C GLU Y 57 53.90 7.87 -46.97
N ILE Y 58 55.02 7.18 -46.73
CA ILE Y 58 56.28 7.88 -46.54
C ILE Y 58 56.64 8.66 -47.79
N GLU Y 59 56.41 8.06 -48.97
CA GLU Y 59 56.69 8.78 -50.21
C GLU Y 59 55.89 10.08 -50.27
N MET Y 60 54.62 10.04 -49.88
CA MET Y 60 53.87 11.27 -49.77
C MET Y 60 54.58 12.24 -48.84
N ARG Y 61 54.96 11.76 -47.67
CA ARG Y 61 55.63 12.63 -46.70
C ARG Y 61 56.97 13.10 -47.22
N SER Y 62 57.69 12.28 -47.97
CA SER Y 62 58.95 12.73 -48.52
C SER Y 62 58.73 13.75 -49.63
N ALA Y 63 57.82 13.46 -50.56
CA ALA Y 63 57.40 14.47 -51.50
C ALA Y 63 56.82 15.67 -50.76
N GLN Y 64 56.23 15.42 -49.60
CA GLN Y 64 55.61 16.50 -48.84
C GLN Y 64 56.65 17.54 -48.46
N ASN Y 65 57.75 17.09 -47.85
CA ASN Y 65 58.73 18.03 -47.31
C ASN Y 65 59.39 18.84 -48.42
N VAL Y 66 59.60 18.24 -49.59
CA VAL Y 66 60.20 18.95 -50.71
C VAL Y 66 59.37 20.19 -51.05
N ILE Y 67 58.06 20.02 -51.18
CA ILE Y 67 57.21 21.11 -51.62
C ILE Y 67 57.21 22.24 -50.61
N PHE Y 68 57.12 21.89 -49.33
CA PHE Y 68 56.69 22.83 -48.29
C PHE Y 68 57.41 24.17 -48.30
N PRO Y 69 58.74 24.24 -48.35
CA PRO Y 69 59.38 25.56 -48.24
C PRO Y 69 58.94 26.54 -49.30
N ILE Y 70 58.64 26.04 -50.51
CA ILE Y 70 58.20 26.95 -51.57
C ILE Y 70 56.90 27.63 -51.18
N LEU Y 71 55.98 26.89 -50.56
CA LEU Y 71 54.77 27.50 -50.07
C LEU Y 71 55.07 28.54 -49.00
N VAL Y 72 55.98 28.23 -48.08
CA VAL Y 72 56.32 29.18 -47.04
C VAL Y 72 56.94 30.43 -47.64
N ALA Y 73 57.81 30.25 -48.64
CA ALA Y 73 58.47 31.41 -49.24
C ALA Y 73 57.45 32.36 -49.86
N GLU Y 74 56.59 31.83 -50.73
CA GLU Y 74 55.55 32.67 -51.30
C GLU Y 74 54.52 33.09 -50.26
N ARG Y 75 54.54 32.48 -49.09
CA ARG Y 75 53.66 32.87 -48.00
C ARG Y 75 54.16 34.10 -47.28
N ASP Y 76 55.47 34.18 -47.02
CA ASP Y 76 55.97 35.29 -46.22
C ASP Y 76 55.73 36.62 -46.91
N ARG Y 77 55.97 36.69 -48.22
CA ARG Y 77 55.84 37.95 -48.92
C ARG Y 77 54.44 38.52 -48.78
N GLU Y 78 53.43 37.68 -48.95
CA GLU Y 78 52.06 38.17 -48.85
C GLU Y 78 51.73 38.60 -47.43
N PHE Y 79 52.27 37.90 -46.43
CA PHE Y 79 52.04 38.29 -45.04
C PHE Y 79 52.56 39.69 -44.78
N LEU Y 80 53.79 39.95 -45.20
CA LEU Y 80 54.37 41.28 -44.95
C LEU Y 80 53.70 42.32 -45.82
N ARG Y 81 53.42 41.99 -47.09
CA ARG Y 81 52.67 42.93 -47.93
C ARG Y 81 51.35 43.28 -47.28
N GLN Y 82 50.59 42.28 -46.87
CA GLN Y 82 49.27 42.55 -46.34
C GLN Y 82 49.34 43.32 -45.02
N LEU Y 83 50.35 43.03 -44.19
CA LEU Y 83 50.48 43.77 -42.95
C LEU Y 83 50.76 45.24 -43.20
N ARG Y 84 51.59 45.55 -44.20
CA ARG Y 84 51.80 46.95 -44.55
C ARG Y 84 50.47 47.63 -44.81
N ARG Y 85 49.69 47.05 -45.71
CA ARG Y 85 48.40 47.62 -46.05
C ARG Y 85 47.49 47.68 -44.82
N ASN Y 86 47.51 46.63 -44.01
CA ASN Y 86 46.59 46.56 -42.87
C ASN Y 86 46.87 47.66 -41.87
N ARG Y 87 48.15 47.96 -41.64
CA ARG Y 87 48.48 49.10 -40.78
C ARG Y 87 48.08 50.42 -41.43
N ASP Y 88 48.22 50.52 -42.76
CA ASP Y 88 47.85 51.76 -43.43
C ASP Y 88 46.40 52.10 -43.19
N GLU Y 89 45.52 51.12 -43.31
CA GLU Y 89 44.09 51.38 -43.14
C GLU Y 89 43.75 51.68 -41.69
N GLU Y 90 44.36 50.94 -40.76
CA GLU Y 90 44.17 51.25 -39.34
C GLU Y 90 44.58 52.67 -39.04
N ALA Y 91 45.58 53.18 -39.76
CA ALA Y 91 45.94 54.58 -39.64
C ALA Y 91 44.92 55.48 -40.32
N GLU Y 92 44.45 55.08 -41.50
CA GLU Y 92 43.64 55.97 -42.33
C GLU Y 92 42.16 55.92 -41.99
N LEU Y 93 41.72 55.02 -41.13
CA LEU Y 93 40.30 54.93 -40.80
C LEU Y 93 39.94 55.58 -39.48
N MET Y 94 40.88 55.58 -38.53
CA MET Y 94 40.73 56.27 -37.24
C MET Y 94 41.40 57.63 -37.26
N LYS Y 95 41.36 58.33 -38.40
CA LYS Y 95 41.97 59.64 -38.49
C LYS Y 95 41.45 60.56 -37.40
N ASN Y 96 40.14 60.58 -37.19
CA ASN Y 96 39.48 61.43 -36.20
C ASN Y 96 38.89 60.52 -35.12
N VAL Y 97 39.71 60.20 -34.13
CA VAL Y 97 39.32 59.35 -33.01
C VAL Y 97 39.96 59.96 -31.77
N PRO Y 98 39.33 59.90 -30.60
CA PRO Y 98 39.84 60.67 -29.45
C PRO Y 98 41.34 60.59 -29.19
N GLY Y 99 41.90 59.38 -29.08
CA GLY Y 99 43.31 59.22 -28.79
C GLY Y 99 43.96 58.05 -29.49
N TRP Y 100 43.44 57.67 -30.65
CA TRP Y 100 43.81 56.40 -31.26
C TRP Y 100 45.30 56.29 -31.52
N GLU Y 101 45.86 55.11 -31.25
CA GLU Y 101 47.28 54.83 -31.44
C GLU Y 101 47.39 53.48 -32.12
N VAL Y 102 47.79 53.48 -33.39
CA VAL Y 102 47.73 52.27 -34.19
C VAL Y 102 48.55 51.17 -33.52
N GLY Y 103 48.01 49.96 -33.54
CA GLY Y 103 48.70 48.83 -32.97
C GLY Y 103 48.68 48.78 -31.46
N THR Y 104 47.92 49.66 -30.81
CA THR Y 104 47.79 49.67 -29.36
C THR Y 104 46.37 50.07 -29.01
N TRP Y 105 46.11 50.20 -27.71
CA TRP Y 105 44.79 50.57 -27.20
C TRP Y 105 44.94 51.89 -26.46
N TYR Y 106 44.89 52.99 -27.21
CA TYR Y 106 44.89 54.33 -26.64
C TYR Y 106 46.12 54.55 -25.75
N GLY Y 107 47.29 54.28 -26.30
CA GLY Y 107 48.52 54.43 -25.55
C GLY Y 107 49.27 53.13 -25.38
N GLU Y 108 49.28 52.64 -24.14
CA GLU Y 108 50.05 51.49 -23.68
C GLU Y 108 50.07 50.36 -24.71
N PRO Y 109 51.22 49.72 -24.94
CA PRO Y 109 51.27 48.67 -25.96
C PRO Y 109 50.52 47.43 -25.51
N VAL Y 110 49.96 46.73 -26.50
CA VAL Y 110 49.24 45.49 -26.18
C VAL Y 110 50.18 44.48 -25.58
N PHE Y 111 51.42 44.44 -26.07
CA PHE Y 111 52.45 43.57 -25.55
C PHE Y 111 53.67 44.41 -25.19
N LYS Y 112 54.28 44.09 -24.05
CA LYS Y 112 55.39 44.89 -23.54
C LYS Y 112 56.64 44.07 -23.24
N THR Y 113 56.50 42.86 -22.71
CA THR Y 113 57.67 42.05 -22.41
C THR Y 113 58.47 41.74 -23.66
N LEU Y 114 57.83 41.75 -24.81
CA LEU Y 114 58.53 41.51 -26.06
C LEU Y 114 59.51 42.65 -26.34
N PRO Y 115 60.76 42.37 -26.71
CA PRO Y 115 61.68 43.46 -27.07
C PRO Y 115 61.17 44.26 -28.26
N GLU Y 116 61.87 45.32 -28.62
CA GLU Y 116 61.41 46.13 -29.73
C GLU Y 116 61.74 45.47 -31.06
N ASP Y 117 61.01 45.87 -32.09
CA ASP Y 117 61.05 45.22 -33.40
C ASP Y 117 60.67 43.76 -33.30
N THR Y 118 59.79 43.43 -32.36
CA THR Y 118 59.21 42.10 -32.26
C THR Y 118 57.88 42.10 -32.99
N LEU Y 119 57.77 41.24 -34.00
CA LEU Y 119 56.56 41.13 -34.80
C LEU Y 119 55.69 40.02 -34.25
N VAL Y 120 54.48 40.35 -33.83
CA VAL Y 120 53.50 39.38 -33.35
C VAL Y 120 52.40 39.28 -34.39
N THR Y 121 52.23 38.09 -34.94
CA THR Y 121 51.25 37.92 -36.00
C THR Y 121 49.87 38.31 -35.47
N PRO Y 122 49.12 39.15 -36.19
CA PRO Y 122 47.80 39.52 -35.70
C PRO Y 122 46.89 38.31 -35.64
N ILE Y 123 45.99 38.30 -34.65
CA ILE Y 123 45.00 37.25 -34.62
C ILE Y 123 44.21 37.28 -35.92
N PHE Y 124 43.65 36.12 -36.28
CA PHE Y 124 42.98 36.00 -37.57
C PHE Y 124 41.97 37.12 -37.79
N LYS Y 125 41.19 37.44 -36.76
CA LYS Y 125 40.18 38.48 -36.92
C LYS Y 125 40.82 39.82 -37.23
N GLU Y 126 41.88 40.17 -36.51
CA GLU Y 126 42.59 41.42 -36.78
C GLU Y 126 43.11 41.44 -38.21
N PHE Y 127 43.72 40.35 -38.64
CA PHE Y 127 44.22 40.26 -40.00
C PHE Y 127 43.11 40.52 -41.01
N TYR Y 128 41.86 40.20 -40.65
CA TYR Y 128 40.72 40.46 -41.52
C TYR Y 128 39.89 41.65 -41.05
N ALA Y 129 40.50 42.58 -40.32
CA ALA Y 129 39.73 43.64 -39.68
C ALA Y 129 38.99 44.53 -40.66
N HIS Y 130 39.38 44.53 -41.94
CA HIS Y 130 38.74 45.37 -42.94
C HIS Y 130 38.29 44.52 -44.13
N SER Y 131 37.62 43.42 -43.87
CA SER Y 131 37.30 42.46 -44.90
C SER Y 131 35.83 42.08 -44.84
N ASP Y 132 35.33 41.57 -45.95
CA ASP Y 132 33.96 41.13 -46.06
C ASP Y 132 33.87 39.64 -45.72
N TRP Y 133 32.62 39.17 -45.58
CA TRP Y 133 32.40 37.77 -45.25
C TRP Y 133 32.94 36.88 -46.36
N LYS Y 134 32.72 37.28 -47.61
CA LYS Y 134 33.16 36.49 -48.74
C LYS Y 134 34.64 36.17 -48.62
N SER Y 135 35.44 37.17 -48.29
CA SER Y 135 36.85 36.93 -48.00
C SER Y 135 37.02 36.06 -46.76
N TYR Y 136 36.33 36.42 -45.68
CA TYR Y 136 36.50 35.72 -44.42
C TYR Y 136 36.20 34.24 -44.58
N ALA Y 137 35.03 33.92 -45.13
CA ALA Y 137 34.62 32.53 -45.27
C ALA Y 137 35.52 31.79 -46.24
N LYS Y 138 36.07 32.48 -47.23
CA LYS Y 138 36.85 31.80 -48.27
C LYS Y 138 37.97 30.97 -47.68
N ARG Y 139 38.49 31.39 -46.53
CA ARG Y 139 39.52 30.63 -45.84
C ARG Y 139 38.97 29.90 -44.62
N ALA Y 140 38.12 30.55 -43.83
CA ALA Y 140 37.66 29.92 -42.60
C ALA Y 140 36.86 28.66 -42.89
N HIS Y 141 35.84 28.77 -43.74
CA HIS Y 141 34.94 27.66 -43.99
C HIS Y 141 35.38 26.87 -45.20
N LEU Y 142 36.63 26.39 -45.17
CA LEU Y 142 37.11 25.49 -46.20
C LEU Y 142 37.12 24.04 -45.76
N LYS Y 143 37.21 23.79 -44.45
CA LYS Y 143 36.92 22.46 -43.96
C LYS Y 143 35.47 22.11 -44.25
N LEU Y 144 34.58 23.09 -44.08
CA LEU Y 144 33.16 22.88 -44.26
C LEU Y 144 32.71 23.02 -45.70
N TRP Y 145 33.59 23.49 -46.59
CA TRP Y 145 33.32 23.58 -48.03
C TRP Y 145 32.15 24.52 -48.32
N SER Y 146 32.39 25.80 -48.03
CA SER Y 146 31.50 26.88 -48.46
C SER Y 146 31.17 26.76 -49.95
N MET Z 1 14.86 -24.95 -61.72
CA MET Z 1 15.49 -23.85 -62.41
C MET Z 1 15.65 -22.69 -61.45
N TRP Z 2 16.71 -21.90 -61.66
CA TRP Z 2 17.11 -20.87 -60.73
C TRP Z 2 17.43 -19.53 -61.37
N PHE Z 3 17.35 -19.42 -62.70
CA PHE Z 3 17.46 -18.10 -63.30
C PHE Z 3 16.38 -17.17 -62.76
N GLU Z 4 15.27 -17.74 -62.30
CA GLU Z 4 14.19 -17.05 -61.63
C GLU Z 4 14.65 -15.95 -60.68
N ILE Z 5 15.74 -16.19 -59.95
CA ILE Z 5 16.22 -15.19 -59.01
C ILE Z 5 17.04 -14.11 -59.71
N LEU Z 6 17.69 -14.44 -60.82
CA LEU Z 6 18.61 -13.49 -61.46
C LEU Z 6 17.99 -12.14 -61.77
N PRO Z 7 16.76 -12.05 -62.29
CA PRO Z 7 16.18 -10.72 -62.57
C PRO Z 7 16.30 -9.75 -61.43
N GLY Z 8 15.89 -10.14 -60.22
CA GLY Z 8 16.04 -9.29 -59.07
C GLY Z 8 17.49 -8.88 -58.86
N ALA Z 9 18.34 -9.83 -58.48
CA ALA Z 9 19.72 -9.50 -58.13
C ALA Z 9 20.39 -8.68 -59.22
N VAL Z 10 20.14 -9.03 -60.47
CA VAL Z 10 20.72 -8.28 -61.58
C VAL Z 10 20.25 -6.83 -61.51
N ILE Z 11 18.99 -6.62 -61.19
CA ILE Z 11 18.47 -5.25 -61.13
C ILE Z 11 19.07 -4.51 -59.94
N ILE Z 12 19.07 -5.12 -58.76
CA ILE Z 12 19.58 -4.42 -57.58
C ILE Z 12 21.06 -4.06 -57.77
N THR Z 13 21.87 -5.04 -58.16
CA THR Z 13 23.29 -4.75 -58.30
C THR Z 13 23.52 -3.69 -59.36
N THR Z 14 22.67 -3.66 -60.38
CA THR Z 14 22.76 -2.61 -61.39
C THR Z 14 22.49 -1.24 -60.76
N LEU Z 15 21.41 -1.13 -60.00
CA LEU Z 15 21.05 0.16 -59.43
C LEU Z 15 22.12 0.67 -58.47
N LEU Z 16 22.74 -0.22 -57.71
CA LEU Z 16 23.80 0.20 -56.80
C LEU Z 16 25.12 0.44 -57.50
N SER Z 17 25.29 -0.08 -58.71
CA SER Z 17 26.48 0.25 -59.48
C SER Z 17 26.38 1.65 -60.05
N VAL Z 18 25.18 2.09 -60.41
CA VAL Z 18 24.92 3.37 -61.06
C VAL Z 18 25.66 4.51 -60.39
N PRO Z 19 25.41 4.79 -59.10
CA PRO Z 19 25.80 6.10 -58.56
C PRO Z 19 27.26 6.43 -58.74
N ILE Z 20 28.14 5.46 -58.57
CA ILE Z 20 29.57 5.72 -58.77
C ILE Z 20 29.83 6.10 -60.21
N TYR Z 21 29.30 5.34 -61.15
CA TYR Z 21 29.52 5.68 -62.55
C TYR Z 21 28.80 6.97 -62.90
N ALA Z 22 27.72 7.28 -62.21
CA ALA Z 22 27.14 8.62 -62.33
C ALA Z 22 28.11 9.67 -61.84
N MET Z 23 28.73 9.43 -60.68
CA MET Z 23 29.69 10.38 -60.15
C MET Z 23 30.88 10.52 -61.08
N TYR Z 24 31.39 9.41 -61.57
CA TYR Z 24 32.53 9.46 -62.47
C TYR Z 24 32.19 10.25 -63.73
N GLY Z 25 31.10 9.88 -64.40
CA GLY Z 25 30.76 10.53 -65.65
C GLY Z 25 30.53 12.02 -65.47
N LEU Z 26 29.75 12.39 -64.45
CA LEU Z 26 29.49 13.79 -64.20
C LEU Z 26 30.76 14.54 -63.86
N ASP Z 27 31.72 13.88 -63.22
CA ASP Z 27 32.98 14.53 -62.90
C ASP Z 27 33.82 14.73 -64.16
N LYS Z 28 34.18 13.64 -64.82
CA LYS Z 28 35.06 13.72 -65.98
C LYS Z 28 34.47 14.58 -67.08
N LEU Z 29 33.14 14.68 -67.15
CA LEU Z 29 32.54 15.63 -68.08
C LEU Z 29 32.57 17.04 -67.50
N MET Z 30 31.93 17.22 -66.36
CA MET Z 30 31.50 18.53 -65.92
C MET Z 30 32.49 19.21 -64.98
N ILE Z 31 33.67 18.62 -64.78
CA ILE Z 31 34.79 19.29 -64.13
C ILE Z 31 36.01 19.35 -65.03
N GLY Z 32 36.41 18.19 -65.55
CA GLY Z 32 37.65 18.07 -66.28
C GLY Z 32 38.45 16.88 -65.82
N ASN Z 33 38.09 16.35 -64.65
CA ASN Z 33 38.66 15.11 -64.14
C ASN Z 33 37.56 14.31 -63.48
N ALA Z 34 37.80 13.01 -63.33
CA ALA Z 34 36.79 12.14 -62.74
C ALA Z 34 36.77 12.19 -61.22
N PHE Z 35 37.83 12.69 -60.59
CA PHE Z 35 37.97 12.67 -59.14
C PHE Z 35 38.05 14.08 -58.59
N ARG Z 36 37.28 14.34 -57.53
CA ARG Z 36 37.29 15.64 -56.86
C ARG Z 36 38.34 15.63 -55.77
N ARG Z 37 39.24 16.62 -55.80
CA ARG Z 37 40.42 16.58 -54.94
C ARG Z 37 40.03 16.42 -53.48
N ASN Z 38 40.38 15.29 -52.89
CA ASN Z 38 40.02 15.05 -51.49
C ASN Z 38 40.75 16.04 -50.59
N MET Z 39 40.07 16.44 -49.51
CA MET Z 39 40.53 17.52 -48.65
C MET Z 39 40.43 17.12 -47.20
N ASP Z 40 40.93 15.92 -46.89
CA ASP Z 40 40.95 15.45 -45.51
C ASP Z 40 42.04 16.09 -44.68
N GLU Z 41 43.15 16.47 -45.29
CA GLU Z 41 44.34 16.89 -44.57
C GLU Z 41 44.55 18.39 -44.71
N ARG Z 42 45.27 18.95 -43.76
CA ARG Z 42 45.59 20.38 -43.85
C ARG Z 42 46.35 20.66 -45.13
N PHE Z 43 47.32 19.82 -45.47
CA PHE Z 43 48.14 20.15 -46.63
C PHE Z 43 47.33 20.07 -47.91
N SER Z 44 46.44 19.09 -48.02
CA SER Z 44 45.59 19.03 -49.19
C SER Z 44 44.74 20.28 -49.31
N ARG Z 45 44.20 20.74 -48.18
CA ARG Z 45 43.35 21.92 -48.20
C ARG Z 45 44.12 23.15 -48.64
N VAL Z 46 45.32 23.36 -48.09
CA VAL Z 46 46.06 24.57 -48.45
C VAL Z 46 46.48 24.51 -49.91
N MET Z 47 46.88 23.34 -50.39
CA MET Z 47 47.16 23.20 -51.82
C MET Z 47 45.91 23.48 -52.62
N TYR Z 48 44.75 23.06 -52.12
CA TYR Z 48 43.50 23.40 -52.78
C TYR Z 48 43.28 24.90 -52.79
N GLN Z 49 43.58 25.58 -51.68
CA GLN Z 49 43.53 27.03 -51.68
C GLN Z 49 44.47 27.58 -52.73
N ARG Z 50 45.70 27.07 -52.76
CA ARG Z 50 46.68 27.59 -53.70
C ARG Z 50 46.19 27.45 -55.13
N ASP Z 51 45.64 26.29 -55.46
CA ASP Z 51 45.13 26.08 -56.81
C ASP Z 51 43.91 26.97 -57.06
N PHE Z 52 42.95 26.95 -56.14
CA PHE Z 52 41.73 27.72 -56.32
C PHE Z 52 42.01 29.20 -56.47
N ARG Z 53 43.14 29.67 -55.95
CA ARG Z 53 43.48 31.08 -56.03
C ARG Z 53 44.28 31.42 -57.28
N LEU Z 54 45.15 30.52 -57.72
CA LEU Z 54 45.88 30.76 -58.97
C LEU Z 54 44.92 30.91 -60.13
N THR Z 55 43.89 30.08 -60.17
CA THR Z 55 42.82 30.23 -61.14
C THR Z 55 41.56 29.80 -60.45
N ASP Z 56 40.42 30.34 -60.90
CA ASP Z 56 39.16 30.01 -60.24
C ASP Z 56 38.94 28.51 -60.19
N ASN Z 57 39.40 27.78 -61.21
CA ASN Z 57 39.18 26.35 -61.29
C ASN Z 57 40.46 25.61 -60.91
N PRO Z 58 40.55 24.99 -59.74
CA PRO Z 58 41.73 24.14 -59.47
C PRO Z 58 41.90 23.04 -60.48
N TYR Z 59 40.81 22.49 -61.00
CA TYR Z 59 40.92 21.37 -61.91
C TYR Z 59 41.42 21.82 -63.28
N LYS Z 60 41.33 23.11 -63.58
CA LYS Z 60 41.96 23.68 -64.77
C LYS Z 60 43.42 23.96 -64.43
N MET Z 61 44.14 22.87 -64.18
CA MET Z 61 45.54 22.97 -63.77
C MET Z 61 46.36 23.75 -64.80
N ASN Z 62 47.34 24.49 -64.29
CA ASN Z 62 48.26 25.25 -65.14
C ASN Z 62 49.54 24.43 -65.30
N GLY Z 63 49.84 24.07 -66.53
CA GLY Z 63 51.05 23.33 -66.82
C GLY Z 63 52.27 24.18 -66.58
N LEU Z 64 53.41 23.65 -67.03
CA LEU Z 64 54.66 24.37 -66.91
C LEU Z 64 54.73 25.58 -67.82
N ASP Z 65 53.84 25.69 -68.80
CA ASP Z 65 53.80 26.89 -69.63
C ASP Z 65 53.51 28.15 -68.81
N ALA Z 66 52.91 28.01 -67.64
CA ALA Z 66 52.60 29.15 -66.79
C ALA Z 66 53.85 29.85 -66.26
N ILE Z 67 55.02 29.21 -66.35
CA ILE Z 67 56.28 29.83 -65.95
C ILE Z 67 56.50 31.03 -66.85
N PRO Z 68 57.15 32.10 -66.40
CA PRO Z 68 57.47 33.19 -67.31
C PRO Z 68 58.27 32.68 -68.49
N ASP Z 69 57.98 33.23 -69.67
CA ASP Z 69 58.56 32.68 -70.88
C ASP Z 69 60.08 32.72 -70.83
N GLU Z 70 60.65 33.82 -70.36
CA GLU Z 70 62.10 33.89 -70.25
C GLU Z 70 62.49 35.06 -69.35
N LYS Z 71 63.73 35.03 -68.90
CA LYS Z 71 64.38 36.15 -68.24
C LYS Z 71 65.51 36.61 -69.16
N THR Z 72 65.50 37.89 -69.52
CA THR Z 72 66.56 38.41 -70.37
C THR Z 72 67.92 38.17 -69.76
N ASN Z 73 68.04 38.38 -68.45
CA ASN Z 73 69.23 38.02 -67.70
C ASN Z 73 68.91 38.12 -66.22
N SER AA 1 38.78 -32.78 -14.17
CA SER AA 1 38.91 -31.70 -13.20
C SER AA 1 38.71 -30.33 -13.87
N LEU AA 2 39.27 -29.28 -13.27
CA LEU AA 2 38.99 -27.91 -13.72
C LEU AA 2 39.41 -27.69 -15.17
N LEU AA 3 40.49 -28.34 -15.59
CA LEU AA 3 41.04 -28.08 -16.93
C LEU AA 3 40.03 -28.43 -18.00
N LYS AA 4 39.65 -29.70 -18.09
CA LYS AA 4 38.63 -30.10 -19.05
C LYS AA 4 37.28 -29.49 -18.73
N ARG AA 5 37.01 -29.25 -17.44
CA ARG AA 5 35.73 -28.70 -17.04
C ARG AA 5 35.46 -27.37 -17.74
N ALA AA 6 36.41 -26.44 -17.66
CA ALA AA 6 36.26 -25.17 -18.36
C ALA AA 6 36.29 -25.38 -19.87
N TRP AA 7 37.20 -26.21 -20.36
CA TRP AA 7 37.29 -26.46 -21.79
C TRP AA 7 36.09 -27.21 -22.32
N ASN AA 8 35.25 -27.74 -21.45
CA ASN AA 8 33.97 -28.29 -21.86
C ASN AA 8 32.82 -27.32 -21.66
N GLU AA 9 32.90 -26.47 -20.64
CA GLU AA 9 31.80 -25.54 -20.36
C GLU AA 9 31.89 -24.30 -21.24
N ILE AA 10 33.00 -23.58 -21.19
CA ILE AA 10 33.12 -22.26 -21.78
C ILE AA 10 34.17 -22.27 -22.89
N PRO AA 11 34.00 -23.07 -23.94
CA PRO AA 11 35.07 -23.19 -24.94
C PRO AA 11 35.49 -21.87 -25.54
N ASP AA 12 34.55 -20.97 -25.83
CA ASP AA 12 34.92 -19.71 -26.47
C ASP AA 12 35.82 -18.89 -25.55
N ILE AA 13 35.53 -18.90 -24.25
CA ILE AA 13 36.34 -18.13 -23.32
C ILE AA 13 37.73 -18.75 -23.20
N VAL AA 14 37.80 -20.08 -23.17
CA VAL AA 14 39.12 -20.72 -23.11
C VAL AA 14 39.91 -20.38 -24.36
N GLY AA 15 39.28 -20.50 -25.53
CA GLY AA 15 39.95 -20.11 -26.75
C GLY AA 15 40.32 -18.65 -26.77
N GLY AA 16 39.40 -17.79 -26.32
CA GLY AA 16 39.71 -16.37 -26.22
C GLY AA 16 40.85 -16.09 -25.25
N SER AA 17 40.84 -16.77 -24.11
CA SER AA 17 41.88 -16.53 -23.11
C SER AA 17 43.25 -16.90 -23.65
N ALA AA 18 43.36 -18.05 -24.31
CA ALA AA 18 44.63 -18.43 -24.91
C ALA AA 18 45.08 -17.38 -25.92
N LEU AA 19 44.13 -16.79 -26.63
CA LEU AA 19 44.46 -15.70 -27.55
C LEU AA 19 45.05 -14.51 -26.80
N ALA AA 20 44.43 -14.13 -25.69
CA ALA AA 20 44.92 -12.96 -24.95
C ALA AA 20 46.33 -13.18 -24.45
N LEU AA 21 46.60 -14.35 -23.85
CA LEU AA 21 47.93 -14.63 -23.36
C LEU AA 21 48.94 -14.63 -24.49
N ALA AA 22 48.55 -15.15 -25.65
CA ALA AA 22 49.43 -15.09 -26.81
C ALA AA 22 49.78 -13.65 -27.14
N GLY AA 23 48.77 -12.77 -27.16
CA GLY AA 23 49.01 -11.40 -27.59
C GLY AA 23 49.96 -10.66 -26.68
N ILE AA 24 49.76 -10.77 -25.36
CA ILE AA 24 50.58 -10.04 -24.42
C ILE AA 24 52.03 -10.50 -24.51
N VAL AA 25 52.26 -11.79 -24.65
CA VAL AA 25 53.64 -12.29 -24.74
C VAL AA 25 54.32 -11.68 -25.95
N MET AA 26 53.68 -11.77 -27.12
CA MET AA 26 54.28 -11.17 -28.30
C MET AA 26 54.31 -9.65 -28.19
N ALA AA 27 53.41 -9.05 -27.41
CA ALA AA 27 53.49 -7.62 -27.19
C ALA AA 27 54.75 -7.26 -26.43
N THR AA 28 55.08 -8.02 -25.39
CA THR AA 28 56.34 -7.80 -24.69
C THR AA 28 57.52 -8.03 -25.61
N ILE AA 29 57.41 -9.04 -26.48
CA ILE AA 29 58.43 -9.25 -27.50
C ILE AA 29 58.52 -8.03 -28.40
N GLY AA 30 57.38 -7.42 -28.70
CA GLY AA 30 57.39 -6.22 -29.53
C GLY AA 30 58.17 -5.09 -28.87
N VAL AA 31 57.90 -4.84 -27.59
CA VAL AA 31 58.59 -3.77 -26.89
C VAL AA 31 60.09 -4.04 -26.87
N ALA AA 32 60.47 -5.29 -26.57
CA ALA AA 32 61.88 -5.63 -26.53
C ALA AA 32 62.53 -5.37 -27.88
N ASN AA 33 61.94 -5.91 -28.95
CA ASN AA 33 62.49 -5.67 -30.28
C ASN AA 33 62.54 -4.19 -30.59
N TYR AA 34 61.56 -3.43 -30.10
CA TYR AA 34 61.53 -2.00 -30.37
C TYR AA 34 62.77 -1.31 -29.82
N TYR AA 35 63.18 -1.66 -28.60
CA TYR AA 35 64.30 -0.99 -27.96
C TYR AA 35 65.64 -1.63 -28.26
N ALA AA 36 65.65 -2.71 -29.02
CA ALA AA 36 66.92 -3.20 -29.57
C ALA AA 36 67.55 -2.17 -30.49
N LYS AA 37 66.74 -1.54 -31.34
CA LYS AA 37 67.21 -0.50 -32.25
C LYS AA 37 67.08 0.89 -31.66
N ASP AA 38 66.67 1.00 -30.39
CA ASP AA 38 66.52 2.24 -29.65
C ASP AA 38 65.26 3.01 -30.08
N GLY AA 39 64.66 2.64 -31.19
CA GLY AA 39 63.27 2.93 -31.48
C GLY AA 39 62.83 4.38 -31.43
N ASP AA 40 63.74 5.31 -31.14
CA ASP AA 40 63.39 6.70 -30.94
C ASP AA 40 64.06 7.64 -31.92
N ASN AA 41 65.27 7.31 -32.37
CA ASN AA 41 65.84 7.95 -33.55
C ASN AA 41 65.18 7.35 -34.79
N ARG AA 42 63.86 7.54 -34.88
CA ARG AA 42 63.09 6.87 -35.91
C ARG AA 42 63.52 7.35 -37.30
N ARG AA 43 63.46 6.43 -38.26
CA ARG AA 43 64.03 6.70 -39.57
C ARG AA 43 63.36 7.89 -40.23
N TYR AA 44 62.04 7.97 -40.16
CA TYR AA 44 61.27 8.98 -40.87
C TYR AA 44 60.54 9.85 -39.87
N LYS AA 45 60.69 11.16 -40.02
CA LYS AA 45 60.25 12.11 -39.02
C LYS AA 45 59.14 13.00 -39.58
N LEU AA 46 58.11 13.17 -38.77
CA LEU AA 46 56.94 13.94 -39.19
C LEU AA 46 57.28 15.43 -39.20
N GLY AA 47 56.79 16.13 -40.21
CA GLY AA 47 57.18 17.51 -40.41
C GLY AA 47 58.49 17.59 -41.17
N TYR AA 48 59.19 18.70 -40.93
CA TYR AA 48 60.44 19.00 -41.62
C TYR AA 48 61.51 19.20 -40.55
N VAL AA 49 62.22 18.13 -40.22
CA VAL AA 49 63.22 18.17 -39.17
C VAL AA 49 64.55 18.60 -39.78
N VAL AA 50 65.21 19.55 -39.12
CA VAL AA 50 66.52 20.04 -39.53
C VAL AA 50 67.37 20.22 -38.28
N TYR AA 51 68.67 19.99 -38.42
CA TYR AA 51 69.62 20.19 -37.32
C TYR AA 51 70.86 20.90 -37.84
N ARG AA 52 71.34 21.86 -37.08
CA ARG AA 52 72.67 22.39 -37.33
C ARG AA 52 73.69 21.27 -37.11
N HIS AA 53 74.76 21.30 -37.88
CA HIS AA 53 75.79 20.28 -37.71
C HIS AA 53 76.38 20.36 -36.31
N ASP AA 54 76.65 19.18 -35.74
CA ASP AA 54 77.16 18.85 -34.39
C ASP AA 54 76.07 18.79 -33.32
N ASP AA 55 74.82 19.07 -33.64
CA ASP AA 55 73.77 19.01 -32.63
C ASP AA 55 73.65 17.57 -32.13
N PRO AA 56 73.50 17.33 -30.81
CA PRO AA 56 73.51 15.94 -30.33
C PRO AA 56 72.47 15.07 -31.02
N ARG AA 57 71.34 15.65 -31.40
CA ARG AA 57 70.43 14.93 -32.29
C ARG AA 57 71.07 14.71 -33.64
N ALA AA 58 71.73 15.73 -34.19
CA ALA AA 58 72.40 15.59 -35.47
C ALA AA 58 73.47 14.51 -35.40
N LEU AA 59 74.20 14.44 -34.29
CA LEU AA 59 75.20 13.40 -34.14
C LEU AA 59 74.57 12.03 -34.11
N LYS AA 60 73.29 11.93 -33.78
CA LYS AA 60 72.60 10.66 -33.59
C LYS AA 60 71.82 10.19 -34.81
N VAL AA 61 71.60 11.06 -35.82
CA VAL AA 61 70.72 10.71 -36.93
C VAL AA 61 71.18 9.42 -37.59
N ARG AA 62 70.24 8.50 -37.76
CA ARG AA 62 70.56 7.25 -38.43
C ARG AA 62 71.02 7.52 -39.85
N ASN AA 63 72.11 6.87 -40.23
CA ASN AA 63 72.64 6.94 -41.58
C ASN AA 63 72.29 5.72 -42.40
N ASP AA 64 71.35 4.90 -41.93
CA ASP AA 64 71.00 3.63 -42.55
C ASP AA 64 70.09 3.91 -43.76
N GLU AA 65 69.48 2.83 -44.29
CA GLU AA 65 68.72 2.92 -45.53
C GLU AA 65 67.22 3.09 -45.29
N ASP AA 66 66.67 2.47 -44.25
CA ASP AA 66 65.25 2.57 -43.97
C ASP AA 66 64.90 1.92 -42.64
N SER BA 1 72.62 46.53 29.12
CA SER BA 1 72.91 47.60 28.17
C SER BA 1 71.90 48.73 28.26
N ALA BA 2 72.18 49.80 27.52
CA ALA BA 2 71.25 50.90 27.32
C ALA BA 2 70.73 50.95 25.90
N VAL BA 3 70.79 49.82 25.19
CA VAL BA 3 70.60 49.76 23.75
C VAL BA 3 69.66 48.60 23.45
N ASN BA 4 68.42 48.91 23.06
CA ASN BA 4 67.40 47.88 22.83
C ASN BA 4 67.72 47.15 21.53
N ASP BA 5 68.63 46.18 21.63
CA ASP BA 5 69.10 45.45 20.46
C ASP BA 5 68.18 44.27 20.21
N PRO BA 6 67.45 44.22 19.09
CA PRO BA 6 66.53 43.10 18.89
C PRO BA 6 67.23 41.74 18.81
N LEU BA 7 68.32 41.66 18.06
CA LEU BA 7 69.00 40.37 17.89
C LEU BA 7 69.53 39.86 19.23
N GLU BA 8 70.30 40.69 19.92
CA GLU BA 8 70.90 40.24 21.17
C GLU BA 8 69.85 39.95 22.22
N LEU BA 9 68.75 40.70 22.20
CA LEU BA 9 67.63 40.39 23.08
C LEU BA 9 67.08 39.01 22.79
N LEU BA 10 67.08 38.61 21.52
CA LEU BA 10 66.55 37.31 21.13
C LEU BA 10 67.55 36.19 21.30
N THR BA 11 68.84 36.50 21.27
CA THR BA 11 69.86 35.45 21.18
C THR BA 11 69.81 34.54 22.40
N ASN BA 12 70.03 33.25 22.16
CA ASN BA 12 69.98 32.25 23.22
C ASN BA 12 71.21 32.40 24.10
N LYS BA 13 71.29 33.50 24.84
CA LYS BA 13 72.43 33.70 25.72
C LYS BA 13 72.43 32.72 26.89
N GLY BA 14 71.32 32.01 27.12
CA GLY BA 14 71.27 31.00 28.16
C GLY BA 14 70.44 31.45 29.35
N THR BA 15 70.87 31.08 30.55
CA THR BA 15 70.16 31.43 31.77
C THR BA 15 68.75 30.84 31.78
N HIS BA 16 68.65 29.59 31.33
CA HIS BA 16 67.37 28.86 31.32
C HIS BA 16 67.65 27.46 31.86
N GLU BA 17 67.54 27.31 33.17
CA GLU BA 17 67.87 26.05 33.82
C GLU BA 17 66.59 25.24 33.98
N PRO BA 18 66.48 24.06 33.40
CA PRO BA 18 65.25 23.27 33.61
C PRO BA 18 65.12 22.78 35.04
N SER BA 19 63.88 22.73 35.50
CA SER BA 19 63.56 22.17 36.81
C SER BA 19 63.78 20.67 36.81
N PHE BA 20 63.83 20.09 38.01
CA PHE BA 20 63.64 18.66 38.14
C PHE BA 20 62.32 18.25 37.51
N LEU BA 21 61.37 19.17 37.47
CA LEU BA 21 60.08 18.95 36.83
C LEU BA 21 60.05 19.33 35.36
N SER BA 22 61.01 20.14 34.89
CA SER BA 22 60.88 20.72 33.57
C SER BA 22 60.81 19.67 32.47
N PRO BA 23 61.72 18.70 32.39
CA PRO BA 23 61.57 17.66 31.37
C PRO BA 23 60.64 16.55 31.79
N ILE BA 24 60.59 16.24 33.09
CA ILE BA 24 59.87 15.04 33.52
C ILE BA 24 58.37 15.23 33.42
N TRP BA 25 57.89 16.45 33.28
CA TRP BA 25 56.46 16.71 33.44
C TRP BA 25 55.63 15.94 32.43
N ASN BA 26 56.04 15.96 31.16
CA ASN BA 26 55.25 15.25 30.14
C ASN BA 26 55.18 13.77 30.42
N PRO BA 27 56.29 13.05 30.66
CA PRO BA 27 56.18 11.63 30.97
C PRO BA 27 55.20 11.31 32.09
N ILE BA 28 55.18 12.11 33.15
CA ILE BA 28 54.34 11.84 34.31
C ILE BA 28 53.00 12.54 34.15
N ALA BA 29 52.69 13.01 32.94
CA ALA BA 29 51.36 13.48 32.60
C ALA BA 29 50.66 12.52 31.65
N CYS BA 30 51.33 12.08 30.59
CA CYS BA 30 50.75 11.12 29.65
C CYS BA 30 50.56 9.76 30.30
N GLY BA 31 51.58 9.28 31.02
CA GLY BA 31 51.43 8.03 31.74
C GLY BA 31 50.33 8.11 32.78
N VAL BA 32 50.26 9.22 33.50
CA VAL BA 32 49.19 9.40 34.47
C VAL BA 32 47.85 9.41 33.76
N ALA BA 33 47.79 9.98 32.56
CA ALA BA 33 46.55 9.93 31.79
C ALA BA 33 46.19 8.49 31.44
N GLY BA 34 47.13 7.76 30.85
CA GLY BA 34 46.82 6.41 30.42
C GLY BA 34 46.45 5.50 31.57
N VAL BA 35 47.13 5.64 32.70
CA VAL BA 35 46.77 4.87 33.87
C VAL BA 35 45.35 5.21 34.32
N GLY BA 36 45.05 6.51 34.38
CA GLY BA 36 43.71 6.92 34.74
C GLY BA 36 42.67 6.45 33.73
N ALA BA 37 43.05 6.42 32.45
CA ALA BA 37 42.11 5.94 31.43
C ALA BA 37 41.77 4.48 31.66
N ALA BA 38 42.77 3.65 31.99
CA ALA BA 38 42.49 2.25 32.27
C ALA BA 38 41.58 2.12 33.48
N ILE BA 39 41.83 2.91 34.51
CA ILE BA 39 40.90 2.93 35.65
C ILE BA 39 39.54 3.39 35.16
N PHE BA 40 39.51 4.35 34.25
CA PHE BA 40 38.24 4.75 33.66
C PHE BA 40 37.60 3.59 32.93
N ILE BA 41 38.42 2.81 32.20
CA ILE BA 41 37.89 1.66 31.46
C ILE BA 41 37.16 0.71 32.40
N ASN BA 42 37.84 0.26 33.44
CA ASN BA 42 37.25 -0.73 34.33
C ASN BA 42 36.07 -0.13 35.09
N TRP BA 43 36.15 1.16 35.41
CA TRP BA 43 35.09 1.80 36.18
C TRP BA 43 33.75 1.71 35.45
N GLY BA 44 33.75 1.98 34.15
CA GLY BA 44 32.50 1.91 33.41
C GLY BA 44 32.05 0.48 33.12
N PHE BA 45 33.01 -0.41 32.86
CA PHE BA 45 32.69 -1.79 32.56
C PHE BA 45 32.27 -2.59 33.79
N ARG BA 46 32.23 -1.98 34.97
CA ARG BA 46 31.92 -2.70 36.21
C ARG BA 46 32.95 -3.79 36.46
N LYS BA 47 34.21 -3.45 36.28
CA LYS BA 47 35.34 -4.33 36.54
C LYS BA 47 36.25 -3.68 37.56
N PRO BA 48 37.05 -4.46 38.28
CA PRO BA 48 37.94 -3.87 39.28
C PRO BA 48 38.99 -3.00 38.60
N VAL BA 49 39.09 -1.75 39.07
CA VAL BA 49 40.06 -0.82 38.50
C VAL BA 49 41.46 -1.38 38.62
N PHE BA 50 41.75 -2.05 39.74
CA PHE BA 50 43.04 -2.69 39.89
C PHE BA 50 43.23 -3.80 38.87
N SER BA 51 42.15 -4.54 38.59
CA SER BA 51 42.27 -5.78 37.83
C SER BA 51 42.75 -5.51 36.41
N GLY BA 52 43.48 -6.49 35.86
CA GLY BA 52 43.99 -6.38 34.52
C GLY BA 52 45.04 -5.30 34.35
N ILE BA 53 46.02 -5.28 35.25
CA ILE BA 53 47.07 -4.27 35.20
C ILE BA 53 47.85 -4.29 33.89
N GLN BA 54 47.70 -5.34 33.07
CA GLN BA 54 48.35 -5.32 31.77
C GLN BA 54 47.85 -4.15 30.94
N LYS BA 55 46.57 -3.82 31.06
CA LYS BA 55 46.05 -2.65 30.37
C LYS BA 55 46.69 -1.37 30.90
N HIS BA 56 46.86 -1.28 32.22
CA HIS BA 56 47.44 -0.07 32.81
C HIS BA 56 48.91 0.08 32.43
N ILE BA 57 49.68 -1.02 32.46
CA ILE BA 57 51.09 -0.91 32.11
C ILE BA 57 51.23 -0.50 30.65
N ALA BA 58 50.47 -1.13 29.77
CA ALA BA 58 50.54 -0.79 28.35
C ALA BA 58 50.15 0.66 28.12
N PHE BA 59 49.08 1.11 28.75
CA PHE BA 59 48.68 2.51 28.61
C PHE BA 59 49.78 3.43 29.10
N GLY BA 60 50.41 3.09 30.21
CA GLY BA 60 51.53 3.89 30.69
C GLY BA 60 52.67 3.92 29.69
N ALA BA 61 53.01 2.77 29.11
CA ALA BA 61 54.15 2.69 28.21
C ALA BA 61 53.93 3.55 26.97
N ILE BA 62 52.76 3.42 26.34
CA ILE BA 62 52.49 4.19 25.14
C ILE BA 62 52.52 5.67 25.44
N GLY BA 63 51.84 6.08 26.52
CA GLY BA 63 51.81 7.49 26.86
C GLY BA 63 53.20 8.06 27.09
N VAL BA 64 54.01 7.37 27.90
CA VAL BA 64 55.36 7.86 28.20
C VAL BA 64 56.13 8.07 26.92
N GLY BA 65 56.06 7.11 25.99
CA GLY BA 65 56.77 7.26 24.74
C GLY BA 65 56.32 8.49 23.98
N ALA BA 66 55.00 8.68 23.87
CA ALA BA 66 54.49 9.81 23.11
C ALA BA 66 54.96 11.13 23.71
N GLY BA 67 54.85 11.27 25.03
CA GLY BA 67 55.31 12.50 25.66
C GLY BA 67 56.77 12.78 25.38
N ALA BA 68 57.61 11.76 25.52
CA ALA BA 68 59.01 11.92 25.16
C ALA BA 68 59.17 12.18 23.67
N TYR BA 69 58.40 11.46 22.84
CA TYR BA 69 58.49 11.68 21.41
C TYR BA 69 58.06 13.10 21.04
N PHE BA 70 57.00 13.60 21.67
CA PHE BA 70 56.48 14.92 21.35
C PHE BA 70 57.25 16.04 22.04
N ASP BA 71 57.77 15.80 23.25
CA ASP BA 71 58.69 16.75 23.83
C ASP BA 71 59.83 17.04 22.86
N GLN BA 72 60.33 16.00 22.21
CA GLN BA 72 61.41 16.17 21.24
C GLN BA 72 60.97 17.05 20.09
N LYS BA 73 59.78 16.78 19.54
CA LYS BA 73 59.32 17.55 18.38
C LYS BA 73 59.19 19.03 18.73
N ARG BA 74 58.66 19.34 19.91
CA ARG BA 74 58.55 20.73 20.33
C ARG BA 74 59.92 21.40 20.35
N ASN BA 75 60.89 20.76 21.01
CA ASN BA 75 62.18 21.40 21.19
C ASN BA 75 62.84 21.70 19.86
N GLU BA 76 62.76 20.77 18.91
CA GLU BA 76 63.16 21.10 17.55
C GLU BA 76 62.34 22.26 17.01
N TYR BA 77 61.03 22.21 17.21
CA TYR BA 77 60.16 23.24 16.66
C TYR BA 77 60.52 24.60 17.22
N LEU BA 78 60.70 24.70 18.53
CA LEU BA 78 61.04 25.98 19.11
C LEU BA 78 62.39 26.46 18.62
N ALA BA 79 63.37 25.56 18.51
CA ALA BA 79 64.68 25.96 18.04
C ALA BA 79 64.59 26.59 16.66
N LYS BA 80 63.82 25.98 15.77
CA LYS BA 80 63.69 26.51 14.42
C LYS BA 80 63.03 27.88 14.44
N ARG BA 81 62.02 28.05 15.29
CA ARG BA 81 61.33 29.33 15.34
C ARG BA 81 62.31 30.44 15.72
N ASP BA 82 63.18 30.18 16.69
CA ASP BA 82 64.19 31.17 17.03
C ASP BA 82 65.11 31.42 15.84
N ALA BA 83 65.47 30.35 15.12
CA ALA BA 83 66.38 30.50 13.99
C ALA BA 83 65.80 31.42 12.94
N VAL BA 84 64.53 31.22 12.58
CA VAL BA 84 63.92 32.09 11.58
C VAL BA 84 63.87 33.53 12.07
N LEU BA 85 63.42 33.75 13.31
CA LEU BA 85 63.25 35.11 13.78
C LEU BA 85 64.58 35.85 13.83
N ARG BA 86 65.62 35.18 14.31
CA ARG BA 86 66.94 35.79 14.25
C ARG BA 86 67.36 36.02 12.81
N HIS BA 87 67.00 35.10 11.91
CA HIS BA 87 67.34 35.28 10.51
C HIS BA 87 66.65 36.52 9.93
N TYR BA 88 65.36 36.68 10.23
CA TYR BA 88 64.62 37.80 9.67
C TYR BA 88 65.12 39.13 10.22
N ILE BA 89 65.54 39.16 11.48
CA ILE BA 89 66.12 40.38 12.01
C ILE BA 89 67.41 40.70 11.28
N GLU BA 90 68.26 39.69 11.11
CA GLU BA 90 69.50 39.91 10.36
C GLU BA 90 69.21 40.26 8.91
N LEU BA 91 68.08 39.80 8.37
CA LEU BA 91 67.78 40.10 6.99
C LEU BA 91 67.40 41.57 6.80
N HIS BA 92 66.61 42.11 7.72
CA HIS BA 92 66.04 43.46 7.60
C HIS BA 92 66.47 44.33 8.77
N PRO BA 93 67.77 44.57 8.93
CA PRO BA 93 68.19 45.53 9.96
C PRO BA 93 67.65 46.91 9.71
N ASP BA 94 67.45 47.28 8.44
CA ASP BA 94 66.84 48.57 8.12
C ASP BA 94 65.44 48.67 8.69
N ASP BA 95 64.68 47.58 8.63
CA ASP BA 95 63.31 47.59 9.13
C ASP BA 95 63.26 47.62 10.65
N PHE BA 96 64.32 47.17 11.32
CA PHE BA 96 64.39 47.15 12.78
C PHE BA 96 65.70 47.76 13.24
N PRO BA 97 65.89 49.06 13.04
CA PRO BA 97 67.10 49.68 13.58
C PRO BA 97 67.14 49.54 15.08
N VAL BA 98 68.32 49.23 15.60
CA VAL BA 98 68.47 49.06 17.04
C VAL BA 98 68.10 50.33 17.76
N LYS BA 99 67.30 50.21 18.82
CA LYS BA 99 66.76 51.33 19.54
C LYS BA 99 67.45 51.50 20.88
N GLU BA 100 67.43 52.73 21.38
CA GLU BA 100 68.20 53.14 22.54
C GLU BA 100 67.32 53.19 23.78
N ARG BA 101 67.81 52.64 24.89
CA ARG BA 101 67.08 52.66 26.15
C ARG BA 101 67.30 54.00 26.85
N LYS BA 102 66.21 54.61 27.30
CA LYS BA 102 66.27 55.85 28.06
C LYS BA 102 65.75 55.61 29.47
N THR BA 103 65.68 56.69 30.25
CA THR BA 103 65.29 56.62 31.66
C THR BA 103 64.16 57.59 31.92
N TYR BA 104 63.41 57.29 32.98
CA TYR BA 104 62.23 58.09 33.31
C TYR BA 104 62.59 59.55 33.55
N GLY BA 105 63.80 59.82 34.04
CA GLY BA 105 64.20 61.20 34.24
C GLY BA 105 64.18 62.02 32.97
N GLN BA 106 64.15 61.37 31.82
CA GLN BA 106 64.17 62.02 30.52
C GLN BA 106 62.78 62.07 29.88
N VAL BA 107 61.75 61.64 30.59
CA VAL BA 107 60.40 61.53 30.06
C VAL BA 107 59.45 62.27 30.99
N LEU BA 108 58.30 62.65 30.44
CA LEU BA 108 57.22 63.30 31.19
C LEU BA 108 55.93 62.55 30.90
N GLU BA 109 55.42 61.85 31.90
CA GLU BA 109 54.18 61.10 31.77
C GLU BA 109 53.09 61.92 32.45
N SER BA 110 51.84 61.45 32.39
CA SER BA 110 50.72 62.09 33.08
C SER BA 110 50.14 61.11 34.08
N TRP BA 111 50.05 61.54 35.35
CA TRP BA 111 49.58 60.68 36.41
C TRP BA 111 48.10 60.90 36.65
N VAL BA 112 47.56 60.17 37.62
CA VAL BA 112 46.15 60.25 37.98
C VAL BA 112 46.06 60.69 39.44
N PRO BA 113 45.64 61.91 39.72
CA PRO BA 113 45.44 62.31 41.13
C PRO BA 113 44.12 61.78 41.66
N VAL BA 114 44.19 60.92 42.67
CA VAL BA 114 42.96 60.46 43.32
C VAL BA 114 42.28 61.63 44.02
N ARG BA 115 43.04 62.38 44.80
CA ARG BA 115 42.54 63.53 45.57
C ARG BA 115 41.16 63.32 46.16
N SER CA 1 49.10 28.73 -10.22
CA SER CA 1 48.03 27.86 -9.77
C SER CA 1 47.97 27.82 -8.25
N LEU CA 2 46.77 28.07 -7.72
CA LEU CA 2 46.53 28.00 -6.29
C LEU CA 2 47.19 26.78 -5.67
N THR CA 3 47.80 26.99 -4.51
CA THR CA 3 48.75 26.04 -3.96
C THR CA 3 48.03 24.99 -3.11
N PRO CA 4 48.10 23.71 -3.45
CA PRO CA 4 47.57 22.69 -2.54
C PRO CA 4 48.25 22.81 -1.19
N PHE CA 5 47.44 22.89 -0.13
CA PHE CA 5 48.02 23.05 1.19
C PHE CA 5 48.89 21.85 1.56
N LEU CA 6 48.35 20.64 1.43
CA LEU CA 6 49.03 19.47 1.95
C LEU CA 6 50.15 18.99 1.03
N ARG CA 7 49.96 19.10 -0.28
CA ARG CA 7 50.98 18.73 -1.26
C ARG CA 7 51.38 17.26 -1.13
N LEU CA 8 50.39 16.41 -0.85
CA LEU CA 8 50.60 14.98 -0.64
C LEU CA 8 50.87 14.29 -1.98
N PRO CA 9 51.14 12.98 -1.99
CA PRO CA 9 51.43 12.31 -3.27
C PRO CA 9 50.29 12.26 -4.26
N LEU CA 10 49.11 12.78 -3.93
CA LEU CA 10 47.98 12.75 -4.85
C LEU CA 10 47.71 14.11 -5.49
N THR CA 11 48.52 15.13 -5.16
CA THR CA 11 48.71 16.25 -6.07
C THR CA 11 49.42 15.80 -7.34
N ASP CA 12 50.03 14.63 -7.31
CA ASP CA 12 50.80 14.09 -8.41
C ASP CA 12 49.95 13.64 -9.57
N LEU CA 13 48.63 13.63 -9.42
CA LEU CA 13 47.73 13.26 -10.51
C LEU CA 13 47.25 14.49 -11.26
N THR CA 14 46.79 15.49 -10.54
CA THR CA 14 46.12 16.64 -11.15
C THR CA 14 46.98 17.88 -11.26
N GLY CA 15 48.19 17.87 -10.69
CA GLY CA 15 49.02 19.07 -10.77
C GLY CA 15 49.41 19.40 -12.19
N CYS CA 16 49.89 18.40 -12.92
CA CYS CA 16 50.12 18.51 -14.34
C CYS CA 16 48.88 18.17 -15.15
N LEU CA 17 47.70 18.18 -14.52
CA LEU CA 17 46.45 17.79 -15.16
C LEU CA 17 46.32 18.39 -16.55
N ILE CA 18 46.24 19.70 -16.62
CA ILE CA 18 46.15 20.40 -17.88
C ILE CA 18 47.04 21.63 -17.80
N ASN CA 19 47.97 21.71 -18.73
CA ASN CA 19 49.08 22.65 -18.73
C ASN CA 19 48.88 23.69 -19.83
N HIS CA 20 49.01 24.97 -19.47
CA HIS CA 20 49.02 26.01 -20.49
C HIS CA 20 50.21 25.86 -21.42
N GLN CA 21 51.35 25.51 -20.84
CA GLN CA 21 52.64 25.78 -21.46
C GLN CA 21 52.84 25.04 -22.77
N THR CA 22 52.51 23.76 -22.82
CA THR CA 22 53.04 22.94 -23.91
C THR CA 22 52.43 23.30 -25.27
N TYR CA 23 53.30 23.61 -26.23
CA TYR CA 23 52.91 23.91 -27.60
C TYR CA 23 51.96 25.09 -27.66
N ASP CA 24 52.26 26.13 -26.89
CA ASP CA 24 51.44 27.33 -26.84
C ASP CA 24 52.33 28.56 -26.91
N LYS CA 25 51.96 29.52 -27.75
CA LYS CA 25 52.67 30.79 -27.76
C LYS CA 25 52.57 31.44 -26.39
N CYS CA 26 51.40 31.35 -25.76
CA CYS CA 26 51.24 31.88 -24.40
C CYS CA 26 52.09 31.10 -23.42
N GLY CA 27 52.43 29.86 -23.76
CA GLY CA 27 53.25 29.06 -22.88
C GLY CA 27 54.58 29.70 -22.56
N LYS CA 28 55.20 30.33 -23.55
CA LYS CA 28 56.40 31.09 -23.29
C LYS CA 28 56.15 32.15 -22.24
N PHE CA 29 54.99 32.80 -22.30
CA PHE CA 29 54.63 33.79 -21.29
C PHE CA 29 54.34 33.13 -19.96
N GLU CA 30 53.79 31.92 -19.98
CA GLU CA 30 53.57 31.20 -18.74
C GLU CA 30 54.88 30.94 -18.01
N MET CA 31 55.91 30.52 -18.74
CA MET CA 31 57.19 30.32 -18.10
C MET CA 31 57.76 31.63 -17.61
N LYS CA 32 57.66 32.70 -18.41
CA LYS CA 32 58.12 34.00 -17.93
C LYS CA 32 57.46 34.32 -16.59
N MET CA 33 56.19 33.98 -16.44
CA MET CA 33 55.52 34.19 -15.15
C MET CA 33 55.96 33.15 -14.12
N MET CA 34 55.65 31.88 -14.40
CA MET CA 34 55.61 30.88 -13.33
C MET CA 34 56.97 30.74 -12.65
N GLU CA 35 58.05 31.10 -13.33
CA GLU CA 35 59.33 31.15 -12.65
C GLU CA 35 59.31 32.19 -11.54
N CYS CA 36 58.76 33.38 -11.84
CA CYS CA 36 58.72 34.43 -10.84
C CYS CA 36 57.85 34.06 -9.66
N PHE CA 37 56.67 33.50 -9.94
CA PHE CA 37 55.81 33.01 -8.87
C PHE CA 37 56.58 32.07 -7.96
N GLU CA 38 57.42 31.22 -8.55
CA GLU CA 38 58.28 30.37 -7.74
C GLU CA 38 59.27 31.21 -6.93
N ALA CA 39 59.74 32.31 -7.49
CA ALA CA 39 60.75 33.11 -6.81
C ALA CA 39 60.16 33.91 -5.66
N TYR CA 40 59.02 34.56 -5.89
CA TYR CA 40 58.42 35.47 -4.92
C TYR CA 40 57.20 34.89 -4.23
N GLY CA 41 57.07 33.58 -4.20
CA GLY CA 41 55.87 33.03 -3.64
C GLY CA 41 54.66 33.39 -4.50
N LEU CA 42 53.49 33.21 -3.89
CA LEU CA 42 52.22 33.45 -4.58
C LEU CA 42 51.57 34.77 -4.20
N GLU CA 43 52.12 35.50 -3.24
CA GLU CA 43 51.52 36.74 -2.75
C GLU CA 43 52.38 37.96 -3.07
N ARG CA 44 53.69 37.89 -2.79
CA ARG CA 44 54.58 38.92 -3.32
C ARG CA 44 54.72 38.80 -4.84
N GLY CA 45 54.70 37.58 -5.37
CA GLY CA 45 54.78 37.42 -6.81
C GLY CA 45 53.58 38.01 -7.51
N LYS CA 46 52.38 37.73 -7.00
CA LYS CA 46 51.19 38.35 -7.56
C LYS CA 46 51.26 39.87 -7.47
N ARG CA 47 52.03 40.39 -6.52
CA ARG CA 47 52.29 41.82 -6.47
C ARG CA 47 53.22 42.25 -7.59
N GLU CA 48 54.28 41.47 -7.85
CA GLU CA 48 55.39 41.93 -8.68
C GLU CA 48 55.48 41.20 -10.03
N CYS CA 49 54.35 40.76 -10.56
CA CYS CA 49 54.28 40.20 -11.92
C CYS CA 49 53.43 41.06 -12.83
N ALA CA 50 53.58 42.38 -12.73
CA ALA CA 50 52.72 43.29 -13.49
C ALA CA 50 52.80 42.99 -14.99
N ASP CA 51 53.97 43.16 -15.57
CA ASP CA 51 54.10 42.91 -17.01
C ASP CA 51 53.87 41.44 -17.33
N LEU CA 52 54.37 40.54 -16.49
CA LEU CA 52 54.28 39.12 -16.79
C LEU CA 52 52.83 38.68 -16.88
N ILE CA 53 52.01 39.07 -15.91
CA ILE CA 53 50.60 38.70 -15.93
C ILE CA 53 49.87 39.43 -17.05
N SER CA 54 50.22 40.69 -17.29
CA SER CA 54 49.57 41.45 -18.34
C SER CA 54 49.71 40.75 -19.68
N ASP CA 55 50.93 40.41 -20.07
CA ASP CA 55 51.14 39.83 -21.39
C ASP CA 55 50.66 38.39 -21.44
N PHE CA 56 50.95 37.60 -20.41
CA PHE CA 56 50.46 36.23 -20.35
C PHE CA 56 48.95 36.19 -20.54
N GLN CA 57 48.25 37.03 -19.79
CA GLN CA 57 46.80 37.15 -19.94
C GLN CA 57 46.44 37.61 -21.34
N GLU CA 58 47.17 38.60 -21.86
CA GLU CA 58 46.80 39.15 -23.15
C GLU CA 58 46.93 38.10 -24.25
N CYS CA 59 47.95 37.27 -24.17
CA CYS CA 59 48.20 36.30 -25.23
C CYS CA 59 47.02 35.34 -25.33
N VAL CA 60 46.74 34.60 -24.26
CA VAL CA 60 45.60 33.70 -24.25
C VAL CA 60 44.29 34.48 -24.22
N GLY CA 61 44.20 35.47 -23.32
CA GLY CA 61 42.94 36.14 -23.13
C GLY CA 61 42.53 36.96 -24.33
N MET CA 62 43.49 37.55 -25.02
CA MET CA 62 43.24 38.35 -26.21
C MET CA 62 42.30 39.51 -25.93
N GLN CA 63 42.05 39.81 -24.65
CA GLN CA 63 41.11 40.86 -24.29
C GLN CA 63 41.50 42.17 -24.96
N LYS CA 64 42.67 42.67 -24.60
CA LYS CA 64 43.12 43.96 -25.11
C LYS CA 64 43.18 43.98 -26.63
N GLN CA 65 43.81 42.97 -27.22
CA GLN CA 65 43.93 42.95 -28.67
C GLN CA 65 42.56 42.82 -29.32
N LEU CA 66 41.77 41.83 -28.90
CA LEU CA 66 40.49 41.62 -29.55
C LEU CA 66 39.56 42.82 -29.38
N MET CA 67 39.50 43.40 -28.19
CA MET CA 67 38.58 44.53 -28.01
C MET CA 67 39.03 45.70 -28.86
N ARG CA 68 40.34 45.80 -29.11
CA ARG CA 68 40.82 46.84 -30.00
C ARG CA 68 40.20 46.67 -31.37
N PHE CA 69 40.11 45.43 -31.85
CA PHE CA 69 39.46 45.19 -33.12
C PHE CA 69 37.99 45.57 -33.07
N HIS CA 70 37.29 45.19 -32.01
CA HIS CA 70 35.84 45.41 -31.97
C HIS CA 70 35.51 46.89 -32.08
N ALA CA 71 36.21 47.73 -31.32
CA ALA CA 71 36.04 49.16 -31.49
C ALA CA 71 36.49 49.60 -32.87
N MET CA 72 37.54 48.98 -33.39
CA MET CA 72 38.08 49.36 -34.68
C MET CA 72 37.05 49.15 -35.79
N ARG CA 73 36.35 48.01 -35.76
CA ARG CA 73 35.34 47.78 -36.79
C ARG CA 73 34.04 48.53 -36.50
N ASN CA 74 33.67 48.67 -35.22
CA ASN CA 74 32.51 49.49 -34.91
C ASN CA 74 32.68 50.89 -35.50
N GLU CA 75 33.87 51.45 -35.36
CA GLU CA 75 34.12 52.79 -35.85
C GLU CA 75 33.97 52.85 -37.37
N ARG CA 76 34.34 51.78 -38.06
CA ARG CA 76 34.07 51.69 -39.49
C ARG CA 76 32.58 51.77 -39.77
N TYR CA 77 31.79 51.01 -39.02
CA TYR CA 77 30.34 51.06 -39.18
C TYR CA 77 29.78 52.42 -38.82
N LYS CA 78 30.36 53.05 -37.78
CA LYS CA 78 29.81 54.32 -37.32
C LYS CA 78 29.91 55.38 -38.41
N GLN CA 79 31.05 55.47 -39.09
CA GLN CA 79 31.17 56.40 -40.20
C GLN CA 79 30.21 56.03 -41.33
N TRP CA 80 30.00 54.73 -41.55
CA TRP CA 80 29.00 54.33 -42.53
C TRP CA 80 27.62 54.83 -42.14
N LEU CA 81 27.29 54.72 -40.86
CA LEU CA 81 25.99 55.21 -40.40
C LEU CA 81 25.87 56.71 -40.60
N LYS CA 82 26.95 57.45 -40.30
CA LYS CA 82 26.98 58.87 -40.64
C LYS CA 82 27.05 59.10 -42.14
N GLY CA 83 27.26 58.06 -42.94
CA GLY CA 83 27.19 58.15 -44.38
C GLY CA 83 28.50 58.41 -45.08
N GLU CA 84 29.61 58.48 -44.33
CA GLU CA 84 30.90 58.76 -44.95
C GLU CA 84 31.28 57.66 -45.93
N ARG CA 85 31.03 56.41 -45.56
CA ARG CA 85 31.36 55.27 -46.38
C ARG CA 85 30.16 54.87 -47.22
N LYS CA 86 30.38 54.73 -48.53
CA LYS CA 86 29.34 54.41 -49.49
C LYS CA 86 29.51 52.95 -49.93
N GLY CA 87 28.72 52.55 -50.92
CA GLY CA 87 28.68 51.15 -51.33
C GLY CA 87 30.04 50.56 -51.66
N GLN CA 88 30.97 51.39 -52.14
CA GLN CA 88 32.30 50.91 -52.49
C GLN CA 88 33.26 50.97 -51.30
N GLU CA 89 33.44 52.17 -50.75
CA GLU CA 89 34.47 52.38 -49.74
C GLU CA 89 34.16 51.65 -48.44
N PHE CA 90 32.95 51.12 -48.29
CA PHE CA 90 32.53 50.57 -47.01
C PHE CA 90 33.41 49.42 -46.54
N PHE CA 91 34.13 48.76 -47.45
CA PHE CA 91 35.06 47.71 -47.05
C PHE CA 91 36.38 47.91 -47.77
N ALA CA 92 37.42 47.29 -47.21
CA ALA CA 92 38.75 47.38 -47.78
C ALA CA 92 38.98 46.20 -48.71
N ASP CA 93 40.21 46.02 -49.12
CA ASP CA 93 40.57 44.99 -50.07
C ASP CA 93 40.69 43.63 -49.36
N PRO CA 94 40.47 42.52 -50.07
CA PRO CA 94 40.50 41.22 -49.42
C PRO CA 94 41.92 40.68 -49.34
N PRO CA 95 42.40 40.29 -48.16
CA PRO CA 95 43.73 39.69 -48.11
C PRO CA 95 43.78 38.41 -48.93
N ARG CA 96 44.91 38.19 -49.59
CA ARG CA 96 45.07 36.98 -50.39
C ARG CA 96 44.87 35.76 -49.50
N VAL CA 97 44.03 34.83 -49.95
CA VAL CA 97 43.57 33.74 -49.09
C VAL CA 97 44.76 32.95 -48.56
N ASP CA 98 45.83 32.86 -49.33
CA ASP CA 98 46.99 32.10 -48.89
C ASP CA 98 47.81 32.81 -47.83
N ALA CA 99 47.38 33.99 -47.41
CA ALA CA 99 48.07 34.71 -46.34
C ALA CA 99 47.66 34.13 -45.00
N TYR CA 100 48.04 34.80 -43.92
CA TYR CA 100 47.94 34.29 -42.55
C TYR CA 100 48.05 32.78 -42.45
N MET DA 1 47.59 3.98 65.86
CA MET DA 1 47.35 2.54 65.74
C MET DA 1 46.76 2.00 67.04
N VAL DA 2 45.93 2.82 67.68
CA VAL DA 2 45.27 2.46 68.93
C VAL DA 2 43.86 1.92 68.68
N LEU DA 3 43.53 1.61 67.41
CA LEU DA 3 42.19 1.20 66.99
C LEU DA 3 41.22 2.39 66.95
N GLY DA 4 41.66 3.55 67.44
CA GLY DA 4 40.94 4.79 67.24
C GLY DA 4 41.56 5.58 66.10
N LEU DA 5 42.74 5.16 65.66
CA LEU DA 5 43.43 5.74 64.51
C LEU DA 5 43.76 4.65 63.47
N ASP DA 6 42.94 3.60 63.44
CA ASP DA 6 43.22 2.44 62.59
C ASP DA 6 42.75 2.72 61.16
N LYS DA 7 43.70 2.67 60.22
CA LYS DA 7 43.47 2.92 58.80
C LYS DA 7 43.22 4.39 58.52
N ARG DA 8 43.12 5.21 59.57
CA ARG DA 8 42.74 6.59 59.36
C ARG DA 8 43.97 7.48 59.19
N ALA DA 9 44.89 7.43 60.14
CA ALA DA 9 46.19 8.05 59.92
C ALA DA 9 46.94 7.34 58.81
N LEU DA 10 46.74 6.03 58.68
CA LEU DA 10 47.44 5.26 57.66
C LEU DA 10 47.17 5.83 56.27
N TRP DA 11 45.90 6.00 55.92
CA TRP DA 11 45.60 6.71 54.70
C TRP DA 11 46.01 8.17 54.81
N GLY DA 12 45.89 8.76 56.01
CA GLY DA 12 46.25 10.15 56.22
C GLY DA 12 47.70 10.45 55.92
N ALA DA 13 48.55 9.43 55.82
CA ALA DA 13 49.94 9.65 55.44
C ALA DA 13 50.04 10.27 54.05
N LEU DA 14 49.24 9.77 53.11
CA LEU DA 14 49.39 10.22 51.72
C LEU DA 14 49.26 11.73 51.58
N PRO DA 15 48.29 12.39 52.22
CA PRO DA 15 48.34 13.86 52.23
C PRO DA 15 49.65 14.40 52.78
N LEU DA 16 50.20 13.78 53.82
CA LEU DA 16 51.52 14.21 54.29
C LEU DA 16 52.60 13.90 53.25
N LEU DA 17 52.45 12.80 52.51
CA LEU DA 17 53.36 12.56 51.40
C LEU DA 17 53.28 13.71 50.40
N GLY DA 18 52.08 14.21 50.14
CA GLY DA 18 51.95 15.34 49.25
C GLY DA 18 52.76 16.54 49.70
N PHE DA 19 52.74 16.81 51.01
CA PHE DA 19 53.50 17.94 51.53
C PHE DA 19 55.00 17.73 51.34
N ALA DA 20 55.49 16.50 51.58
CA ALA DA 20 56.91 16.23 51.38
C ALA DA 20 57.31 16.45 49.93
N ILE DA 21 56.54 15.87 49.00
CA ILE DA 21 56.82 16.09 47.58
C ILE DA 21 56.68 17.56 47.23
N GLY DA 22 55.63 18.20 47.73
CA GLY DA 22 55.48 19.62 47.50
C GLY DA 22 56.66 20.41 48.03
N HIS DA 23 57.14 20.06 49.22
CA HIS DA 23 58.28 20.78 49.77
C HIS DA 23 59.50 20.64 48.88
N PHE DA 24 59.86 19.40 48.54
CA PHE DA 24 61.08 19.16 47.79
C PHE DA 24 61.04 19.87 46.44
N LEU DA 25 59.91 19.81 45.75
CA LEU DA 25 59.79 20.49 44.46
C LEU DA 25 60.07 21.98 44.60
N ASP DA 26 59.39 22.63 45.55
CA ASP DA 26 59.57 24.07 45.69
C ASP DA 26 60.98 24.41 46.13
N LYS DA 27 61.63 23.54 46.88
CA LYS DA 27 63.03 23.79 47.22
C LYS DA 27 63.88 23.81 45.95
N LYS DA 28 63.57 22.93 45.00
CA LYS DA 28 64.28 22.96 43.73
C LYS DA 28 64.00 24.25 42.96
N GLU DA 29 62.80 24.82 43.13
CA GLU DA 29 62.53 26.15 42.57
C GLU DA 29 63.52 27.16 43.13
N THR DA 30 63.79 27.07 44.43
CA THR DA 30 64.81 27.92 45.01
C THR DA 30 66.16 27.71 44.33
N GLU DA 31 66.33 26.56 43.68
CA GLU DA 31 67.54 26.37 42.88
C GLU DA 31 67.49 27.16 41.58
N ARG DA 32 66.40 27.07 40.81
CA ARG DA 32 66.39 27.85 39.58
C ARG DA 32 66.34 29.33 39.92
N MET DA 33 65.86 29.66 41.11
CA MET DA 33 65.90 31.02 41.61
C MET DA 33 67.23 31.71 41.39
N THR DA 34 68.34 31.01 41.58
CA THR DA 34 69.58 31.73 41.85
C THR DA 34 70.10 32.45 40.61
N MET DA 35 69.88 33.76 40.60
CA MET DA 35 70.52 34.68 39.65
C MET DA 35 71.06 35.89 40.39
N PHE DA 36 70.43 36.23 41.50
CA PHE DA 36 70.79 37.40 42.29
C PHE DA 36 71.16 36.96 43.69
N ARG DA 37 71.45 35.68 43.88
CA ARG DA 37 71.67 35.17 45.22
C ARG DA 37 72.90 35.85 45.75
N ASP DA 38 72.68 36.90 46.52
CA ASP DA 38 73.67 37.79 47.14
C ASP DA 38 74.16 38.85 46.14
N LYS DA 39 73.59 38.93 44.93
CA LYS DA 39 74.00 39.88 43.91
C LYS DA 39 72.90 40.91 43.63
N SER DA 40 72.06 41.22 44.60
CA SER DA 40 71.00 42.20 44.41
C SER DA 40 71.61 43.60 44.44
N ALA DA 41 70.75 44.60 44.52
CA ALA DA 41 71.17 45.99 44.70
C ALA DA 41 70.76 46.55 46.06
N LEU DA 42 70.08 45.76 46.89
CA LEU DA 42 69.69 46.18 48.24
C LEU DA 42 70.37 45.34 49.30
N TYR DA 43 70.20 44.02 49.27
CA TYR DA 43 70.91 43.14 50.18
C TYR DA 43 72.27 42.72 49.66
N GLY DA 44 72.59 43.03 48.40
CA GLY DA 44 73.71 42.43 47.71
C GLY DA 44 75.06 42.75 48.31
N ARG DA 45 75.70 41.75 48.92
CA ARG DA 45 77.04 41.95 49.46
C ARG DA 45 77.99 42.20 48.30
N PRO DA 46 78.84 43.23 48.37
CA PRO DA 46 79.69 43.53 47.20
C PRO DA 46 80.68 42.43 46.87
N ALA DA 47 81.57 42.14 47.82
CA ALA DA 47 82.60 41.13 47.67
C ALA DA 47 83.18 40.82 49.03
N GLY DA 48 83.04 39.59 49.48
CA GLY DA 48 83.40 39.21 50.84
C GLY DA 48 82.18 39.08 51.72
N SER DA 49 82.40 38.45 52.87
CA SER DA 49 81.38 37.90 53.77
C SER DA 49 80.89 36.57 53.23
N GLU DA 50 81.56 36.00 52.21
CA GLU DA 50 81.15 34.72 51.65
C GLU DA 50 81.24 33.64 52.71
N GLY DA 51 82.47 33.31 53.12
CA GLY DA 51 82.73 32.39 54.20
C GLY DA 51 81.79 31.19 54.30
N LYS DA 52 81.43 30.61 53.16
CA LYS DA 52 80.48 29.49 53.13
C LYS DA 52 79.17 29.88 53.80
N ALA DA 53 78.65 31.04 53.42
CA ALA DA 53 77.41 31.59 53.98
C ALA DA 53 76.49 31.95 52.83
N PRO DA 54 75.95 30.95 52.15
CA PRO DA 54 74.97 31.25 51.09
C PRO DA 54 73.66 31.69 51.71
N SER DA 55 73.60 32.96 52.10
CA SER DA 55 72.39 33.55 52.66
C SER DA 55 71.19 33.19 51.79
N TRP DA 56 70.20 32.56 52.40
CA TRP DA 56 69.25 31.75 51.64
C TRP DA 56 69.94 31.04 50.49
N LEU EA 1 8.70 0.92 79.65
CA LEU EA 1 9.53 1.55 80.66
C LEU EA 1 8.69 1.88 81.91
N THR EA 2 9.36 1.95 83.05
CA THR EA 2 8.70 2.22 84.33
C THR EA 2 9.66 3.06 85.17
N THR EA 3 9.37 3.13 86.48
CA THR EA 3 10.12 4.03 87.36
C THR EA 3 11.62 3.76 87.31
N GLU EA 4 12.03 2.51 87.52
CA GLU EA 4 13.46 2.23 87.60
C GLU EA 4 14.13 2.34 86.25
N ASP EA 5 13.39 2.11 85.16
CA ASP EA 5 13.98 2.33 83.84
C ASP EA 5 14.39 3.78 83.66
N PHE EA 6 13.47 4.71 83.96
CA PHE EA 6 13.82 6.12 83.90
C PHE EA 6 14.89 6.47 84.93
N ALA EA 7 14.78 5.92 86.14
CA ALA EA 7 15.66 6.33 87.23
C ALA EA 7 17.11 5.98 86.93
N ASN EA 8 17.36 4.80 86.38
CA ASN EA 8 18.70 4.33 86.05
C ASN EA 8 18.67 3.81 84.62
N PRO EA 9 18.81 4.70 83.62
CA PRO EA 9 18.74 4.25 82.24
C PRO EA 9 19.90 3.32 81.88
N SER EA 10 19.64 2.43 80.93
CA SER EA 10 20.60 1.40 80.57
C SER EA 10 21.74 1.97 79.75
N PRO EA 11 22.86 1.25 79.67
CA PRO EA 11 23.99 1.72 78.86
C PRO EA 11 23.90 1.26 77.41
N LYS EA 12 22.71 0.83 76.98
CA LYS EA 12 22.55 0.44 75.58
C LYS EA 12 22.45 1.67 74.69
N ASN EA 13 21.42 2.49 74.91
CA ASN EA 13 21.23 3.68 74.10
C ASN EA 13 22.44 4.60 74.21
N TRP EA 14 22.54 5.52 73.27
CA TRP EA 14 23.62 6.49 73.28
C TRP EA 14 23.19 7.74 72.52
N GLN EA 15 23.51 8.90 73.09
CA GLN EA 15 23.06 10.19 72.57
C GLN EA 15 24.06 10.67 71.52
N SER EA 16 23.62 10.69 70.27
CA SER EA 16 24.50 11.07 69.17
C SER EA 16 25.01 12.50 69.36
N TYR EA 17 26.30 12.69 69.12
CA TYR EA 17 26.90 14.02 69.11
C TYR EA 17 26.76 14.70 67.76
N GLY EA 18 25.87 14.22 66.91
CA GLY EA 18 25.58 14.90 65.66
C GLY EA 18 26.49 14.52 64.51
N PHE EA 19 27.48 13.66 64.73
CA PHE EA 19 28.44 13.31 63.70
C PHE EA 19 28.16 11.96 63.05
N ASP EA 20 27.77 10.96 63.84
CA ASP EA 20 27.53 9.63 63.31
C ASP EA 20 26.44 8.97 64.14
N TYR EA 21 25.38 8.52 63.48
CA TYR EA 21 24.20 8.01 64.16
C TYR EA 21 24.10 6.49 64.11
N LYS EA 22 25.23 5.81 63.96
CA LYS EA 22 25.25 4.35 63.81
C LYS EA 22 26.02 3.67 64.93
N ASP EA 23 27.26 4.06 65.14
CA ASP EA 23 28.14 3.47 66.15
C ASP EA 23 28.45 4.48 67.24
N GLN EA 24 28.40 4.02 68.48
CA GLN EA 24 28.80 4.89 69.59
C GLN EA 24 30.25 5.34 69.44
N VAL EA 25 31.17 4.40 69.28
CA VAL EA 25 32.58 4.77 69.31
C VAL EA 25 32.94 5.59 68.08
N GLU EA 26 32.34 5.27 66.92
CA GLU EA 26 32.61 6.05 65.71
C GLU EA 26 32.17 7.49 65.90
N ASP EA 27 31.00 7.69 66.50
CA ASP EA 27 30.56 9.04 66.80
C ASP EA 27 31.50 9.72 67.78
N ARG EA 28 31.87 9.02 68.86
CA ARG EA 28 32.67 9.66 69.89
C ARG EA 28 34.10 9.90 69.41
N LYS EA 29 34.67 8.96 68.67
CA LYS EA 29 36.02 9.17 68.17
C LYS EA 29 36.05 10.27 67.11
N ALA EA 30 35.00 10.35 66.30
CA ALA EA 30 34.90 11.46 65.35
C ALA EA 30 34.87 12.79 66.08
N THR EA 31 33.97 12.93 67.06
CA THR EA 31 33.89 14.16 67.82
C THR EA 31 35.19 14.43 68.56
N LYS EA 32 35.77 13.40 69.17
CA LYS EA 32 37.04 13.57 69.84
C LYS EA 32 38.10 14.05 68.86
N SER EA 33 38.23 13.36 67.72
CA SER EA 33 39.23 13.74 66.73
C SER EA 33 38.92 15.11 66.14
N THR EA 34 37.66 15.35 65.78
CA THR EA 34 37.28 16.61 65.16
C THR EA 34 37.56 17.77 66.10
N PHE EA 35 37.28 17.59 67.38
CA PHE EA 35 37.43 18.70 68.31
C PHE EA 35 38.91 19.06 68.45
N PHE EA 36 39.77 18.05 68.55
CA PHE EA 36 41.19 18.29 68.70
C PHE EA 36 41.74 19.05 67.50
N VAL EA 37 41.47 18.54 66.31
CA VAL EA 37 42.09 19.10 65.11
C VAL EA 37 41.70 20.55 64.94
N THR EA 38 40.47 20.88 65.29
CA THR EA 38 39.95 22.23 65.05
C THR EA 38 40.41 23.22 66.11
N VAL EA 39 40.28 22.87 67.39
CA VAL EA 39 40.42 23.84 68.46
C VAL EA 39 41.87 24.00 68.88
N THR EA 40 42.45 22.95 69.46
CA THR EA 40 43.81 23.05 69.98
C THR EA 40 44.80 23.34 68.86
N LEU EA 41 44.63 22.66 67.73
CA LEU EA 41 45.66 22.68 66.69
C LEU EA 41 45.75 24.05 66.03
N CYS EA 42 44.61 24.70 65.80
CA CYS EA 42 44.59 26.04 65.23
C CYS EA 42 44.46 27.11 66.31
N LEU EA 43 43.41 27.03 67.12
CA LEU EA 43 43.01 28.14 67.98
C LEU EA 43 43.78 28.18 69.30
N VAL EA 44 44.82 27.38 69.45
CA VAL EA 44 45.75 27.59 70.55
C VAL EA 44 47.16 27.73 70.00
N TRP EA 45 47.68 26.67 69.39
CA TRP EA 45 49.06 26.72 68.89
C TRP EA 45 49.19 27.78 67.81
N GLY EA 46 48.24 27.81 66.88
CA GLY EA 46 48.31 28.77 65.79
C GLY EA 46 48.20 30.20 66.29
N SER EA 47 47.25 30.45 67.20
CA SER EA 47 47.19 31.78 67.80
C SER EA 47 48.51 32.10 68.48
N PHE EA 48 49.09 31.14 69.20
CA PHE EA 48 50.38 31.34 69.83
C PHE EA 48 51.45 31.68 68.80
N TYR EA 49 51.46 30.98 67.68
CA TYR EA 49 52.50 31.19 66.67
C TYR EA 49 52.40 32.59 66.07
N TRP EA 50 51.20 33.04 65.70
CA TRP EA 50 51.03 34.42 65.27
C TRP EA 50 51.45 35.39 66.36
N ALA EA 51 50.95 35.20 67.57
CA ALA EA 51 51.20 36.18 68.63
C ALA EA 51 52.68 36.39 68.85
N TYR EA 52 53.50 35.38 68.56
CA TYR EA 52 54.94 35.52 68.67
C TYR EA 52 55.62 35.49 67.30
N LEU EA 53 54.88 35.80 66.25
CA LEU EA 53 55.47 35.86 64.92
C LEU EA 53 56.53 36.96 64.88
N PRO EA 54 57.58 36.79 64.09
CA PRO EA 54 58.57 37.86 63.96
C PRO EA 54 58.06 38.96 63.03
N ASP EA 55 58.85 40.03 62.95
CA ASP EA 55 58.51 41.14 62.08
C ASP EA 55 58.41 40.64 60.64
N THR EA 56 57.20 40.62 60.09
CA THR EA 56 56.97 40.21 58.72
C THR EA 56 56.80 41.40 57.80
N GLN EA 57 55.92 42.32 58.17
CA GLN EA 57 55.65 43.52 57.38
C GLN EA 57 56.62 44.66 57.67
N PHE EA 58 57.56 44.47 58.60
CA PHE EA 58 58.54 45.50 58.90
C PHE EA 58 57.88 46.76 59.43
N ARG EA 59 56.75 46.63 60.11
CA ARG EA 59 56.19 47.77 60.81
C ARG EA 59 57.08 48.17 61.99
N ASN EA 60 57.44 47.20 62.83
CA ASN EA 60 58.30 47.53 63.96
C ASN EA 60 59.62 48.12 63.48
N TRP EA 61 60.19 47.54 62.44
CA TRP EA 61 61.40 48.12 61.89
C TRP EA 61 61.16 49.52 61.37
N ALA EA 62 60.02 49.74 60.72
CA ALA EA 62 59.74 51.07 60.23
C ALA EA 62 59.76 52.08 61.38
N GLN EA 63 59.28 51.69 62.54
CA GLN EA 63 59.27 52.58 63.69
C GLN EA 63 60.52 52.43 64.51
N ARG EA 64 61.43 51.52 64.11
CA ARG EA 64 62.83 51.67 64.50
C ARG EA 64 63.41 52.96 63.93
N GLU EA 65 63.46 53.06 62.59
CA GLU EA 65 63.97 54.28 61.98
C GLU EA 65 63.18 55.49 62.43
N GLY EA 66 61.87 55.33 62.61
CA GLY EA 66 61.03 56.47 62.92
C GLY EA 66 61.58 57.30 64.05
N PHE EA 67 62.09 56.63 65.08
CA PHE EA 67 62.76 57.35 66.15
C PHE EA 67 64.09 57.88 65.68
N LEU EA 68 64.87 57.04 65.01
CA LEU EA 68 66.22 57.43 64.61
C LEU EA 68 66.17 58.50 63.53
N GLU EA 69 65.52 58.21 62.42
CA GLU EA 69 65.46 59.11 61.28
C GLU EA 69 65.06 60.51 61.71
N LEU EA 70 63.99 60.60 62.50
CA LEU EA 70 63.59 61.90 63.05
C LEU EA 70 64.71 62.49 63.87
N ARG EA 71 65.32 61.69 64.74
CA ARG EA 71 66.42 62.19 65.55
C ARG EA 71 67.61 62.54 64.67
N ARG EA 72 67.84 61.77 63.60
CA ARG EA 72 68.95 62.05 62.71
C ARG EA 72 68.74 63.39 61.99
N ARG EA 73 67.51 63.67 61.56
CA ARG EA 73 67.24 64.91 60.86
C ARG EA 73 67.19 66.10 61.80
N GLU EA 74 66.89 65.89 63.09
CA GLU EA 74 66.75 67.04 63.98
C GLU EA 74 68.09 67.59 64.44
N LEU EA 75 69.12 66.76 64.62
CA LEU EA 75 70.44 67.35 64.85
C LEU EA 75 71.14 67.65 63.54
N ALA EA 76 70.73 67.02 62.45
CA ALA EA 76 71.33 67.29 61.16
C ALA EA 76 70.94 68.67 60.64
N GLY EA 77 69.81 69.20 61.07
CA GLY EA 77 69.37 70.50 60.63
C GLY EA 77 68.79 70.53 59.24
N VAL EA 78 68.55 69.38 58.64
CA VAL EA 78 67.91 69.28 57.33
C VAL EA 78 66.43 69.02 57.58
N ASP EA 79 65.59 69.20 56.56
CA ASP EA 79 64.15 69.02 56.76
C ASP EA 79 63.87 67.62 57.30
N LEU EA 80 63.02 67.57 58.33
CA LEU EA 80 62.64 66.28 58.89
C LEU EA 80 61.88 65.45 57.87
N VAL EA 81 60.98 66.07 57.13
CA VAL EA 81 60.14 65.41 56.14
C VAL EA 81 60.39 66.14 54.83
N SER EA 82 61.30 65.62 54.02
CA SER EA 82 61.63 66.29 52.77
C SER EA 82 60.52 66.07 51.75
N PRO EA 83 59.96 67.13 51.16
CA PRO EA 83 58.83 66.95 50.25
C PRO EA 83 59.20 66.59 48.82
N ASN EA 84 60.44 66.18 48.56
CA ASN EA 84 60.90 65.86 47.22
C ASN EA 84 61.35 64.41 47.17
N TYR EA 85 60.83 63.67 46.18
CA TYR EA 85 61.21 62.27 46.04
C TYR EA 85 62.72 62.14 45.87
N VAL EA 86 63.30 62.98 45.03
CA VAL EA 86 64.75 63.16 44.97
C VAL EA 86 65.03 64.66 45.01
N ASP EA 87 66.32 64.99 44.91
CA ASP EA 87 66.73 66.38 45.05
C ASP EA 87 66.11 67.22 43.93
N PRO EA 88 65.48 68.35 44.25
CA PRO EA 88 64.99 69.22 43.17
C PRO EA 88 66.07 69.69 42.22
N ALA EA 89 67.35 69.63 42.63
CA ALA EA 89 68.43 69.87 41.68
C ALA EA 89 68.73 68.64 40.83
N SER EA 90 68.57 67.45 41.40
CA SER EA 90 68.83 66.22 40.65
C SER EA 90 67.89 66.10 39.46
N ILE EA 91 66.61 66.43 39.66
CA ILE EA 91 65.67 66.44 38.56
C ILE EA 91 66.12 67.46 37.51
N THR EA 92 65.83 67.17 36.25
CA THR EA 92 66.13 68.06 35.13
C THR EA 92 64.83 68.29 34.37
N LEU EA 93 64.14 69.38 34.70
CA LEU EA 93 62.89 69.68 34.02
C LEU EA 93 63.16 69.94 32.53
N PRO EA 94 62.32 69.44 31.64
CA PRO EA 94 62.43 69.83 30.23
C PRO EA 94 61.84 71.21 29.99
N SER EA 95 62.26 71.81 28.89
CA SER EA 95 61.91 73.19 28.60
C SER EA 95 60.42 73.33 28.31
N ASP EA 96 59.95 74.58 28.31
CA ASP EA 96 58.52 74.83 28.09
C ASP EA 96 58.08 74.37 26.71
N GLU EA 97 58.99 74.41 25.73
CA GLU EA 97 58.62 73.92 24.41
C GLU EA 97 58.30 72.42 24.45
N ASP EA 98 59.10 71.65 25.18
CA ASP EA 98 58.75 70.25 25.39
C ASP EA 98 57.40 70.14 26.08
N LEU EA 99 57.10 71.05 26.99
CA LEU EA 99 55.80 71.01 27.67
C LEU EA 99 54.67 71.18 26.66
N GLY EA 100 54.72 72.25 25.86
CA GLY EA 100 53.74 72.49 24.82
C GLY EA 100 52.31 72.27 25.27
N ASP EA 101 52.03 72.58 26.54
CA ASP EA 101 50.73 72.34 27.16
C ASP EA 101 50.37 70.86 27.17
N THR EA 102 51.20 70.07 27.85
CA THR EA 102 50.90 68.64 28.06
C THR EA 102 50.06 68.46 29.33
N GLU EA 103 49.00 69.25 29.44
CA GLU EA 103 48.08 69.24 30.56
C GLU EA 103 48.81 69.02 31.87
N ILE EA 104 49.67 69.99 32.20
CA ILE EA 104 50.37 69.96 33.48
C ILE EA 104 49.38 69.78 34.61
N ILE EA 105 49.74 68.95 35.58
CA ILE EA 105 48.91 68.63 36.72
C ILE EA 105 49.57 69.20 37.97
N ILE EA 106 48.75 69.68 38.90
CA ILE EA 106 49.25 70.44 40.04
C ILE EA 106 50.26 69.64 40.83
N GLY FA 1 12.60 21.90 97.32
CA GLY FA 1 11.56 22.23 98.28
C GLY FA 1 10.29 22.75 97.60
N HIS FA 2 9.25 21.92 97.62
CA HIS FA 2 7.97 22.22 96.97
C HIS FA 2 8.16 22.48 95.47
N HIS FA 3 9.27 21.99 94.92
CA HIS FA 3 9.57 22.13 93.51
C HIS FA 3 8.40 21.72 92.65
N GLN FA 4 8.04 22.60 91.73
CA GLN FA 4 7.05 22.33 90.69
C GLN FA 4 7.79 22.44 89.36
N MET FA 5 7.86 21.35 88.62
CA MET FA 5 8.78 21.24 87.49
C MET FA 5 8.54 22.35 86.48
N ILE FA 6 9.47 22.46 85.53
CA ILE FA 6 9.37 23.41 84.44
C ILE FA 6 9.73 22.68 83.15
N ILE FA 7 8.93 22.90 82.10
CA ILE FA 7 9.27 22.37 80.79
C ILE FA 7 10.48 23.13 80.27
N LYS FA 8 11.60 22.43 80.14
CA LYS FA 8 12.86 23.02 79.72
C LYS FA 8 13.49 22.09 78.69
N PRO FA 9 13.97 22.60 77.56
CA PRO FA 9 14.72 21.74 76.64
C PRO FA 9 15.94 21.15 77.32
N SER FA 10 16.58 20.23 76.62
CA SER FA 10 17.78 19.62 77.14
C SER FA 10 18.91 20.65 77.23
N ARG FA 11 19.67 20.57 78.32
CA ARG FA 11 20.90 21.34 78.47
C ARG FA 11 22.14 20.48 78.32
N PHE FA 12 21.98 19.17 78.13
CA PHE FA 12 23.13 18.29 78.15
C PHE FA 12 24.11 18.63 77.04
N GLN FA 13 23.62 18.68 75.80
CA GLN FA 13 24.52 18.89 74.67
C GLN FA 13 25.28 20.19 74.82
N TRP FA 14 24.59 21.26 75.18
CA TRP FA 14 25.27 22.54 75.39
C TRP FA 14 26.29 22.46 76.50
N ASP FA 15 25.93 21.81 77.61
CA ASP FA 15 26.88 21.69 78.71
C ASP FA 15 28.09 20.87 78.29
N LYS FA 16 27.86 19.78 77.54
CA LYS FA 16 28.99 18.99 77.05
C LYS FA 16 29.87 19.83 76.13
N PHE FA 17 29.24 20.65 75.29
CA PHE FA 17 30.01 21.50 74.38
C PHE FA 17 30.99 22.38 75.15
N LYS FA 18 30.49 23.07 76.17
CA LYS FA 18 31.37 23.91 76.97
C LYS FA 18 32.49 23.08 77.57
N ASP FA 19 32.17 21.88 78.05
CA ASP FA 19 33.16 21.05 78.71
C ASP FA 19 34.25 20.60 77.76
N LEU FA 20 33.87 20.18 76.54
CA LEU FA 20 34.87 19.85 75.54
C LEU FA 20 35.73 21.06 75.22
N LEU FA 21 35.10 22.21 75.02
CA LEU FA 21 35.85 23.43 74.76
C LEU FA 21 36.85 23.70 75.86
N HIS FA 22 36.40 23.70 77.10
CA HIS FA 22 37.31 23.96 78.21
C HIS FA 22 38.38 22.89 78.29
N PHE FA 23 38.02 21.64 78.00
CA PHE FA 23 38.98 20.55 78.10
C PHE FA 23 40.11 20.71 77.09
N TYR FA 24 39.76 20.68 75.80
CA TYR FA 24 40.79 20.69 74.76
C TYR FA 24 41.60 21.98 74.80
N VAL FA 25 40.96 23.11 75.06
CA VAL FA 25 41.72 24.36 75.06
C VAL FA 25 42.79 24.34 76.15
N MET FA 26 42.42 23.91 77.36
CA MET FA 26 43.45 23.77 78.40
C MET FA 26 44.51 22.75 77.98
N LEU FA 27 44.10 21.70 77.27
CA LEU FA 27 45.07 20.74 76.77
C LEU FA 27 46.12 21.42 75.91
N GLY FA 28 45.68 22.18 74.90
CA GLY FA 28 46.63 22.89 74.07
C GLY FA 28 47.38 23.97 74.82
N VAL FA 29 46.71 24.62 75.76
CA VAL FA 29 47.31 25.77 76.43
C VAL FA 29 48.47 25.34 77.33
N ILE FA 30 48.35 24.17 77.97
CA ILE FA 30 49.33 23.80 78.99
C ILE FA 30 50.74 23.64 78.41
N PRO FA 31 50.97 22.84 77.37
CA PRO FA 31 52.31 22.85 76.76
C PRO FA 31 52.69 24.20 76.19
N VAL FA 32 51.73 24.93 75.62
CA VAL FA 32 52.00 26.28 75.13
C VAL FA 32 52.46 27.16 76.29
N THR FA 33 51.73 27.11 77.41
CA THR FA 33 52.12 27.89 78.57
C THR FA 33 53.50 27.46 79.05
N ALA FA 34 53.77 26.15 79.05
CA ALA FA 34 55.09 25.68 79.43
C ALA FA 34 56.16 26.24 78.51
N LEU FA 35 55.92 26.17 77.20
CA LEU FA 35 56.94 26.59 76.25
C LEU FA 35 57.25 28.07 76.40
N VAL FA 36 56.21 28.90 76.52
CA VAL FA 36 56.44 30.34 76.61
C VAL FA 36 57.12 30.70 77.92
N LEU FA 37 56.71 30.07 79.02
CA LEU FA 37 57.37 30.32 80.29
C LEU FA 37 58.84 29.91 80.24
N TYR FA 38 59.11 28.76 79.63
CA TYR FA 38 60.49 28.29 79.53
C TYR FA 38 61.37 29.32 78.85
N ALA FA 39 61.11 29.57 77.57
CA ALA FA 39 62.00 30.42 76.77
C ALA FA 39 62.23 31.76 77.45
N ASN FA 40 61.16 32.43 77.86
CA ASN FA 40 61.30 33.78 78.38
C ASN FA 40 62.08 33.79 79.69
N ILE FA 41 61.89 32.78 80.52
CA ILE FA 41 62.54 32.77 81.83
C ILE FA 41 63.86 32.02 81.78
N PHE FA 42 63.95 30.96 80.98
CA PHE FA 42 65.23 30.26 80.86
C PHE FA 42 66.22 31.05 80.01
N VAL FA 43 65.73 31.83 79.06
CA VAL FA 43 66.59 32.58 78.15
C VAL FA 43 66.25 34.06 78.21
N GLY FA 44 65.02 34.40 77.81
CA GLY FA 44 64.58 35.78 77.86
C GLY FA 44 64.98 36.57 76.62
N PRO FA 45 64.89 37.89 76.72
CA PRO FA 45 65.01 38.72 75.52
C PRO FA 45 66.43 39.10 75.19
N ALA FA 46 66.81 38.93 73.93
CA ALA FA 46 68.09 39.47 73.46
C ALA FA 46 68.06 40.98 73.51
N GLN FA 47 69.17 41.58 73.94
CA GLN FA 47 69.24 43.02 74.12
C GLN FA 47 69.65 43.71 72.82
N LEU FA 48 68.98 44.81 72.51
CA LEU FA 48 69.36 45.62 71.36
C LEU FA 48 70.75 46.19 71.58
N ALA FA 49 71.44 46.46 70.48
CA ALA FA 49 72.75 47.12 70.54
C ALA FA 49 73.14 47.56 69.14
N GLU FA 50 74.34 48.11 69.04
CA GLU FA 50 74.88 48.60 67.78
C GLU FA 50 75.48 47.45 66.97
N ILE FA 51 75.82 47.75 65.72
CA ILE FA 51 76.58 46.80 64.90
C ILE FA 51 78.04 46.85 65.32
N PRO FA 52 78.69 45.72 65.55
CA PRO FA 52 80.16 45.71 65.49
C PRO FA 52 80.61 45.84 64.04
N GLU FA 53 81.29 46.94 63.72
CA GLU FA 53 81.64 47.32 62.36
C GLU FA 53 82.15 46.17 61.51
N GLY FA 54 82.91 45.26 62.09
CA GLY FA 54 83.40 44.11 61.37
C GLY FA 54 82.43 42.97 61.22
N TYR FA 55 81.25 43.10 61.80
CA TYR FA 55 80.29 42.01 61.87
C TYR FA 55 79.30 42.11 60.72
N GLU FA 56 78.55 41.04 60.53
CA GLU FA 56 77.36 41.07 59.70
C GLU FA 56 76.33 40.11 60.29
N PRO FA 57 75.26 40.60 60.90
CA PRO FA 57 74.24 39.68 61.40
C PRO FA 57 73.64 38.84 60.29
N LYS FA 58 73.34 37.59 60.62
CA LYS FA 58 72.45 36.78 59.81
C LYS FA 58 71.01 37.09 60.19
N HIS FA 59 70.12 36.99 59.20
CA HIS FA 59 68.75 37.51 59.28
C HIS FA 59 68.07 37.23 60.61
N TRP FA 60 68.39 36.09 61.24
CA TRP FA 60 67.80 35.78 62.54
C TRP FA 60 68.31 36.69 63.64
N GLU FA 61 69.33 37.50 63.38
CA GLU FA 61 69.83 38.41 64.40
C GLU FA 61 68.87 39.57 64.64
N TYR FA 62 67.95 39.82 63.74
CA TYR FA 62 67.20 41.06 63.74
C TYR FA 62 65.85 40.97 64.44
N GLU FA 63 65.58 39.88 65.15
CA GLU FA 63 64.36 39.76 65.95
C GLU FA 63 64.75 39.66 67.41
N LYS FA 64 64.04 40.42 68.25
CA LYS FA 64 64.44 40.55 69.65
C LYS FA 64 64.15 39.27 70.43
N HIS FA 65 63.00 38.72 70.26
CA HIS FA 65 62.50 37.69 71.16
C HIS FA 65 63.01 36.31 70.74
N PRO FA 66 63.21 35.37 71.67
CA PRO FA 66 63.75 34.06 71.26
C PRO FA 66 62.79 33.23 70.43
N ILE FA 67 61.53 33.09 70.86
CA ILE FA 67 60.57 32.34 70.06
C ILE FA 67 60.53 32.90 68.64
N SER FA 68 60.68 34.21 68.50
CA SER FA 68 60.91 34.76 67.17
C SER FA 68 62.23 34.25 66.59
N ARG FA 69 63.29 34.20 67.42
CA ARG FA 69 64.56 33.65 66.93
C ARG FA 69 64.37 32.25 66.37
N PHE FA 70 63.67 31.39 67.12
CA PHE FA 70 63.43 30.05 66.63
C PHE FA 70 62.58 30.06 65.36
N ILE FA 71 61.49 30.83 65.37
CA ILE FA 71 60.57 30.81 64.23
C ILE FA 71 61.26 31.31 62.97
N SER FA 72 61.88 32.49 63.05
CA SER FA 72 62.37 33.14 61.84
C SER FA 72 63.49 32.35 61.19
N ARG FA 73 64.45 31.88 61.99
CA ARG FA 73 65.59 31.18 61.41
C ARG FA 73 65.18 29.84 60.82
N TYR FA 74 64.34 29.10 61.53
CA TYR FA 74 64.05 27.72 61.13
C TYR FA 74 62.86 27.60 60.20
N ILE FA 75 61.81 28.40 60.39
CA ILE FA 75 60.52 28.09 59.81
C ILE FA 75 60.13 29.02 58.66
N LEU FA 76 60.58 30.28 58.66
CA LEU FA 76 60.19 31.25 57.65
C LEU FA 76 61.37 31.56 56.75
N ASN FA 77 61.13 31.55 55.45
CA ASN FA 77 62.18 31.94 54.51
C ASN FA 77 62.53 33.40 54.73
N SER FA 78 63.82 33.71 54.60
CA SER FA 78 64.28 35.06 54.86
C SER FA 78 63.62 36.06 53.92
N ASP FA 79 63.47 37.29 54.39
CA ASP FA 79 63.06 38.35 53.49
C ASP FA 79 64.00 38.42 52.30
N GLN FA 80 65.31 38.31 52.55
CA GLN FA 80 66.26 38.33 51.45
C GLN FA 80 66.06 37.15 50.54
N GLN FA 81 65.61 36.02 51.07
CA GLN FA 81 65.19 34.93 50.19
C GLN FA 81 64.01 35.36 49.34
N ASN FA 82 62.92 35.79 49.99
CA ASN FA 82 61.77 36.20 49.20
C ASN FA 82 61.97 37.51 48.49
N TYR FA 83 63.11 38.17 48.64
CA TYR FA 83 63.41 39.33 47.81
C TYR FA 83 63.97 38.89 46.47
N GLU FA 84 65.07 38.13 46.49
CA GLU FA 84 65.66 37.65 45.25
C GLU FA 84 64.70 36.78 44.47
N LYS FA 85 63.73 36.19 45.15
CA LYS FA 85 62.74 35.40 44.46
C LYS FA 85 62.13 36.22 43.35
N SER FA 86 61.62 37.38 43.72
CA SER FA 86 60.98 38.27 42.78
C SER FA 86 61.96 38.79 41.73
N LEU FA 87 63.15 39.24 42.16
CA LEU FA 87 64.11 39.80 41.23
C LEU FA 87 64.49 38.82 40.14
N HIS FA 88 64.74 37.56 40.52
CA HIS FA 88 64.80 36.53 39.51
C HIS FA 88 63.54 36.52 38.65
N TYR FA 89 62.39 36.30 39.28
CA TYR FA 89 61.18 36.02 38.51
C TYR FA 89 60.78 37.22 37.67
N LEU FA 90 60.93 38.44 38.20
CA LEU FA 90 60.61 39.60 37.39
C LEU FA 90 61.62 39.80 36.26
N TYR FA 91 62.86 39.35 36.45
CA TYR FA 91 63.83 39.45 35.36
C TYR FA 91 63.40 38.61 34.17
N GLU FA 92 63.02 37.37 34.41
CA GLU FA 92 62.58 36.50 33.32
C GLU FA 92 61.34 37.07 32.65
N GLU FA 93 60.37 37.50 33.45
CA GLU FA 93 59.09 37.90 32.88
C GLU FA 93 59.23 39.17 32.06
N ASN FA 94 60.01 40.14 32.54
CA ASN FA 94 60.24 41.32 31.75
C ASN FA 94 60.91 40.96 30.43
N GLU FA 95 61.93 40.11 30.49
CA GLU FA 95 62.59 39.70 29.27
C GLU FA 95 61.64 38.96 28.34
N LYS FA 96 60.89 38.00 28.89
CA LYS FA 96 59.96 37.25 28.04
C LYS FA 96 58.96 38.18 27.38
N ALA FA 97 58.33 39.04 28.16
CA ALA FA 97 57.36 39.96 27.59
C ALA FA 97 58.00 40.84 26.54
N GLN FA 98 59.24 41.30 26.79
CA GLN FA 98 59.90 42.12 25.79
C GLN FA 98 60.13 41.34 24.50
N ILE FA 99 60.57 40.10 24.61
CA ILE FA 99 60.80 39.31 23.40
C ILE FA 99 59.47 39.01 22.71
N ARG FA 100 58.42 38.76 23.49
CA ARG FA 100 57.13 38.47 22.88
C ARG FA 100 56.63 39.65 22.06
N LEU FA 101 56.78 40.87 22.58
CA LEU FA 101 56.39 42.05 21.81
C LEU FA 101 57.21 42.13 20.53
N LEU FA 102 58.50 41.81 20.60
CA LEU FA 102 59.31 41.78 19.40
C LEU FA 102 58.81 40.77 18.40
N GLU FA 103 58.45 39.57 18.87
CA GLU FA 103 58.01 38.52 17.96
C GLU FA 103 56.79 38.96 17.18
N ASP FA 104 55.84 39.60 17.85
CA ASP FA 104 54.64 40.06 17.18
C ASP FA 104 54.96 41.10 16.13
N GLU FA 105 55.82 42.07 16.48
CA GLU FA 105 56.20 43.09 15.52
C GLU FA 105 56.82 42.47 14.28
N VAL FA 106 57.77 41.55 14.49
CA VAL FA 106 58.38 40.88 13.35
C VAL FA 106 57.32 40.12 12.58
N ARG FA 107 56.45 39.39 13.29
CA ARG FA 107 55.38 38.67 12.63
C ARG FA 107 54.48 39.62 11.86
N ARG FA 108 54.30 40.83 12.37
CA ARG FA 108 53.53 41.82 11.63
C ARG FA 108 54.22 42.20 10.33
N LYS FA 109 55.52 42.52 10.40
CA LYS FA 109 56.24 42.87 9.18
C LYS FA 109 56.28 41.71 8.22
N MET FA 110 56.64 40.53 8.70
CA MET FA 110 56.86 39.38 7.83
C MET FA 110 55.55 38.96 7.15
N SER FA 111 54.40 39.25 7.77
CA SER FA 111 53.12 39.00 7.11
C SER FA 111 52.79 40.10 6.10
N GLU FA 112 53.12 41.34 6.42
CA GLU FA 112 52.82 42.44 5.51
C GLU FA 112 53.54 42.27 4.18
N ARG FA 113 54.80 41.87 4.24
CA ARG FA 113 55.63 41.77 3.05
C ARG FA 113 55.72 40.35 2.52
N ASN FA 114 55.57 39.35 3.40
CA ASN FA 114 55.69 37.94 3.01
C ASN FA 114 57.05 37.65 2.39
N ASP FA 115 58.09 38.33 2.88
CA ASP FA 115 59.43 38.13 2.33
C ASP FA 115 59.89 36.70 2.50
N TYR FA 116 59.79 36.18 3.72
CA TYR FA 116 60.59 35.03 4.11
C TYR FA 116 59.73 33.78 3.98
N GLN FA 117 60.38 32.64 3.72
CA GLN FA 117 59.67 31.40 3.42
C GLN FA 117 59.25 30.70 4.72
N ALA FA 118 58.30 31.33 5.40
CA ALA FA 118 57.90 30.90 6.73
C ALA FA 118 56.38 31.04 6.82
N TYR FA 119 55.87 31.05 8.06
CA TYR FA 119 54.44 31.02 8.36
C TYR FA 119 53.59 31.83 7.37
N TYR FA 120 54.03 33.02 7.03
CA TYR FA 120 53.27 33.92 6.17
C TYR FA 120 53.67 33.80 4.70
N TYR FA 121 54.11 32.61 4.30
CA TYR FA 121 54.52 32.33 2.93
C TYR FA 121 53.53 31.36 2.30
N ARG FA 122 53.43 31.40 0.98
CA ARG FA 122 52.58 30.48 0.22
C ARG FA 122 53.40 29.96 -0.95
N PRO FA 123 54.22 28.92 -0.73
CA PRO FA 123 55.07 28.42 -1.82
C PRO FA 123 54.25 28.03 -3.04
N SER FA 124 54.74 28.41 -4.21
CA SER FA 124 54.18 27.97 -5.47
C SER FA 124 55.02 26.83 -6.03
N VAL FA 125 54.62 26.31 -7.18
CA VAL FA 125 55.31 25.17 -7.76
C VAL FA 125 55.26 25.23 -9.27
N ALA FA 126 56.42 25.31 -9.90
CA ALA FA 126 56.55 25.15 -11.34
C ALA FA 126 56.87 23.72 -11.73
N LYS FA 127 57.02 22.82 -10.73
CA LYS FA 127 57.39 21.45 -11.02
C LYS FA 127 56.45 20.83 -12.04
N TYR FA 128 55.14 20.96 -11.82
CA TYR FA 128 54.21 20.30 -12.71
C TYR FA 128 54.31 20.87 -14.12
N HIS FA 129 54.49 22.19 -14.24
CA HIS FA 129 54.69 22.78 -15.55
C HIS FA 129 55.98 22.31 -16.19
N ARG FA 130 57.06 22.19 -15.41
CA ARG FA 130 58.30 21.65 -15.96
C ARG FA 130 58.10 20.22 -16.41
N ILE FA 131 57.39 19.42 -15.61
CA ILE FA 131 57.16 18.03 -15.98
C ILE FA 131 56.43 17.97 -17.31
N SER FA 132 55.34 18.72 -17.45
CA SER FA 132 54.64 18.77 -18.71
C SER FA 132 55.54 19.30 -19.81
N LYS FA 133 56.45 20.21 -19.47
CA LYS FA 133 57.43 20.67 -20.45
C LYS FA 133 58.29 19.51 -20.90
N GLU FA 134 58.68 18.64 -19.97
CA GLU FA 134 59.49 17.48 -20.31
C GLU FA 134 58.71 16.52 -21.21
N ALA FA 135 57.45 16.28 -20.88
CA ALA FA 135 56.65 15.38 -21.71
C ALA FA 135 56.54 15.92 -23.13
N ALA FA 136 56.35 17.23 -23.26
CA ALA FA 136 56.32 17.82 -24.59
C ALA FA 136 57.64 17.61 -25.31
N ASP FA 137 58.76 17.78 -24.60
CA ASP FA 137 60.05 17.53 -25.21
C ASP FA 137 60.19 16.07 -25.61
N GLU FA 138 59.75 15.16 -24.73
CA GLU FA 138 59.91 13.74 -24.99
C GLU FA 138 59.22 13.35 -26.29
N LEU FA 139 58.04 13.92 -26.53
CA LEU FA 139 57.22 13.45 -27.64
C LEU FA 139 57.46 14.21 -28.93
N GLU FA 140 58.03 15.42 -28.87
CA GLU FA 140 58.36 16.12 -30.11
C GLU FA 140 59.41 15.36 -30.89
N ALA FA 141 60.50 15.00 -30.23
CA ALA FA 141 61.55 14.24 -30.89
C ALA FA 141 61.05 12.87 -31.33
N LEU FA 142 60.08 12.32 -30.62
CA LEU FA 142 59.57 10.99 -30.94
C LEU FA 142 58.71 10.98 -32.20
N ARG FA 143 58.14 12.13 -32.58
CA ARG FA 143 57.16 12.17 -33.64
C ARG FA 143 57.72 11.58 -34.93
N GLY FA 144 56.90 10.78 -35.59
CA GLY FA 144 57.23 10.30 -36.92
C GLY FA 144 57.94 8.97 -36.95
N ASP FA 145 57.38 8.03 -37.70
CA ASP FA 145 57.93 6.69 -37.83
C ASP FA 145 58.57 6.49 -39.21
N GLY GA 1 22.67 0.40 66.61
CA GLY GA 1 21.53 1.27 66.82
C GLY GA 1 21.96 2.62 67.36
N ALA GA 2 21.00 3.55 67.42
CA ALA GA 2 21.26 4.88 67.95
C ALA GA 2 19.94 5.57 68.23
N SER GA 3 19.99 6.57 69.09
CA SER GA 3 18.82 7.35 69.45
C SER GA 3 19.27 8.59 70.20
N GLU GA 4 18.30 9.40 70.61
CA GLU GA 4 18.52 10.57 71.46
C GLU GA 4 17.75 10.46 72.76
N THR GA 5 16.52 9.97 72.72
CA THR GA 5 15.70 9.79 73.90
C THR GA 5 16.00 8.50 74.65
N GLY GA 6 16.74 7.59 74.04
CA GLY GA 6 16.84 6.24 74.54
C GLY GA 6 15.64 5.38 74.20
N GLY GA 7 14.67 5.93 73.47
CA GLY GA 7 13.49 5.18 73.07
C GLY GA 7 12.19 5.71 73.65
N VAL GA 8 12.11 7.02 73.91
CA VAL GA 8 10.91 7.61 74.47
C VAL GA 8 9.98 7.99 73.33
N LYS GA 9 8.68 8.02 73.61
CA LYS GA 9 7.68 8.00 72.57
C LYS GA 9 7.23 9.42 72.25
N PRO GA 10 7.71 10.04 71.14
CA PRO GA 10 7.56 11.50 70.97
C PRO GA 10 6.15 11.97 70.64
N MET GA 11 5.37 12.29 71.67
CA MET GA 11 4.02 12.78 71.48
C MET GA 11 3.81 14.05 72.30
N VAL GA 12 2.56 14.51 72.41
CA VAL GA 12 2.18 15.48 73.43
C VAL GA 12 0.79 15.12 73.95
N ILE GA 13 0.58 15.35 75.23
CA ILE GA 13 -0.58 14.85 75.94
C ILE GA 13 -1.70 15.87 76.01
N ALA GA 14 -1.35 17.15 76.22
CA ALA GA 14 -2.32 18.15 76.67
C ALA GA 14 -3.54 18.21 75.77
N GLY GA 15 -3.34 18.53 74.49
CA GLY GA 15 -4.46 18.63 73.56
C GLY GA 15 -4.99 20.05 73.38
N ARG GA 16 -6.31 20.18 73.24
CA ARG GA 16 -6.91 21.49 72.98
C ARG GA 16 -6.57 22.48 74.09
N MET GA 17 -6.32 21.99 75.29
CA MET GA 17 -6.37 22.79 76.50
C MET GA 17 -5.06 23.49 76.81
N VAL GA 18 -4.05 23.36 75.96
CA VAL GA 18 -2.80 24.09 76.18
C VAL GA 18 -3.07 25.59 76.26
N ARG GA 19 -4.03 26.07 75.47
CA ARG GA 19 -4.31 27.49 75.38
C ARG GA 19 -5.23 27.93 76.50
N GLU GA 20 -4.88 29.03 77.17
CA GLU GA 20 -5.72 29.54 78.25
C GLU GA 20 -7.11 29.91 77.72
N ARG GA 21 -7.18 30.51 76.54
CA ARG GA 21 -8.46 30.86 75.97
C ARG GA 21 -9.26 29.61 75.64
N GLU GA 22 -8.60 28.60 75.07
CA GLU GA 22 -9.31 27.40 74.66
C GLU GA 22 -9.92 26.67 75.85
N ARG GA 23 -9.13 26.44 76.90
CA ARG GA 23 -9.69 25.83 78.11
C ARG GA 23 -10.79 26.71 78.68
N LEU GA 24 -10.69 28.02 78.50
CA LEU GA 24 -11.58 28.96 79.17
C LEU GA 24 -12.90 29.16 78.43
N ILE GA 25 -13.01 28.68 77.19
CA ILE GA 25 -14.23 28.90 76.40
C ILE GA 25 -15.17 27.69 76.47
N GLY GA 26 -14.61 26.49 76.46
CA GLY GA 26 -15.41 25.28 76.50
C GLY GA 26 -14.49 24.07 76.57
N MET GA 27 -14.82 23.09 77.40
CA MET GA 27 -13.93 21.96 77.59
C MET GA 27 -14.68 20.84 78.30
N SER GA 28 -14.63 19.64 77.73
CA SER GA 28 -15.57 18.57 78.03
C SER GA 28 -15.19 17.79 79.29
N PRO GA 29 -16.16 17.05 79.87
CA PRO GA 29 -15.84 16.29 81.08
C PRO GA 29 -14.69 15.32 80.94
N GLU GA 30 -14.56 14.66 79.79
CA GLU GA 30 -13.35 13.87 79.55
C GLU GA 30 -12.12 14.77 79.52
N GLU GA 31 -12.28 15.99 79.04
CA GLU GA 31 -11.16 16.92 79.06
C GLU GA 31 -10.88 17.43 80.46
N ARG GA 32 -11.91 17.59 81.29
CA ARG GA 32 -11.66 17.92 82.69
C ARG GA 32 -10.85 16.84 83.36
N ALA GA 33 -11.07 15.58 83.00
CA ALA GA 33 -10.29 14.49 83.57
C ALA GA 33 -8.81 14.65 83.23
N TRP GA 34 -8.50 14.81 81.94
CA TRP GA 34 -7.11 14.88 81.55
C TRP GA 34 -6.43 16.12 82.12
N ARG GA 35 -7.12 17.25 82.06
CA ARG GA 35 -6.49 18.49 82.50
C ARG GA 35 -6.20 18.45 83.99
N LYS GA 36 -7.15 17.97 84.78
CA LYS GA 36 -6.89 17.77 86.20
C LYS GA 36 -5.74 16.80 86.40
N GLN GA 37 -5.73 15.71 85.63
CA GLN GA 37 -4.61 14.78 85.69
C GLN GA 37 -3.32 15.48 85.33
N TRP GA 38 -3.34 16.30 84.28
CA TRP GA 38 -2.11 16.99 83.88
C TRP GA 38 -1.65 17.91 84.99
N LEU GA 39 -2.54 18.71 85.53
CA LEU GA 39 -2.15 19.61 86.61
C LEU GA 39 -2.05 18.88 87.94
N LYS GA 40 -2.51 17.63 88.02
CA LYS GA 40 -2.35 16.85 89.23
C LYS GA 40 -0.95 16.24 89.31
N ASP GA 41 -0.46 15.71 88.20
CA ASP GA 41 0.91 15.23 88.15
C ASP GA 41 1.88 16.34 87.76
N GLN GA 42 1.42 17.59 87.71
CA GLN GA 42 2.36 18.70 87.64
C GLN GA 42 3.21 18.76 88.91
N GLU GA 43 2.59 18.51 90.06
CA GLU GA 43 3.29 18.57 91.34
C GLU GA 43 4.51 17.68 91.38
N LEU GA 44 5.39 17.93 92.35
CA LEU GA 44 6.59 17.14 92.56
C LEU GA 44 7.04 17.35 94.00
N HIS GA 45 7.39 16.26 94.67
CA HIS GA 45 7.69 16.27 96.10
C HIS GA 45 9.14 16.00 96.41
N HIS GA 46 9.71 14.95 95.82
CA HIS GA 46 11.02 14.47 96.25
C HIS GA 46 12.14 15.44 95.89
N GLY GA 47 12.35 15.69 94.59
CA GLY GA 47 13.40 16.58 94.15
C GLY GA 47 14.18 16.01 93.00
N PRO GA 48 15.10 16.78 92.47
CA PRO GA 48 15.94 16.26 91.38
C PRO GA 48 16.88 15.19 91.88
N ARG GA 49 16.58 13.94 91.58
CA ARG GA 49 17.40 12.83 92.02
C ARG GA 49 18.83 13.02 91.48
N LYS GA 50 19.78 12.41 92.16
CA LYS GA 50 21.18 12.54 91.80
C LYS GA 50 21.60 11.38 90.90
N VAL GA 51 22.24 11.70 89.78
CA VAL GA 51 22.86 10.72 88.90
C VAL GA 51 24.37 10.81 89.12
N PRO GA 52 25.02 9.81 89.74
CA PRO GA 52 26.43 9.97 90.12
C PRO GA 52 27.36 10.31 88.97
N ALA GA 53 27.42 9.45 87.96
CA ALA GA 53 28.40 9.62 86.90
C ALA GA 53 28.01 10.70 85.90
N LEU GA 54 26.80 11.25 85.98
CA LEU GA 54 26.45 12.37 85.11
C LEU GA 54 27.39 13.54 85.35
N GLU GA 55 27.73 13.81 86.61
CA GLU GA 55 28.70 14.85 86.89
C GLU GA 55 30.04 14.51 86.27
N LEU GA 56 30.48 13.27 86.41
CA LEU GA 56 31.74 12.85 85.80
C LEU GA 56 31.71 13.05 84.30
N GLU GA 57 30.62 12.63 83.65
CA GLU GA 57 30.55 12.75 82.19
C GLU GA 57 30.62 14.20 81.76
N LEU GA 58 29.94 15.09 82.48
CA LEU GA 58 29.97 16.52 82.20
C LEU GA 58 31.10 17.23 82.93
N ASN GA 59 32.10 16.50 83.41
CA ASN GA 59 33.25 17.10 84.07
C ASN GA 59 34.49 16.39 83.54
N ASN GA 60 35.29 17.08 82.74
CA ASN GA 60 36.44 16.48 82.11
C ASN GA 60 37.61 16.39 83.10
N PRO GA 61 38.58 15.52 82.83
CA PRO GA 61 39.68 15.35 83.79
C PRO GA 61 40.45 16.63 84.08
N ILE GA 62 40.64 17.49 83.08
CA ILE GA 62 41.39 18.72 83.34
C ILE GA 62 40.68 19.55 84.40
N LYS GA 63 39.37 19.67 84.30
CA LYS GA 63 38.64 20.39 85.34
C LYS GA 63 38.76 19.69 86.68
N ARG GA 64 38.77 18.35 86.66
CA ARG GA 64 38.80 17.59 87.92
C ARG GA 64 39.96 18.02 88.80
N PHE GA 65 41.17 18.15 88.23
CA PHE GA 65 42.34 18.37 89.05
C PHE GA 65 42.19 19.64 89.90
N TYR GA 66 42.06 20.79 89.24
CA TYR GA 66 42.11 22.04 89.97
C TYR GA 66 40.85 22.30 90.78
N ARG GA 67 39.83 21.47 90.64
CA ARG GA 67 38.80 21.41 91.67
C ARG GA 67 39.39 20.84 92.96
N ALA GA 68 40.27 19.84 92.84
CA ALA GA 68 40.71 19.07 94.00
C ALA GA 68 41.40 19.91 95.07
N PRO GA 69 42.42 20.73 94.75
CA PRO GA 69 43.15 21.41 95.84
C PRO GA 69 42.27 22.29 96.70
N LEU GA 70 41.16 22.76 96.14
CA LEU GA 70 40.19 23.55 96.89
C LEU GA 70 38.93 22.75 97.25
N ASP GA 71 38.59 21.73 96.46
CA ASP GA 71 37.48 20.86 96.84
C ASP GA 71 37.89 19.91 97.96
N LYS GA 72 39.16 19.48 97.97
CA LYS GA 72 39.61 18.62 99.05
C LYS GA 72 39.42 19.27 100.40
N VAL GA 73 39.45 20.61 100.45
CA VAL GA 73 39.16 21.31 101.70
C VAL GA 73 37.73 21.07 102.11
N CYS GA 74 36.80 21.01 101.15
CA CYS GA 74 35.39 20.91 101.49
C CYS GA 74 35.07 19.63 102.23
N ASN GA 75 35.62 18.50 101.78
CA ASN GA 75 35.25 17.21 102.37
C ASN GA 75 35.48 17.18 103.87
N VAL GA 76 36.49 17.90 104.36
CA VAL GA 76 36.82 17.94 105.78
C VAL GA 76 36.18 19.15 106.46
N LEU GA 77 36.16 20.30 105.80
CA LEU GA 77 35.56 21.49 106.37
C LEU GA 77 34.04 21.50 106.29
N GLU GA 78 33.45 20.59 105.52
CA GLU GA 78 32.00 20.63 105.32
C GLU GA 78 31.22 20.51 106.63
N PRO GA 79 31.47 19.54 107.50
CA PRO GA 79 30.66 19.45 108.72
C PRO GA 79 30.80 20.64 109.64
N VAL GA 80 31.93 21.36 109.59
CA VAL GA 80 32.18 22.43 110.55
C VAL GA 80 31.15 23.55 110.38
N LEU GA 81 30.92 23.97 109.14
CA LEU GA 81 29.96 25.02 108.84
C LEU GA 81 28.86 24.56 107.91
N GLY GA 82 28.74 23.26 107.67
CA GLY GA 82 27.79 22.74 106.71
C GLY GA 82 28.33 22.85 105.30
N PHE GA 83 27.60 22.25 104.36
CA PHE GA 83 28.07 22.29 102.98
C PHE GA 83 27.96 23.69 102.40
N GLN GA 84 26.81 24.35 102.61
CA GLN GA 84 26.56 25.64 101.98
C GLN GA 84 27.63 26.65 102.38
N ARG GA 85 27.91 26.78 103.68
CA ARG GA 85 28.95 27.69 104.11
C ARG GA 85 30.33 27.17 103.74
N ALA GA 86 30.52 25.85 103.72
CA ALA GA 86 31.82 25.30 103.37
C ALA GA 86 32.17 25.61 101.91
N TYR GA 87 31.24 25.33 100.99
CA TYR GA 87 31.50 25.66 99.60
C TYR GA 87 31.73 27.16 99.45
N THR GA 88 30.90 27.97 100.11
CA THR GA 88 31.08 29.41 100.09
C THR GA 88 32.50 29.78 100.48
N VAL GA 89 33.05 29.10 101.50
CA VAL GA 89 34.45 29.32 101.83
C VAL GA 89 35.35 28.79 100.74
N ARG GA 90 35.00 27.65 100.14
CA ARG GA 90 35.81 27.16 99.03
C ARG GA 90 35.86 28.18 97.91
N PHE GA 91 34.69 28.66 97.49
CA PHE GA 91 34.63 29.48 96.29
C PHE GA 91 35.42 30.77 96.45
N TRP GA 92 35.24 31.46 97.57
CA TRP GA 92 35.86 32.77 97.71
C TRP GA 92 37.33 32.68 98.02
N THR GA 93 37.79 31.54 98.55
CA THR GA 93 39.21 31.26 98.55
C THR GA 93 39.74 31.15 97.12
N GLY GA 94 38.98 30.47 96.25
CA GLY GA 94 39.41 30.36 94.87
C GLY GA 94 39.47 31.70 94.17
N LYS GA 95 38.39 32.47 94.26
CA LYS GA 95 38.35 33.75 93.55
C LYS GA 95 39.32 34.75 94.16
N ALA GA 96 39.42 34.77 95.49
CA ALA GA 96 40.37 35.67 96.14
C ALA GA 96 41.79 35.38 95.70
N LEU GA 97 42.16 34.11 95.63
CA LEU GA 97 43.48 33.75 95.14
C LEU GA 97 43.68 34.18 93.69
N LEU GA 98 42.66 33.98 92.86
CA LEU GA 98 42.77 34.39 91.46
C LEU GA 98 42.98 35.89 91.35
N ALA GA 99 42.21 36.68 92.10
CA ALA GA 99 42.27 38.13 91.98
C ALA GA 99 43.64 38.66 92.42
N LEU GA 100 44.09 38.26 93.61
CA LEU GA 100 45.38 38.76 94.09
C LEU GA 100 46.52 38.31 93.21
N THR GA 101 46.44 37.10 92.64
CA THR GA 101 47.48 36.64 91.75
C THR GA 101 47.55 37.48 90.48
N GLY GA 102 46.40 37.75 89.87
CA GLY GA 102 46.38 38.56 88.67
C GLY GA 102 46.91 39.97 88.92
N ILE GA 103 46.67 40.51 90.12
CA ILE GA 103 47.08 41.88 90.41
C ILE GA 103 48.59 42.03 90.27
N TYR GA 104 49.34 41.14 90.92
CA TYR GA 104 50.80 41.23 90.81
C TYR GA 104 51.24 41.04 89.37
N ALA GA 105 50.59 40.12 88.65
CA ALA GA 105 50.95 39.90 87.25
C ALA GA 105 50.78 41.18 86.44
N GLY GA 106 49.64 41.85 86.60
CA GLY GA 106 49.42 43.08 85.85
C GLY GA 106 50.38 44.17 86.26
N ALA GA 107 50.63 44.32 87.56
CA ALA GA 107 51.59 45.31 88.01
C ALA GA 107 52.98 45.01 87.49
N TYR GA 108 53.35 43.73 87.47
CA TYR GA 108 54.63 43.35 86.86
C TYR GA 108 54.69 43.78 85.41
N TYR GA 109 53.63 43.52 84.66
CA TYR GA 109 53.69 43.69 83.21
C TYR GA 109 53.77 45.16 82.85
N PHE GA 110 53.20 46.03 83.69
CA PHE GA 110 53.32 47.46 83.50
C PHE GA 110 54.63 48.00 84.06
N LYS GA 111 55.36 47.20 84.83
CA LYS GA 111 56.63 47.65 85.39
C LYS GA 111 57.82 47.29 84.53
N TYR GA 112 57.72 46.21 83.75
CA TYR GA 112 58.88 45.66 83.06
C TYR GA 112 58.68 45.43 81.58
N ASN GA 113 57.45 45.44 81.07
CA ASN GA 113 57.18 45.10 79.68
C ASN GA 113 56.27 46.14 79.04
N GLN GA 114 56.39 47.39 79.44
CA GLN GA 114 55.62 48.45 78.82
C GLN GA 114 55.98 48.55 77.34
N ASN GA 115 55.18 49.31 76.63
CA ASN GA 115 55.37 49.51 75.20
C ASN GA 115 56.39 50.63 75.01
N ASP GA 116 57.65 50.24 74.84
CA ASP GA 116 58.77 51.17 74.75
C ASP GA 116 59.09 51.46 73.29
N TRP GA 117 60.27 52.05 73.05
CA TRP GA 117 60.68 52.39 71.70
C TRP GA 117 61.15 51.17 70.93
N THR GA 118 61.32 50.02 71.59
CA THR GA 118 61.69 48.81 70.87
C THR GA 118 60.46 48.04 70.39
N ARG GA 119 59.66 47.52 71.32
CA ARG GA 119 58.41 46.84 71.02
C ARG GA 119 57.30 47.86 70.88
N LYS GA 120 56.38 47.62 69.92
CA LYS GA 120 55.34 48.57 69.62
C LYS GA 120 54.07 47.82 69.23
N GLY GA 121 52.93 48.40 69.61
CA GLY GA 121 51.68 47.69 69.63
C GLY GA 121 51.29 47.13 70.98
N GLY GA 122 52.10 47.35 72.02
CA GLY GA 122 51.72 47.04 73.38
C GLY GA 122 51.06 48.22 74.06
N TRP GA 123 50.79 48.06 75.36
CA TRP GA 123 50.23 49.16 76.14
C TRP GA 123 51.22 50.27 76.41
N ARG GA 124 51.23 51.28 75.54
CA ARG GA 124 51.98 52.49 75.80
C ARG GA 124 51.27 53.33 76.84
N VAL GA 125 52.03 53.83 77.81
CA VAL GA 125 51.49 54.54 78.95
C VAL GA 125 51.92 56.00 78.86
N ILE GA 126 51.18 56.86 79.55
CA ILE GA 126 51.49 58.28 79.61
C ILE GA 126 50.68 58.87 80.77
N HIS GA 127 51.25 59.87 81.43
CA HIS GA 127 50.70 60.38 82.67
C HIS GA 127 50.90 61.89 82.76
N SER GA 128 50.25 62.49 83.75
CA SER GA 128 50.45 63.88 84.10
C SER GA 128 51.10 63.95 85.48
N ARG GA 129 51.73 65.08 85.77
CA ARG GA 129 52.51 65.18 87.00
C ARG GA 129 51.64 65.51 88.20
N LYS GA 130 52.11 65.08 89.37
CA LYS GA 130 51.36 65.21 90.61
C LYS GA 130 51.09 66.68 90.90
N GLN GA 131 50.27 66.90 91.92
CA GLN GA 131 49.89 68.24 92.36
C GLN GA 131 50.79 68.66 93.51
N CYS GA 132 51.60 69.69 93.29
CA CYS GA 132 52.41 70.25 94.37
C CYS GA 132 51.52 70.80 95.48
N VAL GA 133 52.13 71.00 96.64
CA VAL GA 133 51.42 71.54 97.81
C VAL GA 133 52.36 72.48 98.57
N PRO GA 134 51.93 73.67 98.98
CA PRO GA 134 52.81 74.54 99.77
C PRO GA 134 53.43 73.82 100.94
N GLY GA 135 54.77 73.88 101.02
CA GLY GA 135 55.54 73.11 101.96
C GLY GA 135 56.13 71.83 101.42
N ASP GA 136 56.07 71.62 100.11
CA ASP GA 136 56.55 70.39 99.49
C ASP GA 136 57.98 70.52 99.02
N GLU GA 137 58.65 69.38 98.94
CA GLU GA 137 60.01 69.32 98.42
C GLU GA 137 60.03 69.85 97.00
N GLY GA 138 60.83 70.89 96.77
CA GLY GA 138 60.82 71.54 95.47
C GLY GA 138 59.44 72.06 95.13
N TYR GA 139 58.78 72.70 96.07
CA TYR GA 139 57.47 73.31 95.82
C TYR GA 139 57.43 74.11 94.53
N PRO GA 140 58.22 75.17 94.38
CA PRO GA 140 58.11 75.94 93.14
C PRO GA 140 58.77 75.19 91.99
N LYS GA 141 58.18 74.07 91.60
CA LYS GA 141 58.88 73.15 90.71
C LYS GA 141 58.84 73.62 89.27
N VAL GA 142 59.95 73.39 88.57
CA VAL GA 142 60.14 73.81 87.20
C VAL GA 142 59.67 72.70 86.27
N SER GA 143 59.36 73.07 85.03
CA SER GA 143 58.99 72.07 84.03
C SER GA 143 60.13 71.10 83.82
N ASP GA 144 59.80 69.81 83.78
CA ASP GA 144 60.78 68.76 83.53
C ASP GA 144 60.92 68.44 82.05
N ARG GA 145 59.85 68.60 81.28
CA ARG GA 145 59.87 68.33 79.84
C ARG GA 145 60.63 69.47 79.18
N SER GA 146 61.96 69.41 79.30
CA SER GA 146 62.81 70.52 78.88
C SER GA 146 62.69 70.77 77.38
N ALA GA 147 62.74 69.72 76.58
CA ALA GA 147 62.81 69.84 75.13
C ALA GA 147 61.85 68.87 74.49
N PRO GA 148 61.47 69.10 73.23
CA PRO GA 148 60.49 68.21 72.59
C PRO GA 148 60.93 66.76 72.57
N SER GA 149 62.23 66.49 72.62
CA SER GA 149 62.69 65.12 72.72
C SER GA 149 62.14 64.44 73.96
N ASP GA 150 61.90 65.20 75.03
CA ASP GA 150 61.32 64.63 76.24
C ASP GA 150 59.95 64.06 75.95
N TYR GA 151 59.13 64.80 75.22
CA TYR GA 151 57.82 64.33 74.84
C TYR GA 151 57.97 63.17 73.85
N ALA GA 152 57.18 62.12 74.07
CA ALA GA 152 57.22 60.91 73.25
C ALA GA 152 58.57 60.22 73.39
N ALA GA 153 59.07 60.14 74.62
CA ALA GA 153 60.34 59.47 74.86
C ALA GA 153 60.25 57.99 74.50
N ARG GA 154 59.22 57.31 75.01
CA ARG GA 154 58.97 55.90 74.70
C ARG GA 154 60.21 55.04 74.84
N GLY GA 155 61.16 55.46 75.65
CA GLY GA 155 62.42 54.76 75.83
C GLY GA 155 63.51 55.14 74.86
N PHE GA 156 63.24 56.04 73.92
CA PHE GA 156 64.24 56.40 72.91
C PHE GA 156 65.24 57.42 73.40
N ASN GA 157 64.86 58.26 74.36
CA ASN GA 157 65.84 59.15 75.00
C ASN GA 157 66.80 58.39 75.89
N GLU GA 158 66.53 57.11 76.14
CA GLU GA 158 67.42 56.22 76.89
C GLU GA 158 67.89 55.09 75.99
N SER GA 159 68.24 55.41 74.76
CA SER GA 159 68.66 54.38 73.82
C SER GA 159 70.04 53.84 74.20
N PRO GA 160 70.32 52.58 73.87
CA PRO GA 160 71.68 52.07 74.12
C PRO GA 160 72.72 52.65 73.18
N LEU GA 161 72.33 53.02 71.97
CA LEU GA 161 73.22 53.66 71.02
C LEU GA 161 72.68 55.03 70.64
N LYS HA 1 3.45 34.17 95.56
CA LYS HA 1 3.93 35.51 95.34
C LYS HA 1 4.47 36.08 96.69
N SER HA 2 3.57 36.18 97.66
CA SER HA 2 3.87 36.64 99.00
C SER HA 2 3.20 35.79 100.07
N HIS HA 3 3.91 35.57 101.17
CA HIS HA 3 3.37 34.66 102.19
C HIS HA 3 2.21 35.29 102.94
N VAL HA 4 2.07 36.61 102.90
CA VAL HA 4 0.93 37.31 103.48
C VAL HA 4 0.06 37.86 102.36
N VAL HA 5 -1.13 37.29 102.21
CA VAL HA 5 -2.17 37.86 101.36
C VAL HA 5 -3.49 37.83 102.10
N SER HA 6 -3.86 38.94 102.72
CA SER HA 6 -5.13 39.05 103.41
C SER HA 6 -6.27 39.18 102.38
N TYR HA 7 -7.50 39.28 102.89
CA TYR HA 7 -8.69 39.43 102.05
C TYR HA 7 -9.58 40.50 102.67
N ARG HA 8 -9.72 41.62 101.98
CA ARG HA 8 -10.61 42.69 102.41
C ARG HA 8 -10.27 43.17 103.81
N ASN HA 9 -8.98 43.22 104.11
CA ASN HA 9 -8.51 43.64 105.42
C ASN HA 9 -7.18 44.35 105.24
N GLY HA 10 -6.83 45.15 106.25
CA GLY HA 10 -5.53 45.79 106.28
C GLY HA 10 -4.41 44.77 106.29
N PRO HA 11 -3.17 45.25 106.38
CA PRO HA 11 -2.06 44.31 106.41
C PRO HA 11 -2.14 43.44 107.64
N PRO HA 12 -1.73 42.18 107.56
CA PRO HA 12 -1.63 41.38 108.77
C PRO HA 12 -0.60 41.99 109.70
N PRO HA 13 -1.01 42.45 110.92
CA PRO HA 13 -0.09 43.22 111.76
C PRO HA 13 1.28 42.58 111.94
N HIS HA 14 2.28 43.24 111.37
CA HIS HA 14 3.62 42.72 111.27
C HIS HA 14 4.39 42.99 112.56
N SER HA 15 5.62 42.46 112.62
CA SER HA 15 6.39 42.50 113.86
C SER HA 15 6.87 43.91 114.15
N LYS HA 16 7.15 44.17 115.43
CA LYS HA 16 7.69 45.45 115.83
C LYS HA 16 9.05 45.72 115.20
N ALA HA 17 9.85 44.67 115.01
CA ALA HA 17 11.18 44.87 114.45
C ALA HA 17 11.11 45.49 113.07
N THR HA 18 10.21 44.99 112.22
CA THR HA 18 9.99 45.60 110.93
C THR HA 18 9.42 47.00 111.08
N LYS HA 19 8.48 47.20 112.01
CA LYS HA 19 8.05 48.56 112.34
C LYS HA 19 9.24 49.40 112.76
N ILE HA 20 10.13 48.84 113.58
CA ILE HA 20 11.31 49.58 114.01
C ILE HA 20 12.18 49.93 112.82
N GLY HA 21 12.30 49.02 111.85
CA GLY HA 21 13.10 49.31 110.68
C GLY HA 21 12.62 50.54 109.94
N ALA HA 22 11.31 50.63 109.72
CA ALA HA 22 10.76 51.77 108.98
C ALA HA 22 10.93 53.06 109.76
N LEU HA 23 10.53 53.07 111.03
CA LEU HA 23 10.58 54.30 111.81
C LEU HA 23 12.00 54.84 111.88
N THR HA 24 12.97 53.96 112.03
CA THR HA 24 14.36 54.39 112.02
C THR HA 24 14.78 54.90 110.65
N VAL HA 25 14.24 54.31 109.58
CA VAL HA 25 14.61 54.76 108.24
C VAL HA 25 14.17 56.20 108.03
N GLY HA 26 12.94 56.53 108.43
CA GLY HA 26 12.52 57.91 108.40
C GLY HA 26 13.25 58.76 109.42
N GLY HA 27 13.50 58.19 110.61
CA GLY HA 27 14.17 58.96 111.64
C GLY HA 27 15.57 59.38 111.25
N ALA HA 28 16.31 58.49 110.59
CA ALA HA 28 17.66 58.83 110.17
C ALA HA 28 17.62 60.03 109.22
N MET HA 29 16.68 60.02 108.30
CA MET HA 29 16.50 61.17 107.42
C MET HA 29 16.30 62.44 108.24
N TRP HA 30 15.35 62.42 109.18
CA TRP HA 30 15.06 63.61 109.95
C TRP HA 30 16.26 64.04 110.77
N TRP HA 31 16.89 63.08 111.46
CA TRP HA 31 18.04 63.39 112.29
C TRP HA 31 19.07 64.19 111.50
N TRP HA 32 19.41 63.71 110.30
CA TRP HA 32 20.42 64.40 109.51
C TRP HA 32 19.92 65.74 109.00
N VAL HA 33 18.63 65.83 108.67
CA VAL HA 33 18.10 67.08 108.14
C VAL HA 33 18.22 68.18 109.19
N ILE HA 34 17.76 67.91 110.41
CA ILE HA 34 17.91 68.92 111.45
C ILE HA 34 19.38 69.07 111.81
N TRP HA 35 20.15 67.98 111.72
CA TRP HA 35 21.59 68.05 111.96
C TRP HA 35 22.23 69.11 111.07
N HIS HA 36 21.99 69.02 109.77
CA HIS HA 36 22.53 70.03 108.87
C HIS HA 36 21.88 71.38 109.13
N LEU HA 37 20.57 71.40 109.40
CA LEU HA 37 19.87 72.67 109.55
C LEU HA 37 20.53 73.53 110.62
N TRP HA 38 20.72 72.98 111.81
CA TRP HA 38 21.34 73.77 112.87
C TRP HA 38 22.82 74.01 112.61
N HIS HA 39 23.49 73.09 111.92
CA HIS HA 39 24.92 73.25 111.74
C HIS HA 39 25.26 74.31 110.71
N GLU HA 40 24.41 74.52 109.70
CA GLU HA 40 24.63 75.55 108.70
C GLU HA 40 23.30 76.09 108.17
N PRO HA 41 22.45 76.62 109.05
CA PRO HA 41 21.16 77.17 108.57
C PRO HA 41 21.33 78.31 107.60
N ASP HA 42 22.45 79.02 107.66
CA ASP HA 42 22.68 80.18 106.80
C ASP HA 42 22.76 79.79 105.33
N HIS HA 43 23.08 78.54 105.03
CA HIS HA 43 23.34 78.16 103.64
C HIS HA 43 22.11 78.39 102.77
N ILE HA 44 20.92 78.09 103.28
CA ILE HA 44 19.70 78.34 102.52
C ILE HA 44 19.60 79.81 102.17
N THR HA 45 19.89 80.68 103.13
CA THR HA 45 20.09 82.08 102.83
C THR HA 45 21.33 82.23 101.96
N GLY HA 46 21.36 83.29 101.15
CA GLY HA 46 22.59 83.62 100.47
C GLY HA 46 23.69 83.80 101.49
N GLU HA 47 24.82 83.12 101.29
CA GLU HA 47 25.87 83.14 102.31
C GLU HA 47 26.44 84.53 102.53
N PHE HA 48 26.20 85.46 101.60
CA PHE HA 48 26.74 86.80 101.70
C PHE HA 48 25.61 87.80 101.53
N ASP HA 49 25.73 88.92 102.25
CA ASP HA 49 24.75 89.98 102.13
C ASP HA 49 24.79 90.58 100.72
N TYR HA 50 23.71 91.27 100.35
CA TYR HA 50 23.57 91.84 99.02
C TYR HA 50 23.60 93.36 99.12
N PRO HA 51 24.72 94.02 98.86
CA PRO HA 51 24.73 95.49 98.93
C PRO HA 51 24.02 96.12 97.74
N ASN HA 52 23.63 97.38 97.93
CA ASN HA 52 22.73 98.08 97.01
C ASN HA 52 23.49 99.09 96.16
N SER HA 53 23.06 99.18 94.90
CA SER HA 53 23.71 100.09 93.95
C SER HA 53 23.43 101.55 94.30
N ARG HA 54 22.18 101.90 94.62
CA ARG HA 54 21.88 103.26 95.01
C ARG HA 54 22.54 103.61 96.34
N LYS HA 55 22.53 102.67 97.30
CA LYS HA 55 23.11 102.96 98.61
C LYS HA 55 24.57 103.30 98.53
N TRP HA 56 25.25 102.85 97.48
CA TRP HA 56 26.64 103.20 97.23
C TRP HA 56 26.71 104.67 96.83
N SER HA 57 27.06 105.51 97.80
CA SER HA 57 27.24 106.92 97.54
C SER HA 57 28.28 107.10 96.44
N ASN HA 58 28.24 108.26 95.79
CA ASN HA 58 29.14 108.56 94.69
C ASN HA 58 30.51 109.00 95.24
N THR HA 59 31.09 108.12 96.04
CA THR HA 59 32.26 108.44 96.84
C THR HA 59 32.07 109.74 97.61
N GLU IA 1 -6.16 26.40 103.88
CA GLU IA 1 -7.02 27.46 103.37
C GLU IA 1 -6.25 28.76 103.19
N PRO IA 2 -6.39 29.43 102.04
CA PRO IA 2 -5.63 30.68 101.84
C PRO IA 2 -6.08 31.76 102.81
N TYR IA 3 -7.37 32.07 102.82
CA TYR IA 3 -7.89 33.16 103.63
C TYR IA 3 -9.34 32.83 103.98
N THR IA 4 -10.07 33.83 104.48
CA THR IA 4 -11.45 33.68 104.88
C THR IA 4 -12.26 34.86 104.35
N VAL IA 5 -13.56 34.65 104.22
CA VAL IA 5 -14.48 35.68 103.73
C VAL IA 5 -15.64 35.84 104.71
N PRO IA 6 -16.04 37.06 105.09
CA PRO IA 6 -17.22 37.19 105.95
C PRO IA 6 -18.50 36.89 105.21
N HIS IA 7 -19.66 37.08 105.86
CA HIS IA 7 -20.94 36.76 105.24
C HIS IA 7 -21.52 37.91 104.41
N ALA IA 8 -21.05 39.13 104.61
CA ALA IA 8 -21.55 40.39 104.04
C ALA IA 8 -22.74 40.95 104.82
N SER IA 9 -23.17 40.32 105.90
CA SER IA 9 -24.10 40.99 106.79
C SER IA 9 -23.50 42.27 107.32
N THR IA 10 -22.19 42.25 107.60
CA THR IA 10 -21.52 43.42 108.16
C THR IA 10 -21.45 44.56 107.16
N TYR IA 11 -21.36 44.27 105.86
CA TYR IA 11 -21.17 45.31 104.88
C TYR IA 11 -22.44 46.14 104.76
N LYS IA 12 -22.51 47.23 105.51
CA LYS IA 12 -23.67 48.11 105.53
C LYS IA 12 -23.39 49.35 104.72
N VAL IA 13 -24.25 49.64 103.74
CA VAL IA 13 -24.15 50.87 102.97
C VAL IA 13 -24.21 52.09 103.88
N GLU IA 14 -24.68 51.93 105.11
CA GLU IA 14 -24.71 52.99 106.10
C GLU IA 14 -23.30 53.33 106.66
N SER IA 15 -22.24 52.86 106.02
CA SER IA 15 -20.88 53.35 106.29
C SER IA 15 -20.89 54.86 106.47
N VAL IA 16 -20.40 55.31 107.62
CA VAL IA 16 -20.57 56.70 108.05
C VAL IA 16 -19.75 57.70 107.22
N PRO IA 17 -18.52 57.41 106.76
CA PRO IA 17 -17.68 58.51 106.27
C PRO IA 17 -18.20 59.09 104.96
N GLN IA 18 -19.21 59.95 105.08
CA GLN IA 18 -19.79 60.73 103.98
C GLN IA 18 -20.14 59.86 102.76
N LEU IA 19 -20.32 58.57 102.95
CA LEU IA 19 -21.01 57.77 101.92
C LEU IA 19 -22.50 58.03 101.98
N VAL IA 20 -23.03 58.33 103.17
CA VAL IA 20 -24.40 58.81 103.28
C VAL IA 20 -24.52 60.20 102.65
N GLU IA 21 -23.49 61.03 102.78
CA GLU IA 21 -23.55 62.36 102.19
C GLU IA 21 -23.64 62.30 100.67
N VAL IA 22 -22.83 61.47 100.04
CA VAL IA 22 -22.96 61.30 98.59
C VAL IA 22 -24.27 60.61 98.26
N LYS IA 23 -24.77 59.77 99.17
CA LYS IA 23 -26.12 59.26 99.01
C LYS IA 23 -27.12 60.40 98.97
N GLU IA 24 -26.94 61.39 99.85
CA GLU IA 24 -27.79 62.58 99.81
C GLU IA 24 -27.59 63.37 98.53
N ALA IA 25 -26.33 63.69 98.22
CA ALA IA 25 -26.04 64.47 97.02
C ALA IA 25 -26.43 63.72 95.76
N LEU IA 26 -26.57 62.40 95.84
CA LEU IA 26 -27.32 61.66 94.83
C LEU IA 26 -28.81 61.86 95.02
N GLY IA 27 -29.28 61.82 96.26
CA GLY IA 27 -30.72 61.85 96.51
C GLY IA 27 -31.40 63.03 95.85
N ARG IA 28 -30.70 64.17 95.76
CA ARG IA 28 -31.23 65.29 94.99
C ARG IA 28 -31.46 64.89 93.55
N GLN IA 29 -30.59 64.06 92.98
CA GLN IA 29 -30.93 63.39 91.73
C GLN IA 29 -31.91 62.26 91.99
N GLY IA 30 -31.71 61.54 93.10
CA GLY IA 30 -32.60 60.48 93.50
C GLY IA 30 -32.69 59.37 92.48
N LEU IA 31 -31.61 58.62 92.26
CA LEU IA 31 -31.64 57.52 91.31
C LEU IA 31 -31.50 56.15 91.98
N LYS IA 32 -30.31 55.79 92.48
CA LYS IA 32 -30.05 54.71 93.43
C LYS IA 32 -28.55 54.46 93.45
N ASP IA 33 -28.09 53.52 94.27
CA ASP IA 33 -26.72 53.00 94.14
C ASP IA 33 -26.70 51.56 94.66
N PRO IA 34 -26.68 50.58 93.76
CA PRO IA 34 -26.84 49.20 94.22
C PRO IA 34 -25.55 48.54 94.68
N TRP IA 35 -24.43 48.96 94.10
CA TRP IA 35 -23.14 48.37 94.43
C TRP IA 35 -22.47 49.05 95.63
N LEU IA 36 -23.04 50.13 96.16
CA LEU IA 36 -22.34 50.94 97.14
C LEU IA 36 -21.91 50.13 98.33
N ARG IA 37 -22.61 49.03 98.62
CA ARG IA 37 -22.23 48.17 99.73
C ARG IA 37 -20.79 47.67 99.61
N ASN IA 38 -20.23 47.62 98.40
CA ASN IA 38 -18.85 47.21 98.25
C ASN IA 38 -17.91 48.16 98.98
N GLU IA 39 -18.16 49.46 98.87
CA GLU IA 39 -17.30 50.47 99.45
C GLU IA 39 -17.34 50.50 100.98
N VAL IA 40 -18.00 49.55 101.63
CA VAL IA 40 -18.04 49.54 103.09
C VAL IA 40 -16.70 49.10 103.65
N TRP IA 41 -16.25 47.90 103.31
CA TRP IA 41 -14.93 47.45 103.74
C TRP IA 41 -13.84 48.34 103.19
N ARG IA 42 -14.13 49.08 102.12
CA ARG IA 42 -13.22 50.02 101.52
C ARG IA 42 -12.84 51.16 102.45
N TYR IA 43 -13.82 51.99 102.81
CA TYR IA 43 -13.61 53.13 103.70
C TYR IA 43 -14.08 52.72 105.08
N GLU IA 44 -13.29 51.88 105.74
CA GLU IA 44 -13.67 51.36 107.05
C GLU IA 44 -12.74 51.92 108.12
N PRO IA 45 -13.26 52.20 109.32
CA PRO IA 45 -12.43 52.83 110.35
C PRO IA 45 -11.26 51.93 110.74
N LYS IA 46 -10.12 52.57 110.98
CA LYS IA 46 -8.90 51.90 111.43
C LYS IA 46 -8.23 51.11 110.32
N ALA IA 47 -8.91 50.99 109.18
CA ALA IA 47 -8.21 50.75 107.92
C ALA IA 47 -7.83 52.11 107.40
N PHE IA 48 -6.57 52.48 107.61
CA PHE IA 48 -5.89 53.61 106.99
C PHE IA 48 -6.20 54.93 107.69
N GLY IA 49 -7.09 54.93 108.68
CA GLY IA 49 -7.44 56.17 109.37
C GLY IA 49 -7.82 57.29 108.42
N THR IA 50 -7.71 58.53 108.89
CA THR IA 50 -8.00 59.67 108.03
C THR IA 50 -6.84 59.92 107.07
N HIS IA 51 -7.17 60.49 105.91
CA HIS IA 51 -6.13 60.82 104.95
C HIS IA 51 -5.13 61.79 105.56
N ARG IA 52 -5.62 62.77 106.32
CA ARG IA 52 -4.72 63.68 107.02
C ARG IA 52 -3.93 62.93 108.08
N SER IA 53 -4.57 61.99 108.78
CA SER IA 53 -3.87 61.16 109.73
C SER IA 53 -2.84 60.28 109.03
N ARG IA 54 -3.20 59.71 107.88
CA ARG IA 54 -2.25 58.93 107.11
C ARG IA 54 -1.07 59.79 106.67
N LEU IA 55 -1.36 61.00 106.21
CA LEU IA 55 -0.29 61.92 105.84
C LEU IA 55 0.57 62.24 107.05
N ASN IA 56 -0.05 62.47 108.21
CA ASN IA 56 0.72 62.62 109.43
C ASN IA 56 1.59 61.40 109.65
N THR IA 57 1.00 60.21 109.53
CA THR IA 57 1.78 58.99 109.73
C THR IA 57 2.94 58.93 108.76
N PHE IA 58 2.71 59.31 107.50
CA PHE IA 58 3.78 59.23 106.52
C PHE IA 58 4.74 60.41 106.60
N LEU IA 59 4.25 61.63 106.32
CA LEU IA 59 5.17 62.77 106.26
C LEU IA 59 5.93 62.98 107.56
N PHE IA 60 5.50 62.35 108.65
CA PHE IA 60 6.21 62.42 109.92
C PHE IA 60 6.27 61.00 110.47
N ARG IA 61 7.31 60.27 110.06
CA ARG IA 61 7.57 58.92 110.53
C ARG IA 61 9.02 58.91 111.01
N GLY IA 62 9.22 59.29 112.27
CA GLY IA 62 10.54 59.39 112.84
C GLY IA 62 11.01 60.81 113.11
N LEU IA 63 10.13 61.80 113.05
CA LEU IA 63 10.53 63.14 113.45
C LEU IA 63 10.84 63.19 114.94
N GLY IA 64 10.03 62.52 115.76
CA GLY IA 64 10.29 62.53 117.19
C GLY IA 64 11.64 61.94 117.55
N VAL IA 65 11.96 60.78 116.95
CA VAL IA 65 13.29 60.20 117.12
C VAL IA 65 14.34 61.15 116.59
N GLY IA 66 14.07 61.79 115.46
CA GLY IA 66 15.05 62.71 114.90
C GLY IA 66 15.36 63.85 115.83
N PHE IA 67 14.33 64.48 116.38
CA PHE IA 67 14.57 65.61 117.28
C PHE IA 67 15.25 65.15 118.56
N CYS IA 68 14.83 64.01 119.11
CA CYS IA 68 15.47 63.52 120.33
C CYS IA 68 16.94 63.23 120.09
N ALA IA 69 17.25 62.42 119.08
CA ALA IA 69 18.63 62.15 118.73
C ALA IA 69 19.36 63.42 118.36
N PHE IA 70 18.63 64.38 117.77
CA PHE IA 70 19.23 65.68 117.53
C PHE IA 70 19.62 66.37 118.82
N LEU IA 71 18.73 66.39 119.81
CA LEU IA 71 19.07 67.09 121.05
C LEU IA 71 20.24 66.41 121.75
N ALA IA 72 20.30 65.08 121.69
CA ALA IA 72 21.44 64.37 122.26
C ALA IA 72 22.73 64.81 121.59
N THR IA 73 22.72 64.89 120.26
CA THR IA 73 23.91 65.33 119.55
C THR IA 73 24.23 66.78 119.89
N VAL IA 74 23.21 67.62 120.10
CA VAL IA 74 23.46 68.99 120.51
C VAL IA 74 24.19 69.00 121.84
N ALA IA 75 23.75 68.17 122.78
CA ALA IA 75 24.41 68.10 124.06
C ALA IA 75 25.85 67.61 123.91
N VAL IA 76 26.09 66.69 122.98
CA VAL IA 76 27.43 66.16 122.77
C VAL IA 76 28.36 67.26 122.27
N GLU IA 77 27.95 67.96 121.22
CA GLU IA 77 28.78 69.05 120.72
C GLU IA 77 28.88 70.21 121.70
N TYR IA 78 27.98 70.29 122.67
CA TYR IA 78 28.03 71.38 123.63
C TYR IA 78 29.02 71.08 124.76
N ALA IA 79 29.02 69.86 125.27
CA ALA IA 79 29.83 69.52 126.44
C ALA IA 79 31.09 68.74 126.10
N LEU IA 80 31.11 68.00 124.98
CA LEU IA 80 32.28 67.17 124.68
C LEU IA 80 33.53 68.00 124.53
N GLY IA 81 33.41 69.29 124.22
CA GLY IA 81 34.55 70.17 124.13
C GLY IA 81 34.58 70.98 122.86
N ILE IA 82 33.65 70.71 121.94
CA ILE IA 82 33.61 71.46 120.69
C ILE IA 82 33.38 72.94 120.98
N GLY IA 83 32.40 73.23 121.83
CA GLY IA 83 32.14 74.59 122.27
C GLY IA 83 31.93 75.55 121.12
N LYS IA 84 31.82 76.83 121.42
CA LYS IA 84 31.63 77.84 120.39
C LYS IA 84 32.14 79.19 120.89
N GLY JA 1 3.01 19.57 47.90
CA GLY JA 1 3.48 20.20 46.67
C GLY JA 1 4.53 21.26 46.91
N TRP JA 2 5.11 21.76 45.82
CA TRP JA 2 6.16 22.76 45.86
C TRP JA 2 5.63 24.09 45.37
N ASN JA 3 6.47 25.12 45.48
CA ASN JA 3 6.00 26.46 45.16
C ASN JA 3 5.45 26.54 43.74
N LYS JA 4 6.16 25.97 42.78
CA LYS JA 4 5.63 26.01 41.42
C LYS JA 4 4.31 25.26 41.32
N ASP JA 5 4.10 24.26 42.19
CA ASP JA 5 2.81 23.59 42.20
C ASP JA 5 1.73 24.53 42.71
N TYR JA 6 2.08 25.45 43.60
CA TYR JA 6 1.12 26.32 44.26
C TYR JA 6 1.03 27.70 43.63
N LYS JA 7 1.68 27.92 42.49
CA LYS JA 7 1.76 29.26 41.94
C LYS JA 7 0.36 29.79 41.66
N PRO JA 8 0.02 31.01 42.09
CA PRO JA 8 -1.33 31.51 41.84
C PRO JA 8 -1.57 31.72 40.36
N GLY JA 9 -2.82 31.48 39.95
CA GLY JA 9 -3.21 31.65 38.58
C GLY JA 9 -3.40 33.11 38.23
N PRO JA 10 -3.60 33.38 36.95
CA PRO JA 10 -3.84 34.76 36.53
C PRO JA 10 -5.18 35.26 37.01
N TYR JA 11 -5.35 36.57 36.96
CA TYR JA 11 -6.54 37.19 37.52
C TYR JA 11 -7.79 36.62 36.85
N PRO JA 12 -8.81 36.23 37.61
CA PRO JA 12 -10.00 35.64 36.99
C PRO JA 12 -10.86 36.70 36.29
N GLN JA 13 -11.22 36.43 35.04
CA GLN JA 13 -11.86 37.41 34.17
C GLN JA 13 -13.32 37.11 33.85
N THR JA 14 -13.86 35.98 34.30
CA THR JA 14 -15.30 35.73 34.18
C THR JA 14 -15.77 35.02 35.45
N GLU JA 15 -17.09 35.05 35.64
CA GLU JA 15 -17.66 34.70 36.94
C GLU JA 15 -17.30 33.27 37.35
N LYS JA 16 -17.21 32.36 36.40
CA LYS JA 16 -16.85 30.98 36.76
C LYS JA 16 -15.47 30.93 37.39
N GLU JA 17 -14.52 31.68 36.82
CA GLU JA 17 -13.19 31.73 37.43
C GLU JA 17 -13.25 32.34 38.81
N ARG JA 18 -14.14 33.32 39.02
CA ARG JA 18 -14.29 33.88 40.35
C ARG JA 18 -14.76 32.81 41.33
N LEU JA 19 -15.70 31.97 40.92
CA LEU JA 19 -16.16 30.90 41.79
C LEU JA 19 -15.03 29.92 42.07
N ALA JA 20 -14.26 29.56 41.03
CA ALA JA 20 -13.15 28.64 41.22
C ALA JA 20 -12.10 29.21 42.15
N ALA JA 21 -11.69 30.46 41.91
CA ALA JA 21 -10.61 31.05 42.70
C ALA JA 21 -11.00 31.16 44.16
N ALA JA 22 -12.23 31.60 44.43
CA ALA JA 22 -12.70 31.71 45.81
C ALA JA 22 -12.57 30.37 46.51
N LYS JA 23 -12.82 29.27 45.80
CA LYS JA 23 -12.61 27.94 46.37
C LYS JA 23 -11.13 27.63 46.48
N LYS JA 24 -10.33 28.05 45.49
CA LYS JA 24 -8.89 27.81 45.55
C LYS JA 24 -8.31 28.37 46.84
N TYR JA 25 -8.82 29.51 47.28
CA TYR JA 25 -8.40 30.16 48.50
C TYR JA 25 -9.36 29.93 49.66
N TYR JA 26 -10.29 29.00 49.51
CA TYR JA 26 -11.27 28.66 50.54
C TYR JA 26 -12.21 29.81 50.87
N LEU JA 27 -12.20 30.87 50.08
CA LEU JA 27 -13.02 32.04 50.36
C LEU JA 27 -14.41 31.85 49.80
N LEU JA 28 -15.38 32.51 50.42
CA LEU JA 28 -16.74 32.53 49.90
C LEU JA 28 -16.78 33.37 48.63
N PRO JA 29 -17.80 33.17 47.79
CA PRO JA 29 -17.79 33.83 46.47
C PRO JA 29 -17.72 35.33 46.54
N GLU JA 30 -18.25 35.96 47.59
CA GLU JA 30 -18.10 37.40 47.74
C GLU JA 30 -16.83 37.74 48.52
N GLU JA 31 -16.46 36.88 49.46
CA GLU JA 31 -15.22 37.07 50.22
C GLU JA 31 -14.04 37.23 49.28
N TYR JA 32 -14.00 36.47 48.21
CA TYR JA 32 -12.92 36.57 47.25
C TYR JA 32 -13.03 37.85 46.45
N LYS JA 33 -11.92 38.59 46.37
CA LYS JA 33 -11.87 39.84 45.61
C LYS JA 33 -10.44 40.01 45.12
N PRO JA 34 -10.15 39.65 43.88
CA PRO JA 34 -8.76 39.73 43.41
C PRO JA 34 -8.29 41.17 43.30
N TYR JA 35 -6.98 41.33 43.33
CA TYR JA 35 -6.38 42.64 43.18
C TYR JA 35 -6.74 43.23 41.82
N ALA JA 36 -6.44 44.52 41.67
CA ALA JA 36 -6.87 45.24 40.48
C ALA JA 36 -6.25 44.70 39.20
N ASP JA 37 -5.17 43.91 39.31
CA ASP JA 37 -4.46 43.34 38.16
C ASP JA 37 -4.33 44.35 37.02
N ASP JA 38 -3.79 45.51 37.36
CA ASP JA 38 -3.69 46.63 36.43
C ASP JA 38 -2.29 46.80 35.84
N GLY JA 39 -1.31 46.02 36.29
CA GLY JA 39 0.06 46.20 35.83
C GLY JA 39 1.10 45.92 36.89
N LEU JA 40 0.69 45.88 38.16
CA LEU JA 40 1.56 45.46 39.25
C LEU JA 40 0.78 44.57 40.22
N GLY JA 41 -0.04 43.67 39.69
CA GLY JA 41 -0.94 42.86 40.49
C GLY JA 41 -0.49 41.41 40.57
N TYR JA 42 -0.88 40.74 41.65
CA TYR JA 42 -0.64 39.31 41.80
C TYR JA 42 -1.63 38.46 41.02
N GLY JA 43 -2.67 39.07 40.48
CA GLY JA 43 -3.66 38.32 39.72
C GLY JA 43 -4.73 37.73 40.62
N ASP JA 44 -4.88 36.40 40.56
CA ASP JA 44 -5.96 35.74 41.26
C ASP JA 44 -5.81 35.77 42.77
N TYR JA 45 -4.68 36.22 43.29
CA TYR JA 45 -4.49 36.23 44.74
C TYR JA 45 -5.53 37.14 45.38
N PRO JA 46 -6.24 36.69 46.40
CA PRO JA 46 -7.29 37.53 46.98
C PRO JA 46 -6.70 38.74 47.71
N LYS JA 47 -7.51 39.78 47.80
CA LYS JA 47 -7.14 41.02 48.46
C LYS JA 47 -7.89 41.07 49.80
N LEU JA 48 -7.22 40.66 50.87
CA LEU JA 48 -7.80 40.64 52.19
C LEU JA 48 -7.12 41.67 53.07
N GLY JA 49 -7.53 41.69 54.35
CA GLY JA 49 -6.83 42.49 55.34
C GLY JA 49 -6.74 43.94 54.96
N TYR JA 50 -5.54 44.49 55.05
CA TYR JA 50 -5.25 45.87 54.70
C TYR JA 50 -6.05 46.85 55.56
N GLY JA 51 -6.56 46.39 56.69
CA GLY JA 51 -7.35 47.23 57.56
C GLY JA 51 -6.45 48.11 58.40
N LEU JA 52 -7.01 48.65 59.48
CA LEU JA 52 -6.22 49.47 60.37
C LEU JA 52 -5.07 48.66 60.97
N GLY JA 53 -5.36 47.44 61.41
CA GLY JA 53 -4.31 46.66 62.03
C GLY JA 53 -4.76 45.25 62.34
N VAL JA 54 -3.77 44.37 62.50
CA VAL JA 54 -4.05 42.98 62.84
C VAL JA 54 -4.55 42.88 64.27
N GLU JA 55 -3.96 43.64 65.20
CA GLU JA 55 -4.41 43.58 66.58
C GLU JA 55 -5.82 44.13 66.74
N ALA JA 56 -6.32 44.87 65.75
CA ALA JA 56 -7.75 45.21 65.75
C ALA JA 56 -8.60 43.95 65.67
N LYS JA 57 -8.07 42.88 65.07
CA LYS JA 57 -8.77 41.61 65.02
C LYS JA 57 -9.06 41.13 66.45
N ASP JA 58 -9.94 40.14 66.55
CA ASP JA 58 -10.48 39.74 67.84
C ASP JA 58 -9.36 39.33 68.79
N SER JA 59 -9.42 39.84 70.01
CA SER JA 59 -8.41 39.51 71.02
C SER JA 59 -8.62 38.11 71.58
N TYR JA 60 -9.87 37.73 71.81
CA TYR JA 60 -10.19 36.51 72.53
C TYR JA 60 -10.75 35.40 71.64
N TYR JA 61 -10.84 35.61 70.34
CA TYR JA 61 -11.40 34.59 69.48
C TYR JA 61 -10.53 33.33 69.51
N PRO JA 62 -11.12 32.16 69.40
CA PRO JA 62 -10.28 30.95 69.32
C PRO JA 62 -9.46 30.90 68.05
N TRP JA 63 -8.15 31.07 68.18
CA TRP JA 63 -7.24 31.13 67.04
C TRP JA 63 -6.40 29.86 67.00
N ASP JA 64 -6.34 29.24 65.82
CA ASP JA 64 -5.46 28.10 65.64
C ASP JA 64 -4.04 28.48 65.98
N TYR JA 65 -3.54 29.55 65.36
CA TYR JA 65 -2.21 30.09 65.63
C TYR JA 65 -2.42 31.49 66.19
N PRO JA 66 -2.45 31.64 67.52
CA PRO JA 66 -2.63 32.99 68.08
C PRO JA 66 -1.56 33.95 67.66
N GLU JA 67 -0.34 33.44 67.44
CA GLU JA 67 0.81 34.24 67.02
C GLU JA 67 0.45 35.37 66.06
N HIS JA 68 -0.26 35.06 64.98
CA HIS JA 68 -0.68 36.07 64.02
C HIS JA 68 -2.19 36.26 64.04
N LYS JA 69 -2.89 35.70 65.02
CA LYS JA 69 -4.35 35.72 65.05
C LYS JA 69 -4.90 35.17 63.74
N ARG JA 70 -4.63 33.89 63.52
CA ARG JA 70 -4.91 33.23 62.26
C ARG JA 70 -5.47 31.84 62.53
N ASN JA 71 -6.54 31.49 61.82
CA ASN JA 71 -7.08 30.14 61.86
C ASN JA 71 -6.37 29.30 60.81
N GLN JA 72 -6.83 28.06 60.60
CA GLN JA 72 -6.16 27.15 59.67
C GLN JA 72 -6.59 27.63 58.28
N HIS JA 73 -6.53 26.77 57.25
CA HIS JA 73 -6.41 27.17 55.84
C HIS JA 73 -7.14 28.47 55.54
N GLU JA 74 -6.42 29.45 55.08
CA GLU JA 74 -6.97 30.79 54.90
C GLU JA 74 -5.93 31.60 54.14
N PRO JA 75 -6.30 32.38 53.13
CA PRO JA 75 -5.29 33.05 52.31
C PRO JA 75 -4.61 34.17 53.08
N ILE JA 76 -3.31 34.03 53.28
CA ILE JA 76 -2.55 35.06 53.98
C ILE JA 76 -2.48 36.29 53.10
N SER JA 77 -2.68 37.47 53.70
CA SER JA 77 -2.64 38.69 52.92
C SER JA 77 -1.28 38.88 52.29
N ALA JA 78 -1.27 39.43 51.08
CA ALA JA 78 -0.01 39.71 50.40
C ALA JA 78 0.87 40.64 51.20
N ASP JA 79 0.27 41.46 52.07
CA ASP JA 79 1.02 42.38 52.92
C ASP JA 79 0.85 42.02 54.38
N HIS JA 80 0.98 40.73 54.70
CA HIS JA 80 0.83 40.32 56.09
C HIS JA 80 1.77 41.13 56.98
N ASP JA 81 3.05 41.15 56.62
CA ASP JA 81 3.94 42.18 57.13
C ASP JA 81 3.53 43.52 56.54
N LEU JA 82 3.82 44.59 57.26
CA LEU JA 82 3.34 45.95 57.05
C LEU JA 82 1.95 46.14 57.63
N TYR JA 83 1.30 45.09 58.15
CA TYR JA 83 0.09 45.21 58.92
C TYR JA 83 0.12 44.38 60.19
N SER JA 84 1.15 43.56 60.38
CA SER JA 84 1.25 42.75 61.58
C SER JA 84 1.48 43.62 62.81
N GLU JA 85 0.99 43.13 63.95
CA GLU JA 85 1.20 43.84 65.22
C GLU JA 85 2.68 44.11 65.48
N ASP JA 86 3.56 43.24 65.01
CA ASP JA 86 4.99 43.53 65.12
C ASP JA 86 5.42 44.65 64.18
N ARG JA 87 4.55 45.08 63.27
CA ARG JA 87 4.85 46.12 62.30
C ARG JA 87 3.71 47.13 62.28
N TRP JA 88 3.67 48.00 61.28
CA TRP JA 88 2.71 49.09 61.26
C TRP JA 88 1.29 48.61 61.40
N SER JA 89 0.69 48.85 62.58
CA SER JA 89 -0.68 48.48 62.89
C SER JA 89 -1.05 48.90 64.31
N GLN JA 90 -2.33 49.16 64.56
CA GLN JA 90 -2.83 49.48 65.89
C GLN JA 90 -4.12 48.70 66.11
N ALA JA 91 -4.72 48.90 67.28
CA ALA JA 91 -5.89 48.14 67.68
C ALA JA 91 -7.18 48.91 67.56
N GLU JA 92 -7.13 50.24 67.48
CA GLU JA 92 -8.30 51.08 67.62
C GLU JA 92 -8.16 52.26 66.68
N PRO JA 93 -9.26 52.85 66.22
CA PRO JA 93 -9.15 54.01 65.32
C PRO JA 93 -8.39 55.14 65.99
N PRO JA 94 -7.58 55.89 65.24
CA PRO JA 94 -6.89 57.03 65.85
C PRO JA 94 -7.89 58.08 66.30
N ARG JA 95 -7.45 58.90 67.25
CA ARG JA 95 -8.32 59.99 67.71
C ARG JA 95 -8.43 61.09 66.65
N TYR JA 96 -7.31 61.47 66.05
CA TYR JA 96 -7.30 62.55 65.06
C TYR JA 96 -6.71 62.08 63.74
N SER JA 97 -6.46 63.02 62.84
CA SER JA 97 -5.96 62.73 61.50
C SER JA 97 -4.52 63.19 61.37
N ASN JA 98 -3.86 62.69 60.32
CA ASN JA 98 -2.40 62.82 60.20
C ASN JA 98 -1.93 64.25 60.39
N ALA JA 99 -2.58 65.21 59.71
CA ALA JA 99 -2.17 66.60 59.83
C ALA JA 99 -2.18 67.03 61.29
N TYR JA 100 -3.16 66.58 62.06
CA TYR JA 100 -3.26 66.95 63.45
C TYR JA 100 -1.99 66.57 64.20
N TYR JA 101 -1.57 65.32 64.06
CA TYR JA 101 -0.43 64.83 64.85
C TYR JA 101 0.85 65.57 64.47
N PHE JA 102 1.08 65.74 63.17
CA PHE JA 102 2.27 66.46 62.73
C PHE JA 102 2.14 67.95 63.03
N ALA JA 103 0.96 68.53 62.79
CA ALA JA 103 0.80 69.96 63.02
C ALA JA 103 0.99 70.30 64.49
N CYS JA 104 0.31 69.57 65.37
CA CYS JA 104 0.41 69.86 66.80
C CYS JA 104 1.86 69.81 67.27
N PHE JA 105 2.63 68.85 66.77
CA PHE JA 105 4.04 68.81 67.10
C PHE JA 105 4.77 70.00 66.48
N LEU JA 106 4.85 70.03 65.17
CA LEU JA 106 5.83 70.87 64.50
C LEU JA 106 5.46 72.34 64.56
N GLY JA 107 4.17 72.66 64.52
CA GLY JA 107 3.78 74.06 64.65
C GLY JA 107 4.28 74.67 65.94
N VAL JA 108 4.14 73.93 67.04
CA VAL JA 108 4.65 74.40 68.32
C VAL JA 108 6.17 74.55 68.25
N MET JA 109 6.85 73.58 67.63
CA MET JA 109 8.31 73.60 67.63
C MET JA 109 8.83 74.83 66.90
N SER JA 110 8.26 75.11 65.73
CA SER JA 110 8.71 76.27 64.97
C SER JA 110 8.52 77.56 65.75
N GLY JA 111 7.33 77.74 66.33
CA GLY JA 111 7.06 78.98 67.05
C GLY JA 111 7.96 79.18 68.24
N CYS JA 112 8.06 78.15 69.09
CA CYS JA 112 8.89 78.28 70.29
C CYS JA 112 10.35 78.49 69.92
N LEU JA 113 10.81 77.81 68.87
CA LEU JA 113 12.18 78.01 68.41
C LEU JA 113 12.38 79.46 68.00
N ALA JA 114 11.53 79.98 67.11
CA ALA JA 114 11.73 81.32 66.61
C ALA JA 114 11.62 82.35 67.74
N LEU JA 115 10.68 82.14 68.66
CA LEU JA 115 10.54 83.06 69.76
C LEU JA 115 11.75 83.00 70.70
N TYR JA 116 12.42 81.85 70.78
CA TYR JA 116 13.65 81.80 71.54
C TYR JA 116 14.72 82.68 70.91
N TYR JA 117 14.95 82.51 69.60
CA TYR JA 117 16.01 83.25 68.94
C TYR JA 117 15.77 84.75 69.05
N TRP JA 118 14.51 85.16 68.98
CA TRP JA 118 14.18 86.55 69.27
C TRP JA 118 14.64 86.94 70.66
N LEU JA 119 14.41 86.09 71.65
CA LEU JA 119 14.80 86.42 73.01
C LEU JA 119 16.29 86.24 73.27
N ASP JA 120 16.98 85.40 72.48
CA ASP JA 120 18.44 85.36 72.61
C ASP JA 120 19.05 86.70 72.24
N ASP JA 121 18.40 87.44 71.33
CA ASP JA 121 18.89 88.77 70.98
C ASP JA 121 18.96 89.65 72.22
N LYS JA 122 18.10 89.39 73.20
CA LYS JA 122 18.07 90.12 74.47
C LYS JA 122 18.40 89.10 75.54
N LYS JA 123 19.68 88.82 75.72
CA LYS JA 123 20.12 87.85 76.72
C LYS JA 123 20.34 88.56 78.04
N MET JA 124 19.48 88.28 79.02
CA MET JA 124 19.59 88.98 80.28
C MET JA 124 20.84 88.51 81.02
N TYR JA 125 21.06 89.10 82.18
CA TYR JA 125 22.30 88.86 82.93
C TYR JA 125 22.18 89.51 84.29
N ARG JA 126 23.21 89.31 85.10
CA ARG JA 126 23.37 90.00 86.35
C ARG JA 126 24.31 91.18 86.12
N PRO JA 127 23.93 92.42 86.42
CA PRO JA 127 24.83 93.55 86.10
C PRO JA 127 26.10 93.57 86.93
N VAL JA 128 27.08 92.77 86.52
CA VAL JA 128 28.37 92.68 87.18
C VAL JA 128 29.46 93.06 86.18
N ALA JA 129 30.64 93.36 86.70
CA ALA JA 129 31.71 93.86 85.85
C ALA JA 129 32.44 92.71 85.16
N ALA JA 130 33.27 93.07 84.18
CA ALA JA 130 33.99 92.08 83.41
C ALA JA 130 35.03 91.38 84.27
N LYS JA 131 35.19 90.08 84.05
CA LYS JA 131 36.04 89.28 84.90
C LYS JA 131 37.50 89.71 84.74
N GLN JA 132 38.11 90.11 85.85
CA GLN JA 132 39.45 90.66 85.82
C GLN JA 132 40.48 89.52 85.76
N TYR JA 133 41.53 89.75 84.97
CA TYR JA 133 42.61 88.79 84.83
C TYR JA 133 43.97 89.46 85.03
N PRO JA 134 44.82 88.96 85.93
CA PRO JA 134 46.20 89.44 85.96
C PRO JA 134 46.93 89.05 84.69
N SER JA 135 47.80 89.94 84.24
CA SER JA 135 48.49 89.78 82.96
C SER JA 135 49.51 90.92 82.84
N PRO JA 136 50.49 90.79 81.95
CA PRO JA 136 51.40 91.91 81.73
C PRO JA 136 50.64 93.13 81.23
N GLY JA 137 50.99 94.29 81.77
CA GLY JA 137 50.45 95.54 81.30
C GLY JA 137 49.02 95.84 81.70
N VAL JA 138 48.42 95.03 82.57
CA VAL JA 138 47.04 95.24 83.01
C VAL JA 138 47.06 95.88 84.38
N LYS JA 139 46.31 96.96 84.55
CA LYS JA 139 46.41 97.81 85.73
C LYS JA 139 45.03 98.23 86.23
N HIS JA 140 44.12 97.25 86.41
CA HIS JA 140 42.81 97.57 86.97
C HIS JA 140 42.99 98.32 88.29
N TYR JA 141 42.08 99.25 88.55
CA TYR JA 141 42.23 100.18 89.66
C TYR JA 141 41.38 99.75 90.84
N THR JA 142 42.03 99.58 92.00
CA THR JA 142 41.32 99.24 93.23
C THR JA 142 40.47 100.41 93.70
N PHE JA 143 39.31 100.11 94.29
CA PHE JA 143 38.44 101.15 94.82
C PHE JA 143 39.01 101.73 96.10
N GLU JA 144 40.19 102.32 96.02
CA GLU JA 144 40.92 102.77 97.19
C GLU JA 144 41.73 104.02 96.88
N GLU KA 1 -27.12 41.73 58.47
CA GLU KA 1 -26.17 40.63 58.68
C GLU KA 1 -26.09 39.73 57.45
N GLU KA 2 -26.53 40.24 56.31
CA GLU KA 2 -26.53 39.57 55.01
C GLU KA 2 -27.51 38.41 54.96
N GLN KA 3 -28.19 38.09 56.07
CA GLN KA 3 -28.93 36.83 56.20
C GLN KA 3 -27.99 35.63 56.05
N GLU KA 4 -27.18 35.47 57.09
CA GLU KA 4 -26.37 34.27 57.32
C GLU KA 4 -25.07 34.21 56.54
N PHE KA 5 -24.52 35.35 56.11
CA PHE KA 5 -23.16 35.31 55.59
C PHE KA 5 -22.19 34.80 56.65
N ILE KA 6 -22.29 35.34 57.86
CA ILE KA 6 -21.45 34.87 58.95
C ILE KA 6 -21.71 33.40 59.19
N LYS KA 7 -23.00 33.01 59.19
CA LYS KA 7 -23.31 31.60 59.39
C LYS KA 7 -22.75 30.75 58.25
N ARG KA 8 -22.97 31.15 57.00
CA ARG KA 8 -22.57 30.29 55.89
C ARG KA 8 -21.08 30.00 55.93
N LYS KA 9 -20.27 31.02 56.20
CA LYS KA 9 -18.86 30.77 56.47
C LYS KA 9 -18.70 29.81 57.65
N HIS KA 10 -19.57 29.95 58.66
CA HIS KA 10 -19.40 29.25 59.92
C HIS KA 10 -19.28 27.75 59.71
N GLU KA 11 -20.19 27.15 58.93
CA GLU KA 11 -20.29 25.70 58.89
C GLU KA 11 -18.97 25.07 58.47
N ALA KA 12 -18.55 25.31 57.24
CA ALA KA 12 -17.33 24.67 56.74
C ALA KA 12 -16.11 25.11 57.53
N THR KA 13 -16.00 26.40 57.82
CA THR KA 13 -14.75 26.93 58.38
C THR KA 13 -14.49 26.38 59.78
N LEU KA 14 -15.53 25.93 60.49
CA LEU KA 14 -15.35 25.29 61.78
C LEU KA 14 -15.05 23.80 61.69
N LYS KA 15 -15.15 23.21 60.51
CA LYS KA 15 -14.83 21.79 60.36
C LYS KA 15 -13.33 21.57 60.49
N LEU KA 16 -12.56 22.29 59.68
CA LEU KA 16 -11.11 22.15 59.65
C LEU KA 16 -10.43 22.59 60.95
N ARG KA 17 -11.14 23.27 61.85
CA ARG KA 17 -10.62 23.47 63.19
C ARG KA 17 -10.31 22.13 63.84
N GLN KA 18 -11.23 21.18 63.72
CA GLN KA 18 -11.03 19.87 64.32
C GLN KA 18 -9.90 19.11 63.63
N GLU KA 19 -9.83 19.19 62.31
CA GLU KA 19 -8.74 18.51 61.60
C GLU KA 19 -7.39 19.09 62.00
N PHE KA 20 -7.33 20.39 62.24
CA PHE KA 20 -6.10 20.97 62.78
C PHE KA 20 -5.76 20.32 64.11
N LEU KA 21 -6.77 20.15 64.97
CA LEU KA 21 -6.54 19.49 66.24
C LEU KA 21 -6.07 18.05 66.03
N LYS KA 22 -6.71 17.35 65.10
CA LYS KA 22 -6.30 15.98 64.82
C LYS KA 22 -4.86 15.94 64.33
N GLN KA 23 -4.51 16.84 63.43
CA GLN KA 23 -3.14 16.90 62.95
C GLN KA 23 -2.19 17.22 64.09
N SER KA 24 -2.49 18.27 64.85
CA SER KA 24 -1.58 18.70 65.92
C SER KA 24 -1.40 17.60 66.96
N SER KA 25 -2.50 17.00 67.39
CA SER KA 25 -2.43 15.95 68.39
C SER KA 25 -1.99 14.62 67.81
N ASN KA 26 -1.81 14.52 66.49
CA ASN KA 26 -1.46 13.27 65.83
C ASN KA 26 -0.29 12.60 66.55
N PRO KA 27 -0.52 11.52 67.29
CA PRO KA 27 0.61 10.89 67.99
C PRO KA 27 1.58 10.21 67.05
N TYR KA 28 1.19 9.95 65.81
CA TYR KA 28 1.99 9.11 64.93
C TYR KA 28 3.05 9.90 64.18
N ARG KA 29 2.67 10.98 63.50
CA ARG KA 29 3.69 11.74 62.79
C ARG KA 29 4.46 12.63 63.75
N HIS KA 30 3.92 12.89 64.94
CA HIS KA 30 4.73 13.48 66.00
C HIS KA 30 5.71 12.46 66.57
N ALA KA 31 5.33 11.18 66.55
CA ALA KA 31 6.24 10.15 67.02
C ALA KA 31 7.38 9.92 66.04
N THR KA 32 7.10 10.07 64.74
CA THR KA 32 8.17 9.91 63.76
C THR KA 32 9.30 10.89 64.03
N GLY KA 33 8.99 12.05 64.57
CA GLY KA 33 10.01 12.97 65.03
C GLY KA 33 10.88 13.55 63.94
N GLU KA 34 10.42 13.50 62.69
CA GLU KA 34 11.17 14.03 61.57
C GLU KA 34 11.05 15.54 61.44
N GLY KA 35 10.41 16.20 62.39
CA GLY KA 35 10.17 17.62 62.27
C GLY KA 35 9.01 17.89 61.32
N GLY KA 36 9.02 19.09 60.77
CA GLY KA 36 7.99 19.49 59.83
C GLY KA 36 6.75 19.98 60.54
N THR KA 37 5.81 20.48 59.74
CA THR KA 37 4.64 21.16 60.25
C THR KA 37 3.40 20.69 59.50
N VAL KA 38 2.26 20.76 60.17
CA VAL KA 38 0.99 20.50 59.52
C VAL KA 38 0.85 21.44 58.33
N PHE KA 39 0.46 20.89 57.19
CA PHE KA 39 0.35 21.71 55.99
C PHE KA 39 -0.68 22.81 56.21
N ASP KA 40 -0.41 23.97 55.62
CA ASP KA 40 -1.28 25.13 55.75
C ASP KA 40 -1.35 25.83 54.41
N ALA KA 41 -2.55 25.84 53.80
CA ALA KA 41 -2.68 26.35 52.44
C ALA KA 41 -2.26 27.81 52.35
N GLY KA 42 -2.69 28.63 53.30
CA GLY KA 42 -2.33 30.04 53.27
C GLY KA 42 -0.84 30.24 53.23
N LEU KA 43 -0.11 29.43 54.01
CA LEU KA 43 1.35 29.51 53.96
C LEU KA 43 1.86 29.11 52.58
N ALA KA 44 1.38 27.98 52.05
CA ALA KA 44 1.85 27.54 50.74
C ALA KA 44 1.47 28.53 49.65
N ARG KA 45 0.22 28.99 49.66
CA ARG KA 45 -0.16 30.07 48.75
C ARG KA 45 0.80 31.24 48.88
N PHE KA 46 1.08 31.65 50.11
CA PHE KA 46 1.82 32.88 50.35
C PHE KA 46 3.25 32.77 49.83
N GLN KA 47 3.90 31.65 50.08
CA GLN KA 47 5.25 31.46 49.58
C GLN KA 47 5.28 31.52 48.06
N ALA KA 48 4.34 30.83 47.42
CA ALA KA 48 4.36 30.74 45.95
C ALA KA 48 4.14 32.11 45.32
N MET KA 49 3.15 32.85 45.79
CA MET KA 49 2.94 34.20 45.27
C MET KA 49 4.14 35.07 45.58
N ARG KA 50 4.72 34.91 46.75
CA ARG KA 50 5.88 35.73 47.13
C ARG KA 50 7.04 35.53 46.18
N VAL KA 51 7.25 34.30 45.73
CA VAL KA 51 8.39 34.01 44.87
C VAL KA 51 8.10 34.35 43.42
N SER KA 52 6.83 34.28 43.00
CA SER KA 52 6.45 34.38 41.61
C SER KA 52 5.28 35.34 41.48
N ASN KA 53 5.53 36.51 40.90
CA ASN KA 53 4.44 37.35 40.40
C ASN KA 53 4.83 38.05 39.10
N TYR KA 54 5.98 37.72 38.51
CA TYR KA 54 6.37 38.36 37.25
C TYR KA 54 5.43 37.96 36.12
N GLU KA 55 5.03 36.69 36.09
CA GLU KA 55 4.09 36.24 35.07
C GLU KA 55 2.81 37.07 35.10
N HIS KA 56 2.55 37.78 36.20
CA HIS KA 56 1.42 38.69 36.29
C HIS KA 56 1.79 40.10 35.86
N PHE KA 57 3.03 40.51 36.10
CA PHE KA 57 3.50 41.85 35.76
C PHE KA 57 3.23 42.20 34.31
N LYS KA 58 2.38 43.20 34.10
CA LYS KA 58 2.12 43.75 32.77
C LYS KA 58 2.87 45.07 32.66
N PRO KA 59 3.80 45.24 31.73
CA PRO KA 59 4.55 46.50 31.68
C PRO KA 59 3.73 47.65 31.12
N THR KA 60 2.94 48.29 31.98
CA THR KA 60 2.04 49.36 31.59
C THR KA 60 2.53 50.69 32.18
N GLY KA 61 1.70 51.72 32.04
CA GLY KA 61 2.07 53.03 32.56
C GLY KA 61 2.25 53.02 34.06
N LYS KA 62 1.35 52.34 34.78
CA LYS KA 62 1.46 52.25 36.23
C LYS KA 62 2.83 51.74 36.65
N SER KA 63 3.16 50.52 36.23
CA SER KA 63 4.41 49.91 36.65
C SER KA 63 5.60 50.76 36.24
N PHE KA 64 5.56 51.31 35.03
CA PHE KA 64 6.67 52.13 34.57
C PHE KA 64 6.84 53.35 35.47
N ARG KA 65 5.77 54.11 35.68
CA ARG KA 65 5.87 55.28 36.55
C ARG KA 65 6.29 54.86 37.95
N THR KA 66 5.75 53.73 38.44
CA THR KA 66 6.11 53.25 39.76
C THR KA 66 7.60 52.99 39.85
N GLY KA 67 8.13 52.19 38.92
CA GLY KA 67 9.55 51.88 38.96
C GLY KA 67 10.41 53.09 38.69
N LEU KA 68 10.02 53.91 37.72
CA LEU KA 68 10.79 55.10 37.36
C LEU KA 68 11.06 55.95 38.60
N PHE KA 69 10.00 56.34 39.29
CA PHE KA 69 10.16 57.15 40.48
C PHE KA 69 10.60 56.36 41.70
N ALA KA 70 10.69 55.03 41.59
CA ALA KA 70 11.10 54.23 42.74
C ALA KA 70 12.61 54.24 42.92
N VAL KA 71 13.36 53.98 41.85
CA VAL KA 71 14.82 53.95 41.91
C VAL KA 71 15.42 54.87 40.85
N VAL KA 72 14.84 54.86 39.65
CA VAL KA 72 15.50 55.45 38.49
C VAL KA 72 15.81 56.91 38.74
N LEU KA 73 14.77 57.73 38.90
CA LEU KA 73 15.00 59.13 39.24
C LEU KA 73 15.84 59.28 40.49
N PRO KA 74 15.63 58.51 41.56
CA PRO KA 74 16.62 58.53 42.66
C PRO KA 74 18.04 58.27 42.21
N ILE KA 75 18.28 57.21 41.44
CA ILE KA 75 19.63 56.89 41.01
C ILE KA 75 20.20 58.00 40.16
N ALA KA 76 19.43 58.46 39.18
CA ALA KA 76 19.95 59.46 38.25
C ALA KA 76 20.25 60.76 38.97
N LEU KA 77 19.29 61.25 39.75
CA LEU KA 77 19.48 62.54 40.42
C LEU KA 77 20.65 62.49 41.36
N TYR KA 78 20.73 61.45 42.20
CA TYR KA 78 21.81 61.37 43.16
C TYR KA 78 23.16 61.29 42.46
N ALA KA 79 23.25 60.46 41.42
CA ALA KA 79 24.51 60.34 40.70
C ALA KA 79 24.88 61.67 40.04
N TRP KA 80 23.89 62.36 39.46
CA TRP KA 80 24.17 63.64 38.84
C TRP KA 80 24.66 64.65 39.88
N ALA KA 81 24.03 64.67 41.05
CA ALA KA 81 24.49 65.59 42.08
C ALA KA 81 25.92 65.27 42.49
N LEU KA 82 26.23 63.99 42.68
CA LEU KA 82 27.58 63.61 43.07
C LEU KA 82 28.60 64.05 42.05
N LYS KA 83 28.34 63.77 40.77
CA LYS KA 83 29.28 64.14 39.72
C LYS KA 83 29.42 65.65 39.65
N ALA KA 84 28.32 66.38 39.80
CA ALA KA 84 28.37 67.83 39.67
C ALA KA 84 29.22 68.44 40.78
N GLU KA 85 28.97 68.05 42.03
CA GLU KA 85 29.75 68.59 43.13
C GLU KA 85 31.22 68.23 42.99
N ARG KA 86 31.51 66.97 42.63
CA ARG KA 86 32.90 66.55 42.48
C ARG KA 86 33.57 67.33 41.36
N ASP KA 87 32.85 67.57 40.27
CA ASP KA 87 33.42 68.31 39.16
C ASP KA 87 33.84 69.70 39.62
N GLY KA 88 32.97 70.36 40.40
CA GLY KA 88 33.35 71.65 40.95
C GLY KA 88 34.57 71.55 41.85
N ARG KA 89 34.51 70.65 42.83
CA ARG KA 89 35.61 70.56 43.80
C ARG KA 89 36.92 70.21 43.11
N GLU KA 90 36.89 69.22 42.23
CA GLU KA 90 38.12 68.87 41.52
C GLU KA 90 38.58 70.01 40.63
N GLU KA 91 37.64 70.77 40.07
CA GLU KA 91 38.04 71.90 39.25
C GLU KA 91 38.86 72.90 40.05
N LYS KA 92 38.41 73.21 41.25
CA LYS KA 92 39.21 74.05 42.14
C LYS KA 92 40.57 73.42 42.39
N TYR KA 93 40.58 72.11 42.62
CA TYR KA 93 41.82 71.43 42.96
C TYR KA 93 42.82 71.48 41.82
N ARG KA 94 42.39 71.22 40.59
CA ARG KA 94 43.33 71.24 39.48
C ARG KA 94 43.67 72.66 39.06
N THR KA 95 42.85 73.63 39.43
CA THR KA 95 43.23 75.03 39.28
C THR KA 95 44.26 75.45 40.31
N GLY KA 96 44.41 74.71 41.41
CA GLY KA 96 45.37 75.05 42.43
C GLY KA 96 44.96 76.19 43.33
N GLN KA 97 43.65 76.47 43.41
CA GLN KA 97 43.20 77.61 44.20
C GLN KA 97 43.54 77.42 45.67
N VAL KA 98 43.26 76.24 46.21
CA VAL KA 98 43.50 75.93 47.62
C VAL KA 98 44.84 75.24 47.73
N ALA KA 99 45.75 75.84 48.48
CA ALA KA 99 47.11 75.34 48.60
C ALA KA 99 47.13 74.13 49.53
N TYR KA 100 48.33 73.68 49.88
CA TYR KA 100 48.51 72.50 50.72
C TYR KA 100 48.37 72.81 52.20
N LYS KA 101 47.75 73.94 52.55
CA LYS KA 101 47.47 74.28 53.94
C LYS KA 101 46.00 74.09 54.28
N ASP KA 102 45.11 74.77 53.55
CA ASP KA 102 43.70 74.80 53.92
C ASP KA 102 43.07 73.43 53.75
N ARG KA 103 43.37 72.75 52.65
CA ARG KA 103 42.64 71.57 52.24
C ARG KA 103 42.55 70.55 53.37
N GLN KA 104 41.51 69.73 53.30
CA GLN KA 104 41.16 68.77 54.34
C GLN KA 104 41.39 67.37 53.82
N PHE KA 105 41.21 66.40 54.72
CA PHE KA 105 41.39 64.99 54.37
C PHE KA 105 42.76 64.75 53.75
N LYS KA 106 43.80 65.35 54.33
CA LYS KA 106 45.12 65.13 53.78
C LYS KA 106 45.53 63.66 53.84
N PHE KA 107 44.87 62.86 54.67
CA PHE KA 107 45.26 61.49 54.92
C PHE KA 107 44.17 60.53 54.47
N ILE KA 108 43.33 60.96 53.53
CA ILE KA 108 42.17 60.20 53.11
C ILE KA 108 41.29 59.95 54.33
N ALA LA 1 -16.30 21.89 72.96
CA ALA LA 1 -16.11 23.33 72.92
C ALA LA 1 -16.77 23.93 71.69
N GLN LA 2 -17.21 25.18 71.81
CA GLN LA 2 -17.96 25.86 70.76
C GLN LA 2 -17.35 27.23 70.54
N VAL LA 3 -17.12 27.58 69.28
CA VAL LA 3 -16.64 28.91 68.91
C VAL LA 3 -17.85 29.71 68.44
N PRO LA 4 -18.16 30.85 69.06
CA PRO LA 4 -19.44 31.51 68.80
C PRO LA 4 -19.49 32.17 67.43
N LEU LA 5 -20.71 32.36 66.95
CA LEU LA 5 -20.97 33.13 65.75
C LEU LA 5 -20.72 34.62 66.02
N ALA LA 6 -20.49 35.37 64.94
CA ALA LA 6 -20.19 36.79 65.04
C ALA LA 6 -21.41 37.69 64.92
N ILE LA 7 -22.60 37.15 64.66
CA ILE LA 7 -23.78 37.98 64.55
C ILE LA 7 -24.02 38.70 65.88
N VAL LA 8 -24.54 39.92 65.80
CA VAL LA 8 -24.75 40.73 66.99
C VAL LA 8 -26.13 41.40 66.90
N SER LA 9 -26.81 41.48 68.04
CA SER LA 9 -28.11 42.12 68.14
C SER LA 9 -27.97 43.54 68.67
N HIS LA 10 -28.91 44.40 68.27
CA HIS LA 10 -28.87 45.80 68.67
C HIS LA 10 -28.83 45.93 70.19
N LYS LA 11 -29.44 44.99 70.90
CA LYS LA 11 -29.32 44.96 72.36
C LYS LA 11 -27.85 44.88 72.76
N ARG LA 12 -27.10 44.00 72.10
CA ARG LA 12 -25.68 43.85 72.43
C ARG LA 12 -24.87 45.06 71.97
N GLN LA 13 -25.17 45.59 70.78
CA GLN LA 13 -24.50 46.80 70.33
C GLN LA 13 -24.76 47.97 71.26
N VAL LA 14 -25.78 47.87 72.12
CA VAL LA 14 -26.14 48.93 73.04
C VAL LA 14 -25.66 48.60 74.44
N CYS LA 15 -25.64 47.32 74.79
CA CYS LA 15 -25.25 46.98 76.13
C CYS LA 15 -23.73 46.95 76.27
N SER LA 16 -23.04 46.33 75.31
CA SER LA 16 -21.59 46.41 75.30
C SER LA 16 -21.14 47.86 75.15
N LEU LA 17 -21.99 48.70 74.55
CA LEU LA 17 -21.73 50.13 74.56
C LEU LA 17 -21.77 50.67 75.99
N TYR LA 18 -22.75 50.22 76.77
CA TYR LA 18 -22.79 50.59 78.17
C TYR LA 18 -21.56 50.07 78.90
N LYS LA 19 -21.12 48.86 78.56
CA LYS LA 19 -19.91 48.31 79.16
C LYS LA 19 -18.70 49.20 78.89
N ARG LA 20 -18.47 49.53 77.62
CA ARG LA 20 -17.33 50.39 77.30
C ARG LA 20 -17.46 51.73 77.99
N ALA LA 21 -18.68 52.25 78.10
CA ALA LA 21 -18.87 53.52 78.78
C ALA LA 21 -18.42 53.43 80.23
N LEU LA 22 -18.88 52.40 80.94
CA LEU LA 22 -18.44 52.20 82.32
C LEU LA 22 -16.93 52.19 82.41
N ARG LA 23 -16.27 51.54 81.44
CA ARG LA 23 -14.82 51.56 81.38
C ARG LA 23 -14.33 52.98 81.19
N ASN LA 24 -14.97 53.74 80.31
CA ASN LA 24 -14.48 55.08 80.01
C ASN LA 24 -14.67 56.00 81.21
N LEU LA 25 -15.69 55.76 82.02
CA LEU LA 25 -15.77 56.45 83.31
C LEU LA 25 -14.55 56.14 84.17
N GLU LA 26 -14.15 54.87 84.23
CA GLU LA 26 -13.02 54.52 85.07
C GLU LA 26 -11.78 55.28 84.64
N SER LA 27 -11.45 55.19 83.36
CA SER LA 27 -10.26 55.81 82.84
C SER LA 27 -10.28 57.32 83.00
N TRP LA 28 -11.46 57.92 83.22
CA TRP LA 28 -11.54 59.36 83.43
C TRP LA 28 -11.88 59.74 84.86
N TYR LA 29 -12.49 58.83 85.62
CA TYR LA 29 -12.74 59.04 87.05
C TYR LA 29 -12.30 57.80 87.79
N ASP LA 30 -11.55 57.98 88.87
CA ASP LA 30 -10.97 56.87 89.62
C ASP LA 30 -11.62 56.67 90.97
N ARG LA 31 -11.79 57.72 91.77
CA ARG LA 31 -12.20 57.58 93.16
C ARG LA 31 -13.56 56.92 93.25
N ARG LA 32 -13.59 55.73 93.87
CA ARG LA 32 -14.79 54.91 93.85
C ARG LA 32 -16.01 55.65 94.38
N ASN LA 33 -15.80 56.54 95.35
CA ASN LA 33 -16.87 57.44 95.76
C ASN LA 33 -17.33 58.32 94.60
N VAL LA 34 -16.37 58.91 93.87
CA VAL LA 34 -16.72 59.69 92.69
C VAL LA 34 -17.35 58.81 91.64
N TYR LA 35 -16.77 57.63 91.42
CA TYR LA 35 -17.22 56.74 90.37
C TYR LA 35 -18.69 56.40 90.45
N ARG LA 36 -19.10 55.73 91.54
CA ARG LA 36 -20.45 55.22 91.62
C ARG LA 36 -21.48 56.33 91.42
N TYR LA 37 -21.17 57.53 91.90
CA TYR LA 37 -21.97 58.69 91.52
C TYR LA 37 -22.12 58.74 90.01
N ARG LA 38 -21.00 58.94 89.31
CA ARG LA 38 -21.07 59.23 87.89
C ARG LA 38 -21.49 58.02 87.09
N ALA LA 39 -21.15 56.82 87.56
CA ALA LA 39 -21.62 55.62 86.89
C ALA LA 39 -23.14 55.51 86.94
N VAL LA 40 -23.74 55.86 88.09
CA VAL LA 40 -25.19 55.83 88.17
C VAL LA 40 -25.80 57.04 87.46
N GLN LA 41 -25.08 58.16 87.43
CA GLN LA 41 -25.50 59.26 86.57
C GLN LA 41 -25.48 58.83 85.12
N LEU LA 42 -24.49 58.02 84.73
CA LEU LA 42 -24.49 57.44 83.40
C LEU LA 42 -25.71 56.56 83.17
N ARG LA 43 -26.10 55.77 84.17
CA ARG LA 43 -27.23 54.88 84.01
C ARG LA 43 -28.49 55.63 83.65
N ALA LA 44 -28.73 56.76 84.32
CA ALA LA 44 -29.89 57.58 83.97
C ALA LA 44 -29.85 57.98 82.51
N ARG LA 45 -28.64 58.26 82.00
CA ARG LA 45 -28.51 58.64 80.60
C ARG LA 45 -28.75 57.45 79.67
N PHE LA 46 -28.47 56.23 80.14
CA PHE LA 46 -28.96 55.02 79.49
C PHE LA 46 -30.36 54.59 79.90
N ASP LA 47 -31.02 55.32 80.79
CA ASP LA 47 -32.35 54.92 81.23
C ASP LA 47 -33.43 55.86 80.74
N GLU LA 48 -33.16 57.16 80.66
CA GLU LA 48 -34.18 58.10 80.23
C GLU LA 48 -34.71 57.75 78.84
N ASN LA 49 -33.87 57.17 77.99
CA ASN LA 49 -34.24 56.81 76.63
C ASN LA 49 -34.27 55.30 76.45
N ARG LA 50 -34.72 54.60 77.49
CA ARG LA 50 -34.67 53.14 77.56
C ARG LA 50 -35.20 52.49 76.28
N SER LA 51 -36.47 52.71 75.96
CA SER LA 51 -37.11 52.07 74.82
C SER LA 51 -37.50 53.13 73.80
N LYS LA 52 -36.83 53.12 72.65
CA LYS LA 52 -37.15 53.99 71.53
C LYS LA 52 -37.22 53.16 70.26
N ASP LA 53 -37.79 53.77 69.22
CA ASP LA 53 -37.84 53.14 67.92
C ASP LA 53 -36.45 52.72 67.46
N LEU LA 54 -36.43 51.74 66.54
CA LEU LA 54 -35.16 51.28 65.97
C LEU LA 54 -34.40 52.43 65.34
N GLY LA 55 -35.08 53.25 64.54
CA GLY LA 55 -34.42 54.36 63.87
C GLY LA 55 -33.74 55.29 64.85
N GLU LA 56 -34.46 55.66 65.92
CA GLU LA 56 -33.84 56.46 66.97
C GLU LA 56 -32.70 55.71 67.64
N GLY LA 57 -32.82 54.39 67.77
CA GLY LA 57 -31.70 53.62 68.30
C GLY LA 57 -30.47 53.75 67.43
N ILE LA 58 -30.66 53.79 66.11
CA ILE LA 58 -29.52 53.95 65.22
C ILE LA 58 -28.88 55.31 65.41
N ARG LA 59 -29.70 56.36 65.51
CA ARG LA 59 -29.13 57.67 65.82
C ARG LA 59 -28.56 57.67 67.23
N LEU LA 60 -29.16 56.91 68.14
CA LEU LA 60 -28.61 56.83 69.48
C LEU LA 60 -27.22 56.21 69.47
N LEU LA 61 -27.00 55.20 68.62
CA LEU LA 61 -25.63 54.73 68.46
C LEU LA 61 -24.78 55.78 67.77
N ALA LA 62 -25.37 56.53 66.82
CA ALA LA 62 -24.61 57.56 66.11
C ALA LA 62 -24.08 58.62 67.08
N CYS LA 63 -24.76 58.82 68.20
CA CYS LA 63 -24.25 59.73 69.23
C CYS LA 63 -23.43 58.96 70.27
N GLY LA 64 -23.97 57.84 70.74
CA GLY LA 64 -23.28 57.07 71.78
C GLY LA 64 -21.85 56.73 71.40
N GLN LA 65 -21.65 56.18 70.20
CA GLN LA 65 -20.31 55.79 69.79
C GLN LA 65 -19.38 56.98 69.78
N ARG LA 66 -19.83 58.12 69.26
CA ARG LA 66 -18.97 59.30 69.19
C ARG LA 66 -18.54 59.74 70.58
N GLU LA 67 -19.46 59.70 71.54
CA GLU LA 67 -19.13 60.11 72.89
C GLU LA 67 -17.95 59.29 73.43
N LEU LA 68 -18.04 57.97 73.32
CA LEU LA 68 -16.90 57.13 73.70
C LEU LA 68 -15.65 57.54 72.95
N PHE LA 69 -15.73 57.59 71.61
CA PHE LA 69 -14.52 57.82 70.83
C PHE LA 69 -13.94 59.20 71.07
N GLU LA 70 -14.81 60.21 71.17
CA GLU LA 70 -14.33 61.57 71.39
C GLU LA 70 -13.99 61.86 72.84
N THR LA 71 -14.44 61.02 73.77
CA THR LA 71 -14.18 61.21 75.20
C THR LA 71 -13.40 60.04 75.78
N ARG LA 72 -12.63 59.34 74.95
CA ARG LA 72 -11.84 58.22 75.43
C ARG LA 72 -10.58 58.73 76.11
N HIS LA 73 -10.32 58.23 77.31
CA HIS LA 73 -9.10 58.57 78.01
C HIS LA 73 -7.90 58.16 77.19
N PHE LA 74 -6.95 59.09 77.04
CA PHE LA 74 -5.74 58.80 76.28
C PHE LA 74 -4.95 57.65 76.87
N GLN LA 75 -5.18 57.34 78.15
CA GLN LA 75 -4.58 56.18 78.81
C GLN LA 75 -5.70 55.38 79.45
N PRO LA 76 -6.38 54.54 78.68
CA PRO LA 76 -7.48 53.75 79.27
C PRO LA 76 -6.96 52.83 80.35
N ARG LA 77 -7.82 52.51 81.30
CA ARG LA 77 -7.45 51.59 82.37
C ARG LA 77 -7.32 50.20 81.78
N ASN LA 78 -6.28 49.99 80.98
CA ASN LA 78 -6.01 48.65 80.47
C ASN LA 78 -5.77 47.72 81.64
N PHE LA 79 -6.22 46.48 81.48
CA PHE LA 79 -6.35 45.61 82.63
C PHE LA 79 -5.06 44.84 82.83
N ALA LA 80 -4.66 44.68 84.10
CA ALA LA 80 -3.33 44.20 84.44
C ALA LA 80 -3.04 42.81 83.89
N ASN LA 81 -3.75 41.80 84.37
CA ASN LA 81 -3.41 40.40 84.09
C ASN LA 81 -4.28 39.82 83.00
N SER LA 82 -4.64 40.62 82.00
CA SER LA 82 -5.43 40.16 80.87
C SER LA 82 -4.76 40.61 79.58
N ALA LA 83 -5.38 40.24 78.46
CA ALA LA 83 -4.85 40.62 77.15
C ALA LA 83 -4.67 42.12 77.06
N GLY LA 84 -3.50 42.54 76.59
CA GLY LA 84 -3.17 43.94 76.55
C GLY LA 84 -2.60 44.48 77.85
N GLY LA 85 -2.38 43.63 78.84
CA GLY LA 85 -1.90 44.08 80.13
C GLY LA 85 -0.51 44.67 80.05
N CYS LA 86 -0.11 45.31 81.14
CA CYS LA 86 1.21 45.90 81.23
C CYS LA 86 2.29 44.86 81.49
N ALA LA 87 1.91 43.65 81.92
CA ALA LA 87 2.87 42.57 82.10
C ALA LA 87 2.30 41.23 81.66
N PHE LA 88 1.15 41.19 81.01
CA PHE LA 88 0.53 39.94 80.60
C PHE LA 88 1.35 39.24 79.54
N GLU LA 89 1.25 37.91 79.53
CA GLU LA 89 1.89 37.07 78.52
C GLU LA 89 3.40 37.17 78.66
N ARG LA 90 3.86 37.24 79.90
CA ARG LA 90 5.26 37.53 80.18
C ARG LA 90 6.16 36.44 79.63
N GLU LA 91 5.75 35.18 79.77
CA GLU LA 91 6.54 34.05 79.28
C GLU LA 91 5.61 33.04 78.64
N VAL LA 92 6.20 32.12 77.89
CA VAL LA 92 5.49 31.04 77.23
C VAL LA 92 6.18 29.73 77.61
N ILE LA 93 5.49 28.63 77.32
CA ILE LA 93 6.00 27.29 77.61
C ILE LA 93 5.84 26.47 76.33
N PRO LA 94 6.78 25.60 75.99
CA PRO LA 94 6.68 24.89 74.72
C PRO LA 94 5.87 23.62 74.85
N PRO LA 95 5.52 22.98 73.74
CA PRO LA 95 4.75 21.74 73.82
C PRO LA 95 5.54 20.65 74.52
N ASP LA 96 4.81 19.72 75.13
CA ASP LA 96 5.43 18.79 76.05
C ASP LA 96 6.53 17.95 75.42
N TRP LA 97 6.51 17.77 74.10
CA TRP LA 97 7.48 16.87 73.50
C TRP LA 97 8.91 17.34 73.73
N VAL LA 98 9.10 18.62 74.08
CA VAL LA 98 10.40 19.09 74.50
C VAL LA 98 10.88 18.29 75.72
N LEU LA 99 9.97 18.07 76.68
CA LEU LA 99 10.31 17.20 77.79
C LEU LA 99 10.58 15.78 77.33
N ASP LA 100 9.98 15.38 76.20
CA ASP LA 100 10.21 14.04 75.70
C ASP LA 100 11.65 13.84 75.24
N TYR LA 101 12.33 14.92 74.84
CA TYR LA 101 13.68 14.84 74.30
C TYR LA 101 14.76 15.13 75.32
N TRP LA 102 14.51 14.87 76.60
CA TRP LA 102 15.55 15.03 77.58
C TRP LA 102 16.57 13.92 77.43
N HIS LA 103 17.83 14.24 77.68
CA HIS LA 103 18.87 13.23 77.63
C HIS LA 103 18.63 12.22 78.74
N PRO LA 104 18.89 10.92 78.51
CA PRO LA 104 18.51 9.91 79.52
C PRO LA 104 18.99 10.22 80.92
N LEU LA 105 20.18 10.80 81.06
CA LEU LA 105 20.62 11.29 82.36
C LEU LA 105 19.77 12.47 82.80
N GLU LA 106 19.41 13.35 81.86
CA GLU LA 106 18.43 14.38 82.18
C GLU LA 106 17.11 13.77 82.58
N LYS LA 107 16.71 12.68 81.92
CA LYS LA 107 15.50 11.98 82.34
C LYS LA 107 15.65 11.41 83.75
N ALA LA 108 16.88 11.16 84.19
CA ALA LA 108 17.12 10.42 85.41
C ALA LA 108 16.97 11.24 86.68
N GLN LA 109 16.41 12.45 86.62
CA GLN LA 109 16.17 13.24 87.81
C GLN LA 109 14.77 13.08 88.38
N TYR LA 110 13.76 12.82 87.56
CA TYR LA 110 12.38 12.70 88.00
C TYR LA 110 11.75 11.43 87.45
N PRO LA 111 12.28 10.27 87.84
CA PRO LA 111 11.75 9.02 87.29
C PRO LA 111 10.26 8.84 87.55
N GLU LA 112 9.80 9.20 88.75
CA GLU LA 112 8.39 9.02 89.07
C GLU LA 112 7.53 9.85 88.13
N TYR LA 113 7.95 11.09 87.89
CA TYR LA 113 7.26 11.91 86.90
C TYR LA 113 7.30 11.28 85.52
N PHE LA 114 8.49 10.87 85.07
CA PHE LA 114 8.59 10.35 83.73
C PHE LA 114 7.85 9.04 83.58
N ALA LA 115 7.87 8.21 84.62
CA ALA LA 115 7.09 6.96 84.59
C ALA LA 115 5.62 7.27 84.40
N LYS LA 116 5.07 8.15 85.25
CA LYS LA 116 3.68 8.54 85.08
C LYS LA 116 3.48 9.26 83.77
N ARG LA 117 4.49 10.01 83.32
CA ARG LA 117 4.42 10.65 82.01
C ARG LA 117 4.26 9.61 80.91
N GLU LA 118 5.01 8.50 81.01
CA GLU LA 118 4.90 7.45 80.01
C GLU LA 118 3.52 6.83 80.02
N GLN LA 119 2.97 6.57 81.22
CA GLN LA 119 1.65 5.95 81.31
C GLN LA 119 0.58 6.86 80.71
N ARG LA 120 0.53 8.11 81.15
CA ARG LA 120 -0.45 9.05 80.63
C ARG LA 120 -0.36 9.16 79.11
N LYS LA 121 0.84 9.00 78.55
CA LYS LA 121 1.01 9.14 77.11
C LYS LA 121 0.24 8.05 76.37
N LYS LA 122 0.39 6.80 76.79
CA LYS LA 122 -0.34 5.72 76.14
C LYS LA 122 -1.84 5.89 76.34
N GLU LA 123 -2.26 6.33 77.51
CA GLU LA 123 -3.68 6.56 77.76
C GLU LA 123 -4.21 7.71 76.93
N PHE LA 124 -3.37 8.71 76.64
CA PHE LA 124 -3.76 9.74 75.70
C PHE LA 124 -3.96 9.17 74.30
N VAL LA 125 -3.09 8.23 73.90
CA VAL LA 125 -3.25 7.61 72.59
C VAL LA 125 -4.61 6.95 72.49
N THR LA 126 -5.00 6.21 73.53
CA THR LA 126 -6.34 5.65 73.55
C THR LA 126 -7.38 6.75 73.45
N TRP LA 127 -7.15 7.86 74.15
CA TRP LA 127 -8.12 8.95 74.11
C TRP LA 127 -8.22 9.53 72.70
N TRP LA 128 -7.07 9.73 72.04
CA TRP LA 128 -7.12 10.32 70.71
C TRP LA 128 -7.72 9.35 69.70
N GLU LA 129 -7.44 8.06 69.84
CA GLU LA 129 -8.14 7.07 69.03
C GLU LA 129 -9.64 7.26 69.16
N LYS LA 130 -10.12 7.48 70.39
CA LYS LA 130 -11.53 7.75 70.60
C LYS LA 130 -11.96 9.03 69.91
N GLN LA 131 -11.09 10.03 69.86
CA GLN LA 131 -11.52 11.40 69.61
C GLN LA 131 -12.36 11.51 68.34
N TYR LA 132 -12.02 10.72 67.32
CA TYR LA 132 -12.92 10.51 66.19
C TYR LA 132 -12.85 9.06 65.71
N GLY LA 133 -12.56 8.13 66.61
CA GLY LA 133 -12.34 6.76 66.19
C GLY LA 133 -11.11 6.59 65.32
N LYS LA 134 -10.13 7.47 65.49
CA LYS LA 134 -8.94 7.46 64.65
C LYS LA 134 -9.32 7.62 63.18
N GLY MA 1 16.53 97.53 89.18
CA GLY MA 1 17.70 96.67 89.25
C GLY MA 1 17.49 95.31 88.59
N ASN MA 2 17.27 95.34 87.28
CA ASN MA 2 16.99 94.14 86.50
C ASN MA 2 17.69 94.28 85.15
N ALA MA 3 17.29 93.44 84.19
CA ALA MA 3 17.88 93.44 82.86
C ALA MA 3 16.89 93.74 81.74
N LEU MA 4 15.58 93.78 82.02
CA LEU MA 4 14.62 93.99 80.94
C LEU MA 4 14.72 95.39 80.34
N THR MA 5 15.12 96.37 81.14
CA THR MA 5 15.17 97.74 80.63
C THR MA 5 16.19 97.88 79.51
N HIS MA 6 17.09 96.91 79.35
CA HIS MA 6 18.03 96.93 78.24
C HIS MA 6 17.30 97.01 76.91
N TYR MA 7 16.26 96.18 76.74
CA TYR MA 7 15.55 96.13 75.47
C TYR MA 7 14.89 97.46 75.14
N MET MA 8 14.56 98.24 76.17
CA MET MA 8 13.96 99.55 75.93
C MET MA 8 15.03 100.60 75.65
N LYS MA 9 16.14 100.55 76.37
CA LYS MA 9 17.25 101.47 76.20
C LYS MA 9 18.53 100.66 76.05
N PRO MA 10 18.73 100.00 74.90
CA PRO MA 10 19.96 99.22 74.71
C PRO MA 10 21.22 100.05 74.80
N ASP MA 11 21.11 101.37 74.80
CA ASP MA 11 22.25 102.22 75.11
C ASP MA 11 22.45 102.37 76.62
N VAL MA 12 21.40 102.78 77.32
CA VAL MA 12 21.56 103.23 78.71
C VAL MA 12 22.16 102.12 79.56
N MET MA 13 21.62 100.92 79.46
CA MET MA 13 22.17 99.82 80.23
C MET MA 13 23.52 99.42 79.65
N PRO MA 14 24.59 99.33 80.46
CA PRO MA 14 25.91 99.12 79.86
C PRO MA 14 26.03 97.84 79.04
N GLY MA 15 25.41 96.76 79.49
CA GLY MA 15 25.60 95.46 78.87
C GLY MA 15 26.30 94.50 79.80
N PRO MA 16 26.47 93.27 79.34
CA PRO MA 16 27.11 92.24 80.17
C PRO MA 16 28.63 92.24 80.03
N ASP MA 17 29.28 91.85 81.11
CA ASP MA 17 30.71 91.50 81.07
C ASP MA 17 31.54 92.65 80.49
N VAL MA 18 31.10 93.87 80.74
CA VAL MA 18 31.63 95.03 80.02
C VAL MA 18 32.80 95.62 80.80
N VAL MA 19 33.86 95.94 80.05
CA VAL MA 19 35.07 96.52 80.61
C VAL MA 19 34.76 97.96 81.03
N PRO MA 20 35.48 98.54 81.99
CA PRO MA 20 35.32 99.97 82.26
C PRO MA 20 35.65 100.80 81.04
N THR MA 21 35.02 101.99 80.97
CA THR MA 21 35.13 102.86 79.81
C THR MA 21 35.33 104.33 80.21
N PHE MA 22 35.37 104.64 81.50
CA PHE MA 22 35.61 106.01 81.96
C PHE MA 22 36.60 106.07 83.13
N ASP MA 23 37.39 105.01 83.35
CA ASP MA 23 38.31 104.95 84.48
C ASP MA 23 39.28 106.12 84.56
N PRO MA 24 39.64 106.78 83.45
CA PRO MA 24 40.42 108.02 83.59
C PRO MA 24 39.88 109.01 84.60
N LEU MA 25 38.56 109.05 84.82
CA LEU MA 25 38.01 109.98 85.80
C LEU MA 25 38.36 109.55 87.23
N LEU MA 26 39.45 110.10 87.77
CA LEU MA 26 39.92 109.73 89.09
C LEU MA 26 39.37 110.61 90.20
N GLY MA 27 38.48 111.56 89.87
CA GLY MA 27 37.82 112.32 90.92
C GLY MA 27 36.92 111.48 91.79
N PHE MA 28 36.60 110.28 91.35
CA PHE MA 28 35.81 109.31 92.08
C PHE MA 28 36.68 108.09 92.36
N LYS MA 29 36.02 107.02 92.78
CA LYS MA 29 36.65 105.76 93.16
C LYS MA 29 37.60 105.25 92.08
N SER MA 30 38.39 104.23 92.42
CA SER MA 30 39.42 103.65 91.55
C SER MA 30 40.61 104.57 91.31
N ARG MA 31 41.29 104.97 92.40
CA ARG MA 31 42.56 105.69 92.32
C ARG MA 31 43.77 104.80 92.59
N LYS MA 32 43.62 103.73 93.35
CA LYS MA 32 44.70 102.77 93.57
C LYS MA 32 44.59 101.64 92.55
N GLU MA 33 45.53 100.71 92.60
CA GLU MA 33 45.67 99.64 91.61
C GLU MA 33 45.42 98.29 92.27
N ARG MA 34 45.49 97.24 91.45
CA ARG MA 34 45.39 95.88 91.92
C ARG MA 34 46.63 95.51 92.74
N VAL MA 35 46.63 94.30 93.26
CA VAL MA 35 47.75 93.76 94.02
C VAL MA 35 47.84 92.27 93.76
N MET MA 36 49.06 91.79 93.53
CA MET MA 36 49.33 90.39 93.23
C MET MA 36 50.10 89.77 94.39
N ILE MA 37 49.60 88.64 94.89
CA ILE MA 37 50.21 87.91 95.99
C ILE MA 37 50.86 86.62 95.48
N ALA MA 38 50.06 85.71 94.93
CA ALA MA 38 50.54 84.40 94.53
C ALA MA 38 51.25 84.53 93.19
N THR MA 39 52.57 84.31 93.19
CA THR MA 39 53.36 84.44 91.97
C THR MA 39 52.93 83.41 90.95
N GLN MA 40 52.94 83.81 89.67
CA GLN MA 40 52.49 82.93 88.60
C GLN MA 40 53.31 81.65 88.52
N GLU MA 41 54.54 81.68 89.02
CA GLU MA 41 55.36 80.47 89.04
C GLU MA 41 54.79 79.46 90.02
N GLU MA 42 54.47 79.91 91.24
CA GLU MA 42 53.80 79.04 92.20
C GLU MA 42 52.42 78.65 91.69
N MET MA 43 51.70 79.62 91.12
CA MET MA 43 50.40 79.32 90.53
C MET MA 43 50.53 78.26 89.45
N GLU MA 44 51.57 78.37 88.62
CA GLU MA 44 51.78 77.36 87.60
C GLU MA 44 51.88 75.97 88.22
N SER MA 45 52.76 75.82 89.21
CA SER MA 45 52.89 74.54 89.89
C SER MA 45 51.62 74.20 90.64
N ALA MA 46 50.83 75.20 91.02
CA ALA MA 46 49.58 74.93 91.69
C ALA MA 46 48.58 74.21 90.79
N LYS MA 47 48.78 74.26 89.48
CA LYS MA 47 47.88 73.69 88.50
C LYS MA 47 46.49 74.31 88.57
N LEU MA 48 46.37 75.49 89.14
CA LEU MA 48 45.10 76.18 89.19
C LEU MA 48 44.61 76.41 87.77
N PRO MA 49 43.40 75.95 87.40
CA PRO MA 49 42.94 76.19 86.03
C PRO MA 49 42.80 77.67 85.73
N LEU MA 50 43.07 78.02 84.47
CA LEU MA 50 43.13 79.43 84.09
C LEU MA 50 41.83 80.16 84.39
N GLU MA 51 40.70 79.45 84.33
CA GLU MA 51 39.43 80.10 84.61
C GLU MA 51 39.44 80.78 85.97
N PHE MA 52 40.17 80.23 86.93
CA PHE MA 52 40.34 80.82 88.25
C PHE MA 52 41.68 81.49 88.46
N ARG MA 53 42.62 81.37 87.52
CA ARG MA 53 43.96 81.92 87.78
C ARG MA 53 43.90 83.44 87.78
N ASP MA 54 43.27 83.99 88.81
CA ASP MA 54 43.06 85.42 88.91
C ASP MA 54 43.49 85.91 90.28
N TYR MA 55 43.18 87.15 90.61
CA TYR MA 55 43.80 87.78 91.77
C TYR MA 55 43.48 87.05 93.07
N CYS MA 56 42.41 86.27 93.11
CA CYS MA 56 42.05 85.51 94.32
C CYS MA 56 42.59 84.08 94.26
N ALA MA 57 43.89 83.91 94.03
CA ALA MA 57 44.48 82.59 93.91
C ALA MA 57 45.39 82.22 95.08
N HIS MA 58 45.97 83.21 95.74
CA HIS MA 58 46.79 82.94 96.92
C HIS MA 58 46.03 82.10 97.95
N LEU MA 59 44.81 82.51 98.30
CA LEU MA 59 43.99 81.67 99.17
C LEU MA 59 43.65 80.35 98.49
N ALA MA 60 43.53 80.36 97.16
CA ALA MA 60 43.17 79.13 96.46
C ALA MA 60 44.22 78.06 96.67
N ILE MA 61 45.48 78.39 96.39
CA ILE MA 61 46.56 77.45 96.71
C ILE MA 61 46.62 77.16 98.19
N ALA MA 62 46.27 78.14 99.03
CA ALA MA 62 46.21 77.87 100.46
C ALA MA 62 45.22 76.75 100.75
N TYR MA 63 44.04 76.82 100.14
CA TYR MA 63 43.06 75.76 100.35
C TYR MA 63 43.59 74.42 99.86
N GLN MA 64 44.20 74.41 98.66
CA GLN MA 64 44.74 73.16 98.13
C GLN MA 64 45.68 72.51 99.13
N ALA MA 65 46.47 73.32 99.84
CA ALA MA 65 47.29 72.79 100.91
C ALA MA 65 46.42 72.17 101.99
N CYS MA 66 45.36 72.87 102.39
CA CYS MA 66 44.47 72.33 103.42
C CYS MA 66 43.91 70.99 102.98
N ARG MA 67 43.42 70.91 101.74
CA ARG MA 67 42.76 69.70 101.29
C ARG MA 67 43.76 68.57 101.04
N SER MA 68 44.94 68.90 100.51
CA SER MA 68 45.97 67.87 100.36
C SER MA 68 46.56 67.46 101.70
N ASP MA 69 46.43 68.30 102.73
CA ASP MA 69 46.92 67.93 104.05
C ASP MA 69 46.02 66.90 104.69
N THR MA 70 44.75 67.26 104.92
CA THR MA 70 43.84 66.44 105.69
C THR MA 70 42.72 65.95 104.78
N PHE MA 71 43.09 65.46 103.60
CA PHE MA 71 42.12 65.07 102.60
C PHE MA 71 41.04 64.10 103.07
N PRO MA 72 41.32 63.06 103.86
CA PRO MA 72 40.27 62.06 104.12
C PRO MA 72 39.04 62.63 104.75
N PHE MA 73 39.17 63.74 105.46
CA PHE MA 73 38.03 64.43 106.06
C PHE MA 73 38.16 65.90 105.70
N VAL MA 74 37.67 66.24 104.51
CA VAL MA 74 37.81 67.62 104.07
C VAL MA 74 36.94 68.54 104.93
N TYR MA 75 35.86 67.99 105.51
CA TYR MA 75 34.94 68.80 106.30
C TYR MA 75 35.67 69.56 107.40
N LYS MA 76 36.77 69.01 107.89
CA LYS MA 76 37.59 69.76 108.84
C LYS MA 76 38.14 71.02 108.20
N CYS MA 77 38.58 70.93 106.95
CA CYS MA 77 39.06 72.09 106.21
C CYS MA 77 37.84 72.95 105.86
N ALA MA 78 37.41 73.75 106.83
CA ALA MA 78 36.26 74.64 106.68
C ALA MA 78 36.68 76.09 106.60
N HIS MA 79 37.49 76.57 107.54
CA HIS MA 79 37.82 77.98 107.60
C HIS MA 79 38.60 78.43 106.37
N GLN MA 80 39.46 77.56 105.84
CA GLN MA 80 40.16 77.90 104.61
C GLN MA 80 39.17 78.14 103.49
N LYS MA 81 38.14 77.30 103.39
CA LYS MA 81 37.05 77.58 102.46
C LYS MA 81 36.34 78.88 102.82
N HIS MA 82 36.06 79.08 104.10
CA HIS MA 82 35.33 80.26 104.53
C HIS MA 82 36.07 81.53 104.09
N GLU MA 83 37.37 81.59 104.34
CA GLU MA 83 38.12 82.78 103.94
C GLU MA 83 38.16 82.92 102.43
N TYR MA 84 38.41 81.82 101.71
CA TYR MA 84 38.61 81.90 100.27
C TYR MA 84 37.39 82.47 99.57
N LEU MA 85 36.21 81.95 99.91
CA LEU MA 85 34.99 82.45 99.31
C LEU MA 85 34.74 83.90 99.72
N THR MA 86 35.16 84.28 100.92
CA THR MA 86 35.04 85.67 101.33
C THR MA 86 35.93 86.56 100.48
N CYS MA 87 37.18 86.16 100.28
CA CYS MA 87 38.07 86.93 99.42
C CYS MA 87 37.48 87.05 98.02
N GLU MA 88 36.88 85.98 97.52
CA GLU MA 88 36.15 86.06 96.27
C GLU MA 88 34.96 86.99 96.41
N TYR MA 89 34.24 86.92 97.54
CA TYR MA 89 33.06 87.76 97.69
C TYR MA 89 33.43 89.23 97.61
N GLU MA 90 34.56 89.61 98.21
CA GLU MA 90 34.99 91.00 98.11
C GLU MA 90 35.27 91.38 96.66
N ASP MA 91 35.89 90.47 95.90
CA ASP MA 91 36.07 90.71 94.49
C ASP MA 91 34.72 90.95 93.81
N TYR MA 92 33.71 90.16 94.18
CA TYR MA 92 32.39 90.34 93.58
C TYR MA 92 31.83 91.70 93.92
N VAL MA 93 32.08 92.17 95.14
CA VAL MA 93 31.66 93.53 95.50
C VAL MA 93 32.32 94.52 94.56
N LEU MA 94 33.61 94.34 94.27
CA LEU MA 94 34.28 95.19 93.30
C LEU MA 94 33.65 95.04 91.92
N ARG MA 95 33.24 93.82 91.55
CA ARG MA 95 32.61 93.62 90.26
C ARG MA 95 31.35 94.47 90.12
N MET MA 96 30.47 94.41 91.12
CA MET MA 96 29.29 95.25 91.11
C MET MA 96 29.69 96.72 91.08
N LYS MA 97 30.57 97.13 92.00
CA LYS MA 97 30.93 98.54 92.11
C LYS MA 97 31.54 99.06 90.83
N GLU MA 98 32.28 98.20 90.12
CA GLU MA 98 32.75 98.57 88.79
C GLU MA 98 31.58 98.77 87.84
N PHE MA 99 30.58 97.89 87.89
CA PHE MA 99 29.44 98.02 87.00
C PHE MA 99 28.73 99.34 87.20
N GLU MA 100 28.43 99.69 88.45
CA GLU MA 100 27.76 100.95 88.69
C GLU MA 100 28.69 102.14 88.55
N ARG MA 101 30.00 101.95 88.76
CA ARG MA 101 30.92 103.05 88.56
C ARG MA 101 30.90 103.48 87.10
N GLU MA 102 31.07 102.53 86.18
CA GLU MA 102 30.98 102.87 84.76
C GLU MA 102 29.56 103.28 84.38
N ARG MA 103 28.57 102.82 85.16
CA ARG MA 103 27.22 103.36 85.00
C ARG MA 103 27.16 104.82 85.43
N ARG MA 104 27.73 105.11 86.61
CA ARG MA 104 27.78 106.49 87.07
C ARG MA 104 28.54 107.36 86.07
N LEU MA 105 29.75 106.95 85.72
CA LEU MA 105 30.56 107.75 84.81
C LEU MA 105 29.89 107.88 83.45
N LEU MA 106 29.06 106.90 83.08
CA LEU MA 106 28.24 107.03 81.89
C LEU MA 106 27.17 108.11 82.08
N GLU MA 107 26.45 108.05 83.20
CA GLU MA 107 25.28 108.92 83.36
C GLU MA 107 25.67 110.40 83.39
N ARG MA 108 26.75 110.74 84.08
CA ARG MA 108 27.09 112.16 84.25
C ARG MA 108 27.38 112.84 82.92
N GLN MA 109 27.66 112.07 81.87
CA GLN MA 109 27.92 112.61 80.55
C GLN MA 109 26.85 112.28 79.52
N LYS MA 110 25.87 111.43 79.87
CA LYS MA 110 24.82 111.02 78.94
C LYS MA 110 24.19 112.19 78.20
N ARG MA 111 23.50 113.05 78.94
CA ARG MA 111 22.79 114.17 78.34
C ARG MA 111 23.71 115.33 77.97
N LEU MA 112 24.90 115.38 78.55
CA LEU MA 112 25.78 116.54 78.37
C LEU MA 112 26.19 116.68 76.90
N PRO NA 1 55.11 62.52 104.09
CA PRO NA 1 53.82 61.85 103.91
C PRO NA 1 52.71 62.53 104.72
N ARG NA 2 52.37 63.75 104.30
CA ARG NA 2 51.40 64.54 105.05
C ARG NA 2 50.03 63.88 105.04
N SER NA 3 49.52 63.53 103.87
CA SER NA 3 48.14 63.08 103.77
C SER NA 3 47.98 61.68 104.34
N PRO NA 4 46.86 61.37 105.02
CA PRO NA 4 46.63 60.01 105.50
C PRO NA 4 46.48 58.95 104.42
N MET NA 5 45.51 59.05 103.49
CA MET NA 5 45.38 57.93 102.56
C MET NA 5 46.59 57.83 101.64
N ALA NA 6 47.15 58.97 101.23
CA ALA NA 6 48.36 58.93 100.42
C ALA NA 6 49.48 58.27 101.21
N SER NA 7 49.52 58.49 102.52
CA SER NA 7 50.40 57.75 103.39
C SER NA 7 50.00 56.29 103.53
N PHE NA 8 48.81 55.92 103.07
CA PHE NA 8 48.37 54.53 102.96
C PHE NA 8 48.51 53.97 101.55
N ALA NA 9 48.16 54.76 100.53
CA ALA NA 9 48.33 54.30 99.17
C ALA NA 9 49.77 53.87 98.92
N GLU NA 10 50.72 54.60 99.52
CA GLU NA 10 52.10 54.17 99.49
C GLU NA 10 52.25 52.75 100.01
N SER NA 11 51.47 52.40 101.04
CA SER NA 11 51.61 51.08 101.64
C SER NA 11 51.24 49.98 100.64
N VAL NA 12 50.14 50.16 99.91
CA VAL NA 12 49.80 49.17 98.89
C VAL NA 12 50.78 49.24 97.74
N LEU NA 13 51.31 50.43 97.45
CA LEU NA 13 52.35 50.55 96.43
C LEU NA 13 53.59 49.75 96.84
N ASN NA 14 53.93 49.75 98.11
CA ASN NA 14 54.97 48.86 98.59
C ASN NA 14 54.54 47.41 98.49
N VAL NA 15 53.26 47.14 98.73
CA VAL NA 15 52.76 45.77 98.62
C VAL NA 15 52.87 45.28 97.19
N ILE NA 16 52.40 46.07 96.24
CA ILE NA 16 52.40 45.63 94.85
C ILE NA 16 53.82 45.54 94.30
N ASP NA 17 54.62 46.58 94.53
CA ASP NA 17 55.97 46.57 93.96
C ASP NA 17 56.85 45.48 94.56
N GLY NA 18 56.53 45.01 95.76
CA GLY NA 18 57.41 44.11 96.47
C GLY NA 18 57.67 42.81 95.72
N PRO NA 19 56.64 41.96 95.61
CA PRO NA 19 56.88 40.63 95.00
C PRO NA 19 57.38 40.70 93.58
N ILE NA 20 56.89 41.64 92.77
CA ILE NA 20 57.29 41.71 91.37
C ILE NA 20 58.78 41.98 91.26
N THR NA 21 59.27 43.00 91.97
CA THR NA 21 60.69 43.33 91.87
C THR NA 21 61.54 42.24 92.49
N TRP NA 22 61.03 41.59 93.54
CA TRP NA 22 61.70 40.40 94.03
C TRP NA 22 61.75 39.33 92.95
N PHE NA 23 60.64 39.13 92.25
CA PHE NA 23 60.62 38.11 91.21
C PHE NA 23 61.63 38.45 90.12
N ARG NA 24 61.72 39.73 89.76
CA ARG NA 24 62.67 40.15 88.74
C ARG NA 24 64.08 39.79 89.13
N GLU NA 25 64.46 40.08 90.37
CA GLU NA 25 65.83 39.83 90.79
C GLU NA 25 66.08 38.37 91.12
N SER NA 26 65.03 37.55 91.27
CA SER NA 26 65.19 36.21 91.82
C SER NA 26 65.17 35.13 90.75
N ILE NA 27 64.27 35.22 89.77
CA ILE NA 27 64.09 34.15 88.80
C ILE NA 27 64.19 34.72 87.38
N VAL NA 28 64.99 35.77 87.21
CA VAL NA 28 65.32 36.27 85.88
C VAL NA 28 66.84 36.34 85.76
N GLU NA 29 67.47 37.10 86.64
CA GLU NA 29 68.92 37.27 86.58
C GLU NA 29 69.67 35.96 86.63
N PRO NA 30 69.32 34.97 87.45
CA PRO NA 30 70.02 33.69 87.42
C PRO NA 30 69.56 32.74 86.33
N ASN NA 31 68.77 33.22 85.36
CA ASN NA 31 68.21 32.34 84.34
C ASN NA 31 68.17 33.00 82.96
N GLN NA 32 69.03 33.98 82.70
CA GLN NA 32 68.98 34.75 81.47
C GLN NA 32 70.31 34.62 80.71
N GLN NA 33 70.20 34.27 79.44
CA GLN NA 33 71.35 34.24 78.54
C GLN NA 33 71.43 35.54 77.77
N LYS NA 34 72.66 35.95 77.48
CA LYS NA 34 72.93 37.22 76.83
C LYS NA 34 72.97 37.04 75.31
N GLN NA 35 72.18 37.84 74.60
CA GLN NA 35 72.17 37.79 73.15
C GLN NA 35 71.80 39.17 72.62
N ASN NA 36 72.19 39.42 71.37
CA ASN NA 36 72.19 40.74 70.79
C ASN NA 36 71.35 40.72 69.52
N TRP NA 37 70.61 41.80 69.27
CA TRP NA 37 69.82 41.93 68.06
C TRP NA 37 69.93 43.35 67.54
N TYR NA 38 70.42 43.49 66.32
CA TYR NA 38 70.72 44.78 65.73
C TYR NA 38 69.52 45.28 64.92
N HIS NA 39 69.76 46.28 64.07
CA HIS NA 39 68.74 47.05 63.39
C HIS NA 39 69.16 47.30 61.94
N GLN NA 40 68.24 47.08 60.99
CA GLN NA 40 68.60 47.10 59.57
C GLN NA 40 69.35 48.36 59.15
N ARG NA 41 70.12 48.23 58.07
CA ARG NA 41 70.65 49.37 57.32
C ARG NA 41 70.61 48.99 55.84
N PHE NA 42 69.49 49.31 55.20
CA PHE NA 42 69.31 49.01 53.78
C PHE NA 42 70.07 50.00 52.92
N ARG NA 43 70.86 49.46 51.99
CA ARG NA 43 71.62 50.29 51.08
C ARG NA 43 70.68 51.11 50.20
N ARG NA 44 71.18 52.26 49.75
CA ARG NA 44 70.38 53.07 48.84
C ARG NA 44 70.28 52.34 47.49
N VAL NA 45 69.41 52.87 46.63
CA VAL NA 45 69.12 52.24 45.34
C VAL NA 45 69.03 53.30 44.27
N PRO NA 46 69.37 52.95 43.02
CA PRO NA 46 69.11 53.89 41.93
C PRO NA 46 67.61 54.07 41.72
N THR NA 47 67.11 55.26 42.07
CA THR NA 47 65.69 55.52 42.08
C THR NA 47 65.17 55.55 40.64
N ILE NA 48 63.87 55.85 40.50
CA ILE NA 48 63.23 55.78 39.20
C ILE NA 48 63.92 56.70 38.20
N ASP NA 49 64.33 57.88 38.65
CA ASP NA 49 65.11 58.77 37.79
C ASP NA 49 66.31 58.04 37.19
N GLN NA 50 67.03 57.28 38.00
CA GLN NA 50 68.21 56.59 37.49
C GLN NA 50 67.83 55.48 36.53
N CYS NA 51 66.88 54.63 36.91
CA CYS NA 51 66.61 53.41 36.16
C CYS NA 51 66.15 53.74 34.75
N TYR NA 52 66.21 52.73 33.88
CA TYR NA 52 65.89 52.90 32.48
C TYR NA 52 64.40 52.71 32.23
N THR NA 53 64.00 52.99 30.98
CA THR NA 53 62.59 52.93 30.61
C THR NA 53 61.97 51.60 30.97
N ASP NA 54 62.64 50.50 30.61
CA ASP NA 54 62.14 49.15 30.86
C ASP NA 54 63.26 48.35 31.52
N ASP NA 55 63.36 48.46 32.85
CA ASP NA 55 64.36 47.77 33.66
C ASP NA 55 63.65 47.16 34.87
N ALA NA 56 62.59 46.41 34.59
CA ALA NA 56 61.63 45.94 35.57
C ALA NA 56 62.22 45.60 36.93
N VAL NA 57 63.35 44.90 36.97
CA VAL NA 57 63.99 44.62 38.26
C VAL NA 57 64.37 45.92 38.95
N CYS NA 58 64.98 46.85 38.21
CA CYS NA 58 65.37 48.10 38.83
C CYS NA 58 64.15 48.88 39.31
N ARG NA 59 63.11 48.96 38.48
CA ARG NA 59 61.90 49.67 38.91
C ARG NA 59 61.32 49.01 40.16
N PHE NA 60 61.34 47.69 40.21
CA PHE NA 60 60.83 47.01 41.40
C PHE NA 60 61.68 47.35 42.61
N GLU NA 61 63.00 47.43 42.44
CA GLU NA 61 63.85 47.81 43.55
C GLU NA 61 63.55 49.22 44.01
N ALA NA 62 63.30 50.14 43.08
CA ALA NA 62 63.02 51.52 43.47
C ALA NA 62 61.73 51.62 44.28
N ASP NA 63 60.69 50.90 43.87
CA ASP NA 63 59.41 51.01 44.57
C ASP NA 63 59.54 50.53 46.00
N GLN NA 64 60.23 49.41 46.22
CA GLN NA 64 60.40 48.90 47.56
C GLN NA 64 61.10 49.92 48.45
N GLN NA 65 62.10 50.61 47.90
CA GLN NA 65 62.71 51.71 48.62
C GLN NA 65 61.70 52.80 48.91
N PHE NA 66 60.87 53.11 47.93
CA PHE NA 66 59.85 54.13 48.12
C PHE NA 66 58.86 53.72 49.21
N ARG NA 67 58.43 52.45 49.20
CA ARG NA 67 57.47 51.99 50.19
C ARG NA 67 58.05 52.10 51.60
N ARG NA 68 59.26 51.58 51.81
CA ARG NA 68 59.86 51.65 53.13
C ARG NA 68 60.04 53.09 53.56
N ASP NA 69 60.51 53.94 52.65
CA ASP NA 69 60.60 55.36 52.97
C ASP NA 69 59.24 55.94 53.26
N ARG NA 70 58.22 55.52 52.52
CA ARG NA 70 56.88 55.96 52.85
C ARG NA 70 56.51 55.54 54.26
N MET NA 71 56.80 54.29 54.61
CA MET NA 71 56.37 53.79 55.91
C MET NA 71 57.03 54.58 57.03
N VAL NA 72 58.28 55.00 56.83
CA VAL NA 72 58.97 55.80 57.85
C VAL NA 72 58.38 57.20 57.92
N ASP NA 73 58.35 57.89 56.77
CA ASP NA 73 57.82 59.26 56.78
C ASP NA 73 56.36 59.28 57.17
N ASN NA 74 55.59 58.32 56.68
CA ASN NA 74 54.27 57.99 57.22
C ASN NA 74 54.34 58.05 58.73
N GLU NA 75 55.36 57.42 59.30
CA GLU NA 75 55.50 57.40 60.74
C GLU NA 75 55.90 58.73 61.35
N ILE NA 76 56.88 59.43 60.75
CA ILE NA 76 57.42 60.61 61.40
C ILE NA 76 56.30 61.57 61.73
N VAL NA 77 55.26 61.57 60.91
CA VAL NA 77 54.04 62.29 61.23
C VAL NA 77 53.44 61.79 62.53
N ASN NA 78 53.37 60.46 62.69
CA ASN NA 78 52.78 59.92 63.91
C ASN NA 78 53.59 60.32 65.13
N ILE NA 79 54.92 60.18 65.08
CA ILE NA 79 55.72 60.47 66.25
C ILE NA 79 55.55 61.92 66.66
N LEU NA 80 55.61 62.83 65.69
CA LEU NA 80 55.39 64.23 66.00
C LEU NA 80 54.02 64.44 66.61
N ARG NA 81 53.02 63.68 66.14
CA ARG NA 81 51.71 63.73 66.77
C ARG NA 81 51.78 63.25 68.21
N GLN NA 82 52.43 62.12 68.44
CA GLN NA 82 52.59 61.63 69.80
C GLN NA 82 53.33 62.63 70.65
N ARG NA 83 54.32 63.28 70.06
CA ARG NA 83 55.09 64.27 70.80
C ARG NA 83 54.20 65.44 71.21
N PHE NA 84 53.47 66.00 70.25
CA PHE NA 84 52.50 67.05 70.58
C PHE NA 84 51.49 66.54 71.59
N GLU NA 85 51.06 65.28 71.45
CA GLU NA 85 50.14 64.69 72.40
C GLU NA 85 50.62 64.81 73.83
N ASP NA 86 51.89 64.50 74.07
CA ASP NA 86 52.39 64.58 75.43
C ASP NA 86 52.29 66.00 75.96
N CYS NA 87 52.67 66.98 75.14
CA CYS NA 87 52.70 68.37 75.60
C CYS NA 87 51.31 68.83 76.01
N THR NA 88 50.31 68.55 75.19
CA THR NA 88 48.96 68.96 75.56
C THR NA 88 48.52 68.28 76.85
N LEU NA 89 49.06 67.11 77.16
CA LEU NA 89 48.77 66.46 78.42
C LEU NA 89 49.64 67.00 79.55
N TYR NA 90 50.71 67.72 79.24
CA TYR NA 90 51.69 68.13 80.23
C TYR NA 90 51.04 68.70 81.49
N GLU NA 91 50.34 69.81 81.36
CA GLU NA 91 49.64 70.41 82.50
C GLU NA 91 48.34 71.02 82.01
N ALA NA 92 47.33 70.94 82.88
CA ALA NA 92 46.01 71.49 82.56
C ALA NA 92 46.04 72.93 82.10
N PRO NA 93 46.72 73.85 82.78
CA PRO NA 93 46.90 75.19 82.21
C PRO NA 93 47.79 75.21 81.01
N ASP NA 94 48.73 74.26 80.93
CA ASP NA 94 49.78 74.26 79.92
C ASP NA 94 49.24 73.65 78.62
N HIS NA 95 48.58 74.51 77.85
CA HIS NA 95 48.31 74.21 76.44
C HIS NA 95 49.01 75.20 75.53
N MET NA 96 48.70 76.49 75.65
CA MET NA 96 49.38 77.47 74.80
C MET NA 96 50.84 77.64 75.16
N VAL NA 97 51.28 77.08 76.28
CA VAL NA 97 52.68 77.20 76.68
C VAL NA 97 53.60 76.64 75.61
N LYS NA 98 53.25 75.50 75.03
CA LYS NA 98 54.08 74.87 74.01
C LYS NA 98 53.30 74.22 72.88
N CYS NA 99 52.00 74.50 72.72
CA CYS NA 99 51.29 73.95 71.57
C CYS NA 99 51.87 74.43 70.26
N ARG NA 100 51.79 75.73 69.98
CA ARG NA 100 52.31 76.22 68.70
C ARG NA 100 53.79 75.96 68.56
N PRO NA 101 54.63 76.23 69.57
CA PRO NA 101 56.07 75.94 69.40
C PRO NA 101 56.36 74.49 69.07
N LEU NA 102 55.50 73.57 69.51
CA LEU NA 102 55.70 72.14 69.25
C LEU NA 102 54.82 71.62 68.13
N MET NA 103 53.54 72.03 68.10
CA MET NA 103 52.64 71.56 67.06
C MET NA 103 53.15 71.92 65.68
N ASP NA 104 53.63 73.15 65.50
CA ASP NA 104 53.94 73.62 64.15
C ASP NA 104 54.94 72.70 63.46
N GLN NA 105 55.84 72.08 64.20
CA GLN NA 105 56.67 71.03 63.63
C GLN NA 105 55.78 69.97 63.01
N TYR NA 106 54.76 69.54 63.74
CA TYR NA 106 53.82 68.56 63.20
C TYR NA 106 53.07 69.14 62.00
N GLU NA 107 52.74 70.43 62.06
CA GLU NA 107 52.05 71.04 60.92
C GLU NA 107 52.91 70.98 59.68
N LYS NA 108 54.15 71.47 59.76
CA LYS NA 108 55.04 71.40 58.62
C LYS NA 108 55.20 69.96 58.15
N ALA NA 109 55.31 69.04 59.10
CA ALA NA 109 55.51 67.64 58.75
C ALA NA 109 54.36 67.13 57.91
N THR NA 110 53.13 67.45 58.31
CA THR NA 110 51.98 66.98 57.54
C THR NA 110 52.04 67.51 56.12
N GLU NA 111 52.23 68.81 55.96
CA GLU NA 111 52.19 69.39 54.61
C GLU NA 111 53.31 68.82 53.76
N ASN NA 112 54.52 68.73 54.31
CA ASN NA 112 55.61 68.11 53.57
C ASN NA 112 55.27 66.67 53.24
N TRP NA 113 54.72 65.95 54.20
CA TRP NA 113 54.36 64.56 53.96
C TRP NA 113 53.31 64.46 52.86
N PHE NA 114 52.32 65.35 52.90
CA PHE NA 114 51.31 65.33 51.84
C PHE NA 114 51.97 65.53 50.49
N ILE NA 115 52.82 66.55 50.37
CA ILE NA 115 53.38 66.92 49.08
C ILE NA 115 54.11 65.74 48.47
N LYS NA 116 54.98 65.10 49.25
CA LYS NA 116 55.73 63.97 48.72
C LYS NA 116 54.80 62.81 48.38
N TYR NA 117 54.08 62.31 49.36
CA TYR NA 117 53.28 61.09 49.20
C TYR NA 117 51.81 61.34 48.97
N GLY NA 118 51.27 62.42 49.50
CA GLY NA 118 49.83 62.59 49.48
C GLY NA 118 49.27 62.72 48.08
N ASP NA 119 48.00 62.38 47.94
CA ASP NA 119 47.19 62.57 46.73
C ASP NA 119 47.42 61.48 45.68
N LEU NA 120 48.11 60.39 46.02
CA LEU NA 120 48.36 59.33 45.06
C LEU NA 120 47.43 58.13 45.24
N GLY NA 121 47.02 57.84 46.47
CA GLY NA 121 46.19 56.69 46.73
C GLY NA 121 46.98 55.40 46.71
N GLY NA 122 46.31 54.31 47.07
CA GLY NA 122 46.94 53.01 47.07
C GLY NA 122 47.38 52.61 45.67
N TYR NA 123 48.26 51.61 45.63
CA TYR NA 123 48.96 51.12 44.44
C TYR NA 123 50.06 52.09 44.04
N ALA NA 124 50.20 53.22 44.70
CA ALA NA 124 51.12 54.24 44.23
C ALA NA 124 52.55 53.75 44.40
N ASN NA 125 53.31 53.81 43.33
CA ASN NA 125 54.69 53.35 43.29
C ASN NA 125 55.61 54.54 43.16
N ALA NA 126 56.90 54.26 43.07
CA ALA NA 126 57.87 55.35 42.95
C ALA NA 126 57.63 56.16 41.69
N LYS NA 127 57.18 55.53 40.61
CA LYS NA 127 57.06 56.26 39.35
C LYS NA 127 56.05 57.39 39.46
N THR NA 128 54.82 57.07 39.88
CA THR NA 128 53.80 58.10 39.93
C THR NA 128 54.17 59.19 40.93
N ALA NA 129 54.77 58.81 42.07
CA ALA NA 129 55.20 59.82 43.02
C ALA NA 129 56.28 60.70 42.42
N TYR NA 130 57.30 60.09 41.82
CA TYR NA 130 58.43 60.87 41.31
C TYR NA 130 57.98 61.85 40.24
N MET NA 131 57.17 61.40 39.30
CA MET NA 131 56.74 62.29 38.24
C MET NA 131 55.82 63.38 38.78
N LYS NA 132 55.08 63.11 39.86
CA LYS NA 132 54.26 64.16 40.43
C LYS NA 132 55.12 65.33 40.87
N GLN NA 133 56.26 65.03 41.50
CA GLN NA 133 57.18 66.10 41.85
C GLN NA 133 57.60 66.86 40.61
N LYS NA 134 57.91 66.14 39.52
CA LYS NA 134 58.25 66.81 38.28
C LYS NA 134 57.13 67.75 37.84
N HIS NA 135 55.89 67.28 37.92
CA HIS NA 135 54.78 68.14 37.54
C HIS NA 135 54.67 69.35 38.45
N ARG NA 136 54.87 69.15 39.75
CA ARG NA 136 54.78 70.28 40.67
C ARG NA 136 55.89 71.29 40.40
N LEU NA 137 57.10 70.82 40.12
CA LEU NA 137 58.18 71.75 39.80
C LEU NA 137 57.84 72.57 38.58
N ILE NA 138 57.25 71.93 37.56
CA ILE NA 138 56.85 72.66 36.37
C ILE NA 138 55.79 73.69 36.72
N TRP NA 139 54.81 73.30 37.53
CA TRP NA 139 53.76 74.25 37.91
C TRP NA 139 54.34 75.43 38.67
N GLU NA 140 55.21 75.16 39.64
CA GLU NA 140 55.78 76.23 40.44
C GLU NA 140 56.52 77.22 39.54
N ARG NA 141 57.28 76.72 38.57
CA ARG NA 141 58.04 77.59 37.70
C ARG NA 141 57.14 78.38 36.76
N ARG NA 142 56.02 77.79 36.30
CA ARG NA 142 55.19 78.46 35.31
C ARG NA 142 54.13 79.35 35.95
N HIS NA 143 53.26 78.76 36.77
CA HIS NA 143 52.12 79.49 37.30
C HIS NA 143 52.34 80.06 38.69
N GLY NA 144 53.51 79.85 39.27
CA GLY NA 144 53.81 80.44 40.56
C GLY NA 144 53.31 79.60 41.70
N PRO NA 145 53.29 80.16 42.91
CA PRO NA 145 52.93 79.37 44.09
C PRO NA 145 51.57 78.70 43.96
N VAL NA 146 51.54 77.40 44.22
CA VAL NA 146 50.27 76.69 44.27
C VAL NA 146 49.41 77.33 45.35
N GLY NA 147 48.19 77.67 44.99
CA GLY NA 147 47.33 78.44 45.87
C GLY NA 147 47.12 79.84 45.35
N SER NA 148 47.18 80.00 44.03
CA SER NA 148 46.96 81.30 43.41
C SER NA 148 46.13 81.20 42.13
N GLY NA 149 45.57 80.04 41.81
CA GLY NA 149 44.98 79.90 40.50
C GLY NA 149 46.08 79.97 39.46
N MET NA 150 45.69 80.39 38.25
CA MET NA 150 46.63 80.62 37.17
C MET NA 150 46.60 82.11 36.80
N LYS NA 151 47.47 82.49 35.89
CA LYS NA 151 47.49 83.86 35.37
C LYS NA 151 46.60 83.96 34.14
N LEU OA 1 27.45 -24.18 -68.25
CA LEU OA 1 26.56 -23.06 -68.55
C LEU OA 1 25.32 -23.55 -69.27
N GLY OA 2 25.24 -23.23 -70.56
CA GLY OA 2 24.13 -23.64 -71.40
C GLY OA 2 24.31 -25.04 -71.96
N ILE OA 3 24.10 -26.05 -71.13
CA ILE OA 3 24.25 -27.44 -71.55
C ILE OA 3 22.99 -27.88 -72.26
N ASN OA 4 22.92 -27.64 -73.57
CA ASN OA 4 21.75 -27.97 -74.39
C ASN OA 4 20.46 -27.48 -73.74
N ARG OA 5 20.53 -26.37 -73.01
CA ARG OA 5 19.37 -25.70 -72.45
C ARG OA 5 18.97 -24.47 -73.24
N LEU OA 6 19.95 -23.67 -73.66
CA LEU OA 6 19.65 -22.56 -74.56
C LEU OA 6 19.04 -23.06 -75.86
N THR OA 7 19.45 -24.26 -76.31
CA THR OA 7 18.84 -24.87 -77.48
C THR OA 7 17.33 -25.04 -77.27
N LYS OA 8 16.94 -25.58 -76.12
CA LYS OA 8 15.52 -25.78 -75.85
C LYS OA 8 14.79 -24.45 -75.81
N LEU OA 9 15.40 -23.43 -75.22
CA LEU OA 9 14.80 -22.10 -75.25
C LEU OA 9 14.57 -21.66 -76.68
N PHE OA 10 15.52 -21.92 -77.57
CA PHE OA 10 15.36 -21.50 -78.97
C PHE OA 10 14.14 -22.17 -79.59
N GLN OA 11 13.92 -23.44 -79.28
CA GLN OA 11 12.77 -24.16 -79.82
C GLN OA 11 11.46 -23.48 -79.44
N MET OA 12 11.26 -23.27 -78.15
CA MET OA 12 9.99 -22.71 -77.68
C MET OA 12 9.83 -21.26 -78.12
N VAL OA 13 10.91 -20.48 -78.04
CA VAL OA 13 10.80 -19.06 -78.34
C VAL OA 13 10.56 -18.85 -79.82
N ARG OA 14 11.37 -19.49 -80.67
CA ARG OA 14 11.26 -19.21 -82.10
C ARG OA 14 9.95 -19.72 -82.66
N GLU OA 15 9.66 -21.00 -82.45
CA GLU OA 15 8.45 -21.58 -83.03
C GLU OA 15 7.18 -21.04 -82.37
N ALA OA 16 7.31 -20.29 -81.27
CA ALA OA 16 6.16 -19.55 -80.77
C ALA OA 16 5.69 -18.52 -81.79
N GLY OA 17 6.63 -17.87 -82.48
CA GLY OA 17 6.30 -16.89 -83.49
C GLY OA 17 7.14 -15.62 -83.43
N GLY OA 18 8.19 -15.64 -82.63
CA GLY OA 18 9.11 -14.52 -82.52
C GLY OA 18 9.11 -13.93 -81.12
N LEU OA 19 9.76 -12.77 -81.00
CA LEU OA 19 9.82 -12.11 -79.70
C LEU OA 19 8.42 -11.79 -79.21
N LYS OA 20 7.56 -11.28 -80.09
CA LYS OA 20 6.22 -10.90 -79.68
C LYS OA 20 5.41 -12.12 -79.25
N GLN OA 21 5.51 -13.22 -80.01
CA GLN OA 21 4.68 -14.39 -79.74
C GLN OA 21 5.25 -15.28 -78.66
N ALA OA 22 6.43 -14.96 -78.14
CA ALA OA 22 6.94 -15.58 -76.93
C ALA OA 22 6.62 -14.75 -75.70
N TYR OA 23 6.68 -13.42 -75.84
CA TYR OA 23 6.43 -12.54 -74.72
C TYR OA 23 4.95 -12.53 -74.34
N LEU OA 24 4.05 -12.47 -75.33
CA LEU OA 24 2.63 -12.45 -75.02
C LEU OA 24 2.19 -13.74 -74.35
N LYS OA 25 2.68 -14.88 -74.84
CA LYS OA 25 2.40 -16.15 -74.17
C LYS OA 25 2.94 -16.12 -72.75
N LEU OA 26 4.20 -15.72 -72.59
CA LEU OA 26 4.77 -15.63 -71.26
C LEU OA 26 4.01 -14.60 -70.43
N TYR OA 27 3.70 -13.45 -71.03
CA TYR OA 27 3.03 -12.39 -70.30
C TYR OA 27 1.70 -12.85 -69.75
N ARG OA 28 1.03 -13.77 -70.45
CA ARG OA 28 -0.31 -14.19 -70.06
C ARG OA 28 -0.29 -15.35 -69.09
N ASN OA 29 0.52 -16.37 -69.37
CA ASN OA 29 0.52 -17.60 -68.59
C ASN OA 29 1.56 -17.60 -67.48
N ASP OA 30 2.42 -16.60 -67.41
CA ASP OA 30 3.50 -16.53 -66.44
C ASP OA 30 4.41 -17.75 -66.49
N ASP OA 31 4.41 -18.47 -67.62
CA ASP OA 31 5.39 -19.51 -67.88
C ASP OA 31 5.22 -20.05 -69.29
N LEU OA 32 6.30 -20.56 -69.87
CA LEU OA 32 6.33 -21.04 -71.25
C LEU OA 32 6.92 -22.44 -71.24
N LYS OA 33 6.13 -23.42 -71.70
CA LYS OA 33 6.52 -24.82 -71.68
C LYS OA 33 6.23 -25.44 -73.03
N ILE OA 34 6.69 -26.67 -73.20
CA ILE OA 34 6.61 -27.38 -74.47
C ILE OA 34 5.83 -28.67 -74.25
N GLY OA 35 4.82 -28.90 -75.09
CA GLY OA 35 4.01 -30.10 -75.02
C GLY OA 35 3.48 -30.47 -76.39
N THR OA 36 2.44 -31.29 -76.43
CA THR OA 36 1.81 -31.68 -77.68
C THR OA 36 0.31 -31.42 -77.58
N LEU OA 37 -0.30 -31.12 -78.73
CA LEU OA 37 -1.69 -30.73 -78.75
C LEU OA 37 -2.57 -31.94 -78.46
N VAL OA 38 -2.90 -32.15 -77.19
CA VAL OA 38 -3.70 -33.31 -76.79
C VAL OA 38 -5.02 -33.31 -77.56
N GLY OA 39 -5.71 -32.18 -77.55
CA GLY OA 39 -6.93 -32.04 -78.31
C GLY OA 39 -7.41 -30.60 -78.28
N ILE OA 40 -8.04 -30.15 -79.35
CA ILE OA 40 -8.55 -28.79 -79.42
C ILE OA 40 -9.97 -28.78 -78.87
N ASP OA 41 -10.22 -27.90 -77.91
CA ASP OA 41 -11.52 -27.80 -77.28
C ASP OA 41 -12.55 -27.30 -78.28
N LYS OA 42 -13.82 -27.50 -77.93
CA LYS OA 42 -14.91 -26.92 -78.71
C LYS OA 42 -14.94 -25.41 -78.59
N TYR OA 43 -14.36 -24.84 -77.54
CA TYR OA 43 -14.49 -23.42 -77.25
C TYR OA 43 -13.17 -22.68 -77.40
N GLY OA 44 -12.32 -23.12 -78.33
CA GLY OA 44 -11.08 -22.44 -78.62
C GLY OA 44 -9.93 -22.78 -77.71
N ASN OA 45 -10.16 -23.48 -76.61
CA ASN OA 45 -9.07 -23.84 -75.72
C ASN OA 45 -8.21 -24.92 -76.37
N LYS OA 46 -6.99 -25.05 -75.89
CA LYS OA 46 -6.05 -26.03 -76.43
C LYS OA 46 -5.32 -26.72 -75.29
N TYR OA 47 -5.35 -28.04 -75.28
CA TYR OA 47 -4.81 -28.82 -74.17
C TYR OA 47 -3.48 -29.43 -74.54
N PHE OA 48 -2.53 -29.36 -73.62
CA PHE OA 48 -1.17 -29.82 -73.85
C PHE OA 48 -0.72 -30.71 -72.71
N GLU OA 49 -0.15 -31.87 -73.04
CA GLU OA 49 0.43 -32.77 -72.07
C GLU OA 49 1.88 -33.05 -72.44
N ASN OA 50 2.71 -33.26 -71.41
CA ASN OA 50 4.10 -33.63 -71.62
C ASN OA 50 4.62 -34.41 -70.42
N PRO OA 51 4.87 -35.72 -70.53
CA PRO OA 51 5.35 -36.48 -69.36
C PRO OA 51 6.72 -36.05 -68.87
N TYR OA 52 7.41 -35.16 -69.57
CA TYR OA 52 8.70 -34.70 -69.10
C TYR OA 52 8.59 -34.03 -67.74
N TYR OA 53 7.56 -33.22 -67.53
CA TYR OA 53 7.32 -32.61 -66.24
C TYR OA 53 6.65 -33.62 -65.31
N PHE OA 54 6.23 -33.18 -64.12
CA PHE OA 54 5.61 -34.04 -63.12
C PHE OA 54 4.11 -33.77 -63.04
N TYR OA 55 3.44 -34.40 -62.08
CA TYR OA 55 1.99 -34.44 -62.10
C TYR OA 55 1.37 -33.05 -62.04
N GLY OA 56 1.92 -32.17 -61.21
CA GLY OA 56 1.44 -30.79 -61.23
C GLY OA 56 1.51 -30.18 -62.61
N ARG OA 57 2.62 -30.39 -63.30
CA ARG OA 57 2.84 -29.81 -64.61
C ARG OA 57 2.46 -30.73 -65.76
N ASN OA 58 2.04 -31.98 -65.49
CA ASN OA 58 1.88 -32.95 -66.57
C ASN OA 58 1.00 -32.41 -67.69
N ARG OA 59 -0.13 -31.82 -67.33
CA ARG OA 59 -1.15 -31.42 -68.29
C ARG OA 59 -1.54 -29.99 -68.00
N TRP OA 60 -1.87 -29.26 -69.06
CA TRP OA 60 -2.17 -27.85 -68.88
C TRP OA 60 -2.94 -27.36 -70.09
N ILE OA 61 -3.39 -26.12 -69.98
CA ILE OA 61 -4.39 -25.56 -70.87
C ILE OA 61 -3.97 -24.16 -71.29
N GLU OA 62 -4.15 -23.85 -72.56
CA GLU OA 62 -4.06 -22.49 -73.07
C GLU OA 62 -5.47 -22.04 -73.39
N PHE OA 63 -6.02 -21.15 -72.58
CA PHE OA 63 -7.41 -20.76 -72.73
C PHE OA 63 -7.63 -20.10 -74.09
N ALA OA 64 -8.90 -19.89 -74.41
CA ALA OA 64 -9.24 -19.33 -75.70
C ALA OA 64 -8.62 -17.94 -75.85
N PRO OA 65 -8.10 -17.60 -77.02
CA PRO OA 65 -7.43 -16.29 -77.16
C PRO OA 65 -8.34 -15.11 -76.88
N HIS OA 66 -9.62 -15.19 -77.25
CA HIS OA 66 -10.47 -14.02 -77.11
C HIS OA 66 -10.67 -13.62 -75.66
N VAL OA 67 -10.42 -14.53 -74.72
CA VAL OA 67 -10.35 -14.15 -73.31
C VAL OA 67 -9.00 -13.47 -73.13
N ASN OA 68 -8.98 -12.15 -73.18
CA ASN OA 68 -7.72 -11.40 -73.18
C ASN OA 68 -6.88 -11.75 -71.97
N MET OA 69 -7.38 -11.40 -70.78
CA MET OA 69 -6.73 -11.80 -69.53
C MET OA 69 -7.78 -12.23 -68.51
N ASP OA 70 -9.00 -12.53 -68.96
CA ASP OA 70 -10.11 -12.88 -68.09
C ASP OA 70 -10.22 -14.38 -67.88
N TYR OA 71 -9.11 -15.10 -67.98
CA TYR OA 71 -9.11 -16.53 -67.72
C TYR OA 71 -9.83 -16.82 -66.42
N ASP OA 72 -10.39 -18.03 -66.31
CA ASP OA 72 -11.11 -18.42 -65.13
C ASP OA 72 -10.92 -19.91 -64.90
N GLY OA 73 -11.16 -20.34 -63.67
CA GLY OA 73 -11.03 -21.74 -63.35
C GLY OA 73 -12.14 -22.61 -63.92
N SER OA 74 -13.30 -22.03 -64.19
CA SER OA 74 -14.45 -22.80 -64.65
C SER OA 74 -14.52 -22.92 -66.16
N MET OA 75 -13.62 -22.29 -66.91
CA MET OA 75 -13.69 -22.34 -68.36
C MET OA 75 -13.56 -23.76 -68.91
N ILE OA 76 -12.98 -24.67 -68.13
CA ILE OA 76 -12.84 -26.04 -68.62
C ILE OA 76 -14.23 -26.62 -68.85
N PRO OA 77 -14.49 -27.33 -69.95
CA PRO OA 77 -15.80 -27.95 -70.13
C PRO OA 77 -15.90 -29.27 -69.38
N ALA OA 78 -17.08 -29.88 -69.47
CA ALA OA 78 -17.33 -31.11 -68.72
C ALA OA 78 -16.51 -32.26 -69.24
N GLU OA 79 -16.52 -32.47 -70.56
CA GLU OA 79 -15.88 -33.66 -71.11
C GLU OA 79 -14.39 -33.66 -70.86
N TRP OA 80 -13.78 -32.49 -70.71
CA TRP OA 80 -12.34 -32.39 -70.47
C TRP OA 80 -11.98 -32.28 -68.99
N TYR OA 81 -12.94 -31.91 -68.15
CA TYR OA 81 -12.68 -31.67 -66.74
C TYR OA 81 -11.96 -32.85 -66.11
N GLY OA 82 -12.46 -34.06 -66.34
CA GLY OA 82 -11.86 -35.22 -65.69
C GLY OA 82 -10.42 -35.43 -66.10
N TRP OA 83 -10.14 -35.31 -67.39
CA TRP OA 83 -8.76 -35.45 -67.84
C TRP OA 83 -7.89 -34.38 -67.21
N MET OA 84 -8.39 -33.15 -67.14
CA MET OA 84 -7.59 -32.05 -66.63
C MET OA 84 -7.21 -32.25 -65.18
N HIS OA 85 -7.96 -33.04 -64.42
CA HIS OA 85 -7.68 -33.28 -63.02
C HIS OA 85 -6.93 -34.57 -62.78
N TYR OA 86 -6.49 -35.25 -63.82
CA TYR OA 86 -5.97 -36.60 -63.67
C TYR OA 86 -7.04 -37.48 -63.04
N LYS OA 87 -8.28 -37.21 -63.40
CA LYS OA 87 -9.43 -37.95 -62.92
C LYS OA 87 -9.85 -39.05 -63.87
N THR OA 88 -9.58 -38.88 -65.16
CA THR OA 88 -9.69 -39.93 -66.17
C THR OA 88 -8.45 -39.88 -67.05
N ASP OA 89 -7.83 -41.03 -67.29
CA ASP OA 89 -6.68 -41.08 -68.18
C ASP OA 89 -7.07 -41.23 -69.64
N LEU OA 90 -8.35 -41.17 -69.95
CA LEU OA 90 -8.82 -41.38 -71.30
C LEU OA 90 -9.15 -40.02 -71.90
N PRO OA 91 -8.36 -39.51 -72.84
CA PRO OA 91 -8.71 -38.25 -73.48
C PRO OA 91 -10.09 -38.34 -74.11
N PRO OA 92 -10.91 -37.29 -74.03
CA PRO OA 92 -12.24 -37.37 -74.66
C PRO OA 92 -12.16 -37.69 -76.13
N ILE OA 93 -11.08 -37.29 -76.79
CA ILE OA 93 -10.86 -37.64 -78.18
C ILE OA 93 -10.78 -39.15 -78.36
N ARG OA 94 -10.39 -39.89 -77.32
CA ARG OA 94 -10.13 -41.32 -77.44
C ARG OA 94 -11.28 -42.19 -76.94
N ASP OA 95 -11.90 -41.85 -75.82
CA ASP OA 95 -13.01 -42.64 -75.26
C ASP OA 95 -14.33 -42.03 -75.68
N GLY OA 96 -15.02 -42.68 -76.62
CA GLY OA 96 -16.34 -42.27 -77.02
C GLY OA 96 -17.40 -43.07 -76.29
N CYS OA 97 -17.02 -43.68 -75.17
CA CYS OA 97 -17.95 -44.46 -74.36
C CYS OA 97 -18.75 -43.62 -73.40
N ARG OA 98 -18.42 -42.33 -73.26
CA ARG OA 98 -19.20 -41.45 -72.41
C ARG OA 98 -20.53 -41.12 -73.08
N PRO OA 99 -21.53 -40.71 -72.28
CA PRO OA 99 -22.85 -40.48 -72.86
C PRO OA 99 -22.84 -39.32 -73.85
N LYS OA 100 -23.71 -39.42 -74.86
CA LYS OA 100 -23.87 -38.42 -75.90
C LYS OA 100 -25.34 -38.03 -76.03
N TYR OA 101 -25.98 -37.78 -74.89
CA TYR OA 101 -27.40 -37.50 -74.91
C TYR OA 101 -27.66 -36.08 -75.41
N LYS OA 102 -28.95 -35.79 -75.60
CA LYS OA 102 -29.37 -34.54 -76.23
C LYS OA 102 -29.48 -33.41 -75.23
N TRP OA 103 -30.26 -33.61 -74.15
CA TRP OA 103 -30.58 -32.52 -73.24
C TRP OA 103 -29.35 -31.82 -72.68
N ILE OA 104 -28.16 -32.43 -72.77
CA ILE OA 104 -26.97 -31.87 -72.16
C ILE OA 104 -26.81 -30.42 -72.59
N ALA OA 105 -26.61 -29.55 -71.61
CA ALA OA 105 -26.39 -28.15 -71.87
C ALA OA 105 -24.97 -27.94 -72.38
N ASP OA 106 -24.62 -26.67 -72.57
CA ASP OA 106 -23.25 -26.29 -72.86
C ASP OA 106 -22.68 -25.60 -71.63
N HIS OA 107 -21.35 -25.51 -71.58
CA HIS OA 107 -20.72 -25.08 -70.35
C HIS OA 107 -21.01 -23.62 -70.05
N SER OA 108 -20.74 -23.23 -68.81
CA SER OA 108 -20.93 -21.86 -68.36
C SER OA 108 -19.95 -21.57 -67.23
N GLU OA 109 -19.60 -20.30 -67.10
CA GLU OA 109 -18.61 -19.86 -66.11
C GLU OA 109 -19.34 -19.71 -64.76
N ASN OA 110 -18.59 -19.37 -63.71
CA ASN OA 110 -19.20 -18.95 -62.45
C ASN OA 110 -19.82 -17.57 -62.69
N LEU OA 111 -21.03 -17.57 -63.22
CA LEU OA 111 -21.72 -16.33 -63.48
C LEU OA 111 -22.17 -15.71 -62.17
N SER OA 112 -21.32 -14.90 -61.56
CA SER OA 112 -21.61 -14.34 -60.26
C SER OA 112 -21.26 -12.86 -60.27
N GLY OA 113 -21.99 -12.09 -59.47
CA GLY OA 113 -21.79 -10.66 -59.44
C GLY OA 113 -22.19 -9.97 -60.71
N THR OA 114 -23.02 -10.60 -61.53
CA THR OA 114 -23.43 -10.05 -62.81
C THR OA 114 -24.92 -10.30 -62.99
N LYS OA 115 -25.50 -9.57 -63.94
CA LYS OA 115 -26.93 -9.73 -64.21
C LYS OA 115 -27.28 -11.16 -64.57
N GLU OA 116 -26.33 -11.94 -65.03
CA GLU OA 116 -26.57 -13.33 -65.36
C GLU OA 116 -26.53 -14.25 -64.15
N ALA OA 117 -26.35 -13.69 -62.96
CA ALA OA 117 -26.23 -14.53 -61.77
C ALA OA 117 -27.54 -15.22 -61.44
N TYR OA 118 -27.43 -16.46 -60.96
CA TYR OA 118 -28.56 -17.15 -60.38
C TYR OA 118 -29.02 -16.43 -59.11
N TYR OA 119 -30.30 -16.61 -58.77
CA TYR OA 119 -30.80 -16.16 -57.50
C TYR OA 119 -31.95 -17.07 -57.09
N PRO OA 120 -31.97 -17.59 -55.87
CA PRO OA 120 -32.92 -18.64 -55.53
C PRO OA 120 -34.33 -18.09 -55.41
N TYR OA 121 -35.29 -19.01 -55.42
CA TYR OA 121 -36.70 -18.63 -55.31
C TYR OA 121 -37.51 -19.88 -55.05
N SER OA 122 -38.65 -19.69 -54.42
CA SER OA 122 -39.49 -20.81 -54.02
C SER OA 122 -39.87 -21.65 -55.23
N THR OA 123 -39.87 -22.97 -55.04
CA THR OA 123 -40.22 -23.90 -56.09
C THR OA 123 -41.48 -24.69 -55.73
N THR OA 124 -42.35 -24.11 -54.91
CA THR OA 124 -43.63 -24.73 -54.55
C THR OA 124 -44.74 -23.73 -54.85
N PRO OA 125 -45.72 -24.06 -55.70
CA PRO OA 125 -46.84 -23.14 -55.86
C PRO OA 125 -47.59 -23.00 -54.54
N ASN OA 126 -48.21 -21.84 -54.34
CA ASN OA 126 -48.71 -21.45 -53.03
C ASN OA 126 -49.59 -22.52 -52.41
N LYS OA 127 -49.69 -22.52 -51.09
CA LYS OA 127 -50.28 -23.63 -50.35
C LYS OA 127 -51.80 -23.52 -50.29
N VAL OA 128 -52.30 -22.44 -49.68
CA VAL OA 128 -53.71 -22.32 -49.31
C VAL OA 128 -54.37 -21.30 -50.23
N GLU OA 129 -55.57 -21.63 -50.71
CA GLU OA 129 -56.32 -20.77 -51.61
C GLU OA 129 -57.22 -19.82 -50.82
N ALA OA 130 -57.23 -18.56 -51.25
CA ALA OA 130 -58.07 -17.56 -50.62
C ALA OA 130 -59.46 -17.57 -51.23
N TRP OA 131 -60.45 -17.30 -50.40
CA TRP OA 131 -61.82 -17.24 -50.90
C TRP OA 131 -62.00 -16.03 -51.79
N GLU OA 132 -62.70 -16.22 -52.90
CA GLU OA 132 -62.87 -15.19 -53.90
C GLU OA 132 -64.25 -14.56 -53.75
N PRO OA 133 -64.37 -13.31 -53.31
CA PRO OA 133 -65.72 -12.72 -53.17
C PRO OA 133 -66.50 -12.62 -54.46
N LYS OA 134 -65.84 -12.32 -55.58
CA LYS OA 134 -66.56 -12.16 -56.83
C LYS OA 134 -67.31 -13.44 -57.21
N ALA OA 135 -66.66 -14.58 -57.05
CA ALA OA 135 -67.29 -15.86 -57.32
C ALA OA 135 -67.94 -16.43 -56.06
N ALA PA 3 16.42 -37.05 -69.47
CA ALA PA 3 15.55 -37.65 -70.48
C ALA PA 3 14.34 -38.34 -69.85
N LEU PA 4 14.34 -38.43 -68.52
CA LEU PA 4 13.25 -39.07 -67.78
C LEU PA 4 12.51 -38.10 -66.87
N ARG PA 5 13.22 -37.35 -66.04
CA ARG PA 5 12.62 -36.38 -65.14
C ARG PA 5 13.33 -35.04 -65.30
N ARG PA 6 12.54 -33.97 -65.31
CA ARG PA 6 13.13 -32.64 -65.33
C ARG PA 6 14.03 -32.50 -64.12
N ASP PA 7 15.33 -32.43 -64.35
CA ASP PA 7 16.32 -32.24 -63.31
C ASP PA 7 17.17 -31.04 -63.69
N VAL PA 8 17.68 -30.35 -62.66
CA VAL PA 8 18.65 -29.31 -62.93
C VAL PA 8 19.89 -29.95 -63.56
N SER PA 9 20.69 -29.11 -64.24
CA SER PA 9 21.77 -29.63 -65.05
C SER PA 9 22.77 -30.40 -64.18
N PRO PA 10 23.54 -31.31 -64.77
CA PRO PA 10 24.30 -32.28 -63.95
C PRO PA 10 25.21 -31.62 -62.94
N LEU PA 11 25.83 -30.50 -63.29
CA LEU PA 11 26.68 -29.79 -62.33
C LEU PA 11 25.90 -29.53 -61.05
N ILE PA 12 24.82 -28.77 -61.16
CA ILE PA 12 24.05 -28.39 -59.98
C ILE PA 12 23.58 -29.61 -59.23
N GLN PA 13 23.33 -30.71 -59.93
CA GLN PA 13 22.97 -31.95 -59.25
C GLN PA 13 24.11 -32.40 -58.35
N ARG PA 14 25.34 -32.39 -58.85
CA ARG PA 14 26.47 -32.88 -58.06
C ARG PA 14 26.72 -32.00 -56.85
N ILE PA 15 26.71 -30.68 -57.03
CA ILE PA 15 26.85 -29.78 -55.89
C ILE PA 15 25.70 -30.00 -54.92
N ARG PA 16 24.49 -30.20 -55.45
CA ARG PA 16 23.33 -30.41 -54.57
C ARG PA 16 23.52 -31.65 -53.71
N ALA PA 17 23.99 -32.74 -54.31
CA ALA PA 17 24.28 -33.93 -53.54
C ALA PA 17 25.38 -33.66 -52.53
N PHE PA 18 26.41 -32.92 -52.94
CA PHE PA 18 27.48 -32.55 -52.02
C PHE PA 18 26.92 -31.79 -50.83
N LEU PA 19 26.14 -30.74 -51.09
CA LEU PA 19 25.68 -29.89 -50.00
C LEU PA 19 24.81 -30.65 -49.02
N LEU PA 20 23.90 -31.47 -49.52
CA LEU PA 20 23.01 -32.20 -48.62
C LEU PA 20 23.78 -33.17 -47.73
N GLY PA 21 24.78 -33.83 -48.30
CA GLY PA 21 25.54 -34.83 -47.56
C GLY PA 21 24.94 -36.21 -47.58
N ARG PA 22 23.79 -36.40 -48.22
CA ARG PA 22 23.19 -37.70 -48.44
C ARG PA 22 22.88 -37.81 -49.92
N GLU PA 23 22.93 -39.03 -50.44
CA GLU PA 23 22.57 -39.23 -51.84
C GLU PA 23 21.11 -38.87 -52.03
N HIS PA 24 20.84 -37.96 -52.97
CA HIS PA 24 19.51 -37.42 -53.15
C HIS PA 24 18.67 -38.30 -54.06
N ASN PA 25 17.39 -38.44 -53.72
CA ASN PA 25 16.41 -39.11 -54.55
C ASN PA 25 15.24 -38.18 -54.76
N LEU PA 26 14.74 -38.13 -55.98
CA LEU PA 26 13.75 -37.13 -56.37
C LEU PA 26 12.44 -37.32 -55.62
N ALA PA 27 11.73 -36.21 -55.41
CA ALA PA 27 10.51 -36.17 -54.63
C ALA PA 27 9.26 -35.88 -55.45
N LEU PA 28 9.36 -35.07 -56.50
CA LEU PA 28 8.20 -34.78 -57.32
C LEU PA 28 7.69 -36.06 -57.96
N ARG PA 29 6.38 -36.18 -58.07
CA ARG PA 29 5.75 -37.41 -58.53
C ARG PA 29 5.45 -37.30 -60.03
N PHE PA 30 5.98 -38.25 -60.80
CA PHE PA 30 5.78 -38.29 -62.23
C PHE PA 30 4.81 -39.40 -62.59
N GLU PA 31 4.16 -39.24 -63.75
CA GLU PA 31 3.24 -40.27 -64.23
C GLU PA 31 3.94 -41.60 -64.33
N ASP PA 32 5.17 -41.61 -64.81
CA ASP PA 32 5.93 -42.85 -64.85
C ASP PA 32 6.11 -43.42 -63.45
N GLY PA 33 6.45 -42.57 -62.48
CA GLY PA 33 6.70 -43.06 -61.14
C GLY PA 33 5.48 -43.69 -60.49
N LEU PA 34 4.33 -43.01 -60.60
CA LEU PA 34 3.13 -43.46 -59.92
C LEU PA 34 2.36 -44.45 -60.77
N ALA PA 35 1.30 -45.02 -60.17
CA ALA PA 35 0.65 -46.19 -60.70
C ALA PA 35 0.07 -45.95 -62.08
N ASP PA 36 -0.36 -47.05 -62.71
CA ASP PA 36 -1.16 -46.96 -63.92
C ASP PA 36 -2.46 -46.27 -63.57
N ARG PA 37 -2.58 -45.01 -63.98
CA ARG PA 37 -3.53 -44.13 -63.33
C ARG PA 37 -4.97 -44.43 -63.72
N THR PA 38 -5.19 -45.29 -64.72
CA THR PA 38 -6.50 -45.84 -65.04
C THR PA 38 -6.42 -47.35 -64.96
N GLN PA 39 -7.32 -47.96 -64.21
CA GLN PA 39 -7.15 -49.32 -63.74
C GLN PA 39 -8.37 -50.17 -64.04
N PRO PA 40 -8.21 -51.49 -64.14
CA PRO PA 40 -9.35 -52.35 -64.42
C PRO PA 40 -10.35 -52.37 -63.28
N GLN PA 41 -11.56 -52.79 -63.60
CA GLN PA 41 -12.65 -52.77 -62.64
C GLN PA 41 -12.39 -53.80 -61.54
N PRO PA 42 -12.50 -53.44 -60.26
CA PRO PA 42 -12.25 -54.42 -59.20
C PRO PA 42 -13.49 -55.20 -58.84
N GLU PA 43 -13.29 -56.48 -58.51
CA GLU PA 43 -14.32 -57.34 -57.95
C GLU PA 43 -14.00 -57.58 -56.49
N ILE PA 44 -14.96 -57.29 -55.61
CA ILE PA 44 -14.79 -57.48 -54.18
C ILE PA 44 -15.24 -58.90 -53.84
N PRO PA 45 -14.36 -59.76 -53.32
CA PRO PA 45 -14.76 -61.15 -53.08
C PRO PA 45 -15.90 -61.23 -52.08
N ASP PA 46 -16.79 -62.19 -52.32
CA ASP PA 46 -17.97 -62.35 -51.48
C ASP PA 46 -17.58 -62.86 -50.09
N GLY PA 47 -18.41 -62.54 -49.10
CA GLY PA 47 -18.06 -62.74 -47.72
C GLY PA 47 -18.33 -64.14 -47.23
N PRO PA 48 -17.98 -64.37 -45.97
CA PRO PA 48 -18.18 -65.71 -45.38
C PRO PA 48 -19.56 -65.89 -44.78
N SER PA 49 -20.24 -64.80 -44.43
CA SER PA 49 -21.64 -64.89 -44.05
C SER PA 49 -22.56 -64.86 -45.25
N HIS PA 50 -22.05 -64.48 -46.42
CA HIS PA 50 -22.82 -64.68 -47.64
C HIS PA 50 -22.85 -66.13 -48.06
N LEU PA 51 -22.21 -67.02 -47.30
CA LEU PA 51 -22.37 -68.43 -47.51
C LEU PA 51 -23.86 -68.74 -47.61
N LEU PA 52 -24.21 -69.67 -48.49
CA LEU PA 52 -25.56 -69.76 -48.97
C LEU PA 52 -26.48 -70.61 -48.12
N SER PA 53 -25.95 -71.44 -47.23
CA SER PA 53 -26.78 -72.28 -46.38
C SER PA 53 -26.11 -72.49 -45.03
N ALA PA 54 -26.90 -72.95 -44.06
CA ALA PA 54 -26.48 -73.01 -42.66
C ALA PA 54 -26.09 -71.63 -42.16
N ASN PA 55 -26.74 -70.61 -42.71
CA ASN PA 55 -26.35 -69.22 -42.54
C ASN PA 55 -27.39 -68.43 -41.76
N TYR PA 56 -28.10 -69.10 -40.87
CA TYR PA 56 -29.15 -68.43 -40.11
C TYR PA 56 -28.61 -67.23 -39.35
N TYR PA 57 -29.37 -66.14 -39.41
CA TYR PA 57 -29.01 -64.95 -38.66
C TYR PA 57 -29.17 -65.16 -37.17
N CYS PA 58 -30.18 -65.95 -36.78
CA CYS PA 58 -30.49 -66.09 -35.35
C CYS PA 58 -29.34 -66.71 -34.57
N GLN PA 59 -28.56 -67.57 -35.22
CA GLN PA 59 -27.49 -68.31 -34.56
C GLN PA 59 -26.12 -67.70 -34.80
N ARG PA 60 -26.07 -66.47 -35.33
CA ARG PA 60 -24.80 -65.76 -35.47
C ARG PA 60 -24.90 -64.30 -35.08
N ASP PA 61 -26.03 -63.83 -34.59
CA ASP PA 61 -26.21 -62.41 -34.31
C ASP PA 61 -25.66 -62.03 -32.95
N GLY PA 62 -25.07 -60.85 -32.87
CA GLY PA 62 -24.49 -60.36 -31.64
C GLY PA 62 -25.43 -59.47 -30.86
N ARG PA 63 -26.10 -58.53 -31.54
CA ARG PA 63 -26.92 -57.55 -30.84
C ARG PA 63 -27.99 -58.23 -29.99
N ARG PA 64 -28.50 -59.37 -30.41
CA ARG PA 64 -29.47 -60.11 -29.62
C ARG PA 64 -28.79 -61.00 -28.59
N GLU PA 65 -27.46 -61.03 -28.56
CA GLU PA 65 -26.70 -61.86 -27.64
C GLU PA 65 -26.31 -61.15 -26.37
N VAL PA 66 -26.19 -59.82 -26.39
CA VAL PA 66 -25.66 -59.11 -25.23
C VAL PA 66 -26.69 -59.08 -24.12
N LEU PA 67 -26.20 -59.12 -22.89
CA LEU PA 67 -26.99 -59.20 -21.68
C LEU PA 67 -26.92 -57.90 -20.89
N PRO PA 68 -27.77 -57.73 -19.88
CA PRO PA 68 -27.64 -56.57 -19.00
C PRO PA 68 -26.47 -56.74 -18.05
N PRO PA 69 -26.05 -55.67 -17.37
CA PRO PA 69 -24.96 -55.82 -16.40
C PRO PA 69 -25.37 -56.71 -15.24
N ILE PA 70 -24.40 -57.43 -14.71
CA ILE PA 70 -24.63 -58.37 -13.62
C ILE PA 70 -24.14 -57.74 -12.33
N ASP PA 71 -24.83 -58.06 -11.23
CA ASP PA 71 -24.43 -57.59 -9.91
C ASP PA 71 -23.56 -58.65 -9.26
N LEU PA 72 -22.32 -58.28 -8.94
CA LEU PA 72 -21.34 -59.29 -8.53
C LEU PA 72 -21.66 -59.86 -7.16
N VAL PA 73 -22.12 -59.02 -6.24
CA VAL PA 73 -22.49 -59.53 -4.93
C VAL PA 73 -23.62 -60.54 -5.09
N GLU PA 74 -24.66 -60.18 -5.84
CA GLU PA 74 -25.77 -61.10 -6.08
C GLU PA 74 -25.33 -62.30 -6.89
N GLN PA 75 -24.32 -62.15 -7.74
CA GLN PA 75 -23.74 -63.32 -8.38
C GLN PA 75 -23.24 -64.30 -7.32
N GLN PA 76 -22.51 -63.79 -6.32
CA GLN PA 76 -22.02 -64.65 -5.26
C GLN PA 76 -23.18 -65.24 -4.46
N LYS PA 77 -24.20 -64.45 -4.16
CA LYS PA 77 -25.35 -64.98 -3.44
C LYS PA 77 -25.99 -66.14 -4.17
N GLN PA 78 -25.90 -66.15 -5.50
CA GLN PA 78 -26.34 -67.32 -6.24
C GLN PA 78 -25.46 -68.52 -5.94
N LEU PA 79 -24.15 -68.29 -5.80
CA LEU PA 79 -23.21 -69.36 -5.52
C LEU PA 79 -23.30 -69.83 -4.08
N LYS PA 92 -3.47 -65.44 -2.88
CA LYS PA 92 -3.50 -64.60 -4.07
C LYS PA 92 -4.54 -63.49 -3.96
N LEU PA 93 -4.13 -62.36 -3.40
CA LEU PA 93 -5.04 -61.24 -3.25
C LEU PA 93 -5.48 -60.76 -4.63
N PRO PA 94 -6.78 -60.64 -4.90
CA PRO PA 94 -7.23 -60.38 -6.26
C PRO PA 94 -6.74 -59.02 -6.74
N THR PA 95 -6.43 -58.96 -8.04
CA THR PA 95 -5.80 -57.81 -8.64
C THR PA 95 -6.46 -57.53 -9.97
N PRO PA 96 -6.58 -56.26 -10.39
CA PRO PA 96 -7.31 -55.97 -11.62
C PRO PA 96 -6.76 -56.66 -12.85
N GLY PA 97 -5.46 -56.92 -12.91
CA GLY PA 97 -4.91 -57.53 -14.10
C GLY PA 97 -3.44 -57.80 -13.92
N LYS PA 98 -2.83 -58.31 -14.99
CA LYS PA 98 -1.41 -58.60 -14.96
C LYS PA 98 -0.65 -57.33 -14.60
N VAL PA 99 0.19 -57.42 -13.55
CA VAL PA 99 0.92 -56.25 -13.11
C VAL PA 99 1.82 -55.78 -14.25
N TYR PA 100 1.74 -54.49 -14.55
CA TYR PA 100 2.55 -53.88 -15.59
C TYR PA 100 3.65 -53.05 -14.95
N ALA PA 101 4.88 -53.23 -15.44
CA ALA PA 101 6.03 -52.52 -14.90
C ALA PA 101 6.15 -51.14 -15.55
N TRP PA 102 5.10 -50.33 -15.37
CA TRP PA 102 5.15 -48.97 -15.89
C TRP PA 102 6.24 -48.15 -15.23
N ASP PA 103 6.78 -48.62 -14.11
CA ASP PA 103 8.05 -48.19 -13.53
C ASP PA 103 8.37 -46.73 -13.75
N SER QA 1 -90.01 -104.80 -59.28
CA SER QA 1 -89.47 -105.00 -57.95
C SER QA 1 -89.81 -103.82 -57.05
N SER QA 2 -90.19 -104.11 -55.81
CA SER QA 2 -90.39 -103.04 -54.83
C SER QA 2 -89.18 -102.13 -54.71
N PRO QA 3 -87.93 -102.63 -54.65
CA PRO QA 3 -86.78 -101.74 -54.84
C PRO QA 3 -86.50 -101.50 -56.32
N SER QA 4 -87.29 -100.61 -56.90
CA SER QA 4 -87.17 -100.31 -58.32
C SER QA 4 -85.80 -99.70 -58.61
N VAL QA 5 -85.51 -99.50 -59.89
CA VAL QA 5 -84.35 -98.76 -60.34
C VAL QA 5 -84.69 -97.28 -60.23
N VAL QA 6 -83.69 -96.41 -60.39
CA VAL QA 6 -83.91 -94.97 -60.37
C VAL QA 6 -84.82 -94.61 -61.55
N GLY QA 7 -85.38 -93.41 -61.52
CA GLY QA 7 -86.25 -92.95 -62.58
C GLY QA 7 -85.70 -93.16 -63.98
N LEU QA 8 -86.60 -93.36 -64.94
CA LEU QA 8 -86.16 -93.66 -66.30
C LEU QA 8 -85.35 -92.51 -66.89
N THR QA 9 -85.65 -91.28 -66.49
CA THR QA 9 -84.86 -90.14 -66.96
C THR QA 9 -83.42 -90.24 -66.47
N SER QA 10 -83.24 -90.51 -65.17
CA SER QA 10 -81.91 -90.60 -64.59
C SER QA 10 -81.05 -91.62 -65.32
N ASN QA 11 -81.68 -92.64 -65.89
CA ASN QA 11 -80.99 -93.62 -66.72
C ASN QA 11 -80.82 -93.05 -68.12
N CYS QA 12 -79.56 -92.84 -68.52
CA CYS QA 12 -79.25 -92.21 -69.81
C CYS QA 12 -79.97 -92.91 -70.95
N VAL QA 13 -79.79 -94.22 -71.06
CA VAL QA 13 -80.46 -95.02 -72.08
C VAL QA 13 -80.79 -96.37 -71.46
N LYS QA 14 -81.97 -96.89 -71.79
CA LYS QA 14 -82.33 -98.19 -71.26
C LYS QA 14 -81.36 -99.22 -71.81
N PRO QA 15 -80.60 -99.94 -70.97
CA PRO QA 15 -79.63 -100.89 -71.51
C PRO QA 15 -80.27 -101.85 -72.50
N SER QA 16 -79.87 -101.70 -73.76
CA SER QA 16 -80.22 -102.64 -74.82
C SER QA 16 -79.01 -103.00 -75.67
N SER QA 17 -77.92 -102.26 -75.59
CA SER QA 17 -76.73 -102.50 -76.38
C SER QA 17 -75.81 -103.54 -75.77
N GLY QA 18 -76.17 -104.11 -74.62
CA GLY QA 18 -75.38 -105.16 -74.01
C GLY QA 18 -73.96 -104.71 -73.75
N PRO QA 19 -73.00 -105.18 -74.54
CA PRO QA 19 -71.62 -104.69 -74.38
C PRO QA 19 -71.57 -103.19 -74.50
N VAL QA 20 -71.02 -102.53 -73.47
CA VAL QA 20 -70.90 -101.08 -73.43
C VAL QA 20 -69.51 -100.73 -72.92
N GLY QA 21 -69.06 -99.53 -73.29
CA GLY QA 21 -67.78 -99.03 -72.86
C GLY QA 21 -66.66 -100.01 -73.11
N PRO QA 22 -66.03 -100.53 -72.05
CA PRO QA 22 -64.92 -101.46 -72.24
C PRO QA 22 -65.32 -102.92 -72.38
N GLY QA 23 -66.62 -103.23 -72.35
CA GLY QA 23 -67.07 -104.60 -72.42
C GLY QA 23 -67.86 -105.02 -71.20
N ALA QA 24 -68.57 -104.08 -70.59
CA ALA QA 24 -69.48 -104.38 -69.51
C ALA QA 24 -70.87 -104.71 -70.07
N SER QA 25 -71.60 -105.53 -69.33
CA SER QA 25 -72.97 -105.91 -69.66
C SER QA 25 -73.48 -106.80 -68.55
N ALA QA 26 -74.80 -107.00 -68.54
CA ALA QA 26 -75.37 -107.94 -67.58
C ALA QA 26 -74.89 -109.37 -67.83
N THR QA 27 -74.31 -109.63 -69.00
CA THR QA 27 -73.70 -110.90 -69.34
C THR QA 27 -72.25 -110.67 -69.72
N GLY QA 28 -71.34 -111.39 -69.07
CA GLY QA 28 -69.93 -111.33 -69.43
C GLY QA 28 -68.96 -111.39 -68.28
N GLY QA 29 -69.41 -110.96 -67.10
CA GLY QA 29 -68.61 -111.03 -65.89
C GLY QA 29 -68.31 -109.68 -65.30
N TYR QA 30 -67.94 -108.71 -66.13
CA TYR QA 30 -67.77 -107.34 -65.68
C TYR QA 30 -69.13 -106.68 -65.72
N LYS QA 31 -69.92 -106.94 -64.68
CA LYS QA 31 -71.35 -106.72 -64.72
C LYS QA 31 -71.71 -105.36 -64.13
N VAL QA 32 -71.27 -104.32 -64.84
CA VAL QA 32 -71.62 -102.95 -64.44
C VAL QA 32 -71.80 -102.07 -65.67
N PRO QA 33 -72.67 -102.43 -66.61
CA PRO QA 33 -73.02 -101.49 -67.68
C PRO QA 33 -73.71 -100.25 -67.15
N GLU QA 34 -74.33 -100.35 -65.98
CA GLU QA 34 -75.07 -99.22 -65.44
C GLU QA 34 -74.17 -98.02 -65.23
N TYR QA 35 -72.90 -98.25 -64.88
CA TYR QA 35 -71.97 -97.14 -64.71
C TYR QA 35 -71.81 -96.35 -65.99
N TYR QA 36 -71.69 -97.05 -67.12
CA TYR QA 36 -71.47 -96.37 -68.39
C TYR QA 36 -72.74 -95.82 -69.01
N SER QA 37 -73.88 -95.94 -68.32
CA SER QA 37 -75.17 -95.51 -68.84
C SER QA 37 -75.67 -94.25 -68.16
N PHE QA 38 -74.79 -93.33 -67.78
CA PHE QA 38 -75.18 -92.17 -67.00
C PHE QA 38 -75.17 -90.92 -67.88
N ASN QA 39 -76.24 -90.16 -67.77
CA ASN QA 39 -76.52 -89.05 -68.67
C ASN QA 39 -75.76 -87.81 -68.23
N ARG QA 40 -75.76 -86.80 -69.09
CA ARG QA 40 -75.20 -85.51 -68.72
C ARG QA 40 -75.84 -84.96 -67.45
N PHE QA 41 -77.14 -85.19 -67.28
CA PHE QA 41 -77.91 -84.68 -66.15
C PHE QA 41 -78.35 -85.77 -65.19
N SER QA 42 -77.72 -86.95 -65.24
CA SER QA 42 -78.14 -88.06 -64.39
C SER QA 42 -78.12 -87.67 -62.92
N TYR QA 43 -77.11 -86.93 -62.49
CA TYR QA 43 -77.00 -86.57 -61.08
C TYR QA 43 -78.25 -85.84 -60.61
N ALA QA 44 -78.51 -84.67 -61.18
CA ALA QA 44 -79.65 -83.87 -60.72
C ALA QA 44 -80.94 -84.66 -60.77
N GLU QA 45 -81.15 -85.42 -61.85
CA GLU QA 45 -82.35 -86.23 -61.97
C GLU QA 45 -82.49 -87.18 -60.80
N ALA QA 46 -81.38 -87.61 -60.22
CA ALA QA 46 -81.46 -88.49 -59.06
C ALA QA 46 -82.14 -87.78 -57.90
N GLU QA 47 -81.67 -86.59 -57.53
CA GLU QA 47 -82.26 -85.91 -56.39
C GLU QA 47 -83.72 -85.58 -56.64
N VAL QA 48 -84.08 -85.34 -57.90
CA VAL QA 48 -85.48 -85.13 -58.23
C VAL QA 48 -86.32 -86.30 -57.74
N GLU QA 49 -85.78 -87.52 -57.86
CA GLU QA 49 -86.46 -88.69 -57.30
C GLU QA 49 -86.57 -88.55 -55.79
N MET QA 50 -85.52 -88.03 -55.16
CA MET QA 50 -85.33 -88.12 -53.73
C MET QA 50 -86.04 -87.02 -52.95
N ALA QA 51 -86.83 -86.18 -53.62
CA ALA QA 51 -87.76 -85.32 -52.88
C ALA QA 51 -88.72 -86.16 -52.06
N LYS QA 52 -89.02 -87.37 -52.52
CA LYS QA 52 -90.05 -88.18 -51.89
C LYS QA 52 -89.65 -88.61 -50.47
N TYR QA 53 -88.42 -89.10 -50.30
CA TYR QA 53 -88.09 -89.89 -49.12
C TYR QA 53 -87.48 -89.09 -47.98
N ARG QA 54 -86.64 -88.10 -48.28
CA ARG QA 54 -85.79 -87.52 -47.25
C ARG QA 54 -86.61 -86.84 -46.16
N CYS QA 55 -86.08 -86.89 -44.94
CA CYS QA 55 -86.78 -86.48 -43.73
C CYS QA 55 -86.53 -85.01 -43.46
N PRO QA 56 -87.22 -84.41 -42.48
CA PRO QA 56 -87.10 -82.96 -42.27
C PRO QA 56 -85.68 -82.56 -41.94
N GLN QA 57 -85.27 -81.44 -42.48
CA GLN QA 57 -83.92 -80.97 -42.24
C GLN QA 57 -83.86 -80.21 -40.91
N PRO QA 58 -82.73 -80.23 -40.21
CA PRO QA 58 -82.57 -79.34 -39.07
C PRO QA 58 -82.57 -77.89 -39.52
N SER QA 59 -83.02 -77.02 -38.62
CA SER QA 59 -83.02 -75.58 -38.86
C SER QA 59 -82.32 -74.88 -37.71
N ALA QA 60 -81.37 -74.02 -38.03
CA ALA QA 60 -80.77 -73.16 -37.02
C ALA QA 60 -81.72 -72.03 -36.66
N LEU QA 61 -82.04 -71.18 -37.63
CA LEU QA 61 -83.04 -70.15 -37.42
C LEU QA 61 -84.37 -70.78 -37.07
N LYS QA 62 -85.04 -70.23 -36.05
CA LYS QA 62 -86.26 -70.83 -35.54
C LYS QA 62 -87.48 -70.31 -36.29
FE1 SF4 RA . -16.68 -26.24 -40.24
FE2 SF4 RA . -16.13 -27.83 -42.37
FE3 SF4 RA . -14.38 -27.68 -40.30
FE4 SF4 RA . -14.70 -25.55 -41.95
S1 SF4 RA . -13.87 -27.59 -42.51
S2 SF4 RA . -14.62 -25.50 -39.68
S3 SF4 RA . -16.92 -25.68 -42.42
S4 SF4 RA . -16.49 -28.51 -40.23
P 3PE SA . -1.83 -8.54 -64.53
N 3PE SA . 1.55 -12.14 -65.57
O11 3PE SA . -0.87 -7.21 -64.61
O12 3PE SA . -1.89 -9.05 -63.11
O13 3PE SA . -1.18 -9.72 -65.48
O14 3PE SA . -3.22 -8.20 -65.00
C11 3PE SA . -0.07 -10.39 -65.00
C12 3PE SA . 0.47 -11.32 -66.08
C1 3PE SA . 0.08 -7.14 -65.63
C2 3PE SA . 0.26 -5.69 -66.07
C3 3PE SA . -1.01 -5.21 -66.77
O31 3PE SA . -0.64 -4.82 -68.05
O32 3PE SA . -2.55 -3.67 -68.20
C31 3PE SA . -1.50 -3.90 -68.67
C32 3PE SA . -1.06 -3.21 -69.95
C33 3PE SA . -0.65 -1.78 -69.64
C34 3PE SA . 0.69 -1.78 -68.88
C35 3PE SA . 1.30 -0.38 -68.93
C36 3PE SA . 2.80 -0.42 -68.68
C37 3PE SA . 3.48 0.72 -69.42
C38 3PE SA . 3.07 2.06 -68.79
C39 3PE SA . 3.80 3.22 -69.48
C3A 3PE SA . 3.07 3.60 -70.77
C3B 3PE SA . 3.88 4.62 -71.57
C3C 3PE SA . 3.98 5.96 -70.84
C3D 3PE SA . 4.81 6.93 -71.67
C3E 3PE SA . 5.71 7.74 -70.74
C3F 3PE SA . 6.55 8.71 -71.57
O21 3PE SA . 0.47 -4.90 -64.94
O22 3PE SA . 1.83 -3.45 -65.99
C21 3PE SA . 0.95 -3.60 -65.22
C22 3PE SA . 0.32 -2.42 -64.51
C23 3PE SA . 1.35 -1.69 -63.66
C24 3PE SA . 2.19 -0.74 -64.51
C25 3PE SA . 3.03 0.17 -63.61
C26 3PE SA . 3.31 1.45 -64.37
C27 3PE SA . 2.23 2.48 -64.03
C28 3PE SA . 1.99 3.47 -65.18
C29 3PE SA . 2.90 4.69 -65.18
C2A 3PE SA . 4.38 4.35 -65.37
C2B 3PE SA . 5.10 4.40 -64.03
C2C 3PE SA . 5.71 5.78 -63.82
P 3PE TA . -15.07 8.85 -53.73
N 3PE TA . -17.67 11.80 -51.23
O11 3PE TA . -13.57 9.08 -54.37
O12 3PE TA . -15.69 7.65 -54.39
O13 3PE TA . -16.03 10.16 -53.98
O14 3PE TA . -14.94 8.59 -52.25
C11 3PE TA . -16.14 11.14 -52.99
C12 3PE TA . -17.06 10.65 -51.89
C1 3PE TA . -13.14 10.35 -54.78
C2 3PE TA . -11.78 10.65 -54.15
C3 3PE TA . -11.16 9.33 -53.71
O31 3PE TA . -9.84 9.52 -53.28
O32 3PE TA . -9.80 7.29 -53.14
C31 3PE TA . -9.19 8.30 -53.08
C32 3PE TA . -7.71 8.27 -52.80
C33 3PE TA . -6.96 7.79 -54.04
C34 3PE TA . -6.97 8.89 -55.10
C35 3PE TA . -5.92 8.62 -56.17
C36 3PE TA . -5.54 9.91 -56.89
O21 3PE TA . -10.98 11.33 -55.08
O22 3PE TA . -12.37 13.08 -54.87
C21 3PE TA . -11.36 12.66 -55.31
C22 3PE TA . -10.48 13.60 -56.11
C23 3PE TA . -9.89 12.93 -57.36
C24 3PE TA . -9.29 14.00 -58.27
C25 3PE TA . -9.01 13.42 -59.65
FE1 FES UA . -53.37 -89.96 -64.46
FE2 FES UA . -53.55 -90.00 -61.89
S1 FES UA . -55.12 -90.70 -63.29
S2 FES UA . -52.04 -88.86 -63.06
N1 FMN VA . -58.31 -88.62 -46.95
C2 FMN VA . -58.98 -89.51 -47.90
O2 FMN VA . -59.57 -90.44 -47.50
N3 FMN VA . -58.92 -89.25 -49.36
C4 FMN VA . -58.19 -88.09 -49.84
O4 FMN VA . -58.12 -87.85 -50.99
C4A FMN VA . -57.51 -87.19 -48.84
N5 FMN VA . -56.78 -86.06 -49.33
C5A FMN VA . -56.10 -85.17 -48.36
C6 FMN VA . -55.42 -84.08 -48.89
C7 FMN VA . -54.76 -83.20 -48.05
C7M FMN VA . -53.98 -81.98 -48.48
C8 FMN VA . -54.83 -83.49 -46.69
C8M FMN VA . -54.10 -82.50 -45.79
C9 FMN VA . -55.49 -84.55 -46.12
C9A FMN VA . -56.17 -85.42 -46.98
N10 FMN VA . -56.92 -86.60 -46.48
C10 FMN VA . -57.58 -87.46 -47.43
C1' FMN VA . -57.03 -86.96 -45.07
C2' FMN VA . -58.42 -86.60 -44.58
O2' FMN VA . -58.50 -85.23 -44.40
C3' FMN VA . -58.67 -87.29 -43.25
O3' FMN VA . -57.45 -87.35 -42.58
C4' FMN VA . -59.20 -88.70 -43.45
O4' FMN VA . -60.58 -88.67 -43.64
C5' FMN VA . -58.89 -89.49 -42.18
O5' FMN VA . -59.85 -90.49 -42.03
P FMN VA . -59.38 -91.80 -41.16
O1P FMN VA . -58.21 -91.40 -40.31
O2P FMN VA . -60.52 -92.25 -40.29
O3P FMN VA . -58.99 -92.91 -42.11
FE1 SF4 WA . -52.15 -73.60 -45.90
FE2 SF4 WA . -51.21 -74.77 -48.14
FE3 SF4 WA . -53.04 -76.05 -46.63
FE4 SF4 WA . -53.76 -73.86 -48.07
S1 SF4 WA . -53.05 -75.85 -48.90
S2 SF4 WA . -54.30 -74.31 -45.90
S3 SF4 WA . -51.87 -72.61 -47.93
S4 SF4 WA . -50.94 -75.52 -46.02
FE1 SF4 XA . -43.27 -52.23 -46.80
FE2 SF4 XA . -41.39 -51.65 -48.68
FE3 SF4 XA . -43.35 -53.43 -49.23
FE4 SF4 XA . -43.94 -50.80 -49.01
S1 SF4 XA . -42.63 -51.76 -50.58
S2 SF4 XA . -45.10 -52.52 -48.10
S3 SF4 XA . -42.50 -50.16 -47.37
S4 SF4 XA . -41.73 -53.65 -47.67
FE1 SF4 YA . -53.79 -57.61 -46.16
FE2 SF4 YA . -53.46 -57.64 -48.85
FE3 SF4 YA . -55.83 -56.85 -47.79
FE4 SF4 YA . -53.62 -55.28 -47.54
S1 SF4 YA . -54.68 -55.83 -49.47
S2 SF4 YA . -55.13 -55.79 -45.91
S3 SF4 YA . -51.99 -56.85 -47.32
S4 SF4 YA . -54.90 -58.92 -47.64
FE1 FES ZA . -51.12 -64.13 -38.73
FE2 FES ZA . -51.24 -65.49 -36.44
S1 FES ZA . -51.11 -66.35 -38.48
S2 FES ZA . -51.06 -63.29 -36.67
FE1 SF4 AB . -23.92 -34.67 -46.53
FE2 SF4 AB . -24.33 -32.30 -47.77
FE3 SF4 AB . -25.38 -34.57 -48.81
FE4 SF4 AB . -26.39 -33.51 -46.51
S1 SF4 AB . -26.43 -32.57 -48.57
S2 SF4 AB . -25.91 -35.70 -46.90
S3 SF4 AB . -24.50 -32.69 -45.56
S4 SF4 AB . -23.18 -34.09 -48.58
FE1 SF4 BB . -32.55 -39.69 -54.24
FE2 SF4 BB . -34.77 -38.18 -54.64
FE3 SF4 BB . -33.35 -37.92 -52.34
FE4 SF4 BB . -34.78 -40.17 -52.79
S1 SF4 BB . -35.60 -38.07 -52.53
S2 SF4 BB . -32.67 -40.05 -52.00
S3 SF4 BB . -34.56 -40.41 -55.04
S4 SF4 BB . -32.64 -37.43 -54.45
P 3PE CB . 5.71 50.14 67.64
N 3PE CB . 2.43 48.37 64.96
O11 3PE CB . 6.98 50.06 66.58
O12 3PE CB . 6.20 50.42 69.03
O13 3PE CB . 4.91 48.71 67.60
O14 3PE CB . 4.75 51.23 67.24
C11 3PE CB . 4.40 48.28 66.37
C12 3PE CB . 3.11 49.03 66.05
C1 3PE CB . 7.05 51.05 65.59
C2 3PE CB . 8.49 51.30 65.14
C3 3PE CB . 9.30 51.87 66.31
O31 3PE CB . 10.17 52.84 65.81
O32 3PE CB . 11.70 51.32 65.28
C31 3PE CB . 11.11 52.30 64.94
C32 3PE CB . 11.37 52.90 63.58
C33 3PE CB . 11.22 54.43 63.61
C34 3PE CB . 12.46 55.08 64.22
C35 3PE CB . 12.32 55.21 65.74
C36 3PE CB . 13.32 56.23 66.24
C37 3PE CB . 12.72 57.64 66.12
C38 3PE CB . 13.83 58.68 66.04
C39 3PE CB . 13.24 59.98 65.49
O21 3PE CB . 9.13 50.13 64.71
O22 3PE CB . 7.70 49.80 63.01
C21 3PE CB . 8.80 49.71 63.41
C22 3PE CB . 9.86 49.09 62.51
C23 3PE CB . 9.91 49.91 61.21
C24 3PE CB . 11.15 49.53 60.42
C25 3PE CB . 12.15 50.68 60.45
C26 3PE CB . 11.71 51.83 59.54
C27 3PE CB . 12.43 53.10 59.98
C28 3PE CB . 12.09 54.23 59.03
C29 3PE CB . 13.02 55.41 59.30
C2A 3PE CB . 12.40 56.69 58.74
C2B 3PE CB . 11.85 56.47 57.34
C1 CDL DB . 23.33 29.20 80.62
O1 CDL DB . 24.05 28.34 79.78
CA2 CDL DB . 21.87 29.27 80.17
OA2 CDL DB . 21.78 29.89 78.93
PA1 CDL DB . 20.28 30.00 78.27
OA3 CDL DB . 19.94 28.70 77.59
OA4 CDL DB . 19.26 30.30 79.33
OA5 CDL DB . 20.28 31.21 77.18
CA3 CDL DB . 20.71 32.46 77.63
CA4 CDL DB . 21.62 33.11 76.60
OA6 CDL DB . 21.18 32.82 75.31
CA5 CDL DB . 19.83 33.10 75.09
OA7 CDL DB . 19.06 32.21 74.94
C11 CDL DB . 19.33 34.54 75.07
C12 CDL DB . 19.53 35.10 73.67
C13 CDL DB . 20.97 35.59 73.52
C14 CDL DB . 21.04 37.09 73.75
C15 CDL DB . 22.48 37.55 73.56
C16 CDL DB . 23.18 37.65 74.91
C17 CDL DB . 24.68 37.85 74.69
C18 CDL DB . 24.95 39.34 74.49
C19 CDL DB . 26.44 39.58 74.26
C20 CDL DB . 26.80 40.99 74.72
C21 CDL DB . 28.32 41.19 74.67
CA6 CDL DB . 23.06 32.63 76.77
OA8 CDL DB . 23.91 33.73 76.91
CA7 CDL DB . 23.80 34.43 78.12
OA9 CDL DB . 23.05 34.08 78.95
C31 CDL DB . 24.69 35.63 78.35
C32 CDL DB . 26.12 35.10 78.44
C33 CDL DB . 26.94 35.65 77.27
C34 CDL DB . 26.52 34.95 75.99
CB2 CDL DB . 23.97 30.59 80.58
OB2 CDL DB . 24.78 30.74 79.46
PB2 CDL DB . 26.35 30.26 79.58
OB3 CDL DB . 26.43 28.93 80.29
OB4 CDL DB . 27.13 31.30 80.36
OB5 CDL DB . 27.01 30.12 78.08
CB3 CDL DB . 27.94 31.09 77.66
CB4 CDL DB . 29.35 30.71 78.15
OB6 CDL DB . 30.16 31.84 78.18
CB5 CDL DB . 31.04 31.89 79.26
OB7 CDL DB . 31.72 30.95 79.53
C51 CDL DB . 31.13 33.17 80.11
C52 CDL DB . 29.99 34.10 79.72
C53 CDL DB . 29.98 35.32 80.65
C54 CDL DB . 30.00 36.60 79.80
C55 CDL DB . 31.44 36.88 79.36
C56 CDL DB . 31.48 37.26 77.86
C57 CDL DB . 31.83 35.99 77.06
CB6 CDL DB . 29.97 29.68 77.21
OB8 CDL DB . 30.95 30.29 76.39
CB7 CDL DB . 30.50 30.91 75.20
OB9 CDL DB . 29.49 30.59 74.69
C71 CDL DB . 31.37 32.01 74.55
PG DGT EB . 5.57 -25.58 29.96
O1G DGT EB . 6.11 -25.32 28.57
O2G DGT EB . 4.99 -24.30 30.50
O3G DGT EB . 6.67 -26.06 30.86
O3B DGT EB . 4.39 -26.72 29.86
PB DGT EB . 2.80 -26.34 30.03
O1B DGT EB . 2.00 -27.56 30.36
O2B DGT EB . 2.32 -25.73 28.74
O3A DGT EB . 2.67 -25.22 31.23
PA DGT EB . 2.01 -23.74 30.93
O1A DGT EB . 0.56 -23.99 30.65
O2A DGT EB . 2.67 -23.18 29.69
O5' DGT EB . 2.16 -22.71 32.22
C5' DGT EB . 2.80 -21.47 32.07
C4' DGT EB . 2.15 -20.39 32.93
O4' DGT EB . 2.76 -18.94 32.53
C3' DGT EB . 0.86 -20.35 32.74
O3' DGT EB . 0.14 -20.51 34.04
C2' DGT EB . 0.50 -18.95 32.20
C1' DGT EB . 1.80 -18.13 32.19
N9 DGT EB . 2.03 -17.62 30.83
C8 DGT EB . 2.41 -18.11 29.64
N7 DGT EB . 2.42 -17.10 28.76
C5 DGT EB . 2.06 -15.99 29.40
C6 DGT EB . 1.91 -14.56 28.92
O6 DGT EB . 2.12 -14.30 27.78
N1 DGT EB . 1.48 -13.54 29.82
C2 DGT EB . 1.22 -13.88 31.19
N2 DGT EB . 0.78 -12.86 32.11
N3 DGT EB . 1.37 -15.26 31.65
C4 DGT EB . 1.80 -16.32 30.70
PA NDP FB . -25.89 13.34 -45.97
O1A NDP FB . -25.16 12.37 -45.02
O2A NDP FB . -24.87 14.39 -46.53
O5B NDP FB . -26.61 12.51 -47.23
C5B NDP FB . -26.75 11.12 -47.08
C4B NDP FB . -27.07 10.50 -48.49
O4B NDP FB . -27.44 11.47 -49.33
C3B NDP FB . -25.81 9.90 -49.09
O3B NDP FB . -25.91 8.54 -49.19
C2B NDP FB . -25.72 10.49 -50.52
O2B NDP FB . -25.37 9.45 -51.47
C1B NDP FB . -26.92 10.93 -50.74
N9A NDP FB . -26.79 12.00 -51.71
C8A NDP FB . -26.42 13.24 -51.73
N7A NDP FB . -26.50 13.66 -53.00
C5A NDP FB . -26.92 12.65 -53.75
C6A NDP FB . -27.16 12.52 -55.10
N6A NDP FB . -27.07 13.44 -56.24
N1A NDP FB . -27.57 11.37 -55.60
C2A NDP FB . -27.76 10.34 -54.80
N3A NDP FB . -27.50 10.44 -53.47
C4A NDP FB . -27.08 11.61 -52.96
O3 NDP FB . -27.11 14.12 -45.10
PN NDP FB . -27.72 13.41 -43.76
O1N NDP FB . -26.94 13.85 -42.55
O2N NDP FB . -27.61 11.84 -43.92
O5D NDP FB . -29.28 13.84 -43.62
C5D NDP FB . -30.22 13.03 -44.26
C4D NDP FB . -31.35 13.91 -44.89
O4D NDP FB . -31.94 14.55 -43.92
C3D NDP FB . -30.77 14.98 -45.83
O3D NDP FB . -31.41 14.92 -47.04
C2D NDP FB . -31.06 16.33 -45.18
O2D NDP FB . -31.64 17.26 -46.22
C1D NDP FB . -31.95 16.11 -44.26
N1N NDP FB . -31.63 16.81 -42.98
C2N NDP FB . -30.58 16.35 -42.15
C3N NDP FB . -29.76 17.34 -41.44
C7N NDP FB . -28.27 17.06 -41.21
O7N NDP FB . -27.65 16.57 -42.05
N7N NDP FB . -27.62 17.42 -39.85
C4N NDP FB . -30.42 18.65 -40.94
C5N NDP FB . -31.90 18.78 -41.38
C6N NDP FB . -32.40 17.94 -42.57
P2B NDP FB . -23.74 9.02 -51.55
O1X NDP FB . -23.00 10.01 -52.51
O2X NDP FB . -23.13 9.11 -50.18
O3X NDP FB . -23.62 7.64 -52.06
C1 CDL GB . -14.03 14.45 -44.26
O1 CDL GB . -15.22 13.94 -44.80
CA2 CDL GB . -13.08 14.85 -45.38
OA2 CDL GB . -12.55 13.72 -46.01
PA1 CDL GB . -12.25 13.85 -47.62
OA3 CDL GB . -13.54 14.07 -48.34
OA4 CDL GB . -11.61 12.59 -48.16
OA5 CDL GB . -11.25 15.13 -47.87
CA3 CDL GB . -9.87 14.94 -47.86
CA4 CDL GB . -9.29 15.43 -49.18
OA6 CDL GB . -9.70 16.74 -49.35
CA5 CDL GB . -8.70 17.68 -49.64
OA7 CDL GB . -8.42 17.92 -50.76
C11 CDL GB . -7.99 18.41 -48.51
C12 CDL GB . -6.61 18.86 -48.98
CA6 CDL GB . -9.83 14.55 -50.32
OA8 CDL GB . -9.07 13.39 -50.46
CA7 CDL GB . -8.13 13.38 -51.50
OA9 CDL GB . -7.64 14.38 -51.89
C31 CDL GB . -7.72 12.05 -52.12
CB2 CDL GB . -13.38 13.36 -43.42
OB2 CDL GB . -12.00 13.56 -43.39
PB2 CDL GB . -11.42 14.69 -42.33
OB3 CDL GB . -11.05 14.01 -41.05
OB4 CDL GB . -12.50 15.71 -42.05
OB5 CDL GB . -10.11 15.43 -43.00
CB3 CDL GB . -9.00 15.80 -42.22
CB4 CDL GB . -8.21 14.55 -41.82
OB6 CDL GB . -6.84 14.75 -41.53
CB5 CDL GB . -6.34 16.05 -41.30
OB7 CDL GB . -6.82 16.72 -40.46
C51 CDL GB . -5.18 16.56 -42.16
C52 CDL GB . -4.00 17.04 -41.31
C53 CDL GB . -2.78 17.26 -42.23
C54 CDL GB . -2.26 18.71 -42.09
C55 CDL GB . -0.83 18.78 -42.62
CB6 CDL GB . -8.28 13.59 -43.00
OB8 CDL GB . -8.12 14.32 -44.19
CB7 CDL GB . -6.81 14.78 -44.44
OB9 CDL GB . -5.89 14.11 -44.13
C71 CDL GB . -6.58 16.14 -45.11
ZN ZN HB . -38.02 -48.45 -64.80
O1 EHZ IB . -23.94 -10.06 -10.61
C1 EHZ IB . -24.86 -3.71 -13.94
C2 EHZ IB . -25.16 -4.30 -12.56
C3 EHZ IB . -25.29 -5.80 -12.71
C4 EHZ IB . -25.62 -6.40 -11.35
O2 EHZ IB . -28.48 -11.21 -10.32
C5 EHZ IB . -25.45 -7.91 -11.43
C6 EHZ IB . -25.63 -8.48 -10.02
C7 EHZ IB . -25.16 -9.92 -9.95
C8 EHZ IB . -26.17 -10.88 -10.59
C10 EHZ IB . -29.09 -11.35 -7.40
C11 EHZ IB . -29.07 -11.50 -5.89
C12 EHZ IB . -30.96 -11.97 -4.30
C13 EHZ IB . -32.36 -11.61 -3.81
C14 EHZ IB . -32.79 -12.51 -2.66
C15 EHZ IB . -33.42 -11.20 -0.60
C16 EHZ IB . -33.01 -10.51 0.70
C17 EHZ IB . -33.78 -9.22 0.92
C18 EHZ IB . -35.21 -9.49 1.40
C19 EHZ IB . -33.80 -8.42 -0.39
C20 EHZ IB . -33.11 -8.35 1.97
C21 EHZ IB . -23.82 -2.62 -13.75
C22 EHZ IB . -23.52 -1.95 -15.09
C9 EHZ IB . -27.46 -11.00 -9.78
N1 EHZ IB . -30.40 -11.20 -5.39
N2 EHZ IB . -32.42 -11.85 -1.42
O3 EHZ IB . -30.33 -12.84 -3.81
O4 EHZ IB . -34.56 -11.21 -0.95
O5 EHZ IB . -33.28 -11.39 1.77
O6 EHZ IB . -34.01 -7.31 2.23
O7 EHZ IB . -33.24 -7.29 4.69
O9 EHZ IB . -35.35 -6.15 4.08
P1 EHZ IB . -33.95 -6.47 3.64
S1 EHZ IB . -27.45 -10.84 -7.97
C23 EHZ IB . -22.15 -1.28 -15.02
C24 EHZ IB . -21.83 -0.60 -16.36
C25 EHZ IB . -20.71 0.42 -16.21
O1 EHZ JB . -26.68 58.41 76.84
C1 EHZ JB . -19.88 57.32 77.36
C2 EHZ JB . -21.36 57.58 77.16
C3 EHZ JB . -21.79 57.22 75.75
C4 EHZ JB . -22.81 58.23 75.22
O2 EHZ JB . -29.44 57.86 75.69
C5 EHZ JB . -24.24 57.90 75.68
C6 EHZ JB . -25.20 58.86 74.97
C7 EHZ JB . -26.63 58.74 75.48
C8 EHZ JB . -27.32 57.65 74.66
C10 EHZ JB . -30.31 54.71 76.05
C11 EHZ JB . -30.25 53.25 75.66
C12 EHZ JB . -30.63 52.55 73.25
C13 EHZ JB . -31.61 52.31 72.13
C14 EHZ JB . -31.73 50.80 71.91
C15 EHZ JB . -32.32 48.93 73.47
C16 EHZ JB . -33.07 48.49 74.73
C17 EHZ JB . -32.18 48.63 75.96
C18 EHZ JB . -31.72 50.07 76.22
C19 EHZ JB . -30.97 47.70 75.85
C20 EHZ JB . -33.01 48.29 77.18
C21 EHZ JB . -19.50 57.81 78.76
C22 EHZ JB . -18.00 57.98 78.96
C9 EHZ JB . -28.55 57.13 75.40
N1 EHZ JB . -31.14 53.01 74.54
N2 EHZ JB . -32.42 50.32 73.08
O3 EHZ JB . -29.47 52.38 73.08
O4 EHZ JB . -31.70 48.15 72.85
O5 EHZ JB . -34.17 49.34 74.87
O6 EHZ JB . -33.48 47.00 77.14
O7 EHZ JB . -33.44 47.19 79.72
O9 EHZ JB . -34.15 45.06 78.70
P1 EHZ JB . -33.22 46.25 78.57
S1 EHZ JB . -28.61 55.36 75.83
C23 EHZ JB . -17.74 59.30 79.68
C24 EHZ JB . -16.25 59.50 79.94
C25 EHZ JB . -16.06 60.49 81.09
P 3PE KB . 32.86 50.52 8.50
N 3PE KB . 36.35 47.51 7.92
O11 3PE KB . 32.22 49.02 8.25
O12 3PE KB . 32.44 51.02 9.86
O13 3PE KB . 34.51 50.48 8.47
O14 3PE KB . 32.38 51.47 7.44
C11 3PE KB . 35.21 49.63 7.60
C12 3PE KB . 35.07 48.18 8.07
C1 3PE KB . 31.65 48.30 9.31
C2 3PE KB . 30.28 48.83 9.71
C3 3PE KB . 29.27 48.74 8.56
O31 3PE KB . 29.64 47.78 7.63
O32 3PE KB . 27.68 47.61 6.58
C31 3PE KB . 28.56 47.05 7.15
C32 3PE KB . 28.48 45.55 7.37
O21 3PE KB . 29.80 48.04 10.77
O22 3PE KB . 28.45 49.73 11.41
C21 3PE KB . 28.94 48.67 11.68
C22 3PE KB . 28.61 48.01 13.00
C23 3PE KB . 27.22 47.39 12.93
P 3PE LB . 29.76 53.23 8.00
N 3PE LB . 29.84 50.69 3.58
O11 3PE LB . 28.30 53.80 8.46
O12 3PE LB . 30.81 54.20 8.49
O13 3PE LB . 29.88 53.07 6.36
O14 3PE LB . 30.01 51.90 8.66
C11 3PE LB . 29.67 51.83 5.75
C12 3PE LB . 30.11 51.93 4.29
C1 3PE LB . 27.20 53.75 7.60
C2 3PE LB . 26.07 52.97 8.26
C3 3PE LB . 26.56 52.36 9.57
O31 3PE LB . 25.54 51.57 10.14
O32 3PE LB . 26.02 49.99 8.61
C31 3PE LB . 25.41 50.30 9.57
C32 3PE LB . 24.46 49.28 10.20
C33 3PE LB . 23.77 48.51 9.09
O21 3PE LB . 24.92 53.76 8.46
O22 3PE LB . 25.28 55.94 8.83
C21 3PE LB . 25.00 54.89 9.30
C22 3PE LB . 24.67 54.79 10.77
C23 3PE LB . 25.63 55.64 11.60
C24 3PE LB . 25.16 55.65 13.05
P 3PE MB . 42.94 48.77 19.03
N 3PE MB . 43.15 52.73 16.98
O11 3PE MB . 41.62 49.24 19.89
O12 3PE MB . 43.47 47.51 19.64
O13 3PE MB . 44.10 49.94 19.15
O14 3PE MB . 42.60 48.49 17.59
C11 3PE MB . 44.25 50.90 18.14
C12 3PE MB . 42.91 51.53 17.77
C1 3PE MB . 40.42 49.56 19.25
C2 3PE MB . 39.29 48.78 19.89
C3 3PE MB . 38.45 48.08 18.83
O31 3PE MB . 37.62 47.13 19.44
O32 3PE MB . 36.01 48.68 19.74
C31 3PE MB . 36.32 47.55 19.78
C32 3PE MB . 35.30 46.50 20.23
C33 3PE MB . 34.39 46.11 19.07
C34 3PE MB . 33.99 47.35 18.30
O21 3PE MB . 39.87 47.80 20.72
O22 3PE MB . 40.98 48.51 22.52
C21 3PE MB . 39.94 48.17 22.06
C22 3PE MB . 38.69 48.13 22.93
C23 3PE MB . 39.01 47.51 24.28
C24 3PE MB . 39.38 46.02 24.18
C25 3PE MB . 38.20 45.16 24.61
C26 3PE MB . 36.99 45.37 23.70
#